data_2M1K
#
_entry.id   2M1K
#
loop_
_entity.id
_entity.type
_entity.pdbx_description
1 polymer 'Protein S100-A6'
2 polymer 'Advanced glycosylation end product-specific receptor'
#
loop_
_entity_poly.entity_id
_entity_poly.type
_entity_poly.pdbx_seq_one_letter_code
_entity_poly.pdbx_strand_id
1 'polypeptide(L)'
;MASPLDQAIGLLVAIFHKYSGREGDKHTLSKKELKELIQKELTIGSKLQDAEIARLMEDLDRNKDQEVNFQEYVTFLGAL
ALIYNEALKG
;
B,D
2 'polypeptide(L)'
;AMAQNITARIGEPLVLKCKGAPKKPPQRLEWKLNTGRTEAWKVLSPQGGGPWDSVARVLPNGSLFLPAVGIQDEGIFRCQ
AMNRNGKETKSNYRVRVYQIP
;
A,C
#
# COMPACT_ATOMS: atom_id res chain seq x y z
N ALA A 2 -13.79 14.06 -16.65
CA ALA A 2 -13.26 13.75 -15.32
C ALA A 2 -12.43 14.91 -14.74
N SER A 3 -12.41 14.98 -13.41
CA SER A 3 -11.65 15.99 -12.67
C SER A 3 -10.14 15.72 -12.74
N PRO A 4 -9.29 16.73 -12.47
CA PRO A 4 -7.83 16.62 -12.56
C PRO A 4 -7.26 15.37 -11.85
N LEU A 5 -7.78 15.06 -10.67
CA LEU A 5 -7.28 13.91 -9.89
C LEU A 5 -7.64 12.58 -10.54
N ASP A 6 -8.90 12.45 -10.98
CA ASP A 6 -9.37 11.25 -11.66
C ASP A 6 -8.66 11.03 -13.01
N GLN A 7 -8.34 12.14 -13.67
CA GLN A 7 -7.62 12.12 -14.95
C GLN A 7 -6.18 11.61 -14.82
N ALA A 8 -5.50 12.10 -13.77
CA ALA A 8 -4.13 11.68 -13.44
C ALA A 8 -4.04 10.18 -13.11
N ILE A 9 -4.95 9.71 -12.25
CA ILE A 9 -5.04 8.28 -11.90
C ILE A 9 -5.34 7.43 -13.15
N GLY A 10 -6.27 7.94 -13.99
CA GLY A 10 -6.66 7.27 -15.22
C GLY A 10 -5.48 7.12 -16.20
N LEU A 11 -4.64 8.15 -16.22
CA LEU A 11 -3.42 8.16 -17.04
C LEU A 11 -2.44 7.08 -16.56
N LEU A 12 -2.26 7.01 -15.23
CA LEU A 12 -1.33 6.05 -14.60
C LEU A 12 -1.76 4.59 -14.82
N VAL A 13 -3.08 4.36 -14.76
CA VAL A 13 -3.65 3.03 -15.01
C VAL A 13 -3.49 2.64 -16.49
N ALA A 14 -3.68 3.64 -17.37
CA ALA A 14 -3.54 3.45 -18.82
C ALA A 14 -2.11 3.07 -19.22
N ILE A 15 -1.13 3.66 -18.54
CA ILE A 15 0.29 3.36 -18.76
C ILE A 15 0.57 1.88 -18.46
N PHE A 16 0.04 1.39 -17.35
CA PHE A 16 0.25 0.01 -16.93
C PHE A 16 -0.17 -0.98 -18.02
N HIS A 17 -1.40 -0.79 -18.52
CA HIS A 17 -2.00 -1.67 -19.54
C HIS A 17 -1.37 -1.48 -20.92
N LYS A 18 -0.77 -0.30 -21.15
CA LYS A 18 -0.04 -0.02 -22.39
C LYS A 18 1.12 -0.99 -22.62
N TYR A 19 1.69 -1.48 -21.51
CA TYR A 19 2.88 -2.34 -21.53
C TYR A 19 2.59 -3.78 -21.08
N SER A 20 1.64 -3.97 -20.16
CA SER A 20 1.36 -5.28 -19.56
C SER A 20 0.84 -6.30 -20.57
N GLY A 21 0.13 -5.83 -21.60
CA GLY A 21 -0.55 -6.70 -22.57
C GLY A 21 0.35 -7.17 -23.73
N ARG A 22 1.63 -6.76 -23.75
CA ARG A 22 2.51 -7.01 -24.89
C ARG A 22 2.93 -8.49 -25.03
N GLU A 23 3.21 -9.14 -23.90
CA GLU A 23 3.62 -10.55 -23.87
C GLU A 23 3.19 -11.22 -22.56
N GLY A 24 3.22 -12.55 -22.56
CA GLY A 24 2.83 -13.35 -21.41
C GLY A 24 1.42 -12.99 -20.95
N ASP A 25 1.23 -12.93 -19.63
CA ASP A 25 -0.06 -12.53 -19.07
C ASP A 25 -0.36 -11.09 -19.48
N LYS A 26 -1.61 -10.86 -19.88
CA LYS A 26 -2.06 -9.56 -20.37
C LYS A 26 -2.16 -8.50 -19.26
N HIS A 27 -2.35 -8.95 -18.01
CA HIS A 27 -2.69 -8.05 -16.90
C HIS A 27 -1.55 -7.89 -15.88
N THR A 28 -0.38 -8.44 -16.20
CA THR A 28 0.79 -8.33 -15.33
C THR A 28 2.01 -7.90 -16.13
N LEU A 29 3.00 -7.37 -15.42
CA LEU A 29 4.24 -6.91 -16.06
C LEU A 29 5.35 -7.94 -15.89
N SER A 30 5.83 -8.46 -17.03
CA SER A 30 7.02 -9.29 -17.05
C SER A 30 8.25 -8.44 -16.73
N LYS A 31 9.41 -9.09 -16.54
CA LYS A 31 10.68 -8.40 -16.34
C LYS A 31 11.00 -7.44 -17.49
N LYS A 32 10.69 -7.91 -18.70
CA LYS A 32 10.89 -7.14 -19.93
C LYS A 32 9.96 -5.92 -20.03
N GLU A 33 8.66 -6.14 -19.76
CA GLU A 33 7.65 -5.09 -19.81
C GLU A 33 7.89 -4.00 -18.78
N LEU A 34 8.22 -4.44 -17.56
CA LEU A 34 8.46 -3.51 -16.44
C LEU A 34 9.73 -2.68 -16.64
N LYS A 35 10.78 -3.28 -17.19
CA LYS A 35 12.03 -2.57 -17.48
C LYS A 35 11.80 -1.49 -18.54
N GLU A 36 11.02 -1.86 -19.53
CA GLU A 36 10.61 -0.97 -20.60
C GLU A 36 9.75 0.21 -20.09
N LEU A 37 8.83 -0.12 -19.18
CA LEU A 37 7.99 0.89 -18.51
C LEU A 37 8.86 1.92 -17.78
N ILE A 38 9.84 1.41 -17.01
CA ILE A 38 10.75 2.26 -16.24
C ILE A 38 11.61 3.15 -17.14
N GLN A 39 12.18 2.54 -18.20
CA GLN A 39 13.11 3.24 -19.09
C GLN A 39 12.42 4.32 -19.94
N LYS A 40 11.11 4.15 -20.18
CA LYS A 40 10.36 5.01 -21.09
C LYS A 40 9.45 6.01 -20.34
N GLU A 41 9.04 5.66 -19.12
CA GLU A 41 8.02 6.42 -18.39
C GLU A 41 8.58 7.17 -17.17
N LEU A 42 9.70 6.68 -16.64
CA LEU A 42 10.36 7.31 -15.51
C LEU A 42 11.44 8.25 -16.01
N THR A 43 11.46 9.48 -15.48
CA THR A 43 12.37 10.54 -15.93
C THR A 43 13.84 10.08 -15.93
N ILE A 44 14.22 9.38 -14.87
CA ILE A 44 15.60 8.91 -14.68
C ILE A 44 15.79 7.44 -15.08
N GLY A 45 14.71 6.83 -15.58
CA GLY A 45 14.66 5.40 -15.87
C GLY A 45 15.76 4.91 -16.80
N SER A 46 15.97 5.64 -17.91
CA SER A 46 16.96 5.31 -18.93
C SER A 46 18.42 5.46 -18.43
N LYS A 47 18.61 6.12 -17.28
CA LYS A 47 19.96 6.39 -16.75
C LYS A 47 20.35 5.44 -15.61
N LEU A 48 19.39 4.65 -15.12
CA LEU A 48 19.64 3.68 -14.05
C LEU A 48 20.49 2.51 -14.56
N GLN A 49 21.37 2.02 -13.70
CA GLN A 49 22.12 0.81 -13.96
C GLN A 49 21.17 -0.36 -14.19
N ASP A 50 21.55 -1.30 -15.06
CA ASP A 50 20.74 -2.49 -15.33
C ASP A 50 20.54 -3.33 -14.07
N ALA A 51 21.60 -3.41 -13.26
CA ALA A 51 21.60 -4.13 -11.98
C ALA A 51 20.61 -3.54 -10.98
N GLU A 52 20.48 -2.21 -10.99
CA GLU A 52 19.57 -1.48 -10.10
C GLU A 52 18.10 -1.60 -10.52
N ILE A 53 17.83 -1.60 -11.84
CA ILE A 53 16.49 -1.87 -12.36
C ILE A 53 16.06 -3.30 -12.01
N ALA A 54 17.01 -4.22 -12.11
CA ALA A 54 16.77 -5.63 -11.79
C ALA A 54 16.45 -5.85 -10.32
N ARG A 55 17.14 -5.10 -9.44
CA ARG A 55 16.89 -5.14 -8.00
C ARG A 55 15.54 -4.53 -7.65
N LEU A 56 15.23 -3.43 -8.34
CA LEU A 56 13.95 -2.73 -8.20
C LEU A 56 12.76 -3.64 -8.56
N MET A 57 12.88 -4.31 -9.71
CA MET A 57 11.84 -5.21 -10.20
C MET A 57 11.69 -6.46 -9.31
N GLU A 58 12.84 -6.93 -8.80
CA GLU A 58 12.89 -8.09 -7.91
C GLU A 58 12.11 -7.82 -6.63
N ASP A 59 12.37 -6.66 -6.05
CA ASP A 59 11.73 -6.26 -4.79
C ASP A 59 10.24 -5.98 -4.94
N LEU A 60 9.83 -5.37 -6.06
CA LEU A 60 8.43 -5.07 -6.30
C LEU A 60 7.61 -6.35 -6.22
N ASP A 61 8.19 -7.45 -6.70
CA ASP A 61 7.56 -8.76 -6.66
C ASP A 61 7.57 -9.29 -5.22
N ARG A 62 6.42 -9.19 -4.55
CA ARG A 62 6.30 -9.62 -3.16
C ARG A 62 5.80 -11.06 -3.05
N ASN A 63 4.87 -11.45 -3.93
CA ASN A 63 4.32 -12.81 -3.90
C ASN A 63 5.33 -13.80 -4.48
N LYS A 64 6.39 -13.26 -5.09
CA LYS A 64 7.48 -14.05 -5.68
C LYS A 64 7.00 -15.04 -6.73
N ASP A 65 6.55 -14.52 -7.87
CA ASP A 65 6.10 -15.34 -8.98
C ASP A 65 6.72 -14.83 -10.28
N GLN A 66 7.68 -13.91 -10.12
CA GLN A 66 8.42 -13.29 -11.25
C GLN A 66 7.55 -12.34 -12.09
N GLU A 67 6.35 -12.04 -11.56
CA GLU A 67 5.41 -11.14 -12.24
C GLU A 67 4.98 -9.99 -11.32
N VAL A 68 4.98 -8.78 -11.89
CA VAL A 68 4.60 -7.56 -11.17
C VAL A 68 3.16 -7.19 -11.54
N ASN A 69 2.25 -7.53 -10.64
CA ASN A 69 0.84 -7.25 -10.84
C ASN A 69 0.56 -5.77 -10.61
N PHE A 70 -0.71 -5.39 -10.69
CA PHE A 70 -1.06 -3.97 -10.50
C PHE A 70 -0.78 -3.46 -9.09
N GLN A 71 -1.04 -4.30 -8.08
CA GLN A 71 -0.81 -3.93 -6.69
C GLN A 71 0.67 -3.62 -6.43
N GLU A 72 1.55 -4.32 -7.15
CA GLU A 72 2.99 -4.10 -7.02
C GLU A 72 3.36 -2.76 -7.62
N TYR A 73 2.70 -2.41 -8.73
CA TYR A 73 2.88 -1.11 -9.38
C TYR A 73 2.48 0.05 -8.46
N VAL A 74 1.43 -0.16 -7.66
CA VAL A 74 0.96 0.82 -6.68
C VAL A 74 2.04 1.07 -5.61
N THR A 75 2.78 0.02 -5.25
CA THR A 75 3.90 0.13 -4.30
C THR A 75 4.98 1.06 -4.86
N PHE A 76 5.22 0.91 -6.18
CA PHE A 76 6.16 1.76 -6.92
C PHE A 76 5.73 3.24 -6.92
N LEU A 77 4.43 3.46 -7.19
CA LEU A 77 3.85 4.80 -7.16
C LEU A 77 3.97 5.45 -5.78
N GLY A 78 3.76 4.63 -4.75
CA GLY A 78 3.89 5.06 -3.35
C GLY A 78 5.31 5.45 -2.99
N ALA A 79 6.27 4.71 -3.56
CA ALA A 79 7.71 4.98 -3.37
C ALA A 79 8.13 6.30 -4.03
N LEU A 80 7.58 6.56 -5.22
CA LEU A 80 7.82 7.81 -5.94
C LEU A 80 7.26 9.02 -5.21
N ALA A 81 6.06 8.84 -4.64
CA ALA A 81 5.37 9.86 -3.87
C ALA A 81 6.12 10.23 -2.58
N LEU A 82 6.66 9.20 -1.91
CA LEU A 82 7.47 9.39 -0.70
C LEU A 82 8.77 10.17 -0.97
N ILE A 83 9.37 9.86 -2.12
CA ILE A 83 10.62 10.52 -2.56
C ILE A 83 10.39 12.02 -2.77
N TYR A 84 9.35 12.37 -3.53
CA TYR A 84 9.03 13.78 -3.80
C TYR A 84 8.63 14.55 -2.54
N ASN A 85 7.86 13.88 -1.68
CA ASN A 85 7.41 14.46 -0.42
C ASN A 85 8.57 14.76 0.54
N GLU A 86 9.51 13.82 0.64
CA GLU A 86 10.69 13.97 1.51
C GLU A 86 11.60 15.12 1.04
N ALA A 87 11.73 15.29 -0.28
CA ALA A 87 12.55 16.36 -0.86
C ALA A 87 11.99 17.75 -0.50
N LEU A 88 10.65 17.85 -0.54
CA LEU A 88 9.95 19.11 -0.27
C LEU A 88 10.03 19.53 1.21
N LYS A 89 10.15 18.54 2.10
CA LYS A 89 10.25 18.81 3.53
C LYS A 89 11.65 19.28 3.92
N GLY A 90 12.64 18.90 3.11
CA GLY A 90 14.02 19.30 3.37
C GLY A 90 14.85 18.19 3.98
N ALA B 2 9.76 16.95 -16.59
CA ALA B 2 9.42 15.60 -16.11
C ALA B 2 8.54 14.83 -17.11
N SER B 3 8.68 13.51 -17.08
CA SER B 3 7.89 12.59 -17.91
C SER B 3 6.42 12.54 -17.46
N PRO B 4 5.50 12.08 -18.33
CA PRO B 4 4.06 12.03 -18.05
C PRO B 4 3.72 11.39 -16.69
N LEU B 5 4.41 10.29 -16.34
CA LEU B 5 4.13 9.58 -15.10
C LEU B 5 4.56 10.39 -13.86
N ASP B 6 5.77 10.96 -13.94
CA ASP B 6 6.30 11.81 -12.86
C ASP B 6 5.47 13.08 -12.65
N GLN B 7 4.95 13.61 -13.77
CA GLN B 7 4.09 14.79 -13.77
C GLN B 7 2.74 14.56 -13.06
N ALA B 8 2.14 13.41 -13.40
CA ALA B 8 0.87 12.98 -12.77
C ALA B 8 1.00 12.78 -11.26
N ILE B 9 2.05 12.07 -10.84
CA ILE B 9 2.34 11.86 -9.41
C ILE B 9 2.59 13.21 -8.72
N GLY B 10 3.33 14.09 -9.39
CA GLY B 10 3.66 15.42 -8.88
C GLY B 10 2.41 16.27 -8.66
N LEU B 11 1.45 16.11 -9.58
CA LEU B 11 0.16 16.80 -9.50
C LEU B 11 -0.64 16.31 -8.27
N LEU B 12 -0.65 14.99 -8.08
CA LEU B 12 -1.39 14.36 -6.97
C LEU B 12 -0.83 14.76 -5.60
N VAL B 13 0.50 14.86 -5.51
CA VAL B 13 1.20 15.29 -4.29
C VAL B 13 0.92 16.78 -4.01
N ALA B 14 0.89 17.57 -5.08
CA ALA B 14 0.60 19.01 -5.00
C ALA B 14 -0.82 19.30 -4.48
N ILE B 15 -1.77 18.46 -4.89
CA ILE B 15 -3.16 18.56 -4.43
C ILE B 15 -3.23 18.38 -2.91
N PHE B 16 -2.53 17.37 -2.40
CA PHE B 16 -2.54 17.06 -0.97
C PHE B 16 -2.13 18.28 -0.13
N HIS B 17 -1.00 18.88 -0.52
CA HIS B 17 -0.43 20.04 0.19
C HIS B 17 -1.22 21.33 -0.03
N LYS B 18 -1.98 21.38 -1.13
CA LYS B 18 -2.87 22.50 -1.43
C LYS B 18 -3.92 22.69 -0.34
N TYR B 19 -4.30 21.58 0.30
CA TYR B 19 -5.38 21.55 1.29
C TYR B 19 -4.89 21.28 2.73
N SER B 20 -3.82 20.48 2.87
CA SER B 20 -3.32 20.04 4.18
C SER B 20 -2.81 21.20 5.04
N GLY B 21 -2.28 22.25 4.41
CA GLY B 21 -1.64 23.36 5.11
C GLY B 21 -2.60 24.46 5.59
N ARG B 22 -3.90 24.30 5.35
CA ARG B 22 -4.88 25.37 5.60
C ARG B 22 -5.13 25.60 7.10
N GLU B 23 -5.20 24.50 7.88
CA GLU B 23 -5.45 24.57 9.32
C GLU B 23 -4.80 23.37 10.03
N GLY B 24 -4.68 23.50 11.36
CA GLY B 24 -4.07 22.47 12.19
C GLY B 24 -2.67 22.14 11.70
N ASP B 25 -2.33 20.84 11.72
CA ASP B 25 -1.05 20.38 11.22
C ASP B 25 -0.95 20.68 9.72
N LYS B 26 0.20 21.19 9.31
CA LYS B 26 0.44 21.60 7.92
C LYS B 26 0.55 20.41 6.96
N HIS B 27 0.93 19.24 7.48
CA HIS B 27 1.30 18.09 6.64
C HIS B 27 0.27 16.95 6.71
N THR B 28 -0.85 17.19 7.36
CA THR B 28 -1.91 16.19 7.48
C THR B 28 -3.26 16.80 7.14
N LEU B 29 -4.22 15.95 6.79
CA LEU B 29 -5.57 16.41 6.43
C LEU B 29 -6.51 16.22 7.61
N SER B 30 -7.07 17.33 8.09
CA SER B 30 -8.16 17.31 9.06
C SER B 30 -9.43 16.77 8.40
N LYS B 31 -10.48 16.53 9.20
CA LYS B 31 -11.79 16.13 8.69
C LYS B 31 -12.35 17.14 7.69
N LYS B 32 -12.12 18.41 8.01
CA LYS B 32 -12.55 19.54 7.20
C LYS B 32 -11.79 19.62 5.86
N GLU B 33 -10.46 19.52 5.94
CA GLU B 33 -9.58 19.59 4.77
C GLU B 33 -9.82 18.44 3.81
N LEU B 34 -9.96 17.24 4.37
CA LEU B 34 -10.16 16.03 3.57
C LEU B 34 -11.54 16.01 2.88
N LYS B 35 -12.57 16.50 3.58
CA LYS B 35 -13.91 16.58 2.99
C LYS B 35 -13.93 17.55 1.82
N GLU B 36 -13.24 18.64 2.02
CA GLU B 36 -13.06 19.67 1.00
C GLU B 36 -12.30 19.15 -0.23
N LEU B 37 -11.24 18.38 0.04
CA LEU B 37 -10.44 17.73 -1.00
C LEU B 37 -11.33 16.81 -1.85
N ILE B 38 -12.15 15.99 -1.17
CA ILE B 38 -13.05 15.05 -1.84
C ILE B 38 -14.10 15.78 -2.69
N GLN B 39 -14.73 16.80 -2.09
CA GLN B 39 -15.83 17.54 -2.74
C GLN B 39 -15.37 18.35 -3.96
N LYS B 40 -14.10 18.74 -3.97
CA LYS B 40 -13.55 19.65 -4.99
C LYS B 40 -12.69 18.92 -6.03
N GLU B 41 -12.10 17.78 -5.64
CA GLU B 41 -11.09 17.10 -6.47
C GLU B 41 -11.59 15.77 -7.03
N LEU B 42 -12.56 15.16 -6.38
CA LEU B 42 -13.15 13.92 -6.83
C LEU B 42 -14.39 14.20 -7.66
N THR B 43 -14.48 13.56 -8.84
CA THR B 43 -15.57 13.82 -9.81
C THR B 43 -16.95 13.71 -9.18
N ILE B 44 -17.12 12.67 -8.35
CA ILE B 44 -18.41 12.38 -7.70
C ILE B 44 -18.48 12.89 -6.26
N GLY B 45 -17.40 13.56 -5.82
CA GLY B 45 -17.23 13.98 -4.43
C GLY B 45 -18.37 14.82 -3.89
N SER B 46 -18.78 15.82 -4.67
CA SER B 46 -19.85 16.76 -4.29
C SER B 46 -21.24 16.09 -4.23
N LYS B 47 -21.38 14.88 -4.77
CA LYS B 47 -22.67 14.18 -4.82
C LYS B 47 -22.81 13.09 -3.75
N LEU B 48 -21.72 12.79 -3.05
CA LEU B 48 -21.72 11.79 -1.98
C LEU B 48 -22.49 12.31 -0.76
N GLN B 49 -23.20 11.40 -0.09
CA GLN B 49 -23.83 11.69 1.18
C GLN B 49 -22.79 12.13 2.19
N ASP B 50 -23.17 13.03 3.11
CA ASP B 50 -22.26 13.49 4.16
C ASP B 50 -21.82 12.34 5.07
N ALA B 51 -22.76 11.44 5.35
CA ALA B 51 -22.52 10.23 6.15
C ALA B 51 -21.49 9.30 5.52
N GLU B 52 -21.52 9.20 4.18
CA GLU B 52 -20.60 8.35 3.43
C GLU B 52 -19.18 8.94 3.31
N ILE B 53 -19.08 10.26 3.20
CA ILE B 53 -17.79 10.97 3.24
C ILE B 53 -17.16 10.79 4.63
N ALA B 54 -17.99 10.87 5.66
CA ALA B 54 -17.57 10.71 7.05
C ALA B 54 -17.05 9.30 7.34
N ARG B 55 -17.71 8.29 6.74
CA ARG B 55 -17.29 6.90 6.88
C ARG B 55 -15.99 6.64 6.13
N LEU B 56 -15.90 7.26 4.95
CA LEU B 56 -14.69 7.20 4.11
C LEU B 56 -13.46 7.76 4.83
N MET B 57 -13.62 8.95 5.42
CA MET B 57 -12.55 9.63 6.16
C MET B 57 -12.17 8.88 7.43
N GLU B 58 -13.19 8.29 8.08
CA GLU B 58 -12.99 7.52 9.31
C GLU B 58 -12.11 6.30 9.04
N ASP B 59 -12.43 5.59 7.96
CA ASP B 59 -11.70 4.38 7.59
C ASP B 59 -10.27 4.67 7.11
N LEU B 60 -10.08 5.76 6.38
CA LEU B 60 -8.75 6.13 5.89
C LEU B 60 -7.78 6.25 7.07
N ASP B 61 -8.30 6.76 8.18
CA ASP B 61 -7.52 6.90 9.41
C ASP B 61 -7.29 5.52 10.03
N ARG B 62 -6.10 4.97 9.83
CA ARG B 62 -5.77 3.64 10.33
C ARG B 62 -5.11 3.68 11.71
N ASN B 63 -4.22 4.67 11.91
CA ASN B 63 -3.54 4.82 13.20
C ASN B 63 -4.48 5.36 14.26
N LYS B 64 -5.64 5.85 13.82
CA LYS B 64 -6.68 6.39 14.69
C LYS B 64 -6.19 7.57 15.54
N ASP B 65 -5.98 8.70 14.87
CA ASP B 65 -5.54 9.93 15.54
C ASP B 65 -6.36 11.11 15.02
N GLN B 66 -7.37 10.78 14.20
CA GLN B 66 -8.28 11.76 13.60
C GLN B 66 -7.61 12.61 12.53
N GLU B 67 -6.42 12.20 12.09
CA GLU B 67 -5.69 12.92 11.06
C GLU B 67 -5.30 11.99 9.91
N VAL B 68 -5.58 12.44 8.70
CA VAL B 68 -5.27 11.68 7.50
C VAL B 68 -3.92 12.13 6.94
N ASN B 69 -2.90 11.33 7.23
CA ASN B 69 -1.55 11.63 6.77
C ASN B 69 -1.41 11.30 5.30
N PHE B 70 -0.21 11.45 4.77
CA PHE B 70 0.02 11.18 3.34
C PHE B 70 -0.14 9.69 2.99
N GLN B 71 0.33 8.81 3.87
CA GLN B 71 0.22 7.36 3.64
C GLN B 71 -1.25 6.94 3.53
N GLU B 72 -2.13 7.65 4.24
CA GLU B 72 -3.57 7.35 4.20
C GLU B 72 -4.15 7.79 2.85
N TYR B 73 -3.68 8.92 2.34
CA TYR B 73 -4.08 9.42 1.02
C TYR B 73 -3.71 8.45 -0.11
N VAL B 74 -2.54 7.80 0.04
CA VAL B 74 -2.08 6.78 -0.92
C VAL B 74 -3.04 5.58 -0.94
N THR B 75 -3.60 5.23 0.22
CA THR B 75 -4.60 4.16 0.33
C THR B 75 -5.84 4.51 -0.48
N PHE B 76 -6.22 5.80 -0.41
CA PHE B 76 -7.34 6.33 -1.20
C PHE B 76 -7.08 6.24 -2.71
N LEU B 77 -5.88 6.65 -3.12
CA LEU B 77 -5.45 6.54 -4.52
C LEU B 77 -5.48 5.10 -5.03
N GLY B 78 -5.04 4.18 -4.16
CA GLY B 78 -5.04 2.76 -4.45
C GLY B 78 -6.44 2.19 -4.63
N ALA B 79 -7.37 2.71 -3.81
CA ALA B 79 -8.79 2.34 -3.89
C ALA B 79 -9.45 2.81 -5.20
N LEU B 80 -9.09 4.03 -5.62
CA LEU B 80 -9.57 4.59 -6.89
C LEU B 80 -9.06 3.81 -8.09
N ALA B 81 -7.79 3.41 -8.02
CA ALA B 81 -7.12 2.63 -9.06
C ALA B 81 -7.74 1.23 -9.22
N LEU B 82 -8.08 0.60 -8.08
CA LEU B 82 -8.74 -0.70 -8.07
C LEU B 82 -10.14 -0.65 -8.69
N ILE B 83 -10.86 0.45 -8.41
CA ILE B 83 -12.21 0.68 -8.93
C ILE B 83 -12.19 0.77 -10.46
N TYR B 84 -11.30 1.59 -11.01
CA TYR B 84 -11.19 1.78 -12.46
C TYR B 84 -10.71 0.49 -13.17
N ASN B 85 -9.78 -0.20 -12.53
CA ASN B 85 -9.24 -1.46 -13.05
C ASN B 85 -10.30 -2.57 -13.12
N GLU B 86 -11.11 -2.68 -12.07
CA GLU B 86 -12.18 -3.69 -12.00
C GLU B 86 -13.26 -3.44 -13.07
N ALA B 87 -13.58 -2.17 -13.31
CA ALA B 87 -14.58 -1.80 -14.32
C ALA B 87 -14.15 -2.21 -15.74
N LEU B 88 -12.85 -2.04 -16.01
CA LEU B 88 -12.26 -2.35 -17.32
C LEU B 88 -12.21 -3.85 -17.60
N LYS B 89 -12.11 -4.66 -16.54
CA LYS B 89 -12.06 -6.12 -16.68
C LYS B 89 -13.45 -6.69 -16.96
N GLY B 90 -14.49 -5.93 -16.62
CA GLY B 90 -15.85 -6.37 -16.85
C GLY B 90 -16.51 -6.92 -15.60
N ALA C 1 -20.30 -6.90 -16.76
CA ALA C 1 -20.55 -8.31 -16.35
C ALA C 1 -20.38 -9.26 -17.53
N MET C 2 -19.48 -10.24 -17.36
CA MET C 2 -19.23 -11.22 -18.41
C MET C 2 -19.49 -12.64 -17.91
N ALA C 3 -20.11 -13.46 -18.77
CA ALA C 3 -20.43 -14.84 -18.42
C ALA C 3 -20.52 -15.71 -19.66
N GLN C 4 -20.04 -16.94 -19.55
CA GLN C 4 -20.06 -17.88 -20.66
C GLN C 4 -21.36 -18.68 -20.68
N ASN C 5 -21.93 -18.84 -21.88
CA ASN C 5 -23.17 -19.59 -22.02
C ASN C 5 -22.90 -21.09 -22.16
N ILE C 6 -23.27 -21.86 -21.15
CA ILE C 6 -23.06 -23.31 -21.16
C ILE C 6 -24.35 -24.05 -20.85
N THR C 7 -24.73 -24.97 -21.74
CA THR C 7 -25.95 -25.74 -21.55
C THR C 7 -25.65 -27.05 -20.82
N ALA C 8 -26.54 -27.44 -19.92
CA ALA C 8 -26.37 -28.65 -19.16
C ALA C 8 -27.72 -29.32 -18.90
N ARG C 9 -27.68 -30.60 -18.53
CA ARG C 9 -28.90 -31.35 -18.25
C ARG C 9 -29.00 -31.69 -16.77
N ILE C 10 -30.20 -31.55 -16.21
CA ILE C 10 -30.43 -31.85 -14.80
C ILE C 10 -30.10 -33.31 -14.47
N GLY C 11 -29.34 -33.50 -13.40
CA GLY C 11 -28.97 -34.85 -12.99
C GLY C 11 -27.85 -35.45 -13.83
N GLU C 12 -27.33 -34.68 -14.77
CA GLU C 12 -26.26 -35.15 -15.64
C GLU C 12 -24.89 -34.70 -15.13
N PRO C 13 -23.90 -35.62 -15.11
CA PRO C 13 -22.54 -35.30 -14.64
C PRO C 13 -21.85 -34.29 -15.55
N LEU C 14 -21.10 -33.36 -14.95
CA LEU C 14 -20.39 -32.35 -15.72
C LEU C 14 -19.00 -32.08 -15.14
N VAL C 15 -18.01 -31.94 -16.01
CA VAL C 15 -16.65 -31.70 -15.58
C VAL C 15 -16.10 -30.43 -16.23
N LEU C 16 -15.42 -29.62 -15.43
CA LEU C 16 -14.84 -28.37 -15.94
C LEU C 16 -13.50 -28.08 -15.26
N LYS C 17 -12.63 -27.36 -15.97
CA LYS C 17 -11.32 -27.02 -15.45
C LYS C 17 -11.25 -25.54 -15.09
N CYS C 18 -10.88 -25.25 -13.84
CA CYS C 18 -10.77 -23.88 -13.38
C CYS C 18 -9.36 -23.58 -12.89
N LYS C 19 -8.46 -23.31 -13.83
CA LYS C 19 -7.07 -23.02 -13.49
C LYS C 19 -6.96 -21.71 -12.72
N GLY C 20 -5.73 -21.30 -12.43
CA GLY C 20 -5.51 -20.07 -11.70
C GLY C 20 -4.27 -20.12 -10.84
N ALA C 21 -4.04 -21.26 -10.20
CA ALA C 21 -2.87 -21.43 -9.34
C ALA C 21 -1.57 -21.31 -10.15
N PRO C 22 -0.71 -20.32 -9.83
CA PRO C 22 0.56 -20.12 -10.53
C PRO C 22 1.52 -21.31 -10.43
N LYS C 23 2.74 -21.13 -10.94
CA LYS C 23 3.76 -22.18 -10.92
C LYS C 23 4.27 -22.47 -9.50
N LYS C 24 3.93 -21.59 -8.57
CA LYS C 24 4.32 -21.73 -7.18
C LYS C 24 3.52 -22.86 -6.51
N PRO C 25 3.94 -23.32 -5.29
CA PRO C 25 3.22 -24.36 -4.55
C PRO C 25 1.74 -24.06 -4.41
N PRO C 26 0.93 -25.06 -3.97
CA PRO C 26 -0.51 -24.88 -3.79
C PRO C 26 -0.84 -23.72 -2.86
N GLN C 27 -1.31 -22.62 -3.45
CA GLN C 27 -1.66 -21.43 -2.66
C GLN C 27 -3.11 -21.49 -2.23
N ARG C 28 -3.57 -20.41 -1.58
CA ARG C 28 -4.94 -20.34 -1.10
C ARG C 28 -5.93 -20.27 -2.27
N LEU C 29 -7.19 -20.55 -1.99
CA LEU C 29 -8.23 -20.51 -3.02
C LEU C 29 -9.61 -20.34 -2.39
N GLU C 30 -10.46 -19.56 -3.06
CA GLU C 30 -11.81 -19.31 -2.57
C GLU C 30 -12.83 -19.48 -3.68
N TRP C 31 -13.93 -20.15 -3.37
CA TRP C 31 -15.00 -20.40 -4.33
C TRP C 31 -16.16 -19.44 -4.12
N LYS C 32 -16.63 -18.83 -5.19
CA LYS C 32 -17.74 -17.88 -5.12
C LYS C 32 -18.61 -17.98 -6.37
N LEU C 33 -19.92 -17.87 -6.17
CA LEU C 33 -20.87 -17.93 -7.29
C LEU C 33 -22.07 -17.03 -7.04
N ASN C 34 -22.58 -16.43 -8.10
CA ASN C 34 -23.73 -15.54 -8.00
C ASN C 34 -24.97 -16.19 -8.59
N THR C 35 -26.04 -16.26 -7.79
CA THR C 35 -27.29 -16.85 -8.24
C THR C 35 -28.47 -16.19 -7.57
N GLY C 36 -29.68 -16.62 -7.94
CA GLY C 36 -30.88 -16.06 -7.36
C GLY C 36 -30.95 -16.26 -5.86
N ARG C 37 -30.80 -17.51 -5.44
CA ARG C 37 -30.85 -17.85 -4.02
C ARG C 37 -29.45 -18.21 -3.51
N THR C 38 -28.66 -18.82 -4.37
CA THR C 38 -27.30 -19.22 -4.01
C THR C 38 -27.32 -20.26 -2.88
N GLU C 39 -27.07 -21.51 -3.26
CA GLU C 39 -27.06 -22.60 -2.29
C GLU C 39 -25.93 -23.60 -2.59
N ALA C 40 -24.98 -23.17 -3.41
CA ALA C 40 -23.85 -24.03 -3.77
C ALA C 40 -22.51 -23.40 -3.39
N TRP C 41 -22.52 -22.10 -3.12
CA TRP C 41 -21.31 -21.37 -2.75
C TRP C 41 -20.66 -22.01 -1.52
N LYS C 42 -19.45 -22.54 -1.71
CA LYS C 42 -18.71 -23.18 -0.62
C LYS C 42 -17.27 -22.68 -0.59
N VAL C 43 -16.65 -22.79 0.58
CA VAL C 43 -15.26 -22.35 0.75
C VAL C 43 -14.30 -23.52 0.56
N LEU C 44 -13.50 -23.46 -0.50
CA LEU C 44 -12.54 -24.51 -0.81
C LEU C 44 -11.18 -24.20 -0.20
N SER C 45 -10.56 -25.22 0.41
CA SER C 45 -9.25 -25.05 1.03
C SER C 45 -8.30 -26.16 0.58
N PRO C 46 -6.99 -25.85 0.52
CA PRO C 46 -5.97 -26.81 0.09
C PRO C 46 -5.79 -27.95 1.09
N GLN C 47 -6.37 -27.80 2.27
CA GLN C 47 -6.27 -28.81 3.31
C GLN C 47 -7.55 -28.87 4.14
N GLY C 48 -8.60 -29.46 3.57
CA GLY C 48 -9.87 -29.56 4.28
C GLY C 48 -11.06 -29.60 3.33
N GLY C 49 -12.21 -30.01 3.85
CA GLY C 49 -13.40 -30.09 3.03
C GLY C 49 -14.65 -29.68 3.80
N GLY C 50 -15.74 -29.45 3.07
CA GLY C 50 -16.98 -29.05 3.70
C GLY C 50 -18.18 -29.80 3.14
N PRO C 51 -19.37 -29.18 3.15
CA PRO C 51 -20.59 -29.81 2.63
C PRO C 51 -20.57 -29.96 1.11
N TRP C 52 -20.19 -28.90 0.42
CA TRP C 52 -20.14 -28.92 -1.03
C TRP C 52 -19.17 -29.99 -1.53
N ASP C 53 -18.26 -30.43 -0.65
CA ASP C 53 -17.29 -31.45 -1.01
C ASP C 53 -17.99 -32.72 -1.48
N SER C 54 -19.15 -33.00 -0.89
CA SER C 54 -19.92 -34.19 -1.23
C SER C 54 -20.73 -33.97 -2.50
N VAL C 55 -21.01 -32.70 -2.80
CA VAL C 55 -21.77 -32.34 -4.00
C VAL C 55 -20.85 -32.24 -5.21
N ALA C 56 -19.61 -31.82 -4.97
CA ALA C 56 -18.63 -31.67 -6.05
C ALA C 56 -17.22 -31.60 -5.49
N ARG C 57 -16.27 -32.20 -6.20
CA ARG C 57 -14.88 -32.21 -5.76
C ARG C 57 -13.97 -31.59 -6.82
N VAL C 58 -12.75 -31.25 -6.42
CA VAL C 58 -11.78 -30.65 -7.32
C VAL C 58 -10.64 -31.62 -7.63
N LEU C 59 -10.38 -31.83 -8.93
CA LEU C 59 -9.31 -32.73 -9.34
C LEU C 59 -7.94 -32.13 -9.06
N PRO C 60 -6.93 -32.98 -8.82
CA PRO C 60 -5.56 -32.54 -8.53
C PRO C 60 -5.06 -31.52 -9.55
N ASN C 61 -5.61 -31.55 -10.75
CA ASN C 61 -5.22 -30.63 -11.80
C ASN C 61 -5.98 -29.31 -11.70
N GLY C 62 -6.78 -29.15 -10.65
CA GLY C 62 -7.54 -27.94 -10.47
C GLY C 62 -8.81 -27.93 -11.31
N SER C 63 -9.49 -29.06 -11.35
CA SER C 63 -10.72 -29.19 -12.12
C SER C 63 -11.93 -29.27 -11.20
N LEU C 64 -13.09 -29.56 -11.78
CA LEU C 64 -14.31 -29.68 -11.01
C LEU C 64 -15.28 -30.67 -11.66
N PHE C 65 -15.72 -31.66 -10.89
CA PHE C 65 -16.64 -32.67 -11.39
C PHE C 65 -17.85 -32.82 -10.46
N LEU C 66 -19.04 -32.86 -11.05
CA LEU C 66 -20.27 -33.00 -10.28
C LEU C 66 -20.97 -34.31 -10.64
N PRO C 67 -21.33 -35.14 -9.62
CA PRO C 67 -22.01 -36.41 -9.83
C PRO C 67 -23.28 -36.25 -10.65
N ALA C 68 -23.97 -35.13 -10.45
CA ALA C 68 -25.21 -34.85 -11.18
C ALA C 68 -25.63 -33.40 -10.98
N VAL C 69 -25.44 -32.60 -12.05
CA VAL C 69 -25.80 -31.19 -12.01
C VAL C 69 -27.31 -31.00 -12.13
N GLY C 70 -27.92 -30.45 -11.09
CA GLY C 70 -29.36 -30.24 -11.10
C GLY C 70 -29.72 -28.77 -11.12
N ILE C 71 -30.96 -28.47 -10.72
CA ILE C 71 -31.43 -27.08 -10.69
C ILE C 71 -30.65 -26.26 -9.68
N GLN C 72 -30.27 -26.90 -8.58
CA GLN C 72 -29.51 -26.22 -7.53
C GLN C 72 -28.14 -25.78 -8.03
N ASP C 73 -27.60 -26.53 -8.98
CA ASP C 73 -26.30 -26.22 -9.55
C ASP C 73 -26.39 -25.07 -10.54
N GLU C 74 -27.60 -24.79 -11.02
CA GLU C 74 -27.83 -23.71 -11.98
C GLU C 74 -27.20 -22.41 -11.51
N GLY C 75 -27.31 -21.38 -12.34
CA GLY C 75 -26.76 -20.10 -11.98
C GLY C 75 -25.42 -19.85 -12.65
N ILE C 76 -24.56 -19.05 -12.03
CA ILE C 76 -23.25 -18.73 -12.59
C ILE C 76 -22.15 -19.03 -11.56
N PHE C 77 -21.12 -19.75 -12.00
CA PHE C 77 -20.00 -20.09 -11.14
C PHE C 77 -18.83 -19.14 -11.37
N ARG C 78 -18.04 -18.93 -10.33
CA ARG C 78 -16.89 -18.05 -10.42
C ARG C 78 -15.71 -18.56 -9.59
N CYS C 79 -14.51 -18.40 -10.12
CA CYS C 79 -13.29 -18.84 -9.43
C CYS C 79 -12.53 -17.65 -8.88
N GLN C 80 -11.75 -17.87 -7.83
CA GLN C 80 -10.96 -16.80 -7.22
C GLN C 80 -9.81 -17.38 -6.41
N ALA C 81 -8.72 -16.62 -6.34
CA ALA C 81 -7.54 -17.03 -5.59
C ALA C 81 -7.03 -15.90 -4.70
N MET C 82 -6.24 -16.25 -3.69
CA MET C 82 -5.69 -15.25 -2.79
C MET C 82 -4.19 -15.47 -2.58
N ASN C 83 -3.39 -14.52 -3.07
CA ASN C 83 -1.93 -14.62 -2.94
C ASN C 83 -1.44 -13.72 -1.80
N ARG C 84 -0.15 -13.40 -1.82
CA ARG C 84 0.45 -12.55 -0.79
C ARG C 84 0.19 -11.07 -1.06
N ASN C 85 -0.15 -10.74 -2.30
CA ASN C 85 -0.42 -9.35 -2.67
C ASN C 85 -1.91 -9.13 -2.89
N GLY C 86 -2.41 -9.59 -4.05
CA GLY C 86 -3.81 -9.43 -4.37
C GLY C 86 -4.12 -9.85 -5.80
N LYS C 87 -3.37 -10.83 -6.29
CA LYS C 87 -3.57 -11.32 -7.65
C LYS C 87 -4.65 -12.41 -7.67
N GLU C 88 -5.86 -12.00 -8.03
CA GLU C 88 -7.00 -12.91 -8.09
C GLU C 88 -7.44 -13.16 -9.53
N THR C 89 -8.03 -14.32 -9.76
CA THR C 89 -8.52 -14.68 -11.09
C THR C 89 -10.02 -14.46 -11.19
N LYS C 90 -10.44 -13.74 -12.23
CA LYS C 90 -11.86 -13.44 -12.44
C LYS C 90 -12.41 -14.18 -13.66
N SER C 91 -13.51 -14.92 -13.45
CA SER C 91 -14.13 -15.68 -14.53
C SER C 91 -15.51 -16.20 -14.08
N ASN C 92 -16.53 -15.87 -14.88
CA ASN C 92 -17.89 -16.30 -14.57
C ASN C 92 -18.51 -17.08 -15.73
N TYR C 93 -18.99 -18.28 -15.44
CA TYR C 93 -19.60 -19.13 -16.46
C TYR C 93 -21.09 -19.33 -16.17
N ARG C 94 -21.92 -18.99 -17.15
CA ARG C 94 -23.36 -19.13 -17.00
C ARG C 94 -23.81 -20.54 -17.40
N VAL C 95 -24.43 -21.24 -16.45
CA VAL C 95 -24.89 -22.61 -16.70
C VAL C 95 -26.39 -22.73 -16.44
N ARG C 96 -27.09 -23.38 -17.36
CA ARG C 96 -28.54 -23.57 -17.24
C ARG C 96 -28.93 -24.97 -17.68
N VAL C 97 -29.93 -25.52 -17.02
CA VAL C 97 -30.41 -26.86 -17.33
C VAL C 97 -31.60 -26.82 -18.28
N TYR C 98 -31.87 -27.95 -18.93
CA TYR C 98 -32.98 -28.03 -19.89
C TYR C 98 -34.29 -27.56 -19.25
N GLN C 99 -34.90 -28.42 -18.44
CA GLN C 99 -36.15 -28.09 -17.78
C GLN C 99 -35.90 -27.22 -16.55
N ILE C 100 -36.58 -26.08 -16.50
CA ILE C 100 -36.43 -25.15 -15.38
C ILE C 100 -37.75 -25.00 -14.62
N PRO C 101 -37.70 -24.48 -13.38
CA PRO C 101 -38.89 -24.28 -12.57
C PRO C 101 -39.81 -23.18 -13.11
N ALA D 1 19.05 19.15 3.51
CA ALA D 1 19.48 18.86 4.90
C ALA D 1 19.30 20.08 5.79
N MET D 2 18.55 19.90 6.88
CA MET D 2 18.29 20.98 7.83
C MET D 2 18.76 20.61 9.22
N ALA D 3 19.36 21.58 9.91
CA ALA D 3 19.85 21.36 11.27
C ALA D 3 19.89 22.67 12.06
N GLN D 4 19.55 22.59 13.35
CA GLN D 4 19.54 23.77 14.21
C GLN D 4 20.91 23.98 14.86
N ASN D 5 21.35 25.23 14.89
CA ASN D 5 22.64 25.56 15.49
C ASN D 5 22.51 25.78 16.99
N ILE D 6 23.07 24.86 17.78
CA ILE D 6 23.01 24.96 19.23
C ILE D 6 24.40 24.83 19.84
N THR D 7 24.77 25.82 20.66
CA THR D 7 26.07 25.81 21.31
C THR D 7 25.99 25.16 22.69
N ALA D 8 27.01 24.38 23.03
CA ALA D 8 27.05 23.70 24.29
C ALA D 8 28.48 23.61 24.82
N ARG D 9 28.62 23.34 26.13
CA ARG D 9 29.92 23.25 26.75
C ARG D 9 30.22 21.81 27.16
N ILE D 10 31.46 21.38 26.94
CA ILE D 10 31.87 20.02 27.28
C ILE D 10 31.73 19.76 28.78
N GLY D 11 31.12 18.63 29.12
CA GLY D 11 30.93 18.27 30.51
C GLY D 11 29.80 19.04 31.19
N GLU D 12 29.10 19.86 30.43
CA GLU D 12 27.99 20.65 30.97
C GLU D 12 26.65 19.97 30.70
N PRO D 13 25.77 19.90 31.71
CA PRO D 13 24.45 19.27 31.57
C PRO D 13 23.55 20.03 30.60
N LEU D 14 22.79 19.30 29.79
CA LEU D 14 21.90 19.91 28.82
C LEU D 14 20.57 19.17 28.75
N VAL D 15 19.48 19.93 28.66
CA VAL D 15 18.15 19.34 28.58
C VAL D 15 17.41 19.84 27.35
N LEU D 16 16.74 18.92 26.66
CA LEU D 16 15.99 19.27 25.47
C LEU D 16 14.71 18.44 25.36
N LYS D 17 13.70 19.00 24.70
CA LYS D 17 12.42 18.32 24.53
C LYS D 17 12.24 17.85 23.10
N CYS D 18 11.99 16.56 22.93
CA CYS D 18 11.79 15.98 21.60
C CYS D 18 10.41 15.33 21.48
N LYS D 19 9.39 16.16 21.27
CA LYS D 19 8.03 15.66 21.14
C LYS D 19 7.88 14.79 19.90
N GLY D 20 6.65 14.35 19.65
CA GLY D 20 6.40 13.50 18.49
C GLY D 20 5.26 12.53 18.73
N ALA D 21 5.22 11.94 19.92
CA ALA D 21 4.18 10.99 20.27
C ALA D 21 2.80 11.64 20.25
N PRO D 22 1.88 11.16 19.38
CA PRO D 22 0.51 11.73 19.29
C PRO D 22 -0.30 11.59 20.59
N LYS D 23 -1.57 11.98 20.53
CA LYS D 23 -2.46 11.93 21.70
C LYS D 23 -2.76 10.48 22.11
N LYS D 24 -2.44 9.54 21.24
CA LYS D 24 -2.67 8.12 21.50
C LYS D 24 -1.68 7.61 22.56
N PRO D 25 -1.91 6.40 23.12
CA PRO D 25 -1.01 5.81 24.13
C PRO D 25 0.44 5.80 23.67
N PRO D 26 1.38 5.52 24.59
CA PRO D 26 2.81 5.49 24.28
C PRO D 26 3.12 4.51 23.14
N GLN D 27 3.41 5.05 21.97
CA GLN D 27 3.72 4.24 20.80
C GLN D 27 5.22 3.96 20.71
N ARG D 28 5.63 3.29 19.64
CA ARG D 28 7.03 2.95 19.44
C ARG D 28 7.86 4.21 19.21
N LEU D 29 9.18 4.09 19.35
CA LEU D 29 10.08 5.21 19.14
C LEU D 29 11.50 4.71 18.85
N GLU D 30 12.19 5.42 17.96
CA GLU D 30 13.55 5.05 17.59
C GLU D 30 14.46 6.28 17.59
N TRP D 31 15.64 6.13 18.15
CA TRP D 31 16.61 7.21 18.22
C TRP D 31 17.69 7.05 17.15
N LYS D 32 17.96 8.13 16.43
CA LYS D 32 18.98 8.11 15.37
C LYS D 32 19.71 9.45 15.30
N LEU D 33 21.02 9.38 15.06
CA LEU D 33 21.84 10.59 14.95
C LEU D 33 22.96 10.41 13.94
N ASN D 34 23.28 11.47 13.23
CA ASN D 34 24.34 11.42 12.22
C ASN D 34 25.58 12.19 12.69
N THR D 35 26.72 11.51 12.70
CA THR D 35 27.96 12.14 13.13
C THR D 35 29.15 11.54 12.38
N GLY D 36 30.34 12.07 12.65
CA GLY D 36 31.54 11.57 12.00
C GLY D 36 31.79 10.11 12.28
N ARG D 37 31.82 9.76 13.57
CA ARG D 37 32.06 8.38 13.97
C ARG D 37 30.78 7.75 14.53
N THR D 38 29.94 8.57 15.15
CA THR D 38 28.69 8.10 15.72
C THR D 38 28.95 7.06 16.83
N GLU D 39 28.78 7.48 18.06
CA GLU D 39 28.98 6.59 19.21
C GLU D 39 27.95 6.85 20.29
N ALA D 40 26.86 7.53 19.94
CA ALA D 40 25.80 7.83 20.88
C ALA D 40 24.46 7.28 20.42
N TRP D 41 24.36 6.92 19.15
CA TRP D 41 23.13 6.37 18.59
C TRP D 41 22.69 5.12 19.36
N LYS D 42 21.52 5.23 20.01
CA LYS D 42 21.00 4.11 20.79
C LYS D 42 19.51 3.90 20.45
N VAL D 43 19.04 2.67 20.70
CA VAL D 43 17.65 2.34 20.42
C VAL D 43 16.79 2.51 21.67
N LEU D 44 15.87 3.47 21.64
CA LEU D 44 15.00 3.75 22.76
C LEU D 44 13.69 2.98 22.65
N SER D 45 13.25 2.38 23.76
CA SER D 45 12.01 1.62 23.78
C SER D 45 11.13 2.05 24.95
N PRO D 46 9.80 1.95 24.78
CA PRO D 46 8.84 2.34 25.82
C PRO D 46 8.89 1.41 27.03
N GLN D 47 9.58 0.29 26.88
CA GLN D 47 9.70 -0.68 27.97
C GLN D 47 11.07 -1.38 27.93
N GLY D 48 12.10 -0.66 28.37
CA GLY D 48 13.44 -1.22 28.37
C GLY D 48 14.51 -0.16 28.23
N GLY D 49 15.74 -0.52 28.54
CA GLY D 49 16.85 0.41 28.43
C GLY D 49 18.12 -0.24 27.94
N GLY D 50 19.09 0.58 27.55
CA GLY D 50 20.36 0.06 27.06
C GLY D 50 21.55 0.79 27.64
N PRO D 51 22.67 0.87 26.89
CA PRO D 51 23.89 1.55 27.35
C PRO D 51 23.70 3.07 27.42
N TRP D 52 23.15 3.64 26.35
CA TRP D 52 22.93 5.08 26.31
C TRP D 52 22.03 5.54 27.45
N ASP D 53 21.27 4.61 28.02
CA ASP D 53 20.38 4.94 29.13
C ASP D 53 21.15 5.56 30.28
N SER D 54 22.38 5.11 30.48
CA SER D 54 23.23 5.62 31.55
C SER D 54 23.86 6.95 31.16
N VAL D 55 23.98 7.18 29.86
CA VAL D 55 24.55 8.43 29.35
C VAL D 55 23.51 9.53 29.28
N ALA D 56 22.27 9.13 29.01
CA ALA D 56 21.17 10.09 28.90
C ALA D 56 19.83 9.38 29.02
N ARG D 57 18.87 10.03 29.67
CA ARG D 57 17.54 9.45 29.86
C ARG D 57 16.46 10.36 29.28
N VAL D 58 15.27 9.82 29.10
CA VAL D 58 14.14 10.57 28.57
C VAL D 58 13.09 10.82 29.64
N LEU D 59 12.71 12.08 29.79
CA LEU D 59 11.70 12.46 30.78
C LEU D 59 10.31 11.99 30.35
N PRO D 60 9.43 11.71 31.32
CA PRO D 60 8.06 11.25 31.04
C PRO D 60 7.35 12.13 30.02
N ASN D 61 7.76 13.39 29.92
CA ASN D 61 7.16 14.32 29.00
C ASN D 61 7.79 14.21 27.61
N GLY D 62 8.68 13.24 27.43
CA GLY D 62 9.34 13.05 26.15
C GLY D 62 10.49 14.01 25.95
N SER D 63 11.27 14.21 27.00
CA SER D 63 12.42 15.11 26.95
C SER D 63 13.73 14.33 26.95
N LEU D 64 14.84 15.05 27.08
CA LEU D 64 16.15 14.41 27.11
C LEU D 64 17.13 15.23 27.94
N PHE D 65 17.75 14.59 28.92
CA PHE D 65 18.71 15.25 29.79
C PHE D 65 20.01 14.47 29.87
N LEU D 66 21.13 15.18 29.75
CA LEU D 66 22.44 14.56 29.80
C LEU D 66 23.24 15.07 31.00
N PRO D 67 23.78 14.15 31.84
CA PRO D 67 24.57 14.53 33.02
C PRO D 67 25.73 15.46 32.67
N ALA D 68 26.31 15.26 31.50
CA ALA D 68 27.42 16.08 31.05
C ALA D 68 27.72 15.84 29.57
N VAL D 69 27.33 16.81 28.73
CA VAL D 69 27.53 16.72 27.29
C VAL D 69 29.00 16.98 26.94
N GLY D 70 29.66 15.97 26.38
CA GLY D 70 31.06 16.12 26.02
C GLY D 70 31.27 16.07 24.51
N ILE D 71 32.50 15.78 24.11
CA ILE D 71 32.83 15.72 22.68
C ILE D 71 32.11 14.56 22.00
N GLN D 72 31.89 13.47 22.76
CA GLN D 72 31.20 12.31 22.22
C GLN D 72 29.75 12.63 21.91
N ASP D 73 29.18 13.57 22.65
CA ASP D 73 27.79 13.98 22.45
C ASP D 73 27.67 14.90 21.25
N GLU D 74 28.78 15.48 20.80
CA GLU D 74 28.79 16.38 19.66
C GLU D 74 28.09 15.75 18.46
N GLY D 75 28.00 16.51 17.37
CA GLY D 75 27.35 16.01 16.19
C GLY D 75 25.93 16.52 16.05
N ILE D 76 25.08 15.76 15.38
CA ILE D 76 23.68 16.15 15.18
C ILE D 76 22.74 15.04 15.65
N PHE D 77 21.75 15.42 16.46
CA PHE D 77 20.77 14.47 16.96
C PHE D 77 19.49 14.51 16.13
N ARG D 78 18.80 13.38 16.08
CA ARG D 78 17.56 13.29 15.32
C ARG D 78 16.55 12.38 16.01
N CYS D 79 15.28 12.77 15.94
CA CYS D 79 14.20 11.99 16.55
C CYS D 79 13.38 11.28 15.48
N GLN D 80 12.76 10.17 15.85
CA GLN D 80 11.94 9.41 14.92
C GLN D 80 10.94 8.52 15.67
N ALA D 81 9.80 8.28 15.03
CA ALA D 81 8.76 7.44 15.61
C ALA D 81 8.23 6.44 14.60
N MET D 82 7.60 5.38 15.08
CA MET D 82 7.06 4.35 14.22
C MET D 82 5.62 4.00 14.61
N ASN D 83 4.68 4.34 13.74
CA ASN D 83 3.27 4.06 13.98
C ASN D 83 2.81 2.84 13.20
N ARG D 84 1.49 2.69 13.04
CA ARG D 84 0.93 1.56 12.31
C ARG D 84 1.00 1.76 10.79
N ASN D 85 1.09 3.02 10.38
CA ASN D 85 1.17 3.33 8.95
C ASN D 85 2.59 3.67 8.54
N GLY D 86 3.05 4.84 8.95
CA GLY D 86 4.40 5.27 8.62
C GLY D 86 4.60 6.75 8.89
N LYS D 87 3.90 7.27 9.89
CA LYS D 87 4.00 8.68 10.26
C LYS D 87 5.19 8.89 11.20
N GLU D 88 6.31 9.29 10.63
CA GLU D 88 7.52 9.54 11.40
C GLU D 88 7.82 11.03 11.49
N THR D 89 8.53 11.42 12.54
CA THR D 89 8.89 12.82 12.74
C THR D 89 10.34 13.06 12.36
N LYS D 90 10.58 14.09 11.55
CA LYS D 90 11.93 14.42 11.09
C LYS D 90 12.41 15.73 11.71
N SER D 91 13.60 15.71 12.33
CA SER D 91 14.16 16.89 12.97
C SER D 91 15.63 16.63 13.35
N ASN D 92 16.51 17.50 12.87
CA ASN D 92 17.94 17.36 13.16
C ASN D 92 18.49 18.63 13.81
N TYR D 93 19.12 18.48 14.97
CA TYR D 93 19.70 19.61 15.68
C TYR D 93 21.22 19.51 15.74
N ARG D 94 21.90 20.54 15.25
CA ARG D 94 23.35 20.57 15.25
C ARG D 94 23.89 21.10 16.58
N VAL D 95 24.68 20.28 17.25
CA VAL D 95 25.24 20.66 18.54
C VAL D 95 26.78 20.58 18.52
N ARG D 96 27.43 21.62 19.04
CA ARG D 96 28.89 21.66 19.08
C ARG D 96 29.36 22.23 20.39
N VAL D 97 30.49 21.71 20.88
CA VAL D 97 31.07 22.15 22.14
C VAL D 97 32.12 23.24 21.92
N TYR D 98 32.43 23.99 22.97
CA TYR D 98 33.43 25.06 22.89
C TYR D 98 34.74 24.54 22.31
N GLN D 99 35.52 23.86 23.14
CA GLN D 99 36.81 23.32 22.72
C GLN D 99 36.62 22.02 21.94
N ILE D 100 37.17 21.96 20.74
CA ILE D 100 37.06 20.77 19.89
C ILE D 100 38.43 20.17 19.64
N PRO D 101 38.48 18.90 19.18
CA PRO D 101 39.74 18.21 18.90
C PRO D 101 40.45 18.77 17.68
N ALA A 2 -13.20 14.44 -16.62
CA ALA A 2 -12.76 14.06 -15.28
C ALA A 2 -11.94 15.16 -14.60
N SER A 3 -12.00 15.17 -13.27
CA SER A 3 -11.25 16.12 -12.43
C SER A 3 -9.74 15.80 -12.43
N PRO A 4 -8.89 16.78 -12.06
CA PRO A 4 -7.43 16.63 -12.08
C PRO A 4 -6.92 15.34 -11.41
N LEU A 5 -7.52 14.98 -10.27
CA LEU A 5 -7.08 13.78 -9.53
C LEU A 5 -7.44 12.49 -10.27
N ASP A 6 -8.67 12.42 -10.77
CA ASP A 6 -9.14 11.27 -11.56
C ASP A 6 -8.36 11.10 -12.87
N GLN A 7 -7.98 12.23 -13.45
CA GLN A 7 -7.18 12.26 -14.69
C GLN A 7 -5.77 11.71 -14.50
N ALA A 8 -5.14 12.13 -13.41
CA ALA A 8 -3.80 11.66 -13.03
C ALA A 8 -3.75 10.15 -12.77
N ILE A 9 -4.72 9.65 -11.99
CA ILE A 9 -4.87 8.22 -11.72
C ILE A 9 -5.11 7.44 -13.02
N GLY A 10 -5.97 8.01 -13.89
CA GLY A 10 -6.31 7.42 -15.17
C GLY A 10 -5.09 7.29 -16.09
N LEU A 11 -4.22 8.30 -16.01
CA LEU A 11 -2.95 8.31 -16.77
C LEU A 11 -2.03 7.19 -16.28
N LEU A 12 -1.92 7.05 -14.96
CA LEU A 12 -1.05 6.04 -14.33
C LEU A 12 -1.50 4.61 -14.66
N VAL A 13 -2.82 4.40 -14.68
CA VAL A 13 -3.41 3.11 -15.03
C VAL A 13 -3.18 2.79 -16.52
N ALA A 14 -3.30 3.84 -17.35
CA ALA A 14 -3.08 3.72 -18.80
C ALA A 14 -1.64 3.32 -19.14
N ILE A 15 -0.68 3.86 -18.38
CA ILE A 15 0.74 3.53 -18.54
C ILE A 15 0.96 2.04 -18.30
N PHE A 16 0.37 1.50 -17.24
CA PHE A 16 0.53 0.09 -16.89
C PHE A 16 0.14 -0.83 -18.06
N HIS A 17 -1.05 -0.59 -18.60
CA HIS A 17 -1.61 -1.39 -19.71
C HIS A 17 -0.90 -1.13 -21.05
N LYS A 18 -0.26 0.03 -21.18
CA LYS A 18 0.54 0.36 -22.36
C LYS A 18 1.68 -0.63 -22.57
N TYR A 19 2.18 -1.18 -21.46
CA TYR A 19 3.36 -2.07 -21.46
C TYR A 19 3.01 -3.53 -21.10
N SER A 20 2.01 -3.74 -20.24
CA SER A 20 1.67 -5.08 -19.74
C SER A 20 1.18 -6.03 -20.83
N GLY A 21 0.54 -5.49 -21.88
CA GLY A 21 -0.10 -6.29 -22.93
C GLY A 21 0.85 -6.73 -24.06
N ARG A 22 2.13 -6.35 -23.98
CA ARG A 22 3.07 -6.55 -25.09
C ARG A 22 3.46 -8.03 -25.28
N GLU A 23 3.66 -8.75 -24.18
CA GLU A 23 4.05 -10.16 -24.20
C GLU A 23 3.53 -10.89 -22.95
N GLY A 24 3.54 -12.22 -23.02
CA GLY A 24 3.06 -13.08 -21.94
C GLY A 24 1.64 -12.70 -21.55
N ASP A 25 1.38 -12.70 -20.24
CA ASP A 25 0.07 -12.31 -19.72
C ASP A 25 -0.19 -10.85 -20.08
N LYS A 26 -1.42 -10.56 -20.48
CA LYS A 26 -1.82 -9.23 -20.93
C LYS A 26 -1.89 -8.21 -19.77
N HIS A 27 -2.11 -8.70 -18.54
CA HIS A 27 -2.44 -7.82 -17.40
C HIS A 27 -1.30 -7.75 -16.37
N THR A 28 -0.15 -8.32 -16.71
CA THR A 28 1.01 -8.29 -15.82
C THR A 28 2.24 -7.82 -16.57
N LEU A 29 3.21 -7.29 -15.84
CA LEU A 29 4.46 -6.79 -16.44
C LEU A 29 5.57 -7.81 -16.27
N SER A 30 6.08 -8.29 -17.40
CA SER A 30 7.30 -9.11 -17.42
C SER A 30 8.51 -8.25 -17.05
N LYS A 31 9.67 -8.89 -16.86
CA LYS A 31 10.93 -8.18 -16.60
C LYS A 31 11.26 -7.19 -17.72
N LYS A 32 10.98 -7.63 -18.95
CA LYS A 32 11.19 -6.84 -20.16
C LYS A 32 10.25 -5.63 -20.25
N GLU A 33 8.95 -5.87 -20.01
CA GLU A 33 7.92 -4.83 -20.07
C GLU A 33 8.12 -3.76 -19.00
N LEU A 34 8.43 -4.22 -17.78
CA LEU A 34 8.64 -3.33 -16.65
C LEU A 34 9.89 -2.47 -16.79
N LYS A 35 10.96 -3.04 -17.34
CA LYS A 35 12.20 -2.30 -17.58
C LYS A 35 11.99 -1.21 -18.61
N GLU A 36 11.23 -1.56 -19.63
CA GLU A 36 10.83 -0.65 -20.68
C GLU A 36 9.95 0.50 -20.16
N LEU A 37 9.01 0.14 -19.28
CA LEU A 37 8.14 1.12 -18.62
C LEU A 37 8.98 2.13 -17.85
N ILE A 38 9.95 1.62 -17.06
CA ILE A 38 10.83 2.47 -16.25
C ILE A 38 11.69 3.39 -17.12
N GLN A 39 12.30 2.82 -18.17
CA GLN A 39 13.24 3.55 -19.03
C GLN A 39 12.56 4.65 -19.86
N LYS A 40 11.25 4.46 -20.14
CA LYS A 40 10.50 5.33 -21.04
C LYS A 40 9.57 6.30 -20.30
N GLU A 41 9.13 5.92 -19.09
CA GLU A 41 8.08 6.65 -18.36
C GLU A 41 8.61 7.36 -17.12
N LEU A 42 9.72 6.88 -16.57
CA LEU A 42 10.34 7.50 -15.41
C LEU A 42 11.42 8.46 -15.86
N THR A 43 11.41 9.68 -15.30
CA THR A 43 12.32 10.76 -15.71
C THR A 43 13.79 10.33 -15.70
N ILE A 44 14.17 9.61 -14.63
CA ILE A 44 15.54 9.15 -14.42
C ILE A 44 15.76 7.69 -14.85
N GLY A 45 14.71 7.08 -15.40
CA GLY A 45 14.69 5.66 -15.72
C GLY A 45 15.82 5.21 -16.63
N SER A 46 16.04 5.97 -17.71
CA SER A 46 17.06 5.67 -18.72
C SER A 46 18.49 5.83 -18.19
N LYS A 47 18.66 6.47 -17.02
CA LYS A 47 19.99 6.74 -16.46
C LYS A 47 20.36 5.77 -15.33
N LEU A 48 19.41 4.96 -14.88
CA LEU A 48 19.65 3.96 -13.83
C LEU A 48 20.53 2.82 -14.35
N GLN A 49 21.39 2.33 -13.47
CA GLN A 49 22.17 1.13 -13.75
C GLN A 49 21.25 -0.04 -14.03
N ASP A 50 21.66 -0.95 -14.91
CA ASP A 50 20.87 -2.15 -15.22
C ASP A 50 20.65 -3.03 -13.99
N ALA A 51 21.70 -3.12 -13.16
CA ALA A 51 21.67 -3.86 -11.90
C ALA A 51 20.65 -3.30 -10.90
N GLU A 52 20.50 -1.98 -10.89
CA GLU A 52 19.56 -1.29 -10.00
C GLU A 52 18.10 -1.40 -10.46
N ILE A 53 17.87 -1.39 -11.78
CA ILE A 53 16.55 -1.66 -12.35
C ILE A 53 16.12 -3.10 -12.03
N ALA A 54 17.09 -4.02 -12.14
CA ALA A 54 16.87 -5.44 -11.86
C ALA A 54 16.52 -5.70 -10.39
N ARG A 55 17.18 -4.96 -9.49
CA ARG A 55 16.89 -5.04 -8.06
C ARG A 55 15.53 -4.45 -7.71
N LEU A 56 15.22 -3.34 -8.39
CA LEU A 56 13.92 -2.66 -8.27
C LEU A 56 12.76 -3.58 -8.67
N MET A 57 12.91 -4.21 -9.83
CA MET A 57 11.89 -5.13 -10.36
C MET A 57 11.75 -6.39 -9.51
N GLU A 58 12.89 -6.86 -9.00
CA GLU A 58 12.93 -8.05 -8.13
C GLU A 58 12.13 -7.83 -6.85
N ASP A 59 12.35 -6.66 -6.25
CA ASP A 59 11.69 -6.30 -4.99
C ASP A 59 10.18 -6.04 -5.16
N LEU A 60 9.81 -5.45 -6.29
CA LEU A 60 8.40 -5.17 -6.59
C LEU A 60 7.62 -6.47 -6.66
N ASP A 61 8.29 -7.53 -7.12
CA ASP A 61 7.68 -8.85 -7.22
C ASP A 61 7.77 -9.54 -5.86
N ARG A 62 6.74 -9.34 -5.04
CA ARG A 62 6.69 -9.90 -3.69
C ARG A 62 6.20 -11.34 -3.68
N ASN A 63 5.26 -11.67 -4.57
CA ASN A 63 4.71 -13.02 -4.63
C ASN A 63 5.68 -13.98 -5.30
N LYS A 64 6.65 -13.43 -6.03
CA LYS A 64 7.69 -14.21 -6.72
C LYS A 64 7.13 -15.17 -7.77
N ASP A 65 6.69 -14.63 -8.90
CA ASP A 65 6.17 -15.45 -9.99
C ASP A 65 6.66 -14.91 -11.33
N GLN A 66 7.61 -13.97 -11.22
CA GLN A 66 8.24 -13.30 -12.37
C GLN A 66 7.30 -12.34 -13.12
N GLU A 67 6.13 -12.09 -12.51
CA GLU A 67 5.13 -11.19 -13.09
C GLU A 67 4.65 -10.14 -12.08
N VAL A 68 4.67 -8.88 -12.50
CA VAL A 68 4.26 -7.75 -11.68
C VAL A 68 2.82 -7.35 -12.07
N ASN A 69 1.88 -7.79 -11.23
CA ASN A 69 0.48 -7.49 -11.45
C ASN A 69 0.19 -6.03 -11.16
N PHE A 70 -1.05 -5.62 -11.37
CA PHE A 70 -1.41 -4.20 -11.14
C PHE A 70 -1.27 -3.79 -9.66
N GLN A 71 -1.53 -4.73 -8.76
CA GLN A 71 -1.43 -4.48 -7.32
C GLN A 71 0.02 -4.24 -6.90
N GLU A 72 0.95 -4.93 -7.55
CA GLU A 72 2.37 -4.76 -7.26
C GLU A 72 2.85 -3.41 -7.76
N TYR A 73 2.35 -3.02 -8.94
CA TYR A 73 2.64 -1.71 -9.51
C TYR A 73 2.19 -0.56 -8.59
N VAL A 74 1.06 -0.76 -7.91
CA VAL A 74 0.53 0.21 -6.94
C VAL A 74 1.51 0.38 -5.76
N THR A 75 2.16 -0.71 -5.36
CA THR A 75 3.17 -0.67 -4.30
C THR A 75 4.32 0.24 -4.74
N PHE A 76 4.72 0.10 -6.01
CA PHE A 76 5.75 0.94 -6.63
C PHE A 76 5.38 2.43 -6.61
N LEU A 77 4.13 2.72 -7.01
CA LEU A 77 3.59 4.09 -6.97
C LEU A 77 3.61 4.68 -5.57
N GLY A 78 3.26 3.83 -4.60
CA GLY A 78 3.26 4.20 -3.18
C GLY A 78 4.65 4.52 -2.66
N ALA A 79 5.63 3.76 -3.15
CA ALA A 79 7.05 3.97 -2.81
C ALA A 79 7.59 5.30 -3.38
N LEU A 80 7.18 5.61 -4.60
CA LEU A 80 7.54 6.89 -5.25
C LEU A 80 6.95 8.09 -4.53
N ALA A 81 5.69 7.94 -4.09
CA ALA A 81 4.96 8.96 -3.35
C ALA A 81 5.59 9.26 -1.98
N LEU A 82 6.03 8.19 -1.30
CA LEU A 82 6.71 8.30 -0.01
C LEU A 82 8.05 9.02 -0.12
N ILE A 83 8.76 8.73 -1.21
CA ILE A 83 10.07 9.36 -1.50
C ILE A 83 9.92 10.88 -1.68
N TYR A 84 8.98 11.30 -2.52
CA TYR A 84 8.75 12.72 -2.78
C TYR A 84 8.24 13.47 -1.53
N ASN A 85 7.37 12.79 -0.77
CA ASN A 85 6.81 13.35 0.47
C ASN A 85 7.88 13.56 1.54
N GLU A 86 8.74 12.57 1.73
CA GLU A 86 9.81 12.64 2.72
C GLU A 86 10.81 13.76 2.42
N ALA A 87 11.07 13.99 1.13
CA ALA A 87 12.01 15.03 0.70
C ALA A 87 11.47 16.43 1.02
N LEU A 88 10.18 16.60 0.79
CA LEU A 88 9.50 17.88 1.05
C LEU A 88 9.44 18.25 2.53
N LYS A 89 9.44 17.24 3.40
CA LYS A 89 9.39 17.44 4.85
C LYS A 89 10.78 17.83 5.38
N GLY A 90 11.82 17.42 4.66
CA GLY A 90 13.18 17.74 5.08
C GLY A 90 14.14 16.60 4.85
N ALA B 2 9.70 16.97 -16.46
CA ALA B 2 9.44 15.62 -15.95
C ALA B 2 8.60 14.78 -16.92
N SER B 3 8.80 13.47 -16.87
CA SER B 3 8.07 12.50 -17.69
C SER B 3 6.61 12.38 -17.23
N PRO B 4 5.72 11.86 -18.08
CA PRO B 4 4.27 11.73 -17.80
C PRO B 4 3.98 11.10 -16.42
N LEU B 5 4.72 10.05 -16.07
CA LEU B 5 4.49 9.34 -14.80
C LEU B 5 4.87 10.19 -13.58
N ASP B 6 6.05 10.83 -13.66
CA ASP B 6 6.53 11.73 -12.62
C ASP B 6 5.63 12.96 -12.43
N GLN B 7 5.09 13.43 -13.56
CA GLN B 7 4.17 14.58 -13.56
C GLN B 7 2.84 14.27 -12.87
N ALA B 8 2.29 13.09 -13.16
CA ALA B 8 1.05 12.62 -12.53
C ALA B 8 1.18 12.45 -11.02
N ILE B 9 2.27 11.80 -10.58
CA ILE B 9 2.59 11.64 -9.16
C ILE B 9 2.76 13.01 -8.48
N GLY B 10 3.46 13.92 -9.18
CA GLY B 10 3.71 15.27 -8.69
C GLY B 10 2.42 16.06 -8.48
N LEU B 11 1.46 15.83 -9.39
CA LEU B 11 0.14 16.44 -9.32
C LEU B 11 -0.62 15.94 -8.08
N LEU B 12 -0.57 14.62 -7.86
CA LEU B 12 -1.26 13.98 -6.75
C LEU B 12 -0.72 14.43 -5.39
N VAL B 13 0.61 14.61 -5.31
CA VAL B 13 1.27 15.09 -4.10
C VAL B 13 0.92 16.56 -3.84
N ALA B 14 0.84 17.33 -4.93
CA ALA B 14 0.48 18.76 -4.87
C ALA B 14 -0.95 18.98 -4.36
N ILE B 15 -1.86 18.08 -4.75
CA ILE B 15 -3.25 18.12 -4.27
C ILE B 15 -3.31 17.96 -2.76
N PHE B 16 -2.55 17.00 -2.23
CA PHE B 16 -2.54 16.72 -0.80
C PHE B 16 -2.19 17.98 0.02
N HIS B 17 -1.10 18.63 -0.37
CA HIS B 17 -0.59 19.83 0.30
C HIS B 17 -1.45 21.08 0.06
N LYS B 18 -2.21 21.06 -1.05
CA LYS B 18 -3.16 22.13 -1.36
C LYS B 18 -4.23 22.29 -0.26
N TYR B 19 -4.55 21.17 0.40
CA TYR B 19 -5.62 21.11 1.39
C TYR B 19 -5.11 20.88 2.83
N SER B 20 -3.99 20.14 2.98
CA SER B 20 -3.48 19.76 4.30
C SER B 20 -3.03 20.96 5.14
N GLY B 21 -2.55 22.03 4.48
CA GLY B 21 -1.97 23.18 5.16
C GLY B 21 -2.98 24.24 5.62
N ARG B 22 -4.28 24.00 5.39
CA ARG B 22 -5.32 25.02 5.63
C ARG B 22 -5.58 25.25 7.12
N GLU B 23 -5.59 24.18 7.92
CA GLU B 23 -5.83 24.26 9.36
C GLU B 23 -5.11 23.12 10.09
N GLY B 24 -5.01 23.27 11.42
CA GLY B 24 -4.33 22.30 12.27
C GLY B 24 -2.92 22.03 11.77
N ASP B 25 -2.51 20.75 11.81
CA ASP B 25 -1.21 20.34 11.32
C ASP B 25 -1.12 20.64 9.82
N LYS B 26 0.02 21.13 9.39
CA LYS B 26 0.25 21.53 8.00
C LYS B 26 0.33 20.33 7.04
N HIS B 27 0.71 19.15 7.56
CA HIS B 27 1.04 18.00 6.73
C HIS B 27 0.00 16.87 6.82
N THR B 28 -1.11 17.13 7.49
CA THR B 28 -2.18 16.16 7.63
C THR B 28 -3.52 16.76 7.24
N LEU B 29 -4.46 15.91 6.84
CA LEU B 29 -5.79 16.37 6.44
C LEU B 29 -6.79 16.16 7.57
N SER B 30 -7.37 17.27 8.03
CA SER B 30 -8.50 17.24 8.96
C SER B 30 -9.74 16.71 8.24
N LYS B 31 -10.81 16.45 8.99
CA LYS B 31 -12.10 16.04 8.43
C LYS B 31 -12.62 17.07 7.42
N LYS B 32 -12.41 18.34 7.77
CA LYS B 32 -12.82 19.48 6.93
C LYS B 32 -12.01 19.58 5.63
N GLU B 33 -10.68 19.48 5.78
CA GLU B 33 -9.75 19.56 4.64
C GLU B 33 -9.95 18.42 3.65
N LEU B 34 -10.09 17.20 4.20
CA LEU B 34 -10.28 16.00 3.38
C LEU B 34 -11.61 15.98 2.64
N LYS B 35 -12.68 16.46 3.29
CA LYS B 35 -13.99 16.55 2.66
C LYS B 35 -13.97 17.53 1.49
N GLU B 36 -13.28 18.64 1.72
CA GLU B 36 -13.07 19.67 0.72
C GLU B 36 -12.25 19.16 -0.47
N LEU B 37 -11.21 18.39 -0.17
CA LEU B 37 -10.36 17.75 -1.18
C LEU B 37 -11.22 16.84 -2.08
N ILE B 38 -12.06 16.01 -1.44
CA ILE B 38 -12.93 15.08 -2.16
C ILE B 38 -13.95 15.80 -3.04
N GLN B 39 -14.61 16.82 -2.46
CA GLN B 39 -15.68 17.56 -3.14
C GLN B 39 -15.17 18.39 -4.34
N LYS B 40 -13.90 18.78 -4.28
CA LYS B 40 -13.32 19.70 -5.27
C LYS B 40 -12.41 18.98 -6.29
N GLU B 41 -11.83 17.84 -5.89
CA GLU B 41 -10.79 17.18 -6.68
C GLU B 41 -11.26 15.84 -7.27
N LEU B 42 -12.25 15.23 -6.66
CA LEU B 42 -12.82 13.99 -7.15
C LEU B 42 -14.03 14.28 -8.04
N THR B 43 -14.07 13.65 -9.22
CA THR B 43 -15.11 13.91 -10.22
C THR B 43 -16.53 13.79 -9.65
N ILE B 44 -16.73 12.75 -8.84
CA ILE B 44 -18.04 12.45 -8.25
C ILE B 44 -18.16 12.94 -6.80
N GLY B 45 -17.11 13.61 -6.33
CA GLY B 45 -16.99 14.02 -4.92
C GLY B 45 -18.16 14.85 -4.41
N SER B 46 -18.54 15.86 -5.21
CA SER B 46 -19.63 16.78 -4.87
C SER B 46 -21.01 16.12 -4.86
N LYS B 47 -21.12 14.91 -5.41
CA LYS B 47 -22.42 14.21 -5.54
C LYS B 47 -22.60 13.11 -4.47
N LEU B 48 -21.54 12.80 -3.74
CA LEU B 48 -21.58 11.80 -2.67
C LEU B 48 -22.41 12.30 -1.48
N GLN B 49 -23.13 11.38 -0.87
CA GLN B 49 -23.82 11.65 0.40
C GLN B 49 -22.82 12.09 1.45
N ASP B 50 -23.23 12.98 2.36
CA ASP B 50 -22.38 13.43 3.46
C ASP B 50 -21.96 12.27 4.37
N ALA B 51 -22.92 11.36 4.60
CA ALA B 51 -22.70 10.16 5.40
C ALA B 51 -21.65 9.23 4.80
N GLU B 52 -21.62 9.15 3.46
CA GLU B 52 -20.67 8.30 2.74
C GLU B 52 -19.25 8.90 2.69
N ILE B 53 -19.15 10.23 2.59
CA ILE B 53 -17.86 10.92 2.69
C ILE B 53 -17.28 10.74 4.11
N ALA B 54 -18.17 10.81 5.10
CA ALA B 54 -17.80 10.64 6.51
C ALA B 54 -17.28 9.22 6.81
N ARG B 55 -17.92 8.22 6.17
CA ARG B 55 -17.50 6.82 6.31
C ARG B 55 -16.17 6.57 5.60
N LEU B 56 -16.02 7.21 4.44
CA LEU B 56 -14.79 7.16 3.65
C LEU B 56 -13.59 7.72 4.42
N MET B 57 -13.78 8.90 5.02
CA MET B 57 -12.75 9.57 5.81
C MET B 57 -12.41 8.82 7.08
N GLU B 58 -13.45 8.23 7.69
CA GLU B 58 -13.30 7.44 8.92
C GLU B 58 -12.40 6.22 8.68
N ASP B 59 -12.68 5.52 7.58
CA ASP B 59 -11.94 4.31 7.22
C ASP B 59 -10.49 4.60 6.80
N LEU B 60 -10.26 5.74 6.13
CA LEU B 60 -8.92 6.12 5.71
C LEU B 60 -8.01 6.34 6.92
N ASP B 61 -8.62 6.77 8.03
CA ASP B 61 -7.91 6.99 9.27
C ASP B 61 -7.76 5.66 10.02
N ARG B 62 -6.63 4.98 9.79
CA ARG B 62 -6.38 3.67 10.40
C ARG B 62 -5.76 3.79 11.78
N ASN B 63 -4.87 4.77 11.96
CA ASN B 63 -4.20 4.95 13.26
C ASN B 63 -5.14 5.59 14.29
N LYS B 64 -6.24 6.17 13.81
CA LYS B 64 -7.25 6.80 14.65
C LYS B 64 -6.70 7.95 15.48
N ASP B 65 -6.56 9.12 14.86
CA ASP B 65 -6.06 10.31 15.53
C ASP B 65 -6.74 11.55 14.94
N GLN B 66 -7.75 11.29 14.10
CA GLN B 66 -8.54 12.33 13.41
C GLN B 66 -7.75 13.10 12.35
N GLU B 67 -6.55 12.60 12.04
CA GLU B 67 -5.69 13.22 11.04
C GLU B 67 -5.20 12.20 9.99
N VAL B 68 -5.42 12.54 8.72
CA VAL B 68 -5.04 11.70 7.59
C VAL B 68 -3.71 12.21 7.01
N ASN B 69 -2.64 11.51 7.36
CA ASN B 69 -1.31 11.87 6.91
C ASN B 69 -1.13 11.47 5.46
N PHE B 70 0.04 11.73 4.90
CA PHE B 70 0.29 11.39 3.48
C PHE B 70 0.24 9.88 3.20
N GLN B 71 0.78 9.10 4.13
CA GLN B 71 0.80 7.64 4.00
C GLN B 71 -0.61 7.07 3.93
N GLU B 72 -1.53 7.69 4.68
CA GLU B 72 -2.93 7.26 4.67
C GLU B 72 -3.59 7.65 3.35
N TYR B 73 -3.24 8.83 2.86
CA TYR B 73 -3.71 9.30 1.55
C TYR B 73 -3.28 8.37 0.41
N VAL B 74 -2.07 7.82 0.51
CA VAL B 74 -1.55 6.85 -0.45
C VAL B 74 -2.41 5.57 -0.47
N THR B 75 -2.92 5.18 0.71
CA THR B 75 -3.81 4.01 0.82
C THR B 75 -5.10 4.28 0.04
N PHE B 76 -5.59 5.51 0.13
CA PHE B 76 -6.75 5.98 -0.63
C PHE B 76 -6.53 5.92 -2.14
N LEU B 77 -5.38 6.41 -2.58
CA LEU B 77 -4.97 6.36 -3.99
C LEU B 77 -4.89 4.93 -4.51
N GLY B 78 -4.36 4.04 -3.66
CA GLY B 78 -4.26 2.62 -3.97
C GLY B 78 -5.61 1.95 -4.12
N ALA B 79 -6.56 2.37 -3.29
CA ALA B 79 -7.95 1.90 -3.32
C ALA B 79 -8.67 2.33 -4.61
N LEU B 80 -8.42 3.57 -5.03
CA LEU B 80 -8.97 4.10 -6.28
C LEU B 80 -8.42 3.38 -7.51
N ALA B 81 -7.12 3.09 -7.46
CA ALA B 81 -6.43 2.36 -8.53
C ALA B 81 -6.94 0.92 -8.69
N LEU B 82 -7.19 0.26 -7.55
CA LEU B 82 -7.75 -1.10 -7.54
C LEU B 82 -9.16 -1.16 -8.11
N ILE B 83 -9.95 -0.12 -7.80
CA ILE B 83 -11.33 -0.01 -8.30
C ILE B 83 -11.36 0.10 -9.84
N TYR B 84 -10.56 1.01 -10.39
CA TYR B 84 -10.50 1.21 -11.84
C TYR B 84 -9.94 -0.03 -12.57
N ASN B 85 -8.93 -0.65 -11.96
CA ASN B 85 -8.30 -1.85 -12.51
C ASN B 85 -9.27 -3.04 -12.57
N GLU B 86 -10.04 -3.23 -11.49
CA GLU B 86 -11.02 -4.32 -11.42
C GLU B 86 -12.13 -4.16 -12.46
N ALA B 87 -12.58 -2.91 -12.69
CA ALA B 87 -13.63 -2.61 -13.66
C ALA B 87 -13.20 -2.97 -15.09
N LEU B 88 -11.92 -2.69 -15.39
CA LEU B 88 -11.35 -2.95 -16.71
C LEU B 88 -11.17 -4.44 -17.01
N LYS B 89 -10.96 -5.24 -15.97
CA LYS B 89 -10.79 -6.68 -16.13
C LYS B 89 -12.13 -7.38 -16.34
N GLY B 90 -13.19 -6.79 -15.82
CA GLY B 90 -14.50 -7.37 -15.97
C GLY B 90 -15.28 -7.39 -14.67
N ALA C 1 -19.17 -6.36 -15.84
CA ALA C 1 -19.54 -7.75 -15.48
C ALA C 1 -19.63 -8.62 -16.73
N MET C 2 -18.84 -9.69 -16.75
CA MET C 2 -18.82 -10.62 -17.89
C MET C 2 -19.10 -12.04 -17.43
N ALA C 3 -19.81 -12.80 -18.26
CA ALA C 3 -20.15 -14.19 -17.94
C ALA C 3 -20.26 -15.03 -19.20
N GLN C 4 -19.79 -16.27 -19.13
CA GLN C 4 -19.84 -17.19 -20.26
C GLN C 4 -21.14 -17.96 -20.29
N ASN C 5 -21.72 -18.09 -21.48
CA ASN C 5 -22.99 -18.81 -21.64
C ASN C 5 -22.73 -20.31 -21.82
N ILE C 6 -23.11 -21.10 -20.82
CA ILE C 6 -22.93 -22.54 -20.88
C ILE C 6 -24.23 -23.27 -20.57
N THR C 7 -24.63 -24.16 -21.48
CA THR C 7 -25.85 -24.93 -21.30
C THR C 7 -25.57 -26.26 -20.61
N ALA C 8 -26.46 -26.64 -19.71
CA ALA C 8 -26.31 -27.89 -18.98
C ALA C 8 -27.67 -28.54 -18.72
N ARG C 9 -27.65 -29.83 -18.39
CA ARG C 9 -28.87 -30.57 -18.12
C ARG C 9 -28.96 -30.94 -16.64
N ILE C 10 -30.16 -30.80 -16.08
CA ILE C 10 -30.39 -31.13 -14.67
C ILE C 10 -30.08 -32.59 -14.37
N GLY C 11 -29.31 -32.83 -13.32
CA GLY C 11 -28.96 -34.19 -12.94
C GLY C 11 -27.86 -34.79 -13.81
N GLU C 12 -27.33 -34.01 -14.73
CA GLU C 12 -26.27 -34.47 -15.63
C GLU C 12 -24.90 -34.06 -15.10
N PRO C 13 -23.92 -34.99 -15.11
CA PRO C 13 -22.56 -34.70 -14.63
C PRO C 13 -21.86 -33.68 -15.53
N LEU C 14 -21.08 -32.78 -14.92
CA LEU C 14 -20.37 -31.76 -15.66
C LEU C 14 -18.97 -31.54 -15.08
N VAL C 15 -17.99 -31.39 -15.96
CA VAL C 15 -16.61 -31.17 -15.54
C VAL C 15 -16.05 -29.90 -16.16
N LEU C 16 -15.35 -29.11 -15.35
CA LEU C 16 -14.76 -27.87 -15.82
C LEU C 16 -13.41 -27.62 -15.16
N LYS C 17 -12.53 -26.89 -15.84
CA LYS C 17 -11.21 -26.58 -15.32
C LYS C 17 -11.11 -25.11 -14.93
N CYS C 18 -10.74 -24.86 -13.68
CA CYS C 18 -10.60 -23.49 -13.18
C CYS C 18 -9.18 -23.23 -12.70
N LYS C 19 -8.28 -22.96 -13.64
CA LYS C 19 -6.88 -22.70 -13.32
C LYS C 19 -6.75 -21.41 -12.51
N GLY C 20 -5.52 -21.02 -12.22
CA GLY C 20 -5.27 -19.82 -11.45
C GLY C 20 -4.02 -19.91 -10.60
N ALA C 21 -3.81 -21.06 -9.98
CA ALA C 21 -2.64 -21.27 -9.14
C ALA C 21 -1.34 -21.16 -9.95
N PRO C 22 -0.45 -20.20 -9.62
CA PRO C 22 0.82 -20.00 -10.35
C PRO C 22 1.77 -21.20 -10.26
N LYS C 23 3.00 -21.02 -10.77
CA LYS C 23 4.01 -22.07 -10.79
C LYS C 23 4.53 -22.40 -9.38
N LYS C 24 4.15 -21.57 -8.42
CA LYS C 24 4.56 -21.77 -7.03
C LYS C 24 3.76 -22.89 -6.38
N PRO C 25 4.17 -23.37 -5.18
CA PRO C 25 3.45 -24.42 -4.45
C PRO C 25 1.96 -24.09 -4.29
N PRO C 26 1.15 -25.09 -3.87
CA PRO C 26 -0.28 -24.90 -3.67
C PRO C 26 -0.59 -23.75 -2.72
N GLN C 27 -1.05 -22.63 -3.27
CA GLN C 27 -1.38 -21.46 -2.48
C GLN C 27 -2.82 -21.51 -1.98
N ARG C 28 -3.27 -20.44 -1.35
CA ARG C 28 -4.64 -20.34 -0.87
C ARG C 28 -5.63 -20.24 -2.02
N LEU C 29 -6.89 -20.50 -1.74
CA LEU C 29 -7.94 -20.42 -2.77
C LEU C 29 -9.31 -20.23 -2.12
N GLU C 30 -10.15 -19.44 -2.77
CA GLU C 30 -11.50 -19.18 -2.26
C GLU C 30 -12.54 -19.32 -3.37
N TRP C 31 -13.63 -19.97 -3.07
CA TRP C 31 -14.71 -20.17 -4.03
C TRP C 31 -15.86 -19.20 -3.79
N LYS C 32 -16.31 -18.56 -4.85
CA LYS C 32 -17.42 -17.60 -4.75
C LYS C 32 -18.30 -17.65 -5.99
N LEU C 33 -19.61 -17.52 -5.79
CA LEU C 33 -20.56 -17.54 -6.89
C LEU C 33 -21.75 -16.63 -6.61
N ASN C 34 -22.25 -15.99 -7.66
CA ASN C 34 -23.39 -15.09 -7.52
C ASN C 34 -24.65 -15.70 -8.12
N THR C 35 -25.71 -15.78 -7.32
CA THR C 35 -26.97 -16.34 -7.78
C THR C 35 -28.15 -15.68 -7.08
N GLY C 36 -29.35 -16.08 -7.46
CA GLY C 36 -30.54 -15.51 -6.85
C GLY C 36 -30.60 -15.75 -5.36
N ARG C 37 -30.47 -17.01 -4.97
CA ARG C 37 -30.51 -17.39 -3.55
C ARG C 37 -29.13 -17.79 -3.06
N THR C 38 -28.34 -18.38 -3.95
CA THR C 38 -26.99 -18.81 -3.61
C THR C 38 -27.02 -19.88 -2.50
N GLU C 39 -26.79 -21.12 -2.91
CA GLU C 39 -26.79 -22.24 -1.96
C GLU C 39 -25.68 -23.24 -2.29
N ALA C 40 -24.72 -22.80 -3.10
CA ALA C 40 -23.61 -23.68 -3.50
C ALA C 40 -22.27 -23.08 -3.12
N TRP C 41 -22.25 -21.78 -2.81
CA TRP C 41 -21.03 -21.08 -2.43
C TRP C 41 -20.38 -21.75 -1.22
N LYS C 42 -19.19 -22.31 -1.43
CA LYS C 42 -18.46 -22.98 -0.36
C LYS C 42 -17.00 -22.51 -0.32
N VAL C 43 -16.37 -22.65 0.84
CA VAL C 43 -14.97 -22.24 1.00
C VAL C 43 -14.03 -23.42 0.77
N LEU C 44 -13.24 -23.35 -0.29
CA LEU C 44 -12.30 -24.40 -0.62
C LEU C 44 -10.93 -24.13 -0.02
N SER C 45 -10.33 -25.17 0.56
CA SER C 45 -9.01 -25.05 1.18
C SER C 45 -8.08 -26.15 0.69
N PRO C 46 -6.76 -25.87 0.64
CA PRO C 46 -5.76 -26.83 0.17
C PRO C 46 -5.60 -27.99 1.13
N GLN C 47 -6.16 -27.86 2.34
CA GLN C 47 -6.07 -28.91 3.34
C GLN C 47 -7.35 -28.96 4.19
N GLY C 48 -8.41 -29.52 3.61
CA GLY C 48 -9.68 -29.61 4.32
C GLY C 48 -10.86 -29.61 3.39
N GLY C 49 -12.02 -30.02 3.91
CA GLY C 49 -13.22 -30.06 3.10
C GLY C 49 -14.46 -29.65 3.87
N GLY C 50 -15.55 -29.38 3.15
CA GLY C 50 -16.78 -28.99 3.80
C GLY C 50 -17.99 -29.70 3.23
N PRO C 51 -19.18 -29.06 3.26
CA PRO C 51 -20.41 -29.65 2.74
C PRO C 51 -20.40 -29.78 1.22
N TRP C 52 -20.01 -28.70 0.55
CA TRP C 52 -19.96 -28.69 -0.90
C TRP C 52 -19.02 -29.77 -1.43
N ASP C 53 -18.11 -30.23 -0.57
CA ASP C 53 -17.15 -31.27 -0.96
C ASP C 53 -17.88 -32.51 -1.45
N SER C 54 -19.04 -32.79 -0.86
CA SER C 54 -19.83 -33.96 -1.23
C SER C 54 -20.64 -33.69 -2.49
N VAL C 55 -20.90 -32.42 -2.76
CA VAL C 55 -21.66 -32.01 -3.94
C VAL C 55 -20.75 -31.89 -5.15
N ALA C 56 -19.51 -31.50 -4.92
CA ALA C 56 -18.54 -31.34 -5.99
C ALA C 56 -17.11 -31.30 -5.44
N ARG C 57 -16.19 -31.90 -6.17
CA ARG C 57 -14.78 -31.94 -5.75
C ARG C 57 -13.88 -31.31 -6.79
N VAL C 58 -12.64 -31.01 -6.40
CA VAL C 58 -11.67 -30.40 -7.30
C VAL C 58 -10.56 -31.38 -7.63
N LEU C 59 -10.30 -31.56 -8.92
CA LEU C 59 -9.26 -32.46 -9.38
C LEU C 59 -7.87 -31.89 -9.09
N PRO C 60 -6.87 -32.76 -8.88
CA PRO C 60 -5.50 -32.35 -8.58
C PRO C 60 -4.98 -31.32 -9.58
N ASN C 61 -5.55 -31.31 -10.78
CA ASN C 61 -5.14 -30.37 -11.81
C ASN C 61 -5.89 -29.04 -11.68
N GLY C 62 -6.67 -28.89 -10.61
CA GLY C 62 -7.41 -27.67 -10.40
C GLY C 62 -8.69 -27.62 -11.23
N SER C 63 -9.39 -28.76 -11.29
CA SER C 63 -10.63 -28.83 -12.06
C SER C 63 -11.82 -28.92 -11.13
N LEU C 64 -12.99 -29.19 -11.71
CA LEU C 64 -14.22 -29.30 -10.94
C LEU C 64 -15.20 -30.25 -11.61
N PHE C 65 -15.65 -31.25 -10.85
CA PHE C 65 -16.60 -32.24 -11.37
C PHE C 65 -17.79 -32.39 -10.44
N LEU C 66 -18.99 -32.40 -11.03
CA LEU C 66 -20.21 -32.55 -10.25
C LEU C 66 -20.95 -33.84 -10.63
N PRO C 67 -21.31 -34.67 -9.63
CA PRO C 67 -22.01 -35.94 -9.86
C PRO C 67 -23.29 -35.73 -10.68
N ALA C 68 -23.96 -34.61 -10.44
CA ALA C 68 -25.19 -34.29 -11.14
C ALA C 68 -25.59 -32.84 -10.94
N VAL C 69 -25.39 -32.02 -11.97
CA VAL C 69 -25.73 -30.60 -11.89
C VAL C 69 -27.23 -30.40 -12.00
N GLY C 70 -27.83 -29.86 -10.94
CA GLY C 70 -29.26 -29.61 -10.94
C GLY C 70 -29.61 -28.14 -10.93
N ILE C 71 -30.84 -27.84 -10.50
CA ILE C 71 -31.29 -26.44 -10.45
C ILE C 71 -30.50 -25.65 -9.41
N GLN C 72 -30.10 -26.33 -8.33
CA GLN C 72 -29.34 -25.68 -7.27
C GLN C 72 -27.97 -25.25 -7.77
N ASP C 73 -27.43 -26.00 -8.74
CA ASP C 73 -26.13 -25.69 -9.32
C ASP C 73 -26.23 -24.52 -10.29
N GLU C 74 -27.43 -24.21 -10.74
CA GLU C 74 -27.65 -23.10 -11.68
C GLU C 74 -26.98 -21.81 -11.18
N GLY C 75 -27.09 -20.77 -11.98
CA GLY C 75 -26.50 -19.51 -11.60
C GLY C 75 -25.17 -19.27 -12.27
N ILE C 76 -24.30 -18.49 -11.63
CA ILE C 76 -22.99 -18.18 -12.18
C ILE C 76 -21.89 -18.53 -11.18
N PHE C 77 -20.88 -19.24 -11.64
CA PHE C 77 -19.76 -19.62 -10.79
C PHE C 77 -18.56 -18.69 -11.01
N ARG C 78 -17.75 -18.52 -9.98
CA ARG C 78 -16.59 -17.65 -10.06
C ARG C 78 -15.42 -18.23 -9.26
N CYS C 79 -14.22 -18.05 -9.78
CA CYS C 79 -13.02 -18.51 -9.11
C CYS C 79 -12.23 -17.35 -8.53
N GLN C 80 -11.44 -17.61 -7.49
CA GLN C 80 -10.64 -16.57 -6.86
C GLN C 80 -9.49 -17.19 -6.07
N ALA C 81 -8.39 -16.44 -5.99
CA ALA C 81 -7.21 -16.90 -5.26
C ALA C 81 -6.68 -15.79 -4.36
N MET C 82 -5.88 -16.17 -3.36
CA MET C 82 -5.31 -15.21 -2.43
C MET C 82 -3.82 -15.45 -2.24
N ASN C 83 -3.01 -14.52 -2.72
CA ASN C 83 -1.55 -14.62 -2.60
C ASN C 83 -1.07 -13.79 -1.42
N ARG C 84 0.23 -13.48 -1.41
CA ARG C 84 0.83 -12.67 -0.35
C ARG C 84 0.49 -11.20 -0.55
N ASN C 85 0.23 -10.83 -1.80
CA ASN C 85 -0.13 -9.46 -2.14
C ASN C 85 -1.64 -9.35 -2.36
N GLY C 86 -2.24 -10.48 -2.74
CA GLY C 86 -3.67 -10.51 -2.99
C GLY C 86 -4.00 -10.77 -4.45
N LYS C 87 -3.11 -11.47 -5.15
CA LYS C 87 -3.30 -11.80 -6.56
C LYS C 87 -4.45 -12.79 -6.72
N GLU C 88 -5.52 -12.33 -7.36
CA GLU C 88 -6.71 -13.16 -7.58
C GLU C 88 -7.08 -13.22 -9.05
N THR C 89 -7.81 -14.27 -9.43
CA THR C 89 -8.26 -14.41 -10.81
C THR C 89 -9.76 -14.15 -10.93
N LYS C 90 -10.14 -13.30 -11.87
CA LYS C 90 -11.54 -12.95 -12.08
C LYS C 90 -12.10 -13.67 -13.30
N SER C 91 -13.22 -14.38 -13.11
CA SER C 91 -13.86 -15.13 -14.18
C SER C 91 -15.24 -15.63 -13.74
N ASN C 92 -16.26 -15.28 -14.52
CA ASN C 92 -17.63 -15.69 -14.20
C ASN C 92 -18.26 -16.45 -15.37
N TYR C 93 -18.76 -17.65 -15.08
CA TYR C 93 -19.40 -18.46 -16.11
C TYR C 93 -20.88 -18.65 -15.82
N ARG C 94 -21.71 -18.29 -16.79
CA ARG C 94 -23.16 -18.41 -16.64
C ARG C 94 -23.62 -19.80 -17.05
N VAL C 95 -24.25 -20.51 -16.11
CA VAL C 95 -24.73 -21.86 -16.37
C VAL C 95 -26.24 -21.97 -16.10
N ARG C 96 -26.95 -22.59 -17.03
CA ARG C 96 -28.40 -22.77 -16.90
C ARG C 96 -28.81 -24.15 -17.34
N VAL C 97 -29.82 -24.70 -16.68
CA VAL C 97 -30.32 -26.03 -17.01
C VAL C 97 -31.52 -25.96 -17.96
N TYR C 98 -31.81 -27.07 -18.62
CA TYR C 98 -32.92 -27.13 -19.56
C TYR C 98 -34.22 -26.65 -18.91
N GLN C 99 -34.83 -27.51 -18.11
CA GLN C 99 -36.08 -27.17 -17.44
C GLN C 99 -35.82 -26.31 -16.20
N ILE C 100 -36.47 -25.16 -16.13
CA ILE C 100 -36.30 -24.25 -15.00
C ILE C 100 -37.62 -24.09 -14.24
N PRO C 101 -37.54 -23.58 -12.99
CA PRO C 101 -38.73 -23.38 -12.16
C PRO C 101 -39.63 -22.26 -12.69
N ALA D 1 17.35 18.48 3.30
CA ALA D 1 17.95 18.26 4.65
C ALA D 1 17.99 19.56 5.44
N MET D 2 17.37 19.57 6.61
CA MET D 2 17.33 20.74 7.47
C MET D 2 17.84 20.41 8.87
N ALA D 3 18.56 21.36 9.48
CA ALA D 3 19.10 21.16 10.82
C ALA D 3 19.15 22.47 11.60
N GLN D 4 18.86 22.40 12.89
CA GLN D 4 18.86 23.59 13.74
C GLN D 4 20.25 23.81 14.34
N ASN D 5 20.68 25.07 14.35
CA ASN D 5 22.00 25.42 14.90
C ASN D 5 21.90 25.66 16.41
N ILE D 6 22.49 24.75 17.18
CA ILE D 6 22.49 24.87 18.63
C ILE D 6 23.89 24.76 19.20
N THR D 7 24.28 25.75 19.99
CA THR D 7 25.61 25.76 20.60
C THR D 7 25.58 25.12 21.98
N ALA D 8 26.63 24.36 22.29
CA ALA D 8 26.72 23.68 23.56
C ALA D 8 28.16 23.63 24.05
N ARG D 9 28.35 23.37 25.34
CA ARG D 9 29.68 23.28 25.93
C ARG D 9 30.00 21.86 26.34
N ILE D 10 31.24 21.43 26.07
CA ILE D 10 31.68 20.08 26.42
C ILE D 10 31.59 19.84 27.92
N GLY D 11 30.99 18.70 28.29
CA GLY D 11 30.86 18.36 29.70
C GLY D 11 29.75 19.13 30.40
N GLU D 12 29.01 19.93 29.65
CA GLU D 12 27.92 20.71 30.23
C GLU D 12 26.57 20.00 30.02
N PRO D 13 25.72 19.95 31.06
CA PRO D 13 24.41 19.30 30.96
C PRO D 13 23.48 20.04 30.01
N LEU D 14 22.69 19.30 29.25
CA LEU D 14 21.76 19.89 28.30
C LEU D 14 20.44 19.14 28.27
N VAL D 15 19.34 19.88 28.21
CA VAL D 15 18.00 19.28 28.20
C VAL D 15 17.22 19.76 26.99
N LEU D 16 16.53 18.83 26.33
CA LEU D 16 15.74 19.15 25.15
C LEU D 16 14.47 18.32 25.11
N LYS D 17 13.43 18.86 24.48
CA LYS D 17 12.15 18.16 24.36
C LYS D 17 11.93 17.68 22.93
N CYS D 18 11.68 16.38 22.78
CA CYS D 18 11.45 15.80 21.47
C CYS D 18 10.07 15.13 21.40
N LYS D 19 9.04 15.94 21.21
CA LYS D 19 7.68 15.43 21.14
C LYS D 19 7.49 14.54 19.92
N GLY D 20 6.26 14.09 19.70
CA GLY D 20 5.98 13.24 18.57
C GLY D 20 4.86 12.25 18.86
N ALA D 21 4.87 11.67 20.05
CA ALA D 21 3.85 10.71 20.45
C ALA D 21 2.46 11.36 20.46
N PRO D 22 1.51 10.86 19.64
CA PRO D 22 0.14 11.42 19.57
C PRO D 22 -0.64 11.29 20.89
N LYS D 23 -1.94 11.63 20.84
CA LYS D 23 -2.81 11.59 22.01
C LYS D 23 -3.11 10.14 22.45
N LYS D 24 -2.72 9.19 21.62
CA LYS D 24 -2.92 7.77 21.93
C LYS D 24 -1.89 7.29 22.96
N PRO D 25 -2.10 6.08 23.55
CA PRO D 25 -1.16 5.51 24.53
C PRO D 25 0.28 5.51 24.02
N PRO D 26 1.25 5.25 24.91
CA PRO D 26 2.67 5.22 24.56
C PRO D 26 2.95 4.25 23.41
N GLN D 27 3.20 4.78 22.23
CA GLN D 27 3.47 3.97 21.05
C GLN D 27 4.97 3.66 20.94
N ARG D 28 5.35 3.02 19.84
CA ARG D 28 6.76 2.70 19.60
C ARG D 28 7.56 3.96 19.32
N LEU D 29 8.89 3.85 19.42
CA LEU D 29 9.77 4.98 19.16
C LEU D 29 11.19 4.50 18.83
N GLU D 30 11.83 5.19 17.91
CA GLU D 30 13.18 4.85 17.50
C GLU D 30 14.08 6.08 17.45
N TRP D 31 15.29 5.94 17.97
CA TRP D 31 16.24 7.04 18.01
C TRP D 31 17.29 6.89 16.90
N LYS D 32 17.52 7.95 16.16
CA LYS D 32 18.50 7.94 15.08
C LYS D 32 19.22 9.28 14.96
N LEU D 33 20.52 9.22 14.67
CA LEU D 33 21.32 10.44 14.53
C LEU D 33 22.41 10.26 13.48
N ASN D 34 22.70 11.31 12.74
CA ASN D 34 23.72 11.27 11.70
C ASN D 34 24.96 12.06 12.14
N THR D 35 26.11 11.38 12.10
CA THR D 35 27.36 12.03 12.48
C THR D 35 28.52 11.44 11.69
N GLY D 36 29.72 11.98 11.92
CA GLY D 36 30.90 11.50 11.23
C GLY D 36 31.18 10.04 11.52
N ARG D 37 31.26 9.69 12.80
CA ARG D 37 31.52 8.32 13.21
C ARG D 37 30.27 7.69 13.82
N THR D 38 29.45 8.50 14.47
CA THR D 38 28.22 8.02 15.09
C THR D 38 28.52 7.00 16.18
N GLU D 39 28.39 7.44 17.43
CA GLU D 39 28.65 6.56 18.57
C GLU D 39 27.64 6.81 19.69
N ALA D 40 26.54 7.48 19.36
CA ALA D 40 25.50 7.78 20.35
C ALA D 40 24.16 7.21 19.93
N TRP D 41 24.02 6.83 18.66
CA TRP D 41 22.77 6.27 18.15
C TRP D 41 22.37 5.02 18.95
N LYS D 42 21.24 5.13 19.64
CA LYS D 42 20.74 4.01 20.45
C LYS D 42 19.25 3.77 20.16
N VAL D 43 18.79 2.56 20.43
CA VAL D 43 17.40 2.21 20.21
C VAL D 43 16.58 2.37 21.50
N LEU D 44 15.66 3.33 21.48
CA LEU D 44 14.82 3.60 22.63
C LEU D 44 13.52 2.82 22.57
N SER D 45 13.12 2.24 23.69
CA SER D 45 11.89 1.46 23.76
C SER D 45 11.05 1.88 24.97
N PRO D 46 9.71 1.78 24.85
CA PRO D 46 8.79 2.17 25.92
C PRO D 46 8.88 1.25 27.13
N GLN D 47 9.58 0.12 26.97
CA GLN D 47 9.75 -0.84 28.06
C GLN D 47 11.11 -1.51 27.98
N GLY D 48 12.16 -0.78 28.37
CA GLY D 48 13.51 -1.33 28.34
C GLY D 48 14.57 -0.26 28.14
N GLY D 49 15.81 -0.60 28.42
CA GLY D 49 16.90 0.34 28.27
C GLY D 49 18.16 -0.30 27.73
N GLY D 50 19.11 0.52 27.30
CA GLY D 50 20.36 0.02 26.77
C GLY D 50 21.56 0.76 27.30
N PRO D 51 22.66 0.84 26.52
CA PRO D 51 23.88 1.54 26.93
C PRO D 51 23.69 3.04 26.99
N TRP D 52 23.09 3.61 25.94
CA TRP D 52 22.86 5.05 25.89
C TRP D 52 21.99 5.51 27.06
N ASP D 53 21.26 4.58 27.66
CA ASP D 53 20.40 4.91 28.79
C ASP D 53 21.21 5.55 29.92
N SER D 54 22.46 5.11 30.07
CA SER D 54 23.33 5.64 31.10
C SER D 54 23.93 6.97 30.69
N VAL D 55 24.01 7.20 29.39
CA VAL D 55 24.55 8.44 28.84
C VAL D 55 23.49 9.53 28.80
N ALA D 56 22.25 9.12 28.57
CA ALA D 56 21.13 10.06 28.50
C ALA D 56 19.80 9.34 28.66
N ARG D 57 18.86 9.99 29.35
CA ARG D 57 17.54 9.40 29.58
C ARG D 57 16.44 10.29 29.03
N VAL D 58 15.24 9.73 28.90
CA VAL D 58 14.10 10.48 28.40
C VAL D 58 13.08 10.72 29.50
N LEU D 59 12.68 11.99 29.65
CA LEU D 59 11.71 12.36 30.68
C LEU D 59 10.30 11.87 30.30
N PRO D 60 9.46 11.59 31.30
CA PRO D 60 8.10 11.11 31.08
C PRO D 60 7.33 11.97 30.08
N ASN D 61 7.73 13.24 29.95
CA ASN D 61 7.09 14.16 29.04
C ASN D 61 7.68 14.04 27.63
N GLY D 62 8.56 13.08 27.42
CA GLY D 62 9.17 12.89 26.12
C GLY D 62 10.31 13.85 25.88
N SER D 63 11.13 14.07 26.90
CA SER D 63 12.28 14.98 26.80
C SER D 63 13.58 14.22 26.77
N LEU D 64 14.69 14.94 26.85
CA LEU D 64 16.01 14.32 26.83
C LEU D 64 17.01 15.17 27.63
N PHE D 65 17.67 14.53 28.59
CA PHE D 65 18.65 15.21 29.43
C PHE D 65 19.97 14.44 29.46
N LEU D 66 21.07 15.16 29.30
CA LEU D 66 22.39 14.55 29.31
C LEU D 66 23.23 15.08 30.48
N PRO D 67 23.81 14.18 31.30
CA PRO D 67 24.63 14.58 32.46
C PRO D 67 25.75 15.52 32.06
N ALA D 68 26.31 15.31 30.87
CA ALA D 68 27.39 16.13 30.37
C ALA D 68 27.64 15.89 28.88
N VAL D 69 27.21 16.85 28.05
CA VAL D 69 27.37 16.74 26.61
C VAL D 69 28.82 17.01 26.21
N GLY D 70 29.48 16.01 25.63
CA GLY D 70 30.86 16.17 25.22
C GLY D 70 31.01 16.11 23.71
N ILE D 71 32.23 15.83 23.26
CA ILE D 71 32.51 15.75 21.83
C ILE D 71 31.78 14.58 21.19
N GLN D 72 31.61 13.50 21.96
CA GLN D 72 30.90 12.33 21.45
C GLN D 72 29.44 12.63 21.17
N ASP D 73 28.88 13.57 21.95
CA ASP D 73 27.49 13.96 21.78
C ASP D 73 27.31 14.87 20.58
N GLU D 74 28.41 15.45 20.10
CA GLU D 74 28.36 16.35 18.93
C GLU D 74 27.63 15.70 17.77
N GLY D 75 27.49 16.44 16.68
CA GLY D 75 26.81 15.93 15.52
C GLY D 75 25.38 16.43 15.43
N ILE D 76 24.52 15.64 14.80
CA ILE D 76 23.11 16.02 14.64
C ILE D 76 22.20 14.91 15.16
N PHE D 77 21.23 15.28 15.98
CA PHE D 77 20.29 14.33 16.54
C PHE D 77 18.98 14.35 15.76
N ARG D 78 18.28 13.21 15.74
CA ARG D 78 17.02 13.10 15.03
C ARG D 78 16.05 12.20 15.78
N CYS D 79 14.77 12.56 15.72
CA CYS D 79 13.73 11.78 16.37
C CYS D 79 12.87 11.05 15.35
N GLN D 80 12.28 9.94 15.75
CA GLN D 80 11.43 9.17 14.85
C GLN D 80 10.47 8.27 15.63
N ALA D 81 9.32 8.00 15.04
CA ALA D 81 8.30 7.17 15.66
C ALA D 81 7.75 6.14 14.67
N MET D 82 7.15 5.09 15.20
CA MET D 82 6.58 4.04 14.35
C MET D 82 5.17 3.69 14.80
N ASN D 83 4.20 4.02 13.96
CA ASN D 83 2.79 3.74 14.26
C ASN D 83 2.36 2.46 13.54
N ARG D 84 1.04 2.28 13.40
CA ARG D 84 0.49 1.11 12.72
C ARG D 84 0.62 1.27 11.21
N ASN D 85 0.62 2.52 10.76
CA ASN D 85 0.75 2.84 9.35
C ASN D 85 2.20 3.24 9.05
N GLY D 86 2.89 3.71 10.08
CA GLY D 86 4.27 4.12 9.93
C GLY D 86 4.45 5.61 10.08
N LYS D 87 3.56 6.24 10.86
CA LYS D 87 3.63 7.69 11.09
C LYS D 87 4.86 8.05 11.92
N GLU D 88 5.77 8.80 11.31
CA GLU D 88 7.02 9.20 11.96
C GLU D 88 7.21 10.71 11.90
N THR D 89 8.00 11.23 12.84
CA THR D 89 8.29 12.67 12.87
C THR D 89 9.73 12.94 12.43
N LYS D 90 9.89 13.86 11.49
CA LYS D 90 11.21 14.22 10.97
C LYS D 90 11.70 15.53 11.56
N SER D 91 12.91 15.51 12.14
CA SER D 91 13.50 16.70 12.75
C SER D 91 14.98 16.45 13.08
N ASN D 92 15.84 17.32 12.57
CA ASN D 92 17.28 17.19 12.81
C ASN D 92 17.85 18.47 13.43
N TYR D 93 18.52 18.33 14.57
CA TYR D 93 19.11 19.47 15.25
C TYR D 93 20.63 19.37 15.25
N ARG D 94 21.29 20.40 14.74
CA ARG D 94 22.74 20.44 14.69
C ARG D 94 23.33 20.97 15.99
N VAL D 95 24.14 20.16 16.66
CA VAL D 95 24.75 20.55 17.92
C VAL D 95 26.28 20.47 17.85
N ARG D 96 26.94 21.51 18.33
CA ARG D 96 28.40 21.57 18.32
C ARG D 96 28.92 22.15 19.62
N VAL D 97 30.06 21.65 20.07
CA VAL D 97 30.68 22.10 21.31
C VAL D 97 31.73 23.18 21.04
N TYR D 98 32.07 23.94 22.08
CA TYR D 98 33.06 25.01 21.95
C TYR D 98 34.35 24.50 21.33
N GLN D 99 35.16 23.82 22.14
CA GLN D 99 36.43 23.28 21.67
C GLN D 99 36.22 21.97 20.92
N ILE D 100 36.74 21.91 19.70
CA ILE D 100 36.61 20.72 18.87
C ILE D 100 37.97 20.11 18.58
N PRO D 101 38.00 18.84 18.13
CA PRO D 101 39.25 18.15 17.81
C PRO D 101 39.92 18.70 16.57
N ALA A 2 -13.10 14.39 -15.27
CA ALA A 2 -12.58 13.99 -13.96
C ALA A 2 -11.66 15.06 -13.35
N SER A 3 -11.64 15.09 -12.01
CA SER A 3 -10.81 16.02 -11.25
C SER A 3 -9.31 15.63 -11.34
N PRO A 4 -8.39 16.56 -11.04
CA PRO A 4 -6.94 16.34 -11.15
C PRO A 4 -6.46 15.04 -10.49
N LEU A 5 -7.00 14.72 -9.30
CA LEU A 5 -6.58 13.52 -8.57
C LEU A 5 -7.04 12.24 -9.26
N ASP A 6 -8.31 12.22 -9.68
CA ASP A 6 -8.88 11.08 -10.43
C ASP A 6 -8.20 10.84 -11.77
N GLN A 7 -7.80 11.96 -12.41
CA GLN A 7 -7.08 11.93 -13.69
C GLN A 7 -5.69 11.30 -13.57
N ALA A 8 -4.96 11.71 -12.53
CA ALA A 8 -3.63 11.18 -12.23
C ALA A 8 -3.65 9.66 -11.94
N ILE A 9 -4.59 9.23 -11.09
CA ILE A 9 -4.80 7.81 -10.80
C ILE A 9 -5.16 7.02 -12.07
N GLY A 10 -6.04 7.63 -12.88
CA GLY A 10 -6.49 7.04 -14.13
C GLY A 10 -5.34 6.83 -15.12
N LEU A 11 -4.42 7.79 -15.11
CA LEU A 11 -3.21 7.73 -15.95
C LEU A 11 -2.31 6.57 -15.50
N LEU A 12 -2.12 6.44 -14.19
CA LEU A 12 -1.28 5.40 -13.60
C LEU A 12 -1.81 3.98 -13.86
N VAL A 13 -3.14 3.85 -13.81
CA VAL A 13 -3.82 2.58 -14.09
C VAL A 13 -3.70 2.23 -15.58
N ALA A 14 -3.81 3.26 -16.43
CA ALA A 14 -3.70 3.12 -17.88
C ALA A 14 -2.30 2.65 -18.31
N ILE A 15 -1.27 3.14 -17.62
CA ILE A 15 0.12 2.73 -17.85
C ILE A 15 0.28 1.23 -17.61
N PHE A 16 -0.27 0.73 -16.50
CA PHE A 16 -0.17 -0.68 -16.13
C PHE A 16 -0.66 -1.59 -17.26
N HIS A 17 -1.88 -1.29 -17.74
CA HIS A 17 -2.55 -2.08 -18.78
C HIS A 17 -1.92 -1.89 -20.17
N LYS A 18 -1.23 -0.75 -20.36
CA LYS A 18 -0.49 -0.48 -21.60
C LYS A 18 0.60 -1.53 -21.87
N TYR A 19 1.13 -2.10 -20.78
CA TYR A 19 2.25 -3.05 -20.83
C TYR A 19 1.85 -4.48 -20.43
N SER A 20 0.90 -4.62 -19.50
CA SER A 20 0.52 -5.93 -18.95
C SER A 20 -0.09 -6.88 -20.00
N GLY A 21 -0.76 -6.31 -21.01
CA GLY A 21 -1.50 -7.09 -22.01
C GLY A 21 -0.65 -7.60 -23.19
N ARG A 22 0.65 -7.29 -23.19
CA ARG A 22 1.51 -7.57 -24.35
C ARG A 22 1.80 -9.07 -24.54
N GLU A 23 2.04 -9.77 -23.43
CA GLU A 23 2.35 -11.20 -23.46
C GLU A 23 1.87 -11.88 -22.16
N GLY A 24 1.81 -13.22 -22.22
CA GLY A 24 1.35 -14.02 -21.09
C GLY A 24 -0.01 -13.58 -20.61
N ASP A 25 -0.20 -13.54 -19.28
CA ASP A 25 -1.44 -13.07 -18.69
C ASP A 25 -1.64 -11.60 -19.05
N LYS A 26 -2.87 -11.25 -19.39
CA LYS A 26 -3.23 -9.89 -19.82
C LYS A 26 -3.18 -8.87 -18.69
N HIS A 27 -3.36 -9.33 -17.44
CA HIS A 27 -3.56 -8.44 -16.29
C HIS A 27 -2.38 -8.46 -15.30
N THR A 28 -1.24 -8.99 -15.74
CA THR A 28 -0.04 -9.03 -14.90
C THR A 28 1.18 -8.63 -15.70
N LEU A 29 2.21 -8.15 -15.00
CA LEU A 29 3.45 -7.72 -15.65
C LEU A 29 4.51 -8.81 -15.52
N SER A 30 4.96 -9.32 -16.67
CA SER A 30 6.12 -10.21 -16.74
C SER A 30 7.39 -9.42 -16.42
N LYS A 31 8.52 -10.12 -16.27
CA LYS A 31 9.82 -9.48 -16.06
C LYS A 31 10.17 -8.53 -17.19
N LYS A 32 9.81 -8.94 -18.41
CA LYS A 32 10.02 -8.16 -19.63
C LYS A 32 9.16 -6.90 -19.68
N GLU A 33 7.86 -7.07 -19.40
CA GLU A 33 6.89 -5.97 -19.41
C GLU A 33 7.18 -4.92 -18.36
N LEU A 34 7.51 -5.39 -17.15
CA LEU A 34 7.81 -4.52 -16.02
C LEU A 34 9.11 -3.72 -16.22
N LYS A 35 10.13 -4.36 -16.80
CA LYS A 35 11.39 -3.69 -17.10
C LYS A 35 11.20 -2.59 -18.12
N GLU A 36 10.38 -2.90 -19.11
CA GLU A 36 10.01 -1.97 -20.15
C GLU A 36 9.20 -0.76 -19.60
N LEU A 37 8.28 -1.07 -18.69
CA LEU A 37 7.49 -0.04 -17.99
C LEU A 37 8.42 0.93 -17.25
N ILE A 38 9.38 0.37 -16.50
CA ILE A 38 10.35 1.15 -15.73
C ILE A 38 11.22 2.03 -16.63
N GLN A 39 11.75 1.42 -17.70
CA GLN A 39 12.70 2.10 -18.60
C GLN A 39 12.05 3.23 -19.40
N LYS A 40 10.74 3.11 -19.63
CA LYS A 40 10.00 4.03 -20.51
C LYS A 40 9.15 5.05 -19.73
N GLU A 41 8.74 4.69 -18.50
CA GLU A 41 7.76 5.49 -17.74
C GLU A 41 8.38 6.17 -16.53
N LEU A 42 9.47 5.62 -16.02
CA LEU A 42 10.17 6.20 -14.89
C LEU A 42 11.29 7.11 -15.38
N THR A 43 11.37 8.32 -14.82
CA THR A 43 12.32 9.35 -15.26
C THR A 43 13.77 8.83 -15.31
N ILE A 44 14.14 8.09 -14.25
CA ILE A 44 15.50 7.56 -14.10
C ILE A 44 15.62 6.08 -14.53
N GLY A 45 14.50 5.54 -15.04
CA GLY A 45 14.40 4.11 -15.35
C GLY A 45 15.47 3.60 -16.31
N SER A 46 15.67 4.35 -17.40
CA SER A 46 16.64 3.99 -18.45
C SER A 46 18.11 4.07 -17.97
N LYS A 47 18.35 4.70 -16.81
CA LYS A 47 19.71 4.89 -16.30
C LYS A 47 20.08 3.91 -15.18
N LEU A 48 19.10 3.15 -14.70
CA LEU A 48 19.32 2.14 -13.65
C LEU A 48 20.11 0.96 -14.19
N GLN A 49 20.98 0.41 -13.36
CA GLN A 49 21.68 -0.83 -13.66
C GLN A 49 20.67 -1.95 -13.90
N ASP A 50 21.01 -2.88 -14.79
CA ASP A 50 20.13 -4.03 -15.07
C ASP A 50 19.91 -4.89 -13.83
N ALA A 51 20.98 -5.04 -13.04
CA ALA A 51 20.97 -5.79 -11.78
C ALA A 51 20.02 -5.17 -10.75
N GLU A 52 19.95 -3.83 -10.73
CA GLU A 52 19.08 -3.10 -9.80
C GLU A 52 17.61 -3.13 -10.21
N ILE A 53 17.32 -3.11 -11.52
CA ILE A 53 15.96 -3.30 -12.04
C ILE A 53 15.47 -4.71 -11.70
N ALA A 54 16.38 -5.68 -11.84
CA ALA A 54 16.09 -7.09 -11.54
C ALA A 54 15.78 -7.33 -10.07
N ARG A 55 16.51 -6.62 -9.19
CA ARG A 55 16.28 -6.68 -7.75
C ARG A 55 14.97 -6.02 -7.36
N LEU A 56 14.69 -4.89 -8.02
CA LEU A 56 13.45 -4.15 -7.85
C LEU A 56 12.22 -4.99 -8.21
N MET A 57 12.28 -5.64 -9.38
CA MET A 57 11.19 -6.49 -9.87
C MET A 57 11.02 -7.75 -9.00
N GLU A 58 12.14 -8.28 -8.53
CA GLU A 58 12.15 -9.46 -7.67
C GLU A 58 11.42 -9.19 -6.36
N ASP A 59 11.73 -8.05 -5.76
CA ASP A 59 11.13 -7.65 -4.48
C ASP A 59 9.64 -7.30 -4.60
N LEU A 60 9.26 -6.69 -5.73
CA LEU A 60 7.86 -6.35 -5.97
C LEU A 60 7.01 -7.61 -6.02
N ASP A 61 7.63 -8.70 -6.48
CA ASP A 61 6.98 -10.01 -6.56
C ASP A 61 7.02 -10.67 -5.18
N ARG A 62 5.93 -10.52 -4.43
CA ARG A 62 5.85 -11.07 -3.07
C ARG A 62 5.37 -12.51 -3.07
N ASN A 63 4.37 -12.82 -3.90
CA ASN A 63 3.82 -14.17 -3.96
C ASN A 63 4.79 -15.13 -4.66
N LYS A 64 5.70 -14.58 -5.46
CA LYS A 64 6.72 -15.37 -6.17
C LYS A 64 6.12 -16.30 -7.23
N ASP A 65 5.68 -15.71 -8.33
CA ASP A 65 5.10 -16.48 -9.44
C ASP A 65 5.60 -15.91 -10.77
N GLN A 66 6.53 -14.96 -10.63
CA GLN A 66 7.19 -14.25 -11.76
C GLN A 66 6.26 -13.23 -12.44
N GLU A 67 5.06 -13.06 -11.90
CA GLU A 67 4.09 -12.14 -12.48
C GLU A 67 3.61 -11.12 -11.46
N VAL A 68 3.88 -9.85 -11.77
CA VAL A 68 3.50 -8.75 -10.90
C VAL A 68 2.09 -8.25 -11.22
N ASN A 69 1.15 -8.52 -10.32
CA ASN A 69 -0.23 -8.11 -10.51
C ASN A 69 -0.40 -6.61 -10.26
N PHE A 70 -1.63 -6.11 -10.29
CA PHE A 70 -1.89 -4.68 -10.08
C PHE A 70 -1.63 -4.21 -8.64
N GLN A 71 -1.98 -5.06 -7.68
CA GLN A 71 -1.77 -4.76 -6.26
C GLN A 71 -0.29 -4.62 -5.93
N GLU A 72 0.55 -5.42 -6.59
CA GLU A 72 1.99 -5.36 -6.39
C GLU A 72 2.54 -4.07 -6.97
N TYR A 73 2.00 -3.68 -8.12
CA TYR A 73 2.35 -2.41 -8.77
C TYR A 73 1.98 -1.20 -7.91
N VAL A 74 0.85 -1.30 -7.20
CA VAL A 74 0.40 -0.24 -6.28
C VAL A 74 1.40 -0.07 -5.12
N THR A 75 2.01 -1.18 -4.69
CA THR A 75 3.05 -1.14 -3.65
C THR A 75 4.26 -0.35 -4.13
N PHE A 76 4.59 -0.55 -5.41
CA PHE A 76 5.65 0.20 -6.09
C PHE A 76 5.37 1.71 -6.15
N LEU A 77 4.14 2.05 -6.54
CA LEU A 77 3.67 3.45 -6.56
C LEU A 77 3.74 4.11 -5.19
N GLY A 78 3.37 3.33 -4.17
CA GLY A 78 3.42 3.77 -2.77
C GLY A 78 4.84 4.04 -2.30
N ALA A 79 5.77 3.21 -2.77
CA ALA A 79 7.20 3.35 -2.47
C ALA A 79 7.80 4.60 -3.10
N LEU A 80 7.38 4.89 -4.34
CA LEU A 80 7.80 6.09 -5.06
C LEU A 80 7.29 7.37 -4.40
N ALA A 81 6.04 7.31 -3.93
CA ALA A 81 5.38 8.41 -3.24
C ALA A 81 6.05 8.74 -1.90
N LEU A 82 6.43 7.69 -1.16
CA LEU A 82 7.15 7.83 0.11
C LEU A 82 8.54 8.47 -0.07
N ILE A 83 9.21 8.09 -1.16
CA ILE A 83 10.54 8.62 -1.50
C ILE A 83 10.48 10.12 -1.75
N TYR A 84 9.54 10.56 -2.60
CA TYR A 84 9.38 11.98 -2.93
C TYR A 84 8.94 12.82 -1.71
N ASN A 85 8.05 12.23 -0.91
CA ASN A 85 7.55 12.88 0.30
C ASN A 85 8.65 13.10 1.35
N GLU A 86 9.46 12.06 1.57
CA GLU A 86 10.55 12.12 2.55
C GLU A 86 11.63 13.11 2.15
N ALA A 87 11.81 13.32 0.85
CA ALA A 87 12.82 14.26 0.37
C ALA A 87 12.36 15.70 0.53
N LEU A 88 11.04 15.90 0.53
CA LEU A 88 10.47 17.24 0.68
C LEU A 88 10.45 17.68 2.15
N LYS A 89 10.43 16.71 3.05
CA LYS A 89 10.43 17.00 4.48
C LYS A 89 11.85 17.30 4.96
N GLY A 90 12.74 16.31 4.80
CA GLY A 90 14.12 16.48 5.21
C GLY A 90 14.48 15.58 6.38
N ALA B 2 10.11 15.65 -16.11
CA ALA B 2 9.75 14.33 -15.59
C ALA B 2 8.82 13.56 -16.52
N SER B 3 8.92 12.23 -16.45
CA SER B 3 8.08 11.31 -17.23
C SER B 3 6.64 11.31 -16.73
N PRO B 4 5.68 10.85 -17.55
CA PRO B 4 4.23 10.84 -17.22
C PRO B 4 3.93 10.25 -15.83
N LEU B 5 4.60 9.16 -15.47
CA LEU B 5 4.35 8.49 -14.18
C LEU B 5 4.85 9.32 -13.00
N ASP B 6 6.07 9.85 -13.12
CA ASP B 6 6.65 10.73 -12.11
C ASP B 6 5.85 12.03 -11.91
N GLN B 7 5.31 12.53 -13.03
CA GLN B 7 4.49 13.75 -13.03
C GLN B 7 3.16 13.56 -12.28
N ALA B 8 2.52 12.42 -12.54
CA ALA B 8 1.26 12.05 -11.88
C ALA B 8 1.43 11.89 -10.36
N ILE B 9 2.47 11.17 -9.94
CA ILE B 9 2.82 11.00 -8.53
C ILE B 9 3.12 12.36 -7.88
N GLY B 10 3.87 13.20 -8.61
CA GLY B 10 4.24 14.53 -8.15
C GLY B 10 3.03 15.42 -7.92
N LEU B 11 2.03 15.26 -8.80
CA LEU B 11 0.75 15.99 -8.69
C LEU B 11 -0.01 15.56 -7.43
N LEU B 12 -0.04 14.24 -7.19
CA LEU B 12 -0.75 13.68 -6.04
C LEU B 12 -0.14 14.10 -4.70
N VAL B 13 1.20 14.17 -4.67
CA VAL B 13 1.94 14.62 -3.49
C VAL B 13 1.72 16.12 -3.24
N ALA B 14 1.66 16.88 -4.35
CA ALA B 14 1.42 18.33 -4.30
C ALA B 14 0.03 18.67 -3.74
N ILE B 15 -0.97 17.84 -4.09
CA ILE B 15 -2.33 18.00 -3.58
C ILE B 15 -2.35 17.86 -2.06
N PHE B 16 -1.67 16.85 -1.54
CA PHE B 16 -1.62 16.59 -0.11
C PHE B 16 -1.16 17.83 0.68
N HIS B 17 -0.02 18.39 0.24
CA HIS B 17 0.59 19.55 0.89
C HIS B 17 -0.18 20.86 0.66
N LYS B 18 -0.96 20.89 -0.43
CA LYS B 18 -1.84 22.03 -0.74
C LYS B 18 -2.85 22.28 0.39
N TYR B 19 -3.23 21.20 1.08
CA TYR B 19 -4.28 21.23 2.11
C TYR B 19 -3.74 20.99 3.53
N SER B 20 -2.69 20.17 3.66
CA SER B 20 -2.16 19.76 4.97
C SER B 20 -1.59 20.93 5.78
N GLY B 21 -1.05 21.95 5.09
CA GLY B 21 -0.35 23.07 5.73
C GLY B 21 -1.27 24.20 6.21
N ARG B 22 -2.58 24.07 6.01
CA ARG B 22 -3.53 25.17 6.28
C ARG B 22 -3.73 25.46 7.77
N GLU B 23 -3.79 24.39 8.58
CA GLU B 23 -3.99 24.50 10.03
C GLU B 23 -3.34 23.33 10.76
N GLY B 24 -3.18 23.48 12.08
CA GLY B 24 -2.56 22.47 12.92
C GLY B 24 -1.19 22.08 12.38
N ASP B 25 -0.88 20.78 12.45
CA ASP B 25 0.40 20.28 11.92
C ASP B 25 0.48 20.54 10.41
N LYS B 26 1.66 20.88 9.94
CA LYS B 26 1.87 21.21 8.52
C LYS B 26 1.98 19.96 7.61
N HIS B 27 2.19 18.78 8.20
CA HIS B 27 2.36 17.58 7.39
C HIS B 27 1.23 16.55 7.57
N THR B 28 0.13 16.95 8.18
CA THR B 28 -1.00 16.04 8.37
C THR B 28 -2.33 16.70 8.00
N LEU B 29 -3.31 15.87 7.69
CA LEU B 29 -4.65 16.36 7.32
C LEU B 29 -5.61 16.23 8.49
N SER B 30 -6.12 17.37 8.94
CA SER B 30 -7.21 17.40 9.92
C SER B 30 -8.50 16.91 9.27
N LYS B 31 -9.55 16.72 10.07
CA LYS B 31 -10.88 16.35 9.56
C LYS B 31 -11.39 17.35 8.55
N LYS B 32 -11.13 18.63 8.85
CA LYS B 32 -11.52 19.76 8.00
C LYS B 32 -10.75 19.79 6.66
N GLU B 33 -9.42 19.64 6.75
CA GLU B 33 -8.55 19.64 5.57
C GLU B 33 -8.82 18.49 4.63
N LEU B 34 -8.99 17.30 5.23
CA LEU B 34 -9.25 16.08 4.46
C LEU B 34 -10.62 16.10 3.76
N LYS B 35 -11.64 16.63 4.45
CA LYS B 35 -12.97 16.75 3.86
C LYS B 35 -12.96 17.70 2.67
N GLU B 36 -12.23 18.78 2.83
CA GLU B 36 -12.01 19.76 1.79
C GLU B 36 -11.26 19.19 0.58
N LEU B 37 -10.24 18.39 0.87
CA LEU B 37 -9.46 17.69 -0.16
C LEU B 37 -10.38 16.79 -0.98
N ILE B 38 -11.23 16.01 -0.29
CA ILE B 38 -12.17 15.09 -0.94
C ILE B 38 -13.19 15.84 -1.80
N GLN B 39 -13.78 16.90 -1.24
CA GLN B 39 -14.85 17.65 -1.89
C GLN B 39 -14.37 18.42 -3.13
N LYS B 40 -13.08 18.77 -3.16
CA LYS B 40 -12.49 19.63 -4.19
C LYS B 40 -11.66 18.85 -5.21
N GLU B 41 -11.11 17.70 -4.80
CA GLU B 41 -10.12 16.97 -5.61
C GLU B 41 -10.68 15.63 -6.14
N LEU B 42 -11.66 15.08 -5.47
CA LEU B 42 -12.30 13.85 -5.91
C LEU B 42 -13.52 14.16 -6.75
N THR B 43 -13.64 13.50 -7.91
CA THR B 43 -14.71 13.77 -8.89
C THR B 43 -16.11 13.73 -8.26
N ILE B 44 -16.31 12.72 -7.41
CA ILE B 44 -17.61 12.48 -6.76
C ILE B 44 -17.66 13.03 -5.32
N GLY B 45 -16.56 13.67 -4.90
CA GLY B 45 -16.37 14.11 -3.51
C GLY B 45 -17.49 15.00 -3.00
N SER B 46 -17.86 16.01 -3.80
CA SER B 46 -18.90 16.99 -3.45
C SER B 46 -20.30 16.38 -3.36
N LYS B 47 -20.49 15.15 -3.88
CA LYS B 47 -21.80 14.50 -3.93
C LYS B 47 -21.98 13.44 -2.82
N LEU B 48 -20.91 13.12 -2.13
CA LEU B 48 -20.96 12.15 -1.02
C LEU B 48 -21.70 12.72 0.18
N GLN B 49 -22.43 11.84 0.86
CA GLN B 49 -23.07 12.19 2.13
C GLN B 49 -22.01 12.61 3.13
N ASP B 50 -22.36 13.54 4.03
CA ASP B 50 -21.44 14.00 5.08
C ASP B 50 -21.03 12.86 6.01
N ALA B 51 -22.00 11.99 6.30
CA ALA B 51 -21.82 10.80 7.13
C ALA B 51 -20.82 9.81 6.52
N GLU B 52 -20.85 9.69 5.19
CA GLU B 52 -19.96 8.79 4.46
C GLU B 52 -18.52 9.31 4.34
N ILE B 53 -18.37 10.64 4.19
CA ILE B 53 -17.06 11.29 4.22
C ILE B 53 -16.43 11.13 5.62
N ALA B 54 -17.28 11.26 6.64
CA ALA B 54 -16.85 11.12 8.04
C ALA B 54 -16.38 9.69 8.36
N ARG B 55 -17.08 8.70 7.78
CA ARG B 55 -16.71 7.29 7.95
C ARG B 55 -15.41 6.97 7.21
N LEU B 56 -15.29 7.56 6.01
CA LEU B 56 -14.09 7.44 5.18
C LEU B 56 -12.84 7.97 5.89
N MET B 57 -12.97 9.18 6.45
CA MET B 57 -11.88 9.83 7.17
C MET B 57 -11.52 9.09 8.47
N GLU B 58 -12.56 8.57 9.13
CA GLU B 58 -12.39 7.81 10.37
C GLU B 58 -11.55 6.55 10.14
N ASP B 59 -11.90 5.83 9.07
CA ASP B 59 -11.21 4.59 8.73
C ASP B 59 -9.77 4.81 8.24
N LEU B 60 -9.51 5.94 7.59
CA LEU B 60 -8.16 6.31 7.14
C LEU B 60 -7.21 6.60 8.31
N ASP B 61 -7.78 7.13 9.38
CA ASP B 61 -7.04 7.42 10.60
C ASP B 61 -6.86 6.15 11.44
N ARG B 62 -5.91 5.31 11.02
CA ARG B 62 -5.63 4.04 11.68
C ARG B 62 -5.03 4.20 13.07
N ASN B 63 -4.08 5.13 13.22
CA ASN B 63 -3.41 5.35 14.51
C ASN B 63 -4.33 6.05 15.52
N LYS B 64 -5.42 6.65 15.03
CA LYS B 64 -6.41 7.32 15.86
C LYS B 64 -5.81 8.50 16.65
N ASP B 65 -5.62 9.61 15.96
CA ASP B 65 -5.09 10.84 16.57
C ASP B 65 -5.75 12.05 15.91
N GLN B 66 -6.76 11.73 15.08
CA GLN B 66 -7.56 12.72 14.33
C GLN B 66 -6.78 13.39 13.19
N GLU B 67 -5.54 12.95 12.98
CA GLU B 67 -4.69 13.54 11.95
C GLU B 67 -4.19 12.48 10.97
N VAL B 68 -4.58 12.66 9.70
CA VAL B 68 -4.21 11.73 8.64
C VAL B 68 -2.87 12.13 8.01
N ASN B 69 -1.84 11.34 8.28
CA ASN B 69 -0.50 11.62 7.74
C ASN B 69 -0.43 11.25 6.26
N PHE B 70 0.75 11.39 5.67
CA PHE B 70 0.93 11.08 4.24
C PHE B 70 0.76 9.59 3.91
N GLN B 71 1.27 8.73 4.80
CA GLN B 71 1.17 7.27 4.62
C GLN B 71 -0.29 6.82 4.59
N GLU B 72 -1.12 7.42 5.46
CA GLU B 72 -2.54 7.09 5.53
C GLU B 72 -3.24 7.54 4.24
N TYR B 73 -2.83 8.70 3.73
CA TYR B 73 -3.33 9.20 2.45
C TYR B 73 -2.98 8.27 1.29
N VAL B 74 -1.79 7.66 1.35
CA VAL B 74 -1.34 6.68 0.35
C VAL B 74 -2.25 5.44 0.35
N THR B 75 -2.74 5.05 1.54
CA THR B 75 -3.69 3.94 1.68
C THR B 75 -4.99 4.26 0.94
N PHE B 76 -5.42 5.52 1.06
CA PHE B 76 -6.58 6.04 0.34
C PHE B 76 -6.41 5.99 -1.17
N LEU B 77 -5.24 6.44 -1.65
CA LEU B 77 -4.89 6.38 -3.07
C LEU B 77 -4.89 4.96 -3.61
N GLY B 78 -4.38 4.04 -2.79
CA GLY B 78 -4.35 2.61 -3.10
C GLY B 78 -5.73 2.00 -3.21
N ALA B 79 -6.63 2.47 -2.34
CA ALA B 79 -8.04 2.05 -2.35
C ALA B 79 -8.79 2.52 -3.61
N LEU B 80 -8.50 3.76 -4.02
CA LEU B 80 -9.06 4.33 -5.24
C LEU B 80 -8.59 3.60 -6.50
N ALA B 81 -7.31 3.25 -6.50
CA ALA B 81 -6.68 2.51 -7.60
C ALA B 81 -7.26 1.09 -7.75
N LEU B 82 -7.50 0.43 -6.62
CA LEU B 82 -8.12 -0.90 -6.59
C LEU B 82 -9.55 -0.90 -7.13
N ILE B 83 -10.28 0.16 -6.78
CA ILE B 83 -11.68 0.36 -7.23
C ILE B 83 -11.75 0.48 -8.76
N TYR B 84 -10.92 1.35 -9.33
CA TYR B 84 -10.89 1.57 -10.78
C TYR B 84 -10.41 0.32 -11.55
N ASN B 85 -9.42 -0.36 -10.98
CA ASN B 85 -8.86 -1.59 -11.56
C ASN B 85 -9.89 -2.73 -11.59
N GLU B 86 -10.64 -2.87 -10.50
CA GLU B 86 -11.66 -3.91 -10.37
C GLU B 86 -12.83 -3.72 -11.35
N ALA B 87 -13.18 -2.44 -11.59
CA ALA B 87 -14.26 -2.09 -12.53
C ALA B 87 -13.89 -2.45 -13.97
N LEU B 88 -12.61 -2.23 -14.32
CA LEU B 88 -12.08 -2.50 -15.66
C LEU B 88 -12.00 -4.00 -15.98
N LYS B 89 -11.80 -4.81 -14.94
CA LYS B 89 -11.70 -6.26 -15.12
C LYS B 89 -13.08 -6.90 -15.21
N GLY B 90 -13.90 -6.68 -14.17
CA GLY B 90 -15.24 -7.23 -14.16
C GLY B 90 -15.37 -8.41 -13.23
N ALA C 1 -18.48 -7.02 -17.89
CA ALA C 1 -19.23 -8.30 -17.72
C ALA C 1 -19.06 -9.21 -18.93
N MET C 2 -18.34 -10.32 -18.73
CA MET C 2 -18.10 -11.28 -19.81
C MET C 2 -18.48 -12.69 -19.37
N ALA C 3 -19.04 -13.47 -20.28
CA ALA C 3 -19.45 -14.85 -20.00
C ALA C 3 -19.44 -15.71 -21.25
N GLN C 4 -19.02 -16.95 -21.10
CA GLN C 4 -18.96 -17.88 -22.23
C GLN C 4 -20.28 -18.63 -22.40
N ASN C 5 -20.72 -18.76 -23.64
CA ASN C 5 -21.97 -19.46 -23.93
C ASN C 5 -21.74 -20.96 -24.06
N ILE C 6 -22.26 -21.73 -23.11
CA ILE C 6 -22.11 -23.17 -23.11
C ILE C 6 -23.45 -23.86 -22.95
N THR C 7 -23.77 -24.76 -23.88
CA THR C 7 -25.03 -25.49 -23.84
C THR C 7 -24.86 -26.82 -23.10
N ALA C 8 -25.87 -27.16 -22.30
CA ALA C 8 -25.83 -28.40 -21.55
C ALA C 8 -27.22 -29.01 -21.44
N ARG C 9 -27.28 -30.30 -21.09
CA ARG C 9 -28.54 -31.00 -20.95
C ARG C 9 -28.81 -31.35 -19.49
N ILE C 10 -30.06 -31.16 -19.07
CA ILE C 10 -30.46 -31.47 -17.69
C ILE C 10 -30.22 -32.93 -17.34
N GLY C 11 -29.59 -33.17 -16.20
CA GLY C 11 -29.31 -34.53 -15.77
C GLY C 11 -28.15 -35.18 -16.49
N GLU C 12 -27.49 -34.42 -17.37
CA GLU C 12 -26.36 -34.93 -18.12
C GLU C 12 -25.03 -34.55 -17.46
N PRO C 13 -24.09 -35.50 -17.34
CA PRO C 13 -22.78 -35.23 -16.73
C PRO C 13 -21.95 -34.25 -17.55
N LEU C 14 -21.24 -33.36 -16.87
CA LEU C 14 -20.41 -32.37 -17.53
C LEU C 14 -19.08 -32.17 -16.80
N VAL C 15 -18.00 -32.06 -17.56
CA VAL C 15 -16.68 -31.87 -16.99
C VAL C 15 -16.01 -30.63 -17.56
N LEU C 16 -15.39 -29.85 -16.69
CA LEU C 16 -14.71 -28.62 -17.11
C LEU C 16 -13.44 -28.41 -16.29
N LYS C 17 -12.47 -27.71 -16.89
CA LYS C 17 -11.20 -27.42 -16.22
C LYS C 17 -11.11 -25.96 -15.85
N CYS C 18 -10.88 -25.70 -14.56
CA CYS C 18 -10.76 -24.33 -14.06
C CYS C 18 -9.39 -24.09 -13.43
N LYS C 19 -8.41 -23.83 -14.28
CA LYS C 19 -7.03 -23.58 -13.84
C LYS C 19 -6.94 -22.27 -13.04
N GLY C 20 -5.75 -21.97 -12.55
CA GLY C 20 -5.56 -20.75 -11.79
C GLY C 20 -4.42 -20.86 -10.81
N ALA C 21 -4.31 -22.01 -10.15
CA ALA C 21 -3.25 -22.24 -9.17
C ALA C 21 -1.87 -22.18 -9.84
N PRO C 22 -0.99 -21.24 -9.41
CA PRO C 22 0.36 -21.10 -9.98
C PRO C 22 1.24 -22.35 -9.79
N LYS C 23 2.52 -22.24 -10.16
CA LYS C 23 3.46 -23.36 -10.05
C LYS C 23 3.79 -23.69 -8.59
N LYS C 24 3.34 -22.84 -7.68
CA LYS C 24 3.57 -23.03 -6.25
C LYS C 24 2.62 -24.08 -5.67
N PRO C 25 2.88 -24.57 -4.43
CA PRO C 25 2.04 -25.57 -3.76
C PRO C 25 0.57 -25.17 -3.75
N PRO C 26 -0.33 -26.10 -3.42
CA PRO C 26 -1.78 -25.84 -3.37
C PRO C 26 -2.12 -24.66 -2.46
N GLN C 27 -2.46 -23.53 -3.08
CA GLN C 27 -2.80 -22.33 -2.33
C GLN C 27 -4.29 -22.28 -2.04
N ARG C 28 -4.74 -21.17 -1.48
CA ARG C 28 -6.16 -20.99 -1.14
C ARG C 28 -7.01 -20.90 -2.41
N LEU C 29 -8.31 -21.08 -2.25
CA LEU C 29 -9.23 -21.02 -3.38
C LEU C 29 -10.65 -20.74 -2.91
N GLU C 30 -11.38 -19.94 -3.68
CA GLU C 30 -12.76 -19.60 -3.34
C GLU C 30 -13.67 -19.75 -4.55
N TRP C 31 -14.84 -20.33 -4.33
CA TRP C 31 -15.81 -20.55 -5.40
C TRP C 31 -16.92 -19.51 -5.33
N LYS C 32 -17.23 -18.90 -6.47
CA LYS C 32 -18.29 -17.90 -6.53
C LYS C 32 -19.04 -17.97 -7.86
N LEU C 33 -20.35 -17.78 -7.81
CA LEU C 33 -21.17 -17.83 -9.01
C LEU C 33 -22.35 -16.85 -8.91
N ASN C 34 -22.70 -16.24 -10.03
CA ASN C 34 -23.80 -15.28 -10.07
C ASN C 34 -25.01 -15.87 -10.77
N THR C 35 -26.15 -15.86 -10.09
CA THR C 35 -27.38 -16.38 -10.65
C THR C 35 -28.59 -15.63 -10.12
N GLY C 36 -29.78 -16.00 -10.61
CA GLY C 36 -31.00 -15.36 -10.16
C GLY C 36 -31.22 -15.51 -8.68
N ARG C 37 -31.20 -16.74 -8.21
CA ARG C 37 -31.41 -17.03 -6.79
C ARG C 37 -30.11 -17.48 -6.13
N THR C 38 -29.26 -18.14 -6.89
CA THR C 38 -27.98 -18.62 -6.39
C THR C 38 -28.18 -19.63 -5.24
N GLU C 39 -27.97 -20.89 -5.55
CA GLU C 39 -28.13 -21.96 -4.56
C GLU C 39 -27.04 -23.01 -4.72
N ALA C 40 -25.98 -22.68 -5.44
CA ALA C 40 -24.89 -23.62 -5.67
C ALA C 40 -23.56 -23.06 -5.16
N TRP C 41 -23.51 -21.74 -4.93
CA TRP C 41 -22.29 -21.09 -4.45
C TRP C 41 -21.81 -21.72 -3.15
N LYS C 42 -20.63 -22.33 -3.20
CA LYS C 42 -20.06 -22.99 -2.02
C LYS C 42 -18.59 -22.57 -1.85
N VAL C 43 -18.09 -22.67 -0.62
CA VAL C 43 -16.71 -22.32 -0.33
C VAL C 43 -15.81 -23.55 -0.39
N LEU C 44 -14.91 -23.57 -1.36
CA LEU C 44 -13.99 -24.69 -1.54
C LEU C 44 -12.68 -24.44 -0.79
N SER C 45 -12.19 -25.46 -0.10
CA SER C 45 -10.95 -25.36 0.65
C SER C 45 -10.03 -26.54 0.31
N PRO C 46 -8.70 -26.32 0.38
CA PRO C 46 -7.70 -27.35 0.09
C PRO C 46 -7.70 -28.47 1.13
N GLN C 47 -8.38 -28.23 2.25
CA GLN C 47 -8.46 -29.23 3.31
C GLN C 47 -9.81 -29.18 4.01
N GLY C 48 -10.84 -29.72 3.35
CA GLY C 48 -12.17 -29.73 3.92
C GLY C 48 -13.26 -29.72 2.86
N GLY C 49 -14.47 -30.05 3.27
CA GLY C 49 -15.58 -30.07 2.33
C GLY C 49 -16.87 -29.57 2.95
N GLY C 50 -17.86 -29.29 2.11
CA GLY C 50 -19.14 -28.80 2.60
C GLY C 50 -20.32 -29.50 1.93
N PRO C 51 -21.47 -28.81 1.80
CA PRO C 51 -22.66 -29.37 1.18
C PRO C 51 -22.50 -29.58 -0.32
N TRP C 52 -21.99 -28.56 -1.00
CA TRP C 52 -21.78 -28.63 -2.45
C TRP C 52 -20.84 -29.78 -2.81
N ASP C 53 -20.06 -30.23 -1.84
CA ASP C 53 -19.12 -31.33 -2.07
C ASP C 53 -19.84 -32.57 -2.57
N SER C 54 -21.07 -32.76 -2.09
CA SER C 54 -21.87 -33.91 -2.49
C SER C 54 -22.53 -33.68 -3.84
N VAL C 55 -22.70 -32.42 -4.20
CA VAL C 55 -23.31 -32.04 -5.47
C VAL C 55 -22.27 -32.03 -6.59
N ALA C 56 -21.04 -31.68 -6.24
CA ALA C 56 -19.95 -31.62 -7.20
C ALA C 56 -18.60 -31.62 -6.50
N ARG C 57 -17.62 -32.30 -7.10
CA ARG C 57 -16.29 -32.37 -6.51
C ARG C 57 -15.25 -31.84 -7.49
N VAL C 58 -14.04 -31.57 -6.98
CA VAL C 58 -12.95 -31.06 -7.79
C VAL C 58 -11.85 -32.11 -7.95
N LEU C 59 -11.47 -32.37 -9.20
CA LEU C 59 -10.43 -33.34 -9.49
C LEU C 59 -9.05 -32.82 -9.08
N PRO C 60 -8.13 -33.72 -8.72
CA PRO C 60 -6.78 -33.35 -8.29
C PRO C 60 -6.11 -32.39 -9.28
N ASN C 61 -6.54 -32.43 -10.54
CA ASN C 61 -5.99 -31.57 -11.56
C ASN C 61 -6.66 -30.20 -11.58
N GLY C 62 -7.55 -29.96 -10.62
CA GLY C 62 -8.26 -28.70 -10.54
C GLY C 62 -9.42 -28.64 -11.51
N SER C 63 -10.17 -29.74 -11.59
CA SER C 63 -11.33 -29.81 -12.48
C SER C 63 -12.62 -29.79 -11.69
N LEU C 64 -13.73 -30.03 -12.38
CA LEU C 64 -15.03 -30.06 -11.74
C LEU C 64 -15.99 -30.99 -12.46
N PHE C 65 -16.57 -31.93 -11.72
CA PHE C 65 -17.50 -32.90 -12.29
C PHE C 65 -18.79 -32.95 -11.48
N LEU C 66 -19.92 -32.94 -12.19
CA LEU C 66 -21.22 -32.99 -11.55
C LEU C 66 -21.97 -34.26 -11.94
N PRO C 67 -22.48 -35.03 -10.94
CA PRO C 67 -23.22 -36.27 -11.21
C PRO C 67 -24.39 -36.06 -12.15
N ALA C 68 -25.02 -34.89 -12.05
CA ALA C 68 -26.15 -34.56 -12.90
C ALA C 68 -26.50 -33.08 -12.81
N VAL C 69 -26.15 -32.33 -13.85
CA VAL C 69 -26.42 -30.90 -13.88
C VAL C 69 -27.90 -30.63 -14.16
N GLY C 70 -28.58 -30.01 -13.21
CA GLY C 70 -29.99 -29.71 -13.37
C GLY C 70 -30.26 -28.22 -13.48
N ILE C 71 -31.50 -27.83 -13.21
CA ILE C 71 -31.89 -26.42 -13.27
C ILE C 71 -31.18 -25.61 -12.19
N GLN C 72 -30.94 -26.25 -11.05
CA GLN C 72 -30.26 -25.58 -9.94
C GLN C 72 -28.83 -25.24 -10.31
N ASP C 73 -28.23 -26.05 -11.18
CA ASP C 73 -26.86 -25.83 -11.62
C ASP C 73 -26.79 -24.71 -12.64
N GLU C 74 -27.92 -24.38 -13.25
CA GLU C 74 -27.98 -23.32 -14.26
C GLU C 74 -27.32 -22.04 -13.76
N GLY C 75 -27.28 -21.02 -14.61
CA GLY C 75 -26.67 -19.77 -14.23
C GLY C 75 -25.26 -19.63 -14.77
N ILE C 76 -24.44 -18.86 -14.08
CA ILE C 76 -23.06 -18.64 -14.50
C ILE C 76 -22.09 -18.98 -13.36
N PHE C 77 -21.06 -19.76 -13.68
CA PHE C 77 -20.07 -20.15 -12.69
C PHE C 77 -18.82 -19.28 -12.82
N ARG C 78 -18.11 -19.08 -11.72
CA ARG C 78 -16.90 -18.27 -11.70
C ARG C 78 -15.85 -18.85 -10.77
N CYS C 79 -14.59 -18.73 -11.16
CA CYS C 79 -13.48 -19.22 -10.35
C CYS C 79 -12.73 -18.07 -9.72
N GLN C 80 -12.08 -18.33 -8.58
CA GLN C 80 -11.32 -17.31 -7.88
C GLN C 80 -10.29 -17.93 -6.96
N ALA C 81 -9.18 -17.21 -6.75
CA ALA C 81 -8.11 -17.69 -5.89
C ALA C 81 -7.65 -16.59 -4.94
N MET C 82 -6.98 -16.97 -3.86
CA MET C 82 -6.49 -16.01 -2.89
C MET C 82 -5.03 -16.29 -2.52
N ASN C 83 -4.15 -15.38 -2.91
CA ASN C 83 -2.73 -15.52 -2.63
C ASN C 83 -2.34 -14.66 -1.42
N ARG C 84 -1.04 -14.48 -1.21
CA ARG C 84 -0.54 -13.68 -0.11
C ARG C 84 -0.79 -12.19 -0.38
N ASN C 85 -0.87 -11.84 -1.65
CA ASN C 85 -1.12 -10.45 -2.05
C ASN C 85 -2.60 -10.25 -2.36
N GLY C 86 -3.27 -11.34 -2.71
CA GLY C 86 -4.69 -11.28 -3.03
C GLY C 86 -4.95 -11.43 -4.52
N LYS C 87 -4.03 -12.10 -5.21
CA LYS C 87 -4.16 -12.32 -6.65
C LYS C 87 -5.31 -13.29 -6.95
N GLU C 88 -6.34 -12.78 -7.61
CA GLU C 88 -7.51 -13.58 -7.95
C GLU C 88 -7.72 -13.66 -9.46
N THR C 89 -8.27 -14.78 -9.91
CA THR C 89 -8.57 -14.97 -11.32
C THR C 89 -10.04 -14.72 -11.62
N LYS C 90 -10.31 -13.89 -12.62
CA LYS C 90 -11.69 -13.55 -13.00
C LYS C 90 -12.11 -14.29 -14.27
N SER C 91 -13.24 -15.00 -14.21
CA SER C 91 -13.75 -15.75 -15.34
C SER C 91 -15.18 -16.22 -15.07
N ASN C 92 -16.10 -15.88 -15.96
CA ASN C 92 -17.50 -16.26 -15.82
C ASN C 92 -17.99 -17.02 -17.05
N TYR C 93 -18.53 -18.22 -16.82
CA TYR C 93 -19.04 -19.05 -17.91
C TYR C 93 -20.55 -19.20 -17.81
N ARG C 94 -21.25 -18.85 -18.88
CA ARG C 94 -22.70 -18.95 -18.91
C ARG C 94 -23.13 -20.36 -19.34
N VAL C 95 -23.88 -21.03 -18.48
CA VAL C 95 -24.35 -22.38 -18.77
C VAL C 95 -25.87 -22.47 -18.71
N ARG C 96 -26.48 -23.10 -19.71
CA ARG C 96 -27.92 -23.25 -19.76
C ARG C 96 -28.31 -24.64 -20.23
N VAL C 97 -29.40 -25.17 -19.69
CA VAL C 97 -29.87 -26.50 -20.06
C VAL C 97 -30.94 -26.42 -21.15
N TYR C 98 -31.16 -27.55 -21.83
CA TYR C 98 -32.14 -27.61 -22.91
C TYR C 98 -33.50 -27.10 -22.44
N GLN C 99 -34.22 -27.93 -21.71
CA GLN C 99 -35.54 -27.57 -21.20
C GLN C 99 -35.43 -26.70 -19.96
N ILE C 100 -36.07 -25.54 -19.99
CA ILE C 100 -36.03 -24.61 -18.86
C ILE C 100 -37.43 -24.41 -18.27
N PRO C 101 -37.51 -23.88 -17.05
CA PRO C 101 -38.80 -23.64 -16.37
C PRO C 101 -39.61 -22.53 -17.03
N ALA D 1 15.96 20.59 3.86
CA ALA D 1 16.94 20.57 4.99
C ALA D 1 16.73 21.78 5.90
N MET D 2 16.21 21.52 7.10
CA MET D 2 15.97 22.58 8.07
C MET D 2 16.62 22.25 9.41
N ALA D 3 17.07 23.28 10.12
CA ALA D 3 17.72 23.10 11.41
C ALA D 3 17.64 24.37 12.25
N GLN D 4 17.44 24.21 13.55
CA GLN D 4 17.35 25.34 14.45
C GLN D 4 18.73 25.73 14.99
N ASN D 5 18.99 27.03 15.04
CA ASN D 5 20.28 27.53 15.52
C ASN D 5 20.26 27.68 17.05
N ILE D 6 21.02 26.84 17.73
CA ILE D 6 21.08 26.88 19.20
C ILE D 6 22.52 26.94 19.68
N THR D 7 22.83 27.94 20.49
CA THR D 7 24.18 28.11 21.03
C THR D 7 24.33 27.40 22.37
N ALA D 8 25.47 26.77 22.57
CA ALA D 8 25.74 26.06 23.81
C ALA D 8 27.20 26.18 24.20
N ARG D 9 27.51 25.89 25.47
CA ARG D 9 28.86 25.97 25.97
C ARG D 9 29.41 24.58 26.29
N ILE D 10 30.67 24.34 25.93
CA ILE D 10 31.30 23.05 26.18
C ILE D 10 31.34 22.73 27.67
N GLY D 11 30.93 21.51 28.02
CA GLY D 11 30.93 21.09 29.41
C GLY D 11 29.77 21.66 30.21
N GLU D 12 28.89 22.39 29.55
CA GLU D 12 27.74 22.99 30.23
C GLU D 12 26.49 22.13 30.05
N PRO D 13 25.73 21.91 31.14
CA PRO D 13 24.50 21.09 31.09
C PRO D 13 23.42 21.75 30.23
N LEU D 14 22.70 20.93 29.48
CA LEU D 14 21.63 21.44 28.61
C LEU D 14 20.42 20.52 28.64
N VAL D 15 19.23 21.10 28.67
CA VAL D 15 18.00 20.33 28.70
C VAL D 15 17.08 20.75 27.56
N LEU D 16 16.48 19.77 26.90
CA LEU D 16 15.58 20.04 25.79
C LEU D 16 14.42 19.04 25.77
N LYS D 17 13.29 19.47 25.23
CA LYS D 17 12.11 18.60 25.15
C LYS D 17 11.85 18.16 23.71
N CYS D 18 11.78 16.85 23.51
CA CYS D 18 11.54 16.30 22.19
C CYS D 18 10.26 15.45 22.17
N LYS D 19 9.11 16.13 22.08
CA LYS D 19 7.83 15.44 22.06
C LYS D 19 7.69 14.59 20.80
N GLY D 20 6.52 13.98 20.64
CA GLY D 20 6.27 13.14 19.47
C GLY D 20 5.32 12.01 19.77
N ALA D 21 5.48 11.39 20.94
CA ALA D 21 4.63 10.28 21.34
C ALA D 21 3.17 10.73 21.47
N PRO D 22 2.24 10.14 20.69
CA PRO D 22 0.81 10.50 20.75
C PRO D 22 0.16 10.23 22.13
N LYS D 23 -1.16 10.40 22.21
CA LYS D 23 -1.90 10.21 23.46
C LYS D 23 -1.97 8.72 23.88
N LYS D 24 -1.50 7.85 23.01
CA LYS D 24 -1.50 6.41 23.27
C LYS D 24 -0.33 6.00 24.18
N PRO D 25 -0.34 4.74 24.70
CA PRO D 25 0.75 4.22 25.55
C PRO D 25 2.13 4.43 24.94
N PRO D 26 3.19 4.24 25.73
CA PRO D 26 4.57 4.41 25.25
C PRO D 26 4.87 3.56 24.02
N GLN D 27 4.94 4.20 22.86
CA GLN D 27 5.20 3.51 21.61
C GLN D 27 6.71 3.44 21.34
N ARG D 28 7.06 2.90 20.18
CA ARG D 28 8.47 2.77 19.80
C ARG D 28 9.09 4.13 19.56
N LEU D 29 10.42 4.18 19.55
CA LEU D 29 11.14 5.43 19.32
C LEU D 29 12.56 5.15 18.84
N GLU D 30 13.04 5.98 17.93
CA GLU D 30 14.39 5.84 17.38
C GLU D 30 15.12 7.18 17.37
N TRP D 31 16.38 7.16 17.78
CA TRP D 31 17.20 8.36 17.83
C TRP D 31 18.15 8.41 16.63
N LYS D 32 18.20 9.55 15.96
CA LYS D 32 19.07 9.73 14.81
C LYS D 32 19.61 11.15 14.75
N LEU D 33 20.87 11.28 14.35
CA LEU D 33 21.51 12.59 14.25
C LEU D 33 22.51 12.62 13.11
N ASN D 34 22.61 13.76 12.44
CA ASN D 34 23.54 13.92 11.32
C ASN D 34 24.71 14.81 11.71
N THR D 35 25.93 14.30 11.54
CA THR D 35 27.12 15.06 11.87
C THR D 35 28.27 14.67 10.94
N GLY D 36 29.41 15.35 11.13
CA GLY D 36 30.58 15.05 10.31
C GLY D 36 31.05 13.63 10.45
N ARG D 37 31.27 13.21 11.69
CA ARG D 37 31.74 11.86 11.96
C ARG D 37 30.63 11.03 12.60
N THR D 38 29.78 11.69 13.39
CA THR D 38 28.67 11.02 14.06
C THR D 38 29.19 9.96 15.04
N GLU D 39 29.13 10.29 16.32
CA GLU D 39 29.58 9.37 17.36
C GLU D 39 28.66 9.41 18.58
N ALA D 40 27.45 9.96 18.39
CA ALA D 40 26.49 10.06 19.48
C ALA D 40 25.19 9.35 19.14
N TRP D 41 24.98 9.06 17.85
CA TRP D 41 23.77 8.39 17.40
C TRP D 41 23.58 7.05 18.12
N LYS D 42 22.51 6.95 18.90
CA LYS D 42 22.22 5.74 19.64
C LYS D 42 20.75 5.33 19.47
N VAL D 43 20.47 4.05 19.66
CA VAL D 43 19.10 3.54 19.53
C VAL D 43 18.40 3.53 20.88
N LEU D 44 17.37 4.35 21.02
CA LEU D 44 16.61 4.44 22.26
C LEU D 44 15.41 3.50 22.23
N SER D 45 15.18 2.80 23.33
CA SER D 45 14.06 1.87 23.44
C SER D 45 13.28 2.11 24.73
N PRO D 46 11.96 1.84 24.71
CA PRO D 46 11.09 2.03 25.88
C PRO D 46 11.41 1.05 27.00
N GLN D 47 12.22 0.03 26.69
CA GLN D 47 12.60 -0.97 27.68
C GLN D 47 14.02 -1.46 27.44
N GLY D 48 15.00 -0.64 27.80
CA GLY D 48 16.39 -1.02 27.62
C GLY D 48 17.29 0.19 27.43
N GLY D 49 18.59 -0.02 27.57
CA GLY D 49 19.54 1.07 27.42
C GLY D 49 20.82 0.63 26.74
N GLY D 50 21.62 1.59 26.30
CA GLY D 50 22.87 1.28 25.63
C GLY D 50 24.03 2.13 26.12
N PRO D 51 25.02 2.39 25.26
CA PRO D 51 26.18 3.21 25.63
C PRO D 51 25.83 4.68 25.84
N TRP D 52 25.08 5.23 24.88
CA TRP D 52 24.67 6.64 24.97
C TRP D 52 23.87 6.90 26.23
N ASP D 53 23.31 5.85 26.82
CA ASP D 53 22.52 5.98 28.04
C ASP D 53 23.34 6.63 29.15
N SER D 54 24.64 6.34 29.16
CA SER D 54 25.53 6.90 30.17
C SER D 54 25.94 8.33 29.81
N VAL D 55 25.87 8.65 28.53
CA VAL D 55 26.22 9.99 28.05
C VAL D 55 25.03 10.94 28.18
N ALA D 56 23.83 10.39 28.02
CA ALA D 56 22.62 11.19 28.11
C ALA D 56 21.39 10.30 28.32
N ARG D 57 20.45 10.78 29.13
CA ARG D 57 19.24 10.02 29.42
C ARG D 57 17.99 10.81 29.03
N VAL D 58 16.86 10.11 28.95
CA VAL D 58 15.59 10.73 28.59
C VAL D 58 14.65 10.77 29.80
N LEU D 59 14.13 11.96 30.09
CA LEU D 59 13.21 12.14 31.21
C LEU D 59 11.84 11.52 30.90
N PRO D 60 11.13 11.06 31.95
CA PRO D 60 9.82 10.43 31.79
C PRO D 60 8.88 11.26 30.92
N ASN D 61 9.11 12.58 30.87
CA ASN D 61 8.30 13.47 30.09
C ASN D 61 8.75 13.53 28.64
N GLY D 62 9.73 12.69 28.28
CA GLY D 62 10.24 12.68 26.93
C GLY D 62 11.24 13.79 26.67
N SER D 63 12.11 14.04 27.64
CA SER D 63 13.11 15.08 27.52
C SER D 63 14.50 14.49 27.32
N LEU D 64 15.52 15.34 27.39
CA LEU D 64 16.90 14.90 27.22
C LEU D 64 17.85 15.79 27.99
N PHE D 65 18.67 15.17 28.85
CA PHE D 65 19.63 15.91 29.65
C PHE D 65 21.03 15.32 29.52
N LEU D 66 22.02 16.18 29.33
CA LEU D 66 23.40 15.73 29.18
C LEU D 66 24.27 16.27 30.32
N PRO D 67 25.02 15.40 31.02
CA PRO D 67 25.88 15.81 32.13
C PRO D 67 26.86 16.91 31.73
N ALA D 68 27.32 16.86 30.49
CA ALA D 68 28.25 17.85 29.97
C ALA D 68 28.39 17.74 28.46
N VAL D 69 27.78 18.69 27.74
CA VAL D 69 27.83 18.71 26.29
C VAL D 69 29.19 19.19 25.79
N GLY D 70 29.91 18.32 25.10
CA GLY D 70 31.22 18.68 24.59
C GLY D 70 31.25 18.74 23.06
N ILE D 71 32.45 18.65 22.51
CA ILE D 71 32.61 18.71 21.05
C ILE D 71 31.96 17.51 20.37
N GLN D 72 31.99 16.36 21.06
CA GLN D 72 31.39 15.15 20.52
C GLN D 72 29.88 15.28 20.39
N ASP D 73 29.29 16.09 21.28
CA ASP D 73 27.84 16.32 21.26
C ASP D 73 27.46 17.28 20.15
N GLU D 74 28.44 18.03 19.63
CA GLU D 74 28.19 18.99 18.55
C GLU D 74 27.42 18.35 17.41
N GLY D 75 27.11 19.14 16.39
CA GLY D 75 26.39 18.64 15.25
C GLY D 75 24.91 18.96 15.31
N ILE D 76 24.10 18.11 14.69
CA ILE D 76 22.65 18.33 14.67
C ILE D 76 21.92 17.08 15.16
N PHE D 77 20.98 17.28 16.10
CA PHE D 77 20.22 16.16 16.65
C PHE D 77 18.84 16.08 15.98
N ARG D 78 18.30 14.87 15.91
CA ARG D 78 16.99 14.66 15.30
C ARG D 78 16.20 13.61 16.06
N CYS D 79 14.89 13.79 16.10
CA CYS D 79 14.00 12.84 16.77
C CYS D 79 13.19 12.06 15.75
N GLN D 80 12.77 10.86 16.13
CA GLN D 80 11.98 10.01 15.23
C GLN D 80 11.20 8.97 16.03
N ALA D 81 10.05 8.58 15.49
CA ALA D 81 9.19 7.59 16.14
C ALA D 81 8.72 6.54 15.12
N MET D 82 8.29 5.39 15.63
CA MET D 82 7.82 4.31 14.76
C MET D 82 6.49 3.75 15.26
N ASN D 83 5.43 3.98 14.49
CA ASN D 83 4.11 3.50 14.84
C ASN D 83 3.78 2.22 14.08
N ARG D 84 2.51 1.81 14.11
CA ARG D 84 2.06 0.62 13.40
C ARG D 84 2.03 0.88 11.90
N ASN D 85 1.82 2.13 11.53
CA ASN D 85 1.78 2.54 10.14
C ASN D 85 3.15 3.03 9.70
N GLY D 86 3.94 3.49 10.67
CA GLY D 86 5.27 4.00 10.39
C GLY D 86 5.34 5.51 10.48
N LYS D 87 4.43 6.10 11.28
CA LYS D 87 4.41 7.55 11.45
C LYS D 87 5.62 8.03 12.23
N GLU D 88 6.44 8.86 11.57
CA GLU D 88 7.65 9.38 12.18
C GLU D 88 7.65 10.91 12.20
N THR D 89 8.30 11.48 13.21
CA THR D 89 8.38 12.93 13.31
C THR D 89 9.75 13.43 12.85
N LYS D 90 9.75 14.42 11.97
CA LYS D 90 10.99 14.98 11.44
C LYS D 90 11.31 16.33 12.09
N SER D 91 12.54 16.45 12.61
CA SER D 91 12.98 17.68 13.26
C SER D 91 14.48 17.65 13.52
N ASN D 92 15.19 18.66 13.03
CA ASN D 92 16.64 18.74 13.20
C ASN D 92 17.04 20.05 13.86
N TYR D 93 17.78 19.95 14.96
CA TYR D 93 18.23 21.13 15.69
C TYR D 93 19.75 21.26 15.62
N ARG D 94 20.21 22.41 15.15
CA ARG D 94 21.64 22.67 15.03
C ARG D 94 22.20 23.22 16.35
N VAL D 95 23.17 22.50 16.92
CA VAL D 95 23.78 22.91 18.17
C VAL D 95 25.29 23.07 18.03
N ARG D 96 25.82 24.17 18.56
CA ARG D 96 27.25 24.44 18.48
C ARG D 96 27.75 25.03 19.79
N VAL D 97 28.98 24.67 20.15
CA VAL D 97 29.58 25.15 21.39
C VAL D 97 30.44 26.40 21.15
N TYR D 98 30.72 27.13 22.22
CA TYR D 98 31.53 28.35 22.11
C TYR D 98 32.84 28.07 21.41
N GLN D 99 33.79 27.49 22.13
CA GLN D 99 35.10 27.17 21.58
C GLN D 99 35.05 25.89 20.75
N ILE D 100 35.50 25.98 19.51
CA ILE D 100 35.51 24.83 18.61
C ILE D 100 36.93 24.46 18.22
N PRO D 101 37.13 23.23 17.69
CA PRO D 101 38.45 22.75 17.27
C PRO D 101 38.97 23.49 16.04
N ALA A 2 -13.76 13.91 -16.41
CA ALA A 2 -13.25 13.58 -15.07
C ALA A 2 -12.44 14.74 -14.48
N SER A 3 -12.44 14.79 -13.14
CA SER A 3 -11.70 15.80 -12.38
C SER A 3 -10.18 15.54 -12.43
N PRO A 4 -9.34 16.54 -12.13
CA PRO A 4 -7.88 16.45 -12.20
C PRO A 4 -7.31 15.20 -11.50
N LEU A 5 -7.84 14.87 -10.33
CA LEU A 5 -7.34 13.72 -9.56
C LEU A 5 -7.68 12.38 -10.23
N ASP A 6 -8.93 12.26 -10.68
CA ASP A 6 -9.40 11.06 -11.41
C ASP A 6 -8.66 10.86 -12.74
N GLN A 7 -8.34 11.98 -13.38
CA GLN A 7 -7.60 11.99 -14.65
C GLN A 7 -6.16 11.49 -14.50
N ALA A 8 -5.50 11.97 -13.44
CA ALA A 8 -4.13 11.55 -13.11
C ALA A 8 -4.03 10.05 -12.79
N ILE A 9 -4.95 9.57 -11.95
CA ILE A 9 -5.04 8.13 -11.63
C ILE A 9 -5.30 7.30 -12.89
N GLY A 10 -6.22 7.81 -13.73
CA GLY A 10 -6.59 7.15 -14.98
C GLY A 10 -5.41 7.04 -15.94
N LEU A 11 -4.56 8.07 -15.94
CA LEU A 11 -3.34 8.09 -16.75
C LEU A 11 -2.36 7.01 -16.26
N LEU A 12 -2.19 6.93 -14.94
CA LEU A 12 -1.27 5.97 -14.31
C LEU A 12 -1.67 4.52 -14.56
N VAL A 13 -2.99 4.26 -14.52
CA VAL A 13 -3.55 2.93 -14.79
C VAL A 13 -3.37 2.57 -16.27
N ALA A 14 -3.56 3.58 -17.14
CA ALA A 14 -3.39 3.42 -18.59
C ALA A 14 -1.96 3.05 -18.98
N ILE A 15 -0.99 3.65 -18.28
CA ILE A 15 0.43 3.35 -18.48
C ILE A 15 0.72 1.87 -18.20
N PHE A 16 0.18 1.36 -17.09
CA PHE A 16 0.40 -0.03 -16.69
C PHE A 16 0.00 -1.01 -17.80
N HIS A 17 -1.22 -0.82 -18.31
CA HIS A 17 -1.79 -1.67 -19.36
C HIS A 17 -1.15 -1.47 -20.74
N LYS A 18 -0.56 -0.29 -20.94
CA LYS A 18 0.18 0.03 -22.16
C LYS A 18 1.35 -0.94 -22.39
N TYR A 19 1.91 -1.43 -21.28
CA TYR A 19 3.11 -2.28 -21.29
C TYR A 19 2.83 -3.73 -20.87
N SER A 20 1.86 -3.94 -19.96
CA SER A 20 1.59 -5.27 -19.39
C SER A 20 1.08 -6.28 -20.42
N GLY A 21 0.38 -5.80 -21.46
CA GLY A 21 -0.27 -6.65 -22.45
C GLY A 21 0.65 -7.10 -23.60
N ARG A 22 1.92 -6.68 -23.60
CA ARG A 22 2.82 -6.91 -24.73
C ARG A 22 3.25 -8.38 -24.88
N GLU A 23 3.52 -9.05 -23.75
CA GLU A 23 3.94 -10.45 -23.74
C GLU A 23 3.50 -11.14 -22.44
N GLY A 24 3.56 -12.48 -22.46
CA GLY A 24 3.15 -13.30 -21.33
C GLY A 24 1.73 -12.95 -20.88
N ASP A 25 1.53 -12.91 -19.57
CA ASP A 25 0.23 -12.53 -19.01
C ASP A 25 -0.06 -11.08 -19.37
N LYS A 26 -1.31 -10.82 -19.75
CA LYS A 26 -1.75 -9.49 -20.19
C LYS A 26 -1.81 -8.47 -19.04
N HIS A 27 -2.00 -8.96 -17.81
CA HIS A 27 -2.32 -8.10 -16.66
C HIS A 27 -1.17 -7.99 -15.64
N THR A 28 -0.02 -8.54 -16.00
CA THR A 28 1.16 -8.48 -15.14
C THR A 28 2.38 -8.00 -15.93
N LEU A 29 3.34 -7.44 -15.21
CA LEU A 29 4.56 -6.93 -15.85
C LEU A 29 5.70 -7.93 -15.67
N SER A 30 6.22 -8.43 -16.78
CA SER A 30 7.44 -9.23 -16.80
C SER A 30 8.64 -8.33 -16.47
N LYS A 31 9.82 -8.94 -16.27
CA LYS A 31 11.06 -8.20 -16.06
C LYS A 31 11.36 -7.25 -17.21
N LYS A 32 11.06 -7.72 -18.41
CA LYS A 32 11.26 -6.96 -19.65
C LYS A 32 10.29 -5.77 -19.76
N GLU A 33 9.00 -6.04 -19.51
CA GLU A 33 7.95 -5.02 -19.57
C GLU A 33 8.13 -3.92 -18.54
N LEU A 34 8.47 -4.33 -17.31
CA LEU A 34 8.68 -3.40 -16.20
C LEU A 34 9.91 -2.51 -16.39
N LYS A 35 10.98 -3.09 -16.93
CA LYS A 35 12.21 -2.33 -17.21
C LYS A 35 11.95 -1.27 -18.27
N GLU A 36 11.19 -1.67 -19.27
CA GLU A 36 10.77 -0.80 -20.34
C GLU A 36 9.86 0.34 -19.85
N LEU A 37 8.95 0.00 -18.94
CA LEU A 37 8.06 0.97 -18.30
C LEU A 37 8.89 2.03 -17.56
N ILE A 38 9.88 1.56 -16.79
CA ILE A 38 10.75 2.45 -16.00
C ILE A 38 11.59 3.37 -16.91
N GLN A 39 12.20 2.78 -17.95
CA GLN A 39 13.10 3.50 -18.85
C GLN A 39 12.38 4.55 -19.70
N LYS A 40 11.10 4.33 -19.95
CA LYS A 40 10.30 5.17 -20.87
C LYS A 40 9.36 6.14 -20.14
N GLU A 41 8.95 5.78 -18.92
CA GLU A 41 7.89 6.51 -18.20
C GLU A 41 8.43 7.27 -16.98
N LEU A 42 9.54 6.83 -16.43
CA LEU A 42 10.17 7.48 -15.30
C LEU A 42 11.23 8.46 -15.79
N THR A 43 11.20 9.70 -15.27
CA THR A 43 12.08 10.78 -15.71
C THR A 43 13.56 10.38 -15.72
N ILE A 44 13.96 9.69 -14.64
CA ILE A 44 15.35 9.27 -14.43
C ILE A 44 15.59 7.81 -14.82
N GLY A 45 14.54 7.16 -15.33
CA GLY A 45 14.55 5.72 -15.62
C GLY A 45 15.67 5.28 -16.53
N SER A 46 15.86 6.01 -17.63
CA SER A 46 16.88 5.71 -18.64
C SER A 46 18.32 5.90 -18.14
N LYS A 47 18.48 6.57 -16.99
CA LYS A 47 19.81 6.89 -16.45
C LYS A 47 20.23 5.97 -15.30
N LEU A 48 19.30 5.15 -14.81
CA LEU A 48 19.57 4.19 -13.74
C LEU A 48 20.46 3.05 -14.24
N GLN A 49 21.34 2.60 -13.35
CA GLN A 49 22.15 1.41 -13.61
C GLN A 49 21.24 0.21 -13.85
N ASP A 50 21.66 -0.71 -14.71
CA ASP A 50 20.89 -1.94 -14.97
C ASP A 50 20.71 -2.78 -13.71
N ALA A 51 21.77 -2.82 -12.90
CA ALA A 51 21.77 -3.54 -11.62
C ALA A 51 20.75 -2.97 -10.63
N GLU A 52 20.58 -1.65 -10.65
CA GLU A 52 19.64 -0.96 -9.77
C GLU A 52 18.17 -1.11 -10.20
N ILE A 53 17.93 -1.14 -11.52
CA ILE A 53 16.60 -1.45 -12.06
C ILE A 53 16.21 -2.89 -11.70
N ALA A 54 17.19 -3.79 -11.79
CA ALA A 54 17.01 -5.20 -11.47
C ALA A 54 16.68 -5.42 -9.98
N ARG A 55 17.33 -4.65 -9.11
CA ARG A 55 17.07 -4.69 -7.67
C ARG A 55 15.70 -4.12 -7.33
N LEU A 56 15.36 -3.04 -8.04
CA LEU A 56 14.05 -2.38 -7.91
C LEU A 56 12.90 -3.33 -8.28
N MET A 57 13.05 -4.00 -9.42
CA MET A 57 12.04 -4.96 -9.93
C MET A 57 11.94 -6.20 -9.02
N GLU A 58 13.09 -6.62 -8.52
CA GLU A 58 13.17 -7.79 -7.62
C GLU A 58 12.38 -7.54 -6.33
N ASP A 59 12.59 -6.36 -5.76
CA ASP A 59 11.93 -5.97 -4.50
C ASP A 59 10.42 -5.75 -4.67
N LEU A 60 10.02 -5.19 -5.81
CA LEU A 60 8.61 -4.95 -6.09
C LEU A 60 7.86 -6.28 -6.12
N ASP A 61 8.56 -7.33 -6.53
CA ASP A 61 8.03 -8.68 -6.57
C ASP A 61 8.06 -9.27 -5.16
N ARG A 62 6.97 -9.06 -4.42
CA ARG A 62 6.86 -9.53 -3.04
C ARG A 62 6.40 -10.99 -2.95
N ASN A 63 5.43 -11.36 -3.79
CA ASN A 63 4.90 -12.73 -3.78
C ASN A 63 5.90 -13.71 -4.40
N LYS A 64 6.93 -13.16 -5.05
CA LYS A 64 7.99 -13.93 -5.68
C LYS A 64 7.48 -14.91 -6.73
N ASP A 65 6.95 -14.38 -7.82
CA ASP A 65 6.46 -15.19 -8.93
C ASP A 65 7.04 -14.69 -10.24
N GLN A 66 7.98 -13.75 -10.10
CA GLN A 66 8.68 -13.10 -11.24
C GLN A 66 7.78 -12.18 -12.07
N GLU A 67 6.58 -11.90 -11.53
CA GLU A 67 5.62 -11.04 -12.20
C GLU A 67 5.07 -9.95 -11.24
N VAL A 68 5.05 -8.71 -11.73
CA VAL A 68 4.56 -7.56 -10.97
C VAL A 68 3.13 -7.25 -11.39
N ASN A 69 2.19 -7.68 -10.57
CA ASN A 69 0.78 -7.46 -10.84
C ASN A 69 0.41 -6.01 -10.57
N PHE A 70 -0.86 -5.68 -10.70
CA PHE A 70 -1.29 -4.29 -10.49
C PHE A 70 -1.14 -3.82 -9.03
N GLN A 71 -1.34 -4.75 -8.09
CA GLN A 71 -1.20 -4.43 -6.67
C GLN A 71 0.26 -4.13 -6.32
N GLU A 72 1.19 -4.81 -6.99
CA GLU A 72 2.62 -4.59 -6.76
C GLU A 72 3.05 -3.27 -7.40
N TYR A 73 2.42 -2.96 -8.53
CA TYR A 73 2.65 -1.70 -9.24
C TYR A 73 2.25 -0.48 -8.40
N VAL A 74 1.18 -0.61 -7.62
CA VAL A 74 0.72 0.43 -6.71
C VAL A 74 1.77 0.72 -5.63
N THR A 75 2.48 -0.34 -5.18
CA THR A 75 3.56 -0.19 -4.20
C THR A 75 4.63 0.76 -4.77
N PHE A 76 4.94 0.59 -6.06
CA PHE A 76 5.86 1.46 -6.79
C PHE A 76 5.39 2.92 -6.82
N LEU A 77 4.11 3.11 -7.14
CA LEU A 77 3.47 4.43 -7.14
C LEU A 77 3.53 5.09 -5.77
N GLY A 78 3.31 4.29 -4.74
CA GLY A 78 3.38 4.73 -3.35
C GLY A 78 4.78 5.18 -2.95
N ALA A 79 5.78 4.46 -3.46
CA ALA A 79 7.20 4.78 -3.24
C ALA A 79 7.60 6.10 -3.89
N LEU A 80 7.09 6.33 -5.12
CA LEU A 80 7.31 7.58 -5.85
C LEU A 80 6.68 8.78 -5.15
N ALA A 81 5.47 8.56 -4.63
CA ALA A 81 4.73 9.58 -3.88
C ALA A 81 5.42 9.99 -2.58
N LEU A 82 5.97 8.99 -1.87
CA LEU A 82 6.73 9.23 -0.64
C LEU A 82 8.01 10.03 -0.88
N ILE A 83 8.68 9.73 -2.01
CA ILE A 83 9.90 10.42 -2.41
C ILE A 83 9.64 11.91 -2.66
N TYR A 84 8.61 12.22 -3.45
CA TYR A 84 8.27 13.61 -3.76
C TYR A 84 7.79 14.38 -2.53
N ASN A 85 7.03 13.70 -1.68
CA ASN A 85 6.51 14.28 -0.44
C ASN A 85 7.63 14.63 0.56
N GLU A 86 8.61 13.73 0.67
CA GLU A 86 9.75 13.91 1.57
C GLU A 86 10.65 15.08 1.15
N ALA A 87 10.80 15.25 -0.17
CA ALA A 87 11.60 16.35 -0.74
C ALA A 87 11.00 17.72 -0.43
N LEU A 88 9.65 17.78 -0.51
CA LEU A 88 8.90 19.01 -0.27
C LEU A 88 8.92 19.46 1.19
N LYS A 89 9.06 18.49 2.11
CA LYS A 89 9.10 18.77 3.54
C LYS A 89 10.50 19.24 3.96
N GLY A 90 11.53 18.61 3.39
CA GLY A 90 12.90 18.98 3.71
C GLY A 90 13.86 17.82 3.64
N ALA B 2 9.54 16.93 -16.66
CA ALA B 2 9.25 15.58 -16.15
C ALA B 2 8.40 14.76 -17.12
N SER B 3 8.58 13.44 -17.06
CA SER B 3 7.83 12.48 -17.88
C SER B 3 6.38 12.37 -17.42
N PRO B 4 5.47 11.87 -18.27
CA PRO B 4 4.02 11.77 -17.98
C PRO B 4 3.72 11.14 -16.61
N LEU B 5 4.44 10.09 -16.25
CA LEU B 5 4.20 9.38 -14.98
C LEU B 5 4.60 10.23 -13.76
N ASP B 6 5.79 10.85 -13.85
CA ASP B 6 6.29 11.75 -12.80
C ASP B 6 5.41 12.99 -12.63
N GLN B 7 4.86 13.47 -13.75
CA GLN B 7 3.97 14.63 -13.76
C GLN B 7 2.64 14.35 -13.06
N ALA B 8 2.07 13.18 -13.35
CA ALA B 8 0.82 12.71 -12.72
C ALA B 8 0.96 12.55 -11.21
N ILE B 9 2.03 11.89 -10.76
CA ILE B 9 2.35 11.72 -9.34
C ILE B 9 2.54 13.10 -8.67
N GLY B 10 3.25 13.99 -9.37
CA GLY B 10 3.52 15.34 -8.89
C GLY B 10 2.25 16.15 -8.69
N LEU B 11 1.29 15.93 -9.60
CA LEU B 11 -0.03 16.58 -9.52
C LEU B 11 -0.79 16.09 -8.29
N LEU B 12 -0.76 14.77 -8.06
CA LEU B 12 -1.47 14.13 -6.94
C LEU B 12 -0.92 14.58 -5.57
N VAL B 13 0.41 14.74 -5.50
CA VAL B 13 1.09 15.22 -4.29
C VAL B 13 0.75 16.69 -4.04
N ALA B 14 0.69 17.47 -5.13
CA ALA B 14 0.35 18.90 -5.08
C ALA B 14 -1.07 19.14 -4.56
N ILE B 15 -2.00 18.26 -4.95
CA ILE B 15 -3.39 18.32 -4.49
C ILE B 15 -3.45 18.16 -2.96
N PHE B 16 -2.70 17.20 -2.44
CA PHE B 16 -2.69 16.92 -1.00
C PHE B 16 -2.33 18.17 -0.18
N HIS B 17 -1.23 18.80 -0.58
CA HIS B 17 -0.69 20.00 0.09
C HIS B 17 -1.54 21.25 -0.15
N LYS B 18 -2.29 21.25 -1.25
CA LYS B 18 -3.24 22.34 -1.57
C LYS B 18 -4.29 22.52 -0.48
N TYR B 19 -4.63 21.40 0.19
CA TYR B 19 -5.71 21.36 1.19
C TYR B 19 -5.20 21.13 2.62
N SER B 20 -4.09 20.38 2.77
CA SER B 20 -3.58 19.99 4.09
C SER B 20 -3.11 21.17 4.93
N GLY B 21 -2.62 22.24 4.27
CA GLY B 21 -2.01 23.38 4.94
C GLY B 21 -3.01 24.45 5.40
N ARG B 22 -4.31 24.25 5.17
CA ARG B 22 -5.33 25.27 5.41
C ARG B 22 -5.59 25.53 6.91
N GLU B 23 -5.62 24.45 7.70
CA GLU B 23 -5.86 24.54 9.14
C GLU B 23 -5.16 23.38 9.88
N GLY B 24 -5.05 23.54 11.20
CA GLY B 24 -4.39 22.56 12.05
C GLY B 24 -2.98 22.26 11.56
N ASP B 25 -2.60 20.98 11.60
CA ASP B 25 -1.29 20.54 11.11
C ASP B 25 -1.23 20.79 9.60
N LYS B 26 -0.10 21.30 9.15
CA LYS B 26 0.11 21.64 7.73
C LYS B 26 0.21 20.41 6.83
N HIS B 27 0.62 19.27 7.38
CA HIS B 27 0.99 18.08 6.60
C HIS B 27 -0.03 16.93 6.74
N THR B 28 -1.14 17.19 7.41
CA THR B 28 -2.19 16.19 7.59
C THR B 28 -3.55 16.77 7.21
N LEU B 29 -4.47 15.89 6.85
CA LEU B 29 -5.82 16.30 6.48
C LEU B 29 -6.79 16.09 7.62
N SER B 30 -7.39 17.19 8.09
CA SER B 30 -8.49 17.15 9.04
C SER B 30 -9.74 16.57 8.36
N LYS B 31 -10.79 16.30 9.14
CA LYS B 31 -12.07 15.86 8.60
C LYS B 31 -12.64 16.84 7.60
N LYS B 32 -12.46 18.13 7.91
CA LYS B 32 -12.91 19.25 7.07
C LYS B 32 -12.13 19.35 5.76
N GLU B 33 -10.79 19.28 5.88
CA GLU B 33 -9.90 19.36 4.71
C GLU B 33 -10.08 18.21 3.75
N LEU B 34 -10.19 17.00 4.31
CA LEU B 34 -10.35 15.77 3.52
C LEU B 34 -11.71 15.71 2.81
N LYS B 35 -12.77 16.17 3.48
CA LYS B 35 -14.09 16.22 2.87
C LYS B 35 -14.13 17.18 1.69
N GLU B 36 -13.46 18.30 1.88
CA GLU B 36 -13.30 19.33 0.87
C GLU B 36 -12.49 18.82 -0.34
N LEU B 37 -11.42 18.08 -0.04
CA LEU B 37 -10.59 17.44 -1.07
C LEU B 37 -11.43 16.50 -1.92
N ILE B 38 -12.24 15.66 -1.26
CA ILE B 38 -13.11 14.69 -1.94
C ILE B 38 -14.16 15.39 -2.81
N GLN B 39 -14.83 16.40 -2.24
CA GLN B 39 -15.93 17.10 -2.91
C GLN B 39 -15.48 17.91 -4.13
N LYS B 40 -14.21 18.35 -4.11
CA LYS B 40 -13.67 19.26 -5.12
C LYS B 40 -12.77 18.55 -6.14
N GLU B 41 -12.15 17.43 -5.73
CA GLU B 41 -11.11 16.77 -6.54
C GLU B 41 -11.56 15.42 -7.11
N LEU B 42 -12.53 14.79 -6.47
CA LEU B 42 -13.07 13.53 -6.92
C LEU B 42 -14.31 13.78 -7.79
N THR B 43 -14.36 13.13 -8.96
CA THR B 43 -15.42 13.34 -9.94
C THR B 43 -16.83 13.19 -9.34
N ILE B 44 -16.99 12.16 -8.51
CA ILE B 44 -18.27 11.84 -7.89
C ILE B 44 -18.37 12.35 -6.45
N GLY B 45 -17.33 13.06 -5.99
CA GLY B 45 -17.19 13.49 -4.60
C GLY B 45 -18.37 14.30 -4.09
N SER B 46 -18.80 15.29 -4.89
CA SER B 46 -19.90 16.20 -4.54
C SER B 46 -21.27 15.50 -4.48
N LYS B 47 -21.37 14.27 -5.02
CA LYS B 47 -22.63 13.54 -5.10
C LYS B 47 -22.76 12.45 -4.02
N LEU B 48 -21.68 12.18 -3.30
CA LEU B 48 -21.68 11.19 -2.22
C LEU B 48 -22.48 11.70 -1.03
N GLN B 49 -23.18 10.76 -0.37
CA GLN B 49 -23.85 11.05 0.89
C GLN B 49 -22.84 11.52 1.92
N ASP B 50 -23.25 12.42 2.82
CA ASP B 50 -22.38 12.90 3.90
C ASP B 50 -21.92 11.78 4.81
N ALA B 51 -22.85 10.85 5.08
CA ALA B 51 -22.59 9.66 5.90
C ALA B 51 -21.52 8.74 5.29
N GLU B 52 -21.53 8.65 3.95
CA GLU B 52 -20.57 7.81 3.22
C GLU B 52 -19.16 8.44 3.14
N ILE B 53 -19.10 9.77 3.00
CA ILE B 53 -17.83 10.51 3.07
C ILE B 53 -17.22 10.35 4.48
N ALA B 54 -18.08 10.42 5.49
CA ALA B 54 -17.67 10.27 6.89
C ALA B 54 -17.12 8.88 7.20
N ARG B 55 -17.74 7.86 6.60
CA ARG B 55 -17.29 6.47 6.75
C ARG B 55 -15.96 6.24 6.01
N LEU B 56 -15.86 6.86 4.84
CA LEU B 56 -14.64 6.83 4.02
C LEU B 56 -13.44 7.43 4.77
N MET B 57 -13.65 8.61 5.34
CA MET B 57 -12.61 9.33 6.10
C MET B 57 -12.23 8.60 7.39
N GLU B 58 -13.25 7.99 8.02
CA GLU B 58 -13.06 7.23 9.25
C GLU B 58 -12.14 6.03 9.02
N ASP B 59 -12.41 5.31 7.94
CA ASP B 59 -11.64 4.11 7.58
C ASP B 59 -10.21 4.44 7.13
N LEU B 60 -10.04 5.55 6.41
CA LEU B 60 -8.72 5.98 5.96
C LEU B 60 -7.83 6.25 7.16
N ASP B 61 -8.45 6.70 8.25
CA ASP B 61 -7.75 6.97 9.49
C ASP B 61 -7.51 5.65 10.23
N ARG B 62 -6.42 4.97 9.86
CA ARG B 62 -6.07 3.68 10.43
C ARG B 62 -5.44 3.79 11.82
N ASN B 63 -4.55 4.76 12.00
CA ASN B 63 -3.89 4.95 13.28
C ASN B 63 -4.86 5.51 14.33
N LYS B 64 -5.99 6.04 13.86
CA LYS B 64 -7.04 6.59 14.72
C LYS B 64 -6.57 7.81 15.52
N ASP B 65 -6.07 8.83 14.83
CA ASP B 65 -5.62 10.06 15.48
C ASP B 65 -6.42 11.24 14.96
N GLN B 66 -7.42 10.92 14.10
CA GLN B 66 -8.32 11.90 13.49
C GLN B 66 -7.62 12.76 12.43
N GLU B 67 -6.44 12.32 12.00
CA GLU B 67 -5.68 13.05 10.99
C GLU B 67 -5.15 12.10 9.91
N VAL B 68 -5.48 12.40 8.66
CA VAL B 68 -5.06 11.59 7.53
C VAL B 68 -3.74 12.16 6.98
N ASN B 69 -2.65 11.48 7.34
CA ASN B 69 -1.33 11.88 6.91
C ASN B 69 -1.11 11.51 5.46
N PHE B 70 0.08 11.76 4.94
CA PHE B 70 0.36 11.45 3.53
C PHE B 70 0.34 9.94 3.24
N GLN B 71 0.77 9.13 4.20
CA GLN B 71 0.78 7.68 4.04
C GLN B 71 -0.64 7.13 3.96
N GLU B 72 -1.55 7.71 4.75
CA GLU B 72 -2.95 7.30 4.75
C GLU B 72 -3.63 7.75 3.46
N TYR B 73 -3.20 8.92 2.97
CA TYR B 73 -3.68 9.47 1.71
C TYR B 73 -3.35 8.57 0.52
N VAL B 74 -2.18 7.92 0.56
CA VAL B 74 -1.76 6.97 -0.46
C VAL B 74 -2.69 5.75 -0.49
N THR B 75 -3.19 5.34 0.68
CA THR B 75 -4.15 4.23 0.77
C THR B 75 -5.39 4.57 -0.08
N PHE B 76 -5.84 5.82 0.02
CA PHE B 76 -6.94 6.34 -0.79
C PHE B 76 -6.66 6.27 -2.30
N LEU B 77 -5.45 6.70 -2.68
CA LEU B 77 -5.00 6.62 -4.08
C LEU B 77 -4.97 5.19 -4.59
N GLY B 78 -4.52 4.28 -3.71
CA GLY B 78 -4.47 2.85 -4.01
C GLY B 78 -5.85 2.24 -4.22
N ALA B 79 -6.81 2.73 -3.43
CA ALA B 79 -8.21 2.31 -3.54
C ALA B 79 -8.86 2.76 -4.85
N LEU B 80 -8.54 4.00 -5.26
CA LEU B 80 -9.00 4.55 -6.54
C LEU B 80 -8.44 3.80 -7.74
N ALA B 81 -7.16 3.44 -7.63
CA ALA B 81 -6.45 2.68 -8.67
C ALA B 81 -7.02 1.26 -8.85
N LEU B 82 -7.36 0.63 -7.72
CA LEU B 82 -7.98 -0.71 -7.73
C LEU B 82 -9.37 -0.70 -8.38
N ILE B 83 -10.12 0.38 -8.10
CA ILE B 83 -11.46 0.56 -8.65
C ILE B 83 -11.42 0.66 -10.18
N TYR B 84 -10.55 1.52 -10.70
CA TYR B 84 -10.42 1.71 -12.15
C TYR B 84 -9.89 0.46 -12.86
N ASN B 85 -8.94 -0.22 -12.20
CA ASN B 85 -8.35 -1.45 -12.72
C ASN B 85 -9.37 -2.59 -12.82
N GLU B 86 -10.20 -2.74 -11.78
CA GLU B 86 -11.22 -3.77 -11.75
C GLU B 86 -12.29 -3.57 -12.84
N ALA B 87 -12.65 -2.30 -13.08
CA ALA B 87 -13.64 -1.95 -14.10
C ALA B 87 -13.17 -2.34 -15.51
N LEU B 88 -11.88 -2.13 -15.75
CA LEU B 88 -11.25 -2.42 -17.04
C LEU B 88 -11.15 -3.92 -17.34
N LYS B 89 -11.01 -4.72 -16.29
CA LYS B 89 -10.89 -6.17 -16.44
C LYS B 89 -12.25 -6.82 -16.68
N GLY B 90 -13.30 -6.24 -16.12
CA GLY B 90 -14.64 -6.77 -16.31
C GLY B 90 -15.46 -6.72 -15.03
N ALA C 1 -18.79 -5.99 -15.27
CA ALA C 1 -19.50 -7.27 -15.01
C ALA C 1 -19.51 -8.14 -16.26
N MET C 2 -18.78 -9.25 -16.22
CA MET C 2 -18.72 -10.16 -17.36
C MET C 2 -19.01 -11.60 -16.93
N ALA C 3 -19.69 -12.34 -17.80
CA ALA C 3 -20.05 -13.73 -17.53
C ALA C 3 -20.20 -14.52 -18.83
N GLN C 4 -19.75 -15.77 -18.81
CA GLN C 4 -19.84 -16.63 -19.98
C GLN C 4 -21.16 -17.39 -19.99
N ASN C 5 -21.77 -17.46 -21.18
CA ASN C 5 -23.05 -18.17 -21.33
C ASN C 5 -22.82 -19.65 -21.58
N ILE C 6 -23.19 -20.47 -20.60
CA ILE C 6 -23.03 -21.91 -20.72
C ILE C 6 -24.33 -22.64 -20.41
N THR C 7 -24.77 -23.49 -21.34
CA THR C 7 -26.00 -24.24 -21.17
C THR C 7 -25.73 -25.61 -20.52
N ALA C 8 -26.60 -26.02 -19.62
CA ALA C 8 -26.45 -27.28 -18.94
C ALA C 8 -27.81 -27.93 -18.67
N ARG C 9 -27.80 -29.23 -18.40
CA ARG C 9 -29.03 -29.96 -18.13
C ARG C 9 -29.08 -30.40 -16.66
N ILE C 10 -30.27 -30.26 -16.06
CA ILE C 10 -30.46 -30.64 -14.66
C ILE C 10 -30.16 -32.12 -14.43
N GLY C 11 -29.38 -32.41 -13.41
CA GLY C 11 -29.02 -33.78 -13.09
C GLY C 11 -27.97 -34.36 -14.02
N GLU C 12 -27.45 -33.55 -14.92
CA GLU C 12 -26.42 -34.00 -15.86
C GLU C 12 -25.02 -33.63 -15.36
N PRO C 13 -24.07 -34.57 -15.43
CA PRO C 13 -22.69 -34.32 -14.99
C PRO C 13 -21.99 -33.28 -15.86
N LEU C 14 -21.20 -32.42 -15.23
CA LEU C 14 -20.47 -31.38 -15.95
C LEU C 14 -19.07 -31.20 -15.40
N VAL C 15 -18.10 -31.02 -16.30
CA VAL C 15 -16.71 -30.84 -15.90
C VAL C 15 -16.15 -29.56 -16.49
N LEU C 16 -15.41 -28.81 -15.67
CA LEU C 16 -14.81 -27.56 -16.11
C LEU C 16 -13.44 -27.36 -15.47
N LYS C 17 -12.58 -26.62 -16.16
CA LYS C 17 -11.23 -26.35 -15.66
C LYS C 17 -11.10 -24.91 -15.20
N CYS C 18 -10.69 -24.71 -13.96
CA CYS C 18 -10.52 -23.37 -13.41
C CYS C 18 -9.08 -23.14 -12.95
N LYS C 19 -8.21 -22.85 -13.90
CA LYS C 19 -6.79 -22.61 -13.61
C LYS C 19 -6.62 -21.36 -12.75
N GLY C 20 -5.37 -21.01 -12.48
CA GLY C 20 -5.09 -19.83 -11.67
C GLY C 20 -3.81 -19.98 -10.86
N ALA C 21 -3.61 -21.16 -10.30
CA ALA C 21 -2.42 -21.43 -9.50
C ALA C 21 -1.15 -21.30 -10.34
N PRO C 22 -0.23 -20.36 -9.99
CA PRO C 22 1.02 -20.14 -10.72
C PRO C 22 1.95 -21.37 -10.73
N LYS C 23 3.15 -21.21 -11.27
CA LYS C 23 4.13 -22.29 -11.35
C LYS C 23 4.69 -22.67 -9.99
N LYS C 24 4.38 -21.85 -8.98
CA LYS C 24 4.83 -22.10 -7.61
C LYS C 24 4.02 -23.23 -6.98
N PRO C 25 4.46 -23.77 -5.82
CA PRO C 25 3.74 -24.84 -5.12
C PRO C 25 2.26 -24.51 -4.90
N PRO C 26 1.45 -25.50 -4.50
CA PRO C 26 0.02 -25.30 -4.25
C PRO C 26 -0.24 -24.19 -3.24
N GLN C 27 -0.71 -23.04 -3.74
CA GLN C 27 -0.98 -21.90 -2.88
C GLN C 27 -2.43 -21.93 -2.40
N ARG C 28 -2.82 -20.89 -1.67
CA ARG C 28 -4.18 -20.81 -1.14
C ARG C 28 -5.19 -20.63 -2.27
N LEU C 29 -6.46 -20.89 -1.96
CA LEU C 29 -7.53 -20.76 -2.96
C LEU C 29 -8.88 -20.58 -2.26
N GLU C 30 -9.73 -19.74 -2.86
CA GLU C 30 -11.06 -19.48 -2.30
C GLU C 30 -12.12 -19.55 -3.39
N TRP C 31 -13.23 -20.21 -3.08
CA TRP C 31 -14.33 -20.36 -4.02
C TRP C 31 -15.45 -19.37 -3.71
N LYS C 32 -15.93 -18.69 -4.73
CA LYS C 32 -17.02 -17.71 -4.56
C LYS C 32 -17.93 -17.70 -5.78
N LEU C 33 -19.23 -17.55 -5.53
CA LEU C 33 -20.21 -17.53 -6.61
C LEU C 33 -21.38 -16.61 -6.27
N ASN C 34 -21.90 -15.92 -7.26
CA ASN C 34 -23.02 -15.01 -7.06
C ASN C 34 -24.31 -15.57 -7.65
N THR C 35 -25.34 -15.68 -6.83
CA THR C 35 -26.62 -16.19 -7.28
C THR C 35 -27.76 -15.54 -6.52
N GLY C 36 -28.99 -15.91 -6.88
CA GLY C 36 -30.15 -15.36 -6.22
C GLY C 36 -30.18 -15.65 -4.74
N ARG C 37 -30.06 -16.93 -4.39
CA ARG C 37 -30.08 -17.35 -3.00
C ARG C 37 -28.68 -17.80 -2.56
N THR C 38 -27.92 -18.36 -3.49
CA THR C 38 -26.57 -18.83 -3.20
C THR C 38 -26.60 -19.94 -2.15
N GLU C 39 -26.39 -21.18 -2.60
CA GLU C 39 -26.38 -22.32 -1.70
C GLU C 39 -25.31 -23.32 -2.11
N ALA C 40 -24.35 -22.88 -2.93
CA ALA C 40 -23.27 -23.75 -3.38
C ALA C 40 -21.90 -23.18 -3.02
N TRP C 41 -21.86 -21.89 -2.66
CA TRP C 41 -20.62 -21.25 -2.29
C TRP C 41 -19.94 -21.97 -1.12
N LYS C 42 -18.77 -22.52 -1.39
CA LYS C 42 -18.02 -23.26 -0.37
C LYS C 42 -16.56 -22.81 -0.35
N VAL C 43 -15.90 -23.01 0.79
CA VAL C 43 -14.49 -22.62 0.92
C VAL C 43 -13.57 -23.81 0.63
N LEU C 44 -12.81 -23.70 -0.45
CA LEU C 44 -11.89 -24.76 -0.86
C LEU C 44 -10.51 -24.52 -0.27
N SER C 45 -9.90 -25.60 0.24
CA SER C 45 -8.57 -25.52 0.83
C SER C 45 -7.67 -26.62 0.27
N PRO C 46 -6.35 -26.35 0.19
CA PRO C 46 -5.38 -27.32 -0.34
C PRO C 46 -5.21 -28.52 0.58
N GLN C 47 -5.73 -28.42 1.80
CA GLN C 47 -5.64 -29.50 2.77
C GLN C 47 -6.88 -29.58 3.63
N GLY C 48 -7.98 -30.09 3.06
CA GLY C 48 -9.23 -30.20 3.80
C GLY C 48 -10.44 -30.15 2.91
N GLY C 49 -11.59 -30.55 3.44
CA GLY C 49 -12.82 -30.54 2.66
C GLY C 49 -14.02 -30.15 3.48
N GLY C 50 -15.12 -29.83 2.81
CA GLY C 50 -16.33 -29.44 3.50
C GLY C 50 -17.57 -30.12 2.95
N PRO C 51 -18.74 -29.46 3.03
CA PRO C 51 -20.00 -30.02 2.52
C PRO C 51 -20.03 -30.08 0.99
N TRP C 52 -19.65 -28.98 0.35
CA TRP C 52 -19.63 -28.92 -1.10
C TRP C 52 -18.72 -29.98 -1.70
N ASP C 53 -17.80 -30.50 -0.89
CA ASP C 53 -16.86 -31.52 -1.34
C ASP C 53 -17.63 -32.74 -1.86
N SER C 54 -18.77 -33.02 -1.24
CA SER C 54 -19.59 -34.16 -1.65
C SER C 54 -20.43 -33.83 -2.87
N VAL C 55 -20.69 -32.55 -3.07
CA VAL C 55 -21.46 -32.09 -4.22
C VAL C 55 -20.59 -31.94 -5.46
N ALA C 56 -19.33 -31.56 -5.23
CA ALA C 56 -18.38 -31.37 -6.33
C ALA C 56 -16.95 -31.39 -5.81
N ARG C 57 -16.04 -31.97 -6.59
CA ARG C 57 -14.64 -32.04 -6.21
C ARG C 57 -13.75 -31.37 -7.25
N VAL C 58 -12.50 -31.11 -6.88
CA VAL C 58 -11.54 -30.48 -7.77
C VAL C 58 -10.45 -31.47 -8.18
N LEU C 59 -10.24 -31.60 -9.49
CA LEU C 59 -9.22 -32.51 -10.00
C LEU C 59 -7.81 -31.96 -9.73
N PRO C 60 -6.82 -32.85 -9.58
CA PRO C 60 -5.44 -32.48 -9.31
C PRO C 60 -4.93 -31.40 -10.27
N ASN C 61 -5.52 -31.34 -11.47
CA ASN C 61 -5.14 -30.37 -12.47
C ASN C 61 -5.86 -29.04 -12.26
N GLY C 62 -6.61 -28.92 -11.17
CA GLY C 62 -7.33 -27.70 -10.88
C GLY C 62 -8.62 -27.60 -11.67
N SER C 63 -9.34 -28.71 -11.76
CA SER C 63 -10.60 -28.74 -12.49
C SER C 63 -11.78 -28.85 -11.54
N LEU C 64 -12.96 -29.07 -12.10
CA LEU C 64 -14.17 -29.21 -11.30
C LEU C 64 -15.18 -30.12 -11.98
N PHE C 65 -15.63 -31.14 -11.26
CA PHE C 65 -16.60 -32.08 -11.79
C PHE C 65 -17.78 -32.25 -10.84
N LEU C 66 -18.99 -32.23 -11.38
CA LEU C 66 -20.20 -32.38 -10.58
C LEU C 66 -20.96 -33.65 -10.99
N PRO C 67 -21.30 -34.52 -10.01
CA PRO C 67 -22.03 -35.76 -10.29
C PRO C 67 -23.33 -35.51 -11.05
N ALA C 68 -23.98 -34.39 -10.76
CA ALA C 68 -25.22 -34.02 -11.42
C ALA C 68 -25.59 -32.57 -11.12
N VAL C 69 -25.40 -31.71 -12.13
CA VAL C 69 -25.72 -30.29 -12.00
C VAL C 69 -27.23 -30.06 -12.05
N GLY C 70 -27.78 -29.56 -10.95
CA GLY C 70 -29.21 -29.30 -10.91
C GLY C 70 -29.53 -27.82 -10.82
N ILE C 71 -30.74 -27.51 -10.35
CA ILE C 71 -31.17 -26.11 -10.24
C ILE C 71 -30.34 -25.38 -9.19
N GLN C 72 -29.93 -26.10 -8.15
CA GLN C 72 -29.12 -25.51 -7.08
C GLN C 72 -27.76 -25.09 -7.60
N ASP C 73 -27.27 -25.79 -8.61
CA ASP C 73 -25.97 -25.48 -9.21
C ASP C 73 -26.07 -24.28 -10.13
N GLU C 74 -27.29 -23.92 -10.54
CA GLU C 74 -27.51 -22.78 -11.42
C GLU C 74 -26.82 -21.53 -10.90
N GLY C 75 -26.92 -20.44 -11.65
CA GLY C 75 -26.31 -19.20 -11.23
C GLY C 75 -24.98 -18.96 -11.93
N ILE C 76 -24.10 -18.23 -11.28
CA ILE C 76 -22.79 -17.91 -11.86
C ILE C 76 -21.68 -18.31 -10.90
N PHE C 77 -20.69 -19.02 -11.42
CA PHE C 77 -19.54 -19.46 -10.62
C PHE C 77 -18.35 -18.53 -10.83
N ARG C 78 -17.51 -18.41 -9.81
CA ARG C 78 -16.34 -17.56 -9.88
C ARG C 78 -15.17 -18.16 -9.13
N CYS C 79 -13.97 -18.00 -9.68
CA CYS C 79 -12.74 -18.52 -9.07
C CYS C 79 -11.93 -17.39 -8.47
N GLN C 80 -11.12 -17.70 -7.47
CA GLN C 80 -10.28 -16.71 -6.82
C GLN C 80 -9.12 -17.37 -6.08
N ALA C 81 -8.01 -16.64 -5.99
CA ALA C 81 -6.82 -17.14 -5.32
C ALA C 81 -6.24 -16.08 -4.39
N MET C 82 -5.42 -16.52 -3.43
CA MET C 82 -4.81 -15.60 -2.48
C MET C 82 -3.32 -15.87 -2.34
N ASN C 83 -2.50 -14.93 -2.80
CA ASN C 83 -1.05 -15.07 -2.71
C ASN C 83 -0.52 -14.23 -1.55
N ARG C 84 0.81 -14.12 -1.47
CA ARG C 84 1.45 -13.34 -0.41
C ARG C 84 1.23 -11.85 -0.61
N ASN C 85 1.08 -11.44 -1.86
CA ASN C 85 0.84 -10.04 -2.19
C ASN C 85 -0.67 -9.77 -2.29
N GLY C 86 -1.40 -10.75 -2.80
CA GLY C 86 -2.83 -10.62 -2.95
C GLY C 86 -3.30 -10.85 -4.37
N LYS C 87 -2.45 -11.50 -5.17
CA LYS C 87 -2.77 -11.78 -6.57
C LYS C 87 -3.94 -12.76 -6.67
N GLU C 88 -5.00 -12.31 -7.35
CA GLU C 88 -6.20 -13.13 -7.52
C GLU C 88 -6.65 -13.14 -8.97
N THR C 89 -7.35 -14.21 -9.36
CA THR C 89 -7.87 -14.34 -10.71
C THR C 89 -9.37 -14.10 -10.74
N LYS C 90 -9.81 -13.23 -11.65
CA LYS C 90 -11.24 -12.90 -11.77
C LYS C 90 -11.85 -13.55 -13.02
N SER C 91 -12.96 -14.27 -12.83
CA SER C 91 -13.64 -14.94 -13.93
C SER C 91 -15.02 -15.44 -13.48
N ASN C 92 -16.05 -15.04 -14.21
CA ASN C 92 -17.41 -15.45 -13.88
C ASN C 92 -18.09 -16.13 -15.07
N TYR C 93 -18.59 -17.33 -14.85
CA TYR C 93 -19.26 -18.09 -15.90
C TYR C 93 -20.75 -18.27 -15.58
N ARG C 94 -21.60 -17.85 -16.51
CA ARG C 94 -23.04 -17.96 -16.33
C ARG C 94 -23.53 -19.33 -16.79
N VAL C 95 -24.14 -20.08 -15.88
CA VAL C 95 -24.66 -21.39 -16.21
C VAL C 95 -26.15 -21.51 -15.91
N ARG C 96 -26.90 -22.07 -16.85
CA ARG C 96 -28.33 -22.23 -16.69
C ARG C 96 -28.79 -23.57 -17.22
N VAL C 97 -29.79 -24.15 -16.56
CA VAL C 97 -30.31 -25.46 -16.94
C VAL C 97 -31.53 -25.32 -17.85
N TYR C 98 -31.86 -26.39 -18.57
CA TYR C 98 -32.99 -26.38 -19.49
C TYR C 98 -34.27 -25.92 -18.78
N GLN C 99 -34.87 -26.81 -18.01
CA GLN C 99 -36.10 -26.50 -17.29
C GLN C 99 -35.79 -25.72 -16.01
N ILE C 100 -36.42 -24.57 -15.86
CA ILE C 100 -36.22 -23.73 -14.68
C ILE C 100 -37.50 -23.60 -13.88
N PRO C 101 -37.41 -23.15 -12.61
CA PRO C 101 -38.57 -22.98 -11.74
C PRO C 101 -39.46 -21.82 -12.18
N ALA D 1 17.83 17.20 2.77
CA ALA D 1 18.68 17.09 3.99
C ALA D 1 18.68 18.41 4.75
N MET D 2 18.08 18.41 5.94
CA MET D 2 18.02 19.60 6.77
C MET D 2 18.49 19.32 8.19
N ALA D 3 19.15 20.30 8.80
CA ALA D 3 19.64 20.18 10.17
C ALA D 3 19.73 21.55 10.85
N GLN D 4 19.40 21.59 12.13
CA GLN D 4 19.44 22.82 12.88
C GLN D 4 20.82 23.04 13.51
N ASN D 5 21.30 24.27 13.44
CA ASN D 5 22.62 24.61 13.99
C ASN D 5 22.50 24.96 15.47
N ILE D 6 23.03 24.09 16.33
CA ILE D 6 22.98 24.31 17.77
C ILE D 6 24.38 24.19 18.39
N THR D 7 24.78 25.22 19.12
CA THR D 7 26.09 25.23 19.76
C THR D 7 26.00 24.68 21.19
N ALA D 8 27.01 23.91 21.57
CA ALA D 8 27.04 23.33 22.90
C ALA D 8 28.46 23.24 23.43
N ARG D 9 28.60 23.06 24.74
CA ARG D 9 29.91 22.98 25.37
C ARG D 9 30.16 21.58 25.90
N ILE D 10 31.39 21.09 25.69
CA ILE D 10 31.76 19.75 26.15
C ILE D 10 31.61 19.61 27.67
N GLY D 11 30.96 18.54 28.11
CA GLY D 11 30.78 18.31 29.53
C GLY D 11 29.69 19.17 30.14
N GLU D 12 29.01 19.94 29.32
CA GLU D 12 27.93 20.81 29.80
C GLU D 12 26.56 20.15 29.60
N PRO D 13 25.69 20.20 30.61
CA PRO D 13 24.34 19.61 30.54
C PRO D 13 23.48 20.32 29.50
N LEU D 14 22.67 19.55 28.77
CA LEU D 14 21.80 20.11 27.75
C LEU D 14 20.45 19.41 27.75
N VAL D 15 19.38 20.20 27.61
CA VAL D 15 18.02 19.65 27.59
C VAL D 15 17.28 20.08 26.33
N LEU D 16 16.58 19.13 25.73
CA LEU D 16 15.83 19.40 24.50
C LEU D 16 14.53 18.62 24.48
N LYS D 17 13.53 19.16 23.78
CA LYS D 17 12.23 18.50 23.68
C LYS D 17 12.01 17.93 22.28
N CYS D 18 11.71 16.63 22.22
CA CYS D 18 11.49 15.96 20.95
C CYS D 18 10.09 15.35 20.90
N LYS D 19 9.09 16.19 20.62
CA LYS D 19 7.72 15.73 20.54
C LYS D 19 7.52 14.77 19.39
N GLY D 20 6.28 14.34 19.17
CA GLY D 20 5.98 13.42 18.09
C GLY D 20 4.82 12.51 18.41
N ALA D 21 4.77 12.02 19.65
CA ALA D 21 3.70 11.13 20.09
C ALA D 21 2.34 11.84 20.02
N PRO D 22 1.40 11.32 19.21
CA PRO D 22 0.06 11.92 19.06
C PRO D 22 -0.74 11.94 20.38
N LYS D 23 -2.01 12.36 20.29
CA LYS D 23 -2.88 12.44 21.47
C LYS D 23 -3.28 11.05 21.99
N LYS D 24 -2.93 10.02 21.24
CA LYS D 24 -3.22 8.64 21.63
C LYS D 24 -2.25 8.16 22.71
N PRO D 25 -2.51 7.01 23.35
CA PRO D 25 -1.63 6.47 24.40
C PRO D 25 -0.18 6.36 23.94
N PRO D 26 0.75 6.13 24.87
CA PRO D 26 2.18 6.01 24.55
C PRO D 26 2.45 4.95 23.49
N GLN D 27 2.75 5.39 22.28
CA GLN D 27 3.01 4.47 21.18
C GLN D 27 4.50 4.14 21.11
N ARG D 28 4.88 3.37 20.09
CA ARG D 28 6.28 2.97 19.91
C ARG D 28 7.15 4.16 19.56
N LEU D 29 8.45 4.01 19.71
CA LEU D 29 9.39 5.08 19.40
C LEU D 29 10.79 4.52 19.15
N GLU D 30 11.50 5.11 18.19
CA GLU D 30 12.84 4.68 17.84
C GLU D 30 13.79 5.87 17.74
N TRP D 31 14.97 5.71 18.31
CA TRP D 31 15.98 6.77 18.28
C TRP D 31 17.04 6.49 17.22
N LYS D 32 17.35 7.50 16.41
CA LYS D 32 18.35 7.35 15.36
C LYS D 32 19.13 8.64 15.17
N LEU D 33 20.43 8.51 14.92
CA LEU D 33 21.28 9.68 14.72
C LEU D 33 22.40 9.38 13.71
N ASN D 34 22.75 10.36 12.91
CA ASN D 34 23.79 10.20 11.91
C ASN D 34 25.06 10.95 12.31
N THR D 35 26.18 10.25 12.36
CA THR D 35 27.44 10.86 12.73
C THR D 35 28.60 10.16 12.03
N GLY D 36 29.81 10.67 12.24
CA GLY D 36 30.99 10.08 11.62
C GLY D 36 31.19 8.64 12.03
N ARG D 37 31.22 8.40 13.33
CA ARG D 37 31.41 7.05 13.86
C ARG D 37 30.12 6.51 14.46
N THR D 38 29.32 7.41 15.03
CA THR D 38 28.06 7.03 15.64
C THR D 38 28.29 6.07 16.82
N GLU D 39 28.15 6.60 18.03
CA GLU D 39 28.34 5.81 19.23
C GLU D 39 27.31 6.18 20.30
N ALA D 40 26.26 6.88 19.90
CA ALA D 40 25.21 7.29 20.82
C ALA D 40 23.84 6.74 20.42
N TRP D 41 23.73 6.29 19.18
CA TRP D 41 22.47 5.75 18.68
C TRP D 41 21.99 4.58 19.56
N LYS D 42 20.84 4.78 20.19
CA LYS D 42 20.27 3.75 21.07
C LYS D 42 18.79 3.55 20.76
N VAL D 43 18.27 2.38 21.11
CA VAL D 43 16.86 2.06 20.88
C VAL D 43 16.02 2.37 22.12
N LEU D 44 15.15 3.36 22.01
CA LEU D 44 14.29 3.76 23.11
C LEU D 44 12.96 3.02 23.06
N SER D 45 12.51 2.54 24.22
CA SER D 45 11.24 1.82 24.31
C SER D 45 10.38 2.38 25.45
N PRO D 46 9.05 2.31 25.30
CA PRO D 46 8.12 2.82 26.31
C PRO D 46 8.15 1.99 27.59
N GLN D 47 8.79 0.83 27.54
CA GLN D 47 8.89 -0.04 28.69
C GLN D 47 10.23 -0.78 28.70
N GLY D 48 11.30 -0.08 29.07
CA GLY D 48 12.61 -0.68 29.11
C GLY D 48 13.71 0.33 28.88
N GLY D 49 14.94 -0.05 29.21
CA GLY D 49 16.08 0.84 29.02
C GLY D 49 17.33 0.10 28.58
N GLY D 50 18.32 0.86 28.11
CA GLY D 50 19.56 0.26 27.65
C GLY D 50 20.78 0.98 28.16
N PRO D 51 21.89 0.96 27.41
CA PRO D 51 23.14 1.63 27.80
C PRO D 51 23.01 3.16 27.74
N TRP D 52 22.47 3.66 26.65
CA TRP D 52 22.30 5.10 26.48
C TRP D 52 21.44 5.69 27.58
N ASP D 53 20.63 4.83 28.24
CA ASP D 53 19.76 5.28 29.31
C ASP D 53 20.57 5.96 30.42
N SER D 54 21.79 5.48 30.63
CA SER D 54 22.66 6.06 31.65
C SER D 54 23.33 7.34 31.15
N VAL D 55 23.45 7.46 29.84
CA VAL D 55 24.07 8.62 29.23
C VAL D 55 23.05 9.76 29.06
N ALA D 56 21.80 9.38 28.84
CA ALA D 56 20.73 10.37 28.66
C ALA D 56 19.37 9.71 28.84
N ARG D 57 18.44 10.45 29.45
CA ARG D 57 17.09 9.93 29.69
C ARG D 57 16.04 10.83 29.04
N VAL D 58 14.82 10.31 28.92
CA VAL D 58 13.73 11.06 28.32
C VAL D 58 12.69 11.43 29.37
N LEU D 59 12.35 12.72 29.43
CA LEU D 59 11.36 13.21 30.39
C LEU D 59 9.96 12.76 30.01
N PRO D 60 9.06 12.59 31.00
CA PRO D 60 7.69 12.15 30.77
C PRO D 60 7.00 12.97 29.69
N ASN D 61 7.45 14.20 29.48
CA ASN D 61 6.88 15.07 28.49
C ASN D 61 7.49 14.83 27.11
N GLY D 62 8.34 13.82 27.00
CA GLY D 62 8.98 13.50 25.74
C GLY D 62 10.17 14.40 25.46
N SER D 63 10.96 14.65 26.49
CA SER D 63 12.14 15.50 26.35
C SER D 63 13.42 14.68 26.41
N LEU D 64 14.56 15.37 26.47
CA LEU D 64 15.84 14.70 26.54
C LEU D 64 16.85 15.55 27.30
N PHE D 65 17.47 14.95 28.32
CA PHE D 65 18.46 15.66 29.13
C PHE D 65 19.73 14.84 29.26
N LEU D 66 20.87 15.51 29.08
CA LEU D 66 22.17 14.84 29.17
C LEU D 66 22.99 15.42 30.32
N PRO D 67 23.51 14.55 31.23
CA PRO D 67 24.31 15.00 32.37
C PRO D 67 25.50 15.86 31.94
N ALA D 68 26.07 15.54 30.78
CA ALA D 68 27.20 16.29 30.25
C ALA D 68 27.47 15.92 28.80
N VAL D 69 27.10 16.83 27.89
CA VAL D 69 27.30 16.60 26.46
C VAL D 69 28.77 16.79 26.08
N GLY D 70 29.39 15.72 25.61
CA GLY D 70 30.79 15.78 25.22
C GLY D 70 30.99 15.61 23.73
N ILE D 71 32.20 15.24 23.33
CA ILE D 71 32.52 15.05 21.92
C ILE D 71 31.74 13.86 21.34
N GLN D 72 31.51 12.85 22.18
CA GLN D 72 30.77 11.67 21.75
C GLN D 72 29.33 12.02 21.42
N ASP D 73 28.79 13.04 22.09
CA ASP D 73 27.43 13.48 21.87
C ASP D 73 27.32 14.30 20.59
N GLU D 74 28.45 14.79 20.09
CA GLU D 74 28.48 15.60 18.87
C GLU D 74 27.74 14.90 17.74
N GLY D 75 27.67 15.57 16.59
CA GLY D 75 26.99 14.99 15.45
C GLY D 75 25.59 15.54 15.29
N ILE D 76 24.71 14.75 14.69
CA ILE D 76 23.33 15.18 14.46
C ILE D 76 22.35 14.14 15.03
N PHE D 77 21.38 14.62 15.80
CA PHE D 77 20.38 13.75 16.41
C PHE D 77 19.10 13.77 15.58
N ARG D 78 18.35 12.66 15.62
CA ARG D 78 17.11 12.55 14.88
C ARG D 78 16.07 11.74 15.65
N CYS D 79 14.81 12.16 15.56
CA CYS D 79 13.72 11.48 16.24
C CYS D 79 12.86 10.71 15.24
N GLN D 80 12.21 9.66 15.70
CA GLN D 80 11.35 8.85 14.84
C GLN D 80 10.34 8.06 15.65
N ALA D 81 9.19 7.81 15.05
CA ALA D 81 8.12 7.06 15.72
C ALA D 81 7.55 5.99 14.78
N MET D 82 6.88 5.00 15.37
CA MET D 82 6.30 3.92 14.58
C MET D 82 4.86 3.66 15.01
N ASN D 83 3.91 3.97 14.13
CA ASN D 83 2.50 3.74 14.41
C ASN D 83 2.00 2.49 13.70
N ARG D 84 0.69 2.26 13.75
CA ARG D 84 0.08 1.10 13.10
C ARG D 84 0.14 1.23 11.59
N ASN D 85 0.10 2.47 11.10
CA ASN D 85 0.16 2.73 9.67
C ASN D 85 1.61 2.95 9.23
N GLY D 86 2.40 3.56 10.11
CA GLY D 86 3.80 3.82 9.81
C GLY D 86 4.15 5.29 9.88
N LYS D 87 3.31 6.07 10.58
CA LYS D 87 3.53 7.51 10.72
C LYS D 87 4.77 7.79 11.56
N GLU D 88 5.75 8.46 10.93
CA GLU D 88 6.99 8.80 11.60
C GLU D 88 7.29 10.30 11.47
N THR D 89 8.08 10.82 12.40
CA THR D 89 8.45 12.23 12.39
C THR D 89 9.90 12.41 11.95
N LYS D 90 10.12 13.31 10.99
CA LYS D 90 11.46 13.56 10.47
C LYS D 90 11.99 14.90 10.96
N SER D 91 13.17 14.88 11.58
CA SER D 91 13.79 16.09 12.12
C SER D 91 15.24 15.81 12.52
N ASN D 92 16.16 16.60 11.97
CA ASN D 92 17.58 16.44 12.28
C ASN D 92 18.18 17.73 12.81
N TYR D 93 18.81 17.65 13.98
CA TYR D 93 19.43 18.82 14.60
C TYR D 93 20.95 18.65 14.67
N ARG D 94 21.67 19.61 14.10
CA ARG D 94 23.12 19.58 14.09
C ARG D 94 23.68 20.20 15.37
N VAL D 95 24.44 19.40 16.12
CA VAL D 95 25.03 19.87 17.37
C VAL D 95 26.55 19.73 17.37
N ARG D 96 27.24 20.78 17.79
CA ARG D 96 28.70 20.77 17.83
C ARG D 96 29.20 21.43 19.10
N VAL D 97 30.31 20.92 19.62
CA VAL D 97 30.91 21.44 20.84
C VAL D 97 32.00 22.45 20.53
N TYR D 98 32.34 23.28 21.51
CA TYR D 98 33.38 24.29 21.34
C TYR D 98 34.67 23.68 20.81
N GLN D 99 35.42 23.04 21.70
CA GLN D 99 36.68 22.41 21.32
C GLN D 99 36.45 21.06 20.67
N ILE D 100 36.99 20.88 19.47
CA ILE D 100 36.84 19.63 18.73
C ILE D 100 38.18 18.95 18.54
N PRO D 101 38.18 17.64 18.19
CA PRO D 101 39.40 16.88 17.98
C PRO D 101 40.14 17.30 16.72
N ALA A 2 -13.45 14.32 -16.65
CA ALA A 2 -13.00 13.95 -15.31
C ALA A 2 -12.19 15.08 -14.64
N SER A 3 -12.25 15.10 -13.31
CA SER A 3 -11.51 16.07 -12.49
C SER A 3 -10.00 15.77 -12.49
N PRO A 4 -9.16 16.76 -12.13
CA PRO A 4 -7.69 16.63 -12.15
C PRO A 4 -7.17 15.36 -11.46
N LEU A 5 -7.76 15.00 -10.32
CA LEU A 5 -7.31 13.83 -9.57
C LEU A 5 -7.65 12.52 -10.29
N ASP A 6 -8.89 12.42 -10.79
CA ASP A 6 -9.34 11.26 -11.56
C ASP A 6 -8.55 11.08 -12.87
N GLN A 7 -8.19 12.21 -13.47
CA GLN A 7 -7.40 12.24 -14.71
C GLN A 7 -5.98 11.70 -14.51
N ALA A 8 -5.35 12.14 -13.42
CA ALA A 8 -4.01 11.70 -13.04
C ALA A 8 -3.95 10.18 -12.77
N ILE A 9 -4.90 9.69 -11.97
CA ILE A 9 -5.04 8.25 -11.69
C ILE A 9 -5.28 7.46 -12.98
N GLY A 10 -6.14 8.01 -13.84
CA GLY A 10 -6.48 7.39 -15.13
C GLY A 10 -5.27 7.27 -16.04
N LEU A 11 -4.39 8.28 -15.98
CA LEU A 11 -3.13 8.31 -16.74
C LEU A 11 -2.20 7.20 -16.24
N LEU A 12 -2.08 7.08 -14.91
CA LEU A 12 -1.21 6.09 -14.28
C LEU A 12 -1.64 4.65 -14.58
N VAL A 13 -2.96 4.41 -14.60
CA VAL A 13 -3.53 3.11 -14.93
C VAL A 13 -3.30 2.78 -16.41
N ALA A 14 -3.43 3.81 -17.26
CA ALA A 14 -3.22 3.68 -18.70
C ALA A 14 -1.77 3.30 -19.05
N ILE A 15 -0.82 3.85 -18.30
CA ILE A 15 0.60 3.54 -18.45
C ILE A 15 0.85 2.05 -18.20
N PHE A 16 0.26 1.51 -17.13
CA PHE A 16 0.43 0.11 -16.76
C PHE A 16 0.06 -0.83 -17.91
N HIS A 17 -1.13 -0.61 -18.46
CA HIS A 17 -1.69 -1.42 -19.55
C HIS A 17 -0.99 -1.19 -20.89
N LYS A 18 -0.36 -0.01 -21.03
CA LYS A 18 0.43 0.32 -22.23
C LYS A 18 1.59 -0.67 -22.43
N TYR A 19 2.10 -1.20 -21.31
CA TYR A 19 3.27 -2.08 -21.30
C TYR A 19 2.95 -3.53 -20.92
N SER A 20 1.94 -3.74 -20.07
CA SER A 20 1.63 -5.08 -19.54
C SER A 20 1.14 -6.05 -20.62
N GLY A 21 0.49 -5.53 -21.67
CA GLY A 21 -0.14 -6.36 -22.70
C GLY A 21 0.82 -6.80 -23.83
N ARG A 22 2.10 -6.40 -23.77
CA ARG A 22 3.03 -6.61 -24.87
C ARG A 22 3.43 -8.09 -25.04
N GLU A 23 3.65 -8.78 -23.92
CA GLU A 23 4.04 -10.19 -23.94
C GLU A 23 3.54 -10.91 -22.68
N GLY A 24 3.57 -12.25 -22.73
CA GLY A 24 3.10 -13.08 -21.62
C GLY A 24 1.68 -12.72 -21.24
N ASP A 25 1.42 -12.71 -19.92
CA ASP A 25 0.11 -12.32 -19.40
C ASP A 25 -0.16 -10.87 -19.78
N LYS A 26 -1.41 -10.59 -20.17
CA LYS A 26 -1.82 -9.26 -20.62
C LYS A 26 -1.88 -8.23 -19.48
N HIS A 27 -2.07 -8.71 -18.24
CA HIS A 27 -2.39 -7.83 -17.10
C HIS A 27 -1.22 -7.74 -16.09
N THR A 28 -0.07 -8.30 -16.44
CA THR A 28 1.10 -8.26 -15.58
C THR A 28 2.32 -7.79 -16.35
N LEU A 29 3.29 -7.22 -15.64
CA LEU A 29 4.52 -6.72 -16.27
C LEU A 29 5.65 -7.72 -16.09
N SER A 30 6.16 -8.22 -17.21
CA SER A 30 7.37 -9.02 -17.23
C SER A 30 8.59 -8.13 -16.90
N LYS A 31 9.75 -8.74 -16.70
CA LYS A 31 11.00 -8.01 -16.49
C LYS A 31 11.31 -7.05 -17.62
N LYS A 32 11.02 -7.52 -18.84
CA LYS A 32 11.20 -6.75 -20.07
C LYS A 32 10.24 -5.55 -20.18
N GLU A 33 8.96 -5.81 -19.92
CA GLU A 33 7.91 -4.79 -19.98
C GLU A 33 8.10 -3.70 -18.95
N LEU A 34 8.44 -4.13 -17.72
CA LEU A 34 8.64 -3.20 -16.61
C LEU A 34 9.88 -2.32 -16.79
N LYS A 35 10.95 -2.90 -17.32
CA LYS A 35 12.18 -2.14 -17.60
C LYS A 35 11.92 -1.07 -18.66
N GLU A 36 11.16 -1.46 -19.66
CA GLU A 36 10.74 -0.58 -20.73
C GLU A 36 9.84 0.56 -20.23
N LEU A 37 8.93 0.21 -19.33
CA LEU A 37 8.04 1.19 -18.68
C LEU A 37 8.88 2.23 -17.93
N ILE A 38 9.86 1.76 -17.16
CA ILE A 38 10.74 2.64 -16.37
C ILE A 38 11.58 3.56 -17.27
N GLN A 39 12.19 2.98 -18.31
CA GLN A 39 13.09 3.70 -19.20
C GLN A 39 12.39 4.76 -20.06
N LYS A 40 11.09 4.54 -20.32
CA LYS A 40 10.31 5.38 -21.23
C LYS A 40 9.37 6.35 -20.49
N GLU A 41 8.94 5.99 -19.27
CA GLU A 41 7.90 6.72 -18.55
C GLU A 41 8.43 7.47 -17.32
N LEU A 42 9.55 7.03 -16.79
CA LEU A 42 10.17 7.68 -15.64
C LEU A 42 11.24 8.65 -16.13
N THR A 43 11.21 9.88 -15.60
CA THR A 43 12.10 10.97 -16.04
C THR A 43 13.58 10.56 -16.03
N ILE A 44 13.97 9.86 -14.96
CA ILE A 44 15.36 9.44 -14.76
C ILE A 44 15.60 7.98 -15.16
N GLY A 45 14.55 7.33 -15.67
CA GLY A 45 14.55 5.90 -15.96
C GLY A 45 15.68 5.44 -16.88
N SER A 46 15.86 6.19 -17.98
CA SER A 46 16.88 5.89 -18.99
C SER A 46 18.33 6.08 -18.49
N LYS A 47 18.50 6.74 -17.33
CA LYS A 47 19.82 7.05 -16.79
C LYS A 47 20.23 6.11 -15.64
N LEU A 48 19.29 5.30 -15.17
CA LEU A 48 19.56 4.32 -14.10
C LEU A 48 20.44 3.20 -14.60
N GLN A 49 21.33 2.74 -13.72
CA GLN A 49 22.13 1.54 -13.98
C GLN A 49 21.22 0.34 -14.22
N ASP A 50 21.64 -0.58 -15.08
CA ASP A 50 20.87 -1.79 -15.35
C ASP A 50 20.67 -2.65 -14.11
N ALA A 51 21.73 -2.70 -13.29
CA ALA A 51 21.73 -3.42 -12.00
C ALA A 51 20.71 -2.85 -11.01
N GLU A 52 20.55 -1.53 -11.03
CA GLU A 52 19.61 -0.83 -10.14
C GLU A 52 18.15 -0.98 -10.58
N ILE A 53 17.89 -1.00 -11.89
CA ILE A 53 16.57 -1.30 -12.44
C ILE A 53 16.17 -2.75 -12.10
N ALA A 54 17.15 -3.65 -12.19
CA ALA A 54 16.96 -5.07 -11.87
C ALA A 54 16.62 -5.30 -10.39
N ARG A 55 17.27 -4.52 -9.52
CA ARG A 55 17.02 -4.57 -8.08
C ARG A 55 15.65 -4.00 -7.73
N LEU A 56 15.31 -2.91 -8.42
CA LEU A 56 14.01 -2.25 -8.30
C LEU A 56 12.85 -3.19 -8.68
N MET A 57 13.00 -3.86 -9.83
CA MET A 57 11.99 -4.80 -10.33
C MET A 57 11.89 -6.05 -9.44
N GLU A 58 13.03 -6.49 -8.92
CA GLU A 58 13.10 -7.65 -8.04
C GLU A 58 12.31 -7.40 -6.75
N ASP A 59 12.53 -6.23 -6.17
CA ASP A 59 11.87 -5.85 -4.91
C ASP A 59 10.36 -5.61 -5.08
N LEU A 60 9.96 -5.04 -6.22
CA LEU A 60 8.55 -4.79 -6.50
C LEU A 60 7.79 -6.12 -6.56
N ASP A 61 8.49 -7.14 -7.03
CA ASP A 61 7.95 -8.51 -7.10
C ASP A 61 7.92 -9.10 -5.70
N ARG A 62 6.79 -8.92 -5.01
CA ARG A 62 6.61 -9.39 -3.64
C ARG A 62 6.16 -10.85 -3.59
N ASN A 63 5.22 -11.22 -4.44
CA ASN A 63 4.71 -12.59 -4.48
C ASN A 63 5.73 -13.56 -5.07
N LYS A 64 6.74 -13.00 -5.75
CA LYS A 64 7.82 -13.77 -6.36
C LYS A 64 7.32 -14.76 -7.41
N ASP A 65 6.95 -14.24 -8.58
CA ASP A 65 6.50 -15.07 -9.69
C ASP A 65 7.04 -14.51 -11.00
N GLN A 66 7.95 -13.54 -10.86
CA GLN A 66 8.62 -12.85 -11.98
C GLN A 66 7.67 -11.93 -12.76
N GLU A 67 6.48 -11.70 -12.18
CA GLU A 67 5.48 -10.83 -12.80
C GLU A 67 4.97 -9.77 -11.80
N VAL A 68 4.95 -8.52 -12.26
CA VAL A 68 4.49 -7.38 -11.47
C VAL A 68 3.06 -7.03 -11.87
N ASN A 69 2.11 -7.47 -11.04
CA ASN A 69 0.70 -7.22 -11.30
C ASN A 69 0.38 -5.77 -11.00
N PHE A 70 -0.89 -5.41 -11.12
CA PHE A 70 -1.30 -4.02 -10.87
C PHE A 70 -1.10 -3.58 -9.41
N GLN A 71 -1.37 -4.48 -8.47
CA GLN A 71 -1.20 -4.20 -7.05
C GLN A 71 0.27 -3.91 -6.72
N GLU A 72 1.18 -4.66 -7.36
CA GLU A 72 2.62 -4.46 -7.15
C GLU A 72 3.05 -3.12 -7.72
N TYR A 73 2.44 -2.76 -8.86
CA TYR A 73 2.68 -1.48 -9.50
C TYR A 73 2.25 -0.29 -8.64
N VAL A 74 1.14 -0.47 -7.90
CA VAL A 74 0.65 0.54 -6.96
C VAL A 74 1.66 0.78 -5.84
N THR A 75 2.35 -0.28 -5.41
CA THR A 75 3.41 -0.18 -4.40
C THR A 75 4.51 0.76 -4.90
N PHE A 76 4.86 0.60 -6.18
CA PHE A 76 5.83 1.46 -6.87
C PHE A 76 5.39 2.94 -6.89
N LEU A 77 4.13 3.16 -7.26
CA LEU A 77 3.53 4.51 -7.24
C LEU A 77 3.57 5.15 -5.86
N GLY A 78 3.30 4.32 -4.84
CA GLY A 78 3.34 4.74 -3.45
C GLY A 78 4.74 5.14 -2.99
N ALA A 79 5.74 4.40 -3.49
CA ALA A 79 7.15 4.68 -3.23
C ALA A 79 7.61 6.01 -3.86
N LEU A 80 7.14 6.26 -5.08
CA LEU A 80 7.42 7.52 -5.79
C LEU A 80 6.81 8.73 -5.08
N ALA A 81 5.57 8.54 -4.60
CA ALA A 81 4.83 9.56 -3.87
C ALA A 81 5.50 9.93 -2.53
N LEU A 82 6.00 8.91 -1.82
CA LEU A 82 6.73 9.10 -0.58
C LEU A 82 8.04 9.87 -0.76
N ILE A 83 8.72 9.57 -1.88
CA ILE A 83 9.98 10.23 -2.23
C ILE A 83 9.77 11.74 -2.45
N TYR A 84 8.78 12.09 -3.28
CA TYR A 84 8.48 13.49 -3.57
C TYR A 84 7.99 14.25 -2.33
N ASN A 85 7.18 13.58 -1.53
CA ASN A 85 6.64 14.15 -0.29
C ASN A 85 7.74 14.46 0.74
N GLU A 86 8.68 13.52 0.88
CA GLU A 86 9.79 13.67 1.82
C GLU A 86 10.71 14.84 1.42
N ALA A 87 10.94 15.00 0.12
CA ALA A 87 11.79 16.08 -0.41
C ALA A 87 11.21 17.47 -0.09
N LEU A 88 9.88 17.56 -0.20
CA LEU A 88 9.15 18.82 0.03
C LEU A 88 9.14 19.24 1.51
N LYS A 89 9.21 18.25 2.40
CA LYS A 89 9.21 18.51 3.84
C LYS A 89 10.58 19.04 4.30
N GLY A 90 11.65 18.52 3.70
CA GLY A 90 12.99 18.97 4.06
C GLY A 90 14.00 17.84 4.04
N ALA B 2 9.28 17.24 -16.83
CA ALA B 2 9.05 15.88 -16.32
C ALA B 2 8.21 15.04 -17.27
N SER B 3 8.44 13.73 -17.22
CA SER B 3 7.72 12.74 -18.03
C SER B 3 6.27 12.58 -17.54
N PRO B 4 5.37 12.05 -18.38
CA PRO B 4 3.94 11.89 -18.06
C PRO B 4 3.67 11.26 -16.69
N LEU B 5 4.44 10.23 -16.33
CA LEU B 5 4.25 9.52 -15.06
C LEU B 5 4.63 10.38 -13.86
N ASP B 6 5.80 11.04 -13.96
CA ASP B 6 6.29 11.95 -12.92
C ASP B 6 5.36 13.17 -12.73
N GLN B 7 4.78 13.62 -13.85
CA GLN B 7 3.84 14.76 -13.84
C GLN B 7 2.53 14.42 -13.12
N ALA B 8 2.01 13.23 -13.40
CA ALA B 8 0.79 12.73 -12.76
C ALA B 8 0.95 12.58 -11.23
N ILE B 9 2.05 11.95 -10.82
CA ILE B 9 2.40 11.80 -9.40
C ILE B 9 2.56 13.17 -8.73
N GLY B 10 3.23 14.09 -9.44
CA GLY B 10 3.45 15.45 -8.96
C GLY B 10 2.16 16.21 -8.74
N LEU B 11 1.19 15.97 -9.63
CA LEU B 11 -0.15 16.56 -9.53
C LEU B 11 -0.87 16.04 -8.29
N LEU B 12 -0.79 14.72 -8.06
CA LEU B 12 -1.46 14.08 -6.93
C LEU B 12 -0.91 14.54 -5.57
N VAL B 13 0.43 14.74 -5.53
CA VAL B 13 1.10 15.24 -4.33
C VAL B 13 0.73 16.71 -4.07
N ALA B 14 0.61 17.48 -5.16
CA ALA B 14 0.23 18.89 -5.10
C ALA B 14 -1.20 19.09 -4.56
N ILE B 15 -2.11 18.17 -4.94
CA ILE B 15 -3.49 18.19 -4.44
C ILE B 15 -3.51 18.03 -2.92
N PHE B 16 -2.73 17.09 -2.40
CA PHE B 16 -2.69 16.81 -0.97
C PHE B 16 -2.35 18.08 -0.17
N HIS B 17 -1.27 18.75 -0.58
CA HIS B 17 -0.78 19.97 0.09
C HIS B 17 -1.67 21.19 -0.15
N LYS B 18 -2.44 21.16 -1.24
CA LYS B 18 -3.43 22.21 -1.55
C LYS B 18 -4.47 22.35 -0.43
N TYR B 19 -4.76 21.22 0.24
CA TYR B 19 -5.81 21.14 1.26
C TYR B 19 -5.27 20.93 2.69
N SER B 20 -4.14 20.22 2.82
CA SER B 20 -3.59 19.85 4.14
C SER B 20 -3.15 21.06 4.97
N GLY B 21 -2.71 22.13 4.29
CA GLY B 21 -2.14 23.30 4.95
C GLY B 21 -3.17 24.34 5.44
N ARG B 22 -4.47 24.08 5.22
CA ARG B 22 -5.51 25.08 5.48
C ARG B 22 -5.75 25.32 6.97
N GLU B 23 -5.73 24.24 7.78
CA GLU B 23 -5.95 24.32 9.22
C GLU B 23 -5.21 23.20 9.94
N GLY B 24 -5.07 23.36 11.27
CA GLY B 24 -4.36 22.40 12.11
C GLY B 24 -2.95 22.16 11.59
N ASP B 25 -2.53 20.89 11.63
CA ASP B 25 -1.22 20.49 11.11
C ASP B 25 -1.17 20.78 9.61
N LYS B 26 -0.03 21.31 9.16
CA LYS B 26 0.16 21.70 7.76
C LYS B 26 0.24 20.50 6.81
N HIS B 27 0.65 19.34 7.32
CA HIS B 27 1.00 18.17 6.49
C HIS B 27 -0.02 17.03 6.60
N THR B 28 -1.13 17.28 7.29
CA THR B 28 -2.18 16.28 7.45
C THR B 28 -3.54 16.86 7.09
N LEU B 29 -4.46 16.00 6.70
CA LEU B 29 -5.81 16.42 6.32
C LEU B 29 -6.78 16.21 7.47
N SER B 30 -7.37 17.30 7.94
CA SER B 30 -8.48 17.24 8.90
C SER B 30 -9.73 16.69 8.20
N LYS B 31 -10.79 16.41 8.97
CA LYS B 31 -12.08 15.98 8.41
C LYS B 31 -12.63 16.99 7.43
N LYS B 32 -12.44 18.27 7.76
CA LYS B 32 -12.88 19.40 6.94
C LYS B 32 -12.09 19.51 5.63
N GLU B 33 -10.76 19.43 5.74
CA GLU B 33 -9.86 19.53 4.59
C GLU B 33 -10.04 18.39 3.61
N LEU B 34 -10.16 17.18 4.16
CA LEU B 34 -10.33 15.97 3.35
C LEU B 34 -11.68 15.92 2.63
N LYS B 35 -12.74 16.37 3.30
CA LYS B 35 -14.07 16.43 2.69
C LYS B 35 -14.09 17.41 1.52
N GLU B 36 -13.42 18.54 1.73
CA GLU B 36 -13.25 19.57 0.73
C GLU B 36 -12.44 19.07 -0.48
N LEU B 37 -11.38 18.32 -0.19
CA LEU B 37 -10.54 17.70 -1.22
C LEU B 37 -11.39 16.78 -2.08
N ILE B 38 -12.20 15.92 -1.44
CA ILE B 38 -13.07 14.98 -2.14
C ILE B 38 -14.12 15.69 -3.01
N GLN B 39 -14.78 16.69 -2.42
CA GLN B 39 -15.89 17.41 -3.08
C GLN B 39 -15.41 18.24 -4.29
N LYS B 40 -14.15 18.66 -4.26
CA LYS B 40 -13.60 19.59 -5.26
C LYS B 40 -12.69 18.89 -6.28
N GLU B 41 -12.08 17.76 -5.90
CA GLU B 41 -11.04 17.12 -6.70
C GLU B 41 -11.51 15.77 -7.29
N LEU B 42 -12.47 15.14 -6.66
CA LEU B 42 -13.03 13.89 -7.14
C LEU B 42 -14.26 14.15 -8.01
N THR B 43 -14.30 13.52 -9.18
CA THR B 43 -15.36 13.75 -10.18
C THR B 43 -16.77 13.61 -9.57
N ILE B 44 -16.94 12.56 -8.76
CA ILE B 44 -18.23 12.24 -8.15
C ILE B 44 -18.33 12.73 -6.70
N GLY B 45 -17.29 13.43 -6.23
CA GLY B 45 -17.16 13.83 -4.83
C GLY B 45 -18.33 14.64 -4.31
N SER B 46 -18.75 15.64 -5.10
CA SER B 46 -19.85 16.55 -4.74
C SER B 46 -21.21 15.86 -4.70
N LYS B 47 -21.32 14.64 -5.25
CA LYS B 47 -22.59 13.92 -5.35
C LYS B 47 -22.73 12.82 -4.29
N LEU B 48 -21.65 12.53 -3.57
CA LEU B 48 -21.66 11.53 -2.50
C LEU B 48 -22.47 12.01 -1.30
N GLN B 49 -23.16 11.08 -0.67
CA GLN B 49 -23.85 11.35 0.59
C GLN B 49 -22.84 11.80 1.64
N ASP B 50 -23.24 12.69 2.55
CA ASP B 50 -22.38 13.15 3.63
C ASP B 50 -21.93 12.01 4.54
N ALA B 51 -22.86 11.08 4.78
CA ALA B 51 -22.62 9.88 5.59
C ALA B 51 -21.54 8.97 4.97
N GLU B 52 -21.54 8.89 3.64
CA GLU B 52 -20.58 8.06 2.90
C GLU B 52 -19.17 8.68 2.82
N ILE B 53 -19.10 10.01 2.72
CA ILE B 53 -17.84 10.74 2.80
C ILE B 53 -17.22 10.57 4.20
N ALA B 54 -18.09 10.62 5.21
CA ALA B 54 -17.70 10.46 6.61
C ALA B 54 -17.15 9.05 6.90
N ARG B 55 -17.77 8.05 6.28
CA ARG B 55 -17.32 6.65 6.41
C ARG B 55 -16.00 6.42 5.69
N LEU B 56 -15.88 7.06 4.52
CA LEU B 56 -14.67 7.04 3.71
C LEU B 56 -13.46 7.62 4.45
N MET B 57 -13.67 8.80 5.05
CA MET B 57 -12.63 9.49 5.82
C MET B 57 -12.27 8.74 7.10
N GLU B 58 -13.28 8.13 7.72
CA GLU B 58 -13.10 7.35 8.94
C GLU B 58 -12.19 6.15 8.70
N ASP B 59 -12.46 5.45 7.60
CA ASP B 59 -11.70 4.25 7.23
C ASP B 59 -10.26 4.57 6.79
N LEU B 60 -10.08 5.70 6.08
CA LEU B 60 -8.75 6.12 5.63
C LEU B 60 -7.87 6.39 6.84
N ASP B 61 -8.50 6.83 7.93
CA ASP B 61 -7.83 7.10 9.19
C ASP B 61 -7.51 5.78 9.88
N ARG B 62 -6.37 5.19 9.53
CA ARG B 62 -5.96 3.90 10.07
C ARG B 62 -5.35 4.02 11.47
N ASN B 63 -4.49 5.02 11.65
CA ASN B 63 -3.84 5.24 12.94
C ASN B 63 -4.82 5.76 13.99
N LYS B 64 -5.95 6.32 13.53
CA LYS B 64 -7.00 6.84 14.40
C LYS B 64 -6.54 8.03 15.26
N ASP B 65 -6.28 9.15 14.60
CA ASP B 65 -5.88 10.37 15.29
C ASP B 65 -6.66 11.56 14.73
N GLN B 66 -7.64 11.24 13.88
CA GLN B 66 -8.53 12.22 13.23
C GLN B 66 -7.82 13.03 12.12
N GLU B 67 -6.61 12.59 11.77
CA GLU B 67 -5.81 13.25 10.74
C GLU B 67 -5.30 12.23 9.70
N VAL B 68 -5.50 12.57 8.43
CA VAL B 68 -5.07 11.74 7.29
C VAL B 68 -3.77 12.29 6.72
N ASN B 69 -2.67 11.65 7.10
CA ASN B 69 -1.34 12.06 6.65
C ASN B 69 -1.15 11.67 5.20
N PHE B 70 0.03 11.91 4.66
CA PHE B 70 0.30 11.60 3.25
C PHE B 70 0.25 10.09 2.95
N GLN B 71 0.77 9.29 3.87
CA GLN B 71 0.77 7.83 3.73
C GLN B 71 -0.65 7.27 3.69
N GLU B 72 -1.55 7.88 4.48
CA GLU B 72 -2.95 7.45 4.52
C GLU B 72 -3.63 7.86 3.23
N TYR B 73 -3.24 9.04 2.72
CA TYR B 73 -3.74 9.56 1.45
C TYR B 73 -3.39 8.64 0.27
N VAL B 74 -2.19 8.04 0.32
CA VAL B 74 -1.75 7.07 -0.69
C VAL B 74 -2.66 5.83 -0.71
N THR B 75 -3.13 5.42 0.48
CA THR B 75 -4.06 4.29 0.59
C THR B 75 -5.32 4.59 -0.24
N PHE B 76 -5.81 5.84 -0.13
CA PHE B 76 -6.95 6.32 -0.92
C PHE B 76 -6.69 6.26 -2.43
N LEU B 77 -5.51 6.74 -2.84
CA LEU B 77 -5.06 6.68 -4.23
C LEU B 77 -5.00 5.25 -4.76
N GLY B 78 -4.51 4.36 -3.90
CA GLY B 78 -4.42 2.93 -4.20
C GLY B 78 -5.78 2.28 -4.39
N ALA B 79 -6.75 2.73 -3.59
CA ALA B 79 -8.14 2.28 -3.66
C ALA B 79 -8.82 2.72 -4.97
N LEU B 80 -8.54 3.96 -5.37
CA LEU B 80 -9.04 4.52 -6.64
C LEU B 80 -8.48 3.78 -7.86
N ALA B 81 -7.19 3.46 -7.78
CA ALA B 81 -6.48 2.73 -8.82
C ALA B 81 -7.01 1.30 -9.01
N LEU B 82 -7.30 0.64 -7.88
CA LEU B 82 -7.89 -0.71 -7.88
C LEU B 82 -9.28 -0.74 -8.50
N ILE B 83 -10.07 0.31 -8.20
CA ILE B 83 -11.43 0.46 -8.73
C ILE B 83 -11.41 0.56 -10.27
N TYR B 84 -10.57 1.46 -10.80
CA TYR B 84 -10.47 1.65 -12.25
C TYR B 84 -9.91 0.42 -12.97
N ASN B 85 -8.93 -0.22 -12.34
CA ASN B 85 -8.31 -1.44 -12.88
C ASN B 85 -9.30 -2.62 -12.97
N GLU B 86 -10.12 -2.77 -11.92
CA GLU B 86 -11.12 -3.83 -11.84
C GLU B 86 -12.23 -3.67 -12.89
N ALA B 87 -12.60 -2.41 -13.16
CA ALA B 87 -13.62 -2.09 -14.17
C ALA B 87 -13.16 -2.46 -15.58
N LEU B 88 -11.88 -2.20 -15.86
CA LEU B 88 -11.26 -2.46 -17.16
C LEU B 88 -11.12 -3.96 -17.46
N LYS B 89 -10.94 -4.77 -16.42
CA LYS B 89 -10.78 -6.22 -16.58
C LYS B 89 -12.11 -6.90 -16.91
N GLY B 90 -13.20 -6.34 -16.39
CA GLY B 90 -14.51 -6.91 -16.65
C GLY B 90 -15.38 -6.98 -15.41
N ALA C 1 -18.93 -6.52 -16.01
CA ALA C 1 -19.44 -7.87 -15.65
C ALA C 1 -19.47 -8.78 -16.86
N MET C 2 -18.67 -9.83 -16.84
CA MET C 2 -18.62 -10.79 -17.94
C MET C 2 -18.90 -12.21 -17.44
N ALA C 3 -19.60 -12.98 -18.27
CA ALA C 3 -19.94 -14.36 -17.91
C ALA C 3 -20.05 -15.22 -19.17
N GLN C 4 -19.60 -16.47 -19.06
CA GLN C 4 -19.65 -17.40 -20.18
C GLN C 4 -20.96 -18.17 -20.18
N ASN C 5 -21.54 -18.33 -21.36
CA ASN C 5 -22.81 -19.05 -21.50
C ASN C 5 -22.57 -20.55 -21.66
N ILE C 6 -22.95 -21.31 -20.64
CA ILE C 6 -22.77 -22.75 -20.66
C ILE C 6 -24.07 -23.48 -20.33
N THR C 7 -24.48 -24.38 -21.22
CA THR C 7 -25.71 -25.14 -21.02
C THR C 7 -25.43 -26.45 -20.30
N ALA C 8 -26.33 -26.82 -19.38
CA ALA C 8 -26.18 -28.04 -18.63
C ALA C 8 -27.54 -28.68 -18.35
N ARG C 9 -27.52 -29.96 -17.99
CA ARG C 9 -28.76 -30.68 -17.71
C ARG C 9 -28.85 -31.03 -16.22
N ILE C 10 -30.05 -30.87 -15.66
CA ILE C 10 -30.27 -31.16 -14.25
C ILE C 10 -29.97 -32.62 -13.92
N GLY C 11 -29.20 -32.83 -12.86
CA GLY C 11 -28.85 -34.18 -12.45
C GLY C 11 -27.76 -34.81 -13.30
N GLU C 12 -27.23 -34.06 -14.24
CA GLU C 12 -26.17 -34.55 -15.13
C GLU C 12 -24.79 -34.14 -14.62
N PRO C 13 -23.82 -35.06 -14.61
CA PRO C 13 -22.45 -34.77 -14.15
C PRO C 13 -21.75 -33.78 -15.07
N LEU C 14 -20.98 -32.87 -14.47
CA LEU C 14 -20.25 -31.87 -15.25
C LEU C 14 -18.85 -31.65 -14.68
N VAL C 15 -17.87 -31.52 -15.56
CA VAL C 15 -16.50 -31.30 -15.14
C VAL C 15 -15.92 -30.04 -15.80
N LEU C 16 -15.22 -29.25 -15.00
CA LEU C 16 -14.62 -28.02 -15.51
C LEU C 16 -13.27 -27.75 -14.85
N LYS C 17 -12.39 -27.06 -15.56
CA LYS C 17 -11.07 -26.74 -15.05
C LYS C 17 -10.96 -25.27 -14.69
N CYS C 18 -10.58 -24.99 -13.44
CA CYS C 18 -10.43 -23.62 -12.98
C CYS C 18 -9.00 -23.34 -12.50
N LYS C 19 -8.11 -23.11 -13.45
CA LYS C 19 -6.71 -22.83 -13.14
C LYS C 19 -6.57 -21.53 -12.35
N GLY C 20 -5.33 -21.14 -12.08
CA GLY C 20 -5.08 -19.92 -11.34
C GLY C 20 -3.82 -20.00 -10.49
N ALA C 21 -3.61 -21.15 -9.86
CA ALA C 21 -2.44 -21.35 -9.01
C ALA C 21 -1.15 -21.26 -9.83
N PRO C 22 -0.26 -20.29 -9.52
CA PRO C 22 1.01 -20.11 -10.25
C PRO C 22 1.95 -21.33 -10.14
N LYS C 23 3.17 -21.18 -10.67
CA LYS C 23 4.17 -22.26 -10.65
C LYS C 23 4.66 -22.55 -9.23
N LYS C 24 4.38 -21.64 -8.30
CA LYS C 24 4.77 -21.80 -6.90
C LYS C 24 3.94 -22.90 -6.23
N PRO C 25 4.36 -23.39 -5.02
CA PRO C 25 3.63 -24.42 -4.29
C PRO C 25 2.15 -24.08 -4.12
N PRO C 26 1.33 -25.06 -3.69
CA PRO C 26 -0.10 -24.86 -3.49
C PRO C 26 -0.40 -23.68 -2.55
N GLN C 27 -0.85 -22.58 -3.12
CA GLN C 27 -1.17 -21.39 -2.35
C GLN C 27 -2.62 -21.41 -1.89
N ARG C 28 -3.05 -20.32 -1.24
CA ARG C 28 -4.42 -20.22 -0.75
C ARG C 28 -5.40 -20.13 -1.91
N LEU C 29 -6.67 -20.38 -1.61
CA LEU C 29 -7.72 -20.32 -2.64
C LEU C 29 -9.09 -20.11 -1.99
N GLU C 30 -9.93 -19.32 -2.66
CA GLU C 30 -11.27 -19.04 -2.15
C GLU C 30 -12.31 -19.20 -3.26
N TRP C 31 -13.42 -19.84 -2.94
CA TRP C 31 -14.49 -20.06 -3.89
C TRP C 31 -15.64 -19.08 -3.67
N LYS C 32 -16.09 -18.45 -4.74
CA LYS C 32 -17.19 -17.49 -4.66
C LYS C 32 -18.07 -17.56 -5.90
N LEU C 33 -19.39 -17.42 -5.69
CA LEU C 33 -20.33 -17.47 -6.80
C LEU C 33 -21.52 -16.54 -6.53
N ASN C 34 -22.02 -15.92 -7.59
CA ASN C 34 -23.15 -15.01 -7.47
C ASN C 34 -24.42 -15.62 -8.05
N THR C 35 -25.47 -15.68 -7.24
CA THR C 35 -26.74 -16.24 -7.70
C THR C 35 -27.91 -15.55 -7.00
N GLY C 36 -29.13 -15.96 -7.37
CA GLY C 36 -30.31 -15.38 -6.77
C GLY C 36 -30.37 -15.58 -5.27
N ARG C 37 -30.24 -16.84 -4.85
CA ARG C 37 -30.28 -17.17 -3.43
C ARG C 37 -28.90 -17.57 -2.93
N THR C 38 -28.12 -18.19 -3.81
CA THR C 38 -26.77 -18.61 -3.46
C THR C 38 -26.80 -19.66 -2.34
N GLU C 39 -26.58 -20.92 -2.71
CA GLU C 39 -26.58 -22.01 -1.73
C GLU C 39 -25.48 -23.02 -2.05
N ALA C 40 -24.52 -22.62 -2.88
CA ALA C 40 -23.42 -23.50 -3.25
C ALA C 40 -22.06 -22.90 -2.89
N TRP C 41 -22.05 -21.59 -2.62
CA TRP C 41 -20.81 -20.91 -2.25
C TRP C 41 -20.17 -21.55 -1.03
N LYS C 42 -18.97 -22.12 -1.24
CA LYS C 42 -18.24 -22.77 -0.14
C LYS C 42 -16.78 -22.30 -0.13
N VAL C 43 -16.15 -22.42 1.03
CA VAL C 43 -14.76 -22.02 1.19
C VAL C 43 -13.82 -23.21 0.98
N LEU C 44 -13.03 -23.16 -0.08
CA LEU C 44 -12.10 -24.23 -0.40
C LEU C 44 -10.72 -23.95 0.21
N SER C 45 -10.13 -24.97 0.80
CA SER C 45 -8.81 -24.85 1.42
C SER C 45 -7.88 -25.97 0.95
N PRO C 46 -6.58 -25.70 0.88
CA PRO C 46 -5.58 -26.68 0.43
C PRO C 46 -5.41 -27.82 1.43
N GLN C 47 -5.97 -27.65 2.62
CA GLN C 47 -5.89 -28.67 3.66
C GLN C 47 -7.16 -28.71 4.50
N GLY C 48 -8.23 -29.27 3.94
CA GLY C 48 -9.49 -29.34 4.66
C GLY C 48 -10.68 -29.36 3.73
N GLY C 49 -11.84 -29.75 4.25
CA GLY C 49 -13.04 -29.79 3.45
C GLY C 49 -14.27 -29.36 4.22
N GLY C 50 -15.36 -29.10 3.50
CA GLY C 50 -16.60 -28.69 4.14
C GLY C 50 -17.82 -29.41 3.60
N PRO C 51 -18.99 -28.76 3.61
CA PRO C 51 -20.23 -29.35 3.10
C PRO C 51 -20.23 -29.51 1.59
N TRP C 52 -19.84 -28.45 0.90
CA TRP C 52 -19.79 -28.47 -0.56
C TRP C 52 -18.86 -29.57 -1.06
N ASP C 53 -17.94 -30.02 -0.21
CA ASP C 53 -16.99 -31.06 -0.57
C ASP C 53 -17.73 -32.32 -1.03
N SER C 54 -18.88 -32.58 -0.43
CA SER C 54 -19.68 -33.75 -0.77
C SER C 54 -20.50 -33.50 -2.03
N VAL C 55 -20.76 -32.23 -2.32
CA VAL C 55 -21.52 -31.86 -3.52
C VAL C 55 -20.61 -31.77 -4.74
N ALA C 56 -19.36 -31.38 -4.51
CA ALA C 56 -18.38 -31.24 -5.60
C ALA C 56 -16.96 -31.21 -5.05
N ARG C 57 -16.04 -31.82 -5.77
CA ARG C 57 -14.65 -31.86 -5.34
C ARG C 57 -13.74 -31.26 -6.41
N VAL C 58 -12.50 -30.96 -6.02
CA VAL C 58 -11.52 -30.37 -6.94
C VAL C 58 -10.42 -31.37 -7.25
N LEU C 59 -10.16 -31.58 -8.53
CA LEU C 59 -9.13 -32.50 -8.97
C LEU C 59 -7.74 -31.94 -8.70
N PRO C 60 -6.74 -32.80 -8.47
CA PRO C 60 -5.36 -32.39 -8.20
C PRO C 60 -4.85 -31.38 -9.21
N ASN C 61 -5.42 -31.40 -10.42
CA ASN C 61 -5.01 -30.48 -11.46
C ASN C 61 -5.74 -29.15 -11.35
N GLY C 62 -6.52 -28.98 -10.30
CA GLY C 62 -7.26 -27.75 -10.11
C GLY C 62 -8.54 -27.71 -10.93
N SER C 63 -9.24 -28.83 -10.98
CA SER C 63 -10.49 -28.93 -11.74
C SER C 63 -11.68 -28.98 -10.79
N LEU C 64 -12.85 -29.25 -11.37
CA LEU C 64 -14.08 -29.34 -10.59
C LEU C 64 -15.07 -30.30 -11.24
N PHE C 65 -15.52 -31.28 -10.46
CA PHE C 65 -16.47 -32.28 -10.96
C PHE C 65 -17.67 -32.40 -10.02
N LEU C 66 -18.86 -32.43 -10.60
CA LEU C 66 -20.09 -32.53 -9.81
C LEU C 66 -20.83 -33.83 -10.17
N PRO C 67 -21.19 -34.65 -9.14
CA PRO C 67 -21.90 -35.91 -9.36
C PRO C 67 -23.18 -35.72 -10.16
N ALA C 68 -23.84 -34.58 -9.95
CA ALA C 68 -25.08 -34.28 -10.66
C ALA C 68 -25.47 -32.82 -10.48
N VAL C 69 -25.27 -32.02 -11.53
CA VAL C 69 -25.59 -30.60 -11.49
C VAL C 69 -27.10 -30.38 -11.60
N GLY C 70 -27.69 -29.82 -10.55
CA GLY C 70 -29.12 -29.57 -10.55
C GLY C 70 -29.46 -28.10 -10.57
N ILE C 71 -30.69 -27.77 -10.15
CA ILE C 71 -31.12 -26.38 -10.12
C ILE C 71 -30.33 -25.57 -9.10
N GLN C 72 -29.93 -26.23 -8.01
CA GLN C 72 -29.16 -25.56 -6.97
C GLN C 72 -27.80 -25.15 -7.48
N ASP C 73 -27.27 -25.91 -8.44
CA ASP C 73 -25.96 -25.62 -9.02
C ASP C 73 -26.05 -24.48 -10.01
N GLU C 74 -27.26 -24.17 -10.48
CA GLU C 74 -27.47 -23.09 -11.43
C GLU C 74 -26.80 -21.80 -10.97
N GLY C 75 -26.90 -20.75 -11.79
CA GLY C 75 -26.31 -19.49 -11.44
C GLY C 75 -24.97 -19.28 -12.12
N ILE C 76 -24.10 -18.50 -11.50
CA ILE C 76 -22.79 -18.20 -12.06
C ILE C 76 -21.69 -18.53 -11.06
N PHE C 77 -20.68 -19.27 -11.51
CA PHE C 77 -19.55 -19.63 -10.65
C PHE C 77 -18.36 -18.71 -10.89
N ARG C 78 -17.55 -18.52 -9.86
CA ARG C 78 -16.38 -17.66 -9.97
C ARG C 78 -15.22 -18.20 -9.14
N CYS C 79 -14.01 -18.06 -9.68
CA CYS C 79 -12.81 -18.52 -9.01
C CYS C 79 -12.00 -17.35 -8.47
N GLN C 80 -11.23 -17.59 -7.42
CA GLN C 80 -10.41 -16.54 -6.82
C GLN C 80 -9.26 -17.15 -6.02
N ALA C 81 -8.16 -16.41 -5.94
CA ALA C 81 -6.98 -16.85 -5.21
C ALA C 81 -6.44 -15.73 -4.33
N MET C 82 -5.64 -16.10 -3.32
CA MET C 82 -5.06 -15.11 -2.43
C MET C 82 -3.57 -15.36 -2.23
N ASN C 83 -2.75 -14.45 -2.74
CA ASN C 83 -1.30 -14.56 -2.61
C ASN C 83 -0.79 -13.67 -1.48
N ARG C 84 0.53 -13.50 -1.41
CA ARG C 84 1.14 -12.67 -0.38
C ARG C 84 0.84 -11.19 -0.59
N ASN C 85 0.66 -10.81 -1.85
CA ASN C 85 0.34 -9.42 -2.19
C ASN C 85 -1.16 -9.27 -2.37
N GLY C 86 -1.81 -10.34 -2.84
CA GLY C 86 -3.24 -10.32 -3.03
C GLY C 86 -3.65 -10.59 -4.47
N LYS C 87 -2.77 -11.24 -5.22
CA LYS C 87 -3.04 -11.56 -6.63
C LYS C 87 -4.17 -12.58 -6.74
N GLU C 88 -5.25 -12.18 -7.38
CA GLU C 88 -6.42 -13.04 -7.54
C GLU C 88 -6.83 -13.14 -9.00
N THR C 89 -7.52 -14.23 -9.34
CA THR C 89 -8.00 -14.43 -10.70
C THR C 89 -9.50 -14.21 -10.79
N LYS C 90 -9.92 -13.40 -11.76
CA LYS C 90 -11.33 -13.08 -11.96
C LYS C 90 -11.91 -13.81 -13.17
N SER C 91 -13.02 -14.52 -12.97
CA SER C 91 -13.66 -15.29 -14.04
C SER C 91 -15.05 -15.77 -13.61
N ASN C 92 -16.06 -15.42 -14.38
CA ASN C 92 -17.43 -15.82 -14.08
C ASN C 92 -18.06 -16.58 -15.24
N TYR C 93 -18.57 -17.77 -14.94
CA TYR C 93 -19.20 -18.60 -15.97
C TYR C 93 -20.69 -18.77 -15.68
N ARG C 94 -21.52 -18.41 -16.66
CA ARG C 94 -22.96 -18.53 -16.51
C ARG C 94 -23.43 -19.92 -16.91
N VAL C 95 -24.06 -20.61 -15.97
CA VAL C 95 -24.56 -21.96 -16.21
C VAL C 95 -26.07 -22.06 -15.95
N ARG C 96 -26.78 -22.70 -16.88
CA ARG C 96 -28.23 -22.85 -16.75
C ARG C 96 -28.65 -24.24 -17.19
N VAL C 97 -29.66 -24.78 -16.53
CA VAL C 97 -30.17 -26.12 -16.84
C VAL C 97 -31.36 -26.03 -17.80
N TYR C 98 -31.65 -27.15 -18.45
CA TYR C 98 -32.76 -27.22 -19.41
C TYR C 98 -34.06 -26.72 -18.78
N GLN C 99 -34.69 -27.57 -17.96
CA GLN C 99 -35.93 -27.22 -17.30
C GLN C 99 -35.67 -26.35 -16.07
N ILE C 100 -36.32 -25.19 -16.02
CA ILE C 100 -36.15 -24.28 -14.89
C ILE C 100 -37.46 -24.10 -14.14
N PRO C 101 -37.41 -23.57 -12.90
CA PRO C 101 -38.60 -23.34 -12.08
C PRO C 101 -39.49 -22.23 -12.62
N ALA D 1 17.78 18.00 3.28
CA ALA D 1 18.48 17.80 4.59
C ALA D 1 18.52 19.10 5.38
N MET D 2 17.86 19.11 6.53
CA MET D 2 17.81 20.29 7.38
C MET D 2 18.28 19.96 8.80
N ALA D 3 19.00 20.89 9.41
CA ALA D 3 19.50 20.69 10.77
C ALA D 3 19.57 22.00 11.54
N GLN D 4 19.24 21.96 12.82
CA GLN D 4 19.26 23.15 13.66
C GLN D 4 20.63 23.35 14.30
N ASN D 5 21.10 24.60 14.30
CA ASN D 5 22.40 24.91 14.88
C ASN D 5 22.28 25.16 16.39
N ILE D 6 22.83 24.25 17.17
CA ILE D 6 22.78 24.37 18.63
C ILE D 6 24.18 24.24 19.24
N THR D 7 24.57 25.23 20.03
CA THR D 7 25.87 25.22 20.67
C THR D 7 25.80 24.58 22.07
N ALA D 8 26.81 23.79 22.41
CA ALA D 8 26.86 23.13 23.69
C ALA D 8 28.28 23.04 24.20
N ARG D 9 28.43 22.80 25.51
CA ARG D 9 29.75 22.69 26.13
C ARG D 9 30.02 21.25 26.56
N ILE D 10 31.25 20.79 26.33
CA ILE D 10 31.64 19.44 26.70
C ILE D 10 31.51 19.21 28.21
N GLY D 11 30.88 18.10 28.57
CA GLY D 11 30.70 17.77 29.97
C GLY D 11 29.59 18.56 30.64
N GLU D 12 28.89 19.39 29.87
CA GLU D 12 27.80 20.20 30.41
C GLU D 12 26.45 19.53 30.16
N PRO D 13 25.57 19.50 31.18
CA PRO D 13 24.25 18.89 31.07
C PRO D 13 23.36 19.65 30.08
N LEU D 14 22.57 18.92 29.30
CA LEU D 14 21.68 19.52 28.32
C LEU D 14 20.33 18.80 28.27
N VAL D 15 19.26 19.58 28.18
CA VAL D 15 17.92 19.01 28.14
C VAL D 15 17.17 19.50 26.90
N LEU D 16 16.48 18.58 26.23
CA LEU D 16 15.73 18.92 25.04
C LEU D 16 14.44 18.11 24.96
N LYS D 17 13.42 18.68 24.30
CA LYS D 17 12.13 18.01 24.15
C LYS D 17 11.93 17.52 22.72
N CYS D 18 11.65 16.23 22.58
CA CYS D 18 11.44 15.63 21.26
C CYS D 18 10.05 15.01 21.18
N LYS D 19 9.04 15.85 20.95
CA LYS D 19 7.67 15.37 20.84
C LYS D 19 7.49 14.47 19.62
N GLY D 20 6.26 14.05 19.39
CA GLY D 20 5.97 13.19 18.25
C GLY D 20 4.82 12.24 18.52
N ALA D 21 4.79 11.67 19.72
CA ALA D 21 3.73 10.74 20.10
C ALA D 21 2.37 11.43 20.07
N PRO D 22 1.43 10.96 19.22
CA PRO D 22 0.08 11.55 19.13
C PRO D 22 -0.73 11.45 20.43
N LYS D 23 -1.99 11.85 20.37
CA LYS D 23 -2.89 11.83 21.54
C LYS D 23 -3.21 10.40 21.99
N LYS D 24 -2.90 9.43 21.14
CA LYS D 24 -3.15 8.02 21.45
C LYS D 24 -2.16 7.51 22.51
N PRO D 25 -2.40 6.31 23.08
CA PRO D 25 -1.51 5.73 24.09
C PRO D 25 -0.06 5.68 23.62
N PRO D 26 0.89 5.41 24.55
CA PRO D 26 2.32 5.33 24.21
C PRO D 26 2.60 4.34 23.09
N GLN D 27 2.88 4.85 21.91
CA GLN D 27 3.17 4.01 20.76
C GLN D 27 4.67 3.70 20.66
N ARG D 28 5.04 3.01 19.60
CA ARG D 28 6.46 2.64 19.39
C ARG D 28 7.30 3.88 19.12
N LEU D 29 8.61 3.74 19.26
CA LEU D 29 9.53 4.84 19.02
C LEU D 29 10.94 4.32 18.73
N GLU D 30 11.63 5.00 17.82
CA GLU D 30 12.99 4.60 17.45
C GLU D 30 13.91 5.81 17.41
N TRP D 31 15.10 5.66 17.96
CA TRP D 31 16.09 6.73 18.01
C TRP D 31 17.15 6.54 16.93
N LYS D 32 17.45 7.59 16.19
CA LYS D 32 18.44 7.53 15.13
C LYS D 32 19.20 8.84 15.02
N LEU D 33 20.50 8.76 14.77
CA LEU D 33 21.34 9.95 14.64
C LEU D 33 22.45 9.73 13.62
N ASN D 34 22.79 10.77 12.88
CA ASN D 34 23.84 10.69 11.87
C ASN D 34 25.08 11.44 12.31
N THR D 35 26.21 10.75 12.33
CA THR D 35 27.47 11.36 12.73
C THR D 35 28.64 10.73 11.98
N GLY D 36 29.84 11.24 12.24
CA GLY D 36 31.03 10.72 11.58
C GLY D 36 31.26 9.26 11.89
N ARG D 37 31.30 8.93 13.18
CA ARG D 37 31.51 7.55 13.61
C ARG D 37 30.23 6.95 14.18
N THR D 38 29.42 7.80 14.80
CA THR D 38 28.16 7.36 15.39
C THR D 38 28.40 6.34 16.52
N GLU D 39 28.26 6.79 17.75
CA GLU D 39 28.46 5.92 18.90
C GLU D 39 27.43 6.21 19.99
N ALA D 40 26.36 6.90 19.62
CA ALA D 40 25.31 7.24 20.58
C ALA D 40 23.95 6.69 20.15
N TRP D 41 23.84 6.31 18.87
CA TRP D 41 22.60 5.78 18.34
C TRP D 41 22.13 4.55 19.14
N LYS D 42 20.99 4.68 19.79
CA LYS D 42 20.44 3.60 20.59
C LYS D 42 18.95 3.40 20.28
N VAL D 43 18.46 2.19 20.55
CA VAL D 43 17.06 1.88 20.30
C VAL D 43 16.22 2.09 21.55
N LEU D 44 15.32 3.05 21.51
CA LEU D 44 14.45 3.37 22.64
C LEU D 44 13.13 2.62 22.54
N SER D 45 12.69 2.05 23.66
CA SER D 45 11.45 1.31 23.71
C SER D 45 10.58 1.77 24.88
N PRO D 46 9.25 1.70 24.73
CA PRO D 46 8.31 2.12 25.77
C PRO D 46 8.35 1.22 26.99
N GLN D 47 9.02 0.07 26.86
CA GLN D 47 9.13 -0.88 27.97
C GLN D 47 10.48 -1.59 27.92
N GLY D 48 11.54 -0.89 28.33
CA GLY D 48 12.87 -1.47 28.35
C GLY D 48 13.96 -0.43 28.17
N GLY D 49 15.18 -0.80 28.48
CA GLY D 49 16.29 0.12 28.35
C GLY D 49 17.56 -0.57 27.86
N GLY D 50 18.54 0.22 27.44
CA GLY D 50 19.79 -0.32 26.94
C GLY D 50 21.00 0.40 27.50
N PRO D 51 22.11 0.44 26.75
CA PRO D 51 23.34 1.11 27.18
C PRO D 51 23.20 2.63 27.22
N TRP D 52 22.64 3.19 26.16
CA TRP D 52 22.44 4.63 26.08
C TRP D 52 21.57 5.13 27.22
N ASP D 53 20.79 4.23 27.82
CA ASP D 53 19.90 4.58 28.92
C ASP D 53 20.70 5.21 30.07
N SER D 54 21.93 4.75 30.25
CA SER D 54 22.80 5.26 31.31
C SER D 54 23.44 6.58 30.90
N VAL D 55 23.55 6.79 29.59
CA VAL D 55 24.14 8.01 29.05
C VAL D 55 23.12 9.13 28.96
N ALA D 56 21.87 8.75 28.70
CA ALA D 56 20.78 9.72 28.60
C ALA D 56 19.43 9.04 28.73
N ARG D 57 18.49 9.71 29.38
CA ARG D 57 17.16 9.16 29.60
C ARG D 57 16.09 10.08 29.00
N VAL D 58 14.88 9.55 28.85
CA VAL D 58 13.77 10.31 28.30
C VAL D 58 12.72 10.60 29.38
N LEU D 59 12.37 11.88 29.52
CA LEU D 59 11.37 12.28 30.51
C LEU D 59 9.97 11.83 30.10
N PRO D 60 9.09 11.57 31.08
CA PRO D 60 7.72 11.14 30.82
C PRO D 60 7.00 12.00 29.80
N ASN D 61 7.44 13.26 29.67
CA ASN D 61 6.85 14.19 28.74
C ASN D 61 7.47 14.04 27.34
N GLY D 62 8.33 13.05 27.16
CA GLY D 62 8.98 12.83 25.88
C GLY D 62 10.15 13.77 25.66
N SER D 63 10.95 13.97 26.71
CA SER D 63 12.11 14.85 26.62
C SER D 63 13.39 14.05 26.63
N LEU D 64 14.52 14.75 26.74
CA LEU D 64 15.82 14.09 26.76
C LEU D 64 16.82 14.91 27.58
N PHE D 65 17.45 14.27 28.56
CA PHE D 65 18.41 14.94 29.41
C PHE D 65 19.71 14.13 29.49
N LEU D 66 20.84 14.82 29.35
CA LEU D 66 22.15 14.17 29.40
C LEU D 66 22.96 14.70 30.59
N PRO D 67 23.49 13.79 31.43
CA PRO D 67 24.29 14.17 32.60
C PRO D 67 25.46 15.08 32.23
N ALA D 68 26.04 14.84 31.05
CA ALA D 68 27.15 15.64 30.57
C ALA D 68 27.43 15.37 29.10
N VAL D 69 27.05 16.33 28.25
CA VAL D 69 27.25 16.20 26.81
C VAL D 69 28.70 16.44 26.44
N GLY D 70 29.34 15.41 25.90
CA GLY D 70 30.74 15.53 25.51
C GLY D 70 30.95 15.45 24.01
N ILE D 71 32.17 15.13 23.60
CA ILE D 71 32.49 15.03 22.18
C ILE D 71 31.73 13.88 21.53
N GLN D 72 31.51 12.81 22.29
CA GLN D 72 30.79 11.65 21.79
C GLN D 72 29.35 11.99 21.48
N ASP D 73 28.80 12.95 22.22
CA ASP D 73 27.42 13.38 22.01
C ASP D 73 27.30 14.28 20.80
N GLU D 74 28.42 14.83 20.34
CA GLU D 74 28.43 15.71 19.17
C GLU D 74 27.70 15.07 17.99
N GLY D 75 27.62 15.82 16.89
CA GLY D 75 26.95 15.30 15.72
C GLY D 75 25.54 15.84 15.59
N ILE D 76 24.67 15.06 14.94
CA ILE D 76 23.28 15.48 14.75
C ILE D 76 22.33 14.40 15.25
N PHE D 77 21.35 14.81 16.04
CA PHE D 77 20.37 13.88 16.59
C PHE D 77 19.07 13.94 15.77
N ARG D 78 18.36 12.81 15.74
CA ARG D 78 17.11 12.73 14.99
C ARG D 78 16.09 11.85 15.70
N CYS D 79 14.83 12.26 15.64
CA CYS D 79 13.75 11.51 16.27
C CYS D 79 12.90 10.79 15.22
N GLN D 80 12.26 9.70 15.62
CA GLN D 80 11.42 8.94 14.71
C GLN D 80 10.42 8.07 15.48
N ALA D 81 9.26 7.84 14.86
CA ALA D 81 8.22 7.04 15.47
C ALA D 81 7.67 6.02 14.47
N MET D 82 7.02 4.98 14.99
CA MET D 82 6.45 3.94 14.13
C MET D 82 5.02 3.62 14.55
N ASN D 83 4.06 3.97 13.69
CA ASN D 83 2.66 3.70 13.97
C ASN D 83 2.17 2.47 13.19
N ARG D 84 0.87 2.25 13.20
CA ARG D 84 0.28 1.11 12.49
C ARG D 84 0.41 1.26 10.98
N ASN D 85 0.40 2.50 10.51
CA ASN D 85 0.55 2.78 9.08
C ASN D 85 2.01 3.09 8.77
N GLY D 86 2.70 3.70 9.72
CA GLY D 86 4.10 4.04 9.52
C GLY D 86 4.37 5.53 9.64
N LYS D 87 3.53 6.23 10.39
CA LYS D 87 3.69 7.66 10.58
C LYS D 87 4.90 7.97 11.45
N GLU D 88 5.90 8.63 10.85
CA GLU D 88 7.13 8.97 11.55
C GLU D 88 7.38 10.48 11.54
N THR D 89 8.17 10.96 12.50
CA THR D 89 8.50 12.37 12.58
C THR D 89 9.93 12.63 12.12
N LYS D 90 10.11 13.59 11.22
CA LYS D 90 11.43 13.92 10.69
C LYS D 90 11.94 15.24 11.27
N SER D 91 13.12 15.20 11.88
CA SER D 91 13.72 16.38 12.50
C SER D 91 15.18 16.10 12.88
N ASN D 92 16.08 16.94 12.38
CA ASN D 92 17.51 16.78 12.67
C ASN D 92 18.09 18.05 13.29
N TYR D 93 18.73 17.90 14.44
CA TYR D 93 19.33 19.03 15.13
C TYR D 93 20.85 18.90 15.18
N ARG D 94 21.55 19.91 14.68
CA ARG D 94 23.00 19.90 14.66
C ARG D 94 23.56 20.44 15.97
N VAL D 95 24.33 19.61 16.66
CA VAL D 95 24.93 19.99 17.94
C VAL D 95 26.45 19.88 17.91
N ARG D 96 27.13 20.91 18.41
CA ARG D 96 28.58 20.93 18.43
C ARG D 96 29.09 21.50 19.73
N VAL D 97 30.21 20.97 20.21
CA VAL D 97 30.80 21.43 21.48
C VAL D 97 31.88 22.48 21.22
N TYR D 98 32.21 23.24 22.26
CA TYR D 98 33.22 24.28 22.15
C TYR D 98 34.53 23.73 21.58
N GLN D 99 35.30 23.05 22.41
CA GLN D 99 36.57 22.47 21.97
C GLN D 99 36.34 21.16 21.22
N ILE D 100 36.88 21.08 20.02
CA ILE D 100 36.75 19.88 19.19
C ILE D 100 38.11 19.24 18.93
N PRO D 101 38.12 17.96 18.50
CA PRO D 101 39.36 17.24 18.22
C PRO D 101 40.08 17.77 16.98
N ALA A 2 -13.41 13.93 -16.46
CA ALA A 2 -12.94 13.59 -15.12
C ALA A 2 -12.13 14.73 -14.49
N SER A 3 -12.16 14.78 -13.16
CA SER A 3 -11.43 15.76 -12.36
C SER A 3 -9.93 15.49 -12.38
N PRO A 4 -9.09 16.49 -12.05
CA PRO A 4 -7.62 16.39 -12.09
C PRO A 4 -7.08 15.13 -11.40
N LEU A 5 -7.62 14.78 -10.24
CA LEU A 5 -7.15 13.62 -9.48
C LEU A 5 -7.49 12.29 -10.17
N ASP A 6 -8.73 12.18 -10.66
CA ASP A 6 -9.18 10.99 -11.40
C ASP A 6 -8.41 10.81 -12.72
N GLN A 7 -8.07 11.94 -13.34
CA GLN A 7 -7.31 11.95 -14.59
C GLN A 7 -5.87 11.44 -14.41
N ALA A 8 -5.23 11.91 -13.34
CA ALA A 8 -3.88 11.48 -12.97
C ALA A 8 -3.79 9.98 -12.68
N ILE A 9 -4.73 9.48 -11.87
CA ILE A 9 -4.84 8.05 -11.56
C ILE A 9 -5.08 7.24 -12.84
N GLY A 10 -5.97 7.76 -13.70
CA GLY A 10 -6.31 7.12 -14.97
C GLY A 10 -5.12 7.00 -15.90
N LEU A 11 -4.26 8.04 -15.86
CA LEU A 11 -3.03 8.06 -16.64
C LEU A 11 -2.06 6.98 -16.14
N LEU A 12 -1.93 6.88 -14.82
CA LEU A 12 -1.01 5.90 -14.19
C LEU A 12 -1.43 4.45 -14.46
N VAL A 13 -2.74 4.21 -14.45
CA VAL A 13 -3.30 2.89 -14.75
C VAL A 13 -3.09 2.54 -16.24
N ALA A 14 -3.25 3.56 -17.09
CA ALA A 14 -3.07 3.41 -18.55
C ALA A 14 -1.61 3.04 -18.91
N ILE A 15 -0.66 3.63 -18.17
CA ILE A 15 0.77 3.32 -18.35
C ILE A 15 1.04 1.84 -18.08
N PHE A 16 0.48 1.31 -17.00
CA PHE A 16 0.67 -0.08 -16.61
C PHE A 16 0.29 -1.04 -17.74
N HIS A 17 -0.92 -0.84 -18.28
CA HIS A 17 -1.47 -1.68 -19.34
C HIS A 17 -0.80 -1.46 -20.70
N LYS A 18 -0.19 -0.28 -20.87
CA LYS A 18 0.58 0.05 -22.08
C LYS A 18 1.74 -0.92 -22.30
N TYR A 19 2.28 -1.43 -21.17
CA TYR A 19 3.47 -2.28 -21.17
C TYR A 19 3.18 -3.74 -20.77
N SER A 20 2.19 -3.95 -19.89
CA SER A 20 1.90 -5.28 -19.34
C SER A 20 1.41 -6.28 -20.40
N GLY A 21 0.74 -5.79 -21.44
CA GLY A 21 0.10 -6.63 -22.46
C GLY A 21 1.04 -7.07 -23.59
N ARG A 22 2.31 -6.66 -23.55
CA ARG A 22 3.24 -6.87 -24.67
C ARG A 22 3.66 -8.35 -24.83
N GLU A 23 3.90 -9.02 -23.71
CA GLU A 23 4.32 -10.43 -23.71
C GLU A 23 3.85 -11.13 -22.43
N GLY A 24 3.89 -12.48 -22.46
CA GLY A 24 3.45 -13.31 -21.35
C GLY A 24 2.03 -12.96 -20.94
N ASP A 25 1.79 -12.92 -19.62
CA ASP A 25 0.49 -12.56 -19.09
C ASP A 25 0.19 -11.10 -19.47
N LYS A 26 -1.06 -10.84 -19.83
CA LYS A 26 -1.49 -9.52 -20.28
C LYS A 26 -1.55 -8.48 -19.15
N HIS A 27 -1.72 -8.95 -17.91
CA HIS A 27 -2.02 -8.08 -16.77
C HIS A 27 -0.85 -7.96 -15.78
N THR A 28 0.30 -8.52 -16.14
CA THR A 28 1.48 -8.46 -15.29
C THR A 28 2.69 -7.97 -16.09
N LEU A 29 3.66 -7.40 -15.40
CA LEU A 29 4.87 -6.89 -16.04
C LEU A 29 6.02 -7.88 -15.88
N SER A 30 6.51 -8.37 -17.01
CA SER A 30 7.75 -9.16 -17.04
C SER A 30 8.95 -8.26 -16.73
N LYS A 31 10.13 -8.86 -16.56
CA LYS A 31 11.37 -8.12 -16.35
C LYS A 31 11.65 -7.16 -17.50
N LYS A 32 11.34 -7.64 -18.71
CA LYS A 32 11.51 -6.86 -19.94
C LYS A 32 10.54 -5.68 -20.04
N GLU A 33 9.24 -5.95 -19.77
CA GLU A 33 8.19 -4.93 -19.82
C GLU A 33 8.39 -3.84 -18.78
N LEU A 34 8.75 -4.26 -17.56
CA LEU A 34 8.96 -3.33 -16.45
C LEU A 34 10.18 -2.43 -16.66
N LYS A 35 11.26 -3.00 -17.21
CA LYS A 35 12.47 -2.24 -17.51
C LYS A 35 12.20 -1.18 -18.57
N GLU A 36 11.42 -1.57 -19.55
CA GLU A 36 10.97 -0.70 -20.62
C GLU A 36 10.08 0.43 -20.10
N LEU A 37 9.17 0.08 -19.19
CA LEU A 37 8.29 1.04 -18.53
C LEU A 37 9.13 2.11 -17.80
N ILE A 38 10.12 1.65 -17.04
CA ILE A 38 11.01 2.53 -16.28
C ILE A 38 11.82 3.46 -17.19
N GLN A 39 12.42 2.87 -18.23
CA GLN A 39 13.31 3.60 -19.15
C GLN A 39 12.58 4.65 -19.99
N LYS A 40 11.28 4.42 -20.22
CA LYS A 40 10.48 5.26 -21.12
C LYS A 40 9.54 6.22 -20.38
N GLU A 41 9.15 5.86 -19.16
CA GLU A 41 8.10 6.58 -18.42
C GLU A 41 8.64 7.35 -17.21
N LEU A 42 9.77 6.91 -16.68
CA LEU A 42 10.41 7.56 -15.55
C LEU A 42 11.46 8.55 -16.06
N THR A 43 11.43 9.78 -15.52
CA THR A 43 12.30 10.87 -15.99
C THR A 43 13.78 10.47 -16.00
N ILE A 44 14.20 9.79 -14.93
CA ILE A 44 15.59 9.38 -14.76
C ILE A 44 15.84 7.91 -15.15
N GLY A 45 14.79 7.25 -15.65
CA GLY A 45 14.79 5.83 -15.93
C GLY A 45 15.91 5.39 -16.86
N SER A 46 16.08 6.12 -17.97
CA SER A 46 17.08 5.82 -19.00
C SER A 46 18.53 6.03 -18.51
N LYS A 47 18.71 6.71 -17.36
CA LYS A 47 20.05 7.03 -16.84
C LYS A 47 20.47 6.09 -15.70
N LEU A 48 19.55 5.28 -15.20
CA LEU A 48 19.85 4.31 -14.13
C LEU A 48 20.74 3.18 -14.65
N GLN A 49 21.63 2.73 -13.78
CA GLN A 49 22.45 1.54 -14.04
C GLN A 49 21.54 0.34 -14.27
N ASP A 50 21.96 -0.58 -15.14
CA ASP A 50 21.19 -1.80 -15.40
C ASP A 50 21.03 -2.65 -14.14
N ALA A 51 22.09 -2.69 -13.34
CA ALA A 51 22.13 -3.40 -12.05
C ALA A 51 21.11 -2.84 -11.04
N GLU A 52 20.94 -1.52 -11.07
CA GLU A 52 20.00 -0.84 -10.17
C GLU A 52 18.53 -1.01 -10.58
N ILE A 53 18.26 -1.03 -11.90
CA ILE A 53 16.93 -1.34 -12.42
C ILE A 53 16.55 -2.79 -12.06
N ALA A 54 17.55 -3.68 -12.17
CA ALA A 54 17.37 -5.11 -11.84
C ALA A 54 17.06 -5.32 -10.35
N ARG A 55 17.72 -4.55 -9.50
CA ARG A 55 17.49 -4.59 -8.05
C ARG A 55 16.11 -4.03 -7.69
N LEU A 56 15.75 -2.95 -8.38
CA LEU A 56 14.45 -2.30 -8.24
C LEU A 56 13.29 -3.26 -8.59
N MET A 57 13.43 -3.92 -9.75
CA MET A 57 12.42 -4.88 -10.22
C MET A 57 12.34 -6.12 -9.33
N GLU A 58 13.50 -6.54 -8.83
CA GLU A 58 13.60 -7.71 -7.94
C GLU A 58 12.83 -7.46 -6.64
N ASP A 59 13.04 -6.29 -6.06
CA ASP A 59 12.39 -5.91 -4.81
C ASP A 59 10.89 -5.69 -4.95
N LEU A 60 10.46 -5.12 -6.08
CA LEU A 60 9.04 -4.90 -6.34
C LEU A 60 8.30 -6.23 -6.37
N ASP A 61 9.01 -7.27 -6.81
CA ASP A 61 8.47 -8.62 -6.86
C ASP A 61 8.39 -9.16 -5.44
N ARG A 62 7.20 -9.08 -4.85
CA ARG A 62 6.96 -9.53 -3.47
C ARG A 62 6.50 -10.98 -3.41
N ASN A 63 5.60 -11.37 -4.30
CA ASN A 63 5.08 -12.75 -4.33
C ASN A 63 6.12 -13.72 -4.86
N LYS A 64 7.18 -13.18 -5.45
CA LYS A 64 8.30 -13.95 -5.99
C LYS A 64 7.86 -14.96 -7.06
N ASP A 65 7.64 -14.44 -8.27
CA ASP A 65 7.26 -15.26 -9.41
C ASP A 65 7.84 -14.65 -10.69
N GLN A 66 8.73 -13.67 -10.49
CA GLN A 66 9.41 -12.93 -11.57
C GLN A 66 8.47 -12.01 -12.36
N GLU A 67 7.26 -11.81 -11.82
CA GLU A 67 6.26 -10.95 -12.43
C GLU A 67 5.75 -9.88 -11.45
N VAL A 68 5.71 -8.64 -11.93
CA VAL A 68 5.25 -7.50 -11.15
C VAL A 68 3.81 -7.16 -11.54
N ASN A 69 2.87 -7.60 -10.70
CA ASN A 69 1.46 -7.37 -10.95
C ASN A 69 1.13 -5.92 -10.68
N PHE A 70 -0.15 -5.57 -10.79
CA PHE A 70 -0.57 -4.18 -10.58
C PHE A 70 -0.36 -3.70 -9.13
N GLN A 71 -0.63 -4.58 -8.17
CA GLN A 71 -0.46 -4.24 -6.75
C GLN A 71 1.02 -3.97 -6.44
N GLU A 72 1.92 -4.71 -7.09
CA GLU A 72 3.36 -4.53 -6.89
C GLU A 72 3.80 -3.22 -7.50
N TYR A 73 3.22 -2.89 -8.66
CA TYR A 73 3.47 -1.62 -9.33
C TYR A 73 3.06 -0.41 -8.49
N VAL A 74 1.95 -0.55 -7.76
CA VAL A 74 1.46 0.48 -6.85
C VAL A 74 2.47 0.74 -5.71
N THR A 75 3.15 -0.33 -5.27
CA THR A 75 4.19 -0.21 -4.24
C THR A 75 5.26 0.79 -4.72
N PHE A 76 5.63 0.66 -6.00
CA PHE A 76 6.58 1.57 -6.66
C PHE A 76 6.08 3.01 -6.67
N LEU A 77 4.80 3.20 -7.04
CA LEU A 77 4.15 4.52 -7.02
C LEU A 77 4.15 5.13 -5.63
N GLY A 78 3.89 4.29 -4.63
CA GLY A 78 3.89 4.68 -3.22
C GLY A 78 5.27 5.14 -2.75
N ALA A 79 6.30 4.45 -3.24
CA ALA A 79 7.70 4.78 -2.94
C ALA A 79 8.11 6.13 -3.55
N LEU A 80 7.65 6.39 -4.78
CA LEU A 80 7.88 7.67 -5.46
C LEU A 80 7.21 8.84 -4.75
N ALA A 81 5.99 8.58 -4.28
CA ALA A 81 5.18 9.56 -3.54
C ALA A 81 5.82 9.94 -2.19
N LEU A 82 6.35 8.93 -1.50
CA LEU A 82 7.05 9.13 -0.23
C LEU A 82 8.33 9.96 -0.39
N ILE A 83 9.04 9.72 -1.49
CA ILE A 83 10.28 10.43 -1.82
C ILE A 83 10.01 11.92 -2.03
N TYR A 84 9.01 12.25 -2.86
CA TYR A 84 8.65 13.64 -3.14
C TYR A 84 8.11 14.37 -1.89
N ASN A 85 7.32 13.64 -1.11
CA ASN A 85 6.74 14.18 0.13
C ASN A 85 7.81 14.52 1.18
N GLU A 86 8.79 13.61 1.33
CA GLU A 86 9.89 13.79 2.27
C GLU A 86 10.77 15.00 1.91
N ALA A 87 11.01 15.19 0.62
CA ALA A 87 11.81 16.31 0.12
C ALA A 87 11.16 17.67 0.45
N LEU A 88 9.83 17.71 0.32
CA LEU A 88 9.05 18.93 0.56
C LEU A 88 9.00 19.33 2.04
N LYS A 89 9.09 18.33 2.92
CA LYS A 89 9.06 18.56 4.36
C LYS A 89 10.41 19.11 4.84
N GLY A 90 11.50 18.51 4.35
CA GLY A 90 12.82 18.96 4.74
C GLY A 90 13.83 17.84 4.77
N ALA B 2 9.35 17.16 -16.74
CA ALA B 2 9.13 15.82 -16.21
C ALA B 2 8.29 14.95 -17.16
N SER B 3 8.53 13.64 -17.10
CA SER B 3 7.80 12.65 -17.90
C SER B 3 6.36 12.48 -17.40
N PRO B 4 5.46 11.94 -18.24
CA PRO B 4 4.03 11.78 -17.92
C PRO B 4 3.77 11.16 -16.55
N LEU B 5 4.55 10.12 -16.18
CA LEU B 5 4.35 9.43 -14.90
C LEU B 5 4.76 10.30 -13.71
N ASP B 6 5.91 10.96 -13.82
CA ASP B 6 6.39 11.88 -12.78
C ASP B 6 5.46 13.09 -12.60
N GLN B 7 4.88 13.54 -13.71
CA GLN B 7 3.94 14.66 -13.72
C GLN B 7 2.62 14.34 -12.98
N ALA B 8 2.10 13.13 -13.26
CA ALA B 8 0.89 12.63 -12.60
C ALA B 8 1.05 12.49 -11.09
N ILE B 9 2.17 11.86 -10.66
CA ILE B 9 2.52 11.73 -9.25
C ILE B 9 2.67 13.11 -8.59
N GLY B 10 3.33 14.02 -9.31
CA GLY B 10 3.56 15.39 -8.84
C GLY B 10 2.25 16.14 -8.62
N LEU B 11 1.29 15.89 -9.50
CA LEU B 11 -0.05 16.47 -9.41
C LEU B 11 -0.78 15.96 -8.15
N LEU B 12 -0.69 14.65 -7.93
CA LEU B 12 -1.34 14.00 -6.78
C LEU B 12 -0.79 14.47 -5.43
N VAL B 13 0.54 14.68 -5.39
CA VAL B 13 1.22 15.20 -4.20
C VAL B 13 0.83 16.67 -3.94
N ALA B 14 0.71 17.42 -5.04
CA ALA B 14 0.32 18.84 -4.99
C ALA B 14 -1.11 19.03 -4.45
N ILE B 15 -2.01 18.11 -4.82
CA ILE B 15 -3.39 18.11 -4.31
C ILE B 15 -3.40 17.97 -2.80
N PHE B 16 -2.61 17.03 -2.27
CA PHE B 16 -2.57 16.77 -0.84
C PHE B 16 -2.24 18.04 -0.04
N HIS B 17 -1.16 18.71 -0.47
CA HIS B 17 -0.68 19.94 0.20
C HIS B 17 -1.58 21.16 -0.04
N LYS B 18 -2.36 21.11 -1.12
CA LYS B 18 -3.35 22.15 -1.44
C LYS B 18 -4.39 22.29 -0.32
N TYR B 19 -4.67 21.17 0.36
CA TYR B 19 -5.72 21.09 1.38
C TYR B 19 -5.17 20.89 2.80
N SER B 20 -4.04 20.19 2.93
CA SER B 20 -3.49 19.82 4.25
C SER B 20 -3.04 21.05 5.07
N GLY B 21 -2.61 22.11 4.39
CA GLY B 21 -2.04 23.29 5.05
C GLY B 21 -3.07 24.33 5.53
N ARG B 22 -4.36 24.06 5.32
CA ARG B 22 -5.42 25.05 5.57
C ARG B 22 -5.66 25.30 7.07
N GLU B 23 -5.63 24.23 7.86
CA GLU B 23 -5.84 24.32 9.31
C GLU B 23 -5.08 23.21 10.05
N GLY B 24 -4.96 23.38 11.37
CA GLY B 24 -4.24 22.43 12.22
C GLY B 24 -2.83 22.19 11.69
N ASP B 25 -2.40 20.92 11.74
CA ASP B 25 -1.10 20.53 11.22
C ASP B 25 -1.04 20.81 9.72
N LYS B 26 0.09 21.34 9.26
CA LYS B 26 0.27 21.72 7.86
C LYS B 26 0.36 20.52 6.91
N HIS B 27 0.78 19.37 7.43
CA HIS B 27 1.13 18.19 6.61
C HIS B 27 0.11 17.04 6.72
N THR B 28 -0.99 17.29 7.42
CA THR B 28 -2.03 16.29 7.59
C THR B 28 -3.40 16.87 7.23
N LEU B 29 -4.32 15.99 6.86
CA LEU B 29 -5.68 16.41 6.47
C LEU B 29 -6.64 16.20 7.63
N SER B 30 -7.23 17.30 8.10
CA SER B 30 -8.34 17.25 9.05
C SER B 30 -9.58 16.69 8.37
N LYS B 31 -10.64 16.42 9.16
CA LYS B 31 -11.92 15.98 8.63
C LYS B 31 -12.50 16.97 7.62
N LYS B 32 -12.30 18.25 7.93
CA LYS B 32 -12.75 19.37 7.09
C LYS B 32 -11.97 19.46 5.78
N GLU B 33 -10.64 19.39 5.87
CA GLU B 33 -9.74 19.47 4.71
C GLU B 33 -9.93 18.30 3.75
N LEU B 34 -10.05 17.10 4.33
CA LEU B 34 -10.22 15.88 3.54
C LEU B 34 -11.57 15.82 2.83
N LYS B 35 -12.62 16.29 3.50
CA LYS B 35 -13.96 16.33 2.89
C LYS B 35 -13.99 17.29 1.71
N GLU B 36 -13.33 18.41 1.91
CA GLU B 36 -13.16 19.42 0.89
C GLU B 36 -12.36 18.92 -0.33
N LEU B 37 -11.28 18.18 -0.03
CA LEU B 37 -10.45 17.54 -1.06
C LEU B 37 -11.31 16.59 -1.90
N ILE B 38 -12.11 15.76 -1.24
CA ILE B 38 -12.99 14.79 -1.91
C ILE B 38 -14.04 15.48 -2.79
N GLN B 39 -14.70 16.50 -2.21
CA GLN B 39 -15.81 17.20 -2.88
C GLN B 39 -15.35 18.01 -4.10
N LYS B 40 -14.09 18.43 -4.08
CA LYS B 40 -13.55 19.35 -5.11
C LYS B 40 -12.65 18.63 -6.13
N GLU B 41 -12.03 17.51 -5.72
CA GLU B 41 -10.99 16.86 -6.53
C GLU B 41 -11.45 15.50 -7.08
N LEU B 42 -12.42 14.87 -6.44
CA LEU B 42 -12.97 13.62 -6.90
C LEU B 42 -14.20 13.87 -7.75
N THR B 43 -14.26 13.21 -8.92
CA THR B 43 -15.33 13.43 -9.91
C THR B 43 -16.72 13.29 -9.30
N ILE B 44 -16.89 12.26 -8.47
CA ILE B 44 -18.17 11.94 -7.84
C ILE B 44 -18.27 12.46 -6.40
N GLY B 45 -17.23 13.15 -5.95
CA GLY B 45 -17.08 13.59 -4.56
C GLY B 45 -18.26 14.41 -4.04
N SER B 46 -18.67 15.40 -4.85
CA SER B 46 -19.78 16.30 -4.50
C SER B 46 -21.15 15.61 -4.44
N LYS B 47 -21.25 14.39 -4.97
CA LYS B 47 -22.53 13.65 -5.05
C LYS B 47 -22.65 12.57 -3.97
N LEU B 48 -21.57 12.30 -3.25
CA LEU B 48 -21.57 11.32 -2.16
C LEU B 48 -22.36 11.83 -0.96
N GLN B 49 -23.06 10.90 -0.31
CA GLN B 49 -23.73 11.18 0.95
C GLN B 49 -22.71 11.65 1.98
N ASP B 50 -23.12 12.56 2.88
CA ASP B 50 -22.25 13.05 3.94
C ASP B 50 -21.79 11.92 4.87
N ALA B 51 -22.72 10.99 5.14
CA ALA B 51 -22.46 9.80 5.96
C ALA B 51 -21.40 8.89 5.35
N GLU B 52 -21.40 8.78 4.02
CA GLU B 52 -20.45 7.95 3.29
C GLU B 52 -19.04 8.57 3.20
N ILE B 53 -18.98 9.90 3.06
CA ILE B 53 -17.70 10.63 3.12
C ILE B 53 -17.08 10.48 4.52
N ALA B 54 -17.95 10.55 5.55
CA ALA B 54 -17.54 10.41 6.94
C ALA B 54 -16.99 9.01 7.25
N ARG B 55 -17.61 7.99 6.65
CA ARG B 55 -17.16 6.60 6.80
C ARG B 55 -15.85 6.37 6.08
N LEU B 56 -15.74 6.98 4.89
CA LEU B 56 -14.52 6.95 4.07
C LEU B 56 -13.31 7.55 4.81
N MET B 57 -13.53 8.74 5.38
CA MET B 57 -12.48 9.45 6.13
C MET B 57 -12.10 8.71 7.43
N GLU B 58 -13.12 8.12 8.06
CA GLU B 58 -12.92 7.35 9.30
C GLU B 58 -12.02 6.15 9.06
N ASP B 59 -12.29 5.43 7.99
CA ASP B 59 -11.52 4.23 7.63
C ASP B 59 -10.09 4.54 7.17
N LEU B 60 -9.92 5.66 6.45
CA LEU B 60 -8.59 6.07 5.98
C LEU B 60 -7.69 6.36 7.19
N ASP B 61 -8.32 6.81 8.28
CA ASP B 61 -7.63 7.08 9.53
C ASP B 61 -7.25 5.75 10.19
N ARG B 62 -6.04 5.27 9.88
CA ARG B 62 -5.58 3.99 10.41
C ARG B 62 -4.95 4.12 11.79
N ASN B 63 -4.18 5.19 12.01
CA ASN B 63 -3.52 5.40 13.29
C ASN B 63 -4.52 5.85 14.36
N LYS B 64 -5.68 6.35 13.90
CA LYS B 64 -6.76 6.80 14.78
C LYS B 64 -6.40 8.02 15.63
N ASP B 65 -6.16 9.15 14.95
CA ASP B 65 -5.84 10.40 15.63
C ASP B 65 -6.67 11.53 15.04
N GLN B 66 -7.63 11.12 14.19
CA GLN B 66 -8.57 12.03 13.50
C GLN B 66 -7.90 12.84 12.37
N GLU B 67 -6.67 12.45 12.03
CA GLU B 67 -5.90 13.11 10.97
C GLU B 67 -5.41 12.10 9.92
N VAL B 68 -5.62 12.44 8.65
CA VAL B 68 -5.22 11.61 7.52
C VAL B 68 -3.92 12.16 6.94
N ASN B 69 -2.82 11.50 7.29
CA ASN B 69 -1.50 11.91 6.82
C ASN B 69 -1.32 11.53 5.37
N PHE B 70 -0.14 11.74 4.83
CA PHE B 70 0.12 11.42 3.42
C PHE B 70 0.04 9.91 3.12
N GLN B 71 0.55 9.08 4.03
CA GLN B 71 0.52 7.64 3.85
C GLN B 71 -0.93 7.12 3.86
N GLU B 72 -1.79 7.77 4.63
CA GLU B 72 -3.20 7.38 4.70
C GLU B 72 -3.92 7.83 3.42
N TYR B 73 -3.57 9.01 2.93
CA TYR B 73 -4.09 9.53 1.67
C TYR B 73 -3.76 8.62 0.48
N VAL B 74 -2.56 8.04 0.50
CA VAL B 74 -2.11 7.08 -0.53
C VAL B 74 -3.00 5.83 -0.52
N THR B 75 -3.45 5.41 0.66
CA THR B 75 -4.36 4.26 0.78
C THR B 75 -5.61 4.51 -0.09
N PHE B 76 -6.12 5.74 -0.04
CA PHE B 76 -7.25 6.17 -0.87
C PHE B 76 -6.93 6.09 -2.36
N LEU B 77 -5.74 6.58 -2.75
CA LEU B 77 -5.26 6.49 -4.12
C LEU B 77 -5.14 5.05 -4.61
N GLY B 78 -4.65 4.19 -3.71
CA GLY B 78 -4.52 2.77 -3.97
C GLY B 78 -5.86 2.07 -4.19
N ALA B 79 -6.85 2.52 -3.42
CA ALA B 79 -8.23 2.02 -3.54
C ALA B 79 -8.88 2.41 -4.88
N LEU B 80 -8.62 3.64 -5.31
CA LEU B 80 -9.09 4.14 -6.61
C LEU B 80 -8.47 3.40 -7.78
N ALA B 81 -7.17 3.12 -7.64
CA ALA B 81 -6.41 2.38 -8.65
C ALA B 81 -6.89 0.93 -8.80
N LEU B 82 -7.21 0.29 -7.67
CA LEU B 82 -7.75 -1.07 -7.65
C LEU B 82 -9.13 -1.16 -8.32
N ILE B 83 -9.95 -0.12 -8.09
CA ILE B 83 -11.29 -0.03 -8.66
C ILE B 83 -11.23 0.04 -10.20
N TYR B 84 -10.40 0.94 -10.73
CA TYR B 84 -10.25 1.11 -12.17
C TYR B 84 -9.64 -0.13 -12.85
N ASN B 85 -8.66 -0.74 -12.15
CA ASN B 85 -7.99 -1.95 -12.64
C ASN B 85 -8.95 -3.15 -12.72
N GLU B 86 -9.79 -3.29 -11.70
CA GLU B 86 -10.77 -4.39 -11.63
C GLU B 86 -11.84 -4.29 -12.73
N ALA B 87 -12.24 -3.05 -13.05
CA ALA B 87 -13.23 -2.79 -14.09
C ALA B 87 -12.71 -3.18 -15.48
N LEU B 88 -11.42 -2.90 -15.71
CA LEU B 88 -10.76 -3.17 -16.99
C LEU B 88 -10.56 -4.68 -17.24
N LYS B 89 -10.40 -5.45 -16.17
CA LYS B 89 -10.20 -6.89 -16.27
C LYS B 89 -11.51 -7.61 -16.60
N GLY B 90 -12.59 -7.20 -15.94
CA GLY B 90 -13.89 -7.81 -16.18
C GLY B 90 -14.83 -7.65 -15.01
N ALA C 1 -19.44 -6.44 -15.79
CA ALA C 1 -20.05 -7.77 -15.49
C ALA C 1 -20.10 -8.64 -16.73
N MET C 2 -19.32 -9.72 -16.71
CA MET C 2 -19.26 -10.64 -17.84
C MET C 2 -19.54 -12.07 -17.39
N ALA C 3 -20.25 -12.82 -18.23
CA ALA C 3 -20.58 -14.21 -17.93
C ALA C 3 -20.73 -15.04 -19.20
N GLN C 4 -20.27 -16.28 -19.15
CA GLN C 4 -20.33 -17.17 -20.30
C GLN C 4 -21.65 -17.94 -20.31
N ASN C 5 -22.25 -18.05 -21.49
CA ASN C 5 -23.52 -18.78 -21.64
C ASN C 5 -23.28 -20.27 -21.84
N ILE C 6 -23.64 -21.06 -20.85
CA ILE C 6 -23.46 -22.51 -20.92
C ILE C 6 -24.77 -23.24 -20.60
N THR C 7 -25.19 -24.11 -21.51
CA THR C 7 -26.41 -24.88 -21.32
C THR C 7 -26.12 -26.21 -20.66
N ALA C 8 -27.00 -26.62 -19.74
CA ALA C 8 -26.84 -27.87 -19.04
C ALA C 8 -28.19 -28.52 -18.77
N ARG C 9 -28.17 -29.82 -18.45
CA ARG C 9 -29.39 -30.55 -18.17
C ARG C 9 -29.46 -30.95 -16.69
N ILE C 10 -30.65 -30.80 -16.10
CA ILE C 10 -30.84 -31.15 -14.70
C ILE C 10 -30.54 -32.63 -14.43
N GLY C 11 -29.74 -32.87 -13.40
CA GLY C 11 -29.39 -34.24 -13.04
C GLY C 11 -28.32 -34.83 -13.94
N GLU C 12 -27.80 -34.04 -14.86
CA GLU C 12 -26.77 -34.51 -15.78
C GLU C 12 -25.38 -34.10 -15.29
N PRO C 13 -24.40 -35.03 -15.32
CA PRO C 13 -23.03 -34.76 -14.88
C PRO C 13 -22.34 -33.73 -15.77
N LEU C 14 -21.55 -32.85 -15.16
CA LEU C 14 -20.85 -31.81 -15.90
C LEU C 14 -19.44 -31.61 -15.35
N VAL C 15 -18.47 -31.45 -16.25
CA VAL C 15 -17.09 -31.25 -15.85
C VAL C 15 -16.53 -29.97 -16.46
N LEU C 16 -15.81 -29.20 -15.66
CA LEU C 16 -15.22 -27.95 -16.12
C LEU C 16 -13.86 -27.72 -15.49
N LYS C 17 -12.99 -26.99 -16.18
CA LYS C 17 -11.66 -26.69 -15.68
C LYS C 17 -11.54 -25.22 -15.27
N CYS C 18 -11.14 -25.00 -14.02
CA CYS C 18 -10.99 -23.64 -13.50
C CYS C 18 -9.55 -23.39 -13.05
N LYS C 19 -8.68 -23.11 -14.00
CA LYS C 19 -7.28 -22.85 -13.70
C LYS C 19 -7.11 -21.58 -12.87
N GLY C 20 -5.87 -21.21 -12.61
CA GLY C 20 -5.61 -20.01 -11.82
C GLY C 20 -4.34 -20.12 -11.01
N ALA C 21 -4.12 -21.29 -10.41
CA ALA C 21 -2.94 -21.52 -9.60
C ALA C 21 -1.66 -21.40 -10.43
N PRO C 22 -0.79 -20.42 -10.09
CA PRO C 22 0.48 -20.20 -10.80
C PRO C 22 1.38 -21.43 -10.76
N LYS C 23 2.59 -21.28 -11.27
CA LYS C 23 3.53 -22.40 -11.31
C LYS C 23 4.00 -22.78 -9.92
N LYS C 24 3.93 -21.83 -9.00
CA LYS C 24 4.34 -22.06 -7.62
C LYS C 24 3.50 -23.16 -6.98
N PRO C 25 3.94 -23.69 -5.81
CA PRO C 25 3.22 -24.76 -5.11
C PRO C 25 1.75 -24.43 -4.90
N PRO C 26 0.94 -25.43 -4.49
CA PRO C 26 -0.50 -25.23 -4.25
C PRO C 26 -0.78 -24.10 -3.27
N GLN C 27 -1.23 -22.97 -3.79
CA GLN C 27 -1.54 -21.81 -2.97
C GLN C 27 -2.99 -21.84 -2.49
N ARG C 28 -3.40 -20.79 -1.79
CA ARG C 28 -4.76 -20.71 -1.26
C ARG C 28 -5.76 -20.57 -2.40
N LEU C 29 -7.04 -20.83 -2.10
CA LEU C 29 -8.09 -20.73 -3.10
C LEU C 29 -9.46 -20.56 -2.43
N GLU C 30 -10.32 -19.74 -3.04
CA GLU C 30 -11.64 -19.48 -2.50
C GLU C 30 -12.69 -19.60 -3.60
N TRP C 31 -13.80 -20.25 -3.28
CA TRP C 31 -14.89 -20.44 -4.22
C TRP C 31 -16.03 -19.46 -3.94
N LYS C 32 -16.51 -18.80 -4.98
CA LYS C 32 -17.60 -17.84 -4.84
C LYS C 32 -18.51 -17.87 -6.07
N LEU C 33 -19.81 -17.73 -5.83
CA LEU C 33 -20.78 -17.74 -6.92
C LEU C 33 -21.96 -16.82 -6.61
N ASN C 34 -22.49 -16.16 -7.62
CA ASN C 34 -23.62 -15.25 -7.45
C ASN C 34 -24.89 -15.86 -8.03
N THR C 35 -25.92 -15.94 -7.21
CA THR C 35 -27.20 -16.49 -7.66
C THR C 35 -28.36 -15.83 -6.92
N GLY C 36 -29.58 -16.22 -7.28
CA GLY C 36 -30.75 -15.65 -6.64
C GLY C 36 -30.79 -15.92 -5.15
N ARG C 37 -30.65 -17.18 -4.78
CA ARG C 37 -30.67 -17.58 -3.37
C ARG C 37 -29.28 -17.99 -2.92
N THR C 38 -28.51 -18.57 -3.83
CA THR C 38 -27.15 -19.02 -3.52
C THR C 38 -27.17 -20.10 -2.43
N GLU C 39 -26.95 -21.35 -2.86
CA GLU C 39 -26.94 -22.47 -1.93
C GLU C 39 -25.84 -23.47 -2.30
N ALA C 40 -24.90 -23.03 -3.13
CA ALA C 40 -23.80 -23.90 -3.55
C ALA C 40 -22.44 -23.31 -3.19
N TRP C 41 -22.42 -22.01 -2.87
CA TRP C 41 -21.18 -21.34 -2.51
C TRP C 41 -20.51 -22.03 -1.32
N LYS C 42 -19.32 -22.59 -1.56
CA LYS C 42 -18.57 -23.28 -0.52
C LYS C 42 -17.11 -22.82 -0.50
N VAL C 43 -16.46 -22.98 0.64
CA VAL C 43 -15.06 -22.58 0.78
C VAL C 43 -14.13 -23.75 0.52
N LEU C 44 -13.37 -23.68 -0.56
CA LEU C 44 -12.42 -24.73 -0.93
C LEU C 44 -11.05 -24.47 -0.33
N SER C 45 -10.44 -25.53 0.20
CA SER C 45 -9.11 -25.41 0.80
C SER C 45 -8.20 -26.51 0.28
N PRO C 46 -6.88 -26.24 0.20
CA PRO C 46 -5.90 -27.20 -0.30
C PRO C 46 -5.71 -28.39 0.64
N GLN C 47 -6.25 -28.26 1.85
CA GLN C 47 -6.15 -29.32 2.85
C GLN C 47 -7.40 -29.38 3.71
N GLY C 48 -8.48 -29.92 3.15
CA GLY C 48 -9.73 -30.03 3.89
C GLY C 48 -10.95 -30.00 2.98
N GLY C 49 -12.09 -30.41 3.51
CA GLY C 49 -13.31 -30.43 2.72
C GLY C 49 -14.53 -30.03 3.54
N GLY C 50 -15.63 -29.74 2.84
CA GLY C 50 -16.85 -29.35 3.52
C GLY C 50 -18.07 -30.05 2.97
N PRO C 51 -19.26 -29.41 3.03
CA PRO C 51 -20.51 -29.98 2.52
C PRO C 51 -20.52 -30.09 1.00
N TRP C 52 -20.15 -29.00 0.33
CA TRP C 52 -20.13 -28.97 -1.11
C TRP C 52 -19.20 -30.05 -1.68
N ASP C 53 -18.28 -30.53 -0.85
CA ASP C 53 -17.33 -31.56 -1.27
C ASP C 53 -18.07 -32.79 -1.77
N SER C 54 -19.22 -33.08 -1.14
CA SER C 54 -20.02 -34.23 -1.52
C SER C 54 -20.86 -33.95 -2.76
N VAL C 55 -21.12 -32.66 -3.00
CA VAL C 55 -21.90 -32.24 -4.16
C VAL C 55 -21.02 -32.11 -5.40
N ALA C 56 -19.77 -31.73 -5.18
CA ALA C 56 -18.82 -31.55 -6.27
C ALA C 56 -17.38 -31.53 -5.75
N ARG C 57 -16.47 -32.13 -6.52
CA ARG C 57 -15.07 -32.18 -6.11
C ARG C 57 -14.18 -31.53 -7.17
N VAL C 58 -12.93 -31.24 -6.79
CA VAL C 58 -11.97 -30.62 -7.70
C VAL C 58 -10.87 -31.61 -8.07
N LEU C 59 -10.64 -31.77 -9.37
CA LEU C 59 -9.61 -32.67 -9.86
C LEU C 59 -8.22 -32.11 -9.59
N PRO C 60 -7.22 -33.00 -9.42
CA PRO C 60 -5.84 -32.59 -9.14
C PRO C 60 -5.34 -31.54 -10.13
N ASN C 61 -5.92 -31.51 -11.33
CA ASN C 61 -5.54 -30.56 -12.34
C ASN C 61 -6.28 -29.24 -12.18
N GLY C 62 -7.03 -29.10 -11.10
CA GLY C 62 -7.77 -27.88 -10.85
C GLY C 62 -9.05 -27.81 -11.65
N SER C 63 -9.76 -28.92 -11.72
CA SER C 63 -11.01 -29.00 -12.46
C SER C 63 -12.21 -29.09 -11.51
N LEU C 64 -13.38 -29.34 -12.07
CA LEU C 64 -14.59 -29.46 -11.27
C LEU C 64 -15.59 -30.40 -11.93
N PHE C 65 -16.04 -31.41 -11.18
CA PHE C 65 -16.99 -32.38 -11.70
C PHE C 65 -18.17 -32.54 -10.75
N LEU C 66 -19.38 -32.54 -11.31
CA LEU C 66 -20.59 -32.69 -10.51
C LEU C 66 -21.34 -33.97 -10.89
N PRO C 67 -21.68 -34.82 -9.89
CA PRO C 67 -22.39 -36.08 -10.14
C PRO C 67 -23.68 -35.85 -10.92
N ALA C 68 -24.34 -34.72 -10.66
CA ALA C 68 -25.59 -34.39 -11.33
C ALA C 68 -25.98 -32.94 -11.08
N VAL C 69 -25.80 -32.11 -12.10
CA VAL C 69 -26.12 -30.69 -12.01
C VAL C 69 -27.62 -30.47 -12.08
N GLY C 70 -28.20 -29.95 -11.00
CA GLY C 70 -29.63 -29.71 -10.97
C GLY C 70 -29.97 -28.23 -10.92
N ILE C 71 -31.18 -27.92 -10.48
CA ILE C 71 -31.63 -26.53 -10.39
C ILE C 71 -30.82 -25.75 -9.36
N GLN C 72 -30.41 -26.45 -8.30
CA GLN C 72 -29.61 -25.83 -7.24
C GLN C 72 -28.25 -25.40 -7.76
N ASP C 73 -27.74 -26.12 -8.75
CA ASP C 73 -26.45 -25.81 -9.35
C ASP C 73 -26.55 -24.62 -10.30
N GLU C 74 -27.77 -24.30 -10.73
CA GLU C 74 -28.00 -23.19 -11.65
C GLU C 74 -27.33 -21.91 -11.14
N GLY C 75 -27.44 -20.85 -11.92
CA GLY C 75 -26.83 -19.59 -11.53
C GLY C 75 -25.51 -19.35 -12.23
N ILE C 76 -24.64 -18.59 -11.59
CA ILE C 76 -23.33 -18.28 -12.17
C ILE C 76 -22.21 -18.64 -11.19
N PHE C 77 -21.21 -19.35 -11.69
CA PHE C 77 -20.07 -19.76 -10.88
C PHE C 77 -18.88 -18.82 -11.10
N ARG C 78 -18.05 -18.68 -10.08
CA ARG C 78 -16.88 -17.81 -10.16
C ARG C 78 -15.71 -18.41 -9.40
N CYS C 79 -14.52 -18.22 -9.95
CA CYS C 79 -13.30 -18.71 -9.30
C CYS C 79 -12.49 -17.55 -8.73
N GLN C 80 -11.69 -17.84 -7.71
CA GLN C 80 -10.86 -16.81 -7.08
C GLN C 80 -9.70 -17.44 -6.33
N ALA C 81 -8.59 -16.71 -6.25
CA ALA C 81 -7.40 -17.17 -5.56
C ALA C 81 -6.84 -16.09 -4.64
N MET C 82 -6.03 -16.49 -3.67
CA MET C 82 -5.44 -15.55 -2.74
C MET C 82 -3.94 -15.80 -2.58
N ASN C 83 -3.14 -14.85 -3.06
CA ASN C 83 -1.68 -14.95 -2.96
C ASN C 83 -1.16 -14.17 -1.76
N ARG C 84 0.16 -13.97 -1.72
CA ARG C 84 0.80 -13.23 -0.64
C ARG C 84 0.50 -11.74 -0.74
N ASN C 85 0.35 -11.25 -1.96
CA ASN C 85 0.05 -9.84 -2.20
C ASN C 85 -1.45 -9.64 -2.37
N GLY C 86 -2.07 -10.51 -3.17
CA GLY C 86 -3.50 -10.42 -3.40
C GLY C 86 -3.89 -10.67 -4.84
N LYS C 87 -3.10 -11.49 -5.53
CA LYS C 87 -3.36 -11.80 -6.94
C LYS C 87 -4.50 -12.81 -7.05
N GLU C 88 -5.61 -12.38 -7.66
CA GLU C 88 -6.78 -13.23 -7.83
C GLU C 88 -7.23 -13.27 -9.29
N THR C 89 -7.90 -14.36 -9.66
CA THR C 89 -8.41 -14.51 -11.02
C THR C 89 -9.91 -14.30 -11.06
N LYS C 90 -10.36 -13.46 -11.99
CA LYS C 90 -11.79 -13.16 -12.13
C LYS C 90 -12.37 -13.85 -13.35
N SER C 91 -13.49 -14.57 -13.16
CA SER C 91 -14.15 -15.29 -14.23
C SER C 91 -15.51 -15.79 -13.78
N ASN C 92 -16.55 -15.42 -14.54
CA ASN C 92 -17.92 -15.84 -14.20
C ASN C 92 -18.57 -16.56 -15.37
N TYR C 93 -19.06 -17.76 -15.11
CA TYR C 93 -19.72 -18.56 -16.14
C TYR C 93 -21.20 -18.75 -15.83
N ARG C 94 -22.06 -18.36 -16.78
CA ARG C 94 -23.50 -18.48 -16.61
C ARG C 94 -23.97 -19.87 -17.02
N VAL C 95 -24.58 -20.59 -16.10
CA VAL C 95 -25.08 -21.93 -16.37
C VAL C 95 -26.58 -22.03 -16.08
N ARG C 96 -27.31 -22.64 -17.01
CA ARG C 96 -28.75 -22.81 -16.87
C ARG C 96 -29.18 -24.19 -17.34
N VAL C 97 -30.18 -24.74 -16.66
CA VAL C 97 -30.70 -26.07 -17.00
C VAL C 97 -31.90 -25.98 -17.93
N TYR C 98 -32.21 -27.07 -18.61
CA TYR C 98 -33.33 -27.11 -19.54
C TYR C 98 -34.62 -26.63 -18.86
N GLN C 99 -35.22 -27.51 -18.07
CA GLN C 99 -36.46 -27.17 -17.36
C GLN C 99 -36.17 -26.35 -16.12
N ILE C 100 -36.82 -25.19 -16.02
CA ILE C 100 -36.63 -24.30 -14.87
C ILE C 100 -37.94 -24.16 -14.08
N PRO C 101 -37.85 -23.67 -12.84
CA PRO C 101 -39.01 -23.47 -11.98
C PRO C 101 -39.91 -22.34 -12.47
N ALA D 1 17.65 18.19 3.21
CA ALA D 1 18.44 18.04 4.45
C ALA D 1 18.44 19.34 5.26
N MET D 2 17.79 19.31 6.42
CA MET D 2 17.71 20.48 7.28
C MET D 2 18.21 20.16 8.69
N ALA D 3 18.90 21.10 9.29
CA ALA D 3 19.43 20.92 10.65
C ALA D 3 19.51 22.26 11.39
N GLN D 4 19.21 22.23 12.67
CA GLN D 4 19.24 23.44 13.50
C GLN D 4 20.62 23.65 14.10
N ASN D 5 21.09 24.89 14.08
CA ASN D 5 22.40 25.22 14.63
C ASN D 5 22.30 25.49 16.13
N ILE D 6 22.87 24.60 16.94
CA ILE D 6 22.85 24.75 18.38
C ILE D 6 24.26 24.63 18.97
N THR D 7 24.66 25.63 19.73
CA THR D 7 25.98 25.63 20.36
C THR D 7 25.92 25.03 21.76
N ALA D 8 26.94 24.24 22.09
CA ALA D 8 27.01 23.60 23.39
C ALA D 8 28.45 23.52 23.88
N ARG D 9 28.62 23.29 25.18
CA ARG D 9 29.94 23.19 25.78
C ARG D 9 30.22 21.77 26.24
N ILE D 10 31.45 21.30 26.00
CA ILE D 10 31.85 19.95 26.38
C ILE D 10 31.73 19.75 27.90
N GLY D 11 31.11 18.65 28.29
CA GLY D 11 30.96 18.34 29.70
C GLY D 11 29.86 19.15 30.37
N GLU D 12 29.15 19.96 29.60
CA GLU D 12 28.07 20.78 30.13
C GLU D 12 26.71 20.11 29.93
N PRO D 13 25.86 20.10 30.97
CA PRO D 13 24.52 19.49 30.88
C PRO D 13 23.62 20.23 29.90
N LEU D 14 22.82 19.48 29.15
CA LEU D 14 21.91 20.08 28.17
C LEU D 14 20.57 19.36 28.17
N VAL D 15 19.49 20.13 28.07
CA VAL D 15 18.15 19.56 28.06
C VAL D 15 17.38 20.03 26.83
N LEU D 16 16.68 19.09 26.19
CA LEU D 16 15.90 19.41 25.00
C LEU D 16 14.61 18.61 24.96
N LYS D 17 13.59 19.16 24.31
CA LYS D 17 12.30 18.49 24.20
C LYS D 17 12.07 17.98 22.78
N CYS D 18 11.80 16.68 22.67
CA CYS D 18 11.55 16.06 21.37
C CYS D 18 10.17 15.43 21.32
N LYS D 19 9.15 16.27 21.09
CA LYS D 19 7.77 15.80 21.01
C LYS D 19 7.58 14.88 19.82
N GLY D 20 6.34 14.45 19.60
CA GLY D 20 6.04 13.57 18.49
C GLY D 20 4.89 12.61 18.79
N ALA D 21 4.88 12.08 20.01
CA ALA D 21 3.83 11.15 20.41
C ALA D 21 2.45 11.84 20.41
N PRO D 22 1.52 11.35 19.57
CA PRO D 22 0.16 11.92 19.48
C PRO D 22 -0.61 11.86 20.80
N LYS D 23 -1.87 12.25 20.77
CA LYS D 23 -2.72 12.26 21.96
C LYS D 23 -3.05 10.85 22.45
N LYS D 24 -2.77 9.85 21.60
CA LYS D 24 -3.02 8.46 21.94
C LYS D 24 -2.02 7.96 23.00
N PRO D 25 -2.25 6.76 23.60
CA PRO D 25 -1.35 6.17 24.60
C PRO D 25 0.09 6.13 24.11
N PRO D 26 1.05 5.85 25.02
CA PRO D 26 2.47 5.77 24.67
C PRO D 26 2.73 4.77 23.56
N GLN D 27 3.00 5.29 22.36
CA GLN D 27 3.27 4.44 21.20
C GLN D 27 4.77 4.13 21.09
N ARG D 28 5.13 3.41 20.03
CA ARG D 28 6.53 3.04 19.81
C ARG D 28 7.37 4.28 19.50
N LEU D 29 8.69 4.13 19.62
CA LEU D 29 9.60 5.24 19.35
C LEU D 29 11.01 4.71 19.05
N GLU D 30 11.68 5.36 18.10
CA GLU D 30 13.04 4.97 17.71
C GLU D 30 13.96 6.18 17.65
N TRP D 31 15.16 6.03 18.18
CA TRP D 31 16.15 7.10 18.19
C TRP D 31 17.19 6.88 17.10
N LYS D 32 17.47 7.92 16.33
CA LYS D 32 18.45 7.85 15.25
C LYS D 32 19.21 9.17 15.12
N LEU D 33 20.50 9.07 14.84
CA LEU D 33 21.33 10.26 14.68
C LEU D 33 22.43 10.02 13.63
N ASN D 34 22.75 11.05 12.87
CA ASN D 34 23.78 10.95 11.84
C ASN D 34 25.04 11.71 12.26
N THR D 35 26.17 11.01 12.26
CA THR D 35 27.44 11.63 12.64
C THR D 35 28.59 10.99 11.87
N GLY D 36 29.80 11.51 12.10
CA GLY D 36 30.97 10.97 11.43
C GLY D 36 31.21 9.52 11.77
N ARG D 37 31.27 9.21 13.06
CA ARG D 37 31.48 7.84 13.51
C ARG D 37 30.21 7.25 14.11
N THR D 38 29.42 8.11 14.74
CA THR D 38 28.17 7.68 15.36
C THR D 38 28.44 6.68 16.48
N GLU D 39 28.31 7.15 17.71
CA GLU D 39 28.53 6.30 18.88
C GLU D 39 27.52 6.61 19.99
N ALA D 40 26.44 7.29 19.63
CA ALA D 40 25.40 7.66 20.60
C ALA D 40 24.04 7.10 20.19
N TRP D 41 23.92 6.70 18.92
CA TRP D 41 22.65 6.15 18.42
C TRP D 41 22.21 4.94 19.25
N LYS D 42 21.07 5.10 19.92
CA LYS D 42 20.54 4.01 20.75
C LYS D 42 19.04 3.81 20.47
N VAL D 43 18.56 2.61 20.76
CA VAL D 43 17.15 2.28 20.55
C VAL D 43 16.34 2.52 21.81
N LEU D 44 15.44 3.49 21.76
CA LEU D 44 14.59 3.83 22.90
C LEU D 44 13.27 3.07 22.84
N SER D 45 12.85 2.53 23.99
CA SER D 45 11.60 1.79 24.06
C SER D 45 10.76 2.27 25.24
N PRO D 46 9.42 2.19 25.12
CA PRO D 46 8.50 2.63 26.16
C PRO D 46 8.56 1.75 27.40
N GLN D 47 9.23 0.60 27.28
CA GLN D 47 9.36 -0.33 28.39
C GLN D 47 10.71 -1.04 28.34
N GLY D 48 11.77 -0.33 28.72
CA GLY D 48 13.10 -0.91 28.72
C GLY D 48 14.19 0.13 28.51
N GLY D 49 15.42 -0.25 28.80
CA GLY D 49 16.54 0.67 28.63
C GLY D 49 17.79 -0.03 28.14
N GLY D 50 18.76 0.77 27.69
CA GLY D 50 20.00 0.20 27.18
C GLY D 50 21.23 0.93 27.70
N PRO D 51 22.32 0.96 26.94
CA PRO D 51 23.55 1.64 27.33
C PRO D 51 23.41 3.16 27.35
N TRP D 52 22.83 3.71 26.28
CA TRP D 52 22.64 5.15 26.18
C TRP D 52 21.77 5.67 27.33
N ASP D 53 21.02 4.77 27.96
CA ASP D 53 20.15 5.15 29.07
C ASP D 53 20.97 5.80 30.19
N SER D 54 22.20 5.34 30.36
CA SER D 54 23.08 5.87 31.39
C SER D 54 23.73 7.18 30.95
N VAL D 55 23.81 7.36 29.64
CA VAL D 55 24.40 8.57 29.06
C VAL D 55 23.36 9.69 28.98
N ALA D 56 22.11 9.31 28.75
CA ALA D 56 21.03 10.28 28.64
C ALA D 56 19.67 9.59 28.81
N ARG D 57 18.75 10.28 29.47
CA ARG D 57 17.41 9.73 29.71
C ARG D 57 16.33 10.64 29.13
N VAL D 58 15.13 10.11 29.00
CA VAL D 58 14.00 10.86 28.46
C VAL D 58 12.98 11.17 29.54
N LEU D 59 12.62 12.45 29.67
CA LEU D 59 11.65 12.87 30.67
C LEU D 59 10.24 12.42 30.29
N PRO D 60 9.37 12.18 31.29
CA PRO D 60 8.00 11.74 31.07
C PRO D 60 7.27 12.59 30.03
N ASN D 61 7.71 13.84 29.88
CA ASN D 61 7.09 14.75 28.94
C ASN D 61 7.68 14.58 27.54
N GLY D 62 8.55 13.58 27.37
CA GLY D 62 9.16 13.35 26.08
C GLY D 62 10.34 14.28 25.82
N SER D 63 11.15 14.50 26.84
CA SER D 63 12.31 15.37 26.72
C SER D 63 13.60 14.57 26.72
N LEU D 64 14.72 15.27 26.80
CA LEU D 64 16.03 14.62 26.82
C LEU D 64 17.04 15.46 27.60
N PHE D 65 17.67 14.83 28.58
CA PHE D 65 18.67 15.51 29.40
C PHE D 65 19.97 14.71 29.47
N LEU D 66 21.09 15.40 29.30
CA LEU D 66 22.40 14.74 29.33
C LEU D 66 23.24 15.29 30.50
N PRO D 67 23.78 14.39 31.36
CA PRO D 67 24.60 14.80 32.50
C PRO D 67 25.76 15.70 32.09
N ALA D 68 26.32 15.44 30.91
CA ALA D 68 27.43 16.23 30.40
C ALA D 68 27.68 15.94 28.93
N VAL D 69 27.28 16.87 28.07
CA VAL D 69 27.45 16.73 26.62
C VAL D 69 28.91 16.96 26.23
N GLY D 70 29.54 15.91 25.69
CA GLY D 70 30.93 16.02 25.28
C GLY D 70 31.10 15.92 23.77
N ILE D 71 32.32 15.60 23.34
CA ILE D 71 32.61 15.47 21.91
C ILE D 71 31.85 14.31 21.31
N GLN D 72 31.64 13.25 22.10
CA GLN D 72 30.91 12.08 21.63
C GLN D 72 29.46 12.42 21.33
N ASP D 73 28.92 13.39 22.06
CA ASP D 73 27.54 13.82 21.87
C ASP D 73 27.40 14.69 20.65
N GLU D 74 28.51 15.23 20.15
CA GLU D 74 28.50 16.10 18.98
C GLU D 74 27.75 15.44 17.82
N GLY D 75 27.65 16.16 16.71
CA GLY D 75 26.96 15.62 15.56
C GLY D 75 25.55 16.15 15.45
N ILE D 76 24.68 15.38 14.82
CA ILE D 76 23.27 15.78 14.65
C ILE D 76 22.34 14.72 15.19
N PHE D 77 21.37 15.14 15.99
CA PHE D 77 20.39 14.22 16.57
C PHE D 77 19.09 14.26 15.77
N ARG D 78 18.36 13.14 15.78
CA ARG D 78 17.10 13.04 15.05
C ARG D 78 16.10 12.19 15.82
N CYS D 79 14.84 12.59 15.75
CA CYS D 79 13.77 11.85 16.41
C CYS D 79 12.91 11.12 15.39
N GLN D 80 12.28 10.03 15.82
CA GLN D 80 11.43 9.25 14.94
C GLN D 80 10.44 8.40 15.73
N ALA D 81 9.28 8.16 15.13
CA ALA D 81 8.23 7.36 15.77
C ALA D 81 7.67 6.33 14.81
N MET D 82 7.03 5.30 15.36
CA MET D 82 6.44 4.25 14.54
C MET D 82 5.01 3.95 14.98
N ASN D 83 4.05 4.27 14.11
CA ASN D 83 2.64 4.03 14.39
C ASN D 83 2.17 2.73 13.72
N ARG D 84 0.86 2.54 13.69
CA ARG D 84 0.27 1.34 13.08
C ARG D 84 0.39 1.39 11.56
N ASN D 85 0.31 2.58 11.00
CA ASN D 85 0.43 2.77 9.55
C ASN D 85 1.88 3.07 9.18
N GLY D 86 2.48 4.00 9.92
CA GLY D 86 3.86 4.36 9.65
C GLY D 86 4.11 5.86 9.78
N LYS D 87 3.33 6.52 10.64
CA LYS D 87 3.47 7.96 10.85
C LYS D 87 4.69 8.25 11.70
N GLU D 88 5.67 8.94 11.11
CA GLU D 88 6.90 9.29 11.80
C GLU D 88 7.17 10.79 11.75
N THR D 89 7.93 11.28 12.72
CA THR D 89 8.29 12.69 12.78
C THR D 89 9.74 12.90 12.36
N LYS D 90 9.96 13.84 11.44
CA LYS D 90 11.31 14.13 10.94
C LYS D 90 11.82 15.45 11.50
N SER D 91 13.01 15.43 12.08
CA SER D 91 13.62 16.61 12.67
C SER D 91 15.10 16.35 13.02
N ASN D 92 15.97 17.19 12.49
CA ASN D 92 17.41 17.04 12.75
C ASN D 92 17.99 18.32 13.34
N TYR D 93 18.66 18.19 14.49
CA TYR D 93 19.27 19.34 15.15
C TYR D 93 20.79 19.20 15.17
N ARG D 94 21.47 20.21 14.64
CA ARG D 94 22.93 20.20 14.59
C ARG D 94 23.51 20.77 15.89
N VAL D 95 24.30 19.95 16.57
CA VAL D 95 24.91 20.38 17.84
C VAL D 95 26.44 20.26 17.78
N ARG D 96 27.12 21.30 18.25
CA ARG D 96 28.57 21.32 18.24
C ARG D 96 29.10 21.93 19.53
N VAL D 97 30.23 21.41 20.00
CA VAL D 97 30.84 21.89 21.24
C VAL D 97 31.91 22.93 20.95
N TYR D 98 32.26 23.72 21.97
CA TYR D 98 33.27 24.76 21.82
C TYR D 98 34.56 24.21 21.23
N GLN D 99 35.35 23.53 22.06
CA GLN D 99 36.61 22.96 21.63
C GLN D 99 36.39 21.63 20.90
N ILE D 100 36.90 21.52 19.69
CA ILE D 100 36.76 20.32 18.89
C ILE D 100 38.11 19.67 18.63
N PRO D 101 38.12 18.38 18.22
CA PRO D 101 39.35 17.66 17.93
C PRO D 101 40.06 18.17 16.67
N ALA A 2 -14.24 13.43 -16.36
CA ALA A 2 -13.69 13.13 -15.03
C ALA A 2 -12.90 14.31 -14.44
N SER A 3 -12.88 14.37 -13.11
CA SER A 3 -12.16 15.39 -12.36
C SER A 3 -10.65 15.18 -12.44
N PRO A 4 -9.83 16.21 -12.16
CA PRO A 4 -8.37 16.16 -12.27
C PRO A 4 -7.75 14.92 -11.57
N LEU A 5 -8.25 14.58 -10.38
CA LEU A 5 -7.70 13.45 -9.63
C LEU A 5 -8.01 12.10 -10.28
N ASP A 6 -9.27 11.93 -10.72
CA ASP A 6 -9.71 10.73 -11.42
C ASP A 6 -8.99 10.55 -12.77
N GLN A 7 -8.71 11.68 -13.42
CA GLN A 7 -8.00 11.70 -14.70
C GLN A 7 -6.54 11.24 -14.57
N ALA A 8 -5.87 11.75 -13.54
CA ALA A 8 -4.49 11.37 -13.21
C ALA A 8 -4.34 9.88 -12.90
N ILE A 9 -5.22 9.36 -12.04
CA ILE A 9 -5.28 7.93 -11.71
C ILE A 9 -5.54 7.09 -12.97
N GLY A 10 -6.48 7.56 -13.79
CA GLY A 10 -6.85 6.90 -15.04
C GLY A 10 -5.68 6.80 -16.01
N LEU A 11 -4.87 7.86 -16.03
CA LEU A 11 -3.66 7.91 -16.86
C LEU A 11 -2.64 6.88 -16.39
N LEU A 12 -2.45 6.80 -15.06
CA LEU A 12 -1.48 5.87 -14.46
C LEU A 12 -1.85 4.40 -14.69
N VAL A 13 -3.16 4.12 -14.62
CA VAL A 13 -3.68 2.77 -14.88
C VAL A 13 -3.53 2.40 -16.37
N ALA A 14 -3.75 3.39 -17.24
CA ALA A 14 -3.61 3.24 -18.69
C ALA A 14 -2.17 2.91 -19.11
N ILE A 15 -1.21 3.54 -18.41
CA ILE A 15 0.22 3.28 -18.64
C ILE A 15 0.56 1.82 -18.36
N PHE A 16 0.05 1.30 -17.26
CA PHE A 16 0.31 -0.09 -16.85
C PHE A 16 -0.07 -1.08 -17.96
N HIS A 17 -1.31 -0.93 -18.44
CA HIS A 17 -1.88 -1.80 -19.47
C HIS A 17 -1.27 -1.58 -20.86
N LYS A 18 -0.71 -0.39 -21.07
CA LYS A 18 0.00 -0.05 -22.32
C LYS A 18 1.19 -0.98 -22.56
N TYR A 19 1.78 -1.46 -21.45
CA TYR A 19 3.01 -2.27 -21.49
C TYR A 19 2.78 -3.73 -21.05
N SER A 20 1.84 -3.96 -20.13
CA SER A 20 1.61 -5.30 -19.55
C SER A 20 1.12 -6.32 -20.57
N GLY A 21 0.39 -5.87 -21.60
CA GLY A 21 -0.25 -6.75 -22.57
C GLY A 21 0.66 -7.18 -23.74
N ARG A 22 1.91 -6.72 -23.76
CA ARG A 22 2.80 -6.92 -24.91
C ARG A 22 3.27 -8.38 -25.06
N GLU A 23 3.58 -9.03 -23.93
CA GLU A 23 4.05 -10.42 -23.93
C GLU A 23 3.64 -11.12 -22.62
N GLY A 24 3.74 -12.46 -22.64
CA GLY A 24 3.37 -13.28 -21.49
C GLY A 24 1.95 -12.98 -21.03
N ASP A 25 1.77 -12.94 -19.72
CA ASP A 25 0.47 -12.60 -19.13
C ASP A 25 0.14 -11.15 -19.47
N LYS A 26 -1.11 -10.91 -19.84
CA LYS A 26 -1.58 -9.59 -20.24
C LYS A 26 -1.67 -8.59 -19.08
N HIS A 27 -1.84 -9.10 -17.86
CA HIS A 27 -2.17 -8.26 -16.68
C HIS A 27 -1.00 -8.12 -15.70
N THR A 28 0.17 -8.63 -16.08
CA THR A 28 1.36 -8.53 -15.25
C THR A 28 2.54 -8.02 -16.05
N LEU A 29 3.51 -7.43 -15.36
CA LEU A 29 4.71 -6.89 -16.01
C LEU A 29 5.88 -7.86 -15.85
N SER A 30 6.38 -8.34 -16.98
CA SER A 30 7.63 -9.10 -17.02
C SER A 30 8.81 -8.17 -16.72
N LYS A 31 10.00 -8.75 -16.54
CA LYS A 31 11.23 -7.97 -16.35
C LYS A 31 11.47 -7.01 -17.50
N LYS A 32 11.18 -7.50 -18.71
CA LYS A 32 11.32 -6.73 -19.96
C LYS A 32 10.32 -5.57 -20.04
N GLU A 33 9.04 -5.87 -19.76
CA GLU A 33 7.96 -4.88 -19.81
C GLU A 33 8.14 -3.78 -18.79
N LEU A 34 8.51 -4.18 -17.56
CA LEU A 34 8.71 -3.24 -16.45
C LEU A 34 9.91 -2.33 -16.67
N LYS A 35 11.00 -2.88 -17.22
CA LYS A 35 12.19 -2.08 -17.53
C LYS A 35 11.88 -1.03 -18.59
N GLU A 36 11.11 -1.44 -19.57
CA GLU A 36 10.64 -0.59 -20.64
C GLU A 36 9.73 0.53 -20.13
N LEU A 37 8.83 0.16 -19.21
CA LEU A 37 7.93 1.11 -18.55
C LEU A 37 8.74 2.19 -17.83
N ILE A 38 9.76 1.75 -17.06
CA ILE A 38 10.63 2.66 -16.30
C ILE A 38 11.42 3.60 -17.22
N GLN A 39 12.02 3.03 -18.27
CA GLN A 39 12.89 3.77 -19.19
C GLN A 39 12.12 4.81 -20.04
N LYS A 40 10.83 4.55 -20.26
CA LYS A 40 10.01 5.36 -21.17
C LYS A 40 9.05 6.30 -20.41
N GLU A 41 8.67 5.94 -19.19
CA GLU A 41 7.62 6.64 -18.45
C GLU A 41 8.15 7.42 -17.24
N LEU A 42 9.29 7.01 -16.72
CA LEU A 42 9.92 7.68 -15.60
C LEU A 42 10.94 8.69 -16.11
N THR A 43 10.89 9.92 -15.58
CA THR A 43 11.73 11.03 -16.05
C THR A 43 13.22 10.67 -16.07
N ILE A 44 13.66 9.99 -15.00
CA ILE A 44 15.06 9.62 -14.83
C ILE A 44 15.34 8.16 -15.22
N GLY A 45 14.29 7.47 -15.72
CA GLY A 45 14.33 6.04 -15.99
C GLY A 45 15.47 5.62 -16.93
N SER A 46 15.60 6.36 -18.03
CA SER A 46 16.61 6.08 -19.06
C SER A 46 18.05 6.33 -18.59
N LYS A 47 18.23 7.00 -17.45
CA LYS A 47 19.55 7.36 -16.93
C LYS A 47 20.01 6.44 -15.79
N LEU A 48 19.11 5.61 -15.29
CA LEU A 48 19.43 4.65 -14.22
C LEU A 48 20.35 3.53 -14.73
N GLN A 49 21.26 3.11 -13.86
CA GLN A 49 22.09 1.94 -14.14
C GLN A 49 21.21 0.72 -14.34
N ASP A 50 21.65 -0.20 -15.22
CA ASP A 50 20.90 -1.44 -15.47
C ASP A 50 20.77 -2.29 -14.21
N ALA A 51 21.84 -2.30 -13.41
CA ALA A 51 21.89 -3.01 -12.12
C ALA A 51 20.88 -2.47 -11.11
N GLU A 52 20.67 -1.15 -11.14
CA GLU A 52 19.72 -0.49 -10.24
C GLU A 52 18.25 -0.68 -10.64
N ILE A 53 17.98 -0.72 -11.95
CA ILE A 53 16.65 -1.07 -12.47
C ILE A 53 16.32 -2.52 -12.10
N ALA A 54 17.33 -3.39 -12.21
CA ALA A 54 17.18 -4.82 -11.88
C ALA A 54 16.88 -5.04 -10.40
N ARG A 55 17.53 -4.24 -9.54
CA ARG A 55 17.30 -4.29 -8.09
C ARG A 55 15.92 -3.76 -7.73
N LEU A 56 15.54 -2.69 -8.42
CA LEU A 56 14.21 -2.07 -8.27
C LEU A 56 13.09 -3.05 -8.62
N MET A 57 13.23 -3.72 -9.77
CA MET A 57 12.23 -4.69 -10.24
C MET A 57 12.19 -5.94 -9.35
N GLU A 58 13.36 -6.33 -8.85
CA GLU A 58 13.49 -7.49 -7.95
C GLU A 58 12.72 -7.26 -6.66
N ASP A 59 12.91 -6.08 -6.09
CA ASP A 59 12.26 -5.71 -4.82
C ASP A 59 10.74 -5.52 -4.95
N LEU A 60 10.30 -4.99 -6.09
CA LEU A 60 8.87 -4.80 -6.33
C LEU A 60 8.16 -6.16 -6.31
N ASP A 61 8.89 -7.19 -6.76
CA ASP A 61 8.38 -8.56 -6.77
C ASP A 61 8.49 -9.18 -5.38
N ARG A 62 7.36 -9.21 -4.66
CA ARG A 62 7.34 -9.74 -3.29
C ARG A 62 6.91 -11.21 -3.26
N ASN A 63 5.96 -11.58 -4.11
CA ASN A 63 5.46 -12.96 -4.17
C ASN A 63 6.49 -13.89 -4.81
N LYS A 64 7.47 -13.28 -5.50
CA LYS A 64 8.55 -14.01 -6.15
C LYS A 64 8.05 -14.97 -7.23
N ASP A 65 7.79 -14.42 -8.41
CA ASP A 65 7.33 -15.19 -9.56
C ASP A 65 7.83 -14.54 -10.85
N GLN A 66 8.69 -13.54 -10.67
CA GLN A 66 9.31 -12.77 -11.78
C GLN A 66 8.31 -11.92 -12.56
N GLU A 67 7.10 -11.79 -12.00
CA GLU A 67 6.04 -10.99 -12.62
C GLU A 67 5.47 -9.95 -11.64
N VAL A 68 5.64 -8.69 -12.00
CA VAL A 68 5.16 -7.55 -11.21
C VAL A 68 3.70 -7.27 -11.57
N ASN A 69 2.81 -7.71 -10.68
CA ASN A 69 1.38 -7.53 -10.88
C ASN A 69 1.01 -6.09 -10.60
N PHE A 70 -0.27 -5.78 -10.71
CA PHE A 70 -0.73 -4.39 -10.49
C PHE A 70 -0.52 -3.91 -9.04
N GLN A 71 -0.78 -4.81 -8.08
CA GLN A 71 -0.62 -4.49 -6.66
C GLN A 71 0.82 -4.08 -6.34
N GLU A 72 1.79 -4.70 -7.01
CA GLU A 72 3.19 -4.39 -6.80
C GLU A 72 3.50 -3.02 -7.41
N TYR A 73 2.88 -2.74 -8.54
CA TYR A 73 2.96 -1.44 -9.20
C TYR A 73 2.40 -0.31 -8.34
N VAL A 74 1.33 -0.61 -7.58
CA VAL A 74 0.73 0.34 -6.64
C VAL A 74 1.73 0.71 -5.53
N THR A 75 2.54 -0.26 -5.10
CA THR A 75 3.59 -0.03 -4.11
C THR A 75 4.61 0.98 -4.64
N PHE A 76 4.94 0.84 -5.93
CA PHE A 76 5.82 1.76 -6.65
C PHE A 76 5.24 3.19 -6.70
N LEU A 77 3.96 3.29 -7.03
CA LEU A 77 3.25 4.58 -7.05
C LEU A 77 3.24 5.25 -5.69
N GLY A 78 3.05 4.42 -4.64
CA GLY A 78 3.07 4.88 -3.25
C GLY A 78 4.43 5.41 -2.83
N ALA A 79 5.48 4.76 -3.33
CA ALA A 79 6.88 5.17 -3.08
C ALA A 79 7.20 6.51 -3.74
N LEU A 80 6.70 6.70 -4.96
CA LEU A 80 6.86 7.96 -5.70
C LEU A 80 6.14 9.12 -5.01
N ALA A 81 4.94 8.83 -4.52
CA ALA A 81 4.12 9.80 -3.79
C ALA A 81 4.76 10.25 -2.47
N LEU A 82 5.36 9.30 -1.75
CA LEU A 82 6.08 9.58 -0.51
C LEU A 82 7.31 10.47 -0.73
N ILE A 83 8.01 10.21 -1.84
CA ILE A 83 9.20 10.97 -2.23
C ILE A 83 8.85 12.44 -2.49
N TYR A 84 7.82 12.69 -3.30
CA TYR A 84 7.39 14.05 -3.62
C TYR A 84 6.84 14.79 -2.39
N ASN A 85 6.11 14.07 -1.56
CA ASN A 85 5.54 14.61 -0.33
C ASN A 85 6.61 15.04 0.68
N GLU A 86 7.64 14.20 0.81
CA GLU A 86 8.76 14.45 1.73
C GLU A 86 9.59 15.67 1.32
N ALA A 87 9.75 15.85 0.01
CA ALA A 87 10.49 16.99 -0.55
C ALA A 87 9.78 18.33 -0.25
N LEU A 88 8.45 18.30 -0.35
CA LEU A 88 7.62 19.49 -0.14
C LEU A 88 7.58 19.93 1.33
N LYS A 89 7.71 18.96 2.24
CA LYS A 89 7.69 19.24 3.68
C LYS A 89 9.02 19.84 4.13
N GLY A 90 10.13 19.27 3.65
CA GLY A 90 11.44 19.76 4.01
C GLY A 90 12.38 18.65 4.42
N ALA B 2 8.96 17.10 -16.98
CA ALA B 2 8.72 15.75 -16.45
C ALA B 2 7.87 14.89 -17.39
N SER B 3 8.10 13.58 -17.32
CA SER B 3 7.36 12.60 -18.11
C SER B 3 5.91 12.46 -17.63
N PRO B 4 5.00 11.91 -18.46
CA PRO B 4 3.57 11.78 -18.15
C PRO B 4 3.29 11.17 -16.77
N LEU B 5 4.06 10.13 -16.39
CA LEU B 5 3.84 9.45 -15.11
C LEU B 5 4.24 10.33 -13.91
N ASP B 6 5.41 10.97 -14.03
CA ASP B 6 5.90 11.89 -13.00
C ASP B 6 4.99 13.11 -12.82
N GLN B 7 4.42 13.56 -13.95
CA GLN B 7 3.49 14.70 -13.97
C GLN B 7 2.17 14.40 -13.24
N ALA B 8 1.63 13.20 -13.51
CA ALA B 8 0.42 12.72 -12.86
C ALA B 8 0.57 12.59 -11.34
N ILE B 9 1.67 11.96 -10.90
CA ILE B 9 2.00 11.83 -9.49
C ILE B 9 2.17 13.21 -8.84
N GLY B 10 2.85 14.11 -9.56
CA GLY B 10 3.09 15.47 -9.10
C GLY B 10 1.80 16.25 -8.89
N LEU B 11 0.83 16.00 -9.79
CA LEU B 11 -0.50 16.61 -9.70
C LEU B 11 -1.23 16.11 -8.45
N LEU B 12 -1.16 14.80 -8.21
CA LEU B 12 -1.84 14.17 -7.07
C LEU B 12 -1.28 14.66 -5.71
N VAL B 13 0.04 14.85 -5.67
CA VAL B 13 0.72 15.36 -4.47
C VAL B 13 0.35 16.84 -4.24
N ALA B 14 0.25 17.59 -5.34
CA ALA B 14 -0.12 19.00 -5.30
C ALA B 14 -1.55 19.22 -4.77
N ILE B 15 -2.45 18.31 -5.13
CA ILE B 15 -3.85 18.34 -4.65
C ILE B 15 -3.88 18.21 -3.13
N PHE B 16 -3.10 17.27 -2.59
CA PHE B 16 -3.06 17.01 -1.15
C PHE B 16 -2.72 18.29 -0.36
N HIS B 17 -1.64 18.94 -0.79
CA HIS B 17 -1.14 20.17 -0.14
C HIS B 17 -2.02 21.39 -0.39
N LYS B 18 -2.79 21.35 -1.48
CA LYS B 18 -3.76 22.41 -1.80
C LYS B 18 -4.81 22.57 -0.69
N TYR B 19 -5.10 21.46 -0.02
CA TYR B 19 -6.16 21.40 1.00
C TYR B 19 -5.62 21.21 2.44
N SER B 20 -4.50 20.48 2.59
CA SER B 20 -3.96 20.13 3.90
C SER B 20 -3.51 21.35 4.72
N GLY B 21 -3.07 22.41 4.03
CA GLY B 21 -2.47 23.59 4.68
C GLY B 21 -3.50 24.63 5.14
N ARG B 22 -4.80 24.38 4.92
CA ARG B 22 -5.83 25.40 5.17
C ARG B 22 -6.08 25.67 6.66
N GLU B 23 -6.07 24.60 7.46
CA GLU B 23 -6.29 24.70 8.91
C GLU B 23 -5.56 23.58 9.65
N GLY B 24 -5.43 23.77 10.97
CA GLY B 24 -4.73 22.81 11.84
C GLY B 24 -3.33 22.55 11.33
N ASP B 25 -2.92 21.28 11.38
CA ASP B 25 -1.60 20.88 10.88
C ASP B 25 -1.56 21.09 9.36
N LYS B 26 -0.45 21.62 8.89
CA LYS B 26 -0.27 21.94 7.46
C LYS B 26 -0.15 20.70 6.57
N HIS B 27 0.31 19.58 7.15
CA HIS B 27 0.69 18.39 6.38
C HIS B 27 -0.29 17.22 6.55
N THR B 28 -1.40 17.46 7.23
CA THR B 28 -2.42 16.44 7.44
C THR B 28 -3.80 16.96 7.06
N LEU B 29 -4.70 16.06 6.74
CA LEU B 29 -6.07 16.42 6.37
C LEU B 29 -7.02 16.21 7.54
N SER B 30 -7.64 17.30 7.98
CA SER B 30 -8.73 17.25 8.95
C SER B 30 -9.97 16.63 8.30
N LYS B 31 -11.00 16.34 9.09
CA LYS B 31 -12.29 15.86 8.58
C LYS B 31 -12.88 16.81 7.57
N LYS B 32 -12.74 18.11 7.85
CA LYS B 32 -13.23 19.19 6.99
C LYS B 32 -12.46 19.28 5.67
N GLU B 33 -11.13 19.25 5.76
CA GLU B 33 -10.25 19.34 4.59
C GLU B 33 -10.41 18.15 3.66
N LEU B 34 -10.48 16.96 4.25
CA LEU B 34 -10.62 15.72 3.48
C LEU B 34 -11.98 15.61 2.78
N LYS B 35 -13.04 16.05 3.46
CA LYS B 35 -14.38 16.05 2.87
C LYS B 35 -14.45 16.98 1.67
N GLU B 36 -13.82 18.13 1.84
CA GLU B 36 -13.69 19.13 0.79
C GLU B 36 -12.88 18.63 -0.41
N LEU B 37 -11.79 17.92 -0.11
CA LEU B 37 -10.95 17.29 -1.14
C LEU B 37 -11.79 16.30 -1.96
N ILE B 38 -12.56 15.45 -1.27
CA ILE B 38 -13.41 14.44 -1.92
C ILE B 38 -14.49 15.09 -2.79
N GLN B 39 -15.17 16.10 -2.23
CA GLN B 39 -16.31 16.75 -2.90
C GLN B 39 -15.89 17.55 -4.14
N LYS B 40 -14.64 18.02 -4.15
CA LYS B 40 -14.13 18.92 -5.19
C LYS B 40 -13.22 18.22 -6.21
N GLU B 41 -12.57 17.13 -5.79
CA GLU B 41 -11.52 16.49 -6.59
C GLU B 41 -11.95 15.11 -7.12
N LEU B 42 -12.89 14.47 -6.45
CA LEU B 42 -13.41 13.19 -6.88
C LEU B 42 -14.65 13.39 -7.73
N THR B 43 -14.70 12.70 -8.89
CA THR B 43 -15.78 12.88 -9.87
C THR B 43 -17.17 12.70 -9.24
N ILE B 44 -17.30 11.68 -8.39
CA ILE B 44 -18.56 11.34 -7.75
C ILE B 44 -18.67 11.88 -6.31
N GLY B 45 -17.63 12.62 -5.89
CA GLY B 45 -17.50 13.08 -4.51
C GLY B 45 -18.69 13.87 -4.00
N SER B 46 -19.14 14.83 -4.81
CA SER B 46 -20.27 15.72 -4.46
C SER B 46 -21.62 14.98 -4.38
N LYS B 47 -21.68 13.74 -4.89
CA LYS B 47 -22.94 12.97 -4.94
C LYS B 47 -23.03 11.91 -3.84
N LEU B 48 -21.93 11.69 -3.13
CA LEU B 48 -21.89 10.72 -2.03
C LEU B 48 -22.69 11.22 -0.83
N GLN B 49 -23.35 10.28 -0.15
CA GLN B 49 -24.02 10.58 1.11
C GLN B 49 -23.00 11.10 2.13
N ASP B 50 -23.44 12.00 3.01
CA ASP B 50 -22.56 12.54 4.06
C ASP B 50 -22.07 11.44 5.00
N ALA B 51 -22.96 10.50 5.30
CA ALA B 51 -22.66 9.32 6.13
C ALA B 51 -21.57 8.42 5.52
N GLU B 52 -21.58 8.30 4.19
CA GLU B 52 -20.61 7.48 3.48
C GLU B 52 -19.24 8.14 3.36
N ILE B 53 -19.21 9.47 3.20
CA ILE B 53 -17.95 10.24 3.23
C ILE B 53 -17.32 10.14 4.64
N ALA B 54 -18.18 10.19 5.66
CA ALA B 54 -17.75 10.10 7.06
C ALA B 54 -17.15 8.72 7.38
N ARG B 55 -17.75 7.67 6.81
CA ARG B 55 -17.26 6.30 6.98
C ARG B 55 -15.94 6.09 6.25
N LEU B 56 -15.87 6.68 5.05
CA LEU B 56 -14.66 6.68 4.23
C LEU B 56 -13.46 7.32 4.93
N MET B 57 -13.70 8.51 5.49
CA MET B 57 -12.68 9.27 6.21
C MET B 57 -12.26 8.57 7.51
N GLU B 58 -13.25 7.95 8.18
CA GLU B 58 -13.02 7.22 9.41
C GLU B 58 -12.07 6.05 9.20
N ASP B 59 -12.34 5.29 8.13
CA ASP B 59 -11.54 4.11 7.79
C ASP B 59 -10.13 4.46 7.31
N LEU B 60 -9.99 5.56 6.57
CA LEU B 60 -8.68 6.01 6.10
C LEU B 60 -7.78 6.29 7.29
N ASP B 61 -8.40 6.77 8.37
CA ASP B 61 -7.70 7.07 9.62
C ASP B 61 -7.47 5.78 10.40
N ARG B 62 -6.28 5.19 10.23
CA ARG B 62 -5.94 3.93 10.90
C ARG B 62 -5.29 4.17 12.26
N ASN B 63 -4.47 5.20 12.36
CA ASN B 63 -3.79 5.53 13.61
C ASN B 63 -4.77 6.08 14.64
N LYS B 64 -5.93 6.54 14.16
CA LYS B 64 -7.01 7.07 15.00
C LYS B 64 -6.61 8.33 15.77
N ASP B 65 -6.54 9.45 15.06
CA ASP B 65 -6.20 10.74 15.66
C ASP B 65 -7.04 11.83 15.00
N GLN B 66 -8.04 11.39 14.23
CA GLN B 66 -8.97 12.27 13.50
C GLN B 66 -8.29 13.05 12.36
N GLU B 67 -7.05 12.66 12.05
CA GLU B 67 -6.27 13.30 10.99
C GLU B 67 -5.76 12.27 9.97
N VAL B 68 -5.97 12.57 8.69
CA VAL B 68 -5.53 11.72 7.58
C VAL B 68 -4.23 12.27 7.00
N ASN B 69 -3.13 11.62 7.38
CA ASN B 69 -1.81 12.02 6.92
C ASN B 69 -1.63 11.62 5.47
N PHE B 70 -0.46 11.91 4.92
CA PHE B 70 -0.20 11.57 3.51
C PHE B 70 -0.18 10.06 3.24
N GLN B 71 0.40 9.30 4.18
CA GLN B 71 0.47 7.84 4.06
C GLN B 71 -0.93 7.24 3.94
N GLU B 72 -1.90 7.81 4.65
CA GLU B 72 -3.28 7.33 4.61
C GLU B 72 -3.92 7.73 3.28
N TYR B 73 -3.55 8.91 2.79
CA TYR B 73 -3.99 9.39 1.48
C TYR B 73 -3.54 8.47 0.33
N VAL B 74 -2.33 7.93 0.46
CA VAL B 74 -1.78 6.98 -0.52
C VAL B 74 -2.63 5.69 -0.56
N THR B 75 -3.16 5.27 0.61
CA THR B 75 -4.05 4.11 0.69
C THR B 75 -5.28 4.35 -0.21
N PHE B 76 -5.81 5.57 -0.14
CA PHE B 76 -6.92 6.00 -0.99
C PHE B 76 -6.59 5.92 -2.49
N LEU B 77 -5.41 6.44 -2.85
CA LEU B 77 -4.91 6.36 -4.23
C LEU B 77 -4.76 4.93 -4.72
N GLY B 78 -4.29 4.07 -3.82
CA GLY B 78 -4.14 2.64 -4.08
C GLY B 78 -5.47 1.94 -4.32
N ALA B 79 -6.48 2.36 -3.57
CA ALA B 79 -7.85 1.86 -3.70
C ALA B 79 -8.48 2.25 -5.04
N LEU B 80 -8.23 3.50 -5.46
CA LEU B 80 -8.69 4.00 -6.76
C LEU B 80 -8.05 3.26 -7.93
N ALA B 81 -6.75 3.00 -7.79
CA ALA B 81 -5.97 2.27 -8.79
C ALA B 81 -6.44 0.82 -8.96
N LEU B 82 -6.75 0.17 -7.83
CA LEU B 82 -7.29 -1.20 -7.83
C LEU B 82 -8.66 -1.29 -8.52
N ILE B 83 -9.49 -0.27 -8.29
CA ILE B 83 -10.83 -0.18 -8.87
C ILE B 83 -10.75 -0.10 -10.41
N TYR B 84 -9.92 0.81 -10.92
CA TYR B 84 -9.76 0.98 -12.37
C TYR B 84 -9.13 -0.24 -13.04
N ASN B 85 -8.15 -0.84 -12.35
CA ASN B 85 -7.48 -2.04 -12.83
C ASN B 85 -8.41 -3.25 -12.94
N GLU B 86 -9.25 -3.42 -11.92
CA GLU B 86 -10.22 -4.53 -11.90
C GLU B 86 -11.24 -4.41 -13.03
N ALA B 87 -11.67 -3.18 -13.33
CA ALA B 87 -12.64 -2.93 -14.39
C ALA B 87 -12.08 -3.29 -15.77
N LEU B 88 -10.82 -2.94 -15.99
CA LEU B 88 -10.12 -3.19 -17.26
C LEU B 88 -9.84 -4.68 -17.51
N LYS B 89 -9.70 -5.45 -16.42
CA LYS B 89 -9.45 -6.88 -16.53
C LYS B 89 -10.75 -7.63 -16.86
N GLY B 90 -11.86 -7.16 -16.30
CA GLY B 90 -13.15 -7.78 -16.56
C GLY B 90 -14.04 -7.84 -15.33
N ALA C 1 -17.93 -7.22 -17.73
CA ALA C 1 -18.59 -8.49 -17.34
C ALA C 1 -18.63 -9.46 -18.51
N MET C 2 -18.01 -10.62 -18.34
CA MET C 2 -17.97 -11.65 -19.37
C MET C 2 -18.35 -13.00 -18.79
N ALA C 3 -19.02 -13.83 -19.60
CA ALA C 3 -19.44 -15.15 -19.14
C ALA C 3 -19.57 -16.12 -20.31
N GLN C 4 -19.18 -17.37 -20.10
CA GLN C 4 -19.23 -18.39 -21.14
C GLN C 4 -20.59 -19.09 -21.12
N ASN C 5 -21.14 -19.32 -22.31
CA ASN C 5 -22.43 -20.00 -22.43
C ASN C 5 -22.26 -21.51 -22.44
N ILE C 6 -22.70 -22.17 -21.38
CA ILE C 6 -22.59 -23.61 -21.28
C ILE C 6 -23.94 -24.24 -20.93
N THR C 7 -24.35 -25.21 -21.76
CA THR C 7 -25.63 -25.88 -21.54
C THR C 7 -25.43 -27.15 -20.71
N ALA C 8 -26.36 -27.40 -19.79
CA ALA C 8 -26.30 -28.56 -18.94
C ALA C 8 -27.70 -29.11 -18.65
N ARG C 9 -27.75 -30.36 -18.18
CA ARG C 9 -29.02 -31.00 -17.88
C ARG C 9 -29.16 -31.22 -16.38
N ILE C 10 -30.37 -30.96 -15.87
CA ILE C 10 -30.65 -31.12 -14.44
C ILE C 10 -30.42 -32.56 -13.99
N GLY C 11 -29.69 -32.72 -12.89
CA GLY C 11 -29.42 -34.04 -12.36
C GLY C 11 -28.34 -34.78 -13.13
N GLU C 12 -27.75 -34.14 -14.11
CA GLU C 12 -26.69 -34.75 -14.91
C GLU C 12 -25.31 -34.35 -14.41
N PRO C 13 -24.38 -35.32 -14.28
CA PRO C 13 -23.02 -35.05 -13.81
C PRO C 13 -22.24 -34.17 -14.78
N LEU C 14 -21.43 -33.26 -14.24
CA LEU C 14 -20.65 -32.36 -15.07
C LEU C 14 -19.26 -32.15 -14.47
N VAL C 15 -18.24 -32.14 -15.34
CA VAL C 15 -16.88 -31.94 -14.89
C VAL C 15 -16.23 -30.77 -15.62
N LEU C 16 -15.51 -29.95 -14.88
CA LEU C 16 -14.84 -28.79 -15.47
C LEU C 16 -13.49 -28.53 -14.79
N LYS C 17 -12.56 -27.93 -15.53
CA LYS C 17 -11.24 -27.63 -15.00
C LYS C 17 -11.07 -26.14 -14.76
N CYS C 18 -10.72 -25.78 -13.53
CA CYS C 18 -10.52 -24.38 -13.16
C CYS C 18 -9.10 -24.14 -12.67
N LYS C 19 -8.16 -24.02 -13.62
CA LYS C 19 -6.77 -23.78 -13.27
C LYS C 19 -6.58 -22.42 -12.60
N GLY C 20 -5.34 -22.07 -12.32
CA GLY C 20 -5.05 -20.81 -11.67
C GLY C 20 -3.82 -20.88 -10.79
N ALA C 21 -3.69 -21.97 -10.04
CA ALA C 21 -2.55 -22.14 -9.15
C ALA C 21 -1.23 -22.18 -9.94
N PRO C 22 -0.33 -21.21 -9.67
CA PRO C 22 0.97 -21.13 -10.34
C PRO C 22 1.80 -22.39 -10.11
N LYS C 23 3.05 -22.35 -10.57
CA LYS C 23 3.93 -23.50 -10.43
C LYS C 23 4.33 -23.73 -8.97
N LYS C 24 4.26 -22.68 -8.18
CA LYS C 24 4.60 -22.75 -6.78
C LYS C 24 3.67 -23.73 -6.04
N PRO C 25 4.04 -24.15 -4.81
CA PRO C 25 3.25 -25.09 -4.00
C PRO C 25 1.78 -24.66 -3.91
N PRO C 26 0.91 -25.57 -3.42
CA PRO C 26 -0.52 -25.29 -3.28
C PRO C 26 -0.79 -24.04 -2.45
N GLN C 27 -1.17 -22.95 -3.12
CA GLN C 27 -1.44 -21.69 -2.45
C GLN C 27 -2.91 -21.61 -2.03
N ARG C 28 -3.29 -20.46 -1.47
CA ARG C 28 -4.67 -20.25 -1.03
C ARG C 28 -5.63 -20.20 -2.22
N LEU C 29 -6.91 -20.36 -1.94
CA LEU C 29 -7.92 -20.34 -3.00
C LEU C 29 -9.30 -20.02 -2.41
N GLU C 30 -10.08 -19.24 -3.15
CA GLU C 30 -11.42 -18.86 -2.70
C GLU C 30 -12.44 -19.06 -3.83
N TRP C 31 -13.58 -19.62 -3.49
CA TRP C 31 -14.64 -19.86 -4.45
C TRP C 31 -15.74 -18.80 -4.33
N LYS C 32 -16.15 -18.24 -5.46
CA LYS C 32 -17.19 -17.23 -5.48
C LYS C 32 -18.06 -17.35 -6.74
N LEU C 33 -19.35 -17.14 -6.58
CA LEU C 33 -20.28 -17.22 -7.71
C LEU C 33 -21.42 -16.23 -7.55
N ASN C 34 -21.88 -15.67 -8.66
CA ASN C 34 -22.96 -14.69 -8.65
C ASN C 34 -24.24 -15.30 -9.22
N THR C 35 -25.31 -15.24 -8.43
CA THR C 35 -26.59 -15.78 -8.87
C THR C 35 -27.74 -14.98 -8.27
N GLY C 36 -28.97 -15.35 -8.64
CA GLY C 36 -30.13 -14.67 -8.12
C GLY C 36 -30.23 -14.75 -6.62
N ARG C 37 -30.19 -15.97 -6.09
CA ARG C 37 -30.28 -16.19 -4.65
C ARG C 37 -28.92 -16.61 -4.08
N THR C 38 -28.16 -17.33 -4.89
CA THR C 38 -26.84 -17.80 -4.47
C THR C 38 -26.95 -18.75 -3.27
N GLU C 39 -26.78 -20.03 -3.54
CA GLU C 39 -26.86 -21.04 -2.49
C GLU C 39 -25.80 -22.13 -2.69
N ALA C 40 -24.81 -21.84 -3.53
CA ALA C 40 -23.74 -22.81 -3.79
C ALA C 40 -22.37 -22.24 -3.44
N TRP C 41 -22.30 -20.92 -3.27
CA TRP C 41 -21.03 -20.27 -2.93
C TRP C 41 -20.45 -20.85 -1.63
N LYS C 42 -19.29 -21.48 -1.77
CA LYS C 42 -18.61 -22.08 -0.61
C LYS C 42 -17.13 -21.68 -0.59
N VAL C 43 -16.54 -21.73 0.60
CA VAL C 43 -15.13 -21.39 0.75
C VAL C 43 -14.25 -22.63 0.67
N LEU C 44 -13.44 -22.71 -0.37
CA LEU C 44 -12.54 -23.85 -0.58
C LEU C 44 -11.17 -23.58 0.04
N SER C 45 -10.64 -24.60 0.73
CA SER C 45 -9.33 -24.48 1.36
C SER C 45 -8.46 -25.68 1.01
N PRO C 46 -7.12 -25.47 0.95
CA PRO C 46 -6.18 -26.52 0.62
C PRO C 46 -6.09 -27.59 1.70
N GLN C 47 -6.67 -27.31 2.87
CA GLN C 47 -6.66 -28.25 3.98
C GLN C 47 -7.95 -28.15 4.79
N GLY C 48 -9.03 -28.70 4.25
CA GLY C 48 -10.31 -28.66 4.93
C GLY C 48 -11.48 -28.69 3.98
N GLY C 49 -12.67 -28.98 4.49
CA GLY C 49 -13.85 -29.04 3.66
C GLY C 49 -15.08 -28.48 4.36
N GLY C 50 -16.14 -28.23 3.59
CA GLY C 50 -17.37 -27.70 4.17
C GLY C 50 -18.60 -28.41 3.64
N PRO C 51 -19.74 -27.71 3.59
CA PRO C 51 -21.00 -28.28 3.09
C PRO C 51 -20.97 -28.55 1.59
N TRP C 52 -20.50 -27.58 0.82
CA TRP C 52 -20.43 -27.72 -0.62
C TRP C 52 -19.53 -28.90 -1.02
N ASP C 53 -18.67 -29.31 -0.09
CA ASP C 53 -17.77 -30.43 -0.35
C ASP C 53 -18.55 -31.68 -0.73
N SER C 54 -19.74 -31.83 -0.14
CA SER C 54 -20.58 -32.99 -0.41
C SER C 54 -21.36 -32.81 -1.71
N VAL C 55 -21.54 -31.56 -2.11
CA VAL C 55 -22.25 -31.24 -3.35
C VAL C 55 -21.31 -31.29 -4.55
N ALA C 56 -20.05 -30.94 -4.32
CA ALA C 56 -19.05 -30.95 -5.38
C ALA C 56 -17.64 -30.93 -4.80
N ARG C 57 -16.73 -31.65 -5.45
CA ARG C 57 -15.35 -31.71 -4.98
C ARG C 57 -14.38 -31.24 -6.07
N VAL C 58 -13.14 -30.96 -5.67
CA VAL C 58 -12.13 -30.51 -6.60
C VAL C 58 -11.06 -31.58 -6.80
N LEU C 59 -10.78 -31.90 -8.07
CA LEU C 59 -9.79 -32.91 -8.40
C LEU C 59 -8.37 -32.37 -8.14
N PRO C 60 -7.43 -33.28 -7.81
CA PRO C 60 -6.04 -32.91 -7.53
C PRO C 60 -5.45 -32.01 -8.61
N ASN C 61 -5.99 -32.09 -9.82
CA ASN C 61 -5.52 -31.29 -10.92
C ASN C 61 -6.18 -29.92 -10.94
N GLY C 62 -6.98 -29.62 -9.92
CA GLY C 62 -7.66 -28.35 -9.86
C GLY C 62 -8.91 -28.31 -10.71
N SER C 63 -9.67 -29.40 -10.68
CA SER C 63 -10.90 -29.49 -11.46
C SER C 63 -12.12 -29.42 -10.57
N LEU C 64 -13.29 -29.68 -11.14
CA LEU C 64 -14.53 -29.65 -10.40
C LEU C 64 -15.56 -30.61 -10.99
N PHE C 65 -16.08 -31.51 -10.15
CA PHE C 65 -17.06 -32.49 -10.59
C PHE C 65 -18.28 -32.48 -9.68
N LEU C 66 -19.47 -32.48 -10.29
CA LEU C 66 -20.71 -32.49 -9.53
C LEU C 66 -21.51 -33.76 -9.80
N PRO C 67 -21.93 -34.48 -8.73
CA PRO C 67 -22.70 -35.72 -8.87
C PRO C 67 -23.95 -35.53 -9.72
N ALA C 68 -24.56 -34.35 -9.61
CA ALA C 68 -25.76 -34.04 -10.38
C ALA C 68 -26.08 -32.55 -10.32
N VAL C 69 -25.81 -31.86 -11.42
CA VAL C 69 -26.07 -30.43 -11.50
C VAL C 69 -27.56 -30.14 -11.67
N GLY C 70 -28.15 -29.47 -10.68
CA GLY C 70 -29.56 -29.16 -10.75
C GLY C 70 -29.82 -27.67 -10.88
N ILE C 71 -31.04 -27.26 -10.53
CA ILE C 71 -31.42 -25.84 -10.62
C ILE C 71 -30.60 -25.00 -9.65
N GLN C 72 -30.27 -25.58 -8.50
CA GLN C 72 -29.49 -24.87 -7.49
C GLN C 72 -28.10 -24.57 -8.00
N ASP C 73 -27.58 -25.43 -8.87
CA ASP C 73 -26.26 -25.25 -9.44
C ASP C 73 -26.26 -24.18 -10.52
N GLU C 74 -27.44 -23.85 -11.05
CA GLU C 74 -27.57 -22.85 -12.09
C GLU C 74 -26.86 -21.55 -11.70
N GLY C 75 -26.88 -20.59 -12.61
CA GLY C 75 -26.23 -19.33 -12.34
C GLY C 75 -24.88 -19.23 -13.00
N ILE C 76 -23.98 -18.44 -12.42
CA ILE C 76 -22.64 -18.26 -12.97
C ILE C 76 -21.58 -18.56 -11.91
N PHE C 77 -20.60 -19.38 -12.27
CA PHE C 77 -19.52 -19.73 -11.36
C PHE C 77 -18.28 -18.88 -11.64
N ARG C 78 -17.47 -18.65 -10.61
CA ARG C 78 -16.26 -17.85 -10.75
C ARG C 78 -15.13 -18.40 -9.89
N CYS C 79 -13.93 -18.42 -10.45
CA CYS C 79 -12.76 -18.88 -9.71
C CYS C 79 -11.92 -17.70 -9.23
N GLN C 80 -11.19 -17.89 -8.15
CA GLN C 80 -10.35 -16.84 -7.61
C GLN C 80 -9.25 -17.42 -6.72
N ALA C 81 -8.11 -16.73 -6.67
CA ALA C 81 -6.98 -17.16 -5.88
C ALA C 81 -6.40 -16.00 -5.07
N MET C 82 -5.66 -16.32 -4.02
CA MET C 82 -5.05 -15.29 -3.18
C MET C 82 -3.58 -15.59 -2.92
N ASN C 83 -2.71 -14.73 -3.45
CA ASN C 83 -1.27 -14.89 -3.28
C ASN C 83 -0.78 -14.02 -2.13
N ARG C 84 0.54 -13.80 -2.07
CA ARG C 84 1.14 -12.97 -1.02
C ARG C 84 0.88 -11.49 -1.26
N ASN C 85 0.55 -11.13 -2.50
CA ASN C 85 0.28 -9.75 -2.86
C ASN C 85 -1.20 -9.55 -3.16
N GLY C 86 -1.70 -10.26 -4.16
CA GLY C 86 -3.10 -10.15 -4.52
C GLY C 86 -3.37 -10.56 -5.95
N LYS C 87 -2.58 -11.52 -6.46
CA LYS C 87 -2.75 -12.01 -7.81
C LYS C 87 -3.91 -13.00 -7.88
N GLU C 88 -5.05 -12.53 -8.38
CA GLU C 88 -6.25 -13.35 -8.49
C GLU C 88 -6.63 -13.58 -9.94
N THR C 89 -7.36 -14.66 -10.19
CA THR C 89 -7.80 -14.99 -11.54
C THR C 89 -9.29 -14.67 -11.72
N LYS C 90 -9.60 -13.95 -12.79
CA LYS C 90 -10.98 -13.57 -13.07
C LYS C 90 -11.56 -14.38 -14.23
N SER C 91 -12.70 -15.03 -13.99
CA SER C 91 -13.35 -15.84 -15.01
C SER C 91 -14.76 -16.23 -14.56
N ASN C 92 -15.75 -15.92 -15.39
CA ASN C 92 -17.14 -16.24 -15.08
C ASN C 92 -17.77 -17.08 -16.18
N TYR C 93 -18.33 -18.23 -15.80
CA TYR C 93 -18.98 -19.12 -16.76
C TYR C 93 -20.48 -19.21 -16.49
N ARG C 94 -21.28 -18.91 -17.52
CA ARG C 94 -22.72 -18.96 -17.39
C ARG C 94 -23.24 -20.37 -17.67
N VAL C 95 -23.92 -20.95 -16.69
CA VAL C 95 -24.46 -22.30 -16.82
C VAL C 95 -25.97 -22.31 -16.60
N ARG C 96 -26.68 -23.00 -17.48
CA ARG C 96 -28.14 -23.09 -17.37
C ARG C 96 -28.61 -24.50 -17.70
N VAL C 97 -29.65 -24.94 -17.01
CA VAL C 97 -30.21 -26.28 -17.22
C VAL C 97 -31.37 -26.25 -18.21
N TYR C 98 -31.70 -27.41 -18.76
CA TYR C 98 -32.79 -27.51 -19.73
C TYR C 98 -34.08 -26.92 -19.17
N GLN C 99 -34.75 -27.67 -18.30
CA GLN C 99 -35.99 -27.22 -17.69
C GLN C 99 -35.72 -26.25 -16.54
N ILE C 100 -36.32 -25.07 -16.60
CA ILE C 100 -36.15 -24.07 -15.56
C ILE C 100 -37.47 -23.77 -14.85
N PRO C 101 -37.41 -23.15 -13.66
CA PRO C 101 -38.61 -22.81 -12.89
C PRO C 101 -39.45 -21.72 -13.55
N ALA D 1 18.06 19.17 3.75
CA ALA D 1 18.80 18.92 5.03
C ALA D 1 18.83 20.18 5.89
N MET D 2 18.24 20.08 7.08
CA MET D 2 18.19 21.21 8.01
C MET D 2 18.68 20.80 9.39
N ALA D 3 19.43 21.68 10.04
CA ALA D 3 19.96 21.40 11.38
C ALA D 3 20.08 22.68 12.20
N GLN D 4 19.78 22.57 13.49
CA GLN D 4 19.85 23.72 14.39
C GLN D 4 21.24 23.85 14.99
N ASN D 5 21.74 25.08 15.06
CA ASN D 5 23.07 25.33 15.63
C ASN D 5 22.99 25.51 17.13
N ILE D 6 23.53 24.54 17.88
CA ILE D 6 23.52 24.60 19.33
C ILE D 6 24.91 24.39 19.90
N THR D 7 25.35 25.33 20.73
CA THR D 7 26.68 25.25 21.35
C THR D 7 26.60 24.55 22.70
N ALA D 8 27.60 23.72 22.98
CA ALA D 8 27.64 22.99 24.22
C ALA D 8 29.08 22.84 24.71
N ARG D 9 29.25 22.52 25.99
CA ARG D 9 30.57 22.34 26.58
C ARG D 9 30.81 20.88 26.94
N ILE D 10 32.02 20.40 26.66
CA ILE D 10 32.38 19.01 26.95
C ILE D 10 32.27 18.72 28.45
N GLY D 11 31.61 17.61 28.78
CA GLY D 11 31.45 17.21 30.17
C GLY D 11 30.38 18.01 30.90
N GLU D 12 29.69 18.89 30.18
CA GLU D 12 28.64 19.71 30.77
C GLU D 12 27.26 19.10 30.53
N PRO D 13 26.41 19.04 31.57
CA PRO D 13 25.06 18.48 31.45
C PRO D 13 24.18 19.31 30.53
N LEU D 14 23.35 18.64 29.73
CA LEU D 14 22.46 19.32 28.80
C LEU D 14 21.09 18.64 28.75
N VAL D 15 20.04 19.45 28.72
CA VAL D 15 18.67 18.93 28.67
C VAL D 15 17.92 19.49 27.47
N LEU D 16 17.19 18.63 26.78
CA LEU D 16 16.42 19.05 25.61
C LEU D 16 15.10 18.29 25.53
N LYS D 17 14.10 18.91 24.92
CA LYS D 17 12.79 18.29 24.77
C LYS D 17 12.54 17.88 23.32
N CYS D 18 12.22 16.60 23.12
CA CYS D 18 11.96 16.09 21.79
C CYS D 18 10.55 15.50 21.70
N LYS D 19 9.57 16.37 21.54
CA LYS D 19 8.18 15.95 21.44
C LYS D 19 7.95 15.12 20.18
N GLY D 20 6.70 14.74 19.94
CA GLY D 20 6.37 13.95 18.78
C GLY D 20 5.20 13.02 19.02
N ALA D 21 5.17 12.40 20.20
CA ALA D 21 4.09 11.48 20.55
C ALA D 21 2.74 12.20 20.60
N PRO D 22 1.78 11.79 19.74
CA PRO D 22 0.44 12.40 19.67
C PRO D 22 -0.35 12.30 20.98
N LYS D 23 -1.63 12.69 20.93
CA LYS D 23 -2.48 12.67 22.12
C LYS D 23 -2.88 11.24 22.51
N LYS D 24 -2.53 10.28 21.65
CA LYS D 24 -2.84 8.88 21.91
C LYS D 24 -1.84 8.30 22.92
N PRO D 25 -2.11 7.09 23.46
CA PRO D 25 -1.22 6.43 24.42
C PRO D 25 0.23 6.37 23.91
N PRO D 26 1.17 6.03 24.80
CA PRO D 26 2.59 5.92 24.44
C PRO D 26 2.82 4.97 23.27
N GLN D 27 3.10 5.54 22.10
CA GLN D 27 3.33 4.75 20.90
C GLN D 27 4.82 4.40 20.76
N ARG D 28 5.16 3.75 19.66
CA ARG D 28 6.54 3.35 19.41
C ARG D 28 7.42 4.58 19.17
N LEU D 29 8.73 4.38 19.27
CA LEU D 29 9.67 5.48 19.07
C LEU D 29 11.07 4.92 18.73
N GLU D 30 11.76 5.62 17.83
CA GLU D 30 13.09 5.21 17.41
C GLU D 30 14.06 6.39 17.41
N TRP D 31 15.25 6.17 17.94
CA TRP D 31 16.27 7.20 18.01
C TRP D 31 17.30 7.04 16.90
N LYS D 32 17.61 8.12 16.20
CA LYS D 32 18.59 8.08 15.12
C LYS D 32 19.38 9.38 15.06
N LEU D 33 20.67 9.27 14.77
CA LEU D 33 21.54 10.43 14.68
C LEU D 33 22.63 10.23 13.63
N ASN D 34 22.98 11.30 12.94
CA ASN D 34 24.01 11.23 11.90
C ASN D 34 25.28 11.93 12.35
N THR D 35 26.39 11.20 12.30
CA THR D 35 27.68 11.75 12.70
C THR D 35 28.82 11.13 11.90
N GLY D 36 30.04 11.60 12.16
CA GLY D 36 31.19 11.07 11.45
C GLY D 36 31.38 9.59 11.69
N ARG D 37 31.43 9.20 12.95
CA ARG D 37 31.61 7.79 13.31
C ARG D 37 30.33 7.20 13.89
N THR D 38 29.56 8.05 14.57
CA THR D 38 28.30 7.61 15.17
C THR D 38 28.54 6.53 16.22
N GLU D 39 28.43 6.93 17.48
CA GLU D 39 28.62 5.99 18.59
C GLU D 39 27.63 6.25 19.72
N ALA D 40 26.57 7.00 19.40
CA ALA D 40 25.55 7.33 20.40
C ALA D 40 24.17 6.84 19.97
N TRP D 41 24.02 6.52 18.67
CA TRP D 41 22.74 6.05 18.15
C TRP D 41 22.27 4.81 18.90
N LYS D 42 21.14 4.94 19.59
CA LYS D 42 20.57 3.83 20.35
C LYS D 42 19.08 3.69 20.05
N VAL D 43 18.54 2.49 20.27
CA VAL D 43 17.14 2.23 20.03
C VAL D 43 16.33 2.40 21.32
N LEU D 44 15.46 3.39 21.34
CA LEU D 44 14.63 3.68 22.51
C LEU D 44 13.28 2.97 22.40
N SER D 45 12.85 2.37 23.50
CA SER D 45 11.58 1.66 23.54
C SER D 45 10.75 2.10 24.75
N PRO D 46 9.42 2.06 24.63
CA PRO D 46 8.50 2.46 25.71
C PRO D 46 8.55 1.49 26.88
N GLN D 47 9.18 0.35 26.68
CA GLN D 47 9.30 -0.67 27.73
C GLN D 47 10.62 -1.41 27.63
N GLY D 48 11.70 -0.76 28.05
CA GLY D 48 13.01 -1.39 28.00
C GLY D 48 14.13 -0.37 27.86
N GLY D 49 15.35 -0.80 28.12
CA GLY D 49 16.50 0.10 28.01
C GLY D 49 17.73 -0.60 27.46
N GLY D 50 18.71 0.19 27.05
CA GLY D 50 19.94 -0.38 26.51
C GLY D 50 21.18 0.28 27.08
N PRO D 51 22.27 0.33 26.30
CA PRO D 51 23.53 0.94 26.73
C PRO D 51 23.43 2.46 26.86
N TRP D 52 22.87 3.09 25.83
CA TRP D 52 22.72 4.54 25.82
C TRP D 52 21.88 5.01 27.01
N ASP D 53 21.09 4.10 27.58
CA ASP D 53 20.25 4.42 28.72
C ASP D 53 21.08 4.98 29.87
N SER D 54 22.30 4.47 30.00
CA SER D 54 23.19 4.91 31.06
C SER D 54 23.89 6.21 30.71
N VAL D 55 23.97 6.48 29.41
CA VAL D 55 24.60 7.72 28.91
C VAL D 55 23.59 8.86 28.91
N ALA D 56 22.33 8.53 28.67
CA ALA D 56 21.27 9.54 28.62
C ALA D 56 19.90 8.89 28.76
N ARG D 57 18.99 9.57 29.46
CA ARG D 57 17.65 9.04 29.67
C ARG D 57 16.60 10.02 29.15
N VAL D 58 15.38 9.53 29.00
CA VAL D 58 14.27 10.35 28.52
C VAL D 58 13.26 10.62 29.63
N LEU D 59 12.94 11.90 29.83
CA LEU D 59 11.98 12.28 30.86
C LEU D 59 10.56 11.89 30.46
N PRO D 60 9.69 11.62 31.44
CA PRO D 60 8.30 11.23 31.20
C PRO D 60 7.60 12.18 30.23
N ASN D 61 8.07 13.42 30.16
CA ASN D 61 7.48 14.41 29.27
C ASN D 61 8.07 14.31 27.87
N GLY D 62 8.90 13.31 27.63
CA GLY D 62 9.51 13.13 26.32
C GLY D 62 10.70 14.03 26.12
N SER D 63 11.53 14.17 27.16
CA SER D 63 12.71 15.01 27.08
C SER D 63 13.98 14.18 27.02
N LEU D 64 15.12 14.84 27.14
CA LEU D 64 16.41 14.15 27.11
C LEU D 64 17.45 14.90 27.94
N PHE D 65 18.07 14.19 28.88
CA PHE D 65 19.08 14.79 29.74
C PHE D 65 20.35 13.93 29.74
N LEU D 66 21.50 14.60 29.61
CA LEU D 66 22.79 13.92 29.60
C LEU D 66 23.64 14.35 30.80
N PRO D 67 24.16 13.38 31.59
CA PRO D 67 24.99 13.70 32.76
C PRO D 67 26.18 14.59 32.40
N ALA D 68 26.73 14.38 31.20
CA ALA D 68 27.86 15.18 30.74
C ALA D 68 28.10 14.97 29.25
N VAL D 69 27.73 15.97 28.45
CA VAL D 69 27.90 15.91 27.01
C VAL D 69 29.35 16.13 26.61
N GLY D 70 29.95 15.10 26.02
CA GLY D 70 31.34 15.20 25.60
C GLY D 70 31.50 15.19 24.09
N ILE D 71 32.71 14.86 23.64
CA ILE D 71 32.99 14.82 22.21
C ILE D 71 32.19 13.72 21.52
N GLN D 72 31.95 12.62 22.24
CA GLN D 72 31.19 11.51 21.70
C GLN D 72 29.75 11.91 21.43
N ASP D 73 29.24 12.84 22.23
CA ASP D 73 27.88 13.33 22.08
C ASP D 73 27.76 14.29 20.90
N GLU D 74 28.89 14.82 20.45
CA GLU D 74 28.90 15.76 19.33
C GLU D 74 28.13 15.21 18.14
N GLY D 75 28.05 15.99 17.07
CA GLY D 75 27.34 15.56 15.89
C GLY D 75 25.95 16.14 15.82
N ILE D 76 25.04 15.43 15.16
CA ILE D 76 23.66 15.89 15.00
C ILE D 76 22.68 14.81 15.49
N PHE D 77 21.73 15.23 16.31
CA PHE D 77 20.72 14.30 16.84
C PHE D 77 19.42 14.42 16.05
N ARG D 78 18.68 13.32 15.98
CA ARG D 78 17.41 13.32 15.25
C ARG D 78 16.38 12.43 15.95
N CYS D 79 15.13 12.88 15.94
CA CYS D 79 14.04 12.13 16.55
C CYS D 79 13.16 11.50 15.49
N GLN D 80 12.49 10.41 15.84
CA GLN D 80 11.60 9.71 14.92
C GLN D 80 10.59 8.85 15.67
N ALA D 81 9.42 8.68 15.06
CA ALA D 81 8.36 7.87 15.65
C ALA D 81 7.76 6.92 14.62
N MET D 82 7.09 5.87 15.11
CA MET D 82 6.47 4.90 14.22
C MET D 82 5.03 4.61 14.65
N ASN D 83 4.09 5.01 13.80
CA ASN D 83 2.67 4.78 14.07
C ASN D 83 2.18 3.54 13.33
N ARG D 84 0.86 3.41 13.21
CA ARG D 84 0.26 2.26 12.52
C ARG D 84 0.42 2.36 11.01
N ASN D 85 0.56 3.58 10.50
CA ASN D 85 0.73 3.80 9.07
C ASN D 85 2.19 4.09 8.74
N GLY D 86 2.74 5.13 9.36
CA GLY D 86 4.12 5.50 9.12
C GLY D 86 4.37 6.97 9.39
N LYS D 87 3.55 7.57 10.24
CA LYS D 87 3.70 8.98 10.59
C LYS D 87 4.91 9.19 11.50
N GLU D 88 5.96 9.78 10.94
CA GLU D 88 7.19 10.04 11.68
C GLU D 88 7.50 11.52 11.74
N THR D 89 8.29 11.91 12.75
CA THR D 89 8.68 13.30 12.92
C THR D 89 10.13 13.50 12.50
N LYS D 90 10.37 14.51 11.65
CA LYS D 90 11.72 14.81 11.17
C LYS D 90 12.27 16.07 11.80
N SER D 91 13.47 15.97 12.39
CA SER D 91 14.11 17.10 13.05
C SER D 91 15.57 16.78 13.38
N ASN D 92 16.48 17.63 12.92
CA ASN D 92 17.91 17.41 13.16
C ASN D 92 18.52 18.64 13.83
N TYR D 93 19.18 18.42 14.97
CA TYR D 93 19.83 19.50 15.70
C TYR D 93 21.34 19.32 15.71
N ARG D 94 22.05 20.35 15.25
CA ARG D 94 23.50 20.31 15.21
C ARG D 94 24.09 20.77 16.53
N VAL D 95 24.87 19.90 17.16
CA VAL D 95 25.49 20.21 18.45
C VAL D 95 27.01 20.06 18.39
N ARG D 96 27.72 21.05 18.92
CA ARG D 96 29.17 21.03 18.92
C ARG D 96 29.71 21.54 20.25
N VAL D 97 30.82 20.97 20.68
CA VAL D 97 31.45 21.34 21.94
C VAL D 97 32.55 22.38 21.72
N TYR D 98 32.92 23.08 22.79
CA TYR D 98 33.96 24.11 22.70
C TYR D 98 35.23 23.55 22.08
N GLN D 99 36.00 22.81 22.87
CA GLN D 99 37.25 22.22 22.39
C GLN D 99 36.98 20.96 21.58
N ILE D 100 37.50 20.92 20.37
CA ILE D 100 37.32 19.77 19.49
C ILE D 100 38.66 19.10 19.18
N PRO D 101 38.63 17.85 18.70
CA PRO D 101 39.85 17.11 18.36
C PRO D 101 40.57 17.68 17.14
N ALA A 2 -13.19 13.96 -15.02
CA ALA A 2 -12.68 13.54 -13.71
C ALA A 2 -11.77 14.61 -13.07
N SER A 3 -11.75 14.60 -11.74
CA SER A 3 -10.93 15.52 -10.94
C SER A 3 -9.44 15.16 -11.03
N PRO A 4 -8.52 16.09 -10.71
CA PRO A 4 -7.08 15.90 -10.83
C PRO A 4 -6.58 14.59 -10.19
N LEU A 5 -7.12 14.22 -9.02
CA LEU A 5 -6.68 13.02 -8.31
C LEU A 5 -7.13 11.74 -9.04
N ASP A 6 -8.39 11.72 -9.47
CA ASP A 6 -8.94 10.60 -10.23
C ASP A 6 -8.24 10.41 -11.59
N GLN A 7 -7.86 11.53 -12.19
CA GLN A 7 -7.15 11.55 -13.47
C GLN A 7 -5.74 10.94 -13.37
N ALA A 8 -5.03 11.33 -12.31
CA ALA A 8 -3.69 10.81 -12.01
C ALA A 8 -3.69 9.29 -11.77
N ILE A 9 -4.62 8.82 -10.93
CA ILE A 9 -4.80 7.39 -10.67
C ILE A 9 -5.16 6.64 -11.96
N GLY A 10 -6.04 7.24 -12.77
CA GLY A 10 -6.47 6.67 -14.03
C GLY A 10 -5.32 6.51 -15.01
N LEU A 11 -4.40 7.49 -14.99
CA LEU A 11 -3.20 7.46 -15.82
C LEU A 11 -2.28 6.30 -15.40
N LEU A 12 -2.10 6.15 -14.08
CA LEU A 12 -1.23 5.10 -13.52
C LEU A 12 -1.75 3.69 -13.82
N VAL A 13 -3.07 3.53 -13.77
CA VAL A 13 -3.73 2.26 -14.09
C VAL A 13 -3.61 1.95 -15.58
N ALA A 14 -3.74 3.00 -16.40
CA ALA A 14 -3.61 2.89 -17.87
C ALA A 14 -2.21 2.45 -18.30
N ILE A 15 -1.18 2.94 -17.59
CA ILE A 15 0.21 2.56 -17.84
C ILE A 15 0.40 1.06 -17.63
N PHE A 16 -0.16 0.53 -16.54
CA PHE A 16 -0.03 -0.88 -16.20
C PHE A 16 -0.51 -1.78 -17.35
N HIS A 17 -1.73 -1.49 -17.82
CA HIS A 17 -2.38 -2.25 -18.90
C HIS A 17 -1.74 -2.03 -20.28
N LYS A 18 -1.07 -0.88 -20.43
CA LYS A 18 -0.34 -0.56 -21.66
C LYS A 18 0.76 -1.60 -21.95
N TYR A 19 1.30 -2.18 -20.87
CA TYR A 19 2.44 -3.10 -20.94
C TYR A 19 2.07 -4.56 -20.58
N SER A 20 1.11 -4.73 -19.66
CA SER A 20 0.75 -6.06 -19.15
C SER A 20 0.16 -6.99 -20.22
N GLY A 21 -0.52 -6.42 -21.22
CA GLY A 21 -1.24 -7.18 -22.23
C GLY A 21 -0.38 -7.64 -23.41
N ARG A 22 0.91 -7.31 -23.41
CA ARG A 22 1.78 -7.55 -24.58
C ARG A 22 2.10 -9.03 -24.80
N GLU A 23 2.34 -9.76 -23.70
CA GLU A 23 2.67 -11.20 -23.78
C GLU A 23 2.21 -11.91 -22.49
N GLY A 24 2.17 -13.24 -22.58
CA GLY A 24 1.71 -14.08 -21.47
C GLY A 24 0.34 -13.66 -20.99
N ASP A 25 0.13 -13.69 -19.67
CA ASP A 25 -1.15 -13.27 -19.09
C ASP A 25 -1.37 -11.78 -19.36
N LYS A 26 -2.60 -11.42 -19.72
CA LYS A 26 -2.94 -10.03 -20.05
C LYS A 26 -3.08 -9.13 -18.82
N HIS A 27 -3.14 -9.70 -17.61
CA HIS A 27 -3.31 -8.88 -16.41
C HIS A 27 -2.11 -8.94 -15.46
N THR A 28 -0.98 -9.46 -15.91
CA THR A 28 0.21 -9.53 -15.07
C THR A 28 1.45 -9.10 -15.83
N LEU A 29 2.43 -8.52 -15.12
CA LEU A 29 3.68 -8.07 -15.75
C LEU A 29 4.75 -9.13 -15.62
N SER A 30 5.22 -9.63 -16.76
CA SER A 30 6.39 -10.49 -16.82
C SER A 30 7.65 -9.68 -16.48
N LYS A 31 8.79 -10.36 -16.32
CA LYS A 31 10.08 -9.70 -16.11
C LYS A 31 10.42 -8.73 -17.23
N LYS A 32 10.08 -9.15 -18.45
CA LYS A 32 10.29 -8.36 -19.67
C LYS A 32 9.39 -7.12 -19.73
N GLU A 33 8.09 -7.32 -19.46
CA GLU A 33 7.11 -6.24 -19.47
C GLU A 33 7.37 -5.19 -18.41
N LEU A 34 7.70 -5.66 -17.21
CA LEU A 34 7.97 -4.77 -16.07
C LEU A 34 9.25 -3.94 -16.26
N LYS A 35 10.28 -4.57 -16.83
CA LYS A 35 11.55 -3.87 -17.11
C LYS A 35 11.34 -2.77 -18.13
N GLU A 36 10.54 -3.09 -19.13
CA GLU A 36 10.16 -2.17 -20.17
C GLU A 36 9.32 -0.99 -19.63
N LEU A 37 8.40 -1.31 -18.72
CA LEU A 37 7.58 -0.30 -18.03
C LEU A 37 8.48 0.68 -17.27
N ILE A 38 9.45 0.14 -16.52
CA ILE A 38 10.38 0.94 -15.74
C ILE A 38 11.26 1.84 -16.63
N GLN A 39 11.81 1.25 -17.70
CA GLN A 39 12.75 1.95 -18.59
C GLN A 39 12.08 3.06 -19.40
N LYS A 40 10.77 2.92 -19.63
CA LYS A 40 10.03 3.83 -20.51
C LYS A 40 9.15 4.82 -19.74
N GLU A 41 8.74 4.46 -18.52
CA GLU A 41 7.73 5.23 -17.77
C GLU A 41 8.33 5.92 -16.54
N LEU A 42 9.42 5.40 -16.03
CA LEU A 42 10.10 5.98 -14.88
C LEU A 42 11.21 6.91 -15.36
N THR A 43 11.26 8.13 -14.80
CA THR A 43 12.20 9.17 -15.23
C THR A 43 13.66 8.68 -15.26
N ILE A 44 14.03 7.94 -14.20
CA ILE A 44 15.39 7.44 -14.04
C ILE A 44 15.55 5.97 -14.48
N GLY A 45 14.45 5.40 -14.99
CA GLY A 45 14.36 3.98 -15.31
C GLY A 45 15.46 3.49 -16.25
N SER A 46 15.67 4.25 -17.34
CA SER A 46 16.66 3.93 -18.38
C SER A 46 18.11 4.02 -17.89
N LYS A 47 18.33 4.65 -16.72
CA LYS A 47 19.68 4.88 -16.20
C LYS A 47 20.06 3.88 -15.08
N LEU A 48 19.09 3.11 -14.61
CA LEU A 48 19.32 2.11 -13.57
C LEU A 48 20.14 0.93 -14.11
N GLN A 49 21.00 0.41 -13.26
CA GLN A 49 21.74 -0.83 -13.56
C GLN A 49 20.75 -1.96 -13.81
N ASP A 50 21.12 -2.88 -14.71
CA ASP A 50 20.27 -4.05 -15.00
C ASP A 50 20.06 -4.93 -13.76
N ALA A 51 21.12 -5.05 -12.97
CA ALA A 51 21.11 -5.80 -11.71
C ALA A 51 20.14 -5.20 -10.68
N GLU A 52 20.04 -3.87 -10.66
CA GLU A 52 19.15 -3.15 -9.74
C GLU A 52 17.68 -3.22 -10.16
N ILE A 53 17.41 -3.19 -11.47
CA ILE A 53 16.05 -3.41 -12.00
C ILE A 53 15.59 -4.83 -11.68
N ALA A 54 16.52 -5.78 -11.82
CA ALA A 54 16.26 -7.19 -11.53
C ALA A 54 15.93 -7.45 -10.05
N ARG A 55 16.64 -6.72 -9.17
CA ARG A 55 16.41 -6.80 -7.72
C ARG A 55 15.07 -6.17 -7.34
N LEU A 56 14.78 -5.04 -8.01
CA LEU A 56 13.52 -4.32 -7.85
C LEU A 56 12.31 -5.19 -8.22
N MET A 57 12.40 -5.83 -9.38
CA MET A 57 11.34 -6.71 -9.89
C MET A 57 11.17 -7.97 -9.04
N GLU A 58 12.31 -8.48 -8.55
CA GLU A 58 12.33 -9.66 -7.69
C GLU A 58 11.57 -9.41 -6.39
N ASP A 59 11.86 -8.26 -5.78
CA ASP A 59 11.24 -7.89 -4.51
C ASP A 59 9.75 -7.56 -4.65
N LEU A 60 9.33 -7.03 -5.80
CA LEU A 60 7.92 -6.74 -6.07
C LEU A 60 7.08 -8.01 -6.20
N ASP A 61 7.73 -9.09 -6.64
CA ASP A 61 7.11 -10.40 -6.76
C ASP A 61 7.08 -11.03 -5.36
N ARG A 62 5.93 -10.91 -4.69
CA ARG A 62 5.76 -11.42 -3.33
C ARG A 62 5.29 -12.88 -3.32
N ASN A 63 4.33 -13.21 -4.18
CA ASN A 63 3.79 -14.56 -4.25
C ASN A 63 4.80 -15.54 -4.85
N LYS A 64 5.82 -14.99 -5.49
CA LYS A 64 6.90 -15.78 -6.10
C LYS A 64 6.39 -16.71 -7.21
N ASP A 65 6.14 -16.12 -8.37
CA ASP A 65 5.69 -16.87 -9.54
C ASP A 65 6.22 -16.21 -10.81
N GLN A 66 7.14 -15.26 -10.60
CA GLN A 66 7.78 -14.49 -11.69
C GLN A 66 6.83 -13.51 -12.37
N GLU A 67 5.65 -13.32 -11.78
CA GLU A 67 4.65 -12.41 -12.33
C GLU A 67 4.24 -11.34 -11.29
N VAL A 68 4.24 -10.09 -11.75
CA VAL A 68 3.89 -8.93 -10.92
C VAL A 68 2.44 -8.52 -11.22
N ASN A 69 1.54 -8.93 -10.32
CA ASN A 69 0.13 -8.62 -10.46
C ASN A 69 -0.11 -7.15 -10.21
N PHE A 70 -1.36 -6.73 -10.31
CA PHE A 70 -1.68 -5.30 -10.11
C PHE A 70 -1.41 -4.82 -8.68
N GLN A 71 -1.71 -5.67 -7.69
CA GLN A 71 -1.49 -5.34 -6.28
C GLN A 71 0.00 -5.08 -6.01
N GLU A 72 0.87 -5.86 -6.67
CA GLU A 72 2.32 -5.69 -6.51
C GLU A 72 2.77 -4.37 -7.14
N TYR A 73 2.16 -4.02 -8.27
CA TYR A 73 2.42 -2.74 -8.92
C TYR A 73 2.06 -1.55 -8.04
N VAL A 74 0.96 -1.69 -7.28
CA VAL A 74 0.53 -0.66 -6.33
C VAL A 74 1.58 -0.45 -5.22
N THR A 75 2.25 -1.53 -4.82
CA THR A 75 3.34 -1.46 -3.83
C THR A 75 4.49 -0.61 -4.38
N PHE A 76 4.76 -0.80 -5.68
CA PHE A 76 5.77 -0.01 -6.40
C PHE A 76 5.41 1.48 -6.45
N LEU A 77 4.15 1.78 -6.77
CA LEU A 77 3.63 3.15 -6.76
C LEU A 77 3.75 3.82 -5.39
N GLY A 78 3.46 3.02 -4.36
CA GLY A 78 3.57 3.46 -2.97
C GLY A 78 5.00 3.78 -2.57
N ALA A 79 5.93 2.98 -3.09
CA ALA A 79 7.37 3.19 -2.86
C ALA A 79 7.89 4.47 -3.52
N LEU A 80 7.40 4.74 -4.74
CA LEU A 80 7.73 5.96 -5.47
C LEU A 80 7.20 7.21 -4.77
N ALA A 81 5.98 7.10 -4.25
CA ALA A 81 5.33 8.18 -3.51
C ALA A 81 6.05 8.53 -2.21
N LEU A 82 6.51 7.49 -1.50
CA LEU A 82 7.29 7.66 -0.26
C LEU A 82 8.63 8.35 -0.52
N ILE A 83 9.26 7.99 -1.64
CA ILE A 83 10.55 8.57 -2.04
C ILE A 83 10.42 10.08 -2.28
N TYR A 84 9.42 10.48 -3.08
CA TYR A 84 9.20 11.90 -3.39
C TYR A 84 8.79 12.71 -2.16
N ASN A 85 7.97 12.09 -1.31
CA ASN A 85 7.50 12.71 -0.07
C ASN A 85 8.64 12.97 0.92
N GLU A 86 9.54 11.98 1.04
CA GLU A 86 10.70 12.07 1.94
C GLU A 86 11.71 13.12 1.49
N ALA A 87 11.80 13.33 0.17
CA ALA A 87 12.69 14.32 -0.42
C ALA A 87 12.24 15.76 -0.11
N LEU A 88 10.91 15.96 -0.18
CA LEU A 88 10.30 17.27 0.06
C LEU A 88 10.40 17.72 1.53
N LYS A 89 10.42 16.76 2.45
CA LYS A 89 10.53 17.05 3.87
C LYS A 89 11.97 17.39 4.25
N GLY A 90 12.91 16.61 3.71
CA GLY A 90 14.31 16.84 3.99
C GLY A 90 14.73 16.33 5.37
N ALA B 2 9.92 15.45 -15.90
CA ALA B 2 9.59 14.11 -15.41
C ALA B 2 8.65 13.35 -16.34
N SER B 3 8.77 12.02 -16.31
CA SER B 3 7.94 11.12 -17.11
C SER B 3 6.49 11.08 -16.59
N PRO B 4 5.53 10.64 -17.42
CA PRO B 4 4.10 10.60 -17.07
C PRO B 4 3.81 9.98 -15.70
N LEU B 5 4.50 8.88 -15.37
CA LEU B 5 4.26 8.18 -14.10
C LEU B 5 4.76 8.98 -12.90
N ASP B 6 5.97 9.54 -13.02
CA ASP B 6 6.56 10.39 -11.98
C ASP B 6 5.75 11.67 -11.76
N GLN B 7 5.20 12.20 -12.85
CA GLN B 7 4.36 13.41 -12.82
C GLN B 7 3.04 13.19 -12.07
N ALA B 8 2.40 12.05 -12.35
CA ALA B 8 1.16 11.65 -11.68
C ALA B 8 1.34 11.46 -10.16
N ILE B 9 2.40 10.73 -9.77
CA ILE B 9 2.76 10.53 -8.37
C ILE B 9 3.05 11.89 -7.69
N GLY B 10 3.79 12.75 -8.41
CA GLY B 10 4.15 14.07 -7.92
C GLY B 10 2.93 14.95 -7.66
N LEU B 11 1.92 14.80 -8.53
CA LEU B 11 0.64 15.50 -8.40
C LEU B 11 -0.11 15.04 -7.14
N LEU B 12 -0.13 13.71 -6.93
CA LEU B 12 -0.82 13.11 -5.79
C LEU B 12 -0.20 13.51 -4.44
N VAL B 13 1.13 13.59 -4.42
CA VAL B 13 1.89 14.02 -3.24
C VAL B 13 1.65 15.51 -2.96
N ALA B 14 1.58 16.30 -4.03
CA ALA B 14 1.32 17.74 -3.95
C ALA B 14 -0.07 18.05 -3.37
N ILE B 15 -1.06 17.23 -3.74
CA ILE B 15 -2.43 17.36 -3.21
C ILE B 15 -2.43 17.18 -1.68
N PHE B 16 -1.72 16.17 -1.20
CA PHE B 16 -1.66 15.87 0.23
C PHE B 16 -1.21 17.10 1.04
N HIS B 17 -0.08 17.67 0.60
CA HIS B 17 0.53 18.83 1.27
C HIS B 17 -0.25 20.13 1.07
N LYS B 18 -1.06 20.18 0.01
CA LYS B 18 -1.95 21.32 -0.26
C LYS B 18 -2.95 21.54 0.87
N TYR B 19 -3.31 20.44 1.54
CA TYR B 19 -4.36 20.43 2.58
C TYR B 19 -3.80 20.16 3.99
N SER B 20 -2.73 19.34 4.09
CA SER B 20 -2.19 18.91 5.38
C SER B 20 -1.62 20.06 6.22
N GLY B 21 -1.11 21.11 5.54
CA GLY B 21 -0.41 22.22 6.21
C GLY B 21 -1.34 23.33 6.73
N ARG B 22 -2.66 23.19 6.53
CA ARG B 22 -3.61 24.27 6.84
C ARG B 22 -3.78 24.51 8.34
N GLU B 23 -3.84 23.43 9.12
CA GLU B 23 -4.03 23.51 10.57
C GLU B 23 -3.36 22.31 11.27
N GLY B 24 -3.19 22.44 12.59
CA GLY B 24 -2.55 21.42 13.41
C GLY B 24 -1.17 21.06 12.85
N ASP B 25 -0.86 19.76 12.87
CA ASP B 25 0.39 19.27 12.32
C ASP B 25 0.39 19.49 10.80
N LYS B 26 1.52 19.98 10.29
CA LYS B 26 1.67 20.31 8.87
C LYS B 26 1.79 19.07 7.98
N HIS B 27 2.08 17.90 8.57
CA HIS B 27 2.32 16.68 7.78
C HIS B 27 1.22 15.63 7.92
N THR B 28 0.23 15.86 8.76
CA THR B 28 -0.85 14.89 8.94
C THR B 28 -2.21 15.50 8.65
N LEU B 29 -3.08 14.72 8.01
CA LEU B 29 -4.43 15.21 7.69
C LEU B 29 -5.37 15.00 8.87
N SER B 30 -5.89 16.11 9.40
CA SER B 30 -6.96 16.08 10.38
C SER B 30 -8.26 15.59 9.73
N LYS B 31 -9.29 15.34 10.53
CA LYS B 31 -10.62 14.97 10.03
C LYS B 31 -11.17 16.02 9.08
N LYS B 32 -10.92 17.28 9.43
CA LYS B 32 -11.34 18.45 8.65
C LYS B 32 -10.60 18.56 7.31
N GLU B 33 -9.26 18.43 7.37
CA GLU B 33 -8.41 18.51 6.18
C GLU B 33 -8.68 17.40 5.19
N LEU B 34 -8.83 16.18 5.71
CA LEU B 34 -9.07 14.99 4.88
C LEU B 34 -10.45 15.02 4.22
N LYS B 35 -11.47 15.50 4.94
CA LYS B 35 -12.81 15.63 4.39
C LYS B 35 -12.84 16.64 3.24
N GLU B 36 -12.11 17.72 3.45
CA GLU B 36 -11.94 18.76 2.47
C GLU B 36 -11.20 18.26 1.22
N LEU B 37 -10.15 17.47 1.45
CA LEU B 37 -9.38 16.84 0.37
C LEU B 37 -10.30 15.96 -0.49
N ILE B 38 -11.12 15.14 0.17
CA ILE B 38 -12.05 14.23 -0.51
C ILE B 38 -13.10 15.00 -1.32
N GLN B 39 -13.71 16.03 -0.69
CA GLN B 39 -14.80 16.80 -1.29
C GLN B 39 -14.35 17.64 -2.49
N LYS B 40 -13.07 18.01 -2.51
CA LYS B 40 -12.52 18.93 -3.51
C LYS B 40 -11.68 18.21 -4.58
N GLU B 41 -11.10 17.06 -4.24
CA GLU B 41 -10.11 16.38 -5.10
C GLU B 41 -10.65 15.07 -5.70
N LEU B 42 -11.63 14.48 -5.04
CA LEU B 42 -12.24 13.25 -5.53
C LEU B 42 -13.49 13.58 -6.33
N THR B 43 -13.61 12.98 -7.52
CA THR B 43 -14.70 13.28 -8.47
C THR B 43 -16.08 13.18 -7.82
N ILE B 44 -16.27 12.12 -7.02
CA ILE B 44 -17.55 11.83 -6.36
C ILE B 44 -17.58 12.30 -4.90
N GLY B 45 -16.48 12.95 -4.47
CA GLY B 45 -16.29 13.31 -3.06
C GLY B 45 -17.41 14.16 -2.48
N SER B 46 -17.81 15.19 -3.23
CA SER B 46 -18.85 16.14 -2.81
C SER B 46 -20.25 15.50 -2.74
N LYS B 47 -20.42 14.31 -3.32
CA LYS B 47 -21.73 13.63 -3.37
C LYS B 47 -21.87 12.51 -2.33
N LEU B 48 -20.78 12.17 -1.65
CA LEU B 48 -20.78 11.14 -0.61
C LEU B 48 -21.53 11.64 0.63
N GLN B 49 -22.24 10.72 1.27
CA GLN B 49 -22.86 10.99 2.57
C GLN B 49 -21.79 11.37 3.59
N ASP B 50 -22.14 12.26 4.53
CA ASP B 50 -21.20 12.67 5.58
C ASP B 50 -20.77 11.48 6.45
N ALA B 51 -21.73 10.59 6.71
CA ALA B 51 -21.50 9.36 7.48
C ALA B 51 -20.49 8.42 6.80
N GLU B 52 -20.54 8.37 5.46
CA GLU B 52 -19.65 7.52 4.67
C GLU B 52 -18.22 8.08 4.56
N ILE B 53 -18.10 9.42 4.48
CA ILE B 53 -16.79 10.08 4.52
C ILE B 53 -16.15 9.86 5.90
N ALA B 54 -16.98 9.93 6.94
CA ALA B 54 -16.53 9.72 8.33
C ALA B 54 -16.02 8.28 8.56
N ARG B 55 -16.72 7.31 7.95
CA ARG B 55 -16.32 5.91 8.02
C ARG B 55 -15.04 5.64 7.26
N LEU B 56 -14.94 6.30 6.09
CA LEU B 56 -13.75 6.24 5.24
C LEU B 56 -12.50 6.76 5.95
N MET B 57 -12.65 7.93 6.57
CA MET B 57 -11.55 8.56 7.32
C MET B 57 -11.16 7.78 8.57
N GLU B 58 -12.18 7.19 9.21
CA GLU B 58 -11.98 6.38 10.41
C GLU B 58 -11.13 5.15 10.11
N ASP B 59 -11.47 4.48 9.01
CA ASP B 59 -10.77 3.26 8.58
C ASP B 59 -9.34 3.53 8.09
N LEU B 60 -9.11 4.72 7.50
CA LEU B 60 -7.76 5.11 7.05
C LEU B 60 -6.81 5.37 8.22
N ASP B 61 -7.37 5.79 9.34
CA ASP B 61 -6.61 6.03 10.56
C ASP B 61 -6.36 4.69 11.26
N ARG B 62 -5.18 4.13 11.05
CA ARG B 62 -4.83 2.81 11.61
C ARG B 62 -4.20 2.91 13.00
N ASN B 63 -3.33 3.90 13.20
CA ASN B 63 -2.67 4.08 14.50
C ASN B 63 -3.63 4.62 15.57
N LYS B 64 -4.79 5.08 15.11
CA LYS B 64 -5.83 5.61 15.99
C LYS B 64 -5.35 6.79 16.83
N ASP B 65 -5.31 7.97 16.20
CA ASP B 65 -4.91 9.21 16.85
C ASP B 65 -5.63 10.38 16.21
N GLN B 66 -6.62 10.04 15.37
CA GLN B 66 -7.45 11.02 14.64
C GLN B 66 -6.69 11.77 13.55
N GLU B 67 -5.46 11.29 13.26
CA GLU B 67 -4.62 11.91 12.24
C GLU B 67 -4.22 10.89 11.15
N VAL B 68 -4.41 11.28 9.90
CA VAL B 68 -4.08 10.46 8.74
C VAL B 68 -2.74 10.90 8.16
N ASN B 69 -1.71 10.11 8.49
CA ASN B 69 -0.36 10.40 8.03
C ASN B 69 -0.26 10.11 6.55
N PHE B 70 0.93 10.31 5.99
CA PHE B 70 1.12 10.09 4.55
C PHE B 70 0.95 8.62 4.14
N GLN B 71 1.44 7.70 4.97
CA GLN B 71 1.35 6.27 4.70
C GLN B 71 -0.12 5.82 4.64
N GLU B 72 -0.97 6.46 5.46
CA GLU B 72 -2.40 6.14 5.47
C GLU B 72 -3.06 6.66 4.19
N TYR B 73 -2.61 7.82 3.74
CA TYR B 73 -3.06 8.41 2.48
C TYR B 73 -2.74 7.52 1.27
N VAL B 74 -1.57 6.87 1.32
CA VAL B 74 -1.15 5.92 0.28
C VAL B 74 -2.11 4.72 0.21
N THR B 75 -2.63 4.29 1.37
CA THR B 75 -3.63 3.21 1.44
C THR B 75 -4.90 3.63 0.70
N PHE B 76 -5.28 4.89 0.88
CA PHE B 76 -6.42 5.49 0.18
C PHE B 76 -6.22 5.52 -1.34
N LEU B 77 -5.03 5.94 -1.77
CA LEU B 77 -4.66 5.93 -3.20
C LEU B 77 -4.72 4.54 -3.80
N GLY B 78 -4.25 3.56 -3.02
CA GLY B 78 -4.27 2.16 -3.41
C GLY B 78 -5.68 1.61 -3.57
N ALA B 79 -6.58 2.06 -2.69
CA ALA B 79 -8.00 1.70 -2.74
C ALA B 79 -8.71 2.28 -3.97
N LEU B 80 -8.36 3.51 -4.31
CA LEU B 80 -8.88 4.17 -5.52
C LEU B 80 -8.43 3.48 -6.80
N ALA B 81 -7.15 3.07 -6.81
CA ALA B 81 -6.54 2.36 -7.94
C ALA B 81 -7.17 0.98 -8.17
N LEU B 82 -7.46 0.27 -7.06
CA LEU B 82 -8.13 -1.03 -7.12
C LEU B 82 -9.55 -0.93 -7.67
N ILE B 83 -10.25 0.13 -7.28
CA ILE B 83 -11.62 0.40 -7.73
C ILE B 83 -11.66 0.60 -9.26
N TYR B 84 -10.80 1.47 -9.77
CA TYR B 84 -10.74 1.76 -11.21
C TYR B 84 -10.31 0.53 -12.03
N ASN B 85 -9.34 -0.22 -11.48
CA ASN B 85 -8.84 -1.43 -12.11
C ASN B 85 -9.90 -2.53 -12.22
N GLU B 86 -10.67 -2.70 -11.14
CA GLU B 86 -11.74 -3.70 -11.09
C GLU B 86 -12.88 -3.40 -12.07
N ALA B 87 -13.18 -2.12 -12.25
CA ALA B 87 -14.22 -1.68 -13.18
C ALA B 87 -13.85 -1.98 -14.65
N LEU B 88 -12.56 -1.79 -14.95
CA LEU B 88 -12.03 -2.01 -16.30
C LEU B 88 -11.99 -3.50 -16.69
N LYS B 89 -11.85 -4.38 -15.71
CA LYS B 89 -11.82 -5.82 -15.96
C LYS B 89 -13.24 -6.37 -16.13
N GLY B 90 -14.17 -5.84 -15.35
CA GLY B 90 -15.56 -6.26 -15.43
C GLY B 90 -15.83 -7.51 -14.61
N ALA C 1 -18.21 -6.89 -17.87
CA ALA C 1 -18.73 -8.23 -17.53
C ALA C 1 -18.95 -9.08 -18.78
N MET C 2 -18.24 -10.20 -18.87
CA MET C 2 -18.36 -11.09 -20.02
C MET C 2 -18.76 -12.50 -19.58
N ALA C 3 -19.26 -13.28 -20.53
CA ALA C 3 -19.69 -14.65 -20.25
C ALA C 3 -19.69 -15.49 -21.52
N GLN C 4 -19.29 -16.76 -21.39
CA GLN C 4 -19.24 -17.67 -22.52
C GLN C 4 -20.57 -18.39 -22.70
N ASN C 5 -21.01 -18.51 -23.95
CA ASN C 5 -22.27 -19.18 -24.25
C ASN C 5 -22.07 -20.68 -24.40
N ILE C 6 -22.60 -21.45 -23.45
CA ILE C 6 -22.47 -22.90 -23.48
C ILE C 6 -23.82 -23.57 -23.33
N THR C 7 -24.16 -24.45 -24.27
CA THR C 7 -25.43 -25.16 -24.24
C THR C 7 -25.29 -26.49 -23.52
N ALA C 8 -26.30 -26.84 -22.72
CA ALA C 8 -26.28 -28.07 -21.99
C ALA C 8 -27.69 -28.67 -21.88
N ARG C 9 -27.76 -29.96 -21.54
CA ARG C 9 -29.04 -30.65 -21.43
C ARG C 9 -29.33 -31.00 -19.97
N ILE C 10 -30.57 -30.81 -19.55
CA ILE C 10 -30.98 -31.11 -18.18
C ILE C 10 -30.76 -32.59 -17.84
N GLY C 11 -30.13 -32.85 -16.71
CA GLY C 11 -29.89 -34.22 -16.29
C GLY C 11 -28.73 -34.88 -17.02
N GLU C 12 -28.06 -34.12 -17.88
CA GLU C 12 -26.93 -34.64 -18.64
C GLU C 12 -25.60 -34.28 -17.96
N PRO C 13 -24.67 -35.25 -17.84
CA PRO C 13 -23.37 -35.01 -17.23
C PRO C 13 -22.52 -34.04 -18.03
N LEU C 14 -21.79 -33.17 -17.33
CA LEU C 14 -20.94 -32.19 -17.99
C LEU C 14 -19.62 -32.01 -17.25
N VAL C 15 -18.53 -31.91 -18.01
CA VAL C 15 -17.21 -31.75 -17.43
C VAL C 15 -16.52 -30.51 -17.98
N LEU C 16 -15.88 -29.76 -17.09
CA LEU C 16 -15.19 -28.54 -17.49
C LEU C 16 -13.91 -28.35 -16.68
N LYS C 17 -12.94 -27.66 -17.26
CA LYS C 17 -11.68 -27.40 -16.58
C LYS C 17 -11.55 -25.93 -16.19
N CYS C 18 -11.32 -25.69 -14.90
CA CYS C 18 -11.18 -24.33 -14.39
C CYS C 18 -9.81 -24.13 -13.74
N LYS C 19 -8.81 -23.88 -14.59
CA LYS C 19 -7.45 -23.65 -14.14
C LYS C 19 -7.34 -22.36 -13.33
N GLY C 20 -6.15 -22.07 -12.84
CA GLY C 20 -5.94 -20.87 -12.05
C GLY C 20 -4.79 -21.01 -11.06
N ALA C 21 -4.71 -22.17 -10.42
CA ALA C 21 -3.66 -22.42 -9.45
C ALA C 21 -2.28 -22.38 -10.11
N PRO C 22 -1.40 -21.44 -9.68
CA PRO C 22 -0.05 -21.30 -10.26
C PRO C 22 0.83 -22.55 -10.07
N LYS C 23 2.11 -22.43 -10.43
CA LYS C 23 3.06 -23.55 -10.31
C LYS C 23 3.37 -23.89 -8.86
N LYS C 24 2.93 -23.03 -7.95
CA LYS C 24 3.14 -23.26 -6.52
C LYS C 24 2.17 -24.31 -6.02
N PRO C 25 2.39 -24.87 -4.81
CA PRO C 25 1.51 -25.89 -4.24
C PRO C 25 0.05 -25.43 -4.21
N PRO C 26 -0.89 -26.36 -3.95
CA PRO C 26 -2.32 -26.05 -3.90
C PRO C 26 -2.63 -24.93 -2.92
N GLN C 27 -2.92 -23.75 -3.44
CA GLN C 27 -3.23 -22.59 -2.60
C GLN C 27 -4.72 -22.53 -2.29
N ARG C 28 -5.17 -21.40 -1.75
CA ARG C 28 -6.58 -21.21 -1.42
C ARG C 28 -7.42 -21.09 -2.69
N LEU C 29 -8.73 -21.26 -2.54
CA LEU C 29 -9.64 -21.16 -3.67
C LEU C 29 -11.06 -20.86 -3.20
N GLU C 30 -11.77 -20.05 -3.96
CA GLU C 30 -13.14 -19.68 -3.63
C GLU C 30 -14.06 -19.80 -4.85
N TRP C 31 -15.23 -20.38 -4.63
CA TRP C 31 -16.20 -20.57 -5.71
C TRP C 31 -17.31 -19.50 -5.63
N LYS C 32 -17.60 -18.88 -6.76
CA LYS C 32 -18.63 -17.85 -6.82
C LYS C 32 -19.38 -17.91 -8.15
N LEU C 33 -20.69 -17.69 -8.09
CA LEU C 33 -21.51 -17.71 -9.30
C LEU C 33 -22.66 -16.71 -9.19
N ASN C 34 -23.01 -16.09 -10.31
CA ASN C 34 -24.08 -15.11 -10.35
C ASN C 34 -25.31 -15.68 -11.06
N THR C 35 -26.45 -15.64 -10.38
CA THR C 35 -27.69 -16.15 -10.95
C THR C 35 -28.89 -15.38 -10.42
N GLY C 36 -30.07 -15.72 -10.91
CA GLY C 36 -31.28 -15.05 -10.46
C GLY C 36 -31.52 -15.22 -8.99
N ARG C 37 -31.52 -16.47 -8.53
CA ARG C 37 -31.74 -16.76 -7.12
C ARG C 37 -30.45 -17.23 -6.46
N THR C 38 -29.60 -17.91 -7.22
CA THR C 38 -28.33 -18.40 -6.71
C THR C 38 -28.56 -19.42 -5.58
N GLU C 39 -28.37 -20.69 -5.90
CA GLU C 39 -28.55 -21.76 -4.92
C GLU C 39 -27.48 -22.84 -5.07
N ALA C 40 -26.41 -22.51 -5.80
CA ALA C 40 -25.33 -23.46 -6.02
C ALA C 40 -23.99 -22.93 -5.52
N TRP C 41 -23.93 -21.62 -5.27
CA TRP C 41 -22.70 -21.00 -4.78
C TRP C 41 -22.24 -21.65 -3.48
N LYS C 42 -21.06 -22.28 -3.53
CA LYS C 42 -20.50 -22.95 -2.36
C LYS C 42 -19.03 -22.57 -2.18
N VAL C 43 -18.54 -22.69 -0.95
CA VAL C 43 -17.15 -22.36 -0.65
C VAL C 43 -16.28 -23.61 -0.72
N LEU C 44 -15.37 -23.64 -1.69
CA LEU C 44 -14.47 -24.76 -1.88
C LEU C 44 -13.16 -24.55 -1.13
N SER C 45 -12.69 -25.59 -0.45
CA SER C 45 -11.45 -25.52 0.31
C SER C 45 -10.55 -26.70 -0.03
N PRO C 46 -9.22 -26.51 0.05
CA PRO C 46 -8.24 -27.56 -0.25
C PRO C 46 -8.26 -28.67 0.78
N GLN C 47 -8.94 -28.44 1.89
CA GLN C 47 -9.03 -29.45 2.95
C GLN C 47 -10.39 -29.38 3.64
N GLY C 48 -11.42 -29.89 2.98
CA GLY C 48 -12.75 -29.88 3.55
C GLY C 48 -13.84 -29.85 2.49
N GLY C 49 -15.07 -30.16 2.88
CA GLY C 49 -16.18 -30.16 1.95
C GLY C 49 -17.46 -29.65 2.56
N GLY C 50 -18.44 -29.34 1.71
CA GLY C 50 -19.71 -28.83 2.21
C GLY C 50 -20.90 -29.49 1.53
N PRO C 51 -22.03 -28.79 1.41
CA PRO C 51 -23.24 -29.32 0.78
C PRO C 51 -23.07 -29.52 -0.74
N TRP C 52 -22.54 -28.50 -1.40
CA TRP C 52 -22.33 -28.57 -2.83
C TRP C 52 -21.41 -29.73 -3.22
N ASP C 53 -20.63 -30.21 -2.24
CA ASP C 53 -19.71 -31.32 -2.48
C ASP C 53 -20.46 -32.54 -2.99
N SER C 54 -21.69 -32.71 -2.52
CA SER C 54 -22.51 -33.84 -2.93
C SER C 54 -23.17 -33.58 -4.29
N VAL C 55 -23.31 -32.32 -4.63
CA VAL C 55 -23.91 -31.93 -5.91
C VAL C 55 -22.86 -31.92 -7.02
N ALA C 56 -21.63 -31.59 -6.65
CA ALA C 56 -20.53 -31.55 -7.62
C ALA C 56 -19.18 -31.57 -6.92
N ARG C 57 -18.22 -32.26 -7.52
CA ARG C 57 -16.88 -32.37 -6.93
C ARG C 57 -15.82 -31.84 -7.90
N VAL C 58 -14.63 -31.60 -7.38
CA VAL C 58 -13.52 -31.09 -8.19
C VAL C 58 -12.45 -32.17 -8.35
N LEU C 59 -12.06 -32.41 -9.60
CA LEU C 59 -11.04 -33.42 -9.90
C LEU C 59 -9.66 -32.91 -9.48
N PRO C 60 -8.75 -33.83 -9.11
CA PRO C 60 -7.40 -33.49 -8.69
C PRO C 60 -6.70 -32.54 -9.66
N ASN C 61 -7.12 -32.55 -10.92
CA ASN C 61 -6.56 -31.69 -11.93
C ASN C 61 -7.22 -30.32 -11.93
N GLY C 62 -8.10 -30.07 -10.99
CA GLY C 62 -8.77 -28.80 -10.90
C GLY C 62 -9.94 -28.71 -11.86
N SER C 63 -10.71 -29.80 -11.96
CA SER C 63 -11.86 -29.83 -12.86
C SER C 63 -13.16 -29.81 -12.07
N LEU C 64 -14.27 -30.02 -12.77
CA LEU C 64 -15.58 -30.02 -12.13
C LEU C 64 -16.54 -30.94 -12.86
N PHE C 65 -17.14 -31.87 -12.12
CA PHE C 65 -18.08 -32.82 -12.71
C PHE C 65 -19.39 -32.85 -11.91
N LEU C 66 -20.51 -32.82 -12.62
CA LEU C 66 -21.82 -32.85 -11.99
C LEU C 66 -22.59 -34.11 -12.39
N PRO C 67 -23.11 -34.87 -11.40
CA PRO C 67 -23.87 -36.09 -11.68
C PRO C 67 -25.03 -35.85 -12.62
N ALA C 68 -25.65 -34.68 -12.51
CA ALA C 68 -26.78 -34.32 -13.36
C ALA C 68 -27.09 -32.84 -13.26
N VAL C 69 -26.72 -32.07 -14.29
CA VAL C 69 -26.97 -30.64 -14.31
C VAL C 69 -28.44 -30.34 -14.60
N GLY C 70 -29.12 -29.72 -13.64
CA GLY C 70 -30.52 -29.40 -13.80
C GLY C 70 -30.76 -27.90 -13.89
N ILE C 71 -32.00 -27.49 -13.62
CA ILE C 71 -32.37 -26.08 -13.67
C ILE C 71 -31.65 -25.29 -12.59
N GLN C 72 -31.42 -25.94 -11.45
CA GLN C 72 -30.72 -25.29 -10.34
C GLN C 72 -29.29 -24.98 -10.69
N ASP C 73 -28.70 -25.78 -11.57
CA ASP C 73 -27.32 -25.59 -12.00
C ASP C 73 -27.23 -24.46 -13.02
N GLU C 74 -28.36 -24.10 -13.63
CA GLU C 74 -28.39 -23.03 -14.62
C GLU C 74 -27.71 -21.77 -14.11
N GLY C 75 -27.65 -20.75 -14.96
CA GLY C 75 -27.03 -19.51 -14.56
C GLY C 75 -25.62 -19.39 -15.10
N ILE C 76 -24.78 -18.64 -14.39
CA ILE C 76 -23.39 -18.44 -14.80
C ILE C 76 -22.43 -18.80 -13.67
N PHE C 77 -21.42 -19.61 -13.99
CA PHE C 77 -20.43 -20.02 -13.00
C PHE C 77 -19.17 -19.17 -13.13
N ARG C 78 -18.46 -19.00 -12.01
CA ARG C 78 -17.24 -18.20 -11.99
C ARG C 78 -16.20 -18.82 -11.05
N CYS C 79 -14.94 -18.70 -11.44
CA CYS C 79 -13.84 -19.22 -10.64
C CYS C 79 -13.07 -18.09 -9.97
N GLN C 80 -12.44 -18.38 -8.85
CA GLN C 80 -11.66 -17.37 -8.13
C GLN C 80 -10.64 -18.03 -7.21
N ALA C 81 -9.52 -17.33 -6.99
CA ALA C 81 -8.46 -17.82 -6.13
C ALA C 81 -7.99 -16.74 -5.17
N MET C 82 -7.33 -17.16 -4.08
CA MET C 82 -6.83 -16.21 -3.10
C MET C 82 -5.39 -16.52 -2.73
N ASN C 83 -4.49 -15.61 -3.10
CA ASN C 83 -3.06 -15.75 -2.81
C ASN C 83 -2.69 -15.02 -1.53
N ARG C 84 -1.42 -14.65 -1.40
CA ARG C 84 -0.94 -13.95 -0.22
C ARG C 84 -1.07 -12.43 -0.37
N ASN C 85 -1.36 -12.00 -1.60
CA ASN C 85 -1.52 -10.58 -1.89
C ASN C 85 -2.95 -10.29 -2.36
N GLY C 86 -3.52 -11.23 -3.09
CA GLY C 86 -4.88 -11.07 -3.58
C GLY C 86 -5.00 -11.33 -5.07
N LYS C 87 -4.24 -12.32 -5.56
CA LYS C 87 -4.29 -12.66 -6.98
C LYS C 87 -5.47 -13.55 -7.28
N GLU C 88 -6.52 -12.96 -7.85
CA GLU C 88 -7.74 -13.68 -8.18
C GLU C 88 -7.95 -13.74 -9.69
N THR C 89 -8.56 -14.83 -10.16
CA THR C 89 -8.84 -14.99 -11.58
C THR C 89 -10.32 -14.73 -11.87
N LYS C 90 -10.59 -13.88 -12.86
CA LYS C 90 -11.96 -13.54 -13.23
C LYS C 90 -12.38 -14.26 -14.51
N SER C 91 -13.53 -14.94 -14.46
CA SER C 91 -14.05 -15.68 -15.59
C SER C 91 -15.49 -16.12 -15.34
N ASN C 92 -16.38 -15.75 -16.26
CA ASN C 92 -17.79 -16.10 -16.13
C ASN C 92 -18.28 -16.86 -17.36
N TYR C 93 -18.88 -18.03 -17.13
CA TYR C 93 -19.39 -18.85 -18.21
C TYR C 93 -20.90 -18.97 -18.13
N ARG C 94 -21.59 -18.60 -19.21
CA ARG C 94 -23.04 -18.67 -19.26
C ARG C 94 -23.50 -20.05 -19.70
N VAL C 95 -24.27 -20.71 -18.84
CA VAL C 95 -24.77 -22.05 -19.14
C VAL C 95 -26.31 -22.09 -19.09
N ARG C 96 -26.91 -22.71 -20.08
CA ARG C 96 -28.36 -22.82 -20.15
C ARG C 96 -28.77 -24.21 -20.64
N VAL C 97 -29.89 -24.70 -20.11
CA VAL C 97 -30.39 -26.02 -20.47
C VAL C 97 -31.44 -25.92 -21.58
N TYR C 98 -31.68 -27.04 -22.26
CA TYR C 98 -32.66 -27.08 -23.34
C TYR C 98 -34.00 -26.53 -22.89
N GLN C 99 -34.76 -27.35 -22.17
CA GLN C 99 -36.07 -26.95 -21.68
C GLN C 99 -35.95 -26.07 -20.43
N ILE C 100 -36.56 -24.90 -20.48
CA ILE C 100 -36.52 -23.97 -19.36
C ILE C 100 -37.90 -23.73 -18.79
N PRO C 101 -37.99 -23.20 -17.56
CA PRO C 101 -39.27 -22.92 -16.90
C PRO C 101 -40.05 -21.79 -17.57
N ALA D 1 15.94 20.69 4.09
CA ALA D 1 16.66 20.49 5.38
C ALA D 1 16.80 21.81 6.14
N MET D 2 16.21 21.87 7.33
CA MET D 2 16.28 23.07 8.16
C MET D 2 16.90 22.76 9.51
N ALA D 3 17.47 23.79 10.14
CA ALA D 3 18.12 23.63 11.45
C ALA D 3 18.07 24.93 12.24
N GLN D 4 17.87 24.81 13.56
CA GLN D 4 17.79 25.98 14.43
C GLN D 4 19.18 26.35 14.95
N ASN D 5 19.45 27.66 14.96
CA ASN D 5 20.75 28.14 15.44
C ASN D 5 20.72 28.34 16.95
N ILE D 6 21.47 27.51 17.66
CA ILE D 6 21.53 27.59 19.12
C ILE D 6 22.98 27.64 19.60
N THR D 7 23.30 28.66 20.39
CA THR D 7 24.65 28.82 20.93
C THR D 7 24.78 28.15 22.28
N ALA D 8 25.93 27.52 22.51
CA ALA D 8 26.18 26.84 23.76
C ALA D 8 27.65 26.94 24.16
N ARG D 9 27.94 26.68 25.43
CA ARG D 9 29.30 26.75 25.92
C ARG D 9 29.82 25.36 26.30
N ILE D 10 31.07 25.09 25.94
CA ILE D 10 31.68 23.80 26.24
C ILE D 10 31.73 23.52 27.73
N GLY D 11 31.28 22.32 28.11
CA GLY D 11 31.28 21.95 29.52
C GLY D 11 30.13 22.56 30.30
N GLU D 12 29.26 23.28 29.62
CA GLU D 12 28.12 23.93 30.28
C GLU D 12 26.86 23.07 30.12
N PRO D 13 26.09 22.90 31.22
CA PRO D 13 24.85 22.11 31.18
C PRO D 13 23.78 22.76 30.31
N LEU D 14 23.04 21.93 29.58
CA LEU D 14 21.99 22.43 28.70
C LEU D 14 20.77 21.52 28.74
N VAL D 15 19.58 22.13 28.77
CA VAL D 15 18.34 21.39 28.82
C VAL D 15 17.42 21.79 27.66
N LEU D 16 16.82 20.79 27.02
CA LEU D 16 15.92 21.04 25.91
C LEU D 16 14.74 20.06 25.92
N LYS D 17 13.61 20.49 25.36
CA LYS D 17 12.42 19.65 25.31
C LYS D 17 12.16 19.16 23.89
N CYS D 18 12.07 17.86 23.72
CA CYS D 18 11.82 17.26 22.41
C CYS D 18 10.53 16.44 22.42
N LYS D 19 9.40 17.13 22.31
CA LYS D 19 8.10 16.46 22.30
C LYS D 19 7.95 15.58 21.08
N GLY D 20 6.76 14.99 20.93
CA GLY D 20 6.50 14.12 19.80
C GLY D 20 5.53 13.01 20.12
N ALA D 21 5.68 12.41 21.31
CA ALA D 21 4.81 11.34 21.74
C ALA D 21 3.36 11.82 21.86
N PRO D 22 2.43 11.23 21.07
CA PRO D 22 1.00 11.61 21.09
C PRO D 22 0.32 11.39 22.46
N LYS D 23 -1.00 11.56 22.49
CA LYS D 23 -1.77 11.38 23.73
C LYS D 23 -1.85 9.91 24.16
N LYS D 24 -1.36 9.02 23.29
CA LYS D 24 -1.36 7.60 23.57
C LYS D 24 -0.20 7.24 24.51
N PRO D 25 -0.20 6.03 25.12
CA PRO D 25 0.86 5.58 26.01
C PRO D 25 2.24 5.72 25.39
N PRO D 26 3.31 5.58 26.19
CA PRO D 26 4.69 5.70 25.71
C PRO D 26 4.97 4.74 24.55
N GLN D 27 5.05 5.28 23.35
CA GLN D 27 5.31 4.49 22.16
C GLN D 27 6.81 4.35 21.91
N ARG D 28 7.17 3.82 20.74
CA ARG D 28 8.57 3.65 20.37
C ARG D 28 9.21 5.01 20.09
N LEU D 29 10.54 5.03 20.08
CA LEU D 29 11.28 6.27 19.83
C LEU D 29 12.70 5.96 19.36
N GLU D 30 13.19 6.77 18.42
CA GLU D 30 14.53 6.59 17.88
C GLU D 30 15.28 7.91 17.84
N TRP D 31 16.54 7.89 18.25
CA TRP D 31 17.37 9.08 18.27
C TRP D 31 18.33 9.10 17.07
N LYS D 32 18.39 10.22 16.38
CA LYS D 32 19.26 10.36 15.22
C LYS D 32 19.82 11.78 15.12
N LEU D 33 21.09 11.88 14.73
CA LEU D 33 21.74 13.18 14.59
C LEU D 33 22.75 13.17 13.45
N ASN D 34 22.86 14.28 12.76
CA ASN D 34 23.79 14.40 11.63
C ASN D 34 24.97 15.29 12.00
N THR D 35 26.18 14.76 11.84
CA THR D 35 27.38 15.52 12.15
C THR D 35 28.53 15.10 11.25
N GLY D 36 29.68 15.75 11.41
CA GLY D 36 30.84 15.43 10.59
C GLY D 36 31.29 14.00 10.77
N ARG D 37 31.51 13.61 12.02
CA ARG D 37 31.96 12.25 12.33
C ARG D 37 30.83 11.45 12.99
N THR D 38 30.00 12.15 13.75
CA THR D 38 28.88 11.51 14.44
C THR D 38 29.39 10.47 15.45
N GLU D 39 29.32 10.82 16.73
CA GLU D 39 29.77 9.93 17.78
C GLU D 39 28.84 10.01 19.00
N ALA D 40 27.65 10.57 18.80
CA ALA D 40 26.68 10.71 19.89
C ALA D 40 25.37 10.01 19.55
N TRP D 41 25.16 9.69 18.27
CA TRP D 41 23.94 9.02 17.84
C TRP D 41 23.75 7.70 18.59
N LYS D 42 22.67 7.64 19.37
CA LYS D 42 22.36 6.44 20.15
C LYS D 42 20.89 6.06 19.98
N VAL D 43 20.59 4.78 20.21
CA VAL D 43 19.22 4.29 20.09
C VAL D 43 18.51 4.31 21.44
N LEU D 44 17.50 5.16 21.56
CA LEU D 44 16.73 5.29 22.79
C LEU D 44 15.52 4.36 22.79
N SER D 45 15.28 3.69 23.90
CA SER D 45 14.16 2.77 24.03
C SER D 45 13.38 3.05 25.31
N PRO D 46 12.06 2.80 25.29
CA PRO D 46 11.19 3.03 26.46
C PRO D 46 11.50 2.07 27.60
N GLN D 47 12.28 1.04 27.32
CA GLN D 47 12.64 0.06 28.33
C GLN D 47 14.06 -0.46 28.11
N GLY D 48 15.05 0.35 28.45
CA GLY D 48 16.44 -0.04 28.28
C GLY D 48 17.36 1.15 28.06
N GLY D 49 18.66 0.93 28.21
CA GLY D 49 19.62 2.00 28.03
C GLY D 49 20.89 1.52 27.36
N GLY D 50 21.71 2.46 26.90
CA GLY D 50 22.96 2.12 26.24
C GLY D 50 24.12 2.97 26.71
N PRO D 51 25.12 3.21 25.85
CA PRO D 51 26.29 4.00 26.20
C PRO D 51 25.96 5.49 26.36
N TRP D 52 25.21 6.03 25.41
CA TRP D 52 24.82 7.44 25.45
C TRP D 52 24.03 7.75 26.72
N ASP D 53 23.45 6.71 27.33
CA ASP D 53 22.66 6.88 28.54
C ASP D 53 23.50 7.55 29.63
N SER D 54 24.78 7.24 29.65
CA SER D 54 25.69 7.81 30.64
C SER D 54 26.11 9.23 30.26
N VAL D 55 26.04 9.52 28.96
CA VAL D 55 26.41 10.84 28.45
C VAL D 55 25.24 11.81 28.56
N ALA D 56 24.03 11.28 28.41
CA ALA D 56 22.82 12.10 28.48
C ALA D 56 21.59 11.22 28.72
N ARG D 57 20.66 11.73 29.51
CA ARG D 57 19.44 10.99 29.82
C ARG D 57 18.20 11.79 29.41
N VAL D 58 17.06 11.10 29.34
CA VAL D 58 15.80 11.74 28.97
C VAL D 58 14.86 11.82 30.17
N LEU D 59 14.36 13.03 30.43
CA LEU D 59 13.43 13.24 31.55
C LEU D 59 12.07 12.62 31.26
N PRO D 60 11.34 12.20 32.31
CA PRO D 60 10.02 11.58 32.17
C PRO D 60 9.09 12.41 31.28
N ASN D 61 9.34 13.71 31.20
CA ASN D 61 8.54 14.60 30.40
C ASN D 61 9.00 14.62 28.94
N GLY D 62 9.96 13.77 28.61
CA GLY D 62 10.47 13.71 27.26
C GLY D 62 11.48 14.81 26.98
N SER D 63 12.36 15.06 27.94
CA SER D 63 13.39 16.09 27.80
C SER D 63 14.75 15.47 27.62
N LEU D 64 15.78 16.32 27.65
CA LEU D 64 17.15 15.85 27.50
C LEU D 64 18.12 16.75 28.26
N PHE D 65 18.93 16.14 29.12
CA PHE D 65 19.90 16.89 29.91
C PHE D 65 21.29 16.27 29.79
N LEU D 66 22.30 17.11 29.57
CA LEU D 66 23.67 16.65 29.44
C LEU D 66 24.55 17.21 30.57
N PRO D 67 25.28 16.34 31.29
CA PRO D 67 26.15 16.77 32.39
C PRO D 67 27.15 17.84 31.97
N ALA D 68 27.61 17.75 30.72
CA ALA D 68 28.55 18.72 30.19
C ALA D 68 28.69 18.57 28.68
N VAL D 69 28.09 19.52 27.93
CA VAL D 69 28.14 19.50 26.48
C VAL D 69 29.51 19.95 25.98
N GLY D 70 30.21 19.05 25.30
CA GLY D 70 31.52 19.37 24.78
C GLY D 70 31.56 19.42 23.26
N ILE D 71 32.76 19.28 22.70
CA ILE D 71 32.92 19.31 21.24
C ILE D 71 32.25 18.10 20.60
N GLN D 72 32.26 16.97 21.32
CA GLN D 72 31.65 15.76 20.81
C GLN D 72 30.15 15.92 20.68
N ASP D 73 29.56 16.74 21.54
CA ASP D 73 28.13 16.99 21.51
C ASP D 73 27.75 17.93 20.38
N GLU D 74 28.73 18.65 19.84
CA GLU D 74 28.49 19.59 18.74
C GLU D 74 27.73 18.94 17.61
N GLY D 75 27.42 19.71 16.58
CA GLY D 75 26.70 19.17 15.45
C GLY D 75 25.23 19.52 15.50
N ILE D 76 24.40 18.68 14.90
CA ILE D 76 22.95 18.91 14.88
C ILE D 76 22.21 17.67 15.40
N PHE D 77 21.28 17.90 16.33
CA PHE D 77 20.49 16.82 16.90
C PHE D 77 19.12 16.74 16.23
N ARG D 78 18.56 15.54 16.20
CA ARG D 78 17.26 15.32 15.58
C ARG D 78 16.44 14.30 16.37
N CYS D 79 15.13 14.52 16.41
CA CYS D 79 14.23 13.61 17.11
C CYS D 79 13.40 12.80 16.12
N GLN D 80 12.96 11.62 16.52
CA GLN D 80 12.16 10.77 15.66
C GLN D 80 11.36 9.76 16.48
N ALA D 81 10.20 9.37 15.96
CA ALA D 81 9.33 8.41 16.62
C ALA D 81 8.84 7.35 15.64
N MET D 82 8.40 6.21 16.18
CA MET D 82 7.91 5.13 15.35
C MET D 82 6.57 4.60 15.86
N ASN D 83 5.52 4.79 15.08
CA ASN D 83 4.18 4.34 15.45
C ASN D 83 3.90 2.96 14.84
N ARG D 84 2.63 2.69 14.55
CA ARG D 84 2.24 1.42 13.96
C ARG D 84 2.18 1.49 12.44
N ASN D 85 2.29 2.70 11.90
CA ASN D 85 2.27 2.90 10.45
C ASN D 85 3.58 3.51 9.97
N GLY D 86 4.12 4.42 10.77
CA GLY D 86 5.37 5.07 10.42
C GLY D 86 5.33 6.57 10.65
N LYS D 87 4.57 7.00 11.67
CA LYS D 87 4.47 8.41 11.98
C LYS D 87 5.71 8.89 12.71
N GLU D 88 6.57 9.60 11.98
CA GLU D 88 7.80 10.12 12.53
C GLU D 88 7.80 11.64 12.52
N THR D 89 8.55 12.25 13.44
CA THR D 89 8.62 13.71 13.49
C THR D 89 10.00 14.20 13.05
N LYS D 90 10.02 15.16 12.13
CA LYS D 90 11.27 15.71 11.62
C LYS D 90 11.61 17.04 12.29
N SER D 91 12.82 17.13 12.84
CA SER D 91 13.27 18.34 13.52
C SER D 91 14.77 18.27 13.80
N ASN D 92 15.49 19.29 13.33
CA ASN D 92 16.95 19.34 13.53
C ASN D 92 17.37 20.67 14.14
N TYR D 93 18.13 20.60 15.24
CA TYR D 93 18.60 21.79 15.91
C TYR D 93 20.12 21.91 15.82
N ARG D 94 20.60 23.02 15.30
CA ARG D 94 22.02 23.26 15.14
C ARG D 94 22.62 23.85 16.43
N VAL D 95 23.58 23.14 17.02
CA VAL D 95 24.21 23.59 18.25
C VAL D 95 25.72 23.73 18.08
N ARG D 96 26.27 24.84 18.55
CA ARG D 96 27.70 25.10 18.45
C ARG D 96 28.23 25.72 19.73
N VAL D 97 29.46 25.36 20.08
CA VAL D 97 30.09 25.89 21.30
C VAL D 97 30.95 27.10 20.99
N TYR D 98 31.26 27.88 22.03
CA TYR D 98 32.08 29.08 21.87
C TYR D 98 33.39 28.76 21.16
N GLN D 99 34.34 28.19 21.89
CA GLN D 99 35.64 27.84 21.34
C GLN D 99 35.56 26.53 20.56
N ILE D 100 35.99 26.56 19.31
CA ILE D 100 35.97 25.38 18.45
C ILE D 100 37.38 24.96 18.05
N PRO D 101 37.56 23.72 17.57
CA PRO D 101 38.87 23.22 17.16
C PRO D 101 39.38 23.89 15.89
N ALA A 2 -13.62 13.95 -16.75
CA ALA A 2 -13.11 13.59 -15.43
C ALA A 2 -12.29 14.72 -14.78
N SER A 3 -12.30 14.74 -13.45
CA SER A 3 -11.56 15.72 -12.66
C SER A 3 -10.04 15.45 -12.72
N PRO A 4 -9.21 16.45 -12.39
CA PRO A 4 -7.74 16.36 -12.47
C PRO A 4 -7.17 15.09 -11.81
N LEU A 5 -7.70 14.72 -10.65
CA LEU A 5 -7.20 13.55 -9.92
C LEU A 5 -7.54 12.22 -10.63
N ASP A 6 -8.79 12.11 -11.09
CA ASP A 6 -9.25 10.95 -11.85
C ASP A 6 -8.51 10.79 -13.18
N GLN A 7 -8.20 11.93 -13.79
CA GLN A 7 -7.46 11.98 -15.06
C GLN A 7 -6.02 11.47 -14.92
N ALA A 8 -5.35 11.92 -13.86
CA ALA A 8 -3.99 11.50 -13.53
C ALA A 8 -3.89 9.98 -13.27
N ILE A 9 -4.80 9.46 -12.44
CA ILE A 9 -4.90 8.03 -12.17
C ILE A 9 -5.16 7.24 -13.45
N GLY A 10 -6.08 7.77 -14.27
CA GLY A 10 -6.45 7.15 -15.55
C GLY A 10 -5.27 7.06 -16.50
N LEU A 11 -4.42 8.10 -16.48
CA LEU A 11 -3.20 8.15 -17.29
C LEU A 11 -2.22 7.06 -16.83
N LEU A 12 -2.05 6.94 -15.52
CA LEU A 12 -1.12 5.96 -14.92
C LEU A 12 -1.53 4.51 -15.21
N VAL A 13 -2.85 4.26 -15.18
CA VAL A 13 -3.41 2.94 -15.49
C VAL A 13 -3.24 2.62 -16.99
N ALA A 14 -3.41 3.66 -17.82
CA ALA A 14 -3.26 3.54 -19.28
C ALA A 14 -1.82 3.19 -19.68
N ILE A 15 -0.85 3.76 -18.96
CA ILE A 15 0.58 3.48 -19.17
C ILE A 15 0.86 1.99 -18.95
N PHE A 16 0.33 1.44 -17.85
CA PHE A 16 0.54 0.04 -17.50
C PHE A 16 0.14 -0.91 -18.64
N HIS A 17 -1.08 -0.70 -19.14
CA HIS A 17 -1.66 -1.52 -20.21
C HIS A 17 -1.02 -1.27 -21.58
N LYS A 18 -0.42 -0.08 -21.75
CA LYS A 18 0.32 0.28 -22.96
C LYS A 18 1.49 -0.69 -23.22
N TYR A 19 2.05 -1.22 -22.12
CA TYR A 19 3.25 -2.06 -22.17
C TYR A 19 2.97 -3.53 -21.78
N SER A 20 2.00 -3.76 -20.89
CA SER A 20 1.74 -5.11 -20.36
C SER A 20 1.22 -6.09 -21.43
N GLY A 21 0.53 -5.57 -22.44
CA GLY A 21 -0.12 -6.40 -23.46
C GLY A 21 0.79 -6.81 -24.63
N ARG A 22 2.07 -6.40 -24.61
CA ARG A 22 2.96 -6.58 -25.75
C ARG A 22 3.39 -8.05 -25.95
N GLU A 23 3.66 -8.74 -24.84
CA GLU A 23 4.09 -10.15 -24.88
C GLU A 23 3.64 -10.88 -23.61
N GLY A 24 3.69 -12.21 -23.67
CA GLY A 24 3.29 -13.08 -22.56
C GLY A 24 1.87 -12.75 -22.11
N ASP A 25 1.67 -12.75 -20.79
CA ASP A 25 0.37 -12.39 -20.23
C ASP A 25 0.06 -10.92 -20.55
N LYS A 26 -1.18 -10.67 -20.94
CA LYS A 26 -1.63 -9.34 -21.36
C LYS A 26 -1.72 -8.35 -20.19
N HIS A 27 -1.91 -8.86 -18.97
CA HIS A 27 -2.24 -8.03 -17.81
C HIS A 27 -1.10 -7.92 -16.79
N THR A 28 0.07 -8.46 -17.13
CA THR A 28 1.23 -8.40 -16.26
C THR A 28 2.45 -7.90 -17.04
N LEU A 29 3.41 -7.34 -16.31
CA LEU A 29 4.64 -6.82 -16.92
C LEU A 29 5.78 -7.81 -16.75
N SER A 30 6.30 -8.28 -17.89
CA SER A 30 7.53 -9.07 -17.91
C SER A 30 8.72 -8.18 -17.56
N LYS A 31 9.90 -8.78 -17.37
CA LYS A 31 11.14 -8.04 -17.12
C LYS A 31 11.44 -7.06 -18.24
N LYS A 32 11.15 -7.50 -19.47
CA LYS A 32 11.34 -6.71 -20.69
C LYS A 32 10.37 -5.52 -20.78
N GLU A 33 9.08 -5.81 -20.54
CA GLU A 33 8.02 -4.79 -20.58
C GLU A 33 8.20 -3.72 -19.53
N LEU A 34 8.53 -4.16 -18.31
CA LEU A 34 8.72 -3.25 -17.18
C LEU A 34 9.96 -2.36 -17.34
N LYS A 35 11.04 -2.91 -17.88
CA LYS A 35 12.26 -2.14 -18.14
C LYS A 35 12.00 -1.05 -19.18
N GLU A 36 11.25 -1.43 -20.19
CA GLU A 36 10.82 -0.54 -21.24
C GLU A 36 9.91 0.58 -20.73
N LEU A 37 8.99 0.21 -19.83
CA LEU A 37 8.10 1.17 -19.18
C LEU A 37 8.92 2.20 -18.41
N ILE A 38 9.90 1.74 -17.63
CA ILE A 38 10.76 2.61 -16.83
C ILE A 38 11.60 3.54 -17.72
N GLN A 39 12.22 2.99 -18.76
CA GLN A 39 13.13 3.74 -19.64
C GLN A 39 12.41 4.81 -20.47
N LYS A 40 11.11 4.58 -20.73
CA LYS A 40 10.33 5.43 -21.64
C LYS A 40 9.38 6.37 -20.89
N GLU A 41 8.96 5.99 -19.68
CA GLU A 41 7.90 6.70 -18.96
C GLU A 41 8.41 7.43 -17.71
N LEU A 42 9.54 6.99 -17.17
CA LEU A 42 10.15 7.62 -16.03
C LEU A 42 11.21 8.62 -16.49
N THR A 43 11.17 9.84 -15.93
CA THR A 43 12.04 10.93 -16.35
C THR A 43 13.52 10.54 -16.34
N ILE A 44 13.92 9.83 -15.28
CA ILE A 44 15.32 9.42 -15.08
C ILE A 44 15.57 7.96 -15.50
N GLY A 45 14.53 7.32 -16.03
CA GLY A 45 14.54 5.90 -16.35
C GLY A 45 15.68 5.47 -17.27
N SER A 46 15.86 6.23 -18.35
CA SER A 46 16.89 5.96 -19.37
C SER A 46 18.32 6.15 -18.84
N LYS A 47 18.48 6.80 -17.68
CA LYS A 47 19.81 7.11 -17.12
C LYS A 47 20.22 6.16 -15.99
N LEU A 48 19.29 5.33 -15.54
CA LEU A 48 19.55 4.34 -14.49
C LEU A 48 20.46 3.22 -15.00
N GLN A 49 21.34 2.75 -14.13
CA GLN A 49 22.16 1.57 -14.41
C GLN A 49 21.26 0.38 -14.67
N ASP A 50 21.69 -0.53 -15.55
CA ASP A 50 20.94 -1.75 -15.85
C ASP A 50 20.74 -2.62 -14.62
N ALA A 51 21.80 -2.68 -13.79
CA ALA A 51 21.80 -3.42 -12.53
C ALA A 51 20.77 -2.88 -11.53
N GLU A 52 20.59 -1.56 -11.52
CA GLU A 52 19.64 -0.89 -10.62
C GLU A 52 18.18 -1.05 -11.07
N ILE A 53 17.94 -1.05 -12.39
CA ILE A 53 16.61 -1.35 -12.95
C ILE A 53 16.23 -2.80 -12.63
N ALA A 54 17.22 -3.70 -12.73
CA ALA A 54 17.05 -5.12 -12.44
C ALA A 54 16.70 -5.38 -10.96
N ARG A 55 17.35 -4.61 -10.07
CA ARG A 55 17.09 -4.69 -8.63
C ARG A 55 15.71 -4.14 -8.29
N LEU A 56 15.36 -3.04 -8.97
CA LEU A 56 14.05 -2.40 -8.84
C LEU A 56 12.91 -3.35 -9.23
N MET A 57 13.06 -3.98 -10.39
CA MET A 57 12.07 -4.93 -10.92
C MET A 57 11.97 -6.19 -10.04
N GLU A 58 13.12 -6.63 -9.53
CA GLU A 58 13.20 -7.80 -8.67
C GLU A 58 12.41 -7.60 -7.38
N ASP A 59 12.60 -6.43 -6.78
CA ASP A 59 11.93 -6.08 -5.53
C ASP A 59 10.43 -5.86 -5.69
N LEU A 60 10.01 -5.28 -6.82
CA LEU A 60 8.59 -5.06 -7.09
C LEU A 60 7.84 -6.39 -7.07
N ASP A 61 8.51 -7.42 -7.60
CA ASP A 61 7.96 -8.76 -7.65
C ASP A 61 8.10 -9.44 -6.28
N ARG A 62 6.96 -9.61 -5.59
CA ARG A 62 6.97 -10.21 -4.25
C ARG A 62 6.55 -11.67 -4.27
N ASN A 63 5.63 -12.01 -5.17
CA ASN A 63 5.13 -13.39 -5.26
C ASN A 63 6.15 -14.30 -5.95
N LYS A 64 7.14 -13.68 -6.60
CA LYS A 64 8.21 -14.42 -7.29
C LYS A 64 7.69 -15.35 -8.39
N ASP A 65 7.26 -14.75 -9.49
CA ASP A 65 6.77 -15.51 -10.64
C ASP A 65 7.30 -14.88 -11.92
N GLN A 66 8.25 -13.96 -11.74
CA GLN A 66 8.92 -13.23 -12.84
C GLN A 66 7.98 -12.24 -13.56
N GLU A 67 6.81 -12.02 -12.96
CA GLU A 67 5.81 -11.11 -13.52
C GLU A 67 5.36 -10.07 -12.48
N VAL A 68 5.32 -8.81 -12.91
CA VAL A 68 4.91 -7.68 -12.08
C VAL A 68 3.46 -7.32 -12.39
N ASN A 69 2.57 -7.77 -11.52
CA ASN A 69 1.15 -7.51 -11.67
C ASN A 69 0.85 -6.05 -11.41
N PHE A 70 -0.40 -5.65 -11.56
CA PHE A 70 -0.77 -4.24 -11.36
C PHE A 70 -0.58 -3.77 -9.91
N GLN A 71 -0.89 -4.64 -8.96
CA GLN A 71 -0.73 -4.34 -7.54
C GLN A 71 0.72 -4.03 -7.19
N GLU A 72 1.66 -4.78 -7.78
CA GLU A 72 3.08 -4.56 -7.55
C GLU A 72 3.49 -3.21 -8.13
N TYR A 73 2.91 -2.88 -9.28
CA TYR A 73 3.13 -1.59 -9.94
C TYR A 73 2.62 -0.42 -9.09
N VAL A 74 1.49 -0.63 -8.39
CA VAL A 74 0.93 0.37 -7.48
C VAL A 74 1.89 0.66 -6.32
N THR A 75 2.61 -0.38 -5.86
CA THR A 75 3.63 -0.22 -4.82
C THR A 75 4.70 0.76 -5.30
N PHE A 76 5.10 0.61 -6.56
CA PHE A 76 6.07 1.49 -7.22
C PHE A 76 5.57 2.95 -7.27
N LEU A 77 4.31 3.13 -7.67
CA LEU A 77 3.67 4.44 -7.68
C LEU A 77 3.64 5.09 -6.32
N GLY A 78 3.36 4.27 -5.30
CA GLY A 78 3.33 4.70 -3.91
C GLY A 78 4.70 5.15 -3.41
N ALA A 79 5.73 4.45 -3.87
CA ALA A 79 7.12 4.79 -3.56
C ALA A 79 7.56 6.12 -4.17
N LEU A 80 7.13 6.36 -5.41
CA LEU A 80 7.39 7.62 -6.12
C LEU A 80 6.70 8.80 -5.45
N ALA A 81 5.46 8.56 -5.00
CA ALA A 81 4.65 9.57 -4.30
C ALA A 81 5.26 9.97 -2.95
N LEU A 82 5.78 8.97 -2.22
CA LEU A 82 6.45 9.19 -0.95
C LEU A 82 7.74 10.01 -1.10
N ILE A 83 8.47 9.74 -2.18
CA ILE A 83 9.71 10.45 -2.51
C ILE A 83 9.45 11.94 -2.74
N TYR A 84 8.47 12.25 -3.59
CA TYR A 84 8.13 13.63 -3.92
C TYR A 84 7.56 14.39 -2.70
N ASN A 85 6.75 13.69 -1.91
CA ASN A 85 6.15 14.25 -0.70
C ASN A 85 7.21 14.60 0.36
N GLU A 86 8.18 13.70 0.53
CA GLU A 86 9.26 13.89 1.50
C GLU A 86 10.18 15.07 1.15
N ALA A 87 10.40 15.27 -0.15
CA ALA A 87 11.23 16.37 -0.65
C ALA A 87 10.58 17.74 -0.37
N LEU A 88 9.25 17.78 -0.53
CA LEU A 88 8.47 19.01 -0.33
C LEU A 88 8.40 19.43 1.14
N LYS A 89 8.47 18.45 2.05
CA LYS A 89 8.41 18.72 3.48
C LYS A 89 9.75 19.25 4.00
N GLY A 90 10.84 18.82 3.38
CA GLY A 90 12.16 19.26 3.78
C GLY A 90 13.23 18.23 3.53
N ALA B 2 9.24 17.16 -17.16
CA ALA B 2 9.00 15.81 -16.64
C ALA B 2 8.15 14.96 -17.59
N SER B 3 8.36 13.65 -17.52
CA SER B 3 7.63 12.67 -18.33
C SER B 3 6.18 12.53 -17.84
N PRO B 4 5.27 12.00 -18.68
CA PRO B 4 3.84 11.86 -18.38
C PRO B 4 3.56 11.24 -17.00
N LEU B 5 4.32 10.19 -16.64
CA LEU B 5 4.12 9.50 -15.36
C LEU B 5 4.52 10.37 -14.16
N ASP B 6 5.68 11.01 -14.26
CA ASP B 6 6.18 11.92 -13.23
C ASP B 6 5.27 13.14 -13.05
N GLN B 7 4.70 13.60 -14.16
CA GLN B 7 3.77 14.74 -14.17
C GLN B 7 2.46 14.43 -13.44
N ALA B 8 1.91 13.25 -13.73
CA ALA B 8 0.69 12.76 -13.08
C ALA B 8 0.84 12.61 -11.56
N ILE B 9 1.95 11.97 -11.13
CA ILE B 9 2.28 11.82 -9.70
C ILE B 9 2.46 13.21 -9.05
N GLY B 10 3.14 14.11 -9.76
CA GLY B 10 3.38 15.47 -9.29
C GLY B 10 2.09 16.24 -9.08
N LEU B 11 1.12 16.00 -9.97
CA LEU B 11 -0.21 16.61 -9.88
C LEU B 11 -0.95 16.11 -8.63
N LEU B 12 -0.88 14.79 -8.40
CA LEU B 12 -1.55 14.16 -7.26
C LEU B 12 -0.99 14.63 -5.91
N VAL B 13 0.33 14.81 -5.85
CA VAL B 13 1.02 15.32 -4.66
C VAL B 13 0.65 16.79 -4.41
N ALA B 14 0.55 17.55 -5.51
CA ALA B 14 0.18 18.96 -5.45
C ALA B 14 -1.24 19.18 -4.91
N ILE B 15 -2.16 18.27 -5.29
CA ILE B 15 -3.54 18.30 -4.80
C ILE B 15 -3.57 18.16 -3.28
N PHE B 16 -2.80 17.21 -2.76
CA PHE B 16 -2.75 16.94 -1.32
C PHE B 16 -2.42 18.21 -0.52
N HIS B 17 -1.33 18.87 -0.94
CA HIS B 17 -0.82 20.08 -0.28
C HIS B 17 -1.70 21.31 -0.52
N LYS B 18 -2.48 21.28 -1.60
CA LYS B 18 -3.44 22.34 -1.92
C LYS B 18 -4.49 22.50 -0.80
N TYR B 19 -4.79 21.38 -0.13
CA TYR B 19 -5.84 21.31 0.88
C TYR B 19 -5.31 21.11 2.31
N SER B 20 -4.19 20.38 2.45
CA SER B 20 -3.65 20.01 3.77
C SER B 20 -3.19 21.22 4.60
N GLY B 21 -2.74 22.28 3.92
CA GLY B 21 -2.15 23.45 4.58
C GLY B 21 -3.17 24.50 5.06
N ARG B 22 -4.47 24.26 4.83
CA ARG B 22 -5.51 25.26 5.09
C ARG B 22 -5.75 25.51 6.58
N GLU B 23 -5.73 24.45 7.38
CA GLU B 23 -5.96 24.54 8.83
C GLU B 23 -5.23 23.41 9.56
N GLY B 24 -5.09 23.57 10.88
CA GLY B 24 -4.40 22.61 11.73
C GLY B 24 -2.99 22.35 11.21
N ASP B 25 -2.58 21.08 11.27
CA ASP B 25 -1.27 20.68 10.76
C ASP B 25 -1.23 20.92 9.25
N LYS B 26 -0.11 21.47 8.78
CA LYS B 26 0.08 21.84 7.37
C LYS B 26 0.20 20.60 6.45
N HIS B 27 0.65 19.48 7.00
CA HIS B 27 1.04 18.31 6.20
C HIS B 27 0.06 17.13 6.34
N THR B 28 -1.06 17.35 7.02
CA THR B 28 -2.08 16.32 7.21
C THR B 28 -3.45 16.86 6.85
N LEU B 29 -4.36 15.96 6.48
CA LEU B 29 -5.73 16.34 6.11
C LEU B 29 -6.68 16.10 7.27
N SER B 30 -7.30 17.18 7.74
CA SER B 30 -8.39 17.09 8.70
C SER B 30 -9.63 16.50 8.03
N LYS B 31 -10.67 16.19 8.82
CA LYS B 31 -11.95 15.71 8.29
C LYS B 31 -12.55 16.69 7.30
N LYS B 32 -12.40 17.98 7.61
CA LYS B 32 -12.89 19.08 6.79
C LYS B 32 -12.11 19.21 5.46
N GLU B 33 -10.78 19.18 5.56
CA GLU B 33 -9.89 19.29 4.40
C GLU B 33 -10.05 18.13 3.43
N LEU B 34 -10.13 16.92 3.99
CA LEU B 34 -10.26 15.70 3.19
C LEU B 34 -11.62 15.60 2.49
N LYS B 35 -12.69 16.04 3.17
CA LYS B 35 -14.02 16.04 2.57
C LYS B 35 -14.08 17.01 1.40
N GLU B 36 -13.46 18.15 1.60
CA GLU B 36 -13.32 19.18 0.58
C GLU B 36 -12.52 18.71 -0.63
N LEU B 37 -11.42 17.99 -0.34
CA LEU B 37 -10.57 17.38 -1.39
C LEU B 37 -11.41 16.41 -2.24
N ILE B 38 -12.18 15.55 -1.57
CA ILE B 38 -13.03 14.57 -2.25
C ILE B 38 -14.11 15.23 -3.11
N GLN B 39 -14.80 16.23 -2.53
CA GLN B 39 -15.93 16.90 -3.18
C GLN B 39 -15.51 17.73 -4.40
N LYS B 40 -14.25 18.19 -4.39
CA LYS B 40 -13.74 19.12 -5.41
C LYS B 40 -12.83 18.44 -6.43
N GLU B 41 -12.18 17.34 -6.05
CA GLU B 41 -11.13 16.72 -6.85
C GLU B 41 -11.54 15.35 -7.43
N LEU B 42 -12.49 14.70 -6.78
CA LEU B 42 -13.01 13.43 -7.24
C LEU B 42 -14.25 13.64 -8.09
N THR B 43 -14.29 13.00 -9.26
CA THR B 43 -15.37 13.19 -10.24
C THR B 43 -16.77 13.00 -9.62
N ILE B 44 -16.89 11.96 -8.80
CA ILE B 44 -18.17 11.60 -8.17
C ILE B 44 -18.28 12.10 -6.72
N GLY B 45 -17.24 12.83 -6.28
CA GLY B 45 -17.10 13.26 -4.89
C GLY B 45 -18.30 14.04 -4.36
N SER B 46 -18.75 15.02 -5.15
CA SER B 46 -19.89 15.89 -4.79
C SER B 46 -21.23 15.16 -4.73
N LYS B 47 -21.29 13.93 -5.27
CA LYS B 47 -22.54 13.17 -5.34
C LYS B 47 -22.64 12.08 -4.26
N LEU B 48 -21.55 11.82 -3.55
CA LEU B 48 -21.51 10.84 -2.47
C LEU B 48 -22.32 11.31 -1.27
N GLN B 49 -22.98 10.36 -0.62
CA GLN B 49 -23.65 10.62 0.66
C GLN B 49 -22.64 11.11 1.68
N ASP B 50 -23.08 12.00 2.58
CA ASP B 50 -22.20 12.50 3.65
C ASP B 50 -21.70 11.39 4.57
N ALA B 51 -22.61 10.43 4.83
CA ALA B 51 -22.31 9.24 5.64
C ALA B 51 -21.22 8.36 5.02
N GLU B 52 -21.22 8.27 3.68
CA GLU B 52 -20.25 7.47 2.94
C GLU B 52 -18.87 8.13 2.85
N ILE B 53 -18.85 9.47 2.73
CA ILE B 53 -17.59 10.23 2.79
C ILE B 53 -16.96 10.09 4.19
N ALA B 54 -17.82 10.13 5.21
CA ALA B 54 -17.40 9.99 6.60
C ALA B 54 -16.81 8.61 6.90
N ARG B 55 -17.41 7.57 6.30
CA ARG B 55 -16.91 6.19 6.43
C ARG B 55 -15.59 6.00 5.70
N LEU B 56 -15.51 6.64 4.52
CA LEU B 56 -14.30 6.64 3.69
C LEU B 56 -13.11 7.27 4.43
N MET B 57 -13.34 8.45 5.01
CA MET B 57 -12.32 9.19 5.76
C MET B 57 -11.92 8.46 7.03
N GLU B 58 -12.91 7.82 7.68
CA GLU B 58 -12.69 7.05 8.91
C GLU B 58 -11.74 5.89 8.66
N ASP B 59 -12.00 5.17 7.58
CA ASP B 59 -11.20 4.00 7.21
C ASP B 59 -9.78 4.35 6.75
N LEU B 60 -9.63 5.47 6.04
CA LEU B 60 -8.32 5.91 5.59
C LEU B 60 -7.40 6.13 6.79
N ASP B 61 -7.98 6.67 7.86
CA ASP B 61 -7.28 6.91 9.11
C ASP B 61 -7.11 5.60 9.87
N ARG B 62 -5.89 5.08 9.92
CA ARG B 62 -5.61 3.81 10.60
C ARG B 62 -5.02 4.02 11.99
N ASN B 63 -4.20 5.06 12.16
CA ASN B 63 -3.57 5.34 13.45
C ASN B 63 -4.56 5.97 14.44
N LYS B 64 -5.69 6.42 13.92
CA LYS B 64 -6.77 7.01 14.72
C LYS B 64 -6.31 8.25 15.50
N ASP B 65 -6.05 9.32 14.77
CA ASP B 65 -5.63 10.59 15.37
C ASP B 65 -6.44 11.74 14.76
N GLN B 66 -7.46 11.36 14.00
CA GLN B 66 -8.38 12.29 13.32
C GLN B 66 -7.71 13.06 12.16
N GLU B 67 -6.50 12.62 11.80
CA GLU B 67 -5.75 13.24 10.71
C GLU B 67 -5.30 12.19 9.67
N VAL B 68 -5.48 12.54 8.40
CA VAL B 68 -5.12 11.69 7.27
C VAL B 68 -3.79 12.16 6.69
N ASN B 69 -2.73 11.44 7.05
CA ASN B 69 -1.39 11.76 6.59
C ASN B 69 -1.25 11.42 5.12
N PHE B 70 -0.09 11.68 4.55
CA PHE B 70 0.12 11.41 3.12
C PHE B 70 0.05 9.92 2.76
N GLN B 71 0.62 9.09 3.65
CA GLN B 71 0.63 7.64 3.47
C GLN B 71 -0.79 7.07 3.40
N GLU B 72 -1.71 7.66 4.18
CA GLU B 72 -3.11 7.23 4.17
C GLU B 72 -3.75 7.60 2.85
N TYR B 73 -3.43 8.81 2.38
CA TYR B 73 -3.88 9.29 1.07
C TYR B 73 -3.39 8.41 -0.09
N VAL B 74 -2.17 7.89 0.05
CA VAL B 74 -1.58 6.97 -0.94
C VAL B 74 -2.39 5.67 -1.01
N THR B 75 -2.91 5.23 0.14
CA THR B 75 -3.77 4.03 0.19
C THR B 75 -5.03 4.28 -0.64
N PHE B 76 -5.59 5.49 -0.50
CA PHE B 76 -6.76 5.94 -1.28
C PHE B 76 -6.48 5.93 -2.79
N LEU B 77 -5.33 6.48 -3.19
CA LEU B 77 -4.88 6.47 -4.58
C LEU B 77 -4.74 5.05 -5.14
N GLY B 78 -4.21 4.17 -4.29
CA GLY B 78 -4.04 2.76 -4.63
C GLY B 78 -5.37 2.04 -4.84
N ALA B 79 -6.36 2.42 -4.02
CA ALA B 79 -7.73 1.90 -4.12
C ALA B 79 -8.42 2.34 -5.42
N LEU B 80 -8.21 3.60 -5.79
CA LEU B 80 -8.74 4.15 -7.04
C LEU B 80 -8.14 3.47 -8.27
N ALA B 81 -6.83 3.22 -8.19
CA ALA B 81 -6.08 2.55 -9.26
C ALA B 81 -6.54 1.10 -9.47
N LEU B 82 -6.79 0.40 -8.36
CA LEU B 82 -7.31 -0.97 -8.40
C LEU B 82 -8.71 -1.07 -9.03
N ILE B 83 -9.53 -0.07 -8.71
CA ILE B 83 -10.90 0.02 -9.24
C ILE B 83 -10.89 0.16 -10.76
N TYR B 84 -10.10 1.11 -11.28
CA TYR B 84 -10.00 1.35 -12.72
C TYR B 84 -9.38 0.16 -13.47
N ASN B 85 -8.38 -0.45 -12.85
CA ASN B 85 -7.70 -1.62 -13.41
C ASN B 85 -8.62 -2.84 -13.53
N GLU B 86 -9.41 -3.07 -12.49
CA GLU B 86 -10.36 -4.20 -12.46
C GLU B 86 -11.45 -4.04 -13.52
N ALA B 87 -11.92 -2.81 -13.73
CA ALA B 87 -12.95 -2.52 -14.73
C ALA B 87 -12.47 -2.83 -16.15
N LEU B 88 -11.20 -2.49 -16.41
CA LEU B 88 -10.57 -2.71 -17.72
C LEU B 88 -10.35 -4.18 -18.06
N LYS B 89 -10.14 -5.00 -17.03
CA LYS B 89 -9.91 -6.43 -17.23
C LYS B 89 -11.20 -7.18 -17.53
N GLY B 90 -12.34 -6.60 -17.13
CA GLY B 90 -13.62 -7.22 -17.40
C GLY B 90 -14.70 -6.78 -16.42
N ALA C 1 -18.85 -6.85 -16.56
CA ALA C 1 -19.45 -8.15 -16.13
C ALA C 1 -19.70 -9.05 -17.33
N MET C 2 -19.16 -10.28 -17.25
CA MET C 2 -19.32 -11.24 -18.34
C MET C 2 -19.59 -12.63 -17.78
N ALA C 3 -20.28 -13.45 -18.57
CA ALA C 3 -20.62 -14.82 -18.17
C ALA C 3 -20.78 -15.73 -19.38
N GLN C 4 -20.33 -16.97 -19.25
CA GLN C 4 -20.42 -17.93 -20.35
C GLN C 4 -21.73 -18.71 -20.28
N ASN C 5 -22.36 -18.89 -21.43
CA ASN C 5 -23.63 -19.61 -21.50
C ASN C 5 -23.40 -21.11 -21.62
N ILE C 6 -23.74 -21.84 -20.56
CA ILE C 6 -23.57 -23.29 -20.55
C ILE C 6 -24.87 -23.99 -20.15
N THR C 7 -25.30 -24.92 -20.99
CA THR C 7 -26.53 -25.67 -20.74
C THR C 7 -26.23 -26.96 -19.99
N ALA C 8 -27.10 -27.29 -19.02
CA ALA C 8 -26.93 -28.50 -18.24
C ALA C 8 -28.28 -29.12 -17.90
N ARG C 9 -28.26 -30.39 -17.50
CA ARG C 9 -29.48 -31.09 -17.15
C ARG C 9 -29.52 -31.39 -15.65
N ILE C 10 -30.69 -31.21 -15.05
CA ILE C 10 -30.87 -31.46 -13.62
C ILE C 10 -30.56 -32.91 -13.26
N GLY C 11 -29.75 -33.10 -12.22
CA GLY C 11 -29.39 -34.43 -11.78
C GLY C 11 -28.34 -35.10 -12.65
N GLU C 12 -27.84 -34.36 -13.63
CA GLU C 12 -26.82 -34.89 -14.54
C GLU C 12 -25.42 -34.46 -14.10
N PRO C 13 -24.45 -35.40 -14.09
CA PRO C 13 -23.07 -35.10 -13.69
C PRO C 13 -22.38 -34.14 -14.66
N LEU C 14 -21.60 -33.22 -14.13
CA LEU C 14 -20.89 -32.24 -14.96
C LEU C 14 -19.48 -32.01 -14.44
N VAL C 15 -18.52 -31.91 -15.36
CA VAL C 15 -17.13 -31.68 -15.00
C VAL C 15 -16.58 -30.45 -15.71
N LEU C 16 -15.84 -29.63 -14.97
CA LEU C 16 -15.26 -28.42 -15.53
C LEU C 16 -13.88 -28.15 -14.93
N LYS C 17 -13.03 -27.47 -15.69
CA LYS C 17 -11.69 -27.15 -15.23
C LYS C 17 -11.56 -25.66 -14.92
N CYS C 18 -11.13 -25.35 -13.70
CA CYS C 18 -10.97 -23.96 -13.28
C CYS C 18 -9.53 -23.69 -12.87
N LYS C 19 -8.67 -23.47 -13.85
CA LYS C 19 -7.26 -23.20 -13.59
C LYS C 19 -7.09 -21.88 -12.87
N GLY C 20 -5.83 -21.49 -12.64
CA GLY C 20 -5.56 -20.24 -11.94
C GLY C 20 -4.27 -20.31 -11.14
N ALA C 21 -4.05 -21.43 -10.48
CA ALA C 21 -2.84 -21.61 -9.67
C ALA C 21 -1.58 -21.55 -10.54
N PRO C 22 -0.69 -20.57 -10.28
CA PRO C 22 0.56 -20.40 -11.04
C PRO C 22 1.49 -21.62 -10.95
N LYS C 23 2.70 -21.49 -11.50
CA LYS C 23 3.68 -22.57 -11.51
C LYS C 23 4.26 -22.83 -10.11
N LYS C 24 3.98 -21.92 -9.19
CA LYS C 24 4.46 -22.06 -7.82
C LYS C 24 3.64 -23.13 -7.06
N PRO C 25 4.09 -23.55 -5.86
CA PRO C 25 3.37 -24.57 -5.06
C PRO C 25 1.91 -24.22 -4.86
N PRO C 26 1.10 -25.17 -4.37
CA PRO C 26 -0.33 -24.96 -4.13
C PRO C 26 -0.58 -23.76 -3.22
N GLN C 27 -1.06 -22.67 -3.81
CA GLN C 27 -1.33 -21.46 -3.06
C GLN C 27 -2.78 -21.45 -2.56
N ARG C 28 -3.17 -20.35 -1.93
CA ARG C 28 -4.52 -20.23 -1.39
C ARG C 28 -5.55 -20.17 -2.51
N LEU C 29 -6.80 -20.40 -2.16
CA LEU C 29 -7.88 -20.36 -3.15
C LEU C 29 -9.23 -20.14 -2.47
N GLU C 30 -10.10 -19.37 -3.12
CA GLU C 30 -11.42 -19.06 -2.58
C GLU C 30 -12.49 -19.25 -3.65
N TRP C 31 -13.60 -19.88 -3.26
CA TRP C 31 -14.70 -20.13 -4.17
C TRP C 31 -15.83 -19.12 -3.94
N LYS C 32 -16.33 -18.53 -5.01
CA LYS C 32 -17.41 -17.56 -4.91
C LYS C 32 -18.35 -17.66 -6.13
N LEU C 33 -19.64 -17.51 -5.87
CA LEU C 33 -20.63 -17.59 -6.94
C LEU C 33 -21.80 -16.65 -6.68
N ASN C 34 -22.34 -16.06 -7.73
CA ASN C 34 -23.47 -15.14 -7.59
C ASN C 34 -24.76 -15.77 -8.12
N THR C 35 -25.78 -15.79 -7.27
CA THR C 35 -27.06 -16.36 -7.66
C THR C 35 -28.21 -15.65 -6.95
N GLY C 36 -29.43 -16.06 -7.25
CA GLY C 36 -30.60 -15.45 -6.64
C GLY C 36 -30.60 -15.61 -5.14
N ARG C 37 -30.47 -16.85 -4.67
CA ARG C 37 -30.45 -17.14 -3.25
C ARG C 37 -29.06 -17.54 -2.78
N THR C 38 -28.30 -18.18 -3.67
CA THR C 38 -26.94 -18.61 -3.35
C THR C 38 -26.95 -19.62 -2.20
N GLU C 39 -26.74 -20.89 -2.54
CA GLU C 39 -26.71 -21.94 -1.54
C GLU C 39 -25.62 -22.98 -1.86
N ALA C 40 -24.70 -22.60 -2.73
CA ALA C 40 -23.61 -23.50 -3.12
C ALA C 40 -22.24 -22.89 -2.82
N TRP C 41 -22.21 -21.57 -2.59
CA TRP C 41 -20.96 -20.88 -2.29
C TRP C 41 -20.28 -21.50 -1.07
N LYS C 42 -19.09 -22.06 -1.29
CA LYS C 42 -18.33 -22.69 -0.21
C LYS C 42 -16.87 -22.23 -0.26
N VAL C 43 -16.19 -22.32 0.88
CA VAL C 43 -14.79 -21.92 0.97
C VAL C 43 -13.88 -23.12 0.77
N LEU C 44 -13.12 -23.10 -0.32
CA LEU C 44 -12.20 -24.19 -0.64
C LEU C 44 -10.80 -23.90 -0.09
N SER C 45 -10.19 -24.90 0.51
CA SER C 45 -8.85 -24.77 1.07
C SER C 45 -7.95 -25.91 0.61
N PRO C 46 -6.64 -25.64 0.49
CA PRO C 46 -5.66 -26.64 0.03
C PRO C 46 -5.47 -27.75 1.06
N GLN C 47 -5.98 -27.54 2.27
CA GLN C 47 -5.86 -28.53 3.33
C GLN C 47 -7.10 -28.53 4.22
N GLY C 48 -8.20 -29.10 3.72
CA GLY C 48 -9.43 -29.16 4.48
C GLY C 48 -10.66 -29.20 3.59
N GLY C 49 -11.79 -29.55 4.16
CA GLY C 49 -13.03 -29.62 3.41
C GLY C 49 -14.23 -29.16 4.21
N GLY C 50 -15.34 -28.92 3.52
CA GLY C 50 -16.55 -28.48 4.19
C GLY C 50 -17.79 -29.22 3.71
N PRO C 51 -18.96 -28.56 3.75
CA PRO C 51 -20.21 -29.17 3.31
C PRO C 51 -20.27 -29.37 1.80
N TRP C 52 -19.89 -28.34 1.05
CA TRP C 52 -19.90 -28.41 -0.40
C TRP C 52 -18.99 -29.52 -0.91
N ASP C 53 -18.05 -29.95 -0.06
CA ASP C 53 -17.12 -31.00 -0.43
C ASP C 53 -17.87 -32.27 -0.82
N SER C 54 -19.01 -32.51 -0.17
CA SER C 54 -19.83 -33.68 -0.46
C SER C 54 -20.68 -33.48 -1.69
N VAL C 55 -20.95 -32.22 -2.01
CA VAL C 55 -21.74 -31.87 -3.19
C VAL C 55 -20.89 -31.82 -4.45
N ALA C 56 -19.62 -31.42 -4.27
CA ALA C 56 -18.69 -31.33 -5.39
C ALA C 56 -17.25 -31.28 -4.90
N ARG C 57 -16.35 -31.93 -5.63
CA ARG C 57 -14.94 -31.96 -5.25
C ARG C 57 -14.07 -31.39 -6.37
N VAL C 58 -12.82 -31.08 -6.04
CA VAL C 58 -11.87 -30.53 -7.00
C VAL C 58 -10.78 -31.54 -7.32
N LEU C 59 -10.58 -31.79 -8.61
CA LEU C 59 -9.56 -32.73 -9.06
C LEU C 59 -8.16 -32.16 -8.85
N PRO C 60 -7.15 -33.03 -8.63
CA PRO C 60 -5.77 -32.61 -8.42
C PRO C 60 -5.29 -31.64 -9.48
N ASN C 61 -5.89 -31.69 -10.66
CA ASN C 61 -5.52 -30.81 -11.75
C ASN C 61 -6.25 -29.47 -11.66
N GLY C 62 -6.99 -29.25 -10.58
CA GLY C 62 -7.72 -28.01 -10.41
C GLY C 62 -9.02 -28.00 -11.18
N SER C 63 -9.73 -29.12 -11.16
CA SER C 63 -11.00 -29.23 -11.87
C SER C 63 -12.17 -29.26 -10.90
N LEU C 64 -13.35 -29.54 -11.42
CA LEU C 64 -14.55 -29.60 -10.59
C LEU C 64 -15.56 -30.58 -11.18
N PHE C 65 -16.00 -31.53 -10.35
CA PHE C 65 -16.97 -32.53 -10.78
C PHE C 65 -18.13 -32.63 -9.80
N LEU C 66 -19.35 -32.66 -10.34
CA LEU C 66 -20.54 -32.74 -9.51
C LEU C 66 -21.30 -34.04 -9.80
N PRO C 67 -21.62 -34.83 -8.74
CA PRO C 67 -22.35 -36.09 -8.88
C PRO C 67 -23.65 -35.92 -9.65
N ALA C 68 -24.30 -34.78 -9.46
CA ALA C 68 -25.57 -34.49 -10.13
C ALA C 68 -25.95 -33.02 -9.98
N VAL C 69 -25.77 -32.26 -11.06
CA VAL C 69 -26.09 -30.84 -11.05
C VAL C 69 -27.60 -30.62 -11.11
N GLY C 70 -28.16 -30.02 -10.06
CA GLY C 70 -29.58 -29.76 -10.01
C GLY C 70 -29.92 -28.28 -10.07
N ILE C 71 -31.12 -27.94 -9.62
CA ILE C 71 -31.56 -26.55 -9.62
C ILE C 71 -30.73 -25.71 -8.65
N GLN C 72 -30.30 -26.34 -7.55
CA GLN C 72 -29.48 -25.64 -6.57
C GLN C 72 -28.13 -25.26 -7.14
N ASP C 73 -27.64 -26.05 -8.09
CA ASP C 73 -26.36 -25.78 -8.72
C ASP C 73 -26.48 -24.67 -9.75
N GLU C 74 -27.71 -24.37 -10.18
CA GLU C 74 -27.95 -23.31 -11.16
C GLU C 74 -27.26 -22.01 -10.76
N GLY C 75 -27.38 -21.00 -11.61
CA GLY C 75 -26.77 -19.73 -11.32
C GLY C 75 -25.46 -19.54 -12.05
N ILE C 76 -24.57 -18.73 -11.48
CA ILE C 76 -23.27 -18.47 -12.10
C ILE C 76 -22.14 -18.77 -11.12
N PHE C 77 -21.14 -19.52 -11.59
CA PHE C 77 -20.00 -19.88 -10.76
C PHE C 77 -18.81 -18.96 -11.07
N ARG C 78 -17.97 -18.75 -10.08
CA ARG C 78 -16.80 -17.89 -10.25
C ARG C 78 -15.61 -18.42 -9.45
N CYS C 79 -14.42 -18.30 -10.03
CA CYS C 79 -13.19 -18.75 -9.39
C CYS C 79 -12.37 -17.56 -8.91
N GLN C 80 -11.55 -17.78 -7.89
CA GLN C 80 -10.72 -16.72 -7.34
C GLN C 80 -9.54 -17.29 -6.56
N ALA C 81 -8.43 -16.55 -6.55
CA ALA C 81 -7.22 -16.98 -5.85
C ALA C 81 -6.65 -15.84 -5.03
N MET C 82 -5.83 -16.17 -4.04
CA MET C 82 -5.21 -15.18 -3.19
C MET C 82 -3.71 -15.42 -3.04
N ASN C 83 -2.91 -14.51 -3.58
CA ASN C 83 -1.45 -14.62 -3.49
C ASN C 83 -0.91 -13.70 -2.40
N ARG C 84 0.40 -13.45 -2.43
CA ARG C 84 1.03 -12.57 -1.44
C ARG C 84 0.59 -11.12 -1.61
N ASN C 85 0.40 -10.71 -2.86
CA ASN C 85 -0.04 -9.35 -3.16
C ASN C 85 -1.56 -9.31 -3.31
N GLY C 86 -2.11 -10.36 -3.91
CA GLY C 86 -3.55 -10.44 -4.12
C GLY C 86 -3.91 -10.74 -5.56
N LYS C 87 -3.04 -11.47 -6.26
CA LYS C 87 -3.29 -11.83 -7.65
C LYS C 87 -4.43 -12.83 -7.74
N GLU C 88 -5.57 -12.39 -8.25
CA GLU C 88 -6.74 -13.23 -8.36
C GLU C 88 -7.21 -13.36 -9.81
N THR C 89 -7.89 -14.47 -10.11
CA THR C 89 -8.41 -14.71 -11.45
C THR C 89 -9.92 -14.48 -11.48
N LYS C 90 -10.38 -13.69 -12.44
CA LYS C 90 -11.81 -13.37 -12.59
C LYS C 90 -12.43 -14.12 -13.76
N SER C 91 -13.53 -14.85 -13.49
CA SER C 91 -14.21 -15.63 -14.52
C SER C 91 -15.57 -16.10 -14.01
N ASN C 92 -16.63 -15.77 -14.76
CA ASN C 92 -17.98 -16.17 -14.38
C ASN C 92 -18.66 -16.95 -15.49
N TYR C 93 -19.15 -18.14 -15.16
CA TYR C 93 -19.82 -18.99 -16.14
C TYR C 93 -21.29 -19.16 -15.79
N ARG C 94 -22.17 -18.82 -16.72
CA ARG C 94 -23.61 -18.93 -16.51
C ARG C 94 -24.09 -20.34 -16.86
N VAL C 95 -24.67 -21.01 -15.88
CA VAL C 95 -25.18 -22.37 -16.08
C VAL C 95 -26.67 -22.46 -15.75
N ARG C 96 -27.42 -23.11 -16.63
CA ARG C 96 -28.86 -23.27 -16.43
C ARG C 96 -29.30 -24.67 -16.84
N VAL C 97 -30.29 -25.19 -16.11
CA VAL C 97 -30.80 -26.54 -16.37
C VAL C 97 -32.03 -26.49 -17.28
N TYR C 98 -32.35 -27.61 -17.90
CA TYR C 98 -33.50 -27.69 -18.80
C TYR C 98 -34.77 -27.19 -18.12
N GLN C 99 -35.35 -28.02 -17.26
CA GLN C 99 -36.57 -27.66 -16.55
C GLN C 99 -36.26 -26.77 -15.36
N ILE C 100 -36.91 -25.61 -15.30
CA ILE C 100 -36.69 -24.67 -14.20
C ILE C 100 -37.97 -24.48 -13.39
N PRO C 101 -37.86 -23.92 -12.17
CA PRO C 101 -39.01 -23.69 -11.30
C PRO C 101 -39.93 -22.58 -11.83
N ALA D 1 17.38 19.40 4.23
CA ALA D 1 18.12 19.12 5.48
C ALA D 1 18.32 20.39 6.30
N MET D 2 18.04 20.29 7.60
CA MET D 2 18.17 21.43 8.51
C MET D 2 18.69 20.97 9.87
N ALA D 3 19.17 21.92 10.67
CA ALA D 3 19.70 21.64 12.01
C ALA D 3 19.81 22.91 12.84
N GLN D 4 19.51 22.80 14.13
CA GLN D 4 19.58 23.94 15.03
C GLN D 4 20.97 24.07 15.65
N ASN D 5 21.47 25.30 15.71
CA ASN D 5 22.79 25.56 16.28
C ASN D 5 22.71 25.72 17.80
N ILE D 6 23.26 24.76 18.52
CA ILE D 6 23.25 24.80 19.98
C ILE D 6 24.66 24.60 20.54
N THR D 7 25.09 25.54 21.38
CA THR D 7 26.41 25.46 21.99
C THR D 7 26.35 24.75 23.34
N ALA D 8 27.35 23.92 23.60
CA ALA D 8 27.41 23.19 24.85
C ALA D 8 28.84 23.04 25.33
N ARG D 9 29.02 22.70 26.62
CA ARG D 9 30.34 22.54 27.19
C ARG D 9 30.59 21.07 27.55
N ILE D 10 31.80 20.59 27.26
CA ILE D 10 32.17 19.22 27.54
C ILE D 10 32.07 18.90 29.03
N GLY D 11 31.41 17.79 29.34
CA GLY D 11 31.26 17.39 30.74
C GLY D 11 30.19 18.17 31.47
N GLU D 12 29.49 19.04 30.77
CA GLU D 12 28.44 19.85 31.37
C GLU D 12 27.06 19.23 31.13
N PRO D 13 26.21 19.16 32.16
CA PRO D 13 24.86 18.60 32.04
C PRO D 13 23.97 19.43 31.13
N LEU D 14 23.15 18.75 30.33
CA LEU D 14 22.26 19.44 29.40
C LEU D 14 20.89 18.75 29.36
N VAL D 15 19.83 19.55 29.33
CA VAL D 15 18.48 19.02 29.28
C VAL D 15 17.71 19.60 28.09
N LEU D 16 16.99 18.74 27.39
CA LEU D 16 16.21 19.15 26.23
C LEU D 16 14.90 18.38 26.15
N LYS D 17 13.90 19.01 25.54
CA LYS D 17 12.58 18.38 25.39
C LYS D 17 12.33 17.98 23.94
N CYS D 18 12.03 16.70 23.74
CA CYS D 18 11.76 16.19 22.40
C CYS D 18 10.36 15.59 22.30
N LYS D 19 9.37 16.46 22.15
CA LYS D 19 7.98 16.03 22.05
C LYS D 19 7.75 15.21 20.79
N GLY D 20 6.50 14.82 20.55
CA GLY D 20 6.17 14.04 19.38
C GLY D 20 5.00 13.10 19.62
N ALA D 21 4.99 12.47 20.79
CA ALA D 21 3.92 11.54 21.14
C ALA D 21 2.57 12.26 21.19
N PRO D 22 1.62 11.84 20.31
CA PRO D 22 0.27 12.43 20.27
C PRO D 22 -0.46 12.29 21.59
N LYS D 23 -1.72 12.68 21.60
CA LYS D 23 -2.53 12.62 22.82
C LYS D 23 -2.81 11.17 23.21
N LYS D 24 -2.76 10.28 22.24
CA LYS D 24 -3.02 8.87 22.49
C LYS D 24 -1.99 8.29 23.47
N PRO D 25 -2.25 7.09 24.03
CA PRO D 25 -1.35 6.43 24.98
C PRO D 25 0.09 6.38 24.46
N PRO D 26 1.04 6.03 25.35
CA PRO D 26 2.46 5.95 24.98
C PRO D 26 2.69 5.01 23.81
N GLN D 27 2.97 5.59 22.64
CA GLN D 27 3.21 4.81 21.43
C GLN D 27 4.69 4.47 21.29
N ARG D 28 5.04 3.83 20.18
CA ARG D 28 6.42 3.44 19.92
C ARG D 28 7.29 4.67 19.70
N LEU D 29 8.61 4.49 19.80
CA LEU D 29 9.54 5.59 19.59
C LEU D 29 10.93 5.05 19.25
N GLU D 30 11.62 5.76 18.36
CA GLU D 30 12.95 5.35 17.92
C GLU D 30 13.91 6.55 17.94
N TRP D 31 15.11 6.33 18.45
CA TRP D 31 16.12 7.37 18.53
C TRP D 31 17.15 7.22 17.42
N LYS D 32 17.45 8.31 16.74
CA LYS D 32 18.42 8.28 15.65
C LYS D 32 19.21 9.59 15.59
N LEU D 33 20.50 9.49 15.31
CA LEU D 33 21.36 10.66 15.22
C LEU D 33 22.45 10.46 14.16
N ASN D 34 22.79 11.55 13.48
CA ASN D 34 23.81 11.50 12.43
C ASN D 34 25.09 12.19 12.90
N THR D 35 26.21 11.48 12.84
CA THR D 35 27.48 12.03 13.24
C THR D 35 28.62 11.43 12.43
N GLY D 36 29.84 11.89 12.69
CA GLY D 36 31.00 11.38 11.97
C GLY D 36 31.20 9.90 12.19
N ARG D 37 31.26 9.50 13.46
CA ARG D 37 31.45 8.09 13.80
C ARG D 37 30.17 7.49 14.37
N THR D 38 29.39 8.32 15.07
CA THR D 38 28.13 7.87 15.66
C THR D 38 28.38 6.79 16.71
N GLU D 39 28.28 7.17 17.98
CA GLU D 39 28.48 6.24 19.08
C GLU D 39 27.49 6.48 20.21
N ALA D 40 26.42 7.22 19.91
CA ALA D 40 25.41 7.53 20.90
C ALA D 40 24.03 7.04 20.47
N TRP D 41 23.87 6.74 19.18
CA TRP D 41 22.60 6.26 18.65
C TRP D 41 22.14 5.00 19.39
N LYS D 42 21.01 5.13 20.08
CA LYS D 42 20.44 4.01 20.83
C LYS D 42 18.95 3.86 20.54
N VAL D 43 18.43 2.65 20.76
CA VAL D 43 17.02 2.38 20.52
C VAL D 43 16.21 2.53 21.81
N LEU D 44 15.34 3.53 21.84
CA LEU D 44 14.51 3.80 23.00
C LEU D 44 13.17 3.08 22.90
N SER D 45 12.75 2.47 24.00
CA SER D 45 11.48 1.75 24.03
C SER D 45 10.66 2.17 25.25
N PRO D 46 9.32 2.13 25.12
CA PRO D 46 8.41 2.52 26.21
C PRO D 46 8.46 1.54 27.39
N GLN D 47 9.10 0.39 27.17
CA GLN D 47 9.21 -0.62 28.21
C GLN D 47 10.54 -1.36 28.10
N GLY D 48 11.62 -0.71 28.52
CA GLY D 48 12.94 -1.32 28.47
C GLY D 48 14.04 -0.30 28.32
N GLY D 49 15.27 -0.71 28.58
CA GLY D 49 16.41 0.18 28.48
C GLY D 49 17.64 -0.50 27.91
N GLY D 50 18.63 0.30 27.52
CA GLY D 50 19.85 -0.26 26.97
C GLY D 50 21.10 0.40 27.54
N PRO D 51 22.19 0.46 26.76
CA PRO D 51 23.45 1.08 27.19
C PRO D 51 23.34 2.60 27.32
N TRP D 52 22.77 3.24 26.31
CA TRP D 52 22.61 4.68 26.32
C TRP D 52 21.76 5.14 27.51
N ASP D 53 20.99 4.22 28.07
CA ASP D 53 20.14 4.53 29.22
C ASP D 53 20.97 5.08 30.37
N SER D 54 22.20 4.57 30.50
CA SER D 54 23.09 5.01 31.56
C SER D 54 23.77 6.33 31.21
N VAL D 55 23.86 6.61 29.91
CA VAL D 55 24.46 7.85 29.42
C VAL D 55 23.45 9.00 29.43
N ALA D 56 22.19 8.65 29.19
CA ALA D 56 21.13 9.66 29.15
C ALA D 56 19.76 8.99 29.29
N ARG D 57 18.85 9.66 30.00
CA ARG D 57 17.52 9.12 30.21
C ARG D 57 16.46 10.10 29.70
N VAL D 58 15.23 9.61 29.54
CA VAL D 58 14.13 10.42 29.07
C VAL D 58 13.11 10.67 30.19
N LEU D 59 12.78 11.94 30.40
CA LEU D 59 11.83 12.32 31.43
C LEU D 59 10.41 11.93 31.04
N PRO D 60 9.54 11.64 32.02
CA PRO D 60 8.15 11.24 31.78
C PRO D 60 7.45 12.18 30.82
N ASN D 61 7.91 13.43 30.75
CA ASN D 61 7.32 14.42 29.88
C ASN D 61 7.90 14.34 28.47
N GLY D 62 8.74 13.35 28.22
CA GLY D 62 9.34 13.18 26.91
C GLY D 62 10.53 14.10 26.70
N SER D 63 11.36 14.23 27.75
CA SER D 63 12.53 15.09 27.68
C SER D 63 13.80 14.25 27.61
N LEU D 64 14.95 14.93 27.73
CA LEU D 64 16.23 14.24 27.69
C LEU D 64 17.27 14.98 28.53
N PHE D 65 17.90 14.27 29.45
CA PHE D 65 18.91 14.87 30.32
C PHE D 65 20.18 14.04 30.31
N LEU D 66 21.33 14.70 30.19
CA LEU D 66 22.62 14.03 30.17
C LEU D 66 23.47 14.47 31.36
N PRO D 67 24.00 13.49 32.15
CA PRO D 67 24.84 13.80 33.31
C PRO D 67 26.02 14.70 32.96
N ALA D 68 26.56 14.51 31.76
CA ALA D 68 27.69 15.31 31.30
C ALA D 68 27.92 15.13 29.81
N VAL D 69 27.54 16.13 29.02
CA VAL D 69 27.71 16.08 27.57
C VAL D 69 29.16 16.30 27.19
N GLY D 70 29.76 15.29 26.57
CA GLY D 70 31.15 15.40 26.16
C GLY D 70 31.32 15.40 24.65
N ILE D 71 32.52 15.08 24.19
CA ILE D 71 32.80 15.06 22.75
C ILE D 71 32.01 13.96 22.05
N GLN D 72 31.78 12.85 22.77
CA GLN D 72 31.03 11.74 22.22
C GLN D 72 29.58 12.14 21.96
N ASP D 73 29.07 13.06 22.77
CA ASP D 73 27.69 13.53 22.63
C ASP D 73 27.56 14.50 21.46
N GLU D 74 28.69 15.05 21.01
CA GLU D 74 28.70 15.99 19.89
C GLU D 74 27.92 15.44 18.70
N GLY D 75 27.83 16.24 17.64
CA GLY D 75 27.13 15.81 16.46
C GLY D 75 25.73 16.38 16.40
N ILE D 76 24.83 15.68 15.72
CA ILE D 76 23.44 16.13 15.59
C ILE D 76 22.48 15.04 16.05
N PHE D 77 21.52 15.43 16.90
CA PHE D 77 20.53 14.50 17.41
C PHE D 77 19.22 14.62 16.63
N ARG D 78 18.48 13.52 16.55
CA ARG D 78 17.22 13.51 15.83
C ARG D 78 16.19 12.61 16.52
N CYS D 79 14.94 13.05 16.51
CA CYS D 79 13.85 12.30 17.13
C CYS D 79 12.97 11.66 16.07
N GLN D 80 12.31 10.56 16.42
CA GLN D 80 11.44 9.87 15.48
C GLN D 80 10.43 8.99 16.22
N ALA D 81 9.26 8.82 15.61
CA ALA D 81 8.20 8.00 16.21
C ALA D 81 7.61 7.06 15.17
N MET D 82 6.94 6.01 15.64
CA MET D 82 6.33 5.04 14.75
C MET D 82 4.90 4.73 15.18
N ASN D 83 3.95 5.14 14.34
CA ASN D 83 2.53 4.90 14.60
C ASN D 83 2.04 3.66 13.83
N ARG D 84 0.74 3.54 13.66
CA ARG D 84 0.16 2.41 12.92
C ARG D 84 0.43 2.52 11.43
N ASN D 85 0.45 3.76 10.93
CA ASN D 85 0.73 3.99 9.51
C ASN D 85 2.20 4.30 9.30
N GLY D 86 2.73 5.22 10.10
CA GLY D 86 4.12 5.60 9.99
C GLY D 86 4.34 7.08 10.21
N LYS D 87 3.45 7.71 10.98
CA LYS D 87 3.56 9.14 11.27
C LYS D 87 4.79 9.40 12.15
N GLU D 88 5.84 9.93 11.54
CA GLU D 88 7.08 10.18 12.26
C GLU D 88 7.40 11.68 12.32
N THR D 89 8.17 12.08 13.35
CA THR D 89 8.54 13.49 13.50
C THR D 89 9.98 13.71 13.07
N LYS D 90 10.19 14.71 12.22
CA LYS D 90 11.53 15.03 11.71
C LYS D 90 12.08 16.30 12.36
N SER D 91 13.27 16.20 12.95
CA SER D 91 13.91 17.33 13.61
C SER D 91 15.37 17.01 13.95
N ASN D 92 16.28 17.87 13.49
CA ASN D 92 17.69 17.66 13.74
C ASN D 92 18.31 18.88 14.41
N TYR D 93 18.97 18.66 15.54
CA TYR D 93 19.60 19.75 16.29
C TYR D 93 21.12 19.58 16.31
N ARG D 94 21.82 20.61 15.84
CA ARG D 94 23.28 20.57 15.80
C ARG D 94 23.87 21.02 17.14
N VAL D 95 24.64 20.16 17.76
CA VAL D 95 25.26 20.47 19.05
C VAL D 95 26.78 20.32 18.99
N ARG D 96 27.48 21.31 19.52
CA ARG D 96 28.94 21.30 19.53
C ARG D 96 29.47 21.80 20.85
N VAL D 97 30.59 21.23 21.28
CA VAL D 97 31.21 21.61 22.55
C VAL D 97 32.31 22.65 22.34
N TYR D 98 32.67 23.35 23.41
CA TYR D 98 33.70 24.38 23.34
C TYR D 98 34.98 23.84 22.71
N GLN D 99 35.75 23.09 23.50
CA GLN D 99 37.01 22.52 23.02
C GLN D 99 36.75 21.25 22.21
N ILE D 100 37.27 21.22 20.98
CA ILE D 100 37.10 20.07 20.10
C ILE D 100 38.44 19.43 19.79
N PRO D 101 38.42 18.17 19.29
CA PRO D 101 39.64 17.44 18.95
C PRO D 101 40.35 18.02 17.74
N ALA A 2 -13.64 14.37 -16.96
CA ALA A 2 -13.12 14.03 -15.63
C ALA A 2 -12.28 15.16 -15.02
N SER A 3 -12.28 15.23 -13.69
CA SER A 3 -11.51 16.21 -12.93
C SER A 3 -10.00 15.90 -12.99
N PRO A 4 -9.14 16.89 -12.69
CA PRO A 4 -7.68 16.75 -12.77
C PRO A 4 -7.13 15.49 -12.07
N LEU A 5 -7.67 15.16 -10.90
CA LEU A 5 -7.20 14.00 -10.13
C LEU A 5 -7.58 12.68 -10.81
N ASP A 6 -8.83 12.58 -11.25
CA ASP A 6 -9.32 11.41 -11.98
C ASP A 6 -8.60 11.19 -13.30
N GLN A 7 -8.26 12.31 -13.96
CA GLN A 7 -7.51 12.29 -15.23
C GLN A 7 -6.09 11.76 -15.08
N ALA A 8 -5.41 12.22 -14.03
CA ALA A 8 -4.06 11.77 -13.70
C ALA A 8 -3.99 10.26 -13.38
N ILE A 9 -4.91 9.79 -12.53
CA ILE A 9 -5.05 8.37 -12.21
C ILE A 9 -5.35 7.54 -13.47
N GLY A 10 -6.25 8.07 -14.31
CA GLY A 10 -6.63 7.43 -15.57
C GLY A 10 -5.46 7.28 -16.52
N LEU A 11 -4.59 8.29 -16.53
CA LEU A 11 -3.37 8.28 -17.34
C LEU A 11 -2.42 7.19 -16.86
N LEU A 12 -2.24 7.10 -15.53
CA LEU A 12 -1.34 6.12 -14.92
C LEU A 12 -1.79 4.66 -15.16
N VAL A 13 -3.11 4.46 -15.12
CA VAL A 13 -3.71 3.14 -15.39
C VAL A 13 -3.55 2.78 -16.87
N ALA A 14 -3.70 3.78 -17.74
CA ALA A 14 -3.55 3.61 -19.19
C ALA A 14 -2.12 3.21 -19.58
N ILE A 15 -1.14 3.78 -18.88
CA ILE A 15 0.27 3.45 -19.09
C ILE A 15 0.52 1.96 -18.82
N PHE A 16 -0.03 1.46 -17.71
CA PHE A 16 0.16 0.08 -17.32
C PHE A 16 -0.28 -0.89 -18.43
N HIS A 17 -1.50 -0.67 -18.93
CA HIS A 17 -2.10 -1.52 -19.97
C HIS A 17 -1.45 -1.32 -21.35
N LYS A 18 -0.83 -0.15 -21.55
CA LYS A 18 -0.08 0.15 -22.78
C LYS A 18 1.07 -0.86 -23.01
N TYR A 19 1.61 -1.36 -21.90
CA TYR A 19 2.78 -2.24 -21.92
C TYR A 19 2.47 -3.69 -21.49
N SER A 20 1.51 -3.88 -20.59
CA SER A 20 1.20 -5.19 -20.01
C SER A 20 0.67 -6.19 -21.05
N GLY A 21 -0.03 -5.69 -22.08
CA GLY A 21 -0.71 -6.53 -23.08
C GLY A 21 0.20 -7.00 -24.23
N ARG A 22 1.47 -6.62 -24.22
CA ARG A 22 2.36 -6.86 -25.37
C ARG A 22 2.76 -8.35 -25.52
N GLU A 23 3.01 -9.01 -24.39
CA GLU A 23 3.40 -10.43 -24.38
C GLU A 23 2.95 -11.11 -23.09
N GLY A 24 2.96 -12.45 -23.11
CA GLY A 24 2.53 -13.26 -21.97
C GLY A 24 1.14 -12.88 -21.53
N ASP A 25 0.93 -12.83 -20.21
CA ASP A 25 -0.36 -12.42 -19.65
C ASP A 25 -0.63 -10.97 -20.03
N LYS A 26 -1.88 -10.70 -20.41
CA LYS A 26 -2.29 -9.38 -20.88
C LYS A 26 -2.34 -8.33 -19.74
N HIS A 27 -2.53 -8.79 -18.51
CA HIS A 27 -2.83 -7.90 -17.37
C HIS A 27 -1.66 -7.80 -16.37
N THR A 28 -0.52 -8.37 -16.71
CA THR A 28 0.66 -8.31 -15.86
C THR A 28 1.88 -7.88 -16.66
N LEU A 29 2.87 -7.34 -15.97
CA LEU A 29 4.11 -6.86 -16.61
C LEU A 29 5.21 -7.90 -16.44
N SER A 30 5.70 -8.41 -17.57
CA SER A 30 6.90 -9.24 -17.60
C SER A 30 8.12 -8.38 -17.28
N LYS A 31 9.28 -9.02 -17.10
CA LYS A 31 10.56 -8.32 -16.90
C LYS A 31 10.86 -7.38 -18.05
N LYS A 32 10.54 -7.84 -19.26
CA LYS A 32 10.74 -7.08 -20.51
C LYS A 32 9.81 -5.87 -20.60
N GLU A 33 8.51 -6.10 -20.33
CA GLU A 33 7.49 -5.04 -20.38
C GLU A 33 7.72 -3.95 -19.35
N LEU A 34 8.06 -4.38 -18.13
CA LEU A 34 8.31 -3.45 -17.02
C LEU A 34 9.57 -2.60 -17.23
N LYS A 35 10.61 -3.21 -17.77
CA LYS A 35 11.85 -2.48 -18.08
C LYS A 35 11.62 -1.43 -19.13
N GLU A 36 10.83 -1.80 -20.12
CA GLU A 36 10.42 -0.91 -21.19
C GLU A 36 9.56 0.25 -20.69
N LEU A 37 8.64 -0.07 -19.78
CA LEU A 37 7.79 0.93 -19.12
C LEU A 37 8.66 1.97 -18.39
N ILE A 38 9.64 1.47 -17.62
CA ILE A 38 10.56 2.34 -16.85
C ILE A 38 11.40 3.22 -17.78
N GLN A 39 11.98 2.62 -18.82
CA GLN A 39 12.90 3.31 -19.73
C GLN A 39 12.20 4.39 -20.57
N LYS A 40 10.90 4.21 -20.81
CA LYS A 40 10.13 5.06 -21.72
C LYS A 40 9.22 6.05 -20.99
N GLU A 41 8.81 5.72 -19.75
CA GLU A 41 7.79 6.47 -19.02
C GLU A 41 8.36 7.23 -17.81
N LEU A 42 9.47 6.75 -17.28
CA LEU A 42 10.13 7.39 -16.15
C LEU A 42 11.21 8.33 -16.66
N THR A 43 11.22 9.57 -16.14
CA THR A 43 12.13 10.62 -16.59
C THR A 43 13.59 10.18 -16.61
N ILE A 44 13.99 9.48 -15.53
CA ILE A 44 15.37 9.03 -15.35
C ILE A 44 15.56 7.55 -15.74
N GLY A 45 14.49 6.93 -16.24
CA GLY A 45 14.45 5.50 -16.51
C GLY A 45 15.56 5.01 -17.45
N SER A 46 15.74 5.75 -18.55
CA SER A 46 16.74 5.41 -19.58
C SER A 46 18.19 5.57 -19.09
N LYS A 47 18.40 6.24 -17.94
CA LYS A 47 19.74 6.52 -17.42
C LYS A 47 20.14 5.58 -16.27
N LEU A 48 19.19 4.79 -15.77
CA LEU A 48 19.45 3.83 -14.71
C LEU A 48 20.30 2.66 -15.22
N GLN A 49 21.18 2.18 -14.33
CA GLN A 49 21.94 0.97 -14.60
C GLN A 49 21.00 -0.20 -14.83
N ASP A 50 21.38 -1.15 -15.69
CA ASP A 50 20.58 -2.34 -15.95
C ASP A 50 20.39 -3.18 -14.69
N ALA A 51 21.45 -3.26 -13.88
CA ALA A 51 21.46 -3.96 -12.60
C ALA A 51 20.46 -3.37 -11.60
N GLU A 52 20.33 -2.04 -11.62
CA GLU A 52 19.42 -1.32 -10.72
C GLU A 52 17.94 -1.43 -11.14
N ILE A 53 17.68 -1.46 -12.45
CA ILE A 53 16.33 -1.73 -12.98
C ILE A 53 15.91 -3.16 -12.61
N ALA A 54 16.86 -4.09 -12.71
CA ALA A 54 16.64 -5.49 -12.39
C ALA A 54 16.32 -5.70 -10.90
N ARG A 55 17.00 -4.94 -10.04
CA ARG A 55 16.77 -4.98 -8.59
C ARG A 55 15.42 -4.37 -8.24
N LEU A 56 15.10 -3.28 -8.94
CA LEU A 56 13.81 -2.59 -8.80
C LEU A 56 12.62 -3.50 -9.15
N MET A 57 12.74 -4.17 -10.31
CA MET A 57 11.70 -5.10 -10.78
C MET A 57 11.57 -6.34 -9.89
N GLU A 58 12.73 -6.80 -9.38
CA GLU A 58 12.78 -7.96 -8.48
C GLU A 58 12.02 -7.69 -7.19
N ASP A 59 12.27 -6.52 -6.62
CA ASP A 59 11.64 -6.11 -5.36
C ASP A 59 10.13 -5.84 -5.51
N LEU A 60 9.73 -5.23 -6.63
CA LEU A 60 8.31 -4.95 -6.88
C LEU A 60 7.51 -6.24 -6.87
N ASP A 61 8.15 -7.31 -7.37
CA ASP A 61 7.56 -8.63 -7.40
C ASP A 61 7.61 -9.25 -6.01
N ARG A 62 6.54 -9.04 -5.23
CA ARG A 62 6.46 -9.54 -3.86
C ARG A 62 6.01 -10.98 -3.80
N ASN A 63 5.04 -11.34 -4.63
CA ASN A 63 4.53 -12.71 -4.66
C ASN A 63 5.54 -13.68 -5.25
N LYS A 64 6.52 -13.13 -5.98
CA LYS A 64 7.59 -13.91 -6.61
C LYS A 64 7.08 -14.85 -7.70
N ASP A 65 6.40 -14.29 -8.69
CA ASP A 65 5.89 -15.06 -9.82
C ASP A 65 6.47 -14.52 -11.13
N GLN A 66 7.41 -13.57 -10.98
CA GLN A 66 8.11 -12.93 -12.10
C GLN A 66 7.20 -12.00 -12.91
N GLU A 67 6.04 -11.67 -12.33
CA GLU A 67 5.09 -10.80 -12.99
C GLU A 67 4.64 -9.67 -12.06
N VAL A 68 4.81 -8.45 -12.51
CA VAL A 68 4.43 -7.27 -11.74
C VAL A 68 3.02 -6.84 -12.13
N ASN A 69 2.06 -7.21 -11.28
CA ASN A 69 0.66 -6.88 -11.52
C ASN A 69 0.41 -5.42 -11.22
N PHE A 70 -0.84 -4.99 -11.32
CA PHE A 70 -1.16 -3.57 -11.07
C PHE A 70 -0.89 -3.13 -9.62
N GLN A 71 -1.20 -4.02 -8.67
CA GLN A 71 -0.99 -3.73 -7.26
C GLN A 71 0.50 -3.49 -6.96
N GLU A 72 1.37 -4.27 -7.60
CA GLU A 72 2.81 -4.13 -7.43
C GLU A 72 3.28 -2.86 -8.12
N TYR A 73 2.63 -2.53 -9.25
CA TYR A 73 2.90 -1.30 -9.99
C TYR A 73 2.59 -0.05 -9.17
N VAL A 74 1.53 -0.11 -8.36
CA VAL A 74 1.16 0.99 -7.46
C VAL A 74 2.26 1.24 -6.42
N THR A 75 2.93 0.17 -5.97
CA THR A 75 4.05 0.28 -5.03
C THR A 75 5.14 1.17 -5.62
N PHE A 76 5.39 0.97 -6.93
CA PHE A 76 6.32 1.80 -7.70
C PHE A 76 5.90 3.29 -7.73
N LEU A 77 4.62 3.51 -8.02
CA LEU A 77 4.04 4.87 -8.01
C LEU A 77 4.17 5.54 -6.65
N GLY A 78 3.95 4.75 -5.60
CA GLY A 78 4.09 5.21 -4.22
C GLY A 78 5.52 5.60 -3.86
N ALA A 79 6.46 4.84 -4.40
CA ALA A 79 7.90 5.11 -4.23
C ALA A 79 8.34 6.41 -4.92
N LEU A 80 7.80 6.63 -6.13
CA LEU A 80 8.05 7.87 -6.87
C LEU A 80 7.49 9.10 -6.17
N ALA A 81 6.29 8.94 -5.61
CA ALA A 81 5.61 10.00 -4.86
C ALA A 81 6.36 10.38 -3.58
N LEU A 82 6.90 9.38 -2.88
CA LEU A 82 7.70 9.59 -1.67
C LEU A 82 9.00 10.34 -1.97
N ILE A 83 9.62 10.00 -3.10
CA ILE A 83 10.86 10.63 -3.56
C ILE A 83 10.65 12.13 -3.82
N TYR A 84 9.61 12.48 -4.58
CA TYR A 84 9.32 13.88 -4.90
C TYR A 84 8.91 14.69 -3.65
N ASN A 85 8.14 14.04 -2.78
CA ASN A 85 7.69 14.65 -1.52
C ASN A 85 8.85 14.97 -0.57
N GLU A 86 9.80 14.03 -0.48
CA GLU A 86 10.97 14.18 0.38
C GLU A 86 11.90 15.30 -0.08
N ALA A 87 12.02 15.45 -1.40
CA ALA A 87 12.84 16.51 -2.00
C ALA A 87 12.30 17.90 -1.70
N LEU A 88 10.97 18.02 -1.73
CA LEU A 88 10.27 19.29 -1.49
C LEU A 88 10.35 19.75 -0.02
N LYS A 89 10.49 18.78 0.88
CA LYS A 89 10.61 19.07 2.31
C LYS A 89 12.00 19.61 2.64
N GLY A 90 13.03 18.90 2.18
CA GLY A 90 14.40 19.32 2.43
C GLY A 90 15.00 18.67 3.66
N ALA B 2 9.56 17.01 -17.25
CA ALA B 2 9.26 15.67 -16.75
C ALA B 2 8.37 14.87 -17.70
N SER B 3 8.53 13.55 -17.66
CA SER B 3 7.74 12.61 -18.47
C SER B 3 6.29 12.54 -17.99
N PRO B 4 5.36 12.05 -18.83
CA PRO B 4 3.92 11.98 -18.51
C PRO B 4 3.63 11.35 -17.14
N LEU B 5 4.34 10.27 -16.80
CA LEU B 5 4.11 9.57 -15.53
C LEU B 5 4.55 10.40 -14.31
N ASP B 6 5.75 10.99 -14.41
CA ASP B 6 6.29 11.86 -13.37
C ASP B 6 5.43 13.13 -13.16
N GLN B 7 4.88 13.62 -14.28
CA GLN B 7 4.00 14.80 -14.26
C GLN B 7 2.67 14.54 -13.53
N ALA B 8 2.08 13.38 -13.83
CA ALA B 8 0.84 12.94 -13.18
C ALA B 8 1.00 12.76 -11.66
N ILE B 9 2.07 12.07 -11.25
CA ILE B 9 2.41 11.90 -9.83
C ILE B 9 2.65 13.25 -9.15
N GLY B 10 3.37 14.13 -9.86
CA GLY B 10 3.67 15.48 -9.37
C GLY B 10 2.42 16.31 -9.14
N LEU B 11 1.43 16.12 -10.03
CA LEU B 11 0.13 16.79 -9.92
C LEU B 11 -0.61 16.30 -8.68
N LEU B 12 -0.61 14.98 -8.47
CA LEU B 12 -1.30 14.36 -7.33
C LEU B 12 -0.71 14.78 -5.98
N VAL B 13 0.61 14.91 -5.93
CA VAL B 13 1.32 15.37 -4.73
C VAL B 13 1.03 16.84 -4.46
N ALA B 14 0.95 17.62 -5.54
CA ALA B 14 0.65 19.06 -5.48
C ALA B 14 -0.76 19.33 -4.92
N ILE B 15 -1.71 18.47 -5.30
CA ILE B 15 -3.09 18.56 -4.80
C ILE B 15 -3.13 18.38 -3.28
N PHE B 16 -2.39 17.41 -2.77
CA PHE B 16 -2.35 17.10 -1.35
C PHE B 16 -1.95 18.34 -0.53
N HIS B 17 -0.84 18.96 -0.94
CA HIS B 17 -0.27 20.14 -0.27
C HIS B 17 -1.10 21.42 -0.49
N LYS B 18 -1.88 21.43 -1.57
CA LYS B 18 -2.80 22.54 -1.86
C LYS B 18 -3.84 22.73 -0.75
N TYR B 19 -4.17 21.62 -0.09
CA TYR B 19 -5.23 21.58 0.93
C TYR B 19 -4.70 21.33 2.36
N SER B 20 -3.62 20.56 2.48
CA SER B 20 -3.08 20.14 3.79
C SER B 20 -2.57 21.32 4.62
N GLY B 21 -2.07 22.37 3.96
CA GLY B 21 -1.42 23.50 4.64
C GLY B 21 -2.39 24.58 5.13
N ARG B 22 -3.70 24.40 4.91
CA ARG B 22 -4.70 25.46 5.18
C ARG B 22 -4.91 25.70 6.69
N GLU B 23 -4.95 24.62 7.47
CA GLU B 23 -5.16 24.69 8.92
C GLU B 23 -4.48 23.53 9.64
N GLY B 24 -4.33 23.67 10.96
CA GLY B 24 -3.67 22.66 11.79
C GLY B 24 -2.29 22.34 11.26
N ASP B 25 -1.93 21.06 11.30
CA ASP B 25 -0.64 20.61 10.77
C ASP B 25 -0.59 20.90 9.27
N LYS B 26 0.55 21.40 8.81
CA LYS B 26 0.75 21.78 7.42
C LYS B 26 0.83 20.58 6.47
N HIS B 27 1.23 19.42 6.98
CA HIS B 27 1.56 18.25 6.15
C HIS B 27 0.54 17.11 6.26
N THR B 28 -0.57 17.37 6.95
CA THR B 28 -1.63 16.37 7.11
C THR B 28 -2.98 16.98 6.79
N LEU B 29 -3.93 16.13 6.42
CA LEU B 29 -5.28 16.58 6.08
C LEU B 29 -6.23 16.38 7.25
N SER B 30 -6.78 17.48 7.74
CA SER B 30 -7.88 17.44 8.72
C SER B 30 -9.15 16.91 8.06
N LYS B 31 -10.19 16.65 8.86
CA LYS B 31 -11.50 16.24 8.35
C LYS B 31 -12.07 17.25 7.37
N LYS B 32 -11.85 18.53 7.70
CA LYS B 32 -12.29 19.67 6.89
C LYS B 32 -11.53 19.77 5.55
N GLU B 33 -10.21 19.66 5.63
CA GLU B 33 -9.33 19.74 4.45
C GLU B 33 -9.56 18.61 3.47
N LEU B 34 -9.69 17.39 4.04
CA LEU B 34 -9.90 16.19 3.23
C LEU B 34 -11.27 16.17 2.54
N LYS B 35 -12.30 16.64 3.24
CA LYS B 35 -13.64 16.72 2.67
C LYS B 35 -13.68 17.70 1.51
N GLU B 36 -12.99 18.80 1.70
CA GLU B 36 -12.82 19.83 0.70
C GLU B 36 -12.06 19.33 -0.54
N LEU B 37 -11.00 18.56 -0.27
CA LEU B 37 -10.20 17.93 -1.33
C LEU B 37 -11.09 17.01 -2.18
N ILE B 38 -11.89 16.18 -1.51
CA ILE B 38 -12.79 15.24 -2.18
C ILE B 38 -13.86 15.97 -3.01
N GLN B 39 -14.49 16.99 -2.41
CA GLN B 39 -15.60 17.71 -3.05
C GLN B 39 -15.15 18.54 -4.27
N LYS B 40 -13.88 18.94 -4.27
CA LYS B 40 -13.34 19.85 -5.29
C LYS B 40 -12.47 19.14 -6.34
N GLU B 41 -11.87 18.01 -5.96
CA GLU B 41 -10.86 17.35 -6.79
C GLU B 41 -11.36 16.00 -7.37
N LEU B 42 -12.33 15.39 -6.72
CA LEU B 42 -12.90 14.14 -7.17
C LEU B 42 -14.16 14.43 -8.01
N THR B 43 -14.25 13.80 -9.19
CA THR B 43 -15.33 14.05 -10.14
C THR B 43 -16.72 13.93 -9.51
N ILE B 44 -16.88 12.88 -8.69
CA ILE B 44 -18.16 12.58 -8.05
C ILE B 44 -18.22 13.07 -6.59
N GLY B 45 -17.15 13.75 -6.15
CA GLY B 45 -16.98 14.16 -4.76
C GLY B 45 -18.12 14.99 -4.21
N SER B 46 -18.54 16.00 -4.98
CA SER B 46 -19.62 16.92 -4.59
C SER B 46 -21.00 16.25 -4.53
N LYS B 47 -21.13 15.04 -5.07
CA LYS B 47 -22.42 14.34 -5.13
C LYS B 47 -22.55 13.23 -4.06
N LEU B 48 -21.46 12.93 -3.37
CA LEU B 48 -21.46 11.93 -2.30
C LEU B 48 -22.22 12.43 -1.08
N GLN B 49 -22.92 11.51 -0.43
CA GLN B 49 -23.55 11.78 0.86
C GLN B 49 -22.51 12.22 1.87
N ASP B 50 -22.88 13.12 2.79
CA ASP B 50 -21.97 13.58 3.85
C ASP B 50 -21.51 12.42 4.74
N ALA B 51 -22.46 11.51 5.02
CA ALA B 51 -22.21 10.30 5.81
C ALA B 51 -21.16 9.37 5.17
N GLU B 52 -21.20 9.29 3.83
CA GLU B 52 -20.27 8.45 3.07
C GLU B 52 -18.87 9.05 2.95
N ILE B 53 -18.77 10.38 2.84
CA ILE B 53 -17.49 11.08 2.90
C ILE B 53 -16.84 10.90 4.28
N ALA B 54 -17.69 10.97 5.31
CA ALA B 54 -17.25 10.80 6.70
C ALA B 54 -16.72 9.39 6.98
N ARG B 55 -17.37 8.39 6.38
CA ARG B 55 -16.95 7.00 6.49
C ARG B 55 -15.64 6.74 5.73
N LEU B 56 -15.56 7.37 4.56
CA LEU B 56 -14.35 7.34 3.72
C LEU B 56 -13.12 7.90 4.44
N MET B 57 -13.30 9.08 5.03
CA MET B 57 -12.23 9.76 5.77
C MET B 57 -11.84 9.00 7.04
N GLU B 58 -12.85 8.41 7.69
CA GLU B 58 -12.65 7.62 8.91
C GLU B 58 -11.76 6.41 8.64
N ASP B 59 -12.07 5.71 7.55
CA ASP B 59 -11.34 4.50 7.16
C ASP B 59 -9.91 4.80 6.68
N LEU B 60 -9.73 5.91 5.96
CA LEU B 60 -8.41 6.30 5.47
C LEU B 60 -7.46 6.48 6.66
N ASP B 61 -8.03 6.99 7.76
CA ASP B 61 -7.29 7.20 8.98
C ASP B 61 -7.09 5.86 9.70
N ARG B 62 -5.94 5.23 9.45
CA ARG B 62 -5.63 3.93 10.03
C ARG B 62 -4.98 4.05 11.41
N ASN B 63 -4.11 5.04 11.58
CA ASN B 63 -3.43 5.25 12.86
C ASN B 63 -4.40 5.81 13.91
N LYS B 64 -5.53 6.35 13.43
CA LYS B 64 -6.58 6.91 14.29
C LYS B 64 -6.11 8.13 15.07
N ASP B 65 -5.60 9.14 14.37
CA ASP B 65 -5.17 10.38 15.00
C ASP B 65 -5.99 11.55 14.44
N GLN B 66 -7.03 11.19 13.70
CA GLN B 66 -7.96 12.15 13.06
C GLN B 66 -7.32 12.95 11.93
N GLU B 67 -6.11 12.54 11.52
CA GLU B 67 -5.37 13.20 10.45
C GLU B 67 -4.97 12.21 9.34
N VAL B 68 -5.23 12.59 8.09
CA VAL B 68 -4.91 11.78 6.92
C VAL B 68 -3.61 12.29 6.30
N ASN B 69 -2.54 11.57 6.58
CA ASN B 69 -1.22 11.92 6.06
C ASN B 69 -1.12 11.56 4.60
N PHE B 70 0.06 11.75 4.01
CA PHE B 70 0.24 11.44 2.59
C PHE B 70 0.09 9.93 2.27
N GLN B 71 0.62 9.09 3.17
CA GLN B 71 0.54 7.65 3.01
C GLN B 71 -0.91 7.16 2.99
N GLU B 72 -1.75 7.75 3.85
CA GLU B 72 -3.16 7.41 3.92
C GLU B 72 -3.88 7.92 2.67
N TYR B 73 -3.41 9.07 2.18
CA TYR B 73 -3.92 9.66 0.95
C TYR B 73 -3.69 8.77 -0.28
N VAL B 74 -2.54 8.08 -0.29
CA VAL B 74 -2.21 7.13 -1.36
C VAL B 74 -3.20 5.96 -1.37
N THR B 75 -3.67 5.54 -0.19
CA THR B 75 -4.69 4.49 -0.07
C THR B 75 -5.95 4.88 -0.85
N PHE B 76 -6.30 6.17 -0.75
CA PHE B 76 -7.43 6.75 -1.50
C PHE B 76 -7.19 6.68 -3.02
N LEU B 77 -5.98 7.06 -3.45
CA LEU B 77 -5.58 6.97 -4.86
C LEU B 77 -5.65 5.55 -5.39
N GLY B 78 -5.22 4.61 -4.55
CA GLY B 78 -5.24 3.19 -4.87
C GLY B 78 -6.66 2.65 -5.02
N ALA B 79 -7.57 3.17 -4.19
CA ALA B 79 -9.00 2.82 -4.24
C ALA B 79 -9.67 3.33 -5.53
N LEU B 80 -9.30 4.55 -5.93
CA LEU B 80 -9.78 5.15 -7.18
C LEU B 80 -9.31 4.39 -8.41
N ALA B 81 -8.05 3.96 -8.37
CA ALA B 81 -7.42 3.18 -9.43
C ALA B 81 -8.07 1.80 -9.62
N LEU B 82 -8.38 1.16 -8.48
CA LEU B 82 -9.07 -0.14 -8.48
C LEU B 82 -10.48 -0.05 -9.07
N ILE B 83 -11.17 1.05 -8.75
CA ILE B 83 -12.53 1.31 -9.25
C ILE B 83 -12.54 1.43 -10.78
N TYR B 84 -11.64 2.26 -11.32
CA TYR B 84 -11.56 2.45 -12.77
C TYR B 84 -11.12 1.19 -13.52
N ASN B 85 -10.19 0.47 -12.91
CA ASN B 85 -9.68 -0.79 -13.47
C ASN B 85 -10.76 -1.89 -13.53
N GLU B 86 -11.56 -1.98 -12.48
CA GLU B 86 -12.63 -2.96 -12.38
C GLU B 86 -13.76 -2.71 -13.40
N ALA B 87 -14.04 -1.43 -13.66
CA ALA B 87 -15.05 -1.02 -14.63
C ALA B 87 -14.65 -1.41 -16.07
N LEU B 88 -13.36 -1.25 -16.36
CA LEU B 88 -12.80 -1.55 -17.69
C LEU B 88 -12.77 -3.05 -18.00
N LYS B 89 -12.64 -3.88 -16.96
CA LYS B 89 -12.62 -5.34 -17.12
C LYS B 89 -14.01 -5.88 -17.45
N GLY B 90 -15.03 -5.32 -16.81
CA GLY B 90 -16.40 -5.75 -17.07
C GLY B 90 -16.89 -6.77 -16.05
N ALA C 1 -21.05 -7.09 -16.24
CA ALA C 1 -21.28 -8.49 -15.83
C ALA C 1 -21.11 -9.44 -17.01
N MET C 2 -20.24 -10.43 -16.86
CA MET C 2 -19.98 -11.40 -17.92
C MET C 2 -20.17 -12.82 -17.40
N ALA C 3 -20.82 -13.66 -18.22
CA ALA C 3 -21.07 -15.05 -17.85
C ALA C 3 -21.17 -15.93 -19.10
N GLN C 4 -20.62 -17.14 -19.00
CA GLN C 4 -20.65 -18.08 -20.11
C GLN C 4 -21.92 -18.93 -20.07
N ASN C 5 -22.53 -19.13 -21.24
CA ASN C 5 -23.75 -19.93 -21.33
C ASN C 5 -23.41 -21.42 -21.49
N ILE C 6 -23.70 -22.20 -20.45
CA ILE C 6 -23.44 -23.63 -20.48
C ILE C 6 -24.68 -24.43 -20.11
N THR C 7 -25.06 -25.36 -20.98
CA THR C 7 -26.23 -26.20 -20.74
C THR C 7 -25.84 -27.49 -20.02
N ALA C 8 -26.68 -27.91 -19.09
CA ALA C 8 -26.43 -29.12 -18.33
C ALA C 8 -27.73 -29.83 -18.01
N ARG C 9 -27.62 -31.12 -17.65
CA ARG C 9 -28.79 -31.92 -17.32
C ARG C 9 -28.82 -32.26 -15.83
N ILE C 10 -30.00 -32.18 -15.23
CA ILE C 10 -30.16 -32.48 -13.81
C ILE C 10 -29.74 -33.91 -13.49
N GLY C 11 -28.93 -34.08 -12.46
CA GLY C 11 -28.47 -35.39 -12.05
C GLY C 11 -27.39 -35.96 -12.95
N GLU C 12 -26.93 -35.16 -13.91
CA GLU C 12 -25.87 -35.60 -14.82
C GLU C 12 -24.51 -35.09 -14.36
N PRO C 13 -23.47 -35.96 -14.38
CA PRO C 13 -22.12 -35.57 -13.97
C PRO C 13 -21.52 -34.54 -14.91
N LEU C 14 -20.78 -33.58 -14.35
CA LEU C 14 -20.15 -32.54 -15.14
C LEU C 14 -18.75 -32.21 -14.62
N VAL C 15 -17.81 -32.03 -15.54
CA VAL C 15 -16.43 -31.72 -15.17
C VAL C 15 -15.96 -30.44 -15.84
N LEU C 16 -15.29 -29.59 -15.07
CA LEU C 16 -14.79 -28.32 -15.59
C LEU C 16 -13.44 -27.97 -14.99
N LYS C 17 -12.63 -27.22 -15.72
CA LYS C 17 -11.31 -26.82 -15.25
C LYS C 17 -11.29 -25.33 -14.90
N CYS C 18 -10.89 -25.03 -13.67
CA CYS C 18 -10.82 -23.65 -13.20
C CYS C 18 -9.40 -23.29 -12.78
N LYS C 19 -8.56 -22.99 -13.77
CA LYS C 19 -7.16 -22.63 -13.50
C LYS C 19 -7.09 -21.31 -12.72
N GLY C 20 -5.86 -20.85 -12.48
CA GLY C 20 -5.67 -19.61 -11.76
C GLY C 20 -4.38 -19.61 -10.96
N ALA C 21 -4.08 -20.73 -10.32
CA ALA C 21 -2.87 -20.85 -9.52
C ALA C 21 -1.62 -20.68 -10.38
N PRO C 22 -0.78 -19.66 -10.11
CA PRO C 22 0.46 -19.43 -10.88
C PRO C 22 1.47 -20.57 -10.77
N LYS C 23 2.66 -20.37 -11.37
CA LYS C 23 3.72 -21.38 -11.36
C LYS C 23 4.24 -21.64 -9.94
N LYS C 24 3.98 -20.71 -9.03
CA LYS C 24 4.42 -20.84 -7.64
C LYS C 24 3.69 -21.99 -6.95
N PRO C 25 4.17 -22.43 -5.76
CA PRO C 25 3.54 -23.50 -4.99
C PRO C 25 2.05 -23.26 -4.78
N PRO C 26 1.31 -24.29 -4.31
CA PRO C 26 -0.13 -24.18 -4.07
C PRO C 26 -0.46 -23.03 -3.12
N GLN C 27 -1.01 -21.95 -3.68
CA GLN C 27 -1.38 -20.79 -2.90
C GLN C 27 -2.82 -20.89 -2.39
N ARG C 28 -3.28 -19.84 -1.73
CA ARG C 28 -4.64 -19.83 -1.19
C ARG C 28 -5.67 -19.81 -2.32
N LEU C 29 -6.92 -20.14 -1.99
CA LEU C 29 -7.99 -20.14 -2.98
C LEU C 29 -9.34 -20.03 -2.29
N GLU C 30 -10.27 -19.30 -2.92
CA GLU C 30 -11.60 -19.11 -2.37
C GLU C 30 -12.67 -19.33 -3.45
N TRP C 31 -13.72 -20.05 -3.09
CA TRP C 31 -14.81 -20.34 -4.00
C TRP C 31 -16.00 -19.43 -3.74
N LYS C 32 -16.53 -18.83 -4.80
CA LYS C 32 -17.68 -17.94 -4.68
C LYS C 32 -18.60 -18.08 -5.89
N LEU C 33 -19.91 -18.02 -5.64
CA LEU C 33 -20.89 -18.13 -6.72
C LEU C 33 -22.12 -17.29 -6.41
N ASN C 34 -22.71 -16.70 -7.45
CA ASN C 34 -23.89 -15.87 -7.31
C ASN C 34 -25.13 -16.57 -7.84
N THR C 35 -26.15 -16.70 -7.00
CA THR C 35 -27.39 -17.33 -7.40
C THR C 35 -28.58 -16.72 -6.67
N GLY C 36 -29.77 -17.21 -7.00
CA GLY C 36 -30.98 -16.70 -6.36
C GLY C 36 -30.97 -16.91 -4.87
N ARG C 37 -30.75 -18.15 -4.44
CA ARG C 37 -30.72 -18.47 -3.02
C ARG C 37 -29.30 -18.79 -2.56
N THR C 38 -28.51 -19.35 -3.47
CA THR C 38 -27.13 -19.69 -3.17
C THR C 38 -27.05 -20.74 -2.04
N GLU C 39 -26.76 -21.98 -2.42
CA GLU C 39 -26.66 -23.06 -1.44
C GLU C 39 -25.51 -24.00 -1.80
N ALA C 40 -24.61 -23.54 -2.65
CA ALA C 40 -23.46 -24.35 -3.06
C ALA C 40 -22.14 -23.65 -2.75
N TRP C 41 -22.19 -22.35 -2.48
CA TRP C 41 -20.99 -21.58 -2.16
C TRP C 41 -20.27 -22.18 -0.96
N LYS C 42 -19.05 -22.67 -1.20
CA LYS C 42 -18.24 -23.27 -0.13
C LYS C 42 -16.83 -22.70 -0.16
N VAL C 43 -16.14 -22.77 0.98
CA VAL C 43 -14.77 -22.28 1.08
C VAL C 43 -13.77 -23.41 0.85
N LEU C 44 -13.02 -23.32 -0.24
CA LEU C 44 -12.03 -24.33 -0.59
C LEU C 44 -10.66 -23.95 -0.02
N SER C 45 -9.97 -24.94 0.55
CA SER C 45 -8.65 -24.72 1.12
C SER C 45 -7.67 -25.78 0.62
N PRO C 46 -6.38 -25.43 0.51
CA PRO C 46 -5.34 -26.34 0.04
C PRO C 46 -5.07 -27.46 1.02
N GLN C 47 -5.60 -27.33 2.24
CA GLN C 47 -5.41 -28.34 3.27
C GLN C 47 -6.65 -28.45 4.16
N GLY C 48 -7.70 -29.09 3.64
CA GLY C 48 -8.92 -29.24 4.39
C GLY C 48 -10.15 -29.34 3.50
N GLY C 49 -11.26 -29.80 4.07
CA GLY C 49 -12.48 -29.93 3.30
C GLY C 49 -13.71 -29.57 4.12
N GLY C 50 -14.84 -29.39 3.43
CA GLY C 50 -16.07 -29.05 4.12
C GLY C 50 -17.26 -29.84 3.61
N PRO C 51 -18.48 -29.29 3.66
CA PRO C 51 -19.69 -29.95 3.20
C PRO C 51 -19.72 -30.12 1.68
N TRP C 52 -19.43 -29.04 0.97
CA TRP C 52 -19.43 -29.06 -0.49
C TRP C 52 -18.44 -30.10 -1.02
N ASP C 53 -17.47 -30.49 -0.18
CA ASP C 53 -16.48 -31.47 -0.58
C ASP C 53 -17.13 -32.77 -1.01
N SER C 54 -18.25 -33.10 -0.37
CA SER C 54 -18.98 -34.32 -0.69
C SER C 54 -19.86 -34.14 -1.93
N VAL C 55 -20.21 -32.89 -2.22
CA VAL C 55 -21.03 -32.56 -3.38
C VAL C 55 -20.16 -32.42 -4.63
N ALA C 56 -18.94 -31.95 -4.45
CA ALA C 56 -18.01 -31.76 -5.56
C ALA C 56 -16.58 -31.62 -5.06
N ARG C 57 -15.64 -32.18 -5.81
CA ARG C 57 -14.23 -32.14 -5.43
C ARG C 57 -13.40 -31.47 -6.53
N VAL C 58 -12.17 -31.09 -6.18
CA VAL C 58 -11.27 -30.44 -7.13
C VAL C 58 -10.11 -31.36 -7.48
N LEU C 59 -9.89 -31.56 -8.78
CA LEU C 59 -8.81 -32.42 -9.24
C LEU C 59 -7.45 -31.76 -9.01
N PRO C 60 -6.39 -32.57 -8.82
CA PRO C 60 -5.04 -32.06 -8.59
C PRO C 60 -4.62 -31.02 -9.62
N ASN C 61 -5.22 -31.08 -10.81
CA ASN C 61 -4.92 -30.15 -11.87
C ASN C 61 -5.73 -28.86 -11.75
N GLY C 62 -6.48 -28.73 -10.66
CA GLY C 62 -7.30 -27.55 -10.45
C GLY C 62 -8.59 -27.60 -11.23
N SER C 63 -9.22 -28.77 -11.24
CA SER C 63 -10.48 -28.95 -11.96
C SER C 63 -11.65 -29.08 -10.99
N LEU C 64 -12.81 -29.43 -11.52
CA LEU C 64 -14.00 -29.60 -10.69
C LEU C 64 -14.95 -30.62 -11.31
N PHE C 65 -15.31 -31.63 -10.51
CA PHE C 65 -16.21 -32.69 -10.98
C PHE C 65 -17.36 -32.88 -10.01
N LEU C 66 -18.58 -32.97 -10.54
CA LEU C 66 -19.77 -33.17 -9.72
C LEU C 66 -20.43 -34.52 -10.04
N PRO C 67 -20.70 -35.35 -9.01
CA PRO C 67 -21.34 -36.65 -9.20
C PRO C 67 -22.65 -36.55 -9.96
N ALA C 68 -23.38 -35.46 -9.73
CA ALA C 68 -24.65 -35.24 -10.39
C ALA C 68 -25.13 -33.80 -10.20
N VAL C 69 -25.02 -33.00 -11.26
CA VAL C 69 -25.44 -31.60 -11.21
C VAL C 69 -26.95 -31.49 -11.27
N GLY C 70 -27.55 -30.96 -10.20
CA GLY C 70 -28.99 -30.81 -10.15
C GLY C 70 -29.43 -29.35 -10.16
N ILE C 71 -30.65 -29.11 -9.70
CA ILE C 71 -31.18 -27.74 -9.67
C ILE C 71 -30.41 -26.88 -8.68
N GLN C 72 -29.95 -27.51 -7.60
CA GLN C 72 -29.18 -26.79 -6.58
C GLN C 72 -27.85 -26.30 -7.14
N ASP C 73 -27.31 -27.02 -8.11
CA ASP C 73 -26.05 -26.65 -8.74
C ASP C 73 -26.25 -25.52 -9.73
N GLU C 74 -27.48 -25.29 -10.16
CA GLU C 74 -27.80 -24.23 -11.11
C GLU C 74 -27.20 -22.90 -10.67
N GLY C 75 -27.40 -21.87 -11.48
CA GLY C 75 -26.87 -20.57 -11.16
C GLY C 75 -25.58 -20.27 -11.88
N ILE C 76 -24.74 -19.42 -11.29
CA ILE C 76 -23.47 -19.05 -11.90
C ILE C 76 -22.32 -19.30 -10.93
N PHE C 77 -21.27 -19.97 -11.41
CA PHE C 77 -20.11 -20.26 -10.59
C PHE C 77 -18.99 -19.26 -10.87
N ARG C 78 -18.15 -19.02 -9.86
CA ARG C 78 -17.05 -18.08 -10.01
C ARG C 78 -15.82 -18.55 -9.23
N CYS C 79 -14.65 -18.34 -9.80
CA CYS C 79 -13.40 -18.71 -9.18
C CYS C 79 -12.65 -17.49 -8.66
N GLN C 80 -11.82 -17.68 -7.64
CA GLN C 80 -11.06 -16.58 -7.06
C GLN C 80 -9.85 -17.10 -6.30
N ALA C 81 -8.79 -16.29 -6.26
CA ALA C 81 -7.57 -16.65 -5.58
C ALA C 81 -7.06 -15.49 -4.72
N MET C 82 -6.22 -15.80 -3.74
CA MET C 82 -5.67 -14.79 -2.85
C MET C 82 -4.16 -14.93 -2.71
N ASN C 83 -3.41 -13.96 -3.22
CA ASN C 83 -1.96 -13.99 -3.15
C ASN C 83 -1.46 -13.01 -2.07
N ARG C 84 -0.16 -12.73 -2.09
CA ARG C 84 0.45 -11.82 -1.11
C ARG C 84 -0.02 -10.39 -1.32
N ASN C 85 -0.19 -10.00 -2.58
CA ASN C 85 -0.64 -8.64 -2.91
C ASN C 85 -2.17 -8.61 -3.04
N GLY C 86 -2.73 -9.68 -3.59
CA GLY C 86 -4.17 -9.76 -3.76
C GLY C 86 -4.57 -10.02 -5.21
N LYS C 87 -3.77 -10.82 -5.90
CA LYS C 87 -4.05 -11.15 -7.30
C LYS C 87 -5.11 -12.25 -7.38
N GLU C 88 -6.31 -11.86 -7.83
CA GLU C 88 -7.42 -12.79 -7.94
C GLU C 88 -7.82 -13.02 -9.39
N THR C 89 -8.53 -14.13 -9.64
CA THR C 89 -8.99 -14.45 -10.98
C THR C 89 -10.49 -14.17 -11.10
N LYS C 90 -10.87 -13.45 -12.15
CA LYS C 90 -12.28 -13.10 -12.39
C LYS C 90 -12.84 -13.88 -13.57
N SER C 91 -13.90 -14.66 -13.31
CA SER C 91 -14.53 -15.48 -14.34
C SER C 91 -15.86 -16.05 -13.82
N ASN C 92 -16.94 -15.78 -14.56
CA ASN C 92 -18.26 -16.27 -14.18
C ASN C 92 -18.89 -17.09 -15.30
N TYR C 93 -19.29 -18.31 -14.98
CA TYR C 93 -19.92 -19.19 -15.95
C TYR C 93 -21.38 -19.47 -15.60
N ARG C 94 -22.27 -19.18 -16.53
CA ARG C 94 -23.70 -19.39 -16.32
C ARG C 94 -24.09 -20.81 -16.67
N VAL C 95 -24.62 -21.53 -15.68
CA VAL C 95 -25.04 -22.92 -15.89
C VAL C 95 -26.51 -23.12 -15.56
N ARG C 96 -27.23 -23.81 -16.44
CA ARG C 96 -28.65 -24.07 -16.24
C ARG C 96 -29.00 -25.49 -16.64
N VAL C 97 -29.94 -26.08 -15.92
CA VAL C 97 -30.37 -27.45 -16.20
C VAL C 97 -31.60 -27.48 -17.09
N TYR C 98 -31.85 -28.63 -17.72
CA TYR C 98 -33.00 -28.77 -18.61
C TYR C 98 -34.30 -28.36 -17.92
N GLN C 99 -34.81 -29.23 -17.07
CA GLN C 99 -36.06 -28.95 -16.35
C GLN C 99 -35.80 -28.05 -15.14
N ILE C 100 -36.52 -26.94 -15.07
CA ILE C 100 -36.37 -26.00 -13.97
C ILE C 100 -37.65 -25.90 -13.16
N PRO C 101 -37.57 -25.35 -11.93
CA PRO C 101 -38.73 -25.20 -11.06
C PRO C 101 -39.71 -24.16 -11.57
N ALA D 1 19.39 19.44 4.15
CA ALA D 1 19.84 19.11 5.53
C ALA D 1 19.63 20.29 6.47
N MET D 2 18.89 20.05 7.55
CA MET D 2 18.61 21.10 8.52
C MET D 2 19.04 20.67 9.92
N ALA D 3 19.64 21.60 10.65
CA ALA D 3 20.10 21.33 12.02
C ALA D 3 20.16 22.62 12.84
N GLN D 4 19.79 22.51 14.11
CA GLN D 4 19.78 23.65 15.01
C GLN D 4 21.14 23.81 15.69
N ASN D 5 21.62 25.06 15.77
CA ASN D 5 22.90 25.33 16.42
C ASN D 5 22.73 25.51 17.91
N ILE D 6 23.25 24.57 18.69
CA ILE D 6 23.15 24.62 20.14
C ILE D 6 24.52 24.44 20.79
N THR D 7 24.90 25.40 21.64
CA THR D 7 26.19 25.34 22.33
C THR D 7 26.05 24.64 23.67
N ALA D 8 27.05 23.83 24.01
CA ALA D 8 27.05 23.11 25.26
C ALA D 8 28.46 22.98 25.82
N ARG D 9 28.56 22.67 27.11
CA ARG D 9 29.85 22.52 27.77
C ARG D 9 30.10 21.07 28.15
N ILE D 10 31.33 20.61 27.94
CA ILE D 10 31.71 19.23 28.26
C ILE D 10 31.52 18.93 29.74
N GLY D 11 30.87 17.81 30.03
CA GLY D 11 30.64 17.42 31.41
C GLY D 11 29.52 18.19 32.08
N GLU D 12 28.85 19.06 31.33
CA GLU D 12 27.75 19.85 31.86
C GLU D 12 26.39 19.21 31.55
N PRO D 13 25.49 19.15 32.54
CA PRO D 13 24.17 18.55 32.34
C PRO D 13 23.31 19.36 31.37
N LEU D 14 22.55 18.67 30.54
CA LEU D 14 21.70 19.34 29.55
C LEU D 14 20.35 18.63 29.43
N VAL D 15 19.28 19.42 29.34
CA VAL D 15 17.94 18.87 29.21
C VAL D 15 17.23 19.42 27.98
N LEU D 16 16.56 18.54 27.25
CA LEU D 16 15.84 18.94 26.05
C LEU D 16 14.55 18.15 25.89
N LYS D 17 13.57 18.76 25.23
CA LYS D 17 12.28 18.10 25.01
C LYS D 17 12.12 17.68 23.55
N CYS D 18 11.84 16.40 23.33
CA CYS D 18 11.66 15.87 21.99
C CYS D 18 10.28 15.26 21.83
N LYS D 19 9.28 16.12 21.61
CA LYS D 19 7.91 15.67 21.43
C LYS D 19 7.77 14.83 20.17
N GLY D 20 6.53 14.42 19.87
CA GLY D 20 6.28 13.62 18.69
C GLY D 20 5.12 12.67 18.87
N ALA D 21 5.04 12.05 20.04
CA ALA D 21 3.96 11.11 20.35
C ALA D 21 2.60 11.80 20.31
N PRO D 22 1.68 11.38 19.42
CA PRO D 22 0.34 11.99 19.32
C PRO D 22 -0.50 11.81 20.59
N LYS D 23 -1.77 12.25 20.52
CA LYS D 23 -2.68 12.17 21.65
C LYS D 23 -3.00 10.71 22.03
N LYS D 24 -2.75 9.79 21.09
CA LYS D 24 -2.99 8.37 21.31
C LYS D 24 -2.03 7.82 22.39
N PRO D 25 -2.30 6.59 22.92
CA PRO D 25 -1.45 5.96 23.94
C PRO D 25 0.02 5.93 23.50
N PRO D 26 0.94 5.61 24.44
CA PRO D 26 2.37 5.54 24.16
C PRO D 26 2.69 4.59 23.00
N GLN D 27 3.00 5.16 21.85
CA GLN D 27 3.33 4.37 20.67
C GLN D 27 4.82 4.05 20.61
N ARG D 28 5.23 3.40 19.53
CA ARG D 28 6.64 3.03 19.35
C ARG D 28 7.50 4.28 19.17
N LEU D 29 8.81 4.11 19.35
CA LEU D 29 9.75 5.21 19.18
C LEU D 29 11.16 4.70 18.92
N GLU D 30 11.89 5.41 18.06
CA GLU D 30 13.25 5.02 17.71
C GLU D 30 14.18 6.21 17.77
N TRP D 31 15.35 6.02 18.35
CA TRP D 31 16.35 7.08 18.48
C TRP D 31 17.44 6.93 17.43
N LYS D 32 17.77 8.01 16.75
CA LYS D 32 18.80 7.99 15.72
C LYS D 32 19.57 9.32 15.70
N LEU D 33 20.88 9.22 15.48
CA LEU D 33 21.73 10.41 15.43
C LEU D 33 22.87 10.22 14.44
N ASN D 34 23.24 11.30 13.76
CA ASN D 34 24.32 11.26 12.78
C ASN D 34 25.56 11.97 13.31
N THR D 35 26.69 11.27 13.33
CA THR D 35 27.94 11.85 13.79
C THR D 35 29.13 11.24 13.05
N GLY D 36 30.32 11.74 13.37
CA GLY D 36 31.52 11.23 12.73
C GLY D 36 31.74 9.75 12.98
N ARG D 37 31.73 9.37 14.25
CA ARG D 37 31.91 7.97 14.62
C ARG D 37 30.60 7.35 15.13
N THR D 38 29.77 8.18 15.76
CA THR D 38 28.50 7.73 16.29
C THR D 38 28.70 6.65 17.36
N GLU D 39 28.52 7.04 18.61
CA GLU D 39 28.68 6.12 19.73
C GLU D 39 27.61 6.37 20.80
N ALA D 40 26.56 7.08 20.44
CA ALA D 40 25.48 7.39 21.37
C ALA D 40 24.13 6.88 20.86
N TRP D 41 24.06 6.55 19.57
CA TRP D 41 22.82 6.06 18.97
C TRP D 41 22.34 4.80 19.70
N LYS D 42 21.17 4.92 20.32
CA LYS D 42 20.58 3.80 21.05
C LYS D 42 19.11 3.63 20.68
N VAL D 43 18.59 2.41 20.87
CA VAL D 43 17.20 2.12 20.56
C VAL D 43 16.32 2.28 21.81
N LEU D 44 15.43 3.26 21.77
CA LEU D 44 14.54 3.53 22.89
C LEU D 44 13.22 2.79 22.71
N SER D 45 12.73 2.18 23.80
CA SER D 45 11.48 1.45 23.76
C SER D 45 10.58 1.86 24.93
N PRO D 46 9.25 1.81 24.74
CA PRO D 46 8.28 2.19 25.75
C PRO D 46 8.28 1.22 26.94
N GLN D 47 8.94 0.09 26.78
CA GLN D 47 9.01 -0.91 27.83
C GLN D 47 10.36 -1.63 27.80
N GLY D 48 11.40 -0.96 28.29
CA GLY D 48 12.73 -1.55 28.30
C GLY D 48 13.83 -0.52 28.22
N GLY D 49 15.04 -0.92 28.54
CA GLY D 49 16.17 -0.01 28.49
C GLY D 49 17.44 -0.67 28.01
N GLY D 50 18.43 0.13 27.67
CA GLY D 50 19.69 -0.41 27.19
C GLY D 50 20.90 0.27 27.82
N PRO D 51 22.04 0.34 27.10
CA PRO D 51 23.25 0.97 27.60
C PRO D 51 23.12 2.50 27.71
N TRP D 52 22.60 3.12 26.66
CA TRP D 52 22.42 4.56 26.64
C TRP D 52 21.50 5.01 27.78
N ASP D 53 20.71 4.09 28.31
CA ASP D 53 19.79 4.40 29.40
C ASP D 53 20.55 4.97 30.59
N SER D 54 21.76 4.48 30.79
CA SER D 54 22.60 4.94 31.90
C SER D 54 23.27 6.26 31.57
N VAL D 55 23.43 6.54 30.28
CA VAL D 55 24.05 7.78 29.82
C VAL D 55 23.03 8.90 29.75
N ALA D 56 21.79 8.55 29.44
CA ALA D 56 20.71 9.54 29.34
C ALA D 56 19.35 8.86 29.41
N ARG D 57 18.40 9.52 30.05
CA ARG D 57 17.06 8.96 30.20
C ARG D 57 16.02 9.92 29.61
N VAL D 58 14.80 9.41 29.40
CA VAL D 58 13.72 10.20 28.85
C VAL D 58 12.65 10.46 29.90
N LEU D 59 12.28 11.72 30.08
CA LEU D 59 11.26 12.10 31.07
C LEU D 59 9.87 11.67 30.58
N PRO D 60 8.95 11.39 31.53
CA PRO D 60 7.59 10.97 31.20
C PRO D 60 6.93 11.90 30.19
N ASN D 61 7.38 13.15 30.14
CA ASN D 61 6.82 14.12 29.23
C ASN D 61 7.49 14.03 27.86
N GLY D 62 8.35 13.05 27.66
CA GLY D 62 9.02 12.88 26.40
C GLY D 62 10.21 13.81 26.25
N SER D 63 10.98 13.96 27.33
CA SER D 63 12.15 14.83 27.32
C SER D 63 13.43 14.02 27.33
N LEU D 64 14.55 14.71 27.52
CA LEU D 64 15.85 14.05 27.56
C LEU D 64 16.83 14.81 28.44
N PHE D 65 17.40 14.12 29.41
CA PHE D 65 18.36 14.73 30.32
C PHE D 65 19.65 13.91 30.40
N LEU D 66 20.79 14.60 30.33
CA LEU D 66 22.08 13.94 30.39
C LEU D 66 22.86 14.40 31.62
N PRO D 67 23.36 13.45 32.44
CA PRO D 67 24.13 13.77 33.67
C PRO D 67 25.31 14.69 33.36
N ALA D 68 25.93 14.49 32.20
CA ALA D 68 27.06 15.30 31.79
C ALA D 68 27.38 15.10 30.32
N VAL D 69 27.03 16.10 29.51
CA VAL D 69 27.29 16.05 28.07
C VAL D 69 28.76 16.28 27.76
N GLY D 70 29.42 15.27 27.19
CA GLY D 70 30.81 15.39 26.86
C GLY D 70 31.06 15.38 25.36
N ILE D 71 32.29 15.08 24.97
CA ILE D 71 32.66 15.04 23.55
C ILE D 71 31.92 13.91 22.83
N GLN D 72 31.66 12.82 23.54
CA GLN D 72 30.96 11.69 22.96
C GLN D 72 29.53 12.05 22.62
N ASP D 73 28.96 12.99 23.38
CA ASP D 73 27.59 13.44 23.16
C ASP D 73 27.52 14.39 21.98
N GLU D 74 28.66 14.95 21.58
CA GLU D 74 28.71 15.89 20.45
C GLU D 74 28.02 15.31 19.23
N GLY D 75 27.98 16.10 18.15
CA GLY D 75 27.34 15.66 16.94
C GLY D 75 25.94 16.20 16.79
N ILE D 76 25.09 15.48 16.08
CA ILE D 76 23.72 15.91 15.86
C ILE D 76 22.73 14.82 16.28
N PHE D 77 21.73 15.20 17.06
CA PHE D 77 20.72 14.26 17.53
C PHE D 77 19.46 14.36 16.67
N ARG D 78 18.74 13.25 16.57
CA ARG D 78 17.52 13.21 15.77
C ARG D 78 16.46 12.31 16.41
N CYS D 79 15.20 12.72 16.33
CA CYS D 79 14.10 11.96 16.89
C CYS D 79 13.29 11.30 15.79
N GLN D 80 12.62 10.20 16.10
CA GLN D 80 11.82 9.48 15.13
C GLN D 80 10.78 8.60 15.82
N ALA D 81 9.65 8.41 15.15
CA ALA D 81 8.57 7.58 15.70
C ALA D 81 8.04 6.62 14.64
N MET D 82 7.37 5.57 15.09
CA MET D 82 6.82 4.58 14.16
C MET D 82 5.37 4.25 14.52
N ASN D 83 4.46 4.62 13.63
CA ASN D 83 3.04 4.37 13.84
C ASN D 83 2.56 3.21 12.96
N ARG D 84 1.24 3.07 12.82
CA ARG D 84 0.66 2.00 12.01
C ARG D 84 0.94 2.19 10.52
N ASN D 85 0.89 3.44 10.06
CA ASN D 85 1.14 3.74 8.65
C ASN D 85 2.62 4.04 8.42
N GLY D 86 3.22 4.77 9.35
CA GLY D 86 4.62 5.11 9.24
C GLY D 86 4.87 6.59 9.45
N LYS D 87 4.06 7.22 10.29
CA LYS D 87 4.19 8.65 10.57
C LYS D 87 5.38 8.88 11.51
N GLU D 88 6.44 9.45 10.97
CA GLU D 88 7.65 9.71 11.77
C GLU D 88 7.92 11.21 11.89
N THR D 89 8.69 11.59 12.91
CA THR D 89 9.02 12.99 13.12
C THR D 89 10.46 13.28 12.69
N LYS D 90 10.63 14.33 11.88
CA LYS D 90 11.96 14.71 11.37
C LYS D 90 12.46 15.97 12.06
N SER D 91 13.63 15.88 12.70
CA SER D 91 14.21 17.02 13.40
C SER D 91 15.65 16.71 13.82
N ASN D 92 16.58 17.57 13.40
CA ASN D 92 17.99 17.38 13.71
C ASN D 92 18.56 18.61 14.42
N TYR D 93 19.16 18.38 15.59
CA TYR D 93 19.75 19.47 16.37
C TYR D 93 21.26 19.32 16.45
N ARG D 94 21.98 20.36 16.04
CA ARG D 94 23.44 20.34 16.06
C ARG D 94 23.95 20.80 17.43
N VAL D 95 24.70 19.92 18.09
CA VAL D 95 25.25 20.23 19.41
C VAL D 95 26.77 20.10 19.42
N ARG D 96 27.44 21.10 20.00
CA ARG D 96 28.89 21.11 20.08
C ARG D 96 29.36 21.61 21.42
N VAL D 97 30.46 21.04 21.91
CA VAL D 97 31.01 21.42 23.22
C VAL D 97 32.11 22.47 23.06
N TYR D 98 32.40 23.17 24.15
CA TYR D 98 33.43 24.21 24.13
C TYR D 98 34.75 23.68 23.57
N GLN D 99 35.49 22.94 24.39
CA GLN D 99 36.76 22.37 23.98
C GLN D 99 36.55 21.11 23.15
N ILE D 100 37.14 21.09 21.96
CA ILE D 100 37.02 19.94 21.07
C ILE D 100 38.38 19.30 20.82
N PRO D 101 38.39 18.04 20.32
CA PRO D 101 39.64 17.32 20.04
C PRO D 101 40.41 17.92 18.87
N ALA A 2 -12.72 6.97 20.08
CA ALA A 2 -12.49 6.91 18.62
C ALA A 2 -13.43 5.90 17.97
N SER A 3 -13.76 6.12 16.71
CA SER A 3 -14.66 5.24 15.98
C SER A 3 -13.95 3.92 15.64
N PRO A 4 -14.73 2.86 15.32
CA PRO A 4 -14.18 1.53 15.00
C PRO A 4 -12.99 1.55 14.04
N LEU A 5 -13.07 2.36 12.99
CA LEU A 5 -12.01 2.45 12.01
C LEU A 5 -10.71 2.93 12.66
N ASP A 6 -10.80 4.03 13.40
CA ASP A 6 -9.64 4.61 14.09
C ASP A 6 -9.08 3.63 15.11
N GLN A 7 -9.97 2.85 15.72
CA GLN A 7 -9.59 1.85 16.71
C GLN A 7 -8.72 0.77 16.08
N ALA A 8 -9.17 0.25 14.94
CA ALA A 8 -8.44 -0.80 14.24
C ALA A 8 -7.07 -0.29 13.79
N ILE A 9 -7.06 0.91 13.23
CA ILE A 9 -5.80 1.52 12.77
C ILE A 9 -4.84 1.72 13.94
N GLY A 10 -5.36 2.27 15.03
CA GLY A 10 -4.54 2.51 16.21
C GLY A 10 -3.97 1.22 16.77
N LEU A 11 -4.78 0.16 16.77
CA LEU A 11 -4.35 -1.13 17.27
C LEU A 11 -3.21 -1.70 16.43
N LEU A 12 -3.31 -1.54 15.13
CA LEU A 12 -2.29 -2.02 14.20
C LEU A 12 -0.96 -1.30 14.45
N VAL A 13 -1.02 0.01 14.60
CA VAL A 13 0.18 0.81 14.85
C VAL A 13 0.79 0.43 16.20
N ALA A 14 -0.09 0.10 17.15
CA ALA A 14 0.33 -0.29 18.48
C ALA A 14 1.10 -1.61 18.41
N ILE A 15 0.64 -2.51 17.54
CA ILE A 15 1.29 -3.80 17.36
C ILE A 15 2.71 -3.59 16.82
N PHE A 16 2.86 -2.64 15.92
CA PHE A 16 4.16 -2.33 15.34
C PHE A 16 5.12 -1.86 16.43
N HIS A 17 4.67 -0.90 17.24
CA HIS A 17 5.50 -0.35 18.30
C HIS A 17 5.59 -1.29 19.51
N LYS A 18 4.80 -2.36 19.47
CA LYS A 18 4.78 -3.34 20.54
C LYS A 18 6.06 -4.19 20.49
N TYR A 19 6.60 -4.36 19.30
CA TYR A 19 7.81 -5.15 19.11
C TYR A 19 9.00 -4.29 18.71
N SER A 20 8.73 -3.22 17.98
CA SER A 20 9.80 -2.31 17.54
C SER A 20 10.50 -1.66 18.72
N GLY A 21 11.78 -1.97 18.89
CA GLY A 21 12.53 -1.38 19.98
C GLY A 21 13.03 -2.41 20.97
N ARG A 22 13.27 -3.62 20.49
CA ARG A 22 13.78 -4.67 21.36
C ARG A 22 15.30 -4.69 21.31
N GLU A 23 15.84 -4.83 20.11
CA GLU A 23 17.28 -4.86 19.91
C GLU A 23 17.64 -4.29 18.54
N GLY A 24 18.48 -3.27 18.57
CA GLY A 24 18.89 -2.63 17.34
C GLY A 24 18.42 -1.19 17.28
N ASP A 25 17.32 -0.98 16.60
CA ASP A 25 16.75 0.35 16.47
C ASP A 25 15.41 0.41 17.20
N LYS A 26 14.60 1.42 16.88
CA LYS A 26 13.31 1.59 17.52
C LYS A 26 12.29 2.11 16.51
N HIS A 27 12.71 2.26 15.27
CA HIS A 27 11.84 2.76 14.21
C HIS A 27 11.62 1.68 13.17
N THR A 28 12.27 0.55 13.36
CA THR A 28 12.18 -0.56 12.43
C THR A 28 11.94 -1.88 13.15
N LEU A 29 11.84 -2.95 12.38
CA LEU A 29 11.64 -4.29 12.91
C LEU A 29 12.68 -5.24 12.32
N SER A 30 13.52 -5.80 13.16
CA SER A 30 14.55 -6.72 12.73
C SER A 30 13.93 -8.06 12.34
N LYS A 31 14.74 -8.96 11.81
CA LYS A 31 14.28 -10.29 11.40
C LYS A 31 13.93 -11.13 12.63
N LYS A 32 14.20 -10.57 13.81
CA LYS A 32 13.92 -11.24 15.06
C LYS A 32 12.60 -10.74 15.64
N GLU A 33 12.46 -9.42 15.69
CA GLU A 33 11.25 -8.80 16.22
C GLU A 33 10.05 -9.11 15.31
N LEU A 34 10.27 -9.03 14.01
CA LEU A 34 9.21 -9.29 13.04
C LEU A 34 8.79 -10.75 13.08
N LYS A 35 9.76 -11.65 13.27
CA LYS A 35 9.46 -13.08 13.33
C LYS A 35 8.52 -13.39 14.47
N GLU A 36 8.84 -12.87 15.65
CA GLU A 36 8.00 -13.07 16.83
C GLU A 36 6.64 -12.44 16.63
N LEU A 37 6.63 -11.27 16.00
CA LEU A 37 5.39 -10.55 15.73
C LEU A 37 4.44 -11.42 14.90
N ILE A 38 4.96 -11.98 13.82
CA ILE A 38 4.15 -12.82 12.94
C ILE A 38 3.69 -14.10 13.65
N GLN A 39 4.57 -14.67 14.46
CA GLN A 39 4.25 -15.90 15.16
C GLN A 39 3.40 -15.68 16.42
N LYS A 40 3.06 -14.43 16.72
CA LYS A 40 2.25 -14.16 17.91
C LYS A 40 1.02 -13.32 17.60
N GLU A 41 1.18 -12.26 16.82
CA GLU A 41 0.07 -11.38 16.50
C GLU A 41 -0.79 -11.95 15.37
N LEU A 42 -0.22 -12.87 14.59
CA LEU A 42 -0.95 -13.49 13.50
C LEU A 42 -1.38 -14.90 13.88
N THR A 43 -2.66 -15.19 13.66
CA THR A 43 -3.22 -16.50 14.01
C THR A 43 -2.52 -17.66 13.30
N ILE A 44 -2.26 -17.49 12.01
CA ILE A 44 -1.61 -18.55 11.23
C ILE A 44 -0.08 -18.44 11.32
N GLY A 45 0.40 -17.36 11.89
CA GLY A 45 1.84 -17.14 12.01
C GLY A 45 2.52 -18.19 12.85
N SER A 46 1.84 -18.64 13.90
CA SER A 46 2.39 -19.66 14.80
C SER A 46 2.28 -21.05 14.19
N LYS A 47 1.81 -21.14 12.94
CA LYS A 47 1.65 -22.42 12.26
C LYS A 47 2.26 -22.38 10.87
N LEU A 48 3.20 -21.47 10.65
CA LEU A 48 3.86 -21.35 9.35
C LEU A 48 5.26 -21.94 9.40
N GLN A 49 5.80 -22.27 8.24
CA GLN A 49 7.14 -22.85 8.14
C GLN A 49 8.19 -21.76 8.34
N ASP A 50 9.29 -22.11 8.98
CA ASP A 50 10.39 -21.18 9.24
C ASP A 50 10.91 -20.61 7.92
N ALA A 51 11.00 -21.48 6.92
CA ALA A 51 11.48 -21.09 5.59
C ALA A 51 10.54 -20.05 4.97
N GLU A 52 9.24 -20.29 5.08
CA GLU A 52 8.25 -19.38 4.53
C GLU A 52 8.29 -18.05 5.26
N ILE A 53 8.39 -18.11 6.59
CA ILE A 53 8.46 -16.89 7.39
C ILE A 53 9.69 -16.08 7.03
N ALA A 54 10.81 -16.77 6.83
CA ALA A 54 12.05 -16.12 6.48
C ALA A 54 11.91 -15.40 5.14
N ARG A 55 11.30 -16.08 4.18
CA ARG A 55 11.07 -15.50 2.86
C ARG A 55 10.12 -14.32 2.96
N LEU A 56 9.07 -14.49 3.77
CA LEU A 56 8.08 -13.43 3.98
C LEU A 56 8.73 -12.19 4.58
N MET A 57 9.60 -12.39 5.56
CA MET A 57 10.30 -11.29 6.22
C MET A 57 11.28 -10.63 5.27
N GLU A 58 11.71 -11.38 4.26
CA GLU A 58 12.65 -10.88 3.27
C GLU A 58 11.91 -10.22 2.11
N ASP A 59 10.64 -10.58 1.96
CA ASP A 59 9.80 -10.01 0.89
C ASP A 59 9.49 -8.56 1.21
N LEU A 60 9.31 -8.28 2.50
CA LEU A 60 9.02 -6.92 2.96
C LEU A 60 10.26 -6.04 2.79
N ASP A 61 11.43 -6.67 2.79
CA ASP A 61 12.69 -5.98 2.61
C ASP A 61 12.84 -5.58 1.14
N ARG A 62 12.19 -4.50 0.76
CA ARG A 62 12.23 -4.02 -0.62
C ARG A 62 13.46 -3.16 -0.89
N ASN A 63 13.95 -2.46 0.13
CA ASN A 63 15.12 -1.61 -0.04
C ASN A 63 16.39 -2.33 0.43
N LYS A 64 16.19 -3.52 0.98
CA LYS A 64 17.27 -4.39 1.45
C LYS A 64 18.17 -3.76 2.51
N ASP A 65 17.71 -3.77 3.76
CA ASP A 65 18.50 -3.26 4.87
C ASP A 65 18.29 -4.12 6.11
N GLN A 66 17.36 -5.07 5.99
CA GLN A 66 17.02 -6.00 7.06
C GLN A 66 16.31 -5.31 8.22
N GLU A 67 15.82 -4.10 7.98
CA GLU A 67 15.11 -3.35 9.00
C GLU A 67 13.73 -2.93 8.48
N VAL A 68 12.78 -3.84 8.57
CA VAL A 68 11.41 -3.57 8.09
C VAL A 68 10.74 -2.49 8.93
N ASN A 69 10.49 -1.34 8.34
CA ASN A 69 9.87 -0.22 9.03
C ASN A 69 8.36 -0.21 8.77
N PHE A 70 7.65 0.72 9.41
CA PHE A 70 6.20 0.84 9.27
C PHE A 70 5.75 0.86 7.81
N GLN A 71 6.46 1.58 6.97
CA GLN A 71 6.10 1.68 5.54
C GLN A 71 6.11 0.30 4.89
N GLU A 72 7.14 -0.48 5.17
CA GLU A 72 7.26 -1.82 4.61
C GLU A 72 6.26 -2.75 5.31
N TYR A 73 5.96 -2.44 6.56
CA TYR A 73 5.02 -3.22 7.35
C TYR A 73 3.60 -3.07 6.79
N VAL A 74 3.29 -1.89 6.26
CA VAL A 74 1.98 -1.62 5.68
C VAL A 74 1.72 -2.56 4.51
N THR A 75 2.77 -2.86 3.74
CA THR A 75 2.68 -3.76 2.61
C THR A 75 2.20 -5.14 3.06
N PHE A 76 2.59 -5.52 4.28
CA PHE A 76 2.21 -6.80 4.84
C PHE A 76 0.73 -6.78 5.22
N LEU A 77 0.32 -5.69 5.86
CA LEU A 77 -1.07 -5.53 6.26
C LEU A 77 -1.98 -5.48 5.04
N GLY A 78 -1.54 -4.75 4.02
CA GLY A 78 -2.30 -4.65 2.79
C GLY A 78 -2.47 -5.98 2.11
N ALA A 79 -1.40 -6.78 2.13
CA ALA A 79 -1.43 -8.10 1.51
C ALA A 79 -2.46 -8.99 2.21
N LEU A 80 -2.44 -8.98 3.54
CA LEU A 80 -3.37 -9.77 4.33
C LEU A 80 -4.82 -9.35 4.03
N ALA A 81 -5.03 -8.04 3.99
CA ALA A 81 -6.35 -7.49 3.72
C ALA A 81 -6.84 -7.92 2.33
N LEU A 82 -5.94 -7.86 1.36
CA LEU A 82 -6.27 -8.25 -0.01
C LEU A 82 -6.69 -9.71 -0.06
N ILE A 83 -5.89 -10.58 0.56
CA ILE A 83 -6.18 -12.01 0.59
C ILE A 83 -7.53 -12.27 1.27
N TYR A 84 -7.77 -11.58 2.37
CA TYR A 84 -9.02 -11.73 3.11
C TYR A 84 -10.22 -11.43 2.21
N ASN A 85 -10.14 -10.33 1.46
CA ASN A 85 -11.22 -9.94 0.56
C ASN A 85 -11.33 -10.91 -0.60
N GLU A 86 -10.18 -11.42 -1.06
CA GLU A 86 -10.14 -12.36 -2.16
C GLU A 86 -10.93 -13.62 -1.81
N ALA A 87 -10.83 -14.03 -0.56
CA ALA A 87 -11.53 -15.21 -0.08
C ALA A 87 -13.02 -14.94 0.12
N LEU A 88 -13.35 -13.69 0.40
CA LEU A 88 -14.74 -13.29 0.62
C LEU A 88 -15.47 -13.05 -0.69
N LYS A 89 -14.72 -12.87 -1.76
CA LYS A 89 -15.31 -12.63 -3.07
C LYS A 89 -15.80 -13.92 -3.68
N GLY A 90 -14.87 -14.76 -4.13
CA GLY A 90 -15.23 -16.02 -4.75
C GLY A 90 -15.83 -15.80 -6.12
N ALA B 2 -9.37 -15.62 16.52
CA ALA B 2 -8.27 -15.00 15.74
C ALA B 2 -7.47 -14.04 16.61
N SER B 3 -6.21 -13.86 16.27
CA SER B 3 -5.32 -12.97 17.02
C SER B 3 -5.67 -11.50 16.75
N PRO B 4 -5.23 -10.57 17.62
CA PRO B 4 -5.51 -9.13 17.49
C PRO B 4 -5.30 -8.57 16.07
N LEU B 5 -4.21 -8.99 15.41
CA LEU B 5 -3.93 -8.52 14.06
C LEU B 5 -5.05 -8.93 13.11
N ASP B 6 -5.38 -10.21 13.13
CA ASP B 6 -6.43 -10.76 12.27
C ASP B 6 -7.76 -10.06 12.55
N GLN B 7 -8.04 -9.83 13.83
CA GLN B 7 -9.27 -9.17 14.27
C GLN B 7 -9.39 -7.78 13.66
N ALA B 8 -8.30 -7.03 13.70
CA ALA B 8 -8.28 -5.67 13.15
C ALA B 8 -8.51 -5.70 11.64
N ILE B 9 -7.84 -6.62 10.97
CA ILE B 9 -7.97 -6.76 9.52
C ILE B 9 -9.40 -7.13 9.15
N GLY B 10 -9.94 -8.13 9.84
CA GLY B 10 -11.30 -8.57 9.58
C GLY B 10 -12.31 -7.46 9.81
N LEU B 11 -12.08 -6.66 10.85
CA LEU B 11 -12.97 -5.54 11.17
C LEU B 11 -12.98 -4.51 10.04
N LEU B 12 -11.79 -4.22 9.50
CA LEU B 12 -11.66 -3.26 8.42
C LEU B 12 -12.39 -3.74 7.17
N VAL B 13 -12.23 -5.01 6.84
CA VAL B 13 -12.88 -5.59 5.67
C VAL B 13 -14.39 -5.59 5.88
N ALA B 14 -14.80 -5.83 7.12
CA ALA B 14 -16.22 -5.83 7.47
C ALA B 14 -16.81 -4.46 7.24
N ILE B 15 -16.06 -3.42 7.59
CA ILE B 15 -16.50 -2.05 7.41
C ILE B 15 -16.73 -1.76 5.92
N PHE B 16 -15.83 -2.26 5.09
CA PHE B 16 -15.93 -2.08 3.65
C PHE B 16 -17.23 -2.68 3.14
N HIS B 17 -17.47 -3.94 3.51
CA HIS B 17 -18.67 -4.65 3.06
C HIS B 17 -19.90 -4.19 3.82
N LYS B 18 -19.71 -3.35 4.82
CA LYS B 18 -20.80 -2.82 5.63
C LYS B 18 -21.56 -1.77 4.83
N TYR B 19 -20.87 -1.10 3.93
CA TYR B 19 -21.48 -0.06 3.11
C TYR B 19 -21.54 -0.46 1.64
N SER B 20 -20.57 -1.25 1.20
CA SER B 20 -20.52 -1.68 -0.20
C SER B 20 -21.71 -2.58 -0.52
N GLY B 21 -22.60 -2.08 -1.37
CA GLY B 21 -23.75 -2.86 -1.75
C GLY B 21 -25.07 -2.20 -1.39
N ARG B 22 -25.06 -0.88 -1.32
CA ARG B 22 -26.28 -0.15 -1.01
C ARG B 22 -27.03 0.14 -2.30
N GLU B 23 -26.32 0.74 -3.25
CA GLU B 23 -26.88 1.08 -4.54
C GLU B 23 -25.78 1.12 -5.59
N GLY B 24 -26.08 0.66 -6.79
CA GLY B 24 -25.08 0.66 -7.84
C GLY B 24 -24.44 -0.70 -8.02
N ASP B 25 -23.45 -0.99 -7.21
CA ASP B 25 -22.76 -2.28 -7.29
C ASP B 25 -22.62 -2.88 -5.89
N LYS B 26 -21.79 -3.91 -5.77
CA LYS B 26 -21.59 -4.57 -4.49
C LYS B 26 -20.12 -4.94 -4.30
N HIS B 27 -19.27 -4.48 -5.20
CA HIS B 27 -17.85 -4.78 -5.13
C HIS B 27 -17.05 -3.49 -4.96
N THR B 28 -17.74 -2.37 -5.10
CA THR B 28 -17.11 -1.06 -4.99
C THR B 28 -17.89 -0.16 -4.04
N LEU B 29 -17.37 1.04 -3.83
CA LEU B 29 -18.01 2.02 -2.97
C LEU B 29 -18.25 3.29 -3.77
N SER B 30 -19.52 3.64 -3.93
CA SER B 30 -19.88 4.84 -4.65
C SER B 30 -19.56 6.08 -3.83
N LYS B 31 -19.72 7.27 -4.43
CA LYS B 31 -19.45 8.52 -3.74
C LYS B 31 -20.49 8.76 -2.64
N LYS B 32 -21.54 7.96 -2.67
CA LYS B 32 -22.61 8.06 -1.68
C LYS B 32 -22.31 7.15 -0.49
N GLU B 33 -21.95 5.91 -0.79
CA GLU B 33 -21.63 4.92 0.24
C GLU B 33 -20.35 5.30 0.98
N LEU B 34 -19.34 5.71 0.22
CA LEU B 34 -18.06 6.09 0.79
C LEU B 34 -18.19 7.33 1.68
N LYS B 35 -19.02 8.28 1.25
CA LYS B 35 -19.23 9.51 2.01
C LYS B 35 -19.79 9.19 3.39
N GLU B 36 -20.81 8.35 3.42
CA GLU B 36 -21.43 7.95 4.68
C GLU B 36 -20.44 7.17 5.53
N LEU B 37 -19.65 6.34 4.88
CA LEU B 37 -18.64 5.54 5.57
C LEU B 37 -17.66 6.44 6.31
N ILE B 38 -17.11 7.41 5.60
CA ILE B 38 -16.14 8.33 6.18
C ILE B 38 -16.76 9.16 7.31
N GLN B 39 -17.99 9.62 7.11
CA GLN B 39 -18.66 10.44 8.10
C GLN B 39 -19.27 9.63 9.25
N LYS B 40 -19.01 8.33 9.29
CA LYS B 40 -19.56 7.50 10.36
C LYS B 40 -18.51 6.59 10.99
N GLU B 41 -17.76 5.87 10.16
CA GLU B 41 -16.74 4.95 10.65
C GLU B 41 -15.48 5.69 11.10
N LEU B 42 -15.31 6.91 10.61
CA LEU B 42 -14.15 7.72 10.97
C LEU B 42 -14.55 8.77 12.01
N THR B 43 -13.73 8.92 13.05
CA THR B 43 -14.01 9.87 14.12
C THR B 43 -14.03 11.31 13.60
N ILE B 44 -13.01 11.69 12.84
CA ILE B 44 -12.92 13.04 12.30
C ILE B 44 -13.75 13.19 11.03
N GLY B 45 -14.26 12.08 10.52
CA GLY B 45 -15.04 12.09 9.30
C GLY B 45 -16.28 12.96 9.40
N SER B 46 -16.94 12.93 10.55
CA SER B 46 -18.15 13.73 10.76
C SER B 46 -17.81 15.17 11.11
N LYS B 47 -16.54 15.53 11.04
CA LYS B 47 -16.10 16.88 11.36
C LYS B 47 -15.21 17.45 10.26
N LEU B 48 -15.39 16.95 9.04
CA LEU B 48 -14.62 17.41 7.91
C LEU B 48 -15.49 18.24 6.98
N GLN B 49 -14.86 19.04 6.11
CA GLN B 49 -15.57 19.86 5.16
C GLN B 49 -16.09 18.99 4.02
N ASP B 50 -17.27 19.32 3.49
CA ASP B 50 -17.86 18.56 2.39
C ASP B 50 -16.94 18.60 1.18
N ALA B 51 -16.35 19.77 0.93
CA ALA B 51 -15.45 19.94 -0.19
C ALA B 51 -14.21 19.06 -0.04
N GLU B 52 -13.72 18.95 1.20
CA GLU B 52 -12.55 18.13 1.47
C GLU B 52 -12.90 16.65 1.30
N ILE B 53 -14.06 16.26 1.81
CA ILE B 53 -14.51 14.88 1.69
C ILE B 53 -14.68 14.52 0.21
N ALA B 54 -15.23 15.44 -0.56
CA ALA B 54 -15.43 15.24 -1.99
C ALA B 54 -14.09 15.00 -2.68
N ARG B 55 -13.12 15.85 -2.36
CA ARG B 55 -11.79 15.74 -2.93
C ARG B 55 -11.14 14.42 -2.50
N LEU B 56 -11.32 14.07 -1.24
CA LEU B 56 -10.77 12.83 -0.69
C LEU B 56 -11.35 11.61 -1.41
N MET B 57 -12.65 11.65 -1.66
CA MET B 57 -13.32 10.55 -2.35
C MET B 57 -12.89 10.48 -3.81
N GLU B 58 -12.41 11.60 -4.33
CA GLU B 58 -11.95 11.67 -5.70
C GLU B 58 -10.48 11.32 -5.80
N ASP B 59 -9.80 11.40 -4.66
CA ASP B 59 -8.37 11.08 -4.58
C ASP B 59 -8.18 9.57 -4.70
N LEU B 60 -9.11 8.83 -4.10
CA LEU B 60 -9.08 7.38 -4.13
C LEU B 60 -9.40 6.89 -5.54
N ASP B 61 -10.07 7.74 -6.32
CA ASP B 61 -10.41 7.43 -7.70
C ASP B 61 -9.16 7.56 -8.56
N ARG B 62 -8.28 6.59 -8.42
CA ARG B 62 -7.01 6.62 -9.16
C ARG B 62 -7.17 6.14 -10.60
N ASN B 63 -8.17 5.33 -10.87
CA ASN B 63 -8.37 4.83 -12.23
C ASN B 63 -9.52 5.59 -12.90
N LYS B 64 -10.19 6.42 -12.11
CA LYS B 64 -11.30 7.26 -12.57
C LYS B 64 -12.48 6.45 -13.13
N ASP B 65 -13.33 5.99 -12.22
CA ASP B 65 -14.53 5.26 -12.59
C ASP B 65 -15.65 5.55 -11.60
N GLN B 66 -15.31 6.33 -10.58
CA GLN B 66 -16.26 6.74 -9.54
C GLN B 66 -16.71 5.56 -8.68
N GLU B 67 -15.97 4.46 -8.76
CA GLU B 67 -16.28 3.27 -7.99
C GLU B 67 -15.05 2.81 -7.21
N VAL B 68 -14.88 3.37 -6.02
CA VAL B 68 -13.73 3.04 -5.18
C VAL B 68 -13.84 1.62 -4.64
N ASN B 69 -12.97 0.74 -5.09
CA ASN B 69 -13.01 -0.65 -4.63
C ASN B 69 -12.06 -0.86 -3.46
N PHE B 70 -12.07 -2.07 -2.90
CA PHE B 70 -11.22 -2.41 -1.76
C PHE B 70 -9.75 -2.02 -1.97
N GLN B 71 -9.25 -2.24 -3.18
CA GLN B 71 -7.85 -1.91 -3.48
C GLN B 71 -7.59 -0.42 -3.28
N GLU B 72 -8.48 0.41 -3.82
CA GLU B 72 -8.35 1.85 -3.70
C GLU B 72 -8.63 2.26 -2.25
N TYR B 73 -9.48 1.48 -1.58
CA TYR B 73 -9.84 1.72 -0.20
C TYR B 73 -8.63 1.49 0.71
N VAL B 74 -7.79 0.53 0.33
CA VAL B 74 -6.59 0.22 1.09
C VAL B 74 -5.68 1.44 1.15
N THR B 75 -5.63 2.19 0.05
CA THR B 75 -4.81 3.39 -0.02
C THR B 75 -5.25 4.40 1.05
N PHE B 76 -6.55 4.42 1.33
CA PHE B 76 -7.09 5.31 2.34
C PHE B 76 -6.65 4.85 3.72
N LEU B 77 -6.76 3.55 3.96
CA LEU B 77 -6.36 2.96 5.23
C LEU B 77 -4.87 3.18 5.46
N GLY B 78 -4.09 2.96 4.41
CA GLY B 78 -2.65 3.13 4.48
C GLY B 78 -2.28 4.56 4.79
N ALA B 79 -2.99 5.50 4.18
CA ALA B 79 -2.73 6.91 4.40
C ALA B 79 -2.96 7.28 5.85
N LEU B 80 -4.07 6.79 6.40
CA LEU B 80 -4.42 7.05 7.80
C LEU B 80 -3.36 6.47 8.72
N ALA B 81 -2.95 5.24 8.42
CA ALA B 81 -1.93 4.56 9.21
C ALA B 81 -0.62 5.34 9.19
N LEU B 82 -0.24 5.84 8.01
CA LEU B 82 0.98 6.61 7.86
C LEU B 82 0.92 7.89 8.69
N ILE B 83 -0.20 8.60 8.59
CA ILE B 83 -0.39 9.84 9.34
C ILE B 83 -0.31 9.57 10.84
N TYR B 84 -0.91 8.46 11.26
CA TYR B 84 -0.90 8.07 12.68
C TYR B 84 0.54 7.82 13.14
N ASN B 85 1.33 7.20 12.28
CA ASN B 85 2.72 6.90 12.58
C ASN B 85 3.54 8.18 12.64
N GLU B 86 3.30 9.08 11.68
CA GLU B 86 4.01 10.35 11.58
C GLU B 86 3.83 11.16 12.87
N ALA B 87 2.61 11.18 13.37
CA ALA B 87 2.30 11.93 14.58
C ALA B 87 2.94 11.30 15.81
N LEU B 88 3.16 10.00 15.77
CA LEU B 88 3.76 9.28 16.89
C LEU B 88 5.29 9.39 16.87
N LYS B 89 5.83 9.88 15.77
CA LYS B 89 7.28 10.02 15.64
C LYS B 89 7.74 11.36 16.21
N GLY B 90 7.47 12.43 15.47
CA GLY B 90 7.88 13.75 15.92
C GLY B 90 9.36 14.00 15.71
N ALA C 1 7.82 17.15 19.15
CA ALA C 1 9.14 16.84 18.57
C ALA C 1 10.19 16.80 19.68
N MET C 2 11.32 16.16 19.41
CA MET C 2 12.40 16.06 20.40
C MET C 2 13.71 16.52 19.79
N ALA C 3 14.39 17.41 20.47
CA ALA C 3 15.66 17.94 19.98
C ALA C 3 16.72 17.97 21.07
N GLN C 4 17.95 17.66 20.70
CA GLN C 4 19.06 17.65 21.64
C GLN C 4 19.66 19.04 21.74
N ASN C 5 19.74 19.58 22.95
CA ASN C 5 20.28 20.92 23.17
C ASN C 5 21.81 20.92 23.12
N ILE C 6 22.36 21.82 22.33
CA ILE C 6 23.81 21.97 22.19
C ILE C 6 24.20 23.45 22.24
N THR C 7 24.97 23.82 23.25
CA THR C 7 25.41 25.20 23.40
C THR C 7 26.63 25.48 22.52
N ALA C 8 26.62 26.60 21.83
CA ALA C 8 27.72 26.97 20.94
C ALA C 8 28.05 28.44 21.06
N ARG C 9 29.05 28.88 20.30
CA ARG C 9 29.47 30.27 20.30
C ARG C 9 29.53 30.80 18.88
N ILE C 10 29.24 32.09 18.71
CA ILE C 10 29.28 32.71 17.40
C ILE C 10 30.72 32.87 16.92
N GLY C 11 30.97 32.47 15.68
CA GLY C 11 32.30 32.57 15.12
C GLY C 11 33.15 31.36 15.43
N GLU C 12 32.54 30.38 16.10
CA GLU C 12 33.24 29.17 16.48
C GLU C 12 32.93 28.05 15.49
N PRO C 13 33.93 27.24 15.12
CA PRO C 13 33.75 26.11 14.20
C PRO C 13 33.00 24.96 14.87
N LEU C 14 32.15 24.28 14.13
CA LEU C 14 31.39 23.17 14.67
C LEU C 14 31.36 21.99 13.71
N VAL C 15 31.54 20.79 14.27
CA VAL C 15 31.51 19.55 13.50
C VAL C 15 30.43 18.62 14.06
N LEU C 16 29.37 18.43 13.28
CA LEU C 16 28.27 17.57 13.69
C LEU C 16 28.26 16.28 12.88
N LYS C 17 27.52 15.28 13.36
CA LYS C 17 27.42 14.00 12.67
C LYS C 17 25.97 13.62 12.49
N CYS C 18 25.59 13.31 11.26
CA CYS C 18 24.22 12.94 10.96
C CYS C 18 24.16 11.53 10.40
N LYS C 19 23.91 10.56 11.28
CA LYS C 19 23.82 9.17 10.88
C LYS C 19 22.46 8.91 10.22
N GLY C 20 22.41 7.93 9.33
CA GLY C 20 21.16 7.62 8.66
C GLY C 20 21.37 6.73 7.45
N ALA C 21 22.44 7.00 6.70
CA ALA C 21 22.76 6.22 5.52
C ALA C 21 23.32 4.85 5.91
N PRO C 22 22.61 3.77 5.55
CA PRO C 22 23.04 2.41 5.87
C PRO C 22 24.11 1.91 4.90
N LYS C 23 24.59 0.69 5.12
CA LYS C 23 25.61 0.09 4.27
C LYS C 23 25.01 -0.26 2.90
N LYS C 24 25.08 0.68 1.98
CA LYS C 24 24.55 0.52 0.64
C LYS C 24 25.05 1.67 -0.24
N PRO C 25 24.86 1.59 -1.57
CA PRO C 25 25.28 2.66 -2.48
C PRO C 25 24.73 4.03 -2.04
N PRO C 26 25.42 5.12 -2.40
CA PRO C 26 25.00 6.48 -2.04
C PRO C 26 23.54 6.75 -2.38
N GLN C 27 22.70 6.77 -1.36
CA GLN C 27 21.27 7.01 -1.51
C GLN C 27 20.99 8.52 -1.53
N ARG C 28 19.74 8.89 -1.33
CA ARG C 28 19.36 10.30 -1.32
C ARG C 28 19.37 10.83 0.11
N LEU C 29 19.95 12.01 0.29
CA LEU C 29 20.02 12.63 1.59
C LEU C 29 19.23 13.93 1.59
N GLU C 30 18.27 14.04 2.50
CA GLU C 30 17.44 15.22 2.59
C GLU C 30 17.83 16.04 3.81
N TRP C 31 17.61 17.34 3.75
CA TRP C 31 17.95 18.21 4.86
C TRP C 31 16.81 19.17 5.18
N LYS C 32 16.46 19.26 6.45
CA LYS C 32 15.39 20.14 6.90
C LYS C 32 15.71 20.68 8.29
N LEU C 33 14.90 21.64 8.74
CA LEU C 33 15.10 22.23 10.06
C LEU C 33 13.85 22.98 10.50
N ASN C 34 13.91 23.56 11.69
CA ASN C 34 12.80 24.31 12.25
C ASN C 34 13.32 25.54 12.98
N THR C 35 13.05 26.70 12.41
CA THR C 35 13.48 27.96 13.00
C THR C 35 12.42 29.03 12.79
N GLY C 36 12.62 30.20 13.40
CA GLY C 36 11.67 31.28 13.24
C GLY C 36 11.65 31.80 11.82
N ARG C 37 12.82 32.16 11.31
CA ARG C 37 12.95 32.66 9.95
C ARG C 37 13.31 31.53 8.99
N THR C 38 14.32 30.76 9.36
CA THR C 38 14.80 29.63 8.55
C THR C 38 15.52 30.12 7.30
N GLU C 39 16.78 30.51 7.47
CA GLU C 39 17.60 31.01 6.38
C GLU C 39 18.45 29.89 5.77
N ALA C 40 19.25 29.26 6.62
CA ALA C 40 20.13 28.19 6.19
C ALA C 40 19.35 26.92 5.90
N TRP C 41 18.96 26.74 4.64
CA TRP C 41 18.22 25.56 4.23
C TRP C 41 18.55 25.23 2.79
N LYS C 42 18.89 23.97 2.55
CA LYS C 42 19.23 23.49 1.22
C LYS C 42 19.19 21.97 1.21
N VAL C 43 18.52 21.41 0.21
CA VAL C 43 18.41 19.96 0.10
C VAL C 43 19.75 19.38 -0.34
N LEU C 44 20.26 18.44 0.45
CA LEU C 44 21.53 17.80 0.15
C LEU C 44 21.41 16.92 -1.09
N SER C 45 22.52 16.63 -1.72
CA SER C 45 22.53 15.80 -2.91
C SER C 45 23.83 15.01 -3.00
N PRO C 46 23.77 13.79 -3.57
CA PRO C 46 24.95 12.94 -3.72
C PRO C 46 25.98 13.59 -4.63
N GLN C 47 25.49 14.42 -5.54
CA GLN C 47 26.34 15.14 -6.48
C GLN C 47 25.68 16.46 -6.85
N GLY C 48 25.98 17.51 -6.12
CA GLY C 48 25.41 18.82 -6.39
C GLY C 48 25.64 19.78 -5.25
N GLY C 49 25.84 21.05 -5.58
CA GLY C 49 26.09 22.05 -4.58
C GLY C 49 24.91 22.98 -4.37
N GLY C 50 25.19 24.18 -3.89
CA GLY C 50 24.15 25.15 -3.66
C GLY C 50 24.65 26.32 -2.83
N PRO C 51 23.79 27.30 -2.52
CA PRO C 51 24.18 28.48 -1.73
C PRO C 51 24.62 28.11 -0.31
N TRP C 52 23.98 27.09 0.25
CA TRP C 52 24.29 26.64 1.60
C TRP C 52 25.65 25.94 1.63
N ASP C 53 26.06 25.39 0.49
CA ASP C 53 27.34 24.68 0.37
C ASP C 53 28.49 25.63 0.64
N SER C 54 28.24 26.92 0.45
CA SER C 54 29.26 27.93 0.68
C SER C 54 29.27 28.36 2.14
N VAL C 55 28.27 27.92 2.89
CA VAL C 55 28.17 28.25 4.30
C VAL C 55 28.69 27.09 5.14
N ALA C 56 28.24 25.89 4.81
CA ALA C 56 28.65 24.69 5.51
C ALA C 56 28.82 23.55 4.52
N ARG C 57 29.73 22.63 4.81
CA ARG C 57 29.98 21.51 3.92
C ARG C 57 29.85 20.19 4.64
N VAL C 58 29.34 19.19 3.93
CA VAL C 58 29.18 17.86 4.48
C VAL C 58 30.31 16.95 4.01
N LEU C 59 30.96 16.30 4.95
CA LEU C 59 32.07 15.41 4.65
C LEU C 59 31.54 14.05 4.18
N PRO C 60 32.34 13.29 3.41
CA PRO C 60 31.94 11.97 2.89
C PRO C 60 31.79 10.90 3.97
N ASN C 61 31.62 11.32 5.22
CA ASN C 61 31.43 10.39 6.32
C ASN C 61 30.16 10.73 7.08
N GLY C 62 29.44 11.74 6.60
CA GLY C 62 28.20 12.13 7.23
C GLY C 62 28.38 13.21 8.28
N SER C 63 29.52 13.91 8.25
CA SER C 63 29.78 14.96 9.20
C SER C 63 29.54 16.33 8.57
N LEU C 64 28.98 17.23 9.36
CA LEU C 64 28.68 18.58 8.91
C LEU C 64 29.69 19.55 9.53
N PHE C 65 30.45 20.23 8.68
CA PHE C 65 31.45 21.17 9.16
C PHE C 65 31.01 22.61 8.93
N LEU C 66 30.93 23.37 10.02
CA LEU C 66 30.55 24.76 9.95
C LEU C 66 31.75 25.63 10.34
N PRO C 67 32.31 26.37 9.36
CA PRO C 67 33.47 27.24 9.60
C PRO C 67 33.25 28.24 10.74
N ALA C 68 32.16 28.97 10.68
CA ALA C 68 31.84 29.96 11.69
C ALA C 68 30.34 30.03 11.93
N VAL C 69 29.88 29.45 13.02
CA VAL C 69 28.46 29.47 13.36
C VAL C 69 28.03 30.87 13.79
N GLY C 70 26.98 31.38 13.18
CA GLY C 70 26.49 32.70 13.53
C GLY C 70 25.15 32.63 14.22
N ILE C 71 24.27 33.56 13.89
CA ILE C 71 22.94 33.59 14.49
C ILE C 71 21.90 33.11 13.48
N GLN C 72 22.32 32.97 12.24
CA GLN C 72 21.44 32.51 11.17
C GLN C 72 21.37 30.99 11.19
N ASP C 73 22.41 30.38 11.74
CA ASP C 73 22.51 28.93 11.83
C ASP C 73 22.21 28.46 13.24
N GLU C 74 21.37 29.21 13.94
CA GLU C 74 21.01 28.87 15.30
C GLU C 74 19.54 28.46 15.36
N GLY C 75 19.30 27.22 15.78
CA GLY C 75 17.95 26.72 15.87
C GLY C 75 17.90 25.21 15.95
N ILE C 76 16.85 24.64 15.40
CA ILE C 76 16.66 23.19 15.40
C ILE C 76 16.86 22.62 14.00
N PHE C 77 17.85 21.77 13.84
CA PHE C 77 18.13 21.15 12.55
C PHE C 77 17.71 19.68 12.56
N ARG C 78 17.49 19.11 11.39
CA ARG C 78 17.09 17.71 11.28
C ARG C 78 17.60 17.07 10.00
N CYS C 79 18.57 16.18 10.13
CA CYS C 79 19.11 15.47 8.98
C CYS C 79 18.19 14.32 8.63
N GLN C 80 17.80 14.24 7.36
CA GLN C 80 16.89 13.19 6.92
C GLN C 80 17.47 12.45 5.72
N ALA C 81 16.72 11.50 5.18
CA ALA C 81 17.17 10.73 4.04
C ALA C 81 15.97 10.27 3.21
N MET C 82 16.23 9.85 1.98
CA MET C 82 15.18 9.38 1.10
C MET C 82 15.55 8.03 0.53
N ASN C 83 14.79 7.02 0.89
CA ASN C 83 15.03 5.67 0.40
C ASN C 83 13.95 5.25 -0.58
N ARG C 84 14.12 4.07 -1.19
CA ARG C 84 13.16 3.57 -2.17
C ARG C 84 11.76 3.42 -1.57
N ASN C 85 11.70 3.19 -0.26
CA ASN C 85 10.42 3.03 0.41
C ASN C 85 10.05 4.28 1.20
N GLY C 86 10.86 5.32 1.03
CA GLY C 86 10.61 6.58 1.72
C GLY C 86 11.09 6.56 3.17
N LYS C 87 12.06 5.70 3.45
CA LYS C 87 12.62 5.59 4.80
C LYS C 87 13.31 6.88 5.21
N GLU C 88 12.94 7.40 6.37
CA GLU C 88 13.51 8.63 6.90
C GLU C 88 14.12 8.39 8.27
N THR C 89 14.60 9.46 8.90
CA THR C 89 15.21 9.37 10.21
C THR C 89 14.80 10.56 11.08
N LYS C 90 14.46 10.28 12.33
CA LYS C 90 14.05 11.31 13.27
C LYS C 90 15.23 11.71 14.16
N SER C 91 15.86 12.82 13.82
CA SER C 91 16.99 13.33 14.56
C SER C 91 17.03 14.85 14.51
N ASN C 92 16.59 15.48 15.59
CA ASN C 92 16.56 16.94 15.66
C ASN C 92 17.57 17.44 16.69
N TYR C 93 18.32 18.46 16.32
CA TYR C 93 19.32 19.04 17.20
C TYR C 93 19.04 20.52 17.37
N ARG C 94 19.13 21.01 18.59
CA ARG C 94 18.87 22.41 18.88
C ARG C 94 20.14 23.10 19.35
N VAL C 95 20.71 23.93 18.49
CA VAL C 95 21.91 24.66 18.82
C VAL C 95 21.53 26.00 19.45
N ARG C 96 22.27 26.41 20.47
CA ARG C 96 22.02 27.67 21.14
C ARG C 96 23.32 28.41 21.37
N VAL C 97 23.41 29.62 20.85
CA VAL C 97 24.61 30.42 21.00
C VAL C 97 24.56 31.27 22.27
N TYR C 98 25.71 31.56 22.83
CA TYR C 98 25.78 32.37 24.04
C TYR C 98 25.36 33.81 23.75
N GLN C 99 25.82 34.33 22.61
CA GLN C 99 25.48 35.68 22.19
C GLN C 99 24.26 35.65 21.28
N ILE C 100 23.08 35.77 21.88
CA ILE C 100 21.83 35.74 21.14
C ILE C 100 21.33 37.17 20.85
N PRO C 101 20.65 37.34 19.71
CA PRO C 101 20.10 38.64 19.31
C PRO C 101 18.64 38.80 19.76
N ALA D 1 -17.20 -19.94 -4.00
CA ALA D 1 -17.40 -19.20 -5.27
C ALA D 1 -18.86 -19.26 -5.70
N MET D 2 -19.27 -18.32 -6.54
CA MET D 2 -20.64 -18.27 -7.03
C MET D 2 -20.64 -18.30 -8.56
N ALA D 3 -21.42 -19.21 -9.13
CA ALA D 3 -21.48 -19.34 -10.58
C ALA D 3 -22.91 -19.49 -11.08
N GLN D 4 -23.18 -18.92 -12.25
CA GLN D 4 -24.50 -18.99 -12.85
C GLN D 4 -24.58 -20.24 -13.73
N ASN D 5 -25.59 -21.07 -13.49
CA ASN D 5 -25.75 -22.30 -14.26
C ASN D 5 -26.42 -22.03 -15.61
N ILE D 6 -25.82 -22.56 -16.66
CA ILE D 6 -26.33 -22.40 -18.02
C ILE D 6 -26.27 -23.73 -18.77
N THR D 7 -27.42 -24.27 -19.11
CA THR D 7 -27.48 -25.53 -19.84
C THR D 7 -27.27 -25.32 -21.33
N ALA D 8 -26.43 -26.15 -21.93
CA ALA D 8 -26.14 -26.05 -23.35
C ALA D 8 -26.13 -27.43 -24.00
N ARG D 9 -25.87 -27.46 -25.29
CA ARG D 9 -25.83 -28.71 -26.04
C ARG D 9 -24.52 -28.83 -26.81
N ILE D 10 -24.02 -30.04 -26.95
CA ILE D 10 -22.78 -30.27 -27.67
C ILE D 10 -22.99 -30.05 -29.16
N GLY D 11 -22.05 -29.34 -29.77
CA GLY D 11 -22.14 -29.04 -31.19
C GLY D 11 -23.06 -27.88 -31.47
N GLU D 12 -23.48 -27.20 -30.41
CA GLU D 12 -24.37 -26.06 -30.52
C GLU D 12 -23.58 -24.77 -30.33
N PRO D 13 -23.81 -23.75 -31.18
CA PRO D 13 -23.13 -22.46 -31.07
C PRO D 13 -23.59 -21.70 -29.82
N LEU D 14 -22.69 -20.97 -29.20
CA LEU D 14 -23.02 -20.22 -28.00
C LEU D 14 -22.42 -18.82 -28.04
N VAL D 15 -23.21 -17.85 -27.58
CA VAL D 15 -22.78 -16.45 -27.53
C VAL D 15 -22.91 -15.93 -26.12
N LEU D 16 -21.79 -15.60 -25.49
CA LEU D 16 -21.79 -15.09 -24.13
C LEU D 16 -21.32 -13.64 -24.10
N LYS D 17 -21.57 -12.97 -22.98
CA LYS D 17 -21.15 -11.58 -22.82
C LYS D 17 -20.41 -11.39 -21.50
N CYS D 18 -19.20 -10.87 -21.57
CA CYS D 18 -18.40 -10.65 -20.39
C CYS D 18 -18.13 -9.17 -20.17
N LYS D 19 -18.94 -8.54 -19.32
CA LYS D 19 -18.78 -7.14 -19.00
C LYS D 19 -17.64 -6.94 -18.01
N GLY D 20 -17.02 -5.77 -18.03
CA GLY D 20 -15.93 -5.50 -17.12
C GLY D 20 -15.14 -4.29 -17.53
N ALA D 21 -14.94 -4.13 -18.83
CA ALA D 21 -14.20 -2.99 -19.35
C ALA D 21 -15.03 -1.71 -19.28
N PRO D 22 -14.59 -0.73 -18.49
CA PRO D 22 -15.28 0.54 -18.35
C PRO D 22 -15.05 1.47 -19.54
N LYS D 23 -15.65 2.65 -19.50
CA LYS D 23 -15.51 3.63 -20.57
C LYS D 23 -14.13 4.27 -20.52
N LYS D 24 -13.17 3.61 -21.15
CA LYS D 24 -11.79 4.08 -21.19
C LYS D 24 -11.05 3.32 -22.29
N PRO D 25 -9.84 3.76 -22.68
CA PRO D 25 -9.04 3.09 -23.71
C PRO D 25 -8.91 1.59 -23.43
N PRO D 26 -8.74 0.77 -24.49
CA PRO D 26 -8.61 -0.69 -24.36
C PRO D 26 -7.59 -1.10 -23.29
N GLN D 27 -8.08 -1.61 -22.18
CA GLN D 27 -7.23 -2.05 -21.08
C GLN D 27 -6.86 -3.52 -21.26
N ARG D 28 -6.36 -4.15 -20.20
CA ARG D 28 -5.96 -5.55 -20.27
C ARG D 28 -7.11 -6.44 -19.82
N LEU D 29 -7.35 -7.51 -20.57
CA LEU D 29 -8.42 -8.44 -20.28
C LEU D 29 -7.83 -9.82 -19.98
N GLU D 30 -8.02 -10.29 -18.76
CA GLU D 30 -7.52 -11.59 -18.35
C GLU D 30 -8.62 -12.64 -18.43
N TRP D 31 -8.24 -13.88 -18.67
CA TRP D 31 -9.22 -14.95 -18.77
C TRP D 31 -8.82 -16.14 -17.91
N LYS D 32 -9.78 -16.64 -17.13
CA LYS D 32 -9.54 -17.77 -16.25
C LYS D 32 -10.79 -18.63 -16.16
N LEU D 33 -10.66 -19.79 -15.53
CA LEU D 33 -11.79 -20.69 -15.37
C LEU D 33 -11.46 -21.75 -14.32
N ASN D 34 -12.40 -22.63 -14.05
CA ASN D 34 -12.22 -23.69 -13.07
C ASN D 34 -12.88 -24.97 -13.56
N THR D 35 -12.08 -26.00 -13.77
CA THR D 35 -12.57 -27.28 -14.24
C THR D 35 -11.74 -28.42 -13.68
N GLY D 36 -12.13 -29.65 -13.99
CA GLY D 36 -11.40 -30.80 -13.50
C GLY D 36 -10.07 -30.95 -14.20
N ARG D 37 -10.07 -30.76 -15.51
CA ARG D 37 -8.87 -30.86 -16.31
C ARG D 37 -8.42 -29.48 -16.76
N THR D 38 -9.37 -28.67 -17.22
CA THR D 38 -9.09 -27.32 -17.68
C THR D 38 -8.25 -27.33 -18.95
N GLU D 39 -8.93 -27.54 -20.08
CA GLU D 39 -8.26 -27.61 -21.37
C GLU D 39 -8.30 -26.25 -22.08
N ALA D 40 -9.49 -25.69 -22.19
CA ALA D 40 -9.67 -24.41 -22.86
C ALA D 40 -9.28 -23.25 -21.95
N TRP D 41 -8.02 -22.83 -22.04
CA TRP D 41 -7.51 -21.73 -21.24
C TRP D 41 -6.50 -20.92 -22.05
N LYS D 42 -6.66 -19.60 -22.03
CA LYS D 42 -5.76 -18.70 -22.73
C LYS D 42 -6.00 -17.27 -22.29
N VAL D 43 -4.93 -16.60 -21.89
CA VAL D 43 -5.02 -15.22 -21.46
C VAL D 43 -5.33 -14.33 -22.66
N LEU D 44 -6.36 -13.50 -22.53
CA LEU D 44 -6.76 -12.61 -23.61
C LEU D 44 -5.76 -11.46 -23.72
N SER D 45 -5.80 -10.77 -24.85
CA SER D 45 -4.91 -9.65 -25.08
C SER D 45 -5.56 -8.68 -26.06
N PRO D 46 -5.32 -7.36 -25.90
CA PRO D 46 -5.88 -6.34 -26.78
C PRO D 46 -5.47 -6.58 -28.24
N GLN D 47 -4.26 -7.08 -28.41
CA GLN D 47 -3.74 -7.38 -29.74
C GLN D 47 -2.91 -8.65 -29.66
N GLY D 48 -3.51 -9.77 -29.98
CA GLY D 48 -2.82 -11.04 -29.96
C GLY D 48 -3.75 -12.22 -30.07
N GLY D 49 -3.20 -13.35 -30.48
CA GLY D 49 -3.99 -14.54 -30.64
C GLY D 49 -3.27 -15.76 -30.12
N GLY D 50 -4.02 -16.83 -29.87
CA GLY D 50 -3.45 -18.06 -29.38
C GLY D 50 -4.22 -19.27 -29.86
N PRO D 51 -3.92 -20.46 -29.34
CA PRO D 51 -4.59 -21.70 -29.73
C PRO D 51 -6.09 -21.65 -29.44
N TRP D 52 -6.45 -20.95 -28.38
CA TRP D 52 -7.84 -20.82 -27.98
C TRP D 52 -8.62 -19.95 -28.95
N ASP D 53 -7.92 -19.04 -29.63
CA ASP D 53 -8.56 -18.13 -30.59
C ASP D 53 -9.10 -18.90 -31.78
N SER D 54 -8.60 -20.11 -31.96
CA SER D 54 -9.05 -20.97 -33.06
C SER D 54 -10.30 -21.74 -32.62
N VAL D 55 -10.49 -21.81 -31.31
CA VAL D 55 -11.64 -22.51 -30.74
C VAL D 55 -12.80 -21.54 -30.53
N ALA D 56 -12.49 -20.38 -29.97
CA ALA D 56 -13.49 -19.36 -29.72
C ALA D 56 -12.88 -17.97 -29.92
N ARG D 57 -13.71 -17.02 -30.33
CA ARG D 57 -13.23 -15.67 -30.57
C ARG D 57 -14.04 -14.66 -29.76
N VAL D 58 -13.38 -13.59 -29.36
CA VAL D 58 -14.03 -12.54 -28.58
C VAL D 58 -14.33 -11.34 -29.48
N LEU D 59 -15.59 -10.94 -29.50
CA LEU D 59 -16.02 -9.81 -30.32
C LEU D 59 -15.59 -8.49 -29.65
N PRO D 60 -15.44 -7.42 -30.44
CA PRO D 60 -15.01 -6.09 -29.94
C PRO D 60 -15.97 -5.47 -28.93
N ASN D 61 -17.09 -6.13 -28.67
CA ASN D 61 -18.07 -5.61 -27.71
C ASN D 61 -18.04 -6.43 -26.42
N GLY D 62 -17.11 -7.38 -26.32
CA GLY D 62 -17.01 -8.18 -25.12
C GLY D 62 -17.85 -9.44 -25.17
N SER D 63 -18.21 -9.89 -26.36
CA SER D 63 -19.00 -11.09 -26.51
C SER D 63 -18.12 -12.27 -26.90
N LEU D 64 -18.37 -13.41 -26.28
CA LEU D 64 -17.62 -14.62 -26.55
C LEU D 64 -18.42 -15.52 -27.47
N PHE D 65 -17.90 -15.78 -28.66
CA PHE D 65 -18.59 -16.63 -29.61
C PHE D 65 -17.92 -17.99 -29.74
N LEU D 66 -18.69 -19.03 -29.46
CA LEU D 66 -18.21 -20.40 -29.55
C LEU D 66 -18.95 -21.12 -30.67
N PRO D 67 -18.23 -21.44 -31.77
CA PRO D 67 -18.81 -22.13 -32.94
C PRO D 67 -19.56 -23.41 -32.56
N ALA D 68 -18.90 -24.25 -31.80
CA ALA D 68 -19.49 -25.51 -31.38
C ALA D 68 -18.99 -25.90 -30.00
N VAL D 69 -19.86 -25.82 -29.00
CA VAL D 69 -19.48 -26.17 -27.64
C VAL D 69 -19.40 -27.69 -27.50
N GLY D 70 -18.25 -28.17 -27.02
CA GLY D 70 -18.06 -29.58 -26.84
C GLY D 70 -18.05 -29.97 -25.38
N ILE D 71 -17.23 -30.94 -25.03
CA ILE D 71 -17.13 -31.40 -23.65
C ILE D 71 -15.87 -30.85 -23.00
N GLN D 72 -15.04 -30.20 -23.80
CA GLN D 72 -13.80 -29.61 -23.32
C GLN D 72 -14.06 -28.18 -22.86
N ASP D 73 -15.16 -27.63 -23.34
CA ASP D 73 -15.56 -26.27 -23.00
C ASP D 73 -16.71 -26.28 -22.01
N GLU D 74 -16.81 -27.36 -21.24
CA GLU D 74 -17.86 -27.48 -20.25
C GLU D 74 -17.28 -27.34 -18.85
N GLY D 75 -17.84 -26.41 -18.07
CA GLY D 75 -17.36 -26.19 -16.73
C GLY D 75 -17.66 -24.79 -16.25
N ILE D 76 -16.79 -24.25 -15.42
CA ILE D 76 -16.97 -22.92 -14.87
C ILE D 76 -15.94 -21.94 -15.43
N PHE D 77 -16.41 -20.90 -16.08
CA PHE D 77 -15.53 -19.89 -16.67
C PHE D 77 -15.62 -18.59 -15.91
N ARG D 78 -14.59 -17.75 -16.03
CA ARG D 78 -14.57 -16.47 -15.33
C ARG D 78 -13.81 -15.42 -16.13
N CYS D 79 -14.53 -14.43 -16.62
CA CYS D 79 -13.91 -13.35 -17.38
C CYS D 79 -13.39 -12.30 -16.40
N GLN D 80 -12.11 -11.97 -16.52
CA GLN D 80 -11.48 -11.01 -15.62
C GLN D 80 -10.87 -9.86 -16.42
N ALA D 81 -10.21 -8.96 -15.72
CA ALA D 81 -9.57 -7.81 -16.35
C ALA D 81 -8.41 -7.32 -15.49
N MET D 82 -7.50 -6.58 -16.09
CA MET D 82 -6.35 -6.06 -15.36
C MET D 82 -6.28 -4.54 -15.52
N ASN D 83 -6.39 -3.84 -14.41
CA ASN D 83 -6.34 -2.38 -14.42
C ASN D 83 -5.08 -1.89 -13.74
N ARG D 84 -4.87 -0.57 -13.75
CA ARG D 84 -3.69 0.03 -13.14
C ARG D 84 -3.64 -0.25 -11.63
N ASN D 85 -4.81 -0.37 -11.01
CA ASN D 85 -4.89 -0.63 -9.58
C ASN D 85 -5.14 -2.11 -9.34
N GLY D 86 -5.17 -2.88 -10.43
CA GLY D 86 -5.42 -4.31 -10.33
C GLY D 86 -6.89 -4.65 -10.19
N LYS D 87 -7.75 -3.73 -10.60
CA LYS D 87 -9.20 -3.91 -10.53
C LYS D 87 -9.65 -5.10 -11.36
N GLU D 88 -10.28 -6.07 -10.71
CA GLU D 88 -10.77 -7.27 -11.39
C GLU D 88 -12.30 -7.31 -11.35
N THR D 89 -12.86 -8.42 -11.81
CA THR D 89 -14.30 -8.59 -11.82
C THR D 89 -14.70 -10.03 -11.48
N LYS D 90 -15.64 -10.16 -10.56
CA LYS D 90 -16.12 -11.46 -10.13
C LYS D 90 -17.30 -11.87 -11.00
N SER D 91 -17.07 -12.79 -11.92
CA SER D 91 -18.12 -13.28 -12.80
C SER D 91 -17.82 -14.71 -13.24
N ASN D 92 -18.46 -15.66 -12.57
CA ASN D 92 -18.26 -17.07 -12.87
C ASN D 92 -19.52 -17.66 -13.48
N TYR D 93 -19.36 -18.35 -14.60
CA TYR D 93 -20.47 -18.99 -15.29
C TYR D 93 -20.22 -20.48 -15.39
N ARG D 94 -21.24 -21.28 -15.09
CA ARG D 94 -21.11 -22.73 -15.15
C ARG D 94 -21.99 -23.29 -16.25
N VAL D 95 -21.36 -23.73 -17.33
CA VAL D 95 -22.07 -24.30 -18.45
C VAL D 95 -22.21 -25.81 -18.26
N ARG D 96 -23.35 -26.36 -18.65
CA ARG D 96 -23.60 -27.79 -18.51
C ARG D 96 -24.25 -28.35 -19.77
N VAL D 97 -23.61 -29.32 -20.39
CA VAL D 97 -24.14 -29.92 -21.60
C VAL D 97 -25.11 -31.06 -21.28
N TYR D 98 -26.02 -31.33 -22.20
CA TYR D 98 -27.01 -32.39 -22.00
C TYR D 98 -26.34 -33.76 -22.17
N GLN D 99 -25.35 -33.82 -23.03
CA GLN D 99 -24.64 -35.07 -23.29
C GLN D 99 -23.28 -35.06 -22.60
N ILE D 100 -23.29 -35.36 -21.32
CA ILE D 100 -22.07 -35.38 -20.54
C ILE D 100 -21.36 -36.73 -20.70
N PRO D 101 -20.02 -36.71 -20.76
CA PRO D 101 -19.23 -37.94 -20.91
C PRO D 101 -19.10 -38.70 -19.59
N ALA A 2 -12.66 7.78 21.12
CA ALA A 2 -12.42 7.54 19.68
C ALA A 2 -13.41 6.52 19.13
N SER A 3 -13.71 6.65 17.85
CA SER A 3 -14.63 5.74 17.18
C SER A 3 -13.98 4.37 17.00
N PRO A 4 -14.79 3.31 16.76
CA PRO A 4 -14.31 1.94 16.58
C PRO A 4 -13.17 1.82 15.58
N LEU A 5 -13.29 2.51 14.44
CA LEU A 5 -12.27 2.48 13.42
C LEU A 5 -10.94 3.02 13.95
N ASP A 6 -11.01 4.17 14.61
CA ASP A 6 -9.82 4.79 15.19
C ASP A 6 -9.17 3.88 16.21
N GLN A 7 -9.99 3.24 17.03
CA GLN A 7 -9.50 2.34 18.05
C GLN A 7 -8.82 1.13 17.43
N ALA A 8 -9.38 0.65 16.32
CA ALA A 8 -8.81 -0.49 15.61
C ALA A 8 -7.45 -0.12 15.03
N ILE A 9 -7.37 1.07 14.45
CA ILE A 9 -6.11 1.55 13.88
C ILE A 9 -5.06 1.71 14.96
N GLY A 10 -5.47 2.29 16.09
CA GLY A 10 -4.56 2.49 17.20
C GLY A 10 -4.02 1.17 17.74
N LEU A 11 -4.88 0.16 17.75
CA LEU A 11 -4.48 -1.17 18.23
C LEU A 11 -3.38 -1.75 17.37
N LEU A 12 -3.50 -1.59 16.07
CA LEU A 12 -2.50 -2.10 15.12
C LEU A 12 -1.16 -1.43 15.37
N VAL A 13 -1.19 -0.11 15.60
CA VAL A 13 0.03 0.64 15.87
C VAL A 13 0.64 0.19 17.20
N ALA A 14 -0.23 -0.14 18.14
CA ALA A 14 0.20 -0.61 19.46
C ALA A 14 0.86 -1.97 19.34
N ILE A 15 0.30 -2.82 18.49
CA ILE A 15 0.84 -4.17 18.27
C ILE A 15 2.21 -4.08 17.61
N PHE A 16 2.33 -3.18 16.64
CA PHE A 16 3.59 -2.98 15.93
C PHE A 16 4.68 -2.55 16.90
N HIS A 17 4.35 -1.60 17.77
CA HIS A 17 5.31 -1.09 18.75
C HIS A 17 5.34 -1.95 20.01
N LYS A 18 4.67 -3.10 19.95
CA LYS A 18 4.63 -4.03 21.07
C LYS A 18 5.85 -4.93 21.02
N TYR A 19 6.33 -5.19 19.80
CA TYR A 19 7.50 -6.03 19.61
C TYR A 19 8.69 -5.24 19.08
N SER A 20 8.42 -4.11 18.44
CA SER A 20 9.48 -3.28 17.90
C SER A 20 10.28 -2.63 19.02
N GLY A 21 11.53 -3.04 19.17
CA GLY A 21 12.36 -2.49 20.21
C GLY A 21 12.90 -3.54 21.16
N ARG A 22 13.04 -4.75 20.66
CA ARG A 22 13.57 -5.84 21.48
C ARG A 22 15.08 -5.88 21.34
N GLU A 23 15.55 -5.86 20.11
CA GLU A 23 16.97 -5.90 19.82
C GLU A 23 17.27 -5.19 18.50
N GLY A 24 18.25 -4.30 18.51
CA GLY A 24 18.63 -3.59 17.31
C GLY A 24 18.05 -2.18 17.27
N ASP A 25 16.86 -2.05 16.71
CA ASP A 25 16.22 -0.75 16.58
C ASP A 25 14.95 -0.71 17.43
N LYS A 26 14.12 0.31 17.19
CA LYS A 26 12.87 0.47 17.91
C LYS A 26 11.78 0.97 16.97
N HIS A 27 12.18 1.27 15.73
CA HIS A 27 11.25 1.76 14.73
C HIS A 27 10.97 0.69 13.69
N THR A 28 11.86 -0.30 13.62
CA THR A 28 11.73 -1.38 12.67
C THR A 28 11.68 -2.73 13.37
N LEU A 29 11.15 -3.73 12.68
CA LEU A 29 11.05 -5.09 13.21
C LEU A 29 12.07 -5.99 12.54
N SER A 30 12.87 -6.68 13.35
CA SER A 30 13.86 -7.61 12.82
C SER A 30 13.19 -8.90 12.37
N LYS A 31 13.99 -9.84 11.86
CA LYS A 31 13.47 -11.13 11.41
C LYS A 31 13.17 -12.03 12.60
N LYS A 32 13.38 -11.49 13.80
CA LYS A 32 13.14 -12.23 15.03
C LYS A 32 11.91 -11.67 15.74
N GLU A 33 11.83 -10.33 15.82
CA GLU A 33 10.71 -9.67 16.47
C GLU A 33 9.41 -9.93 15.72
N LEU A 34 9.48 -9.84 14.39
CA LEU A 34 8.30 -10.07 13.56
C LEU A 34 7.88 -11.54 13.60
N LYS A 35 8.86 -12.43 13.73
CA LYS A 35 8.58 -13.85 13.78
C LYS A 35 7.65 -14.18 14.95
N GLU A 36 8.01 -13.69 16.13
CA GLU A 36 7.21 -13.92 17.33
C GLU A 36 5.87 -13.19 17.22
N LEU A 37 5.89 -12.05 16.55
CA LEU A 37 4.69 -11.25 16.35
C LEU A 37 3.64 -12.05 15.57
N ILE A 38 4.08 -12.63 14.45
CA ILE A 38 3.20 -13.41 13.61
C ILE A 38 2.67 -14.65 14.34
N GLN A 39 3.53 -15.28 15.13
CA GLN A 39 3.16 -16.48 15.85
C GLN A 39 2.28 -16.21 17.07
N LYS A 40 2.14 -14.95 17.46
CA LYS A 40 1.34 -14.64 18.65
C LYS A 40 0.14 -13.74 18.35
N GLU A 41 0.30 -12.80 17.43
CA GLU A 41 -0.79 -11.88 17.11
C GLU A 41 -1.68 -12.43 16.00
N LEU A 42 -1.16 -13.39 15.23
CA LEU A 42 -1.92 -13.99 14.15
C LEU A 42 -2.42 -15.36 14.57
N THR A 43 -3.69 -15.65 14.30
CA THR A 43 -4.31 -16.92 14.68
C THR A 43 -3.63 -18.10 13.96
N ILE A 44 -3.35 -17.94 12.68
CA ILE A 44 -2.72 -18.99 11.90
C ILE A 44 -1.19 -18.89 11.97
N GLY A 45 -0.70 -17.81 12.57
CA GLY A 45 0.73 -17.59 12.68
C GLY A 45 1.45 -18.69 13.44
N SER A 46 0.86 -19.14 14.54
CA SER A 46 1.45 -20.20 15.35
C SER A 46 1.26 -21.57 14.70
N LYS A 47 0.62 -21.59 13.54
CA LYS A 47 0.37 -22.83 12.82
C LYS A 47 1.06 -22.83 11.46
N LEU A 48 2.03 -21.94 11.29
CA LEU A 48 2.75 -21.84 10.03
C LEU A 48 4.10 -22.55 10.11
N GLN A 49 4.66 -22.87 8.95
CA GLN A 49 5.95 -23.53 8.88
C GLN A 49 7.06 -22.50 9.05
N ASP A 50 8.21 -22.94 9.57
CA ASP A 50 9.34 -22.03 9.77
C ASP A 50 9.79 -21.42 8.46
N ALA A 51 9.85 -22.26 7.42
CA ALA A 51 10.24 -21.81 6.10
C ALA A 51 9.22 -20.83 5.54
N GLU A 52 7.95 -21.05 5.85
CA GLU A 52 6.87 -20.19 5.40
C GLU A 52 7.01 -18.81 6.02
N ILE A 53 7.24 -18.78 7.33
CA ILE A 53 7.40 -17.53 8.06
C ILE A 53 8.61 -16.77 7.52
N ALA A 54 9.70 -17.51 7.26
CA ALA A 54 10.92 -16.92 6.73
C ALA A 54 10.65 -16.32 5.35
N ARG A 55 9.96 -17.07 4.51
CA ARG A 55 9.62 -16.61 3.16
C ARG A 55 8.79 -15.34 3.23
N LEU A 56 7.83 -15.32 4.15
CA LEU A 56 6.96 -14.17 4.33
C LEU A 56 7.74 -12.96 4.83
N MET A 57 8.62 -13.18 5.79
CA MET A 57 9.43 -12.10 6.36
C MET A 57 10.39 -11.52 5.33
N GLU A 58 10.74 -12.30 4.33
CA GLU A 58 11.64 -11.85 3.28
C GLU A 58 10.84 -11.32 2.10
N ASP A 59 9.58 -11.74 2.00
CA ASP A 59 8.69 -11.30 0.92
C ASP A 59 8.23 -9.88 1.22
N LEU A 60 7.86 -9.64 2.47
CA LEU A 60 7.43 -8.32 2.91
C LEU A 60 8.60 -7.37 2.85
N ASP A 61 9.80 -7.93 2.96
CA ASP A 61 11.04 -7.16 2.90
C ASP A 61 11.21 -6.58 1.51
N ARG A 62 10.70 -5.38 1.31
CA ARG A 62 10.79 -4.71 0.02
C ARG A 62 11.92 -3.67 0.02
N ASN A 63 12.40 -3.35 1.21
CA ASN A 63 13.47 -2.38 1.35
C ASN A 63 14.85 -3.02 1.14
N LYS A 64 14.91 -4.34 1.36
CA LYS A 64 16.14 -5.10 1.20
C LYS A 64 17.24 -4.61 2.15
N ASP A 65 16.81 -4.10 3.29
CA ASP A 65 17.70 -3.60 4.32
C ASP A 65 17.68 -4.58 5.50
N GLN A 66 16.74 -5.52 5.41
CA GLN A 66 16.54 -6.60 6.39
C GLN A 66 15.78 -6.14 7.63
N GLU A 67 15.14 -4.99 7.56
CA GLU A 67 14.36 -4.49 8.68
C GLU A 67 12.97 -4.09 8.20
N VAL A 68 11.95 -4.66 8.84
CA VAL A 68 10.56 -4.38 8.48
C VAL A 68 10.09 -3.07 9.11
N ASN A 69 9.83 -2.08 8.27
CA ASN A 69 9.39 -0.77 8.74
C ASN A 69 7.86 -0.73 8.81
N PHE A 70 7.33 0.39 9.29
CA PHE A 70 5.89 0.57 9.43
C PHE A 70 5.15 0.30 8.13
N GLN A 71 5.67 0.82 7.02
CA GLN A 71 5.05 0.62 5.71
C GLN A 71 4.97 -0.86 5.34
N GLU A 72 6.01 -1.61 5.68
CA GLU A 72 6.02 -3.04 5.40
C GLU A 72 4.93 -3.74 6.21
N TYR A 73 4.79 -3.31 7.47
CA TYR A 73 3.78 -3.86 8.36
C TYR A 73 2.38 -3.62 7.80
N VAL A 74 2.16 -2.40 7.28
CA VAL A 74 0.88 -2.04 6.69
C VAL A 74 0.58 -2.95 5.49
N THR A 75 1.62 -3.27 4.74
CA THR A 75 1.50 -4.14 3.58
C THR A 75 1.03 -5.54 4.01
N PHE A 76 1.54 -5.99 5.15
CA PHE A 76 1.17 -7.30 5.69
C PHE A 76 -0.31 -7.31 6.06
N LEU A 77 -0.75 -6.23 6.72
CA LEU A 77 -2.14 -6.10 7.13
C LEU A 77 -3.05 -6.08 5.90
N GLY A 78 -2.61 -5.38 4.87
CA GLY A 78 -3.37 -5.29 3.64
C GLY A 78 -3.55 -6.65 3.00
N ALA A 79 -2.50 -7.47 3.05
CA ALA A 79 -2.54 -8.80 2.49
C ALA A 79 -3.58 -9.65 3.21
N LEU A 80 -3.60 -9.54 4.54
CA LEU A 80 -4.56 -10.30 5.35
C LEU A 80 -5.98 -9.83 5.06
N ALA A 81 -6.14 -8.53 4.92
CA ALA A 81 -7.44 -7.93 4.62
C ALA A 81 -7.97 -8.44 3.28
N LEU A 82 -7.08 -8.56 2.31
CA LEU A 82 -7.44 -9.06 1.00
C LEU A 82 -7.99 -10.48 1.10
N ILE A 83 -7.29 -11.33 1.84
CA ILE A 83 -7.70 -12.72 2.03
C ILE A 83 -9.09 -12.80 2.65
N TYR A 84 -9.35 -11.93 3.61
CA TYR A 84 -10.64 -11.88 4.29
C TYR A 84 -11.74 -11.50 3.32
N ASN A 85 -11.43 -10.62 2.38
CA ASN A 85 -12.40 -10.17 1.38
C ASN A 85 -12.59 -11.24 0.31
N GLU A 86 -11.51 -11.96 0.00
CA GLU A 86 -11.55 -13.02 -1.02
C GLU A 86 -12.48 -14.15 -0.56
N ALA A 87 -12.53 -14.38 0.74
CA ALA A 87 -13.38 -15.42 1.32
C ALA A 87 -14.85 -15.07 1.13
N LEU A 88 -15.13 -13.79 0.93
CA LEU A 88 -16.49 -13.32 0.74
C LEU A 88 -16.73 -12.96 -0.73
N LYS A 89 -15.84 -13.43 -1.60
CA LYS A 89 -15.94 -13.16 -3.03
C LYS A 89 -16.69 -14.29 -3.75
N GLY A 90 -17.28 -15.19 -2.98
CA GLY A 90 -18.03 -16.29 -3.54
C GLY A 90 -17.14 -17.46 -3.92
N ALA B 2 -10.17 -16.29 17.52
CA ALA B 2 -9.29 -15.49 16.64
C ALA B 2 -8.51 -14.48 17.45
N SER B 3 -7.23 -14.32 17.12
CA SER B 3 -6.36 -13.40 17.83
C SER B 3 -6.81 -11.95 17.64
N PRO B 4 -6.40 -11.04 18.55
CA PRO B 4 -6.77 -9.61 18.49
C PRO B 4 -6.53 -8.97 17.13
N LEU B 5 -5.40 -9.31 16.50
CA LEU B 5 -5.06 -8.75 15.20
C LEU B 5 -6.07 -9.18 14.15
N ASP B 6 -6.40 -10.47 14.14
CA ASP B 6 -7.36 -11.02 13.18
C ASP B 6 -8.72 -10.35 13.35
N GLN B 7 -9.13 -10.17 14.59
CA GLN B 7 -10.41 -9.54 14.90
C GLN B 7 -10.41 -8.08 14.44
N ALA B 8 -9.29 -7.40 14.61
CA ALA B 8 -9.17 -6.01 14.20
C ALA B 8 -9.30 -5.90 12.68
N ILE B 9 -8.65 -6.82 11.97
CA ILE B 9 -8.69 -6.85 10.52
C ILE B 9 -10.12 -7.16 10.06
N GLY B 10 -10.74 -8.15 10.70
CA GLY B 10 -12.10 -8.51 10.35
C GLY B 10 -13.07 -7.38 10.56
N LEU B 11 -12.83 -6.59 11.60
CA LEU B 11 -13.68 -5.44 11.91
C LEU B 11 -13.62 -4.42 10.78
N LEU B 12 -12.42 -4.16 10.29
CA LEU B 12 -12.22 -3.21 9.20
C LEU B 12 -12.98 -3.66 7.95
N VAL B 13 -12.88 -4.94 7.63
CA VAL B 13 -13.57 -5.50 6.48
C VAL B 13 -15.08 -5.38 6.67
N ALA B 14 -15.52 -5.57 7.90
CA ALA B 14 -16.94 -5.48 8.24
C ALA B 14 -17.42 -4.05 8.07
N ILE B 15 -16.61 -3.09 8.52
CA ILE B 15 -16.95 -1.67 8.41
C ILE B 15 -17.05 -1.27 6.94
N PHE B 16 -16.13 -1.76 6.13
CA PHE B 16 -16.15 -1.47 4.70
C PHE B 16 -17.43 -1.97 4.06
N HIS B 17 -17.84 -3.18 4.44
CA HIS B 17 -19.05 -3.78 3.89
C HIS B 17 -20.29 -3.35 4.66
N LYS B 18 -20.11 -2.42 5.58
CA LYS B 18 -21.22 -1.90 6.39
C LYS B 18 -21.94 -0.82 5.61
N TYR B 19 -21.20 -0.16 4.73
CA TYR B 19 -21.76 0.91 3.91
C TYR B 19 -21.80 0.54 2.44
N SER B 20 -20.88 -0.33 2.02
CA SER B 20 -20.81 -0.76 0.62
C SER B 20 -22.05 -1.57 0.25
N GLY B 21 -22.91 -0.97 -0.56
CA GLY B 21 -24.11 -1.67 -0.97
C GLY B 21 -25.37 -0.86 -0.72
N ARG B 22 -25.21 0.44 -0.57
CA ARG B 22 -26.36 1.32 -0.33
C ARG B 22 -27.02 1.65 -1.66
N GLU B 23 -26.23 2.15 -2.61
CA GLU B 23 -26.75 2.51 -3.92
C GLU B 23 -25.64 2.46 -4.97
N GLY B 24 -25.88 1.71 -6.04
CA GLY B 24 -24.89 1.59 -7.10
C GLY B 24 -24.26 0.23 -7.16
N ASP B 25 -23.34 -0.04 -6.24
CA ASP B 25 -22.65 -1.32 -6.21
C ASP B 25 -22.69 -1.91 -4.80
N LYS B 26 -21.91 -2.95 -4.57
CA LYS B 26 -21.85 -3.61 -3.28
C LYS B 26 -20.41 -3.98 -2.95
N HIS B 27 -19.50 -3.72 -3.89
CA HIS B 27 -18.09 -4.03 -3.70
C HIS B 27 -17.27 -2.75 -3.60
N THR B 28 -17.85 -1.64 -4.04
CA THR B 28 -17.17 -0.36 -4.01
C THR B 28 -17.98 0.67 -3.24
N LEU B 29 -17.31 1.72 -2.78
CA LEU B 29 -17.96 2.79 -2.04
C LEU B 29 -18.07 4.04 -2.91
N SER B 30 -19.27 4.58 -3.00
CA SER B 30 -19.51 5.79 -3.77
C SER B 30 -19.05 7.01 -3.00
N LYS B 31 -19.21 8.20 -3.59
CA LYS B 31 -18.82 9.44 -2.94
C LYS B 31 -19.88 9.84 -1.91
N LYS B 32 -20.88 8.98 -1.75
CA LYS B 32 -21.95 9.20 -0.81
C LYS B 32 -21.81 8.23 0.37
N GLU B 33 -21.61 6.95 0.06
CA GLU B 33 -21.45 5.92 1.06
C GLU B 33 -20.20 6.18 1.92
N LEU B 34 -19.11 6.53 1.26
CA LEU B 34 -17.85 6.79 1.95
C LEU B 34 -17.95 8.05 2.81
N LYS B 35 -18.73 9.03 2.34
CA LYS B 35 -18.89 10.29 3.08
C LYS B 35 -19.48 10.03 4.46
N GLU B 36 -20.56 9.25 4.51
CA GLU B 36 -21.21 8.92 5.77
C GLU B 36 -20.30 8.02 6.61
N LEU B 37 -19.53 7.18 5.93
CA LEU B 37 -18.61 6.28 6.61
C LEU B 37 -17.59 7.06 7.41
N ILE B 38 -16.95 8.02 6.75
CA ILE B 38 -15.93 8.85 7.39
C ILE B 38 -16.53 9.67 8.53
N GLN B 39 -17.75 10.17 8.33
CA GLN B 39 -18.41 10.99 9.34
C GLN B 39 -18.96 10.18 10.52
N LYS B 40 -18.93 8.85 10.42
CA LYS B 40 -19.46 8.02 11.50
C LYS B 40 -18.42 7.08 12.10
N GLU B 41 -17.55 6.54 11.27
CA GLU B 41 -16.54 5.60 11.74
C GLU B 41 -15.26 6.32 12.18
N LEU B 42 -15.08 7.54 11.72
CA LEU B 42 -13.90 8.31 12.07
C LEU B 42 -14.24 9.37 13.12
N THR B 43 -13.43 9.44 14.16
CA THR B 43 -13.65 10.40 15.25
C THR B 43 -13.62 11.85 14.74
N ILE B 44 -12.70 12.13 13.83
CA ILE B 44 -12.56 13.48 13.29
C ILE B 44 -13.35 13.63 11.98
N GLY B 45 -13.94 12.53 11.52
CA GLY B 45 -14.70 12.57 10.28
C GLY B 45 -15.89 13.50 10.32
N SER B 46 -16.62 13.46 11.43
CA SER B 46 -17.80 14.31 11.60
C SER B 46 -17.41 15.75 11.93
N LYS B 47 -16.12 15.98 12.09
CA LYS B 47 -15.62 17.30 12.42
C LYS B 47 -14.83 17.89 11.25
N LEU B 48 -14.99 17.28 10.08
CA LEU B 48 -14.30 17.74 8.88
C LEU B 48 -15.20 18.61 8.02
N GLN B 49 -14.58 19.40 7.15
CA GLN B 49 -15.33 20.28 6.25
C GLN B 49 -15.81 19.49 5.04
N ASP B 50 -16.89 19.96 4.41
CA ASP B 50 -17.45 19.30 3.24
C ASP B 50 -16.41 19.22 2.12
N ALA B 51 -15.75 20.35 1.87
CA ALA B 51 -14.71 20.43 0.85
C ALA B 51 -13.55 19.49 1.19
N GLU B 52 -13.27 19.35 2.47
CA GLU B 52 -12.19 18.48 2.93
C GLU B 52 -12.52 17.02 2.65
N ILE B 53 -13.73 16.63 3.01
CA ILE B 53 -14.18 15.26 2.79
C ILE B 53 -14.21 14.96 1.29
N ALA B 54 -14.69 15.92 0.50
CA ALA B 54 -14.74 15.76 -0.94
C ALA B 54 -13.36 15.59 -1.52
N ARG B 55 -12.44 16.44 -1.09
CA ARG B 55 -11.05 16.38 -1.55
C ARG B 55 -10.44 15.03 -1.23
N LEU B 56 -10.68 14.56 -0.01
CA LEU B 56 -10.17 13.27 0.43
C LEU B 56 -10.77 12.13 -0.38
N MET B 57 -12.08 12.19 -0.62
CA MET B 57 -12.78 11.16 -1.39
C MET B 57 -12.31 11.10 -2.83
N GLU B 58 -11.77 12.21 -3.33
CA GLU B 58 -11.27 12.26 -4.70
C GLU B 58 -9.77 11.99 -4.71
N ASP B 59 -9.10 12.25 -3.60
CA ASP B 59 -7.66 12.01 -3.49
C ASP B 59 -7.39 10.52 -3.39
N LEU B 60 -8.25 9.84 -2.64
CA LEU B 60 -8.14 8.40 -2.48
C LEU B 60 -8.50 7.71 -3.79
N ASP B 61 -9.27 8.43 -4.60
CA ASP B 61 -9.70 7.94 -5.90
C ASP B 61 -8.51 7.85 -6.85
N ARG B 62 -7.86 6.69 -6.83
CA ARG B 62 -6.70 6.45 -7.66
C ARG B 62 -7.09 5.81 -8.98
N ASN B 63 -8.19 5.07 -8.96
CA ASN B 63 -8.67 4.38 -10.15
C ASN B 63 -9.25 5.34 -11.19
N LYS B 64 -9.78 6.47 -10.71
CA LYS B 64 -10.38 7.49 -11.58
C LYS B 64 -11.63 6.97 -12.27
N ASP B 65 -12.28 6.02 -11.60
CA ASP B 65 -13.51 5.43 -12.11
C ASP B 65 -14.68 5.95 -11.27
N GLN B 66 -14.32 6.64 -10.17
CA GLN B 66 -15.27 7.28 -9.24
C GLN B 66 -15.87 6.29 -8.25
N GLU B 67 -15.20 5.17 -8.03
CA GLU B 67 -15.67 4.18 -7.07
C GLU B 67 -14.52 3.70 -6.20
N VAL B 68 -14.65 3.91 -4.89
CA VAL B 68 -13.62 3.50 -3.96
C VAL B 68 -13.67 2.00 -3.71
N ASN B 69 -12.65 1.30 -4.19
CA ASN B 69 -12.59 -0.16 -4.02
C ASN B 69 -11.86 -0.50 -2.72
N PHE B 70 -11.82 -1.80 -2.40
CA PHE B 70 -11.19 -2.28 -1.18
C PHE B 70 -9.76 -1.76 -1.04
N GLN B 71 -8.99 -1.81 -2.13
CA GLN B 71 -7.61 -1.34 -2.12
C GLN B 71 -7.52 0.13 -1.75
N GLU B 72 -8.48 0.94 -2.22
CA GLU B 72 -8.50 2.36 -1.91
C GLU B 72 -8.78 2.56 -0.42
N TYR B 73 -9.68 1.72 0.11
CA TYR B 73 -10.05 1.78 1.52
C TYR B 73 -8.83 1.47 2.37
N VAL B 74 -8.05 0.49 1.94
CA VAL B 74 -6.84 0.11 2.66
C VAL B 74 -5.85 1.26 2.68
N THR B 75 -5.82 2.02 1.59
CA THR B 75 -4.93 3.17 1.47
C THR B 75 -5.32 4.23 2.50
N PHE B 76 -6.63 4.38 2.71
CA PHE B 76 -7.14 5.34 3.68
C PHE B 76 -6.71 4.94 5.09
N LEU B 77 -6.82 3.65 5.39
CA LEU B 77 -6.44 3.14 6.70
C LEU B 77 -4.94 3.33 6.93
N GLY B 78 -4.16 3.10 5.88
CA GLY B 78 -2.72 3.27 5.97
C GLY B 78 -2.33 4.71 6.29
N ALA B 79 -3.03 5.65 5.67
CA ALA B 79 -2.78 7.07 5.88
C ALA B 79 -3.02 7.43 7.34
N LEU B 80 -4.11 6.89 7.90
CA LEU B 80 -4.45 7.15 9.29
C LEU B 80 -3.38 6.56 10.22
N ALA B 81 -2.94 5.36 9.88
CA ALA B 81 -1.92 4.67 10.66
C ALA B 81 -0.63 5.48 10.70
N LEU B 82 -0.28 6.08 9.55
CA LEU B 82 0.92 6.89 9.46
C LEU B 82 0.83 8.09 10.40
N ILE B 83 -0.32 8.74 10.41
CA ILE B 83 -0.54 9.90 11.28
C ILE B 83 -0.38 9.51 12.75
N TYR B 84 -0.89 8.33 13.10
CA TYR B 84 -0.81 7.83 14.46
C TYR B 84 0.65 7.58 14.85
N ASN B 85 1.44 7.09 13.90
CA ASN B 85 2.85 6.81 14.14
C ASN B 85 3.65 8.11 14.18
N GLU B 86 3.22 9.08 13.36
CA GLU B 86 3.88 10.38 13.30
C GLU B 86 3.77 11.12 14.63
N ALA B 87 2.66 10.92 15.32
CA ALA B 87 2.43 11.56 16.61
C ALA B 87 3.39 11.00 17.65
N LEU B 88 3.95 9.83 17.36
CA LEU B 88 4.89 9.17 18.27
C LEU B 88 6.30 9.21 17.69
N LYS B 89 6.53 10.13 16.76
CA LYS B 89 7.83 10.26 16.11
C LYS B 89 8.65 11.36 16.79
N GLY B 90 8.20 11.78 17.96
CA GLY B 90 8.90 12.83 18.69
C GLY B 90 8.40 14.21 18.33
N ALA C 1 6.81 17.18 18.69
CA ALA C 1 8.04 17.76 18.10
C ALA C 1 9.14 17.86 19.14
N MET C 2 10.24 17.17 18.89
CA MET C 2 11.39 17.18 19.80
C MET C 2 12.64 17.56 19.03
N ALA C 3 13.51 18.34 19.66
CA ALA C 3 14.75 18.77 19.03
C ALA C 3 15.83 19.03 20.08
N GLN C 4 17.08 18.72 19.74
CA GLN C 4 18.20 18.94 20.65
C GLN C 4 18.79 20.31 20.38
N ASN C 5 19.03 21.09 21.43
CA ASN C 5 19.56 22.43 21.27
C ASN C 5 21.09 22.45 21.42
N ILE C 6 21.74 23.21 20.56
CA ILE C 6 23.19 23.36 20.57
C ILE C 6 23.57 24.83 20.43
N THR C 7 24.39 25.32 21.34
CA THR C 7 24.82 26.71 21.30
C THR C 7 26.10 26.84 20.46
N ALA C 8 26.11 27.80 19.55
CA ALA C 8 27.26 28.03 18.68
C ALA C 8 27.67 29.49 18.67
N ARG C 9 28.69 29.81 17.89
CA ARG C 9 29.19 31.17 17.79
C ARG C 9 29.27 31.58 16.32
N ILE C 10 29.08 32.87 16.07
CA ILE C 10 29.14 33.38 14.71
C ILE C 10 30.57 33.34 14.19
N GLY C 11 30.76 32.78 13.01
CA GLY C 11 32.08 32.67 12.43
C GLY C 11 32.89 31.54 13.03
N GLU C 12 32.19 30.53 13.51
CA GLU C 12 32.83 29.38 14.12
C GLU C 12 32.57 28.11 13.30
N PRO C 13 33.62 27.33 12.99
CA PRO C 13 33.48 26.08 12.24
C PRO C 13 32.83 24.98 13.08
N LEU C 14 31.79 24.38 12.54
CA LEU C 14 31.07 23.32 13.25
C LEU C 14 31.03 22.05 12.42
N VAL C 15 31.14 20.92 13.10
CA VAL C 15 31.09 19.62 12.44
C VAL C 15 30.00 18.76 13.06
N LEU C 16 28.89 18.63 12.35
CA LEU C 16 27.77 17.84 12.84
C LEU C 16 27.77 16.47 12.19
N LYS C 17 27.09 15.50 12.80
CA LYS C 17 27.01 14.16 12.26
C LYS C 17 25.56 13.72 12.15
N CYS C 18 25.19 13.20 10.99
CA CYS C 18 23.82 12.76 10.77
C CYS C 18 23.79 11.36 10.17
N LYS C 19 23.32 10.40 10.97
CA LYS C 19 23.23 9.02 10.52
C LYS C 19 21.92 8.80 9.76
N GLY C 20 21.83 7.67 9.07
CA GLY C 20 20.62 7.37 8.33
C GLY C 20 20.85 6.27 7.31
N ALA C 21 22.03 6.28 6.71
CA ALA C 21 22.40 5.27 5.73
C ALA C 21 22.79 3.97 6.43
N PRO C 22 22.03 2.89 6.19
CA PRO C 22 22.29 1.59 6.80
C PRO C 22 23.35 0.78 6.04
N LYS C 23 23.31 -0.53 6.19
CA LYS C 23 24.25 -1.40 5.51
C LYS C 23 23.86 -1.61 4.05
N LYS C 24 23.99 -0.56 3.26
CA LYS C 24 23.64 -0.61 1.85
C LYS C 24 24.30 0.56 1.11
N PRO C 25 24.41 0.49 -0.23
CA PRO C 25 24.99 1.57 -1.04
C PRO C 25 24.23 2.87 -0.86
N PRO C 26 24.95 4.01 -0.93
CA PRO C 26 24.37 5.35 -0.78
C PRO C 26 23.03 5.51 -1.50
N GLN C 27 21.96 5.66 -0.73
CA GLN C 27 20.62 5.84 -1.29
C GLN C 27 20.33 7.33 -1.44
N ARG C 28 19.11 7.67 -1.83
CA ARG C 28 18.74 9.08 -1.99
C ARG C 28 18.66 9.77 -0.63
N LEU C 29 19.37 10.88 -0.50
CA LEU C 29 19.40 11.64 0.74
C LEU C 29 18.55 12.91 0.59
N GLU C 30 18.02 13.39 1.70
CA GLU C 30 17.21 14.60 1.69
C GLU C 30 17.42 15.37 2.99
N TRP C 31 17.67 16.67 2.87
CA TRP C 31 17.90 17.52 4.02
C TRP C 31 16.75 18.49 4.20
N LYS C 32 16.43 18.81 5.45
CA LYS C 32 15.35 19.73 5.78
C LYS C 32 15.71 20.55 7.02
N LEU C 33 14.90 21.56 7.31
CA LEU C 33 15.13 22.39 8.47
C LEU C 33 13.89 23.26 8.74
N ASN C 34 13.86 23.86 9.91
CA ASN C 34 12.75 24.73 10.30
C ASN C 34 13.29 25.99 10.94
N THR C 35 13.31 27.07 10.18
CA THR C 35 13.78 28.36 10.66
C THR C 35 12.81 29.46 10.23
N GLY C 36 12.95 30.65 10.81
CA GLY C 36 12.09 31.75 10.45
C GLY C 36 12.33 32.24 9.03
N ARG C 37 13.59 32.47 8.70
CA ARG C 37 13.95 32.94 7.38
C ARG C 37 14.05 31.77 6.39
N THR C 38 14.88 30.78 6.74
CA THR C 38 15.08 29.60 5.91
C THR C 38 15.79 29.98 4.60
N GLU C 39 17.12 30.05 4.65
CA GLU C 39 17.91 30.39 3.48
C GLU C 39 19.02 29.38 3.24
N ALA C 40 19.12 28.40 4.14
CA ALA C 40 20.15 27.37 4.02
C ALA C 40 19.54 26.01 3.78
N TRP C 41 18.38 25.99 3.13
CA TRP C 41 17.70 24.74 2.84
C TRP C 41 17.97 24.30 1.41
N LYS C 42 18.66 23.18 1.27
CA LYS C 42 18.99 22.63 -0.04
C LYS C 42 19.01 21.11 0.04
N VAL C 43 18.36 20.46 -0.91
CA VAL C 43 18.30 19.01 -0.96
C VAL C 43 19.58 18.44 -1.56
N LEU C 44 20.27 17.59 -0.81
CA LEU C 44 21.50 16.97 -1.27
C LEU C 44 21.20 15.85 -2.27
N SER C 45 22.23 15.37 -2.94
CA SER C 45 22.07 14.31 -3.90
C SER C 45 23.34 13.46 -3.95
N PRO C 46 23.22 12.18 -4.32
CA PRO C 46 24.38 11.28 -4.42
C PRO C 46 25.43 11.81 -5.39
N GLN C 47 24.96 12.53 -6.40
CA GLN C 47 25.85 13.13 -7.38
C GLN C 47 25.40 14.56 -7.68
N GLY C 48 26.10 15.52 -7.09
CA GLY C 48 25.78 16.92 -7.28
C GLY C 48 25.65 17.65 -5.95
N GLY C 49 26.13 18.88 -5.90
CA GLY C 49 26.05 19.64 -4.67
C GLY C 49 24.97 20.70 -4.70
N GLY C 50 25.32 21.88 -5.19
CA GLY C 50 24.38 22.98 -5.26
C GLY C 50 24.96 24.23 -4.64
N PRO C 51 24.15 25.30 -4.52
CA PRO C 51 24.61 26.58 -3.93
C PRO C 51 24.93 26.46 -2.44
N TRP C 52 24.44 25.38 -1.83
CA TRP C 52 24.67 25.16 -0.40
C TRP C 52 25.97 24.39 -0.18
N ASP C 53 26.47 23.77 -1.25
CA ASP C 53 27.71 22.98 -1.16
C ASP C 53 28.89 23.87 -0.79
N SER C 54 28.80 25.13 -1.21
CA SER C 54 29.83 26.11 -0.91
C SER C 54 29.75 26.57 0.53
N VAL C 55 28.58 26.37 1.14
CA VAL C 55 28.35 26.75 2.52
C VAL C 55 28.75 25.62 3.45
N ALA C 56 28.23 24.43 3.19
CA ALA C 56 28.54 23.27 4.02
C ALA C 56 28.87 22.07 3.15
N ARG C 57 29.94 21.38 3.50
CA ARG C 57 30.37 20.21 2.76
C ARG C 57 30.03 18.93 3.51
N VAL C 58 29.34 18.03 2.84
CA VAL C 58 28.94 16.76 3.44
C VAL C 58 30.02 15.71 3.19
N LEU C 59 30.58 15.17 4.27
CA LEU C 59 31.60 14.15 4.17
C LEU C 59 30.95 12.80 3.90
N PRO C 60 31.67 11.89 3.20
CA PRO C 60 31.15 10.55 2.85
C PRO C 60 30.81 9.68 4.06
N ASN C 61 31.20 10.12 5.25
CA ASN C 61 30.92 9.37 6.46
C ASN C 61 29.64 9.86 7.13
N GLY C 62 29.04 10.90 6.57
CA GLY C 62 27.80 11.43 7.12
C GLY C 62 28.02 12.63 8.03
N SER C 63 29.15 13.31 7.84
CA SER C 63 29.46 14.48 8.65
C SER C 63 29.20 15.77 7.89
N LEU C 64 28.65 16.75 8.59
CA LEU C 64 28.35 18.06 8.00
C LEU C 64 29.37 19.07 8.47
N PHE C 65 30.20 19.55 7.55
CA PHE C 65 31.23 20.52 7.90
C PHE C 65 30.83 21.94 7.50
N LEU C 66 30.73 22.80 8.49
CA LEU C 66 30.39 24.20 8.30
C LEU C 66 31.61 25.05 8.63
N PRO C 67 32.28 25.61 7.62
CA PRO C 67 33.48 26.44 7.80
C PRO C 67 33.26 27.61 8.76
N ALA C 68 32.09 28.24 8.68
CA ALA C 68 31.78 29.36 9.55
C ALA C 68 30.28 29.54 9.68
N VAL C 69 29.76 29.21 10.85
CA VAL C 69 28.33 29.33 11.12
C VAL C 69 27.95 30.78 11.40
N GLY C 70 27.00 31.31 10.63
CA GLY C 70 26.57 32.67 10.81
C GLY C 70 25.22 32.77 11.49
N ILE C 71 24.43 33.77 11.11
CA ILE C 71 23.11 33.97 11.69
C ILE C 71 22.02 33.43 10.78
N GLN C 72 22.44 32.99 9.59
CA GLN C 72 21.51 32.43 8.62
C GLN C 72 21.49 30.92 8.72
N ASP C 73 22.48 30.39 9.42
CA ASP C 73 22.62 28.96 9.62
C ASP C 73 22.03 28.54 10.95
N GLU C 74 21.05 29.31 11.41
CA GLU C 74 20.37 29.03 12.68
C GLU C 74 19.05 28.33 12.43
N GLY C 75 18.39 27.92 13.50
CA GLY C 75 17.10 27.26 13.38
C GLY C 75 17.18 25.80 13.78
N ILE C 76 16.20 25.02 13.32
CA ILE C 76 16.15 23.61 13.65
C ILE C 76 16.43 22.76 12.41
N PHE C 77 17.64 22.24 12.31
CA PHE C 77 18.02 21.41 11.18
C PHE C 77 17.43 20.01 11.34
N ARG C 78 17.18 19.33 10.23
CA ARG C 78 16.61 17.99 10.27
C ARG C 78 17.19 17.12 9.16
N CYS C 79 17.85 16.05 9.54
CA CYS C 79 18.43 15.13 8.57
C CYS C 79 17.46 13.98 8.30
N GLN C 80 17.24 13.67 7.03
CA GLN C 80 16.33 12.62 6.64
C GLN C 80 16.90 11.83 5.47
N ALA C 81 16.23 10.78 5.05
CA ALA C 81 16.69 9.96 3.94
C ALA C 81 15.50 9.28 3.27
N MET C 82 15.72 8.76 2.07
CA MET C 82 14.67 8.08 1.33
C MET C 82 14.99 6.59 1.22
N ASN C 83 13.95 5.78 1.14
CA ASN C 83 14.11 4.34 1.01
C ASN C 83 13.18 3.79 -0.06
N ARG C 84 13.16 2.48 -0.20
CA ARG C 84 12.31 1.83 -1.20
C ARG C 84 10.85 1.88 -0.79
N ASN C 85 10.60 1.88 0.51
CA ASN C 85 9.23 1.94 1.02
C ASN C 85 9.01 3.23 1.77
N GLY C 86 9.58 3.34 2.97
CA GLY C 86 9.42 4.55 3.76
C GLY C 86 10.21 4.52 5.05
N LYS C 87 11.40 3.94 5.02
CA LYS C 87 12.24 3.86 6.20
C LYS C 87 13.13 5.09 6.30
N GLU C 88 12.70 6.07 7.09
CA GLU C 88 13.44 7.30 7.28
C GLU C 88 13.60 7.62 8.76
N THR C 89 14.21 8.76 9.06
CA THR C 89 14.43 9.19 10.43
C THR C 89 14.09 10.67 10.59
N LYS C 90 13.89 11.11 11.83
CA LYS C 90 13.57 12.50 12.11
C LYS C 90 14.48 13.05 13.21
N SER C 91 15.69 13.42 12.82
CA SER C 91 16.65 13.98 13.76
C SER C 91 16.67 15.50 13.65
N ASN C 92 16.23 16.17 14.70
CA ASN C 92 16.18 17.63 14.71
C ASN C 92 17.24 18.24 15.63
N TYR C 93 17.93 19.25 15.13
CA TYR C 93 18.98 19.94 15.89
C TYR C 93 18.73 21.45 15.85
N ARG C 94 18.58 22.05 17.02
CA ARG C 94 18.33 23.49 17.10
C ARG C 94 19.64 24.23 17.40
N VAL C 95 20.11 24.97 16.41
CA VAL C 95 21.35 25.73 16.54
C VAL C 95 21.05 27.18 16.89
N ARG C 96 21.76 27.72 17.87
CA ARG C 96 21.58 29.11 18.28
C ARG C 96 22.92 29.74 18.60
N VAL C 97 23.18 30.91 18.04
CA VAL C 97 24.44 31.61 18.28
C VAL C 97 24.34 32.51 19.51
N TYR C 98 25.49 32.93 20.02
CA TYR C 98 25.54 33.79 21.19
C TYR C 98 25.15 35.23 20.85
N GLN C 99 25.40 35.62 19.61
CA GLN C 99 25.07 36.97 19.15
C GLN C 99 23.96 36.91 18.11
N ILE C 100 22.73 36.83 18.58
CA ILE C 100 21.57 36.75 17.71
C ILE C 100 21.23 38.12 17.12
N PRO C 101 20.65 38.14 15.91
CA PRO C 101 20.26 39.37 15.22
C PRO C 101 19.28 40.21 16.03
N ALA D 1 -15.86 -20.68 -3.63
CA ALA D 1 -15.77 -20.82 -5.11
C ALA D 1 -17.14 -21.08 -5.71
N MET D 2 -17.74 -20.05 -6.27
CA MET D 2 -19.04 -20.17 -6.90
C MET D 2 -18.92 -20.04 -8.42
N ALA D 3 -19.71 -20.82 -9.15
CA ALA D 3 -19.68 -20.79 -10.61
C ALA D 3 -21.03 -21.18 -11.18
N GLN D 4 -21.37 -20.61 -12.34
CA GLN D 4 -22.63 -20.91 -12.99
C GLN D 4 -22.42 -21.98 -14.06
N ASN D 5 -23.23 -23.03 -14.03
CA ASN D 5 -23.08 -24.11 -15.00
C ASN D 5 -23.98 -23.90 -16.22
N ILE D 6 -23.43 -24.18 -17.40
CA ILE D 6 -24.15 -24.05 -18.66
C ILE D 6 -23.92 -25.28 -19.53
N THR D 7 -25.00 -25.87 -20.02
CA THR D 7 -24.90 -27.05 -20.87
C THR D 7 -24.85 -26.66 -22.34
N ALA D 8 -23.82 -27.14 -23.04
CA ALA D 8 -23.64 -26.83 -24.45
C ALA D 8 -23.53 -28.09 -25.30
N ARG D 9 -23.37 -27.91 -26.60
CA ARG D 9 -23.26 -29.03 -27.52
C ARG D 9 -21.97 -28.91 -28.33
N ILE D 10 -21.41 -30.06 -28.72
CA ILE D 10 -20.19 -30.07 -29.49
C ILE D 10 -20.43 -29.61 -30.92
N GLY D 11 -19.66 -28.63 -31.37
CA GLY D 11 -19.80 -28.11 -32.71
C GLY D 11 -20.91 -27.08 -32.80
N GLU D 12 -21.28 -26.53 -31.64
CA GLU D 12 -22.33 -25.54 -31.56
C GLU D 12 -21.76 -24.16 -31.23
N PRO D 13 -22.12 -23.12 -31.99
CA PRO D 13 -21.65 -21.76 -31.74
C PRO D 13 -22.26 -21.16 -30.49
N LEU D 14 -21.44 -20.54 -29.66
CA LEU D 14 -21.92 -19.94 -28.43
C LEU D 14 -21.46 -18.49 -28.32
N VAL D 15 -22.33 -17.65 -27.76
CA VAL D 15 -22.03 -16.24 -27.58
C VAL D 15 -22.17 -15.86 -26.11
N LEU D 16 -21.04 -15.71 -25.44
CA LEU D 16 -21.04 -15.36 -24.02
C LEU D 16 -20.75 -13.89 -23.83
N LYS D 17 -21.10 -13.36 -22.67
CA LYS D 17 -20.87 -11.95 -22.37
C LYS D 17 -20.15 -11.79 -21.04
N CYS D 18 -19.07 -11.03 -21.03
CA CYS D 18 -18.30 -10.81 -19.82
C CYS D 18 -18.04 -9.33 -19.59
N LYS D 19 -18.64 -8.80 -18.53
CA LYS D 19 -18.47 -7.39 -18.19
C LYS D 19 -17.22 -7.21 -17.33
N GLY D 20 -16.76 -5.98 -17.21
CA GLY D 20 -15.58 -5.70 -16.42
C GLY D 20 -15.07 -4.30 -16.65
N ALA D 21 -15.20 -3.83 -17.89
CA ALA D 21 -14.77 -2.49 -18.25
C ALA D 21 -15.83 -1.46 -17.87
N PRO D 22 -15.50 -0.55 -16.94
CA PRO D 22 -16.43 0.49 -16.48
C PRO D 22 -16.45 1.69 -17.43
N LYS D 23 -16.87 2.84 -16.90
CA LYS D 23 -16.93 4.06 -17.69
C LYS D 23 -15.53 4.66 -17.85
N LYS D 24 -14.72 4.01 -18.68
CA LYS D 24 -13.35 4.44 -18.94
C LYS D 24 -12.83 3.73 -20.20
N PRO D 25 -11.73 4.23 -20.79
CA PRO D 25 -11.14 3.62 -21.97
C PRO D 25 -10.70 2.18 -21.70
N PRO D 26 -10.76 1.30 -22.72
CA PRO D 26 -10.38 -0.11 -22.59
C PRO D 26 -9.04 -0.30 -21.88
N GLN D 27 -9.11 -0.85 -20.67
CA GLN D 27 -7.92 -1.09 -19.87
C GLN D 27 -7.36 -2.48 -20.17
N ARG D 28 -6.36 -2.90 -19.41
CA ARG D 28 -5.76 -4.21 -19.62
C ARG D 28 -6.72 -5.32 -19.21
N LEU D 29 -7.00 -6.23 -20.13
CA LEU D 29 -7.90 -7.34 -19.89
C LEU D 29 -7.10 -8.62 -19.64
N GLU D 30 -7.68 -9.54 -18.90
CA GLU D 30 -7.03 -10.80 -18.60
C GLU D 30 -8.07 -11.91 -18.50
N TRP D 31 -7.83 -13.01 -19.21
CA TRP D 31 -8.76 -14.13 -19.21
C TRP D 31 -8.14 -15.31 -18.47
N LYS D 32 -8.98 -16.08 -17.80
CA LYS D 32 -8.53 -17.24 -17.04
C LYS D 32 -9.60 -18.34 -17.09
N LEU D 33 -9.24 -19.51 -16.59
CA LEU D 33 -10.15 -20.63 -16.55
C LEU D 33 -9.59 -21.74 -15.68
N ASN D 34 -10.41 -22.73 -15.39
CA ASN D 34 -10.01 -23.87 -14.57
C ASN D 34 -10.59 -25.16 -15.13
N THR D 35 -9.75 -25.91 -15.83
CA THR D 35 -10.15 -27.18 -16.42
C THR D 35 -9.09 -28.24 -16.14
N GLY D 36 -9.38 -29.50 -16.46
CA GLY D 36 -8.42 -30.56 -16.24
C GLY D 36 -7.27 -30.48 -17.21
N ARG D 37 -7.60 -30.32 -18.50
CA ARG D 37 -6.58 -30.23 -19.54
C ARG D 37 -6.05 -28.80 -19.65
N THR D 38 -6.95 -27.85 -19.89
CA THR D 38 -6.59 -26.43 -20.01
C THR D 38 -5.74 -26.19 -21.26
N GLU D 39 -6.39 -26.11 -22.42
CA GLU D 39 -5.70 -25.88 -23.68
C GLU D 39 -6.23 -24.65 -24.39
N ALA D 40 -7.19 -23.98 -23.78
CA ALA D 40 -7.79 -22.80 -24.37
C ALA D 40 -7.58 -21.57 -23.48
N TRP D 41 -6.48 -21.56 -22.74
CA TRP D 41 -6.19 -20.44 -21.86
C TRP D 41 -5.19 -19.49 -22.50
N LYS D 42 -5.67 -18.30 -22.86
CA LYS D 42 -4.81 -17.29 -23.46
C LYS D 42 -5.21 -15.91 -22.94
N VAL D 43 -4.22 -15.14 -22.54
CA VAL D 43 -4.45 -13.79 -22.03
C VAL D 43 -4.68 -12.81 -23.17
N LEU D 44 -5.82 -12.13 -23.14
CA LEU D 44 -6.15 -11.16 -24.17
C LEU D 44 -5.40 -9.85 -23.92
N SER D 45 -5.41 -8.98 -24.92
CA SER D 45 -4.74 -7.70 -24.83
C SER D 45 -5.49 -6.67 -25.66
N PRO D 46 -5.39 -5.37 -25.32
CA PRO D 46 -6.07 -4.30 -26.06
C PRO D 46 -5.66 -4.29 -27.52
N GLN D 47 -4.42 -4.68 -27.78
CA GLN D 47 -3.88 -4.75 -29.12
C GLN D 47 -3.12 -6.06 -29.30
N GLY D 48 -3.72 -6.99 -30.04
CA GLY D 48 -3.10 -8.28 -30.25
C GLY D 48 -3.96 -9.42 -29.76
N GLY D 49 -4.16 -10.42 -30.62
CA GLY D 49 -4.98 -11.56 -30.26
C GLY D 49 -4.16 -12.75 -29.79
N GLY D 50 -3.72 -13.55 -30.74
CA GLY D 50 -2.94 -14.74 -30.42
C GLY D 50 -3.51 -15.98 -31.07
N PRO D 51 -3.07 -17.18 -30.65
CA PRO D 51 -3.56 -18.45 -31.23
C PRO D 51 -5.01 -18.72 -30.86
N TRP D 52 -5.44 -18.16 -29.74
CA TRP D 52 -6.81 -18.35 -29.26
C TRP D 52 -7.77 -17.44 -30.02
N ASP D 53 -7.21 -16.43 -30.68
CA ASP D 53 -8.01 -15.48 -31.45
C ASP D 53 -8.70 -16.19 -32.62
N SER D 54 -8.11 -17.29 -33.05
CA SER D 54 -8.67 -18.08 -34.15
C SER D 54 -9.77 -18.99 -33.63
N VAL D 55 -9.75 -19.23 -32.32
CA VAL D 55 -10.73 -20.10 -31.69
C VAL D 55 -11.96 -19.30 -31.28
N ALA D 56 -11.74 -18.24 -30.51
CA ALA D 56 -12.83 -17.39 -30.05
C ALA D 56 -12.50 -15.93 -30.28
N ARG D 57 -13.46 -15.18 -30.77
CA ARG D 57 -13.28 -13.76 -31.03
C ARG D 57 -14.00 -12.93 -29.99
N VAL D 58 -13.30 -11.94 -29.45
CA VAL D 58 -13.86 -11.06 -28.45
C VAL D 58 -14.39 -9.79 -29.12
N LEU D 59 -15.68 -9.56 -28.97
CA LEU D 59 -16.31 -8.37 -29.56
C LEU D 59 -16.05 -7.16 -28.67
N PRO D 60 -15.99 -5.95 -29.28
CA PRO D 60 -15.74 -4.69 -28.56
C PRO D 60 -16.72 -4.42 -27.42
N ASN D 61 -17.88 -5.07 -27.46
CA ASN D 61 -18.89 -4.88 -26.43
C ASN D 61 -18.66 -5.83 -25.24
N GLY D 62 -17.66 -6.69 -25.37
CA GLY D 62 -17.36 -7.62 -24.29
C GLY D 62 -18.03 -8.97 -24.46
N SER D 63 -18.26 -9.36 -25.71
CA SER D 63 -18.89 -10.64 -25.99
C SER D 63 -17.88 -11.64 -26.53
N LEU D 64 -18.02 -12.89 -26.10
CA LEU D 64 -17.14 -13.97 -26.52
C LEU D 64 -17.85 -14.84 -27.54
N PHE D 65 -17.39 -14.80 -28.78
CA PHE D 65 -18.00 -15.59 -29.83
C PHE D 65 -17.19 -16.84 -30.14
N LEU D 66 -17.82 -18.00 -29.91
CA LEU D 66 -17.19 -19.28 -30.18
C LEU D 66 -17.91 -19.95 -31.35
N PRO D 67 -17.26 -20.02 -32.52
CA PRO D 67 -17.85 -20.62 -33.73
C PRO D 67 -18.27 -22.07 -33.54
N ALA D 68 -17.50 -22.81 -32.76
CA ALA D 68 -17.81 -24.21 -32.51
C ALA D 68 -17.20 -24.69 -31.20
N VAL D 69 -18.03 -24.84 -30.19
CA VAL D 69 -17.58 -25.31 -28.89
C VAL D 69 -17.34 -26.82 -28.93
N GLY D 70 -16.13 -27.24 -28.61
CA GLY D 70 -15.81 -28.65 -28.63
C GLY D 70 -15.64 -29.22 -27.23
N ILE D 71 -14.81 -30.24 -27.11
CA ILE D 71 -14.57 -30.89 -25.83
C ILE D 71 -13.36 -30.27 -25.13
N GLN D 72 -12.70 -29.35 -25.83
CA GLN D 72 -11.52 -28.68 -25.27
C GLN D 72 -11.93 -27.35 -24.67
N ASP D 73 -13.14 -26.91 -25.02
CA ASP D 73 -13.66 -25.64 -24.54
C ASP D 73 -14.53 -25.85 -23.31
N GLU D 74 -14.29 -26.94 -22.61
CA GLU D 74 -15.05 -27.26 -21.41
C GLU D 74 -14.29 -26.77 -20.17
N GLY D 75 -14.95 -26.81 -19.03
CA GLY D 75 -14.33 -26.39 -17.79
C GLY D 75 -14.99 -25.17 -17.21
N ILE D 76 -14.27 -24.49 -16.32
CA ILE D 76 -14.80 -23.29 -15.68
C ILE D 76 -14.06 -22.06 -16.16
N PHE D 77 -14.67 -21.30 -17.05
CA PHE D 77 -14.06 -20.08 -17.57
C PHE D 77 -14.19 -18.97 -16.54
N ARG D 78 -13.27 -18.01 -16.57
CA ARG D 78 -13.29 -16.90 -15.65
C ARG D 78 -12.82 -15.62 -16.32
N CYS D 79 -13.67 -14.60 -16.31
CA CYS D 79 -13.33 -13.32 -16.91
C CYS D 79 -12.86 -12.34 -15.83
N GLN D 80 -11.70 -11.71 -16.07
CA GLN D 80 -11.14 -10.77 -15.12
C GLN D 80 -10.60 -9.53 -15.85
N ALA D 81 -10.12 -8.56 -15.09
CA ALA D 81 -9.57 -7.33 -15.65
C ALA D 81 -8.59 -6.70 -14.68
N MET D 82 -7.73 -5.82 -15.19
CA MET D 82 -6.74 -5.15 -14.37
C MET D 82 -7.14 -3.68 -14.17
N ASN D 83 -6.63 -3.07 -13.10
CA ASN D 83 -6.92 -1.67 -12.81
C ASN D 83 -5.71 -0.98 -12.23
N ARG D 84 -5.85 0.32 -11.96
CA ARG D 84 -4.76 1.12 -11.40
C ARG D 84 -4.40 0.70 -9.98
N ASN D 85 -5.35 0.09 -9.30
CA ASN D 85 -5.14 -0.36 -7.92
C ASN D 85 -5.41 -1.85 -7.80
N GLY D 86 -6.69 -2.22 -7.81
CA GLY D 86 -7.05 -3.62 -7.70
C GLY D 86 -8.54 -3.86 -7.84
N LYS D 87 -9.18 -3.10 -8.72
CA LYS D 87 -10.60 -3.26 -8.96
C LYS D 87 -10.84 -4.26 -10.08
N GLU D 88 -11.20 -5.48 -9.70
CA GLU D 88 -11.44 -6.55 -10.66
C GLU D 88 -12.70 -7.33 -10.27
N THR D 89 -12.97 -8.40 -11.00
CA THR D 89 -14.14 -9.22 -10.73
C THR D 89 -13.78 -10.71 -10.83
N LYS D 90 -14.71 -11.57 -10.42
CA LYS D 90 -14.48 -13.01 -10.47
C LYS D 90 -15.73 -13.73 -10.96
N SER D 91 -15.94 -13.69 -12.27
CA SER D 91 -17.07 -14.34 -12.89
C SER D 91 -16.67 -15.69 -13.46
N ASN D 92 -17.22 -16.76 -12.88
CA ASN D 92 -16.90 -18.12 -13.32
C ASN D 92 -18.08 -18.79 -14.01
N TYR D 93 -17.80 -19.40 -15.15
CA TYR D 93 -18.83 -20.10 -15.93
C TYR D 93 -18.36 -21.52 -16.25
N ARG D 94 -19.12 -22.52 -15.80
CA ARG D 94 -18.78 -23.91 -16.04
C ARG D 94 -19.54 -24.44 -17.24
N VAL D 95 -18.81 -24.69 -18.32
CA VAL D 95 -19.41 -25.20 -19.54
C VAL D 95 -19.26 -26.71 -19.62
N ARG D 96 -20.33 -27.39 -20.02
CA ARG D 96 -20.32 -28.84 -20.14
C ARG D 96 -21.12 -29.26 -21.37
N VAL D 97 -20.53 -30.11 -22.20
CA VAL D 97 -21.19 -30.57 -23.41
C VAL D 97 -22.05 -31.82 -23.13
N TYR D 98 -22.95 -32.12 -24.06
CA TYR D 98 -23.83 -33.28 -23.92
C TYR D 98 -23.09 -34.58 -24.21
N GLN D 99 -22.05 -34.48 -25.01
CA GLN D 99 -21.25 -35.65 -25.37
C GLN D 99 -19.84 -35.51 -24.82
N ILE D 100 -19.71 -35.74 -23.52
CA ILE D 100 -18.41 -35.62 -22.85
C ILE D 100 -17.49 -36.78 -23.24
N PRO D 101 -16.18 -36.53 -23.28
CA PRO D 101 -15.19 -37.56 -23.63
C PRO D 101 -15.25 -38.74 -22.66
N ALA A 2 -12.73 6.33 21.69
CA ALA A 2 -12.44 6.38 20.25
C ALA A 2 -13.44 5.54 19.46
N SER A 3 -13.66 5.91 18.22
CA SER A 3 -14.58 5.20 17.34
C SER A 3 -13.96 3.89 16.86
N PRO A 4 -14.78 2.95 16.34
CA PRO A 4 -14.32 1.64 15.84
C PRO A 4 -13.11 1.72 14.91
N LEU A 5 -13.14 2.63 13.95
CA LEU A 5 -12.04 2.79 12.99
C LEU A 5 -10.76 3.22 13.72
N ASP A 6 -10.89 4.23 14.57
CA ASP A 6 -9.75 4.74 15.33
C ASP A 6 -9.17 3.66 16.23
N GLN A 7 -10.04 2.88 16.85
CA GLN A 7 -9.63 1.80 17.75
C GLN A 7 -8.86 0.73 16.99
N ALA A 8 -9.38 0.35 15.81
CA ALA A 8 -8.74 -0.67 14.99
C ALA A 8 -7.33 -0.26 14.60
N ILE A 9 -7.18 0.95 14.09
CA ILE A 9 -5.88 1.46 13.68
C ILE A 9 -4.95 1.54 14.88
N GLY A 10 -5.47 2.04 16.00
CA GLY A 10 -4.69 2.16 17.21
C GLY A 10 -4.18 0.82 17.72
N LEU A 11 -5.01 -0.21 17.59
CA LEU A 11 -4.64 -1.55 18.03
C LEU A 11 -3.51 -2.11 17.18
N LEU A 12 -3.61 -1.92 15.86
CA LEU A 12 -2.59 -2.39 14.94
C LEU A 12 -1.24 -1.78 15.25
N VAL A 13 -1.22 -0.47 15.50
CA VAL A 13 0.01 0.23 15.83
C VAL A 13 0.57 -0.27 17.16
N ALA A 14 -0.34 -0.59 18.08
CA ALA A 14 0.05 -1.10 19.39
C ALA A 14 0.71 -2.47 19.26
N ILE A 15 0.19 -3.28 18.34
CA ILE A 15 0.72 -4.62 18.11
C ILE A 15 2.13 -4.52 17.53
N PHE A 16 2.33 -3.58 16.63
CA PHE A 16 3.63 -3.36 16.02
C PHE A 16 4.67 -2.99 17.07
N HIS A 17 4.32 -2.03 17.91
CA HIS A 17 5.22 -1.57 18.96
C HIS A 17 5.20 -2.48 20.18
N LYS A 18 4.44 -3.57 20.09
CA LYS A 18 4.34 -4.53 21.18
C LYS A 18 5.55 -5.46 21.17
N TYR A 19 6.15 -5.62 19.99
CA TYR A 19 7.31 -6.49 19.83
C TYR A 19 8.56 -5.71 19.42
N SER A 20 8.37 -4.58 18.74
CA SER A 20 9.49 -3.77 18.29
C SER A 20 10.20 -3.11 19.47
N GLY A 21 11.43 -3.50 19.71
CA GLY A 21 12.19 -2.92 20.80
C GLY A 21 12.79 -3.95 21.72
N ARG A 22 12.89 -5.18 21.25
CA ARG A 22 13.47 -6.24 22.04
C ARG A 22 14.98 -6.26 21.84
N GLU A 23 15.39 -6.13 20.59
CA GLU A 23 16.80 -6.15 20.24
C GLU A 23 17.02 -5.42 18.92
N GLY A 24 18.20 -4.84 18.74
CA GLY A 24 18.50 -4.12 17.52
C GLY A 24 18.04 -2.68 17.57
N ASP A 25 16.74 -2.46 17.34
CA ASP A 25 16.17 -1.12 17.36
C ASP A 25 14.79 -1.16 17.99
N LYS A 26 14.06 -0.06 17.90
CA LYS A 26 12.73 0.03 18.47
C LYS A 26 11.74 0.53 17.42
N HIS A 27 12.24 0.83 16.24
CA HIS A 27 11.41 1.33 15.16
C HIS A 27 11.26 0.28 14.06
N THR A 28 12.08 -0.75 14.14
CA THR A 28 12.06 -1.82 13.16
C THR A 28 11.91 -3.17 13.85
N LEU A 29 11.34 -4.14 13.12
CA LEU A 29 11.15 -5.48 13.65
C LEU A 29 12.10 -6.45 12.98
N SER A 30 12.89 -7.15 13.79
CA SER A 30 13.83 -8.12 13.27
C SER A 30 13.09 -9.39 12.86
N LYS A 31 13.83 -10.34 12.29
CA LYS A 31 13.24 -11.60 11.85
C LYS A 31 12.95 -12.51 13.05
N LYS A 32 13.30 -12.02 14.23
CA LYS A 32 13.10 -12.75 15.46
C LYS A 32 11.86 -12.21 16.17
N GLU A 33 11.76 -10.88 16.24
CA GLU A 33 10.63 -10.22 16.89
C GLU A 33 9.35 -10.41 16.07
N LEU A 34 9.45 -10.22 14.76
CA LEU A 34 8.32 -10.36 13.87
C LEU A 34 7.81 -11.78 13.83
N LYS A 35 8.72 -12.75 13.90
CA LYS A 35 8.36 -14.16 13.87
C LYS A 35 7.42 -14.50 15.02
N GLU A 36 7.77 -14.03 16.21
CA GLU A 36 6.97 -14.29 17.39
C GLU A 36 5.64 -13.55 17.29
N LEU A 37 5.69 -12.34 16.73
CA LEU A 37 4.50 -11.52 16.55
C LEU A 37 3.45 -12.29 15.73
N ILE A 38 3.89 -12.83 14.61
CA ILE A 38 3.00 -13.59 13.73
C ILE A 38 2.49 -14.86 14.40
N GLN A 39 3.35 -15.51 15.16
CA GLN A 39 2.99 -16.75 15.83
C GLN A 39 2.18 -16.53 17.12
N LYS A 40 1.83 -15.28 17.41
CA LYS A 40 1.07 -14.98 18.61
C LYS A 40 -0.17 -14.13 18.33
N GLU A 41 0.04 -13.00 17.65
CA GLU A 41 -1.03 -12.08 17.33
C GLU A 41 -1.93 -12.61 16.21
N LEU A 42 -1.38 -13.50 15.40
CA LEU A 42 -2.13 -14.08 14.29
C LEU A 42 -2.53 -15.52 14.63
N THR A 43 -3.82 -15.80 14.50
CA THR A 43 -4.34 -17.14 14.81
C THR A 43 -3.73 -18.23 13.93
N ILE A 44 -3.45 -17.90 12.68
CA ILE A 44 -2.87 -18.88 11.75
C ILE A 44 -1.34 -18.84 11.79
N GLY A 45 -0.79 -17.84 12.46
CA GLY A 45 0.66 -17.69 12.54
C GLY A 45 1.34 -18.89 13.18
N SER A 46 0.80 -19.35 14.29
CA SER A 46 1.37 -20.50 15.00
C SER A 46 0.98 -21.82 14.34
N LYS A 47 0.37 -21.74 13.17
CA LYS A 47 -0.06 -22.94 12.45
C LYS A 47 0.64 -23.04 11.09
N LEU A 48 1.52 -22.08 10.81
CA LEU A 48 2.24 -22.05 9.55
C LEU A 48 3.59 -22.73 9.71
N GLN A 49 4.19 -23.08 8.58
CA GLN A 49 5.49 -23.73 8.57
C GLN A 49 6.59 -22.71 8.83
N ASP A 50 7.71 -23.18 9.39
CA ASP A 50 8.85 -22.30 9.68
C ASP A 50 9.34 -21.67 8.38
N ALA A 51 9.39 -22.48 7.34
CA ALA A 51 9.82 -22.04 6.02
C ALA A 51 8.86 -21.00 5.45
N GLU A 52 7.57 -21.20 5.69
CA GLU A 52 6.55 -20.27 5.21
C GLU A 52 6.68 -18.93 5.91
N ILE A 53 6.84 -18.96 7.22
CA ILE A 53 6.99 -17.74 8.00
C ILE A 53 8.27 -17.02 7.58
N ALA A 54 9.34 -17.79 7.38
CA ALA A 54 10.62 -17.24 6.96
C ALA A 54 10.48 -16.58 5.59
N ARG A 55 9.70 -17.21 4.72
CA ARG A 55 9.46 -16.70 3.38
C ARG A 55 8.66 -15.40 3.47
N LEU A 56 7.62 -15.40 4.29
CA LEU A 56 6.77 -14.24 4.48
C LEU A 56 7.57 -13.07 5.05
N MET A 57 8.40 -13.35 6.05
CA MET A 57 9.22 -12.32 6.69
C MET A 57 10.23 -11.74 5.71
N GLU A 58 10.62 -12.54 4.72
CA GLU A 58 11.59 -12.09 3.72
C GLU A 58 10.87 -11.43 2.55
N ASP A 59 9.59 -11.76 2.39
CA ASP A 59 8.78 -11.20 1.31
C ASP A 59 8.50 -9.73 1.61
N LEU A 60 8.38 -9.41 2.88
CA LEU A 60 8.13 -8.04 3.32
C LEU A 60 9.37 -7.18 3.10
N ASP A 61 10.54 -7.83 3.08
CA ASP A 61 11.81 -7.14 2.87
C ASP A 61 11.92 -6.73 1.40
N ARG A 62 11.21 -5.68 1.03
CA ARG A 62 11.20 -5.19 -0.35
C ARG A 62 12.41 -4.30 -0.63
N ASN A 63 12.97 -3.69 0.40
CA ASN A 63 14.12 -2.82 0.23
C ASN A 63 15.40 -3.55 0.67
N LYS A 64 15.20 -4.73 1.26
CA LYS A 64 16.28 -5.60 1.72
C LYS A 64 17.23 -4.97 2.74
N ASP A 65 16.92 -5.15 4.01
CA ASP A 65 17.77 -4.64 5.10
C ASP A 65 17.56 -5.49 6.35
N GLN A 66 16.59 -6.42 6.28
CA GLN A 66 16.27 -7.35 7.36
C GLN A 66 15.65 -6.66 8.57
N GLU A 67 15.22 -5.42 8.39
CA GLU A 67 14.60 -4.66 9.47
C GLU A 67 13.21 -4.18 9.05
N VAL A 68 12.23 -5.06 9.18
CA VAL A 68 10.85 -4.77 8.81
C VAL A 68 10.30 -3.61 9.65
N ASN A 69 10.12 -2.45 9.03
CA ASN A 69 9.61 -1.29 9.73
C ASN A 69 8.10 -1.14 9.53
N PHE A 70 7.53 -0.10 10.12
CA PHE A 70 6.09 0.16 10.04
C PHE A 70 5.59 0.16 8.60
N GLN A 71 6.36 0.75 7.68
CA GLN A 71 5.96 0.81 6.28
C GLN A 71 5.83 -0.60 5.69
N GLU A 72 6.77 -1.47 6.05
CA GLU A 72 6.74 -2.85 5.58
C GLU A 72 5.56 -3.57 6.23
N TYR A 73 5.27 -3.19 7.48
CA TYR A 73 4.16 -3.77 8.23
C TYR A 73 2.84 -3.41 7.56
N VAL A 74 2.75 -2.20 7.03
CA VAL A 74 1.55 -1.73 6.34
C VAL A 74 1.28 -2.63 5.13
N THR A 75 2.35 -3.03 4.46
CA THR A 75 2.23 -3.91 3.31
C THR A 75 1.65 -5.26 3.72
N PHE A 76 2.05 -5.73 4.90
CA PHE A 76 1.57 -6.99 5.44
C PHE A 76 0.08 -6.88 5.77
N LEU A 77 -0.29 -5.78 6.42
CA LEU A 77 -1.67 -5.54 6.80
C LEU A 77 -2.56 -5.48 5.57
N GLY A 78 -2.09 -4.78 4.54
CA GLY A 78 -2.84 -4.65 3.31
C GLY A 78 -3.02 -5.98 2.61
N ALA A 79 -1.98 -6.80 2.62
CA ALA A 79 -2.01 -8.12 2.00
C ALA A 79 -3.08 -8.99 2.66
N LEU A 80 -3.11 -8.98 3.99
CA LEU A 80 -4.09 -9.76 4.75
C LEU A 80 -5.50 -9.29 4.44
N ALA A 81 -5.67 -7.97 4.40
CA ALA A 81 -6.96 -7.37 4.12
C ALA A 81 -7.46 -7.79 2.74
N LEU A 82 -6.55 -7.78 1.77
CA LEU A 82 -6.89 -8.16 0.40
C LEU A 82 -7.39 -9.60 0.35
N ILE A 83 -6.72 -10.49 1.09
CA ILE A 83 -7.10 -11.90 1.13
C ILE A 83 -8.52 -12.06 1.63
N TYR A 84 -8.92 -11.23 2.59
CA TYR A 84 -10.27 -11.27 3.14
C TYR A 84 -11.30 -10.94 2.08
N ASN A 85 -10.97 -9.96 1.24
CA ASN A 85 -11.88 -9.54 0.17
C ASN A 85 -11.91 -10.60 -0.94
N GLU A 86 -10.79 -11.30 -1.11
CA GLU A 86 -10.69 -12.35 -2.12
C GLU A 86 -11.64 -13.50 -1.79
N ALA A 87 -11.85 -13.72 -0.50
CA ALA A 87 -12.74 -14.78 -0.04
C ALA A 87 -14.19 -14.31 -0.05
N LEU A 88 -14.38 -13.00 0.05
CA LEU A 88 -15.71 -12.41 0.06
C LEU A 88 -16.14 -12.05 -1.36
N LYS A 89 -15.38 -12.50 -2.34
CA LYS A 89 -15.69 -12.22 -3.73
C LYS A 89 -16.52 -13.36 -4.33
N GLY A 90 -16.80 -14.36 -3.51
CA GLY A 90 -17.59 -15.48 -3.98
C GLY A 90 -16.74 -16.71 -4.26
N ALA B 2 -11.10 -15.36 17.47
CA ALA B 2 -9.94 -14.93 16.66
C ALA B 2 -8.98 -14.12 17.51
N SER B 3 -7.73 -14.04 17.07
CA SER B 3 -6.71 -13.29 17.78
C SER B 3 -6.83 -11.78 17.48
N PRO B 4 -6.16 -10.92 18.27
CA PRO B 4 -6.21 -9.45 18.09
C PRO B 4 -5.99 -9.00 16.65
N LEU B 5 -5.00 -9.54 15.97
CA LEU B 5 -4.71 -9.14 14.59
C LEU B 5 -5.86 -9.54 13.67
N ASP B 6 -6.31 -10.79 13.78
CA ASP B 6 -7.40 -11.30 12.97
C ASP B 6 -8.65 -10.43 13.16
N GLN B 7 -8.92 -10.11 14.43
CA GLN B 7 -10.09 -9.30 14.78
C GLN B 7 -9.99 -7.89 14.21
N ALA B 8 -8.80 -7.30 14.28
CA ALA B 8 -8.58 -5.95 13.77
C ALA B 8 -8.87 -5.88 12.27
N ILE B 9 -8.31 -6.83 11.54
CA ILE B 9 -8.50 -6.89 10.09
C ILE B 9 -9.98 -7.16 9.77
N GLY B 10 -10.56 -8.09 10.49
CA GLY B 10 -11.95 -8.44 10.29
C GLY B 10 -12.90 -7.27 10.51
N LEU B 11 -12.60 -6.46 11.53
CA LEU B 11 -13.42 -5.31 11.85
C LEU B 11 -13.34 -4.27 10.73
N LEU B 12 -12.15 -4.05 10.20
CA LEU B 12 -11.94 -3.09 9.12
C LEU B 12 -12.75 -3.49 7.89
N VAL B 13 -12.70 -4.76 7.53
CA VAL B 13 -13.44 -5.27 6.38
C VAL B 13 -14.94 -5.14 6.62
N ALA B 14 -15.34 -5.35 7.87
CA ALA B 14 -16.74 -5.26 8.25
C ALA B 14 -17.25 -3.83 8.11
N ILE B 15 -16.39 -2.87 8.42
CA ILE B 15 -16.74 -1.44 8.32
C ILE B 15 -16.93 -1.07 6.85
N PHE B 16 -16.04 -1.55 6.00
CA PHE B 16 -16.11 -1.27 4.57
C PHE B 16 -17.44 -1.77 3.99
N HIS B 17 -17.78 -3.01 4.31
CA HIS B 17 -19.02 -3.60 3.80
C HIS B 17 -20.24 -3.15 4.60
N LYS B 18 -20.02 -2.33 5.61
CA LYS B 18 -21.09 -1.83 6.45
C LYS B 18 -21.84 -0.71 5.73
N TYR B 19 -21.16 -0.07 4.78
CA TYR B 19 -21.75 1.03 4.02
C TYR B 19 -21.86 0.68 2.54
N SER B 20 -20.96 -0.18 2.06
CA SER B 20 -20.96 -0.57 0.66
C SER B 20 -22.18 -1.44 0.34
N GLY B 21 -23.08 -0.91 -0.46
CA GLY B 21 -24.26 -1.67 -0.82
C GLY B 21 -25.55 -0.90 -0.61
N ARG B 22 -25.45 0.42 -0.58
CA ARG B 22 -26.63 1.25 -0.40
C ARG B 22 -27.22 1.60 -1.75
N GLU B 23 -26.35 2.00 -2.67
CA GLU B 23 -26.77 2.37 -4.01
C GLU B 23 -25.60 2.26 -4.97
N GLY B 24 -25.89 1.90 -6.21
CA GLY B 24 -24.85 1.77 -7.21
C GLY B 24 -24.32 0.36 -7.28
N ASP B 25 -23.52 -0.02 -6.29
CA ASP B 25 -22.93 -1.34 -6.24
C ASP B 25 -22.80 -1.82 -4.80
N LYS B 26 -22.14 -2.95 -4.61
CA LYS B 26 -21.94 -3.51 -3.28
C LYS B 26 -20.46 -3.80 -3.04
N HIS B 27 -19.66 -3.54 -4.05
CA HIS B 27 -18.21 -3.78 -3.95
C HIS B 27 -17.45 -2.46 -3.94
N THR B 28 -18.13 -1.38 -4.28
CA THR B 28 -17.51 -0.07 -4.32
C THR B 28 -18.30 0.94 -3.48
N LEU B 29 -17.58 1.87 -2.88
CA LEU B 29 -18.19 2.90 -2.04
C LEU B 29 -18.30 4.21 -2.80
N SER B 30 -19.51 4.76 -2.87
CA SER B 30 -19.73 6.01 -3.56
C SER B 30 -19.28 7.18 -2.69
N LYS B 31 -19.33 8.39 -3.24
CA LYS B 31 -18.94 9.60 -2.52
C LYS B 31 -20.00 9.96 -1.49
N LYS B 32 -21.07 9.17 -1.47
CA LYS B 32 -22.17 9.37 -0.54
C LYS B 32 -22.05 8.38 0.63
N GLU B 33 -21.83 7.11 0.29
CA GLU B 33 -21.69 6.06 1.29
C GLU B 33 -20.42 6.26 2.11
N LEU B 34 -19.31 6.55 1.42
CA LEU B 34 -18.03 6.75 2.07
C LEU B 34 -18.04 7.98 2.97
N LYS B 35 -18.76 9.01 2.54
CA LYS B 35 -18.85 10.26 3.30
C LYS B 35 -19.43 10.01 4.69
N GLU B 36 -20.54 9.27 4.73
CA GLU B 36 -21.19 8.96 5.99
C GLU B 36 -20.29 8.06 6.83
N LEU B 37 -19.58 7.15 6.17
CA LEU B 37 -18.68 6.22 6.84
C LEU B 37 -17.64 6.99 7.64
N ILE B 38 -16.97 7.93 6.99
CA ILE B 38 -15.94 8.74 7.63
C ILE B 38 -16.53 9.57 8.77
N GLN B 39 -17.72 10.10 8.56
CA GLN B 39 -18.37 10.94 9.56
C GLN B 39 -19.01 10.13 10.70
N LYS B 40 -18.84 8.82 10.68
CA LYS B 40 -19.41 7.98 11.72
C LYS B 40 -18.39 7.04 12.35
N GLU B 41 -17.69 6.27 11.52
CA GLU B 41 -16.71 5.30 11.99
C GLU B 41 -15.43 5.99 12.46
N LEU B 42 -15.21 7.21 11.99
CA LEU B 42 -14.02 7.96 12.36
C LEU B 42 -14.39 9.08 13.34
N THR B 43 -13.70 9.12 14.47
CA THR B 43 -13.97 10.12 15.52
C THR B 43 -13.76 11.55 15.01
N ILE B 44 -12.80 11.74 14.11
CA ILE B 44 -12.52 13.06 13.58
C ILE B 44 -13.30 13.31 12.29
N GLY B 45 -13.97 12.27 11.79
CA GLY B 45 -14.72 12.37 10.55
C GLY B 45 -15.83 13.41 10.60
N SER B 46 -16.62 13.38 11.65
CA SER B 46 -17.72 14.32 11.80
C SER B 46 -17.25 15.66 12.37
N LYS B 47 -15.93 15.85 12.41
CA LYS B 47 -15.35 17.07 12.95
C LYS B 47 -14.60 17.83 11.86
N LEU B 48 -14.45 17.20 10.69
CA LEU B 48 -13.75 17.80 9.57
C LEU B 48 -14.68 18.69 8.76
N GLN B 49 -14.11 19.41 7.80
CA GLN B 49 -14.89 20.28 6.94
C GLN B 49 -15.44 19.50 5.75
N ASP B 50 -16.53 19.97 5.17
CA ASP B 50 -17.12 19.31 4.02
C ASP B 50 -16.13 19.26 2.87
N ALA B 51 -15.43 20.37 2.66
CA ALA B 51 -14.43 20.47 1.60
C ALA B 51 -13.28 19.50 1.85
N GLU B 52 -12.89 19.36 3.12
CA GLU B 52 -11.81 18.47 3.50
C GLU B 52 -12.18 17.03 3.21
N ILE B 53 -13.41 16.67 3.58
CA ILE B 53 -13.90 15.31 3.35
C ILE B 53 -14.01 15.04 1.85
N ALA B 54 -14.50 16.04 1.11
CA ALA B 54 -14.64 15.91 -0.34
C ALA B 54 -13.27 15.72 -0.99
N ARG B 55 -12.30 16.50 -0.52
CA ARG B 55 -10.94 16.43 -1.03
C ARG B 55 -10.34 15.06 -0.73
N LEU B 56 -10.60 14.58 0.48
CA LEU B 56 -10.10 13.27 0.92
C LEU B 56 -10.73 12.16 0.09
N MET B 57 -12.04 12.23 -0.12
CA MET B 57 -12.75 11.22 -0.91
C MET B 57 -12.29 11.23 -2.37
N GLU B 58 -11.80 12.37 -2.82
CA GLU B 58 -11.34 12.50 -4.19
C GLU B 58 -9.85 12.13 -4.29
N ASP B 59 -9.16 12.15 -3.15
CA ASP B 59 -7.75 11.82 -3.09
C ASP B 59 -7.56 10.31 -3.28
N LEU B 60 -8.52 9.56 -2.76
CA LEU B 60 -8.51 8.10 -2.84
C LEU B 60 -8.76 7.64 -4.28
N ASP B 61 -9.43 8.49 -5.05
CA ASP B 61 -9.73 8.19 -6.45
C ASP B 61 -8.46 8.33 -7.29
N ARG B 62 -7.59 7.34 -7.20
CA ARG B 62 -6.32 7.36 -7.93
C ARG B 62 -6.47 6.87 -9.36
N ASN B 63 -7.49 6.04 -9.59
CA ASN B 63 -7.73 5.52 -10.93
C ASN B 63 -8.87 6.28 -11.60
N LYS B 64 -9.50 7.16 -10.82
CA LYS B 64 -10.59 8.03 -11.28
C LYS B 64 -11.78 7.28 -11.88
N ASP B 65 -12.76 7.00 -11.03
CA ASP B 65 -14.01 6.36 -11.46
C ASP B 65 -15.14 6.70 -10.49
N GLN B 66 -14.77 7.36 -9.39
CA GLN B 66 -15.72 7.81 -8.36
C GLN B 66 -16.32 6.63 -7.59
N GLU B 67 -15.69 5.47 -7.69
CA GLU B 67 -16.17 4.30 -6.98
C GLU B 67 -15.04 3.71 -6.12
N VAL B 68 -14.86 4.28 -4.94
CA VAL B 68 -13.81 3.84 -4.01
C VAL B 68 -14.03 2.40 -3.59
N ASN B 69 -13.20 1.50 -4.09
CA ASN B 69 -13.32 0.09 -3.75
C ASN B 69 -12.38 -0.26 -2.60
N PHE B 70 -12.39 -1.54 -2.20
CA PHE B 70 -11.57 -2.02 -1.10
C PHE B 70 -10.09 -1.65 -1.26
N GLN B 71 -9.58 -1.73 -2.48
CA GLN B 71 -8.18 -1.39 -2.74
C GLN B 71 -7.90 0.07 -2.40
N GLU B 72 -8.82 0.95 -2.75
CA GLU B 72 -8.68 2.38 -2.44
C GLU B 72 -8.77 2.56 -0.93
N TYR B 73 -9.65 1.76 -0.31
CA TYR B 73 -9.85 1.80 1.13
C TYR B 73 -8.56 1.43 1.86
N VAL B 74 -7.81 0.49 1.28
CA VAL B 74 -6.54 0.05 1.85
C VAL B 74 -5.56 1.22 1.91
N THR B 75 -5.58 2.06 0.86
CA THR B 75 -4.72 3.22 0.81
C THR B 75 -5.07 4.19 1.93
N PHE B 76 -6.37 4.31 2.21
CA PHE B 76 -6.86 5.19 3.25
C PHE B 76 -6.41 4.68 4.62
N LEU B 77 -6.55 3.39 4.84
CA LEU B 77 -6.16 2.77 6.09
C LEU B 77 -4.66 2.94 6.32
N GLY B 78 -3.88 2.71 5.28
CA GLY B 78 -2.44 2.85 5.37
C GLY B 78 -2.03 4.26 5.70
N ALA B 79 -2.72 5.22 5.09
CA ALA B 79 -2.45 6.64 5.32
C ALA B 79 -2.67 7.00 6.78
N LEU B 80 -3.77 6.53 7.34
CA LEU B 80 -4.11 6.80 8.73
C LEU B 80 -3.07 6.18 9.66
N ALA B 81 -2.65 4.96 9.33
CA ALA B 81 -1.65 4.26 10.12
C ALA B 81 -0.33 5.02 10.12
N LEU B 82 0.04 5.54 8.95
CA LEU B 82 1.26 6.30 8.79
C LEU B 82 1.24 7.55 9.66
N ILE B 83 0.09 8.21 9.70
CA ILE B 83 -0.08 9.42 10.50
C ILE B 83 0.18 9.12 11.98
N TYR B 84 -0.27 7.96 12.43
CA TYR B 84 -0.07 7.53 13.80
C TYR B 84 1.41 7.35 14.09
N ASN B 85 2.13 6.82 13.11
CA ASN B 85 3.56 6.60 13.22
C ASN B 85 4.30 7.93 13.27
N GLU B 86 3.85 8.88 12.46
CA GLU B 86 4.45 10.21 12.40
C GLU B 86 4.38 10.91 13.77
N ALA B 87 3.27 10.70 14.46
CA ALA B 87 3.07 11.31 15.78
C ALA B 87 3.93 10.60 16.82
N LEU B 88 4.21 9.32 16.58
CA LEU B 88 5.02 8.52 17.49
C LEU B 88 6.50 8.59 17.11
N LYS B 89 6.84 9.54 16.25
CA LYS B 89 8.21 9.72 15.80
C LYS B 89 8.91 10.82 16.63
N GLY B 90 8.14 11.46 17.50
CA GLY B 90 8.69 12.51 18.34
C GLY B 90 8.37 13.90 17.82
N ALA C 1 6.95 16.99 17.83
CA ALA C 1 8.11 17.66 17.21
C ALA C 1 9.23 17.84 18.22
N MET C 2 10.02 16.79 18.41
CA MET C 2 11.14 16.83 19.36
C MET C 2 12.43 17.18 18.64
N ALA C 3 13.15 18.16 19.19
CA ALA C 3 14.41 18.62 18.60
C ALA C 3 15.45 18.90 19.68
N GLN C 4 16.69 18.50 19.41
CA GLN C 4 17.79 18.70 20.35
C GLN C 4 18.34 20.12 20.24
N ASN C 5 18.48 20.80 21.38
CA ASN C 5 18.99 22.17 21.38
C ASN C 5 20.51 22.22 21.42
N ILE C 6 21.10 22.97 20.50
CA ILE C 6 22.55 23.12 20.41
C ILE C 6 22.94 24.59 20.30
N THR C 7 23.90 25.02 21.10
CA THR C 7 24.36 26.41 21.06
C THR C 7 25.50 26.59 20.07
N ALA C 8 25.46 27.68 19.31
CA ALA C 8 26.49 27.96 18.33
C ALA C 8 26.89 29.42 18.36
N ARG C 9 28.03 29.73 17.77
CA ARG C 9 28.53 31.10 17.72
C ARG C 9 28.60 31.56 16.27
N ILE C 10 28.15 32.79 16.02
CA ILE C 10 28.15 33.36 14.68
C ILE C 10 29.56 33.46 14.11
N GLY C 11 29.83 32.68 13.09
CA GLY C 11 31.14 32.70 12.45
C GLY C 11 32.03 31.58 12.96
N GLU C 12 31.44 30.62 13.64
CA GLU C 12 32.18 29.50 14.19
C GLU C 12 31.95 28.23 13.38
N PRO C 13 33.00 27.49 13.03
CA PRO C 13 32.88 26.23 12.28
C PRO C 13 32.23 25.15 13.13
N LEU C 14 31.22 24.50 12.56
CA LEU C 14 30.51 23.45 13.28
C LEU C 14 30.59 22.12 12.53
N VAL C 15 30.66 21.04 13.29
CA VAL C 15 30.72 19.69 12.72
C VAL C 15 29.59 18.85 13.26
N LEU C 16 28.67 18.45 12.40
CA LEU C 16 27.53 17.64 12.81
C LEU C 16 27.60 16.28 12.13
N LYS C 17 26.77 15.36 12.60
CA LYS C 17 26.72 14.01 12.04
C LYS C 17 25.27 13.54 11.96
N CYS C 18 24.94 12.86 10.88
CA CYS C 18 23.58 12.38 10.70
C CYS C 18 23.58 10.99 10.06
N LYS C 19 23.11 10.01 10.81
CA LYS C 19 23.02 8.65 10.29
C LYS C 19 21.66 8.43 9.66
N GLY C 20 21.60 7.51 8.71
CA GLY C 20 20.35 7.23 8.03
C GLY C 20 20.49 6.07 7.09
N ALA C 21 21.58 6.07 6.33
CA ALA C 21 21.85 5.01 5.37
C ALA C 21 22.26 3.74 6.12
N PRO C 22 21.55 2.64 5.89
CA PRO C 22 21.85 1.35 6.53
C PRO C 22 22.98 0.62 5.81
N LYS C 23 23.07 -0.69 6.02
CA LYS C 23 24.10 -1.50 5.39
C LYS C 23 23.74 -1.78 3.93
N LYS C 24 23.79 -0.74 3.11
CA LYS C 24 23.46 -0.85 1.70
C LYS C 24 24.20 0.23 0.90
N PRO C 25 24.27 0.08 -0.43
CA PRO C 25 24.93 1.06 -1.30
C PRO C 25 24.26 2.44 -1.17
N PRO C 26 25.04 3.52 -1.41
CA PRO C 26 24.57 4.91 -1.33
C PRO C 26 23.12 5.09 -1.77
N GLN C 27 22.23 5.27 -0.79
CA GLN C 27 20.82 5.46 -1.04
C GLN C 27 20.52 6.94 -1.23
N ARG C 28 19.23 7.29 -1.26
CA ARG C 28 18.83 8.68 -1.42
C ARG C 28 18.87 9.41 -0.09
N LEU C 29 19.46 10.60 -0.10
CA LEU C 29 19.59 11.40 1.10
C LEU C 29 18.93 12.75 0.90
N GLU C 30 17.79 12.95 1.56
CA GLU C 30 17.06 14.20 1.47
C GLU C 30 17.36 15.06 2.68
N TRP C 31 17.19 16.36 2.57
CA TRP C 31 17.45 17.25 3.68
C TRP C 31 16.31 18.23 3.85
N LYS C 32 15.93 18.46 5.10
CA LYS C 32 14.84 19.38 5.43
C LYS C 32 15.19 20.19 6.65
N LEU C 33 14.39 21.20 6.95
CA LEU C 33 14.59 22.05 8.12
C LEU C 33 13.39 22.97 8.30
N ASN C 34 13.30 23.59 9.46
CA ASN C 34 12.21 24.49 9.77
C ASN C 34 12.75 25.79 10.35
N THR C 35 12.39 26.90 9.74
CA THR C 35 12.84 28.20 10.20
C THR C 35 11.85 29.28 9.77
N GLY C 36 12.09 30.51 10.24
CA GLY C 36 11.22 31.61 9.87
C GLY C 36 11.40 31.99 8.42
N ARG C 37 12.65 32.07 7.98
CA ARG C 37 12.95 32.40 6.61
C ARG C 37 13.30 31.15 5.82
N THR C 38 14.17 30.32 6.39
CA THR C 38 14.60 29.08 5.74
C THR C 38 15.39 29.40 4.48
N GLU C 39 16.66 29.75 4.66
CA GLU C 39 17.52 30.11 3.55
C GLU C 39 18.39 28.94 3.11
N ALA C 40 19.05 28.30 4.06
CA ALA C 40 19.94 27.18 3.77
C ALA C 40 19.19 25.86 3.64
N TRP C 41 18.31 25.78 2.65
CA TRP C 41 17.55 24.55 2.42
C TRP C 41 17.76 24.06 0.99
N LYS C 42 18.36 22.88 0.86
CA LYS C 42 18.62 22.31 -0.44
C LYS C 42 18.75 20.79 -0.32
N VAL C 43 18.05 20.06 -1.19
CA VAL C 43 18.09 18.61 -1.16
C VAL C 43 19.37 18.09 -1.81
N LEU C 44 20.05 17.21 -1.11
CA LEU C 44 21.31 16.65 -1.60
C LEU C 44 21.05 15.48 -2.55
N SER C 45 22.12 14.93 -3.08
CA SER C 45 22.05 13.79 -3.99
C SER C 45 23.39 13.06 -3.96
N PRO C 46 23.41 11.75 -4.28
CA PRO C 46 24.66 10.98 -4.30
C PRO C 46 25.64 11.53 -5.32
N GLN C 47 25.10 12.27 -6.27
CA GLN C 47 25.89 12.88 -7.32
C GLN C 47 25.31 14.24 -7.67
N GLY C 48 25.63 15.25 -6.89
CA GLY C 48 25.13 16.58 -7.13
C GLY C 48 25.03 17.40 -5.86
N GLY C 49 25.69 18.56 -5.86
CA GLY C 49 25.67 19.42 -4.69
C GLY C 49 24.80 20.64 -4.90
N GLY C 50 25.40 21.72 -5.38
CA GLY C 50 24.65 22.95 -5.61
C GLY C 50 25.19 24.11 -4.79
N PRO C 51 24.45 25.21 -4.69
CA PRO C 51 24.88 26.39 -3.92
C PRO C 51 25.00 26.11 -2.43
N TRP C 52 24.28 25.10 -1.97
CA TRP C 52 24.31 24.71 -0.57
C TRP C 52 25.62 24.00 -0.25
N ASP C 53 26.14 23.29 -1.23
CA ASP C 53 27.39 22.54 -1.09
C ASP C 53 28.56 23.51 -0.90
N SER C 54 28.36 24.74 -1.34
CA SER C 54 29.36 25.77 -1.20
C SER C 54 29.31 26.40 0.19
N VAL C 55 28.22 26.10 0.90
CA VAL C 55 28.02 26.61 2.25
C VAL C 55 28.39 25.52 3.26
N ALA C 56 27.80 24.35 3.09
CA ALA C 56 28.06 23.23 3.97
C ALA C 56 28.64 22.08 3.17
N ARG C 57 29.58 21.37 3.75
CA ARG C 57 30.22 20.25 3.07
C ARG C 57 29.83 18.93 3.74
N VAL C 58 29.34 17.99 2.94
CA VAL C 58 28.93 16.69 3.44
C VAL C 58 30.03 15.66 3.21
N LEU C 59 30.49 15.06 4.29
CA LEU C 59 31.54 14.04 4.23
C LEU C 59 30.93 12.67 3.92
N PRO C 60 31.68 11.80 3.21
CA PRO C 60 31.21 10.45 2.84
C PRO C 60 30.94 9.54 4.04
N ASN C 61 31.24 10.02 5.24
CA ASN C 61 31.02 9.24 6.45
C ASN C 61 29.73 9.65 7.15
N GLY C 62 29.06 10.67 6.61
CA GLY C 62 27.82 11.13 7.19
C GLY C 62 27.97 12.36 8.07
N SER C 63 29.09 13.07 7.91
CA SER C 63 29.34 14.27 8.70
C SER C 63 29.02 15.53 7.91
N LEU C 64 28.50 16.53 8.59
CA LEU C 64 28.15 17.80 7.97
C LEU C 64 29.06 18.89 8.52
N PHE C 65 29.89 19.45 7.66
CA PHE C 65 30.83 20.48 8.07
C PHE C 65 30.39 21.86 7.61
N LEU C 66 30.36 22.80 8.54
CA LEU C 66 29.99 24.18 8.26
C LEU C 66 31.16 25.10 8.59
N PRO C 67 31.79 25.70 7.57
CA PRO C 67 32.95 26.59 7.73
C PRO C 67 32.69 27.74 8.71
N ALA C 68 31.48 28.28 8.69
CA ALA C 68 31.13 29.38 9.57
C ALA C 68 29.61 29.49 9.73
N VAL C 69 29.11 29.07 10.88
CA VAL C 69 27.68 29.13 11.15
C VAL C 69 27.27 30.53 11.57
N GLY C 70 26.44 31.18 10.77
CA GLY C 70 25.98 32.51 11.08
C GLY C 70 24.54 32.52 11.51
N ILE C 71 23.88 33.66 11.36
CA ILE C 71 22.48 33.81 11.74
C ILE C 71 21.58 33.26 10.65
N GLN C 72 22.15 33.09 9.46
CA GLN C 72 21.41 32.56 8.33
C GLN C 72 21.33 31.05 8.41
N ASP C 73 22.31 30.46 9.08
CA ASP C 73 22.38 29.01 9.24
C ASP C 73 21.85 28.58 10.59
N GLU C 74 21.11 29.46 11.25
CA GLU C 74 20.53 29.15 12.55
C GLU C 74 19.09 28.71 12.39
N GLY C 75 18.75 27.57 12.98
CA GLY C 75 17.39 27.07 12.88
C GLY C 75 17.28 25.62 13.29
N ILE C 76 16.19 24.98 12.89
CA ILE C 76 15.97 23.58 13.21
C ILE C 76 16.18 22.70 11.99
N PHE C 77 17.33 22.07 11.92
CA PHE C 77 17.66 21.20 10.80
C PHE C 77 17.08 19.81 11.02
N ARG C 78 16.75 19.12 9.93
CA ARG C 78 16.20 17.79 10.01
C ARG C 78 16.71 16.90 8.87
N CYS C 79 17.47 15.88 9.22
CA CYS C 79 18.01 14.96 8.23
C CYS C 79 16.93 13.97 7.81
N GLN C 80 16.83 13.73 6.51
CA GLN C 80 15.83 12.83 5.96
C GLN C 80 16.50 11.78 5.07
N ALA C 81 15.73 10.79 4.64
CA ALA C 81 16.24 9.73 3.78
C ALA C 81 15.12 9.17 2.92
N MET C 82 15.49 8.54 1.81
CA MET C 82 14.51 7.95 0.91
C MET C 82 14.96 6.57 0.45
N ASN C 83 14.00 5.71 0.15
CA ASN C 83 14.29 4.35 -0.30
C ASN C 83 13.04 3.77 -0.99
N ARG C 84 13.15 2.54 -1.47
CA ARG C 84 12.04 1.87 -2.17
C ARG C 84 10.72 1.96 -1.40
N ASN C 85 10.75 1.58 -0.12
CA ASN C 85 9.55 1.61 0.71
C ASN C 85 9.38 2.97 1.38
N GLY C 86 10.25 3.91 1.04
CA GLY C 86 10.19 5.23 1.63
C GLY C 86 10.75 5.27 3.03
N LYS C 87 11.63 4.32 3.34
CA LYS C 87 12.26 4.27 4.67
C LYS C 87 12.98 5.58 4.95
N GLU C 88 12.65 6.20 6.07
CA GLU C 88 13.22 7.48 6.42
C GLU C 88 13.69 7.52 7.88
N THR C 89 14.16 8.70 8.28
CA THR C 89 14.63 8.94 9.62
C THR C 89 14.13 10.31 10.07
N LYS C 90 14.31 10.63 11.34
CA LYS C 90 13.86 11.92 11.86
C LYS C 90 14.80 12.43 12.93
N SER C 91 15.75 13.25 12.52
CA SER C 91 16.71 13.85 13.43
C SER C 91 16.62 15.37 13.34
N ASN C 92 15.99 15.98 14.34
CA ASN C 92 15.82 17.42 14.37
C ASN C 92 16.80 18.08 15.33
N TYR C 93 17.57 19.01 14.82
CA TYR C 93 18.55 19.73 15.62
C TYR C 93 18.20 21.21 15.68
N ARG C 94 17.97 21.72 16.88
CA ARG C 94 17.62 23.11 17.07
C ARG C 94 18.87 23.92 17.44
N VAL C 95 19.43 24.61 16.45
CA VAL C 95 20.62 25.41 16.67
C VAL C 95 20.23 26.84 17.04
N ARG C 96 20.99 27.45 17.94
CA ARG C 96 20.74 28.81 18.38
C ARG C 96 22.07 29.53 18.62
N VAL C 97 22.23 30.72 18.05
CA VAL C 97 23.46 31.47 18.22
C VAL C 97 23.42 32.36 19.46
N TYR C 98 24.60 32.79 19.90
CA TYR C 98 24.73 33.65 21.07
C TYR C 98 24.24 35.07 20.79
N GLN C 99 24.40 35.51 19.56
CA GLN C 99 23.97 36.85 19.17
C GLN C 99 22.93 36.75 18.06
N ILE C 100 21.67 36.89 18.43
CA ILE C 100 20.58 36.80 17.49
C ILE C 100 20.13 38.18 17.01
N PRO C 101 19.60 38.27 15.78
CA PRO C 101 19.12 39.52 15.21
C PRO C 101 17.68 39.79 15.59
N ALA D 1 -15.60 -19.87 -3.84
CA ALA D 1 -15.47 -20.11 -5.30
C ALA D 1 -16.84 -20.37 -5.92
N MET D 2 -17.57 -19.29 -6.21
CA MET D 2 -18.89 -19.40 -6.81
C MET D 2 -18.82 -19.30 -8.33
N ALA D 3 -19.48 -20.22 -9.01
CA ALA D 3 -19.48 -20.25 -10.47
C ALA D 3 -20.85 -20.67 -11.00
N GLN D 4 -21.30 -20.00 -12.06
CA GLN D 4 -22.59 -20.29 -12.66
C GLN D 4 -22.48 -21.46 -13.63
N ASN D 5 -23.35 -22.45 -13.49
CA ASN D 5 -23.33 -23.62 -14.35
C ASN D 5 -24.07 -23.35 -15.66
N ILE D 6 -23.46 -23.72 -16.78
CA ILE D 6 -24.06 -23.53 -18.10
C ILE D 6 -23.83 -24.76 -18.98
N THR D 7 -24.90 -25.32 -19.49
CA THR D 7 -24.84 -26.50 -20.34
C THR D 7 -24.53 -26.11 -21.79
N ALA D 8 -23.68 -26.89 -22.45
CA ALA D 8 -23.31 -26.63 -23.83
C ALA D 8 -23.21 -27.93 -24.62
N ARG D 9 -23.25 -27.81 -25.94
CA ARG D 9 -23.16 -28.97 -26.82
C ARG D 9 -21.83 -28.96 -27.58
N ILE D 10 -21.20 -30.12 -27.70
CA ILE D 10 -19.93 -30.24 -28.39
C ILE D 10 -20.06 -29.90 -29.87
N GLY D 11 -19.42 -28.81 -30.27
CA GLY D 11 -19.47 -28.39 -31.66
C GLY D 11 -20.52 -27.33 -31.90
N GLU D 12 -21.05 -26.76 -30.81
CA GLU D 12 -22.08 -25.75 -30.91
C GLU D 12 -21.51 -24.36 -30.60
N PRO D 13 -21.86 -23.34 -31.40
CA PRO D 13 -21.41 -21.97 -31.17
C PRO D 13 -22.03 -21.38 -29.91
N LEU D 14 -21.23 -20.69 -29.12
CA LEU D 14 -21.70 -20.09 -27.89
C LEU D 14 -21.39 -18.60 -27.85
N VAL D 15 -22.27 -17.84 -27.22
CA VAL D 15 -22.10 -16.40 -27.09
C VAL D 15 -22.18 -16.00 -25.61
N LEU D 16 -21.07 -15.55 -25.07
CA LEU D 16 -21.01 -15.14 -23.67
C LEU D 16 -20.68 -13.65 -23.57
N LYS D 17 -20.96 -13.05 -22.43
CA LYS D 17 -20.67 -11.64 -22.22
C LYS D 17 -20.01 -11.43 -20.86
N CYS D 18 -19.01 -10.56 -20.82
CA CYS D 18 -18.30 -10.28 -19.58
C CYS D 18 -18.01 -8.80 -19.45
N LYS D 19 -18.59 -8.18 -18.42
CA LYS D 19 -18.36 -6.77 -18.17
C LYS D 19 -17.20 -6.61 -17.18
N GLY D 20 -16.58 -5.45 -17.19
CA GLY D 20 -15.47 -5.21 -16.29
C GLY D 20 -14.90 -3.83 -16.48
N ALA D 21 -14.86 -3.38 -17.73
CA ALA D 21 -14.35 -2.06 -18.05
C ALA D 21 -15.40 -1.00 -17.75
N PRO D 22 -15.08 -0.05 -16.85
CA PRO D 22 -15.99 1.03 -16.47
C PRO D 22 -16.05 2.13 -17.53
N LYS D 23 -16.52 3.31 -17.12
CA LYS D 23 -16.62 4.45 -18.03
C LYS D 23 -15.26 5.09 -18.24
N LYS D 24 -14.37 4.36 -18.89
CA LYS D 24 -13.02 4.84 -19.15
C LYS D 24 -12.49 4.21 -20.43
N PRO D 25 -11.42 4.78 -21.03
CA PRO D 25 -10.82 4.24 -22.25
C PRO D 25 -10.34 2.80 -22.03
N PRO D 26 -10.36 1.98 -23.10
CA PRO D 26 -9.94 0.57 -23.06
C PRO D 26 -8.81 0.27 -22.09
N GLN D 27 -9.16 -0.39 -20.99
CA GLN D 27 -8.19 -0.76 -19.95
C GLN D 27 -7.60 -2.14 -20.24
N ARG D 28 -6.88 -2.68 -19.27
CA ARG D 28 -6.27 -4.00 -19.41
C ARG D 28 -7.30 -5.09 -19.14
N LEU D 29 -7.43 -6.01 -20.08
CA LEU D 29 -8.36 -7.10 -19.97
C LEU D 29 -7.61 -8.43 -19.88
N GLU D 30 -7.66 -9.03 -18.70
CA GLU D 30 -6.97 -10.29 -18.46
C GLU D 30 -7.99 -11.43 -18.45
N TRP D 31 -7.54 -12.63 -18.78
CA TRP D 31 -8.44 -13.77 -18.81
C TRP D 31 -7.84 -14.94 -18.04
N LYS D 32 -8.68 -15.63 -17.29
CA LYS D 32 -8.26 -16.77 -16.49
C LYS D 32 -9.32 -17.85 -16.52
N LEU D 33 -8.98 -19.02 -16.00
CA LEU D 33 -9.90 -20.13 -15.94
C LEU D 33 -9.32 -21.24 -15.08
N ASN D 34 -10.13 -22.26 -14.80
CA ASN D 34 -9.70 -23.39 -14.00
C ASN D 34 -10.21 -24.68 -14.61
N THR D 35 -9.29 -25.59 -14.93
CA THR D 35 -9.64 -26.86 -15.53
C THR D 35 -8.60 -27.91 -15.19
N GLY D 36 -8.88 -29.16 -15.57
CA GLY D 36 -7.94 -30.24 -15.32
C GLY D 36 -6.70 -30.10 -16.18
N ARG D 37 -6.92 -29.84 -17.46
CA ARG D 37 -5.82 -29.68 -18.40
C ARG D 37 -5.54 -28.20 -18.65
N THR D 38 -6.62 -27.43 -18.84
CA THR D 38 -6.50 -25.99 -19.10
C THR D 38 -5.74 -25.74 -20.40
N GLU D 39 -6.44 -25.83 -21.52
CA GLU D 39 -5.82 -25.64 -22.83
C GLU D 39 -6.11 -24.25 -23.40
N ALA D 40 -7.38 -23.87 -23.41
CA ALA D 40 -7.79 -22.59 -23.96
C ALA D 40 -7.59 -21.44 -22.98
N TRP D 41 -6.36 -21.23 -22.55
CA TRP D 41 -6.05 -20.15 -21.63
C TRP D 41 -5.00 -19.22 -22.22
N LYS D 42 -5.39 -17.98 -22.46
CA LYS D 42 -4.48 -16.99 -23.02
C LYS D 42 -4.94 -15.59 -22.65
N VAL D 43 -4.04 -14.79 -22.12
CA VAL D 43 -4.36 -13.42 -21.71
C VAL D 43 -4.53 -12.51 -22.93
N LEU D 44 -5.61 -11.75 -22.94
CA LEU D 44 -5.90 -10.84 -24.05
C LEU D 44 -5.23 -9.49 -23.83
N SER D 45 -5.31 -8.64 -24.83
CA SER D 45 -4.74 -7.31 -24.78
C SER D 45 -5.49 -6.40 -25.76
N PRO D 46 -5.49 -5.08 -25.54
CA PRO D 46 -6.16 -4.12 -26.42
C PRO D 46 -5.59 -4.18 -27.84
N GLN D 47 -4.33 -4.58 -27.92
CA GLN D 47 -3.64 -4.71 -29.19
C GLN D 47 -2.85 -6.02 -29.20
N GLY D 48 -3.43 -7.05 -29.79
CA GLY D 48 -2.77 -8.34 -29.84
C GLY D 48 -3.69 -9.47 -29.39
N GLY D 49 -3.82 -10.49 -30.22
CA GLY D 49 -4.68 -11.61 -29.89
C GLY D 49 -3.89 -12.86 -29.59
N GLY D 50 -3.48 -13.56 -30.64
CA GLY D 50 -2.72 -14.78 -30.47
C GLY D 50 -3.49 -15.99 -30.98
N PRO D 51 -3.01 -17.21 -30.67
CA PRO D 51 -3.67 -18.45 -31.11
C PRO D 51 -5.08 -18.58 -30.56
N TRP D 52 -5.30 -18.00 -29.39
CA TRP D 52 -6.59 -18.03 -28.73
C TRP D 52 -7.62 -17.22 -29.53
N ASP D 53 -7.15 -16.15 -30.18
CA ASP D 53 -8.02 -15.29 -30.99
C ASP D 53 -8.60 -16.05 -32.18
N SER D 54 -7.91 -17.11 -32.59
CA SER D 54 -8.36 -17.91 -33.70
C SER D 54 -9.40 -18.92 -33.23
N VAL D 55 -9.44 -19.15 -31.92
CA VAL D 55 -10.38 -20.08 -31.32
C VAL D 55 -11.64 -19.35 -30.89
N ALA D 56 -11.47 -18.26 -30.15
CA ALA D 56 -12.58 -17.46 -29.69
C ALA D 56 -12.40 -16.01 -30.12
N ARG D 57 -13.50 -15.35 -30.44
CA ARG D 57 -13.47 -13.97 -30.89
C ARG D 57 -14.07 -13.05 -29.84
N VAL D 58 -13.37 -11.97 -29.52
CA VAL D 58 -13.84 -11.02 -28.53
C VAL D 58 -14.38 -9.77 -29.21
N LEU D 59 -15.67 -9.51 -29.01
CA LEU D 59 -16.31 -8.34 -29.59
C LEU D 59 -16.01 -7.10 -28.76
N PRO D 60 -15.89 -5.93 -29.41
CA PRO D 60 -15.58 -4.67 -28.72
C PRO D 60 -16.61 -4.26 -27.68
N ASN D 61 -17.75 -4.94 -27.66
CA ASN D 61 -18.81 -4.64 -26.70
C ASN D 61 -18.68 -5.50 -25.43
N GLY D 62 -17.68 -6.38 -25.42
CA GLY D 62 -17.47 -7.23 -24.27
C GLY D 62 -18.11 -8.60 -24.39
N SER D 63 -18.29 -9.06 -25.62
CA SER D 63 -18.90 -10.37 -25.85
C SER D 63 -17.84 -11.36 -26.33
N LEU D 64 -17.99 -12.60 -25.90
CA LEU D 64 -17.08 -13.66 -26.29
C LEU D 64 -17.80 -14.65 -27.19
N PHE D 65 -17.35 -14.76 -28.43
CA PHE D 65 -17.98 -15.65 -29.39
C PHE D 65 -17.11 -16.88 -29.67
N LEU D 66 -17.70 -18.04 -29.50
CA LEU D 66 -17.02 -19.30 -29.74
C LEU D 66 -17.70 -20.04 -30.90
N PRO D 67 -17.00 -20.19 -32.04
CA PRO D 67 -17.54 -20.86 -33.23
C PRO D 67 -18.02 -22.28 -32.96
N ALA D 68 -17.28 -23.01 -32.14
CA ALA D 68 -17.66 -24.37 -31.81
C ALA D 68 -17.06 -24.80 -30.47
N VAL D 69 -17.90 -24.86 -29.45
CA VAL D 69 -17.45 -25.26 -28.11
C VAL D 69 -17.38 -26.77 -28.02
N GLY D 70 -16.18 -27.29 -27.84
CA GLY D 70 -15.99 -28.71 -27.73
C GLY D 70 -15.58 -29.11 -26.33
N ILE D 71 -15.01 -30.30 -26.19
CA ILE D 71 -14.56 -30.79 -24.88
C ILE D 71 -13.30 -30.06 -24.44
N GLN D 72 -12.62 -29.44 -25.40
CA GLN D 72 -11.40 -28.70 -25.09
C GLN D 72 -11.75 -27.31 -24.59
N ASP D 73 -12.95 -26.88 -24.90
CA ASP D 73 -13.42 -25.56 -24.51
C ASP D 73 -14.39 -25.66 -23.33
N GLU D 74 -14.40 -26.81 -22.66
CA GLU D 74 -15.26 -27.01 -21.51
C GLU D 74 -14.49 -26.81 -20.22
N GLY D 75 -15.07 -26.06 -19.29
CA GLY D 75 -14.41 -25.82 -18.03
C GLY D 75 -14.97 -24.63 -17.30
N ILE D 76 -14.21 -24.09 -16.36
CA ILE D 76 -14.63 -22.94 -15.59
C ILE D 76 -13.86 -21.70 -16.02
N PHE D 77 -14.49 -20.86 -16.80
CA PHE D 77 -13.87 -19.64 -17.29
C PHE D 77 -14.04 -18.52 -16.28
N ARG D 78 -13.08 -17.60 -16.22
CA ARG D 78 -13.13 -16.49 -15.30
C ARG D 78 -12.57 -15.22 -15.91
N CYS D 79 -13.44 -14.25 -16.13
CA CYS D 79 -13.03 -12.97 -16.70
C CYS D 79 -12.36 -12.11 -15.64
N GLN D 80 -11.22 -11.51 -16.00
CA GLN D 80 -10.46 -10.69 -15.09
C GLN D 80 -10.23 -9.29 -15.69
N ALA D 81 -9.62 -8.40 -14.92
CA ALA D 81 -9.34 -7.04 -15.39
C ALA D 81 -8.16 -6.47 -14.63
N MET D 82 -7.58 -5.39 -15.15
CA MET D 82 -6.44 -4.76 -14.49
C MET D 82 -6.50 -3.23 -14.65
N ASN D 83 -6.02 -2.51 -13.64
CA ASN D 83 -6.01 -1.06 -13.67
C ASN D 83 -4.92 -0.54 -12.74
N ARG D 84 -4.76 0.78 -12.66
CA ARG D 84 -3.74 1.41 -11.81
C ARG D 84 -3.75 0.86 -10.39
N ASN D 85 -4.93 0.83 -9.78
CA ASN D 85 -5.07 0.34 -8.42
C ASN D 85 -5.30 -1.17 -8.37
N GLY D 86 -5.22 -1.80 -9.54
CA GLY D 86 -5.43 -3.24 -9.61
C GLY D 86 -6.90 -3.62 -9.57
N LYS D 87 -7.76 -2.66 -9.89
CA LYS D 87 -9.21 -2.90 -9.90
C LYS D 87 -9.53 -4.05 -10.85
N GLU D 88 -10.22 -5.05 -10.32
CA GLU D 88 -10.56 -6.23 -11.09
C GLU D 88 -12.00 -6.68 -10.86
N THR D 89 -12.35 -7.80 -11.49
CA THR D 89 -13.68 -8.38 -11.38
C THR D 89 -13.54 -9.89 -11.18
N LYS D 90 -14.66 -10.58 -10.98
CA LYS D 90 -14.61 -12.02 -10.78
C LYS D 90 -15.88 -12.69 -11.31
N SER D 91 -15.85 -13.07 -12.58
CA SER D 91 -16.99 -13.73 -13.19
C SER D 91 -16.60 -15.16 -13.58
N ASN D 92 -17.08 -16.13 -12.81
CA ASN D 92 -16.76 -17.53 -13.07
C ASN D 92 -17.92 -18.27 -13.70
N TYR D 93 -17.67 -18.88 -14.85
CA TYR D 93 -18.69 -19.62 -15.57
C TYR D 93 -18.28 -21.09 -15.70
N ARG D 94 -19.13 -21.97 -15.20
CA ARG D 94 -18.86 -23.40 -15.24
C ARG D 94 -19.62 -24.04 -16.41
N VAL D 95 -18.93 -24.22 -17.52
CA VAL D 95 -19.52 -24.81 -18.70
C VAL D 95 -19.39 -26.34 -18.66
N ARG D 96 -20.42 -27.03 -19.14
CA ARG D 96 -20.42 -28.48 -19.17
C ARG D 96 -21.14 -28.99 -20.43
N VAL D 97 -20.52 -29.91 -21.15
CA VAL D 97 -21.12 -30.44 -22.37
C VAL D 97 -21.97 -31.67 -22.08
N TYR D 98 -22.80 -32.02 -23.05
CA TYR D 98 -23.70 -33.17 -22.93
C TYR D 98 -22.96 -34.49 -23.07
N GLN D 99 -21.87 -34.47 -23.82
CA GLN D 99 -21.07 -35.68 -24.02
C GLN D 99 -19.64 -35.44 -23.58
N ILE D 100 -19.30 -35.96 -22.41
CA ILE D 100 -17.97 -35.80 -21.85
C ILE D 100 -17.10 -37.03 -22.11
N PRO D 101 -15.78 -36.84 -22.18
CA PRO D 101 -14.82 -37.94 -22.41
C PRO D 101 -14.80 -38.92 -21.23
N ALA A 2 -12.64 6.86 19.76
CA ALA A 2 -12.22 6.66 18.36
C ALA A 2 -13.18 5.71 17.66
N SER A 3 -13.38 5.95 16.36
CA SER A 3 -14.26 5.14 15.56
C SER A 3 -13.62 3.77 15.26
N PRO A 4 -14.45 2.77 14.88
CA PRO A 4 -13.95 1.41 14.57
C PRO A 4 -12.76 1.41 13.62
N LEU A 5 -12.83 2.20 12.56
CA LEU A 5 -11.75 2.26 11.58
C LEU A 5 -10.48 2.80 12.24
N ASP A 6 -10.63 3.88 12.99
CA ASP A 6 -9.50 4.50 13.69
C ASP A 6 -8.87 3.51 14.67
N GLN A 7 -9.73 2.80 15.38
CA GLN A 7 -9.28 1.81 16.36
C GLN A 7 -8.45 0.71 15.69
N ALA A 8 -8.92 0.24 14.54
CA ALA A 8 -8.22 -0.80 13.80
C ALA A 8 -6.85 -0.32 13.36
N ILE A 9 -6.79 0.92 12.88
CA ILE A 9 -5.54 1.52 12.44
C ILE A 9 -4.59 1.69 13.62
N GLY A 10 -5.10 2.28 14.70
CA GLY A 10 -4.30 2.50 15.88
C GLY A 10 -3.77 1.20 16.47
N LEU A 11 -4.58 0.16 16.41
CA LEU A 11 -4.19 -1.15 16.92
C LEU A 11 -2.99 -1.69 16.16
N LEU A 12 -3.03 -1.58 14.83
CA LEU A 12 -1.95 -2.07 13.97
C LEU A 12 -0.65 -1.33 14.28
N VAL A 13 -0.72 0.00 14.37
CA VAL A 13 0.45 0.82 14.66
C VAL A 13 1.01 0.47 16.04
N ALA A 14 0.11 0.19 16.97
CA ALA A 14 0.50 -0.16 18.33
C ALA A 14 1.24 -1.49 18.35
N ILE A 15 0.76 -2.44 17.54
CA ILE A 15 1.40 -3.76 17.44
C ILE A 15 2.80 -3.63 16.89
N PHE A 16 2.97 -2.75 15.91
CA PHE A 16 4.26 -2.50 15.29
C PHE A 16 5.25 -2.00 16.34
N HIS A 17 4.83 -1.00 17.10
CA HIS A 17 5.67 -0.41 18.14
C HIS A 17 5.80 -1.31 19.35
N LYS A 18 4.94 -2.32 19.41
CA LYS A 18 4.95 -3.28 20.51
C LYS A 18 6.19 -4.17 20.42
N TYR A 19 6.71 -4.31 19.21
CA TYR A 19 7.89 -5.14 19.00
C TYR A 19 9.10 -4.30 18.59
N SER A 20 8.85 -3.20 17.88
CA SER A 20 9.94 -2.33 17.44
C SER A 20 10.60 -1.66 18.63
N GLY A 21 11.85 -2.03 18.90
CA GLY A 21 12.56 -1.42 20.01
C GLY A 21 13.22 -2.44 20.91
N ARG A 22 13.23 -3.69 20.49
CA ARG A 22 13.85 -4.75 21.28
C ARG A 22 15.25 -5.01 20.77
N GLU A 23 15.41 -4.99 19.45
CA GLU A 23 16.69 -5.22 18.82
C GLU A 23 17.02 -4.08 17.85
N GLY A 24 18.27 -3.66 17.87
CA GLY A 24 18.71 -2.60 16.98
C GLY A 24 18.26 -1.22 17.43
N ASP A 25 17.27 -0.67 16.75
CA ASP A 25 16.77 0.66 17.06
C ASP A 25 15.25 0.65 17.07
N LYS A 26 14.66 1.48 17.93
CA LYS A 26 13.20 1.56 18.05
C LYS A 26 12.62 2.35 16.88
N HIS A 27 12.87 1.87 15.67
CA HIS A 27 12.38 2.52 14.46
C HIS A 27 12.07 1.49 13.39
N THR A 28 12.90 0.45 13.32
CA THR A 28 12.73 -0.60 12.34
C THR A 28 12.59 -1.96 13.00
N LEU A 29 11.88 -2.86 12.34
CA LEU A 29 11.69 -4.20 12.86
C LEU A 29 12.77 -5.12 12.31
N SER A 30 13.56 -5.70 13.21
CA SER A 30 14.61 -6.60 12.80
C SER A 30 14.01 -7.96 12.42
N LYS A 31 14.84 -8.85 11.90
CA LYS A 31 14.37 -10.17 11.48
C LYS A 31 13.95 -11.00 12.70
N LYS A 32 14.45 -10.65 13.88
CA LYS A 32 14.09 -11.36 15.10
C LYS A 32 12.74 -10.87 15.62
N GLU A 33 12.56 -9.55 15.65
CA GLU A 33 11.32 -8.95 16.13
C GLU A 33 10.16 -9.28 15.19
N LEU A 34 10.40 -9.15 13.89
CA LEU A 34 9.37 -9.42 12.89
C LEU A 34 8.96 -10.89 12.93
N LYS A 35 9.94 -11.79 13.02
CA LYS A 35 9.68 -13.22 13.08
C LYS A 35 8.79 -13.55 14.27
N GLU A 36 9.10 -12.94 15.40
CA GLU A 36 8.34 -13.13 16.63
C GLU A 36 6.93 -12.55 16.48
N LEU A 37 6.85 -11.36 15.91
CA LEU A 37 5.58 -10.67 15.70
C LEU A 37 4.63 -11.53 14.88
N ILE A 38 5.11 -12.05 13.77
CA ILE A 38 4.31 -12.89 12.88
C ILE A 38 3.85 -14.17 13.59
N GLN A 39 4.73 -14.76 14.37
CA GLN A 39 4.41 -16.00 15.07
C GLN A 39 3.66 -15.77 16.38
N LYS A 40 3.25 -14.54 16.65
CA LYS A 40 2.54 -14.24 17.90
C LYS A 40 1.28 -13.40 17.68
N GLU A 41 1.40 -12.32 16.91
CA GLU A 41 0.27 -11.43 16.67
C GLU A 41 -0.60 -11.94 15.53
N LEU A 42 -0.08 -12.89 14.75
CA LEU A 42 -0.82 -13.45 13.63
C LEU A 42 -1.26 -14.87 13.98
N THR A 43 -2.51 -15.17 13.67
CA THR A 43 -3.09 -16.48 13.96
C THR A 43 -2.42 -17.60 13.15
N ILE A 44 -2.14 -17.34 11.88
CA ILE A 44 -1.52 -18.35 11.02
C ILE A 44 0.00 -18.26 11.10
N GLY A 45 0.50 -17.21 11.73
CA GLY A 45 1.94 -17.02 11.84
C GLY A 45 2.63 -18.15 12.59
N SER A 46 2.02 -18.60 13.67
CA SER A 46 2.58 -19.67 14.48
C SER A 46 2.46 -21.02 13.78
N LYS A 47 1.78 -21.05 12.64
CA LYS A 47 1.59 -22.28 11.88
C LYS A 47 2.35 -22.22 10.56
N LEU A 48 3.09 -21.14 10.36
CA LEU A 48 3.87 -20.98 9.15
C LEU A 48 5.22 -21.66 9.28
N GLN A 49 5.79 -22.07 8.16
CA GLN A 49 7.08 -22.73 8.15
C GLN A 49 8.19 -21.70 8.27
N ASP A 50 9.26 -22.07 8.96
CA ASP A 50 10.40 -21.17 9.18
C ASP A 50 10.94 -20.65 7.85
N ALA A 51 11.03 -21.54 6.88
CA ALA A 51 11.52 -21.19 5.55
C ALA A 51 10.62 -20.16 4.88
N GLU A 52 9.31 -20.30 5.09
CA GLU A 52 8.35 -19.37 4.52
C GLU A 52 8.47 -18.01 5.19
N ILE A 53 8.60 -18.03 6.51
CA ILE A 53 8.74 -16.79 7.27
C ILE A 53 10.03 -16.08 6.87
N ALA A 54 11.09 -16.86 6.69
CA ALA A 54 12.37 -16.31 6.28
C ALA A 54 12.25 -15.63 4.93
N ARG A 55 11.56 -16.29 4.00
CA ARG A 55 11.35 -15.73 2.67
C ARG A 55 10.50 -14.47 2.76
N LEU A 56 9.44 -14.54 3.55
CA LEU A 56 8.53 -13.42 3.74
C LEU A 56 9.26 -12.21 4.32
N MET A 57 10.07 -12.46 5.35
CA MET A 57 10.84 -11.40 6.00
C MET A 57 11.83 -10.75 5.03
N GLU A 58 12.23 -11.50 4.02
CA GLU A 58 13.17 -11.00 3.02
C GLU A 58 12.42 -10.36 1.85
N ASP A 59 11.22 -10.86 1.59
CA ASP A 59 10.39 -10.33 0.51
C ASP A 59 9.91 -8.93 0.88
N LEU A 60 9.63 -8.73 2.16
CA LEU A 60 9.18 -7.45 2.66
C LEU A 60 10.33 -6.45 2.69
N ASP A 61 11.55 -6.98 2.62
CA ASP A 61 12.75 -6.15 2.63
C ASP A 61 12.95 -5.48 1.27
N ARG A 62 12.45 -4.26 1.13
CA ARG A 62 12.59 -3.52 -0.12
C ARG A 62 13.78 -2.58 -0.04
N ASN A 63 14.18 -2.26 1.17
CA ASN A 63 15.32 -1.39 1.41
C ASN A 63 16.60 -2.17 1.23
N LYS A 64 16.52 -3.47 1.50
CA LYS A 64 17.64 -4.40 1.39
C LYS A 64 18.75 -4.05 2.36
N ASP A 65 18.38 -3.88 3.61
CA ASP A 65 19.33 -3.58 4.65
C ASP A 65 18.98 -4.36 5.93
N GLN A 66 18.01 -5.28 5.77
CA GLN A 66 17.54 -6.16 6.84
C GLN A 66 16.76 -5.42 7.92
N GLU A 67 16.36 -4.18 7.64
CA GLU A 67 15.59 -3.40 8.58
C GLU A 67 14.23 -3.04 8.02
N VAL A 68 13.23 -3.84 8.36
CA VAL A 68 11.88 -3.62 7.89
C VAL A 68 11.28 -2.38 8.56
N ASN A 69 10.99 -1.37 7.77
CA ASN A 69 10.44 -0.12 8.30
C ASN A 69 8.91 -0.16 8.31
N PHE A 70 8.31 0.94 8.75
CA PHE A 70 6.86 1.04 8.85
C PHE A 70 6.18 0.96 7.48
N GLN A 71 6.72 1.69 6.50
CA GLN A 71 6.15 1.69 5.16
C GLN A 71 6.12 0.29 4.57
N GLU A 72 7.21 -0.45 4.76
CA GLU A 72 7.29 -1.82 4.27
C GLU A 72 6.37 -2.72 5.09
N TYR A 73 6.19 -2.38 6.35
CA TYR A 73 5.32 -3.14 7.24
C TYR A 73 3.86 -2.99 6.78
N VAL A 74 3.53 -1.81 6.28
CA VAL A 74 2.18 -1.54 5.77
C VAL A 74 1.88 -2.45 4.59
N THR A 75 2.93 -2.77 3.83
CA THR A 75 2.79 -3.65 2.67
C THR A 75 2.34 -5.04 3.11
N PHE A 76 2.83 -5.47 4.28
CA PHE A 76 2.48 -6.77 4.83
C PHE A 76 1.00 -6.78 5.22
N LEU A 77 0.56 -5.69 5.84
CA LEU A 77 -0.82 -5.54 6.27
C LEU A 77 -1.74 -5.54 5.06
N GLY A 78 -1.34 -4.81 4.02
CA GLY A 78 -2.12 -4.74 2.81
C GLY A 78 -2.27 -6.09 2.14
N ALA A 79 -1.19 -6.87 2.15
CA ALA A 79 -1.20 -8.20 1.57
C ALA A 79 -2.23 -9.09 2.26
N LEU A 80 -2.25 -9.02 3.59
CA LEU A 80 -3.20 -9.79 4.38
C LEU A 80 -4.63 -9.38 4.09
N ALA A 81 -4.83 -8.07 3.94
CA ALA A 81 -6.14 -7.52 3.65
C ALA A 81 -6.66 -8.07 2.33
N LEU A 82 -5.76 -8.16 1.34
CA LEU A 82 -6.11 -8.68 0.04
C LEU A 82 -6.54 -10.14 0.14
N ILE A 83 -5.80 -10.92 0.93
CA ILE A 83 -6.11 -12.33 1.13
C ILE A 83 -7.48 -12.49 1.79
N TYR A 84 -7.74 -11.67 2.81
CA TYR A 84 -9.01 -11.71 3.51
C TYR A 84 -10.17 -11.40 2.57
N ASN A 85 -9.99 -10.38 1.73
CA ASN A 85 -11.02 -9.99 0.78
C ASN A 85 -11.22 -11.09 -0.25
N GLU A 86 -10.13 -11.73 -0.65
CA GLU A 86 -10.17 -12.82 -1.62
C GLU A 86 -11.02 -13.98 -1.10
N ALA A 87 -10.83 -14.31 0.18
CA ALA A 87 -11.56 -15.40 0.82
C ALA A 87 -13.05 -15.06 0.98
N LEU A 88 -13.37 -13.78 0.88
CA LEU A 88 -14.75 -13.35 1.02
C LEU A 88 -15.40 -13.15 -0.36
N LYS A 89 -14.55 -13.10 -1.39
CA LYS A 89 -15.02 -12.91 -2.75
C LYS A 89 -15.63 -14.19 -3.29
N GLY A 90 -14.79 -15.19 -3.52
CA GLY A 90 -15.26 -16.47 -4.03
C GLY A 90 -15.98 -16.35 -5.36
N ALA B 2 -9.46 -15.44 16.23
CA ALA B 2 -8.41 -14.74 15.48
C ALA B 2 -7.59 -13.87 16.42
N SER B 3 -6.34 -13.65 16.06
CA SER B 3 -5.44 -12.83 16.87
C SER B 3 -5.74 -11.34 16.66
N PRO B 4 -5.23 -10.46 17.55
CA PRO B 4 -5.46 -9.01 17.46
C PRO B 4 -5.20 -8.42 16.07
N LEU B 5 -4.10 -8.82 15.45
CA LEU B 5 -3.75 -8.32 14.13
C LEU B 5 -4.80 -8.75 13.11
N ASP B 6 -5.15 -10.03 13.13
CA ASP B 6 -6.16 -10.58 12.22
C ASP B 6 -7.49 -9.88 12.41
N GLN B 7 -7.83 -9.60 13.67
CA GLN B 7 -9.07 -8.92 14.01
C GLN B 7 -9.12 -7.54 13.37
N ALA B 8 -8.02 -6.79 13.48
CA ALA B 8 -7.94 -5.45 12.92
C ALA B 8 -8.11 -5.50 11.39
N ILE B 9 -7.43 -6.46 10.77
CA ILE B 9 -7.50 -6.62 9.32
C ILE B 9 -8.93 -6.98 8.90
N GLY B 10 -9.50 -7.98 9.58
CA GLY B 10 -10.85 -8.42 9.28
C GLY B 10 -11.86 -7.32 9.47
N LEU B 11 -11.62 -6.45 10.45
CA LEU B 11 -12.51 -5.34 10.73
C LEU B 11 -12.52 -4.36 9.57
N LEU B 12 -11.34 -4.02 9.07
CA LEU B 12 -11.20 -3.09 7.96
C LEU B 12 -11.92 -3.62 6.72
N VAL B 13 -11.71 -4.89 6.40
CA VAL B 13 -12.34 -5.51 5.25
C VAL B 13 -13.86 -5.55 5.43
N ALA B 14 -14.30 -5.73 6.66
CA ALA B 14 -15.71 -5.77 6.98
C ALA B 14 -16.34 -4.40 6.77
N ILE B 15 -15.61 -3.35 7.15
CA ILE B 15 -16.10 -1.98 7.00
C ILE B 15 -16.24 -1.63 5.51
N PHE B 16 -15.27 -2.07 4.72
CA PHE B 16 -15.29 -1.84 3.28
C PHE B 16 -16.55 -2.44 2.66
N HIS B 17 -16.82 -3.69 3.01
CA HIS B 17 -17.99 -4.40 2.48
C HIS B 17 -19.27 -3.94 3.17
N LYS B 18 -19.12 -3.20 4.25
CA LYS B 18 -20.26 -2.68 4.99
C LYS B 18 -20.96 -1.61 4.17
N TYR B 19 -20.20 -0.96 3.28
CA TYR B 19 -20.74 0.08 2.44
C TYR B 19 -20.81 -0.35 0.98
N SER B 20 -19.83 -1.12 0.53
CA SER B 20 -19.80 -1.57 -0.86
C SER B 20 -21.00 -2.45 -1.18
N GLY B 21 -21.86 -1.98 -2.07
CA GLY B 21 -23.03 -2.75 -2.45
C GLY B 21 -24.31 -1.96 -2.36
N ARG B 22 -24.19 -0.68 -2.03
CA ARG B 22 -25.35 0.17 -1.91
C ARG B 22 -25.61 0.86 -3.23
N GLU B 23 -24.54 1.30 -3.88
CA GLU B 23 -24.65 1.99 -5.15
C GLU B 23 -23.73 1.35 -6.19
N GLY B 24 -24.23 1.24 -7.41
CA GLY B 24 -23.42 0.68 -8.48
C GLY B 24 -23.33 -0.83 -8.43
N ASP B 25 -22.29 -1.33 -7.78
CA ASP B 25 -22.07 -2.77 -7.69
C ASP B 25 -21.38 -3.12 -6.38
N LYS B 26 -21.67 -4.30 -5.84
CA LYS B 26 -21.08 -4.74 -4.58
C LYS B 26 -19.64 -5.21 -4.81
N HIS B 27 -18.81 -4.30 -5.29
CA HIS B 27 -17.40 -4.59 -5.56
C HIS B 27 -16.56 -3.34 -5.34
N THR B 28 -17.04 -2.23 -5.87
CA THR B 28 -16.34 -0.96 -5.76
C THR B 28 -17.14 0.03 -4.93
N LEU B 29 -16.45 1.00 -4.34
CA LEU B 29 -17.09 2.03 -3.54
C LEU B 29 -17.33 3.27 -4.37
N SER B 30 -18.58 3.66 -4.49
CA SER B 30 -18.93 4.86 -5.25
C SER B 30 -18.55 6.10 -4.46
N LYS B 31 -18.67 7.27 -5.09
CA LYS B 31 -18.33 8.52 -4.42
C LYS B 31 -19.36 8.84 -3.34
N LYS B 32 -20.47 8.09 -3.34
CA LYS B 32 -21.50 8.28 -2.35
C LYS B 32 -21.20 7.41 -1.13
N GLU B 33 -20.90 6.14 -1.38
CA GLU B 33 -20.60 5.20 -0.31
C GLU B 33 -19.31 5.58 0.40
N LEU B 34 -18.29 5.94 -0.37
CA LEU B 34 -17.00 6.31 0.22
C LEU B 34 -17.13 7.58 1.05
N LYS B 35 -17.84 8.57 0.52
CA LYS B 35 -18.04 9.83 1.22
C LYS B 35 -18.72 9.58 2.56
N GLU B 36 -19.75 8.74 2.53
CA GLU B 36 -20.49 8.41 3.74
C GLU B 36 -19.61 7.61 4.70
N LEU B 37 -18.84 6.68 4.16
CA LEU B 37 -17.94 5.85 4.94
C LEU B 37 -16.95 6.72 5.73
N ILE B 38 -16.32 7.65 5.04
CA ILE B 38 -15.34 8.53 5.67
C ILE B 38 -15.98 9.39 6.76
N GLN B 39 -17.20 9.87 6.51
CA GLN B 39 -17.89 10.72 7.47
C GLN B 39 -18.57 9.94 8.58
N LYS B 40 -18.47 8.61 8.57
CA LYS B 40 -19.12 7.81 9.60
C LYS B 40 -18.15 6.87 10.30
N GLU B 41 -17.32 6.17 9.53
CA GLU B 41 -16.38 5.20 10.09
C GLU B 41 -15.10 5.87 10.58
N LEU B 42 -14.89 7.11 10.16
CA LEU B 42 -13.70 7.85 10.56
C LEU B 42 -14.07 8.97 11.52
N THR B 43 -13.37 9.04 12.64
CA THR B 43 -13.63 10.05 13.66
C THR B 43 -13.44 11.48 13.15
N ILE B 44 -12.39 11.70 12.37
CA ILE B 44 -12.11 13.03 11.84
C ILE B 44 -12.84 13.24 10.51
N GLY B 45 -13.45 12.17 10.00
CA GLY B 45 -14.16 12.24 8.73
C GLY B 45 -15.34 13.18 8.78
N SER B 46 -16.12 13.11 9.86
CA SER B 46 -17.29 13.96 10.01
C SER B 46 -16.89 15.42 10.23
N LYS B 47 -15.62 15.66 10.52
CA LYS B 47 -15.14 17.01 10.76
C LYS B 47 -14.41 17.56 9.54
N LEU B 48 -14.32 16.75 8.49
CA LEU B 48 -13.65 17.15 7.26
C LEU B 48 -14.59 17.97 6.38
N GLN B 49 -14.01 18.83 5.56
CA GLN B 49 -14.77 19.67 4.65
C GLN B 49 -15.15 18.90 3.40
N ASP B 50 -16.31 19.23 2.83
CA ASP B 50 -16.82 18.57 1.63
C ASP B 50 -15.77 18.63 0.51
N ALA B 51 -15.13 19.78 0.37
CA ALA B 51 -14.11 19.98 -0.65
C ALA B 51 -12.94 19.02 -0.44
N GLU B 52 -12.47 18.92 0.80
CA GLU B 52 -11.36 18.04 1.13
C GLU B 52 -11.72 16.59 0.83
N ILE B 53 -12.93 16.19 1.24
CA ILE B 53 -13.39 14.83 1.00
C ILE B 53 -13.51 14.57 -0.50
N ALA B 54 -13.99 15.56 -1.23
CA ALA B 54 -14.14 15.46 -2.68
C ALA B 54 -12.78 15.29 -3.34
N ARG B 55 -11.80 16.04 -2.85
CA ARG B 55 -10.45 15.95 -3.38
C ARG B 55 -9.84 14.61 -3.04
N LEU B 56 -10.04 14.18 -1.80
CA LEU B 56 -9.52 12.91 -1.31
C LEU B 56 -10.10 11.74 -2.12
N MET B 57 -11.40 11.79 -2.38
CA MET B 57 -12.08 10.74 -3.14
C MET B 57 -11.57 10.69 -4.57
N GLU B 58 -11.03 11.80 -5.06
CA GLU B 58 -10.49 11.86 -6.41
C GLU B 58 -9.00 11.51 -6.41
N ASP B 59 -8.36 11.78 -5.28
CA ASP B 59 -6.94 11.50 -5.11
C ASP B 59 -6.74 9.99 -5.06
N LEU B 60 -7.66 9.31 -4.38
CA LEU B 60 -7.61 7.86 -4.25
C LEU B 60 -7.91 7.20 -5.60
N ASP B 61 -8.71 7.87 -6.42
CA ASP B 61 -9.08 7.36 -7.74
C ASP B 61 -7.87 7.25 -8.66
N ARG B 62 -7.35 6.03 -8.81
CA ARG B 62 -6.19 5.80 -9.66
C ARG B 62 -6.62 5.17 -10.97
N ASN B 63 -7.75 4.46 -10.93
CA ASN B 63 -8.31 3.83 -12.12
C ASN B 63 -8.94 4.89 -13.01
N LYS B 64 -9.35 5.97 -12.38
CA LYS B 64 -9.98 7.11 -13.05
C LYS B 64 -11.28 6.72 -13.74
N ASP B 65 -12.17 6.11 -12.96
CA ASP B 65 -13.47 5.71 -13.47
C ASP B 65 -14.53 5.96 -12.40
N GLN B 66 -14.12 6.66 -11.33
CA GLN B 66 -14.98 7.04 -10.22
C GLN B 66 -15.38 5.84 -9.35
N GLU B 67 -14.71 4.72 -9.53
CA GLU B 67 -15.00 3.53 -8.75
C GLU B 67 -13.81 3.11 -7.91
N VAL B 68 -13.82 3.49 -6.64
CA VAL B 68 -12.73 3.16 -5.73
C VAL B 68 -12.80 1.69 -5.35
N ASN B 69 -11.79 0.94 -5.75
CA ASN B 69 -11.73 -0.49 -5.46
C ASN B 69 -11.03 -0.76 -4.15
N PHE B 70 -10.89 -2.05 -3.81
CA PHE B 70 -10.25 -2.46 -2.57
C PHE B 70 -8.78 -2.06 -2.51
N GLN B 71 -8.05 -2.28 -3.60
CA GLN B 71 -6.63 -1.95 -3.65
C GLN B 71 -6.41 -0.46 -3.39
N GLU B 72 -7.25 0.37 -4.01
CA GLU B 72 -7.15 1.81 -3.83
C GLU B 72 -7.59 2.18 -2.41
N TYR B 73 -8.52 1.39 -1.86
CA TYR B 73 -9.01 1.61 -0.51
C TYR B 73 -7.89 1.34 0.50
N VAL B 74 -7.07 0.33 0.21
CA VAL B 74 -5.95 -0.03 1.07
C VAL B 74 -4.98 1.15 1.17
N THR B 75 -4.88 1.91 0.09
CA THR B 75 -4.01 3.07 0.03
C THR B 75 -4.46 4.12 1.07
N PHE B 76 -5.78 4.23 1.23
CA PHE B 76 -6.35 5.17 2.18
C PHE B 76 -6.01 4.75 3.60
N LEU B 77 -6.12 3.45 3.85
CA LEU B 77 -5.81 2.89 5.17
C LEU B 77 -4.34 3.09 5.50
N GLY B 78 -3.49 2.85 4.50
CA GLY B 78 -2.06 3.01 4.68
C GLY B 78 -1.70 4.45 4.99
N ALA B 79 -2.38 5.38 4.34
CA ALA B 79 -2.13 6.80 4.56
C ALA B 79 -2.45 7.17 6.00
N LEU B 80 -3.57 6.65 6.50
CA LEU B 80 -3.99 6.91 7.87
C LEU B 80 -2.97 6.34 8.86
N ALA B 81 -2.46 5.15 8.53
CA ALA B 81 -1.46 4.49 9.37
C ALA B 81 -0.21 5.35 9.47
N LEU B 82 0.18 5.94 8.35
CA LEU B 82 1.36 6.80 8.31
C LEU B 82 1.15 8.02 9.20
N ILE B 83 -0.02 8.63 9.11
CA ILE B 83 -0.35 9.81 9.91
C ILE B 83 -0.32 9.45 11.40
N TYR B 84 -0.89 8.30 11.74
CA TYR B 84 -0.91 7.84 13.12
C TYR B 84 0.50 7.64 13.66
N ASN B 85 1.35 7.04 12.83
CA ASN B 85 2.75 6.79 13.23
C ASN B 85 3.50 8.10 13.34
N GLU B 86 3.16 9.05 12.46
CA GLU B 86 3.79 10.37 12.45
C GLU B 86 3.53 11.09 13.76
N ALA B 87 2.29 11.03 14.22
CA ALA B 87 1.89 11.68 15.46
C ALA B 87 2.60 11.05 16.66
N LEU B 88 2.92 9.77 16.56
CA LEU B 88 3.60 9.07 17.65
C LEU B 88 5.12 9.25 17.57
N LYS B 89 5.60 9.74 16.43
CA LYS B 89 7.01 9.96 16.23
C LYS B 89 7.46 11.24 16.94
N GLY B 90 6.88 12.36 16.53
CA GLY B 90 7.21 13.64 17.12
C GLY B 90 8.68 14.01 16.98
N ALA C 1 7.96 16.81 18.77
CA ALA C 1 9.09 17.73 18.61
C ALA C 1 10.09 17.56 19.75
N MET C 2 10.99 16.60 19.61
CA MET C 2 12.00 16.34 20.62
C MET C 2 13.37 16.72 20.12
N ALA C 3 14.05 17.60 20.86
CA ALA C 3 15.38 18.06 20.46
C ALA C 3 16.29 18.21 21.66
N GLN C 4 17.55 17.85 21.48
CA GLN C 4 18.55 17.96 22.53
C GLN C 4 19.13 19.37 22.52
N ASN C 5 19.32 19.96 23.69
CA ASN C 5 19.86 21.31 23.77
C ASN C 5 21.39 21.29 23.81
N ILE C 6 21.98 22.14 22.98
CA ILE C 6 23.43 22.27 22.88
C ILE C 6 23.81 23.74 22.80
N THR C 7 24.64 24.19 23.72
CA THR C 7 25.08 25.58 23.74
C THR C 7 26.29 25.80 22.84
N ALA C 8 26.33 26.95 22.19
CA ALA C 8 27.42 27.29 21.29
C ALA C 8 27.85 28.74 21.49
N ARG C 9 28.88 29.15 20.77
CA ARG C 9 29.39 30.51 20.85
C ARG C 9 29.44 31.15 19.47
N ILE C 10 29.14 32.44 19.39
CA ILE C 10 29.15 33.15 18.13
C ILE C 10 30.58 33.33 17.63
N GLY C 11 30.80 33.06 16.35
CA GLY C 11 32.10 33.19 15.76
C GLY C 11 32.99 31.99 16.06
N GLU C 12 32.38 30.94 16.61
CA GLU C 12 33.12 29.74 16.95
C GLU C 12 32.77 28.60 16.00
N PRO C 13 33.78 27.86 15.49
CA PRO C 13 33.57 26.73 14.59
C PRO C 13 32.93 25.55 15.32
N LEU C 14 32.06 24.83 14.63
CA LEU C 14 31.38 23.68 15.21
C LEU C 14 31.39 22.48 14.27
N VAL C 15 31.50 21.29 14.84
CA VAL C 15 31.50 20.06 14.06
C VAL C 15 30.42 19.12 14.58
N LEU C 16 29.34 18.98 13.82
CA LEU C 16 28.23 18.12 14.23
C LEU C 16 28.25 16.81 13.47
N LYS C 17 27.64 15.78 14.04
CA LYS C 17 27.58 14.46 13.40
C LYS C 17 26.12 14.07 13.17
N CYS C 18 25.84 13.47 12.02
CA CYS C 18 24.48 13.06 11.70
C CYS C 18 24.47 11.67 11.09
N LYS C 19 23.52 10.85 11.50
CA LYS C 19 23.40 9.49 11.00
C LYS C 19 22.27 9.42 9.97
N GLY C 20 22.02 8.22 9.45
CA GLY C 20 20.98 8.04 8.46
C GLY C 20 21.44 7.21 7.29
N ALA C 21 22.75 7.10 7.13
CA ALA C 21 23.33 6.32 6.04
C ALA C 21 23.83 4.97 6.56
N PRO C 22 23.09 3.89 6.26
CA PRO C 22 23.47 2.54 6.70
C PRO C 22 24.53 1.93 5.78
N LYS C 23 24.65 0.61 5.82
CA LYS C 23 25.61 -0.09 4.98
C LYS C 23 25.07 -0.29 3.57
N LYS C 24 24.93 0.82 2.85
CA LYS C 24 24.42 0.79 1.48
C LYS C 24 25.02 1.95 0.69
N PRO C 25 24.91 1.91 -0.65
CA PRO C 25 25.44 2.98 -1.51
C PRO C 25 24.83 4.35 -1.15
N PRO C 26 25.49 5.45 -1.56
CA PRO C 26 25.05 6.82 -1.28
C PRO C 26 23.56 7.02 -1.56
N GLN C 27 22.80 7.26 -0.50
CA GLN C 27 21.37 7.48 -0.61
C GLN C 27 21.06 8.96 -0.76
N ARG C 28 19.78 9.30 -0.87
CA ARG C 28 19.37 10.69 -1.03
C ARG C 28 19.27 11.37 0.33
N LEU C 29 20.34 12.04 0.74
CA LEU C 29 20.37 12.73 2.01
C LEU C 29 19.73 14.10 1.86
N GLU C 30 18.93 14.51 2.83
CA GLU C 30 18.27 15.81 2.80
C GLU C 30 18.50 16.54 4.12
N TRP C 31 17.90 17.70 4.26
CA TRP C 31 18.06 18.49 5.47
C TRP C 31 16.83 19.34 5.73
N LYS C 32 16.49 19.48 7.00
CA LYS C 32 15.35 20.26 7.42
C LYS C 32 15.61 20.86 8.80
N LEU C 33 14.91 21.93 9.15
CA LEU C 33 15.09 22.57 10.44
C LEU C 33 13.85 23.34 10.83
N ASN C 34 13.76 23.70 12.11
CA ASN C 34 12.63 24.45 12.63
C ASN C 34 13.11 25.74 13.30
N THR C 35 12.88 26.86 12.63
CA THR C 35 13.28 28.14 13.15
C THR C 35 12.24 29.20 12.84
N GLY C 36 12.42 30.39 13.39
CA GLY C 36 11.49 31.47 13.12
C GLY C 36 11.73 32.06 11.76
N ARG C 37 12.98 32.39 11.47
CA ARG C 37 13.34 32.98 10.19
C ARG C 37 13.59 31.88 9.15
N THR C 38 14.33 30.85 9.55
CA THR C 38 14.65 29.72 8.69
C THR C 38 15.30 30.17 7.38
N GLU C 39 16.53 30.65 7.48
CA GLU C 39 17.26 31.11 6.31
C GLU C 39 18.50 30.26 6.07
N ALA C 40 18.66 29.24 6.90
CA ALA C 40 19.79 28.33 6.79
C ALA C 40 19.29 26.95 6.36
N TRP C 41 18.30 26.94 5.49
CA TRP C 41 17.72 25.71 5.01
C TRP C 41 18.08 25.46 3.55
N LYS C 42 18.61 24.27 3.28
CA LYS C 42 18.99 23.88 1.94
C LYS C 42 18.94 22.36 1.80
N VAL C 43 18.31 21.90 0.73
CA VAL C 43 18.19 20.46 0.49
C VAL C 43 19.54 19.89 0.05
N LEU C 44 20.04 18.92 0.79
CA LEU C 44 21.32 18.29 0.48
C LEU C 44 21.17 17.36 -0.73
N SER C 45 22.31 17.00 -1.31
CA SER C 45 22.35 16.12 -2.46
C SER C 45 23.74 15.50 -2.56
N PRO C 46 23.85 14.26 -3.06
CA PRO C 46 25.14 13.58 -3.21
C PRO C 46 26.08 14.34 -4.14
N GLN C 47 25.49 14.98 -5.14
CA GLN C 47 26.24 15.76 -6.10
C GLN C 47 25.47 17.03 -6.45
N GLY C 48 25.87 18.14 -5.87
CA GLY C 48 25.20 19.41 -6.13
C GLY C 48 25.41 20.40 -5.01
N GLY C 49 26.05 21.53 -5.33
CA GLY C 49 26.32 22.54 -4.33
C GLY C 49 25.14 23.47 -4.10
N GLY C 50 25.43 24.72 -3.77
CA GLY C 50 24.38 25.69 -3.51
C GLY C 50 24.87 26.84 -2.67
N PRO C 51 23.97 27.72 -2.20
CA PRO C 51 24.33 28.87 -1.38
C PRO C 51 24.74 28.48 0.04
N TRP C 52 23.99 27.55 0.63
CA TRP C 52 24.26 27.07 1.98
C TRP C 52 25.61 26.37 2.08
N ASP C 53 26.05 25.80 0.98
CA ASP C 53 27.32 25.08 0.92
C ASP C 53 28.50 26.02 1.16
N SER C 54 28.24 27.33 1.06
CA SER C 54 29.26 28.33 1.30
C SER C 54 29.30 28.68 2.79
N VAL C 55 28.23 28.32 3.49
CA VAL C 55 28.12 28.60 4.92
C VAL C 55 28.63 27.42 5.73
N ALA C 56 28.14 26.23 5.40
CA ALA C 56 28.54 25.02 6.08
C ALA C 56 28.81 23.90 5.08
N ARG C 57 29.63 22.94 5.47
CA ARG C 57 29.97 21.84 4.59
C ARG C 57 29.73 20.50 5.26
N VAL C 58 29.33 19.51 4.46
CA VAL C 58 29.08 18.18 4.97
C VAL C 58 30.20 17.24 4.55
N LEU C 59 30.96 16.78 5.53
CA LEU C 59 32.07 15.88 5.29
C LEU C 59 31.55 14.51 4.84
N PRO C 60 32.27 13.84 3.92
CA PRO C 60 31.87 12.53 3.39
C PRO C 60 31.71 11.45 4.46
N ASN C 61 32.27 11.70 5.65
CA ASN C 61 32.17 10.74 6.75
C ASN C 61 30.90 10.97 7.56
N GLY C 62 30.11 11.96 7.17
CA GLY C 62 28.87 12.24 7.87
C GLY C 62 29.03 13.23 9.01
N SER C 63 29.59 14.39 8.70
CA SER C 63 29.80 15.42 9.70
C SER C 63 29.58 16.80 9.10
N LEU C 64 28.90 17.66 9.84
CA LEU C 64 28.63 19.02 9.40
C LEU C 64 29.60 19.98 10.04
N PHE C 65 30.36 20.69 9.22
CA PHE C 65 31.33 21.63 9.73
C PHE C 65 30.88 23.07 9.50
N LEU C 66 30.84 23.83 10.58
CA LEU C 66 30.46 25.22 10.52
C LEU C 66 31.67 26.08 10.90
N PRO C 67 32.20 26.86 9.93
CA PRO C 67 33.37 27.72 10.15
C PRO C 67 33.19 28.68 11.33
N ALA C 68 31.98 29.21 11.48
CA ALA C 68 31.69 30.14 12.56
C ALA C 68 30.19 30.29 12.75
N VAL C 69 29.69 29.75 13.84
CA VAL C 69 28.26 29.83 14.15
C VAL C 69 27.89 31.26 14.54
N GLY C 70 26.79 31.75 13.99
CA GLY C 70 26.35 33.09 14.29
C GLY C 70 24.97 33.12 14.91
N ILE C 71 24.12 34.02 14.41
CA ILE C 71 22.76 34.15 14.91
C ILE C 71 21.76 33.65 13.88
N GLN C 72 22.29 33.22 12.75
CA GLN C 72 21.46 32.71 11.65
C GLN C 72 21.23 31.21 11.82
N ASP C 73 22.20 30.57 12.46
CA ASP C 73 22.16 29.14 12.71
C ASP C 73 21.54 28.85 14.07
N GLU C 74 20.95 29.87 14.66
CA GLU C 74 20.30 29.75 15.96
C GLU C 74 18.93 29.12 15.81
N GLY C 75 18.83 27.83 16.14
CA GLY C 75 17.56 27.14 16.03
C GLY C 75 17.67 25.64 16.21
N ILE C 76 16.69 24.92 15.69
CA ILE C 76 16.64 23.47 15.79
C ILE C 76 16.87 22.82 14.42
N PHE C 77 17.98 22.12 14.27
CA PHE C 77 18.31 21.44 13.03
C PHE C 77 17.86 19.99 13.06
N ARG C 78 17.74 19.37 11.88
CA ARG C 78 17.32 17.98 11.79
C ARG C 78 17.85 17.35 10.50
N CYS C 79 18.64 16.30 10.65
CA CYS C 79 19.18 15.58 9.51
C CYS C 79 18.23 14.47 9.09
N GLN C 80 17.93 14.38 7.80
CA GLN C 80 17.02 13.35 7.30
C GLN C 80 17.53 12.75 6.00
N ALA C 81 16.90 11.67 5.57
CA ALA C 81 17.28 10.99 4.34
C ALA C 81 16.06 10.40 3.66
N MET C 82 16.12 10.28 2.34
CA MET C 82 15.02 9.73 1.57
C MET C 82 15.46 8.41 0.93
N ASN C 83 14.55 7.44 0.90
CA ASN C 83 14.85 6.14 0.32
C ASN C 83 13.77 5.73 -0.67
N ARG C 84 13.77 4.45 -1.04
CA ARG C 84 12.80 3.92 -2.00
C ARG C 84 11.37 4.07 -1.49
N ASN C 85 11.12 3.61 -0.27
CA ASN C 85 9.79 3.72 0.32
C ASN C 85 9.68 5.00 1.14
N GLY C 86 10.45 5.08 2.22
CA GLY C 86 10.42 6.26 3.06
C GLY C 86 11.14 6.05 4.37
N LYS C 87 12.39 5.63 4.29
CA LYS C 87 13.19 5.38 5.49
C LYS C 87 13.86 6.67 5.95
N GLU C 88 13.19 7.39 6.82
CA GLU C 88 13.72 8.63 7.36
C GLU C 88 14.32 8.42 8.75
N THR C 89 14.73 9.50 9.38
CA THR C 89 15.32 9.44 10.71
C THR C 89 14.92 10.67 11.52
N LYS C 90 14.90 10.52 12.83
CA LYS C 90 14.55 11.61 13.72
C LYS C 90 15.76 12.03 14.54
N SER C 91 16.28 13.21 14.25
CA SER C 91 17.42 13.73 14.96
C SER C 91 17.39 15.25 14.95
N ASN C 92 16.85 15.83 16.02
CA ASN C 92 16.74 17.28 16.15
C ASN C 92 17.75 17.82 17.15
N TYR C 93 18.45 18.86 16.76
CA TYR C 93 19.44 19.49 17.63
C TYR C 93 19.05 20.94 17.90
N ARG C 94 18.94 21.30 19.17
CA ARG C 94 18.58 22.65 19.56
C ARG C 94 19.82 23.43 19.97
N VAL C 95 20.31 24.25 19.05
CA VAL C 95 21.51 25.05 19.29
C VAL C 95 21.15 26.41 19.86
N ARG C 96 21.92 26.84 20.85
CA ARG C 96 21.71 28.13 21.50
C ARG C 96 23.04 28.80 21.81
N VAL C 97 23.20 30.04 21.39
CA VAL C 97 24.44 30.78 21.63
C VAL C 97 24.37 31.59 22.92
N TYR C 98 25.53 31.91 23.47
CA TYR C 98 25.61 32.68 24.71
C TYR C 98 25.42 34.17 24.45
N GLN C 99 25.28 34.54 23.19
CA GLN C 99 25.11 35.94 22.82
C GLN C 99 23.89 36.09 21.90
N ILE C 100 22.70 36.02 22.48
CA ILE C 100 21.47 36.14 21.73
C ILE C 100 21.07 37.61 21.58
N PRO C 101 20.61 38.01 20.38
CA PRO C 101 20.19 39.38 20.12
C PRO C 101 18.76 39.64 20.61
N ALA D 1 -17.12 -19.39 -4.31
CA ALA D 1 -17.48 -20.19 -5.51
C ALA D 1 -18.97 -20.09 -5.79
N MET D 2 -19.36 -19.10 -6.59
CA MET D 2 -20.76 -18.91 -6.95
C MET D 2 -20.91 -18.87 -8.46
N ALA D 3 -21.74 -19.75 -9.01
CA ALA D 3 -21.93 -19.81 -10.45
C ALA D 3 -23.39 -20.14 -10.79
N GLN D 4 -23.89 -19.51 -11.85
CA GLN D 4 -25.26 -19.75 -12.30
C GLN D 4 -25.24 -20.94 -13.26
N ASN D 5 -26.20 -21.84 -13.11
CA ASN D 5 -26.24 -23.02 -13.96
C ASN D 5 -26.99 -22.74 -15.26
N ILE D 6 -26.43 -23.21 -16.36
CA ILE D 6 -27.01 -23.04 -17.69
C ILE D 6 -26.88 -24.34 -18.48
N THR D 7 -28.00 -24.88 -18.92
CA THR D 7 -27.99 -26.11 -19.70
C THR D 7 -27.75 -25.83 -21.18
N ALA D 8 -26.96 -26.67 -21.81
CA ALA D 8 -26.65 -26.51 -23.23
C ALA D 8 -26.72 -27.86 -23.95
N ARG D 9 -26.59 -27.82 -25.27
CA ARG D 9 -26.64 -29.04 -26.07
C ARG D 9 -25.33 -29.23 -26.83
N ILE D 10 -24.92 -30.49 -26.98
CA ILE D 10 -23.70 -30.80 -27.71
C ILE D 10 -23.90 -30.58 -29.20
N GLY D 11 -22.96 -29.88 -29.82
CA GLY D 11 -23.06 -29.61 -31.24
C GLY D 11 -24.02 -28.48 -31.54
N GLU D 12 -24.28 -27.66 -30.53
CA GLU D 12 -25.18 -26.53 -30.67
C GLU D 12 -24.43 -25.23 -30.41
N PRO D 13 -24.62 -24.21 -31.25
CA PRO D 13 -23.97 -22.90 -31.08
C PRO D 13 -24.50 -22.17 -29.86
N LEU D 14 -23.64 -21.38 -29.23
CA LEU D 14 -24.02 -20.63 -28.04
C LEU D 14 -23.42 -19.23 -28.07
N VAL D 15 -24.14 -18.27 -27.52
CA VAL D 15 -23.67 -16.88 -27.47
C VAL D 15 -23.80 -16.34 -26.05
N LEU D 16 -22.66 -16.16 -25.39
CA LEU D 16 -22.65 -15.67 -24.02
C LEU D 16 -22.21 -14.21 -23.98
N LYS D 17 -22.59 -13.50 -22.92
CA LYS D 17 -22.24 -12.10 -22.76
C LYS D 17 -21.41 -11.92 -21.49
N CYS D 18 -20.37 -11.10 -21.56
CA CYS D 18 -19.52 -10.86 -20.40
C CYS D 18 -19.24 -9.38 -20.22
N LYS D 19 -19.37 -8.90 -19.00
CA LYS D 19 -19.13 -7.50 -18.69
C LYS D 19 -17.75 -7.33 -18.07
N GLY D 20 -17.36 -6.09 -17.84
CA GLY D 20 -16.05 -5.83 -17.26
C GLY D 20 -15.40 -4.60 -17.87
N ALA D 21 -15.91 -4.19 -19.02
CA ALA D 21 -15.38 -3.03 -19.71
C ALA D 21 -16.30 -1.83 -19.51
N PRO D 22 -15.88 -0.85 -18.69
CA PRO D 22 -16.67 0.34 -18.43
C PRO D 22 -16.49 1.40 -19.51
N LYS D 23 -16.85 2.64 -19.20
CA LYS D 23 -16.72 3.74 -20.14
C LYS D 23 -15.27 4.24 -20.19
N LYS D 24 -14.38 3.40 -20.69
CA LYS D 24 -12.96 3.73 -20.81
C LYS D 24 -12.36 3.01 -22.01
N PRO D 25 -11.17 3.42 -22.47
CA PRO D 25 -10.49 2.78 -23.60
C PRO D 25 -10.25 1.28 -23.36
N PRO D 26 -10.06 0.50 -24.44
CA PRO D 26 -9.84 -0.95 -24.37
C PRO D 26 -8.85 -1.35 -23.28
N GLN D 27 -9.35 -2.05 -22.27
CA GLN D 27 -8.52 -2.49 -21.16
C GLN D 27 -7.99 -3.90 -21.43
N ARG D 28 -7.19 -4.41 -20.50
CA ARG D 28 -6.61 -5.75 -20.63
C ARG D 28 -7.60 -6.79 -20.15
N LEU D 29 -8.33 -7.38 -21.10
CA LEU D 29 -9.30 -8.41 -20.78
C LEU D 29 -8.63 -9.78 -20.71
N GLU D 30 -9.02 -10.58 -19.74
CA GLU D 30 -8.46 -11.91 -19.58
C GLU D 30 -9.57 -12.94 -19.45
N TRP D 31 -9.22 -14.18 -19.21
CA TRP D 31 -10.20 -15.24 -19.08
C TRP D 31 -9.69 -16.33 -18.16
N LYS D 32 -10.60 -16.93 -17.41
CA LYS D 32 -10.27 -18.01 -16.47
C LYS D 32 -11.47 -18.93 -16.32
N LEU D 33 -11.23 -20.16 -15.89
CA LEU D 33 -12.31 -21.12 -15.71
C LEU D 33 -11.91 -22.19 -14.71
N ASN D 34 -12.91 -22.93 -14.24
CA ASN D 34 -12.68 -23.99 -13.27
C ASN D 34 -13.25 -25.31 -13.78
N THR D 35 -12.37 -26.23 -14.13
CA THR D 35 -12.78 -27.53 -14.64
C THR D 35 -11.81 -28.60 -14.19
N GLY D 36 -12.14 -29.85 -14.46
CA GLY D 36 -11.27 -30.94 -14.10
C GLY D 36 -10.10 -31.05 -15.07
N ARG D 37 -10.41 -31.02 -16.36
CA ARG D 37 -9.38 -31.11 -17.39
C ARG D 37 -8.80 -29.73 -17.70
N THR D 38 -9.69 -28.74 -17.86
CA THR D 38 -9.29 -27.36 -18.15
C THR D 38 -8.41 -27.28 -19.39
N GLU D 39 -9.00 -27.53 -20.54
CA GLU D 39 -8.27 -27.48 -21.80
C GLU D 39 -8.79 -26.36 -22.69
N ALA D 40 -9.74 -25.60 -22.17
CA ALA D 40 -10.33 -24.49 -22.90
C ALA D 40 -9.97 -23.17 -22.23
N TRP D 41 -8.75 -23.09 -21.72
CA TRP D 41 -8.29 -21.89 -21.04
C TRP D 41 -7.24 -21.16 -21.86
N LYS D 42 -7.51 -19.89 -22.13
CA LYS D 42 -6.60 -19.05 -22.90
C LYS D 42 -6.76 -17.60 -22.46
N VAL D 43 -5.64 -16.94 -22.19
CA VAL D 43 -5.67 -15.54 -21.76
C VAL D 43 -6.01 -14.64 -22.95
N LEU D 44 -7.08 -13.86 -22.82
CA LEU D 44 -7.51 -12.96 -23.88
C LEU D 44 -6.55 -11.79 -24.00
N SER D 45 -6.62 -11.10 -25.13
CA SER D 45 -5.78 -9.94 -25.40
C SER D 45 -6.45 -9.05 -26.45
N PRO D 46 -6.31 -7.73 -26.34
CA PRO D 46 -6.90 -6.78 -27.29
C PRO D 46 -6.39 -6.98 -28.71
N GLN D 47 -5.15 -7.46 -28.83
CA GLN D 47 -4.54 -7.71 -30.12
C GLN D 47 -3.64 -8.94 -30.06
N GLY D 48 -4.27 -10.10 -30.07
CA GLY D 48 -3.53 -11.35 -30.01
C GLY D 48 -4.44 -12.56 -30.10
N GLY D 49 -4.24 -13.35 -31.14
CA GLY D 49 -5.04 -14.56 -31.33
C GLY D 49 -4.53 -15.73 -30.51
N GLY D 50 -4.71 -16.93 -31.02
CA GLY D 50 -4.25 -18.11 -30.32
C GLY D 50 -5.01 -19.35 -30.72
N PRO D 51 -4.76 -20.49 -30.07
CA PRO D 51 -5.43 -21.76 -30.38
C PRO D 51 -6.92 -21.73 -30.03
N TRP D 52 -7.23 -21.17 -28.87
CA TRP D 52 -8.61 -21.08 -28.39
C TRP D 52 -9.46 -20.21 -29.31
N ASP D 53 -8.80 -19.26 -29.98
CA ASP D 53 -9.49 -18.35 -30.90
C ASP D 53 -10.08 -19.10 -32.09
N SER D 54 -9.71 -20.36 -32.23
CA SER D 54 -10.22 -21.18 -33.31
C SER D 54 -11.39 -22.02 -32.81
N VAL D 55 -11.59 -22.00 -31.49
CA VAL D 55 -12.68 -22.75 -30.86
C VAL D 55 -13.85 -21.83 -30.59
N ALA D 56 -13.55 -20.62 -30.12
CA ALA D 56 -14.55 -19.62 -29.82
C ALA D 56 -14.01 -18.25 -30.14
N ARG D 57 -14.90 -17.30 -30.41
CA ARG D 57 -14.48 -15.94 -30.73
C ARG D 57 -15.20 -14.92 -29.86
N VAL D 58 -14.49 -13.86 -29.51
CA VAL D 58 -15.05 -12.80 -28.68
C VAL D 58 -15.41 -11.59 -29.54
N LEU D 59 -16.69 -11.29 -29.62
CA LEU D 59 -17.16 -10.16 -30.39
C LEU D 59 -16.77 -8.85 -29.70
N PRO D 60 -16.42 -7.82 -30.49
CA PRO D 60 -16.00 -6.51 -29.97
C PRO D 60 -17.01 -5.89 -29.00
N ASN D 61 -18.27 -6.28 -29.11
CA ASN D 61 -19.33 -5.75 -28.24
C ASN D 61 -19.28 -6.41 -26.86
N GLY D 62 -18.54 -7.49 -26.73
CA GLY D 62 -18.44 -8.17 -25.45
C GLY D 62 -19.27 -9.44 -25.39
N SER D 63 -19.17 -10.27 -26.41
CA SER D 63 -19.91 -11.52 -26.44
C SER D 63 -19.04 -12.67 -26.92
N LEU D 64 -19.25 -13.83 -26.32
CA LEU D 64 -18.49 -15.02 -26.67
C LEU D 64 -19.34 -15.92 -27.55
N PHE D 65 -18.85 -16.19 -28.75
CA PHE D 65 -19.58 -17.05 -29.67
C PHE D 65 -18.91 -18.41 -29.80
N LEU D 66 -19.69 -19.46 -29.56
CA LEU D 66 -19.21 -20.82 -29.67
C LEU D 66 -19.93 -21.52 -30.81
N PRO D 67 -19.20 -21.87 -31.89
CA PRO D 67 -19.77 -22.54 -33.06
C PRO D 67 -20.50 -23.83 -32.69
N ALA D 68 -19.95 -24.57 -31.74
CA ALA D 68 -20.55 -25.82 -31.29
C ALA D 68 -20.00 -26.22 -29.93
N VAL D 69 -20.87 -26.27 -28.93
CA VAL D 69 -20.47 -26.66 -27.59
C VAL D 69 -20.37 -28.18 -27.50
N GLY D 70 -19.25 -28.67 -26.98
CA GLY D 70 -19.06 -30.10 -26.85
C GLY D 70 -18.95 -30.55 -25.41
N ILE D 71 -17.96 -31.37 -25.12
CA ILE D 71 -17.75 -31.87 -23.77
C ILE D 71 -16.48 -31.26 -23.16
N GLN D 72 -15.75 -30.53 -23.98
CA GLN D 72 -14.52 -29.88 -23.54
C GLN D 72 -14.86 -28.55 -22.90
N ASP D 73 -15.92 -27.94 -23.38
CA ASP D 73 -16.40 -26.65 -22.89
C ASP D 73 -17.38 -26.86 -21.74
N GLU D 74 -17.43 -28.09 -21.26
CA GLU D 74 -18.32 -28.44 -20.14
C GLU D 74 -17.66 -28.08 -18.81
N GLY D 75 -18.09 -26.98 -18.22
CA GLY D 75 -17.53 -26.57 -16.95
C GLY D 75 -18.00 -25.21 -16.48
N ILE D 76 -17.18 -24.56 -15.67
CA ILE D 76 -17.50 -23.25 -15.12
C ILE D 76 -16.55 -22.19 -15.68
N PHE D 77 -17.09 -21.27 -16.46
CA PHE D 77 -16.29 -20.20 -17.05
C PHE D 77 -16.37 -18.93 -16.21
N ARG D 78 -15.38 -18.06 -16.35
CA ARG D 78 -15.36 -16.80 -15.61
C ARG D 78 -14.61 -15.72 -16.39
N CYS D 79 -15.31 -14.64 -16.72
CA CYS D 79 -14.71 -13.54 -17.45
C CYS D 79 -14.11 -12.55 -16.46
N GLN D 80 -12.87 -12.11 -16.73
CA GLN D 80 -12.20 -11.17 -15.85
C GLN D 80 -11.42 -10.13 -16.66
N ALA D 81 -10.93 -9.10 -15.99
CA ALA D 81 -10.18 -8.04 -16.64
C ALA D 81 -9.10 -7.50 -15.70
N MET D 82 -8.03 -7.00 -16.28
CA MET D 82 -6.93 -6.45 -15.50
C MET D 82 -6.82 -4.94 -15.73
N ASN D 83 -6.51 -4.20 -14.68
CA ASN D 83 -6.38 -2.75 -14.78
C ASN D 83 -5.08 -2.28 -14.16
N ARG D 84 -4.99 -0.96 -13.91
CA ARG D 84 -3.78 -0.37 -13.34
C ARG D 84 -3.49 -0.93 -11.95
N ASN D 85 -4.49 -0.97 -11.09
CA ASN D 85 -4.29 -1.51 -9.75
C ASN D 85 -4.73 -2.97 -9.69
N GLY D 86 -6.02 -3.19 -9.87
CA GLY D 86 -6.55 -4.55 -9.85
C GLY D 86 -8.06 -4.58 -9.80
N LYS D 87 -8.68 -4.09 -10.86
CA LYS D 87 -10.13 -4.05 -10.93
C LYS D 87 -10.66 -5.26 -11.70
N GLU D 88 -11.02 -6.31 -10.97
CA GLU D 88 -11.55 -7.53 -11.57
C GLU D 88 -13.08 -7.58 -11.42
N THR D 89 -13.65 -8.71 -11.81
CA THR D 89 -15.08 -8.91 -11.71
C THR D 89 -15.40 -10.36 -11.39
N LYS D 90 -16.57 -10.61 -10.83
CA LYS D 90 -16.98 -11.96 -10.47
C LYS D 90 -18.17 -12.38 -11.31
N SER D 91 -17.94 -13.24 -12.28
CA SER D 91 -18.99 -13.74 -13.15
C SER D 91 -18.68 -15.17 -13.57
N ASN D 92 -19.27 -16.13 -12.87
CA ASN D 92 -19.05 -17.54 -13.15
C ASN D 92 -20.28 -18.17 -13.77
N TYR D 93 -20.08 -18.89 -14.87
CA TYR D 93 -21.17 -19.56 -15.57
C TYR D 93 -20.94 -21.07 -15.56
N ARG D 94 -21.90 -21.82 -15.05
CA ARG D 94 -21.78 -23.27 -15.01
C ARG D 94 -22.58 -23.90 -16.14
N VAL D 95 -21.89 -24.30 -17.19
CA VAL D 95 -22.52 -24.90 -18.35
C VAL D 95 -22.60 -26.42 -18.19
N ARG D 96 -23.75 -26.98 -18.56
CA ARG D 96 -23.95 -28.42 -18.47
C ARG D 96 -24.75 -28.90 -19.68
N VAL D 97 -24.26 -29.92 -20.35
CA VAL D 97 -24.93 -30.44 -21.52
C VAL D 97 -25.89 -31.58 -21.17
N TYR D 98 -26.79 -31.89 -22.09
CA TYR D 98 -27.77 -32.96 -21.89
C TYR D 98 -27.20 -34.31 -22.30
N GLN D 99 -25.95 -34.33 -22.72
CA GLN D 99 -25.29 -35.55 -23.14
C GLN D 99 -23.92 -35.69 -22.50
N ILE D 100 -23.90 -35.91 -21.21
CA ILE D 100 -22.65 -36.05 -20.48
C ILE D 100 -22.06 -37.44 -20.66
N PRO D 101 -20.74 -37.53 -20.90
CA PRO D 101 -20.07 -38.81 -21.09
C PRO D 101 -19.88 -39.58 -19.78
N ALA A 2 -12.46 6.52 21.59
CA ALA A 2 -12.48 6.80 20.14
C ALA A 2 -13.47 5.89 19.43
N SER A 3 -13.73 6.16 18.17
CA SER A 3 -14.65 5.37 17.37
C SER A 3 -13.97 4.07 16.94
N PRO A 4 -14.77 3.05 16.52
CA PRO A 4 -14.27 1.74 16.09
C PRO A 4 -13.09 1.79 15.12
N LEU A 5 -13.16 2.68 14.13
CA LEU A 5 -12.09 2.81 13.14
C LEU A 5 -10.79 3.23 13.82
N ASP A 6 -10.84 4.30 14.60
CA ASP A 6 -9.66 4.80 15.31
C ASP A 6 -9.10 3.74 16.25
N GLN A 7 -9.99 3.02 16.92
CA GLN A 7 -9.59 1.99 17.86
C GLN A 7 -8.87 0.85 17.15
N ALA A 8 -9.39 0.44 16.00
CA ALA A 8 -8.79 -0.65 15.24
C ALA A 8 -7.39 -0.27 14.78
N ILE A 9 -7.27 0.94 14.22
CA ILE A 9 -5.99 1.43 13.75
C ILE A 9 -5.00 1.56 14.92
N GLY A 10 -5.49 2.13 16.01
CA GLY A 10 -4.66 2.31 17.20
C GLY A 10 -4.17 0.99 17.76
N LEU A 11 -4.97 -0.06 17.61
CA LEU A 11 -4.61 -1.37 18.11
C LEU A 11 -3.49 -1.96 17.26
N LEU A 12 -3.60 -1.80 15.94
CA LEU A 12 -2.60 -2.31 15.01
C LEU A 12 -1.23 -1.70 15.29
N VAL A 13 -1.20 -0.38 15.47
CA VAL A 13 0.03 0.34 15.76
C VAL A 13 0.62 -0.13 17.09
N ALA A 14 -0.27 -0.40 18.05
CA ALA A 14 0.12 -0.86 19.37
C ALA A 14 0.77 -2.25 19.26
N ILE A 15 0.18 -3.11 18.44
CA ILE A 15 0.70 -4.46 18.24
C ILE A 15 2.09 -4.41 17.62
N PHE A 16 2.26 -3.53 16.65
CA PHE A 16 3.55 -3.36 15.98
C PHE A 16 4.61 -2.93 16.98
N HIS A 17 4.31 -1.90 17.77
CA HIS A 17 5.24 -1.38 18.77
C HIS A 17 5.30 -2.27 20.00
N LYS A 18 4.50 -3.32 20.01
CA LYS A 18 4.47 -4.25 21.13
C LYS A 18 5.67 -5.18 21.06
N TYR A 19 6.18 -5.41 19.86
CA TYR A 19 7.32 -6.29 19.68
C TYR A 19 8.56 -5.51 19.25
N SER A 20 8.37 -4.42 18.51
CA SER A 20 9.47 -3.59 18.04
C SER A 20 10.19 -2.95 19.22
N GLY A 21 11.43 -3.35 19.45
CA GLY A 21 12.19 -2.79 20.54
C GLY A 21 12.86 -3.84 21.38
N ARG A 22 12.80 -5.08 20.92
CA ARG A 22 13.43 -6.19 21.62
C ARG A 22 14.79 -6.47 21.03
N GLU A 23 14.87 -6.42 19.72
CA GLU A 23 16.10 -6.69 19.00
C GLU A 23 16.50 -5.53 18.11
N GLY A 24 17.81 -5.27 18.04
CA GLY A 24 18.33 -4.21 17.20
C GLY A 24 17.82 -2.82 17.55
N ASP A 25 16.86 -2.36 16.77
CA ASP A 25 16.28 -1.03 16.96
C ASP A 25 14.96 -1.10 17.73
N LYS A 26 14.15 -0.06 17.61
CA LYS A 26 12.87 0.02 18.28
C LYS A 26 11.82 0.55 17.31
N HIS A 27 12.25 0.87 16.10
CA HIS A 27 11.35 1.40 15.08
C HIS A 27 11.09 0.35 14.01
N THR A 28 11.81 -0.75 14.08
CA THR A 28 11.67 -1.82 13.11
C THR A 28 11.43 -3.16 13.80
N LEU A 29 11.05 -4.16 13.01
CA LEU A 29 10.80 -5.49 13.51
C LEU A 29 11.80 -6.48 12.90
N SER A 30 12.58 -7.12 13.75
CA SER A 30 13.56 -8.10 13.28
C SER A 30 12.83 -9.38 12.84
N LYS A 31 13.58 -10.32 12.26
CA LYS A 31 12.99 -11.57 11.80
C LYS A 31 12.66 -12.45 13.01
N LYS A 32 13.04 -11.99 14.19
CA LYS A 32 12.77 -12.70 15.43
C LYS A 32 11.50 -12.14 16.08
N GLU A 33 11.44 -10.81 16.16
CA GLU A 33 10.28 -10.13 16.74
C GLU A 33 9.03 -10.38 15.90
N LEU A 34 9.17 -10.22 14.59
CA LEU A 34 8.06 -10.42 13.66
C LEU A 34 7.58 -11.87 13.72
N LYS A 35 8.50 -12.80 13.89
CA LYS A 35 8.15 -14.21 13.97
C LYS A 35 7.25 -14.47 15.18
N GLU A 36 7.66 -13.94 16.32
CA GLU A 36 6.88 -14.09 17.55
C GLU A 36 5.54 -13.36 17.42
N LEU A 37 5.56 -12.23 16.71
CA LEU A 37 4.36 -11.44 16.50
C LEU A 37 3.31 -12.25 15.74
N ILE A 38 3.73 -12.81 14.60
CA ILE A 38 2.83 -13.59 13.76
C ILE A 38 2.37 -14.86 14.48
N GLN A 39 3.28 -15.49 15.23
CA GLN A 39 2.95 -16.73 15.94
C GLN A 39 2.18 -16.50 17.23
N LYS A 40 1.81 -15.25 17.51
CA LYS A 40 1.07 -14.93 18.73
C LYS A 40 -0.15 -14.06 18.46
N GLU A 41 0.06 -12.94 17.77
CA GLU A 41 -1.01 -12.00 17.48
C GLU A 41 -1.92 -12.51 16.37
N LEU A 42 -1.42 -13.45 15.57
CA LEU A 42 -2.20 -14.00 14.48
C LEU A 42 -2.69 -15.39 14.84
N THR A 43 -4.00 -15.61 14.68
CA THR A 43 -4.63 -16.89 15.01
C THR A 43 -4.08 -18.05 14.18
N ILE A 44 -3.74 -17.78 12.93
CA ILE A 44 -3.21 -18.81 12.05
C ILE A 44 -1.69 -18.79 12.02
N GLY A 45 -1.10 -17.81 12.70
CA GLY A 45 0.35 -17.68 12.71
C GLY A 45 1.06 -18.86 13.35
N SER A 46 0.59 -19.28 14.52
CA SER A 46 1.18 -20.40 15.23
C SER A 46 0.83 -21.73 14.57
N LYS A 47 -0.07 -21.69 13.60
CA LYS A 47 -0.50 -22.89 12.89
C LYS A 47 0.14 -22.97 11.52
N LEU A 48 1.05 -22.05 11.23
CA LEU A 48 1.74 -22.02 9.95
C LEU A 48 3.08 -22.73 10.04
N GLN A 49 3.59 -23.14 8.89
CA GLN A 49 4.87 -23.83 8.82
C GLN A 49 6.02 -22.86 9.05
N ASP A 50 7.10 -23.35 9.64
CA ASP A 50 8.27 -22.51 9.93
C ASP A 50 8.83 -21.91 8.64
N ALA A 51 8.95 -22.74 7.62
CA ALA A 51 9.47 -22.31 6.33
C ALA A 51 8.58 -21.24 5.72
N GLU A 52 7.27 -21.41 5.85
CA GLU A 52 6.31 -20.46 5.32
C GLU A 52 6.42 -19.12 6.04
N ILE A 53 6.60 -19.18 7.36
CA ILE A 53 6.73 -17.97 8.15
C ILE A 53 8.02 -17.24 7.75
N ALA A 54 9.11 -18.01 7.60
CA ALA A 54 10.40 -17.45 7.21
C ALA A 54 10.28 -16.78 5.84
N ARG A 55 9.56 -17.46 4.94
CA ARG A 55 9.36 -16.94 3.58
C ARG A 55 8.54 -15.66 3.62
N LEU A 56 7.48 -15.66 4.43
CA LEU A 56 6.60 -14.51 4.56
C LEU A 56 7.35 -13.31 5.15
N MET A 57 8.18 -13.56 6.16
CA MET A 57 8.95 -12.51 6.80
C MET A 57 9.97 -11.89 5.85
N GLU A 58 10.28 -12.61 4.79
CA GLU A 58 11.23 -12.13 3.79
C GLU A 58 10.48 -11.50 2.63
N ASP A 59 9.21 -11.86 2.48
CA ASP A 59 8.36 -11.32 1.41
C ASP A 59 7.91 -9.92 1.78
N LEU A 60 7.68 -9.70 3.08
CA LEU A 60 7.27 -8.40 3.57
C LEU A 60 8.44 -7.43 3.48
N ASP A 61 9.64 -7.99 3.58
CA ASP A 61 10.88 -7.24 3.48
C ASP A 61 11.01 -6.75 2.04
N ARG A 62 10.94 -5.43 1.84
CA ARG A 62 10.99 -4.91 0.48
C ARG A 62 12.25 -4.12 0.16
N ASN A 63 12.87 -3.50 1.15
CA ASN A 63 14.08 -2.71 0.88
C ASN A 63 15.34 -3.56 1.07
N LYS A 64 15.15 -4.77 1.57
CA LYS A 64 16.25 -5.74 1.77
C LYS A 64 17.28 -5.28 2.79
N ASP A 65 16.92 -5.32 4.07
CA ASP A 65 17.85 -4.96 5.14
C ASP A 65 17.59 -5.80 6.39
N GLN A 66 16.54 -6.63 6.33
CA GLN A 66 16.14 -7.54 7.41
C GLN A 66 15.40 -6.82 8.53
N GLU A 67 15.11 -5.54 8.36
CA GLU A 67 14.41 -4.78 9.39
C GLU A 67 13.02 -4.38 8.91
N VAL A 68 12.04 -5.23 9.12
CA VAL A 68 10.66 -4.95 8.69
C VAL A 68 10.12 -3.74 9.44
N ASN A 69 9.97 -2.62 8.73
CA ASN A 69 9.48 -1.40 9.34
C ASN A 69 7.97 -1.28 9.25
N PHE A 70 7.42 -0.22 9.83
CA PHE A 70 5.98 0.01 9.85
C PHE A 70 5.39 0.04 8.44
N GLN A 71 6.07 0.72 7.53
CA GLN A 71 5.60 0.83 6.15
C GLN A 71 5.51 -0.55 5.50
N GLU A 72 6.46 -1.43 5.85
CA GLU A 72 6.47 -2.78 5.33
C GLU A 72 5.42 -3.61 6.04
N TYR A 73 5.20 -3.30 7.32
CA TYR A 73 4.21 -3.99 8.14
C TYR A 73 2.80 -3.72 7.61
N VAL A 74 2.59 -2.50 7.10
CA VAL A 74 1.29 -2.12 6.55
C VAL A 74 0.92 -3.05 5.40
N THR A 75 1.93 -3.45 4.62
CA THR A 75 1.73 -4.37 3.51
C THR A 75 1.15 -5.69 3.99
N PHE A 76 1.62 -6.13 5.17
CA PHE A 76 1.15 -7.37 5.77
C PHE A 76 -0.33 -7.23 6.15
N LEU A 77 -0.66 -6.08 6.73
CA LEU A 77 -2.03 -5.81 7.13
C LEU A 77 -2.95 -5.75 5.92
N GLY A 78 -2.46 -5.12 4.86
CA GLY A 78 -3.21 -5.02 3.63
C GLY A 78 -3.47 -6.38 3.01
N ALA A 79 -2.45 -7.23 3.05
CA ALA A 79 -2.56 -8.59 2.51
C ALA A 79 -3.65 -9.36 3.23
N LEU A 80 -3.65 -9.26 4.56
CA LEU A 80 -4.65 -9.93 5.39
C LEU A 80 -6.04 -9.41 5.07
N ALA A 81 -6.13 -8.09 4.89
CA ALA A 81 -7.39 -7.44 4.57
C ALA A 81 -7.94 -7.96 3.24
N LEU A 82 -7.04 -8.12 2.27
CA LEU A 82 -7.42 -8.62 0.96
C LEU A 82 -7.97 -10.04 1.05
N ILE A 83 -7.30 -10.88 1.84
CA ILE A 83 -7.73 -12.26 2.03
C ILE A 83 -9.14 -12.30 2.62
N TYR A 84 -9.40 -11.39 3.56
CA TYR A 84 -10.69 -11.30 4.21
C TYR A 84 -11.77 -10.90 3.21
N ASN A 85 -11.46 -9.95 2.34
CA ASN A 85 -12.41 -9.50 1.34
C ASN A 85 -12.61 -10.57 0.26
N GLU A 86 -11.54 -11.29 -0.07
CA GLU A 86 -11.61 -12.35 -1.06
C GLU A 86 -12.52 -13.46 -0.57
N ALA A 87 -12.52 -13.67 0.75
CA ALA A 87 -13.35 -14.70 1.37
C ALA A 87 -14.83 -14.29 1.31
N LEU A 88 -15.06 -12.98 1.26
CA LEU A 88 -16.42 -12.46 1.20
C LEU A 88 -16.79 -12.13 -0.24
N LYS A 89 -15.86 -12.38 -1.15
CA LYS A 89 -16.09 -12.11 -2.57
C LYS A 89 -16.82 -13.30 -3.21
N GLY A 90 -16.78 -14.44 -2.53
CA GLY A 90 -17.45 -15.63 -3.04
C GLY A 90 -16.48 -16.70 -3.48
N ALA B 2 -10.95 -15.27 17.76
CA ALA B 2 -9.77 -14.88 16.95
C ALA B 2 -8.86 -13.97 17.75
N SER B 3 -7.59 -13.94 17.39
CA SER B 3 -6.60 -13.10 18.06
C SER B 3 -6.82 -11.62 17.72
N PRO B 4 -6.27 -10.70 18.55
CA PRO B 4 -6.41 -9.25 18.35
C PRO B 4 -6.17 -8.78 16.92
N LEU B 5 -5.11 -9.28 16.28
CA LEU B 5 -4.79 -8.90 14.92
C LEU B 5 -5.94 -9.26 13.97
N ASP B 6 -6.38 -10.51 14.04
CA ASP B 6 -7.47 -10.99 13.18
C ASP B 6 -8.75 -10.19 13.45
N GLN B 7 -9.02 -9.93 14.72
CA GLN B 7 -10.20 -9.19 15.12
C GLN B 7 -10.18 -7.76 14.56
N ALA B 8 -9.02 -7.12 14.61
CA ALA B 8 -8.86 -5.77 14.11
C ALA B 8 -9.10 -5.71 12.60
N ILE B 9 -8.48 -6.63 11.88
CA ILE B 9 -8.62 -6.69 10.42
C ILE B 9 -10.08 -6.98 10.06
N GLY B 10 -10.68 -7.94 10.77
CA GLY B 10 -12.06 -8.30 10.53
C GLY B 10 -13.01 -7.15 10.76
N LEU B 11 -12.69 -6.31 11.74
CA LEU B 11 -13.51 -5.16 12.06
C LEU B 11 -13.47 -4.13 10.92
N LEU B 12 -12.26 -3.91 10.39
CA LEU B 12 -12.07 -2.96 9.29
C LEU B 12 -12.88 -3.37 8.07
N VAL B 13 -12.81 -4.66 7.72
CA VAL B 13 -13.54 -5.18 6.57
C VAL B 13 -15.05 -5.04 6.81
N ALA B 14 -15.46 -5.26 8.05
CA ALA B 14 -16.86 -5.15 8.42
C ALA B 14 -17.35 -3.72 8.26
N ILE B 15 -16.51 -2.77 8.65
CA ILE B 15 -16.85 -1.35 8.54
C ILE B 15 -17.01 -0.96 7.07
N PHE B 16 -16.13 -1.47 6.23
CA PHE B 16 -16.18 -1.19 4.80
C PHE B 16 -17.48 -1.70 4.20
N HIS B 17 -17.80 -2.96 4.50
CA HIS B 17 -19.01 -3.58 3.99
C HIS B 17 -20.24 -3.17 4.78
N LYS B 18 -20.03 -2.30 5.75
CA LYS B 18 -21.12 -1.80 6.58
C LYS B 18 -21.88 -0.71 5.83
N TYR B 19 -21.17 0.00 4.97
CA TYR B 19 -21.76 1.08 4.19
C TYR B 19 -21.88 0.70 2.71
N SER B 20 -20.94 -0.11 2.22
CA SER B 20 -20.96 -0.52 0.82
C SER B 20 -22.21 -1.34 0.51
N GLY B 21 -23.07 -0.81 -0.35
CA GLY B 21 -24.28 -1.52 -0.70
C GLY B 21 -25.51 -0.65 -0.61
N ARG B 22 -25.32 0.62 -0.27
CA ARG B 22 -26.42 1.56 -0.15
C ARG B 22 -26.67 2.21 -1.50
N GLU B 23 -25.60 2.67 -2.13
CA GLU B 23 -25.69 3.35 -3.41
C GLU B 23 -24.93 2.60 -4.50
N GLY B 24 -25.55 2.48 -5.66
CA GLY B 24 -24.93 1.83 -6.79
C GLY B 24 -24.65 0.35 -6.58
N ASP B 25 -23.37 0.02 -6.46
CA ASP B 25 -22.95 -1.37 -6.28
C ASP B 25 -22.90 -1.74 -4.81
N LYS B 26 -22.27 -2.88 -4.51
CA LYS B 26 -22.15 -3.35 -3.14
C LYS B 26 -20.69 -3.71 -2.84
N HIS B 27 -19.82 -3.50 -3.81
CA HIS B 27 -18.41 -3.83 -3.65
C HIS B 27 -17.57 -2.56 -3.59
N THR B 28 -18.19 -1.42 -3.83
CA THR B 28 -17.49 -0.15 -3.79
C THR B 28 -18.22 0.85 -2.89
N LEU B 29 -17.53 1.92 -2.54
CA LEU B 29 -18.10 2.96 -1.70
C LEU B 29 -18.24 4.25 -2.50
N SER B 30 -19.47 4.73 -2.62
CA SER B 30 -19.73 5.97 -3.34
C SER B 30 -19.20 7.17 -2.54
N LYS B 31 -19.28 8.35 -3.12
CA LYS B 31 -18.83 9.55 -2.44
C LYS B 31 -19.82 9.93 -1.35
N LYS B 32 -20.93 9.20 -1.28
CA LYS B 32 -21.95 9.42 -0.27
C LYS B 32 -21.76 8.43 0.87
N GLU B 33 -21.58 7.16 0.53
CA GLU B 33 -21.37 6.11 1.53
C GLU B 33 -20.09 6.37 2.30
N LEU B 34 -19.02 6.70 1.58
CA LEU B 34 -17.73 6.98 2.18
C LEU B 34 -17.80 8.20 3.09
N LYS B 35 -18.58 9.20 2.67
CA LYS B 35 -18.74 10.42 3.45
C LYS B 35 -19.35 10.11 4.80
N GLU B 36 -20.43 9.33 4.79
CA GLU B 36 -21.11 8.95 6.03
C GLU B 36 -20.19 8.06 6.86
N LEU B 37 -19.41 7.22 6.19
CA LEU B 37 -18.48 6.33 6.87
C LEU B 37 -17.46 7.13 7.67
N ILE B 38 -16.84 8.09 7.02
CA ILE B 38 -15.83 8.92 7.67
C ILE B 38 -16.42 9.78 8.78
N GLN B 39 -17.61 10.32 8.55
CA GLN B 39 -18.26 11.19 9.53
C GLN B 39 -18.92 10.41 10.67
N LYS B 40 -18.83 9.09 10.65
CA LYS B 40 -19.46 8.28 11.70
C LYS B 40 -18.49 7.30 12.35
N GLU B 41 -17.76 6.55 11.53
CA GLU B 41 -16.82 5.55 12.03
C GLU B 41 -15.51 6.17 12.47
N LEU B 42 -15.23 7.40 12.01
CA LEU B 42 -14.01 8.09 12.39
C LEU B 42 -14.31 9.17 13.41
N THR B 43 -13.51 9.23 14.47
CA THR B 43 -13.71 10.19 15.55
C THR B 43 -13.51 11.64 15.09
N ILE B 44 -12.60 11.86 14.15
CA ILE B 44 -12.34 13.20 13.65
C ILE B 44 -13.11 13.48 12.36
N GLY B 45 -13.83 12.47 11.87
CA GLY B 45 -14.59 12.62 10.64
C GLY B 45 -15.65 13.69 10.70
N SER B 46 -16.53 13.62 11.70
CA SER B 46 -17.60 14.57 11.85
C SER B 46 -17.08 15.96 12.22
N LYS B 47 -15.83 16.03 12.67
CA LYS B 47 -15.23 17.30 13.07
C LYS B 47 -14.47 17.95 11.91
N LEU B 48 -14.35 17.23 10.81
CA LEU B 48 -13.62 17.75 9.64
C LEU B 48 -14.50 18.66 8.78
N GLN B 49 -13.86 19.43 7.93
CA GLN B 49 -14.56 20.35 7.03
C GLN B 49 -15.10 19.59 5.84
N ASP B 50 -16.25 20.03 5.33
CA ASP B 50 -16.88 19.37 4.18
C ASP B 50 -15.96 19.36 2.97
N ALA B 51 -15.34 20.51 2.70
CA ALA B 51 -14.44 20.64 1.56
C ALA B 51 -13.27 19.66 1.68
N GLU B 52 -12.75 19.50 2.89
CA GLU B 52 -11.64 18.60 3.13
C GLU B 52 -12.07 17.15 2.94
N ILE B 53 -13.26 16.82 3.43
CA ILE B 53 -13.79 15.47 3.28
C ILE B 53 -13.99 15.16 1.81
N ALA B 54 -14.55 16.11 1.08
CA ALA B 54 -14.79 15.95 -0.35
C ALA B 54 -13.48 15.73 -1.09
N ARG B 55 -12.45 16.45 -0.65
CA ARG B 55 -11.12 16.34 -1.24
C ARG B 55 -10.53 14.96 -0.95
N LEU B 56 -10.61 14.57 0.32
CA LEU B 56 -10.08 13.29 0.77
C LEU B 56 -10.74 12.12 0.02
N MET B 57 -12.05 12.22 -0.17
CA MET B 57 -12.80 11.17 -0.87
C MET B 57 -12.38 11.09 -2.33
N GLU B 58 -11.76 12.15 -2.83
CA GLU B 58 -11.30 12.18 -4.22
C GLU B 58 -9.81 11.84 -4.28
N ASP B 59 -9.15 11.91 -3.13
CA ASP B 59 -7.72 11.60 -3.06
C ASP B 59 -7.53 10.09 -2.92
N LEU B 60 -8.49 9.45 -2.28
CA LEU B 60 -8.46 7.99 -2.11
C LEU B 60 -8.79 7.34 -3.45
N ASP B 61 -9.55 8.07 -4.25
CA ASP B 61 -9.95 7.64 -5.59
C ASP B 61 -8.70 7.65 -6.46
N ARG B 62 -8.26 6.48 -6.91
CA ARG B 62 -7.03 6.40 -7.69
C ARG B 62 -7.24 5.99 -9.14
N ASN B 63 -8.29 5.24 -9.43
CA ASN B 63 -8.53 4.83 -10.81
C ASN B 63 -9.45 5.81 -11.55
N LYS B 64 -10.01 6.75 -10.79
CA LYS B 64 -10.89 7.78 -11.34
C LYS B 64 -12.19 7.21 -11.92
N ASP B 65 -13.09 6.80 -11.04
CA ASP B 65 -14.39 6.27 -11.47
C ASP B 65 -15.48 6.63 -10.45
N GLN B 66 -15.06 7.26 -9.35
CA GLN B 66 -15.97 7.71 -8.28
C GLN B 66 -16.47 6.53 -7.44
N GLU B 67 -15.87 5.37 -7.60
CA GLU B 67 -16.26 4.19 -6.85
C GLU B 67 -15.11 3.69 -5.99
N VAL B 68 -14.96 4.25 -4.80
CA VAL B 68 -13.87 3.85 -3.89
C VAL B 68 -14.00 2.39 -3.50
N ASN B 69 -13.11 1.56 -4.02
CA ASN B 69 -13.15 0.13 -3.72
C ASN B 69 -12.30 -0.21 -2.51
N PHE B 70 -12.35 -1.47 -2.09
CA PHE B 70 -11.60 -1.95 -0.93
C PHE B 70 -10.11 -1.66 -1.05
N GLN B 71 -9.54 -1.88 -2.23
CA GLN B 71 -8.12 -1.65 -2.45
C GLN B 71 -7.78 -0.17 -2.26
N GLU B 72 -8.71 0.71 -2.60
CA GLU B 72 -8.52 2.13 -2.43
C GLU B 72 -8.77 2.51 -0.97
N TYR B 73 -9.67 1.77 -0.33
CA TYR B 73 -10.01 1.99 1.07
C TYR B 73 -8.81 1.65 1.95
N VAL B 74 -8.03 0.65 1.54
CA VAL B 74 -6.85 0.24 2.28
C VAL B 74 -5.86 1.39 2.37
N THR B 75 -5.78 2.18 1.31
CA THR B 75 -4.90 3.34 1.26
C THR B 75 -5.26 4.33 2.37
N PHE B 76 -6.55 4.44 2.65
CA PHE B 76 -7.05 5.32 3.69
C PHE B 76 -6.61 4.80 5.05
N LEU B 77 -6.73 3.50 5.23
CA LEU B 77 -6.33 2.85 6.48
C LEU B 77 -4.83 3.02 6.70
N GLY B 78 -4.07 2.83 5.63
CA GLY B 78 -2.63 2.97 5.71
C GLY B 78 -2.23 4.39 6.07
N ALA B 79 -2.95 5.36 5.52
CA ALA B 79 -2.69 6.77 5.78
C ALA B 79 -2.91 7.08 7.25
N LEU B 80 -4.00 6.57 7.81
CA LEU B 80 -4.32 6.77 9.21
C LEU B 80 -3.25 6.13 10.10
N ALA B 81 -2.81 4.95 9.69
CA ALA B 81 -1.78 4.22 10.42
C ALA B 81 -0.48 5.02 10.46
N LEU B 82 -0.14 5.62 9.32
CA LEU B 82 1.07 6.43 9.22
C LEU B 82 1.01 7.62 10.16
N ILE B 83 -0.17 8.24 10.24
CA ILE B 83 -0.37 9.39 11.12
C ILE B 83 -0.14 8.98 12.56
N TYR B 84 -0.68 7.82 12.95
CA TYR B 84 -0.52 7.31 14.30
C TYR B 84 0.96 7.03 14.59
N ASN B 85 1.66 6.51 13.58
CA ASN B 85 3.07 6.21 13.73
C ASN B 85 3.87 7.50 13.88
N GLU B 86 3.54 8.49 13.05
CA GLU B 86 4.21 9.79 13.07
C GLU B 86 4.04 10.45 14.44
N ALA B 87 2.87 10.27 15.04
CA ALA B 87 2.58 10.85 16.35
C ALA B 87 3.45 10.21 17.43
N LEU B 88 3.77 8.94 17.24
CA LEU B 88 4.59 8.21 18.21
C LEU B 88 6.06 8.25 17.82
N LYS B 89 6.36 8.94 16.72
CA LYS B 89 7.73 9.07 16.24
C LYS B 89 8.41 10.25 16.93
N GLY B 90 7.61 11.10 17.55
CA GLY B 90 8.13 12.25 18.24
C GLY B 90 7.90 13.53 17.47
N ALA C 1 6.77 16.65 18.04
CA ALA C 1 7.97 17.32 17.51
C ALA C 1 9.06 17.38 18.57
N MET C 2 10.26 16.96 18.19
CA MET C 2 11.41 16.96 19.11
C MET C 2 12.62 17.51 18.38
N ALA C 3 13.44 18.27 19.09
CA ALA C 3 14.64 18.86 18.51
C ALA C 3 15.72 19.05 19.56
N GLN C 4 16.94 18.67 19.21
CA GLN C 4 18.08 18.82 20.11
C GLN C 4 18.70 20.20 19.91
N ASN C 5 18.63 21.04 20.95
CA ASN C 5 19.18 22.39 20.85
C ASN C 5 20.70 22.37 21.00
N ILE C 6 21.35 23.12 20.13
CA ILE C 6 22.80 23.24 20.12
C ILE C 6 23.20 24.71 20.00
N THR C 7 24.08 25.16 20.87
CA THR C 7 24.53 26.56 20.85
C THR C 7 25.73 26.73 19.92
N ALA C 8 25.61 27.66 18.99
CA ALA C 8 26.68 27.93 18.04
C ALA C 8 27.03 29.40 18.01
N ARG C 9 28.17 29.72 17.42
CA ARG C 9 28.65 31.09 17.33
C ARG C 9 28.72 31.53 15.87
N ILE C 10 28.36 32.78 15.61
CA ILE C 10 28.39 33.32 14.26
C ILE C 10 29.82 33.42 13.74
N GLY C 11 30.13 32.68 12.69
CA GLY C 11 31.45 32.70 12.11
C GLY C 11 32.30 31.54 12.61
N GLU C 12 31.67 30.63 13.32
CA GLU C 12 32.36 29.47 13.86
C GLU C 12 32.03 28.22 13.05
N PRO C 13 33.05 27.40 12.71
CA PRO C 13 32.83 26.16 11.97
C PRO C 13 32.09 25.13 12.81
N LEU C 14 31.35 24.24 12.15
CA LEU C 14 30.59 23.21 12.85
C LEU C 14 30.60 21.90 12.08
N VAL C 15 30.72 20.80 12.80
CA VAL C 15 30.75 19.47 12.19
C VAL C 15 29.67 18.57 12.80
N LEU C 16 28.59 18.34 12.07
CA LEU C 16 27.50 17.52 12.56
C LEU C 16 27.54 16.13 11.93
N LYS C 17 26.82 15.19 12.51
CA LYS C 17 26.78 13.82 12.01
C LYS C 17 25.33 13.37 11.84
N CYS C 18 25.06 12.63 10.77
CA CYS C 18 23.71 12.14 10.51
C CYS C 18 23.76 10.72 9.95
N LYS C 19 23.43 9.74 10.80
CA LYS C 19 23.44 8.34 10.39
C LYS C 19 22.15 7.99 9.65
N GLY C 20 22.02 8.49 8.43
CA GLY C 20 20.84 8.22 7.63
C GLY C 20 21.10 7.24 6.51
N ALA C 21 22.23 6.55 6.59
CA ALA C 21 22.61 5.58 5.58
C ALA C 21 22.82 4.20 6.21
N PRO C 22 21.93 3.24 5.89
CA PRO C 22 22.02 1.89 6.43
C PRO C 22 23.07 1.05 5.68
N LYS C 23 23.08 -0.25 5.94
CA LYS C 23 24.02 -1.16 5.30
C LYS C 23 23.56 -1.46 3.87
N LYS C 24 23.80 -0.52 2.97
CA LYS C 24 23.43 -0.64 1.57
C LYS C 24 24.15 0.41 0.76
N PRO C 25 24.33 0.18 -0.56
CA PRO C 25 24.99 1.14 -1.46
C PRO C 25 24.26 2.48 -1.46
N PRO C 26 24.94 3.56 -1.89
CA PRO C 26 24.38 4.92 -1.94
C PRO C 26 22.93 4.95 -2.44
N GLN C 27 22.01 5.28 -1.53
CA GLN C 27 20.60 5.36 -1.86
C GLN C 27 20.17 6.81 -2.02
N ARG C 28 18.87 7.06 -1.98
CA ARG C 28 18.35 8.41 -2.12
C ARG C 28 18.37 9.12 -0.77
N LEU C 29 19.20 10.14 -0.67
CA LEU C 29 19.32 10.90 0.57
C LEU C 29 18.80 12.33 0.34
N GLU C 30 18.03 12.82 1.30
CA GLU C 30 17.45 14.15 1.20
C GLU C 30 17.80 14.96 2.44
N TRP C 31 17.32 16.18 2.47
CA TRP C 31 17.55 17.07 3.58
C TRP C 31 16.36 18.00 3.74
N LYS C 32 15.94 18.20 4.98
CA LYS C 32 14.81 19.06 5.27
C LYS C 32 15.12 19.91 6.48
N LEU C 33 14.33 20.94 6.70
CA LEU C 33 14.52 21.82 7.83
C LEU C 33 13.31 22.72 8.02
N ASN C 34 13.25 23.40 9.15
CA ASN C 34 12.15 24.28 9.47
C ASN C 34 12.66 25.55 10.15
N THR C 35 12.38 26.68 9.55
CA THR C 35 12.82 27.96 10.08
C THR C 35 11.80 29.04 9.75
N GLY C 36 12.10 30.27 10.14
CA GLY C 36 11.20 31.37 9.85
C GLY C 36 11.35 31.82 8.41
N ARG C 37 12.58 31.78 7.92
CA ARG C 37 12.88 32.18 6.56
C ARG C 37 13.10 30.94 5.68
N THR C 38 13.96 30.04 6.15
CA THR C 38 14.28 28.81 5.44
C THR C 38 14.89 29.11 4.06
N GLU C 39 16.09 29.65 4.07
CA GLU C 39 16.78 30.00 2.82
C GLU C 39 17.92 29.02 2.54
N ALA C 40 18.21 28.14 3.51
CA ALA C 40 19.28 27.16 3.36
C ALA C 40 18.72 25.76 3.15
N TRP C 41 17.66 25.67 2.35
CA TRP C 41 17.04 24.39 2.07
C TRP C 41 17.27 23.97 0.62
N LYS C 42 17.98 22.86 0.45
CA LYS C 42 18.28 22.33 -0.87
C LYS C 42 18.31 20.80 -0.81
N VAL C 43 17.75 20.16 -1.82
CA VAL C 43 17.71 18.71 -1.86
C VAL C 43 19.06 18.15 -2.31
N LEU C 44 19.64 17.29 -1.48
CA LEU C 44 20.92 16.69 -1.78
C LEU C 44 20.77 15.56 -2.81
N SER C 45 21.90 15.11 -3.34
CA SER C 45 21.91 14.03 -4.31
C SER C 45 23.20 13.22 -4.17
N PRO C 46 23.14 11.90 -4.40
CA PRO C 46 24.32 11.02 -4.30
C PRO C 46 25.35 11.32 -5.39
N GLN C 47 24.93 12.08 -6.39
CA GLN C 47 25.79 12.46 -7.51
C GLN C 47 25.44 13.87 -7.96
N GLY C 48 25.33 14.77 -7.00
CA GLY C 48 25.00 16.15 -7.29
C GLY C 48 24.97 17.01 -6.05
N GLY C 49 25.29 18.29 -6.19
CA GLY C 49 25.30 19.18 -5.07
C GLY C 49 24.46 20.42 -5.30
N GLY C 50 25.10 21.49 -5.76
CA GLY C 50 24.40 22.73 -6.01
C GLY C 50 24.96 23.87 -5.20
N PRO C 51 24.23 25.00 -5.09
CA PRO C 51 24.69 26.17 -4.32
C PRO C 51 24.86 25.84 -2.83
N TRP C 52 24.07 24.88 -2.36
CA TRP C 52 24.12 24.44 -0.97
C TRP C 52 25.46 23.81 -0.64
N ASP C 53 26.05 23.15 -1.63
CA ASP C 53 27.35 22.47 -1.46
C ASP C 53 28.46 23.48 -1.21
N SER C 54 28.22 24.72 -1.62
CA SER C 54 29.19 25.79 -1.43
C SER C 54 29.09 26.36 -0.02
N VAL C 55 28.03 25.98 0.68
CA VAL C 55 27.80 26.44 2.03
C VAL C 55 28.11 25.32 3.01
N ALA C 56 27.56 24.15 2.77
CA ALA C 56 27.78 22.99 3.62
C ALA C 56 28.28 21.80 2.80
N ARG C 57 29.25 21.09 3.32
CA ARG C 57 29.83 19.95 2.64
C ARG C 57 29.53 18.66 3.40
N VAL C 58 28.94 17.70 2.70
CA VAL C 58 28.60 16.42 3.30
C VAL C 58 29.70 15.40 3.03
N LEU C 59 30.29 14.89 4.09
CA LEU C 59 31.36 13.91 3.99
C LEU C 59 30.77 12.52 3.77
N PRO C 60 31.46 11.67 2.99
CA PRO C 60 31.01 10.29 2.67
C PRO C 60 30.72 9.42 3.90
N ASN C 61 31.16 9.85 5.08
CA ASN C 61 30.93 9.07 6.30
C ASN C 61 29.64 9.52 7.00
N GLY C 62 28.98 10.52 6.42
CA GLY C 62 27.74 11.00 7.00
C GLY C 62 27.92 12.20 7.91
N SER C 63 28.88 13.06 7.58
CA SER C 63 29.13 14.24 8.39
C SER C 63 28.81 15.50 7.60
N LEU C 64 28.27 16.49 8.29
CA LEU C 64 27.92 17.76 7.67
C LEU C 64 28.88 18.83 8.17
N PHE C 65 29.73 19.32 7.28
CA PHE C 65 30.71 20.32 7.64
C PHE C 65 30.26 21.72 7.21
N LEU C 66 30.25 22.63 8.16
CA LEU C 66 29.90 24.01 7.91
C LEU C 66 31.10 24.90 8.23
N PRO C 67 31.70 25.51 7.19
CA PRO C 67 32.88 26.38 7.35
C PRO C 67 32.67 27.50 8.36
N ALA C 68 31.48 28.06 8.39
CA ALA C 68 31.15 29.14 9.31
C ALA C 68 29.65 29.31 9.45
N VAL C 69 29.13 29.00 10.63
CA VAL C 69 27.71 29.13 10.89
C VAL C 69 27.34 30.59 11.14
N GLY C 70 26.34 31.08 10.40
CA GLY C 70 25.91 32.45 10.55
C GLY C 70 24.52 32.56 11.13
N ILE C 71 23.68 33.36 10.49
CA ILE C 71 22.31 33.54 10.96
C ILE C 71 21.33 32.83 10.03
N GLN C 72 21.83 32.43 8.87
CA GLN C 72 21.00 31.74 7.88
C GLN C 72 20.93 30.26 8.22
N ASP C 73 22.03 29.74 8.75
CA ASP C 73 22.14 28.34 9.14
C ASP C 73 21.76 28.18 10.61
N GLU C 74 20.84 29.03 11.05
CA GLU C 74 20.37 29.01 12.43
C GLU C 74 18.90 28.61 12.48
N GLY C 75 18.62 27.42 12.97
CA GLY C 75 17.25 26.96 13.06
C GLY C 75 17.16 25.47 13.30
N ILE C 76 16.08 24.86 12.85
CA ILE C 76 15.87 23.44 13.02
C ILE C 76 16.12 22.69 11.71
N PHE C 77 17.07 21.77 11.73
CA PHE C 77 17.40 20.99 10.55
C PHE C 77 17.01 19.53 10.78
N ARG C 78 16.73 18.81 9.69
CA ARG C 78 16.34 17.42 9.79
C ARG C 78 16.82 16.62 8.59
N CYS C 79 17.64 15.62 8.83
CA CYS C 79 18.13 14.77 7.76
C CYS C 79 17.02 13.84 7.28
N GLN C 80 16.94 13.65 5.97
CA GLN C 80 15.90 12.79 5.40
C GLN C 80 16.52 11.71 4.52
N ALA C 81 15.85 10.57 4.44
CA ALA C 81 16.31 9.46 3.64
C ALA C 81 15.14 8.78 2.97
N MET C 82 15.38 8.15 1.83
CA MET C 82 14.33 7.46 1.11
C MET C 82 14.85 6.15 0.53
N ASN C 83 14.15 5.07 0.84
CA ASN C 83 14.52 3.76 0.34
C ASN C 83 13.52 3.26 -0.70
N ARG C 84 13.71 2.02 -1.15
CA ARG C 84 12.82 1.42 -2.14
C ARG C 84 11.42 1.23 -1.58
N ASN C 85 11.33 1.09 -0.27
CA ASN C 85 10.04 0.91 0.39
C ASN C 85 9.54 2.24 0.96
N GLY C 86 10.46 3.19 1.15
CA GLY C 86 10.09 4.47 1.70
C GLY C 86 10.67 4.69 3.08
N LYS C 87 11.56 3.79 3.49
CA LYS C 87 12.20 3.88 4.81
C LYS C 87 12.89 5.24 4.97
N GLU C 88 12.45 5.99 5.97
CA GLU C 88 13.01 7.30 6.24
C GLU C 88 13.49 7.40 7.69
N THR C 89 14.16 8.50 8.00
CA THR C 89 14.67 8.74 9.34
C THR C 89 14.20 10.09 9.83
N LYS C 90 14.24 10.32 11.13
CA LYS C 90 13.79 11.59 11.71
C LYS C 90 14.77 12.08 12.77
N SER C 91 15.66 12.98 12.37
CA SER C 91 16.63 13.56 13.28
C SER C 91 16.60 15.08 13.17
N ASN C 92 15.89 15.71 14.11
CA ASN C 92 15.75 17.16 14.12
C ASN C 92 16.71 17.81 15.12
N TYR C 93 17.48 18.78 14.65
CA TYR C 93 18.44 19.50 15.48
C TYR C 93 18.12 20.99 15.45
N ARG C 94 18.20 21.65 16.59
CA ARG C 94 17.91 23.07 16.68
C ARG C 94 19.16 23.86 17.04
N VAL C 95 19.65 24.64 16.10
CA VAL C 95 20.84 25.46 16.33
C VAL C 95 20.44 26.86 16.76
N ARG C 96 21.16 27.41 17.73
CA ARG C 96 20.90 28.74 18.24
C ARG C 96 22.22 29.48 18.42
N VAL C 97 22.31 30.69 17.87
CA VAL C 97 23.53 31.47 18.01
C VAL C 97 23.47 32.39 19.22
N TYR C 98 24.64 32.73 19.76
CA TYR C 98 24.72 33.60 20.93
C TYR C 98 24.30 35.03 20.58
N GLN C 99 24.47 35.39 19.32
CA GLN C 99 24.10 36.73 18.85
C GLN C 99 23.03 36.62 17.78
N ILE C 100 21.78 36.79 18.18
CA ILE C 100 20.66 36.68 17.25
C ILE C 100 20.16 38.07 16.85
N PRO C 101 19.67 38.21 15.60
CA PRO C 101 19.15 39.48 15.10
C PRO C 101 17.76 39.79 15.67
N ALA D 1 -15.18 -19.84 -3.57
CA ALA D 1 -15.19 -20.19 -5.01
C ALA D 1 -16.62 -20.38 -5.49
N MET D 2 -16.96 -19.72 -6.58
CA MET D 2 -18.30 -19.81 -7.16
C MET D 2 -18.19 -19.85 -8.67
N ALA D 3 -19.03 -20.67 -9.31
CA ALA D 3 -19.00 -20.78 -10.76
C ALA D 3 -20.38 -21.14 -11.32
N GLN D 4 -20.83 -20.38 -12.30
CA GLN D 4 -22.12 -20.63 -12.94
C GLN D 4 -21.98 -21.71 -13.99
N ASN D 5 -22.67 -22.83 -13.80
CA ASN D 5 -22.59 -23.93 -14.74
C ASN D 5 -23.44 -23.67 -15.98
N ILE D 6 -22.88 -23.97 -17.15
CA ILE D 6 -23.56 -23.79 -18.41
C ILE D 6 -23.33 -25.01 -19.31
N THR D 7 -24.42 -25.68 -19.67
CA THR D 7 -24.34 -26.86 -20.52
C THR D 7 -24.23 -26.46 -21.99
N ALA D 8 -23.20 -26.95 -22.66
CA ALA D 8 -22.97 -26.65 -24.07
C ALA D 8 -22.83 -27.92 -24.90
N ARG D 9 -22.84 -27.76 -26.22
CA ARG D 9 -22.72 -28.89 -27.14
C ARG D 9 -21.43 -28.78 -27.95
N ILE D 10 -20.78 -29.91 -28.17
CA ILE D 10 -19.54 -29.95 -28.95
C ILE D 10 -19.81 -29.57 -30.41
N GLY D 11 -19.21 -28.48 -30.85
CA GLY D 11 -19.39 -28.03 -32.22
C GLY D 11 -20.45 -26.96 -32.34
N GLU D 12 -20.99 -26.55 -31.21
CA GLU D 12 -22.02 -25.53 -31.17
C GLU D 12 -21.43 -24.16 -30.80
N PRO D 13 -21.83 -23.09 -31.50
CA PRO D 13 -21.35 -21.73 -31.22
C PRO D 13 -21.88 -21.21 -29.89
N LEU D 14 -21.08 -20.39 -29.23
CA LEU D 14 -21.48 -19.83 -27.95
C LEU D 14 -21.08 -18.36 -27.86
N VAL D 15 -21.96 -17.55 -27.27
CA VAL D 15 -21.72 -16.13 -27.11
C VAL D 15 -21.87 -15.74 -25.64
N LEU D 16 -20.76 -15.41 -25.00
CA LEU D 16 -20.78 -15.02 -23.59
C LEU D 16 -20.50 -13.52 -23.44
N LYS D 17 -20.87 -12.96 -22.29
CA LYS D 17 -20.65 -11.55 -22.03
C LYS D 17 -19.91 -11.35 -20.72
N CYS D 18 -18.96 -10.43 -20.71
CA CYS D 18 -18.17 -10.16 -19.52
C CYS D 18 -18.03 -8.65 -19.31
N LYS D 19 -18.76 -8.11 -18.35
CA LYS D 19 -18.71 -6.69 -18.05
C LYS D 19 -17.51 -6.35 -17.15
N GLY D 20 -16.33 -6.38 -17.74
CA GLY D 20 -15.12 -6.10 -16.99
C GLY D 20 -14.50 -4.78 -17.40
N ALA D 21 -15.27 -3.96 -18.10
CA ALA D 21 -14.79 -2.66 -18.55
C ALA D 21 -15.68 -1.53 -18.02
N PRO D 22 -15.17 -0.76 -17.05
CA PRO D 22 -15.92 0.35 -16.45
C PRO D 22 -15.97 1.57 -17.36
N LYS D 23 -16.50 2.68 -16.86
CA LYS D 23 -16.58 3.91 -17.63
C LYS D 23 -15.21 4.57 -17.71
N LYS D 24 -14.42 4.14 -18.68
CA LYS D 24 -13.07 4.65 -18.89
C LYS D 24 -12.52 4.10 -20.20
N PRO D 25 -11.53 4.80 -20.81
CA PRO D 25 -10.91 4.35 -22.05
C PRO D 25 -10.28 2.96 -21.88
N PRO D 26 -10.07 2.23 -23.00
CA PRO D 26 -9.47 0.89 -22.99
C PRO D 26 -8.32 0.73 -21.99
N GLN D 27 -8.58 -0.05 -20.95
CA GLN D 27 -7.61 -0.30 -19.91
C GLN D 27 -6.96 -1.67 -20.12
N ARG D 28 -6.35 -2.21 -19.09
CA ARG D 28 -5.71 -3.51 -19.19
C ARG D 28 -6.72 -4.60 -18.87
N LEU D 29 -6.96 -5.48 -19.84
CA LEU D 29 -7.91 -6.57 -19.67
C LEU D 29 -7.19 -7.90 -19.85
N GLU D 30 -7.39 -8.80 -18.90
CA GLU D 30 -6.77 -10.11 -18.94
C GLU D 30 -7.83 -11.20 -18.93
N TRP D 31 -7.38 -12.44 -18.94
CA TRP D 31 -8.28 -13.58 -18.92
C TRP D 31 -7.63 -14.71 -18.15
N LYS D 32 -8.42 -15.40 -17.34
CA LYS D 32 -7.92 -16.52 -16.57
C LYS D 32 -8.93 -17.66 -16.61
N LEU D 33 -8.49 -18.85 -16.26
CA LEU D 33 -9.37 -20.01 -16.25
C LEU D 33 -8.72 -21.16 -15.51
N ASN D 34 -9.52 -22.15 -15.15
CA ASN D 34 -9.03 -23.31 -14.45
C ASN D 34 -9.64 -24.57 -15.03
N THR D 35 -8.79 -25.57 -15.25
CA THR D 35 -9.22 -26.84 -15.81
C THR D 35 -8.22 -27.92 -15.45
N GLY D 36 -8.42 -29.11 -16.00
CA GLY D 36 -7.50 -30.19 -15.74
C GLY D 36 -6.30 -30.11 -16.64
N ARG D 37 -6.51 -29.60 -17.85
CA ARG D 37 -5.45 -29.44 -18.83
C ARG D 37 -5.07 -27.97 -18.98
N THR D 38 -6.06 -27.12 -19.23
CA THR D 38 -5.86 -25.69 -19.40
C THR D 38 -4.95 -25.38 -20.59
N GLU D 39 -5.50 -25.51 -21.80
CA GLU D 39 -4.74 -25.24 -23.01
C GLU D 39 -5.31 -24.06 -23.77
N ALA D 40 -6.41 -23.52 -23.27
CA ALA D 40 -7.06 -22.38 -23.90
C ALA D 40 -6.85 -21.11 -23.06
N TRP D 41 -5.66 -21.00 -22.48
CA TRP D 41 -5.33 -19.84 -21.66
C TRP D 41 -4.31 -18.95 -22.35
N LYS D 42 -4.72 -17.72 -22.62
CA LYS D 42 -3.86 -16.74 -23.27
C LYS D 42 -4.25 -15.34 -22.80
N VAL D 43 -3.26 -14.54 -22.45
CA VAL D 43 -3.49 -13.18 -21.98
C VAL D 43 -3.91 -12.28 -23.14
N LEU D 44 -5.05 -11.63 -22.99
CA LEU D 44 -5.56 -10.73 -24.01
C LEU D 44 -4.83 -9.40 -23.97
N SER D 45 -5.08 -8.56 -24.96
CA SER D 45 -4.47 -7.25 -25.04
C SER D 45 -5.38 -6.30 -25.79
N PRO D 46 -5.43 -5.01 -25.38
CA PRO D 46 -6.27 -4.02 -26.04
C PRO D 46 -5.81 -3.71 -27.46
N GLN D 47 -4.60 -4.16 -27.78
CA GLN D 47 -4.03 -3.94 -29.09
C GLN D 47 -3.23 -5.17 -29.55
N GLY D 48 -3.75 -6.35 -29.23
CA GLY D 48 -3.07 -7.58 -29.60
C GLY D 48 -3.89 -8.82 -29.27
N GLY D 49 -3.78 -9.84 -30.10
CA GLY D 49 -4.52 -11.07 -29.87
C GLY D 49 -3.61 -12.26 -29.67
N GLY D 50 -3.42 -13.04 -30.73
CA GLY D 50 -2.58 -14.22 -30.65
C GLY D 50 -3.28 -15.46 -31.16
N PRO D 51 -2.76 -16.66 -30.84
CA PRO D 51 -3.36 -17.92 -31.29
C PRO D 51 -4.76 -18.12 -30.73
N TRP D 52 -5.01 -17.50 -29.57
CA TRP D 52 -6.29 -17.58 -28.90
C TRP D 52 -7.37 -16.85 -29.69
N ASP D 53 -6.97 -15.77 -30.38
CA ASP D 53 -7.89 -14.96 -31.19
C ASP D 53 -8.48 -15.77 -32.33
N SER D 54 -7.73 -16.76 -32.80
CA SER D 54 -8.18 -17.63 -33.89
C SER D 54 -9.17 -18.68 -33.37
N VAL D 55 -9.37 -18.69 -32.06
CA VAL D 55 -10.28 -19.64 -31.42
C VAL D 55 -11.50 -18.90 -30.90
N ALA D 56 -11.25 -17.88 -30.08
CA ALA D 56 -12.32 -17.09 -29.51
C ALA D 56 -12.12 -15.62 -29.86
N ARG D 57 -13.19 -14.97 -30.28
CA ARG D 57 -13.14 -13.57 -30.66
C ARG D 57 -13.85 -12.70 -29.65
N VAL D 58 -13.15 -11.66 -29.18
CA VAL D 58 -13.71 -10.74 -28.20
C VAL D 58 -14.26 -9.50 -28.89
N LEU D 59 -15.55 -9.26 -28.75
CA LEU D 59 -16.19 -8.11 -29.35
C LEU D 59 -16.00 -6.89 -28.47
N PRO D 60 -15.85 -5.69 -29.08
CA PRO D 60 -15.62 -4.42 -28.36
C PRO D 60 -16.65 -4.13 -27.26
N ASN D 61 -17.85 -4.68 -27.38
CA ASN D 61 -18.90 -4.44 -26.38
C ASN D 61 -18.69 -5.32 -25.15
N GLY D 62 -17.74 -6.24 -25.23
CA GLY D 62 -17.46 -7.11 -24.10
C GLY D 62 -18.09 -8.48 -24.24
N SER D 63 -18.10 -9.01 -25.46
CA SER D 63 -18.68 -10.33 -25.70
C SER D 63 -17.62 -11.30 -26.19
N LEU D 64 -17.71 -12.54 -25.74
CA LEU D 64 -16.78 -13.57 -26.14
C LEU D 64 -17.49 -14.53 -27.08
N PHE D 65 -17.10 -14.50 -28.35
CA PHE D 65 -17.72 -15.35 -29.35
C PHE D 65 -16.86 -16.57 -29.65
N LEU D 66 -17.48 -17.74 -29.51
CA LEU D 66 -16.82 -19.00 -29.79
C LEU D 66 -17.53 -19.67 -30.95
N PRO D 67 -16.85 -19.78 -32.11
CA PRO D 67 -17.42 -20.40 -33.32
C PRO D 67 -17.93 -21.82 -33.07
N ALA D 68 -17.15 -22.62 -32.35
CA ALA D 68 -17.53 -23.98 -32.05
C ALA D 68 -16.87 -24.46 -30.77
N VAL D 69 -17.68 -24.65 -29.73
CA VAL D 69 -17.18 -25.12 -28.45
C VAL D 69 -16.89 -26.61 -28.49
N GLY D 70 -15.68 -26.98 -28.12
CA GLY D 70 -15.31 -28.38 -28.13
C GLY D 70 -15.02 -28.89 -26.74
N ILE D 71 -14.03 -29.75 -26.61
CA ILE D 71 -13.66 -30.31 -25.32
C ILE D 71 -12.50 -29.51 -24.71
N GLN D 72 -11.92 -28.62 -25.50
CA GLN D 72 -10.82 -27.79 -25.04
C GLN D 72 -11.36 -26.56 -24.33
N ASP D 73 -12.45 -26.04 -24.86
CA ASP D 73 -13.11 -24.86 -24.31
C ASP D 73 -14.16 -25.30 -23.30
N GLU D 74 -13.91 -26.42 -22.65
CA GLU D 74 -14.81 -26.98 -21.67
C GLU D 74 -14.19 -26.93 -20.29
N GLY D 75 -14.66 -26.02 -19.45
CA GLY D 75 -14.13 -25.90 -18.10
C GLY D 75 -14.58 -24.63 -17.41
N ILE D 76 -13.78 -24.18 -16.44
CA ILE D 76 -14.10 -22.97 -15.69
C ILE D 76 -13.28 -21.79 -16.20
N PHE D 77 -13.96 -20.76 -16.66
CA PHE D 77 -13.31 -19.57 -17.18
C PHE D 77 -13.59 -18.37 -16.27
N ARG D 78 -12.69 -17.40 -16.25
CA ARG D 78 -12.84 -16.22 -15.42
C ARG D 78 -12.23 -15.00 -16.08
N CYS D 79 -13.05 -13.98 -16.32
CA CYS D 79 -12.57 -12.75 -16.92
C CYS D 79 -11.79 -11.93 -15.88
N GLN D 80 -10.68 -11.34 -16.29
CA GLN D 80 -9.85 -10.56 -15.38
C GLN D 80 -9.65 -9.14 -15.93
N ALA D 81 -9.43 -8.21 -15.03
CA ALA D 81 -9.20 -6.83 -15.40
C ALA D 81 -8.19 -6.20 -14.46
N MET D 82 -7.46 -5.21 -14.94
CA MET D 82 -6.47 -4.54 -14.12
C MET D 82 -6.55 -3.03 -14.32
N ASN D 83 -6.57 -2.31 -13.22
CA ASN D 83 -6.65 -0.85 -13.27
C ASN D 83 -5.39 -0.25 -12.66
N ARG D 84 -5.32 1.09 -12.64
CA ARG D 84 -4.16 1.79 -12.08
C ARG D 84 -4.01 1.51 -10.59
N ASN D 85 -5.12 1.22 -9.93
CA ASN D 85 -5.12 0.92 -8.50
C ASN D 85 -5.10 -0.60 -8.28
N GLY D 86 -5.44 -1.35 -9.32
CA GLY D 86 -5.48 -2.79 -9.20
C GLY D 86 -6.88 -3.34 -9.19
N LYS D 87 -7.85 -2.47 -9.46
CA LYS D 87 -9.26 -2.86 -9.50
C LYS D 87 -9.47 -4.02 -10.47
N GLU D 88 -9.97 -5.13 -9.95
CA GLU D 88 -10.20 -6.33 -10.74
C GLU D 88 -11.64 -6.80 -10.62
N THR D 89 -11.95 -7.89 -11.31
CA THR D 89 -13.29 -8.46 -11.29
C THR D 89 -13.20 -9.98 -11.12
N LYS D 90 -14.29 -10.59 -10.68
CA LYS D 90 -14.33 -12.03 -10.47
C LYS D 90 -15.60 -12.64 -11.05
N SER D 91 -15.49 -13.16 -12.27
CA SER D 91 -16.63 -13.78 -12.93
C SER D 91 -16.24 -15.17 -13.42
N ASN D 92 -16.61 -16.19 -12.66
CA ASN D 92 -16.28 -17.57 -13.01
C ASN D 92 -17.46 -18.30 -13.60
N TYR D 93 -17.24 -18.91 -14.76
CA TYR D 93 -18.27 -19.67 -15.45
C TYR D 93 -17.78 -21.10 -15.69
N ARG D 94 -18.65 -22.07 -15.52
CA ARG D 94 -18.27 -23.47 -15.72
C ARG D 94 -19.05 -24.07 -16.87
N VAL D 95 -18.36 -24.33 -17.97
CA VAL D 95 -18.98 -24.92 -19.15
C VAL D 95 -18.83 -26.44 -19.12
N ARG D 96 -19.90 -27.14 -19.49
CA ARG D 96 -19.89 -28.60 -19.51
C ARG D 96 -20.62 -29.09 -20.76
N VAL D 97 -19.98 -29.95 -21.54
CA VAL D 97 -20.60 -30.47 -22.76
C VAL D 97 -21.40 -31.74 -22.46
N TYR D 98 -22.35 -32.04 -23.33
CA TYR D 98 -23.20 -33.21 -23.16
C TYR D 98 -22.45 -34.50 -23.48
N GLN D 99 -21.35 -34.38 -24.20
CA GLN D 99 -20.54 -35.53 -24.56
C GLN D 99 -19.10 -35.32 -24.11
N ILE D 100 -18.84 -35.64 -22.85
CA ILE D 100 -17.52 -35.48 -22.27
C ILE D 100 -16.63 -36.68 -22.53
N PRO D 101 -15.31 -36.46 -22.73
CA PRO D 101 -14.36 -37.54 -22.98
C PRO D 101 -14.11 -38.39 -21.74
N ALA A 2 -12.14 7.40 21.12
CA ALA A 2 -12.07 7.36 19.64
C ALA A 2 -13.10 6.37 19.10
N SER A 3 -13.46 6.55 17.83
CA SER A 3 -14.43 5.68 17.17
C SER A 3 -13.80 4.32 16.86
N PRO A 4 -14.64 3.27 16.66
CA PRO A 4 -14.17 1.90 16.36
C PRO A 4 -13.06 1.84 15.32
N LEU A 5 -13.17 2.64 14.26
CA LEU A 5 -12.16 2.64 13.20
C LEU A 5 -10.80 3.09 13.74
N ASP A 6 -10.79 4.23 14.43
CA ASP A 6 -9.56 4.77 15.00
C ASP A 6 -8.95 3.79 15.99
N GLN A 7 -9.81 3.14 16.77
CA GLN A 7 -9.39 2.17 17.77
C GLN A 7 -8.68 0.98 17.10
N ALA A 8 -9.25 0.51 16.00
CA ALA A 8 -8.69 -0.62 15.27
C ALA A 8 -7.31 -0.26 14.72
N ILE A 9 -7.21 0.93 14.13
CA ILE A 9 -5.95 1.41 13.59
C ILE A 9 -4.91 1.54 14.69
N GLY A 10 -5.33 2.14 15.81
CA GLY A 10 -4.45 2.33 16.94
C GLY A 10 -3.93 1.01 17.50
N LEU A 11 -4.80 -0.01 17.49
CA LEU A 11 -4.42 -1.33 17.99
C LEU A 11 -3.35 -1.95 17.10
N LEU A 12 -3.55 -1.86 15.79
CA LEU A 12 -2.60 -2.41 14.83
C LEU A 12 -1.22 -1.77 14.99
N VAL A 13 -1.21 -0.45 15.18
CA VAL A 13 0.05 0.27 15.36
C VAL A 13 0.69 -0.09 16.70
N ALA A 14 -0.16 -0.31 17.71
CA ALA A 14 0.32 -0.68 19.04
C ALA A 14 0.98 -2.04 19.00
N ILE A 15 0.41 -2.96 18.22
CA ILE A 15 0.97 -4.31 18.08
C ILE A 15 2.38 -4.23 17.47
N PHE A 16 2.54 -3.34 16.52
CA PHE A 16 3.83 -3.13 15.86
C PHE A 16 4.88 -2.69 16.88
N HIS A 17 4.52 -1.68 17.66
CA HIS A 17 5.43 -1.13 18.68
C HIS A 17 5.61 -2.11 19.84
N LYS A 18 4.66 -3.02 19.97
CA LYS A 18 4.67 -4.04 21.01
C LYS A 18 5.86 -4.99 20.79
N TYR A 19 6.30 -5.08 19.55
CA TYR A 19 7.43 -5.96 19.22
C TYR A 19 8.66 -5.17 18.83
N SER A 20 8.48 -4.09 18.07
CA SER A 20 9.59 -3.26 17.63
C SER A 20 10.35 -2.68 18.82
N GLY A 21 11.58 -3.15 19.02
CA GLY A 21 12.37 -2.63 20.11
C GLY A 21 13.07 -3.73 20.89
N ARG A 22 12.70 -4.97 20.61
CA ARG A 22 13.30 -6.10 21.30
C ARG A 22 14.68 -6.40 20.73
N GLU A 23 14.80 -6.31 19.41
CA GLU A 23 16.05 -6.56 18.72
C GLU A 23 16.33 -5.48 17.69
N GLY A 24 17.60 -5.30 17.36
CA GLY A 24 17.99 -4.33 16.37
C GLY A 24 17.72 -2.89 16.79
N ASP A 25 16.58 -2.37 16.37
CA ASP A 25 16.20 -1.00 16.68
C ASP A 25 14.81 -0.96 17.31
N LYS A 26 14.22 0.23 17.36
CA LYS A 26 12.89 0.41 17.92
C LYS A 26 11.94 0.95 16.87
N HIS A 27 12.40 0.96 15.63
CA HIS A 27 11.61 1.47 14.53
C HIS A 27 11.39 0.41 13.46
N THR A 28 12.05 -0.72 13.62
CA THR A 28 11.94 -1.81 12.65
C THR A 28 11.68 -3.14 13.35
N LEU A 29 11.28 -4.13 12.57
CA LEU A 29 11.03 -5.47 13.08
C LEU A 29 12.03 -6.45 12.50
N SER A 30 12.86 -7.02 13.36
CA SER A 30 13.84 -8.00 12.91
C SER A 30 13.12 -9.31 12.60
N LYS A 31 13.83 -10.24 11.95
CA LYS A 31 13.25 -11.53 11.60
C LYS A 31 12.80 -12.28 12.85
N LYS A 32 13.47 -11.99 13.97
CA LYS A 32 13.14 -12.62 15.24
C LYS A 32 11.82 -12.07 15.79
N GLU A 33 11.70 -10.75 15.81
CA GLU A 33 10.49 -10.09 16.31
C GLU A 33 9.31 -10.36 15.40
N LEU A 34 9.53 -10.25 14.11
CA LEU A 34 8.49 -10.46 13.11
C LEU A 34 7.93 -11.88 13.18
N LYS A 35 8.81 -12.86 13.32
CA LYS A 35 8.40 -14.25 13.40
C LYS A 35 7.50 -14.48 14.60
N GLU A 36 7.90 -13.92 15.74
CA GLU A 36 7.11 -14.05 16.96
C GLU A 36 5.76 -13.37 16.81
N LEU A 37 5.77 -12.19 16.18
CA LEU A 37 4.55 -11.41 15.96
C LEU A 37 3.53 -12.25 15.19
N ILE A 38 3.98 -12.84 14.10
CA ILE A 38 3.11 -13.64 13.25
C ILE A 38 2.60 -14.89 13.98
N GLN A 39 3.48 -15.55 14.72
CA GLN A 39 3.12 -16.77 15.44
C GLN A 39 2.36 -16.51 16.74
N LYS A 40 2.06 -15.24 17.03
CA LYS A 40 1.35 -14.92 18.27
C LYS A 40 0.13 -14.03 18.02
N GLU A 41 0.35 -12.86 17.43
CA GLU A 41 -0.73 -11.91 17.16
C GLU A 41 -1.68 -12.42 16.09
N LEU A 42 -1.18 -13.27 15.20
CA LEU A 42 -1.98 -13.82 14.12
C LEU A 42 -2.51 -15.19 14.52
N THR A 43 -3.80 -15.42 14.29
CA THR A 43 -4.43 -16.69 14.65
C THR A 43 -3.89 -17.86 13.83
N ILE A 44 -3.66 -17.63 12.54
CA ILE A 44 -3.15 -18.67 11.66
C ILE A 44 -1.61 -18.73 11.73
N GLY A 45 -1.02 -17.74 12.40
CA GLY A 45 0.43 -17.68 12.51
C GLY A 45 1.03 -18.91 13.16
N SER A 46 0.43 -19.37 14.24
CA SER A 46 0.92 -20.53 14.96
C SER A 46 0.55 -21.83 14.24
N LYS A 47 -0.12 -21.70 13.09
CA LYS A 47 -0.52 -22.86 12.30
C LYS A 47 0.19 -22.89 10.96
N LEU A 48 1.07 -21.92 10.74
CA LEU A 48 1.81 -21.84 9.49
C LEU A 48 3.13 -22.59 9.59
N GLN A 49 3.69 -22.94 8.43
CA GLN A 49 4.96 -23.65 8.38
C GLN A 49 6.12 -22.69 8.63
N ASP A 50 7.21 -23.22 9.17
CA ASP A 50 8.39 -22.40 9.46
C ASP A 50 8.92 -21.77 8.17
N ALA A 51 8.96 -22.58 7.12
CA ALA A 51 9.43 -22.13 5.81
C ALA A 51 8.49 -21.08 5.23
N GLU A 52 7.19 -21.27 5.46
CA GLU A 52 6.17 -20.34 4.96
C GLU A 52 6.35 -18.98 5.61
N ILE A 53 6.59 -18.99 6.92
CA ILE A 53 6.80 -17.75 7.67
C ILE A 53 8.08 -17.07 7.18
N ALA A 54 9.12 -17.87 6.96
CA ALA A 54 10.39 -17.34 6.47
C ALA A 54 10.20 -16.70 5.11
N ARG A 55 9.45 -17.37 4.25
CA ARG A 55 9.18 -16.85 2.91
C ARG A 55 8.43 -15.52 3.01
N LEU A 56 7.45 -15.46 3.91
CA LEU A 56 6.66 -14.25 4.11
C LEU A 56 7.54 -13.12 4.66
N MET A 57 8.42 -13.46 5.58
CA MET A 57 9.32 -12.49 6.19
C MET A 57 10.28 -11.91 5.15
N GLU A 58 10.57 -12.70 4.12
CA GLU A 58 11.46 -12.27 3.06
C GLU A 58 10.68 -11.55 1.96
N ASP A 59 9.38 -11.81 1.90
CA ASP A 59 8.50 -11.17 0.92
C ASP A 59 8.19 -9.75 1.35
N LEU A 60 7.99 -9.57 2.66
CA LEU A 60 7.68 -8.26 3.23
C LEU A 60 8.87 -7.32 3.09
N ASP A 61 10.07 -7.90 3.09
CA ASP A 61 11.30 -7.14 2.94
C ASP A 61 11.39 -6.60 1.52
N ARG A 62 10.84 -5.42 1.30
CA ARG A 62 10.79 -4.80 -0.02
C ARG A 62 11.96 -3.87 -0.25
N ASN A 63 12.41 -3.21 0.80
CA ASN A 63 13.55 -2.31 0.67
C ASN A 63 14.84 -3.13 0.66
N LYS A 64 14.71 -4.39 1.02
CA LYS A 64 15.78 -5.37 1.01
C LYS A 64 16.93 -5.04 1.96
N ASP A 65 16.69 -5.20 3.25
CA ASP A 65 17.72 -4.98 4.26
C ASP A 65 17.47 -5.87 5.48
N GLN A 66 16.41 -6.69 5.39
CA GLN A 66 16.04 -7.67 6.42
C GLN A 66 15.42 -7.02 7.67
N GLU A 67 15.12 -5.73 7.62
CA GLU A 67 14.51 -5.05 8.75
C GLU A 67 13.17 -4.44 8.34
N VAL A 68 12.12 -5.25 8.37
CA VAL A 68 10.78 -4.80 7.98
C VAL A 68 10.36 -3.55 8.76
N ASN A 69 10.08 -2.48 8.02
CA ASN A 69 9.67 -1.23 8.63
C ASN A 69 8.15 -1.12 8.68
N PHE A 70 7.64 -0.08 9.32
CA PHE A 70 6.21 0.13 9.47
C PHE A 70 5.48 0.13 8.13
N GLN A 71 6.06 0.79 7.13
CA GLN A 71 5.45 0.86 5.80
C GLN A 71 5.30 -0.54 5.21
N GLU A 72 6.30 -1.38 5.42
CA GLU A 72 6.28 -2.75 4.93
C GLU A 72 5.30 -3.56 5.77
N TYR A 73 5.17 -3.19 7.04
CA TYR A 73 4.25 -3.85 7.95
C TYR A 73 2.82 -3.57 7.52
N VAL A 74 2.58 -2.36 7.03
CA VAL A 74 1.27 -1.96 6.54
C VAL A 74 0.88 -2.84 5.36
N THR A 75 1.87 -3.19 4.54
CA THR A 75 1.66 -4.03 3.38
C THR A 75 1.15 -5.41 3.82
N PHE A 76 1.65 -5.87 4.97
CA PHE A 76 1.25 -7.16 5.52
C PHE A 76 -0.21 -7.11 5.94
N LEU A 77 -0.59 -6.01 6.58
CA LEU A 77 -1.97 -5.81 7.02
C LEU A 77 -2.90 -5.71 5.82
N GLY A 78 -2.44 -5.02 4.78
CA GLY A 78 -3.22 -4.87 3.58
C GLY A 78 -3.50 -6.21 2.92
N ALA A 79 -2.51 -7.08 2.92
CA ALA A 79 -2.66 -8.42 2.35
C ALA A 79 -3.73 -9.20 3.10
N LEU A 80 -3.69 -9.11 4.42
CA LEU A 80 -4.66 -9.80 5.27
C LEU A 80 -6.07 -9.29 4.97
N ALA A 81 -6.19 -7.97 4.84
CA ALA A 81 -7.47 -7.34 4.54
C ALA A 81 -8.02 -7.84 3.21
N LEU A 82 -7.13 -7.94 2.22
CA LEU A 82 -7.52 -8.41 0.90
C LEU A 82 -8.03 -9.84 0.97
N ILE A 83 -7.34 -10.68 1.74
CA ILE A 83 -7.73 -12.08 1.89
C ILE A 83 -9.12 -12.17 2.53
N TYR A 84 -9.36 -11.34 3.53
CA TYR A 84 -10.65 -11.32 4.22
C TYR A 84 -11.77 -10.92 3.27
N ASN A 85 -11.48 -9.95 2.39
CA ASN A 85 -12.47 -9.50 1.43
C ASN A 85 -12.66 -10.56 0.33
N GLU A 86 -11.60 -11.30 0.05
CA GLU A 86 -11.65 -12.36 -0.96
C GLU A 86 -12.62 -13.44 -0.51
N ALA A 87 -12.67 -13.68 0.80
CA ALA A 87 -13.56 -14.68 1.36
C ALA A 87 -15.00 -14.20 1.32
N LEU A 88 -15.16 -12.88 1.19
CA LEU A 88 -16.48 -12.28 1.12
C LEU A 88 -16.95 -12.21 -0.34
N LYS A 89 -16.15 -12.78 -1.24
CA LYS A 89 -16.49 -12.80 -2.66
C LYS A 89 -17.13 -14.14 -3.03
N GLY A 90 -16.94 -15.13 -2.17
CA GLY A 90 -17.49 -16.44 -2.40
C GLY A 90 -16.53 -17.35 -3.13
N ALA B 2 -10.63 -15.65 17.23
CA ALA B 2 -9.48 -15.06 16.50
C ALA B 2 -8.68 -14.13 17.40
N SER B 3 -7.39 -13.99 17.10
CA SER B 3 -6.51 -13.14 17.87
C SER B 3 -6.81 -11.66 17.60
N PRO B 4 -6.40 -10.75 18.52
CA PRO B 4 -6.63 -9.30 18.40
C PRO B 4 -6.34 -8.73 17.01
N LEU B 5 -5.23 -9.14 16.41
CA LEU B 5 -4.85 -8.65 15.08
C LEU B 5 -5.93 -9.00 14.06
N ASP B 6 -6.32 -10.27 14.02
CA ASP B 6 -7.33 -10.75 13.10
C ASP B 6 -8.66 -10.04 13.34
N GLN B 7 -8.97 -9.80 14.60
CA GLN B 7 -10.20 -9.13 14.99
C GLN B 7 -10.22 -7.69 14.48
N ALA B 8 -9.07 -7.02 14.55
CA ALA B 8 -8.95 -5.65 14.09
C ALA B 8 -9.14 -5.58 12.58
N ILE B 9 -8.47 -6.48 11.87
CA ILE B 9 -8.58 -6.55 10.42
C ILE B 9 -10.02 -6.83 10.01
N GLY B 10 -10.63 -7.81 10.68
CA GLY B 10 -12.00 -8.16 10.39
C GLY B 10 -12.95 -7.01 10.62
N LEU B 11 -12.67 -6.19 11.63
CA LEU B 11 -13.52 -5.04 11.95
C LEU B 11 -13.44 -4.02 10.83
N LEU B 12 -12.23 -3.73 10.37
CA LEU B 12 -12.02 -2.77 9.30
C LEU B 12 -12.75 -3.19 8.03
N VAL B 13 -12.69 -4.48 7.72
CA VAL B 13 -13.37 -5.01 6.55
C VAL B 13 -14.88 -4.95 6.74
N ALA B 14 -15.31 -5.20 7.99
CA ALA B 14 -16.73 -5.15 8.32
C ALA B 14 -17.28 -3.74 8.14
N ILE B 15 -16.50 -2.75 8.55
CA ILE B 15 -16.91 -1.35 8.41
C ILE B 15 -17.11 -1.00 6.94
N PHE B 16 -16.22 -1.53 6.09
CA PHE B 16 -16.30 -1.30 4.67
C PHE B 16 -17.63 -1.84 4.11
N HIS B 17 -17.91 -3.10 4.42
CA HIS B 17 -19.14 -3.74 3.96
C HIS B 17 -20.36 -3.17 4.65
N LYS B 18 -20.14 -2.54 5.79
CA LYS B 18 -21.21 -1.92 6.57
C LYS B 18 -21.84 -0.78 5.78
N TYR B 19 -21.05 -0.18 4.89
CA TYR B 19 -21.53 0.93 4.07
C TYR B 19 -21.68 0.52 2.61
N SER B 20 -20.76 -0.29 2.11
CA SER B 20 -20.81 -0.72 0.72
C SER B 20 -22.09 -1.51 0.44
N GLY B 21 -22.95 -0.95 -0.39
CA GLY B 21 -24.18 -1.64 -0.72
C GLY B 21 -25.40 -0.76 -0.59
N ARG B 22 -25.18 0.50 -0.23
CA ARG B 22 -26.28 1.44 -0.08
C ARG B 22 -26.54 2.15 -1.40
N GLU B 23 -25.48 2.53 -2.10
CA GLU B 23 -25.61 3.23 -3.37
C GLU B 23 -24.63 2.68 -4.41
N GLY B 24 -25.09 2.62 -5.65
CA GLY B 24 -24.24 2.15 -6.73
C GLY B 24 -24.11 0.64 -6.79
N ASP B 25 -23.23 0.09 -5.96
CA ASP B 25 -22.98 -1.34 -5.95
C ASP B 25 -22.80 -1.83 -4.52
N LYS B 26 -22.31 -3.05 -4.38
CA LYS B 26 -22.08 -3.65 -3.07
C LYS B 26 -20.60 -4.04 -2.94
N HIS B 27 -19.79 -3.52 -3.84
CA HIS B 27 -18.36 -3.81 -3.83
C HIS B 27 -17.53 -2.54 -3.85
N THR B 28 -18.19 -1.40 -3.97
CA THR B 28 -17.50 -0.12 -4.01
C THR B 28 -18.20 0.88 -3.10
N LEU B 29 -17.50 1.95 -2.76
CA LEU B 29 -18.05 2.98 -1.90
C LEU B 29 -18.26 4.26 -2.71
N SER B 30 -19.51 4.67 -2.84
CA SER B 30 -19.83 5.89 -3.56
C SER B 30 -19.44 7.09 -2.70
N LYS B 31 -19.48 8.29 -3.28
CA LYS B 31 -19.13 9.50 -2.55
C LYS B 31 -20.07 9.69 -1.37
N LYS B 32 -21.32 9.24 -1.53
CA LYS B 32 -22.33 9.35 -0.49
C LYS B 32 -22.00 8.43 0.68
N GLU B 33 -21.69 7.18 0.38
CA GLU B 33 -21.37 6.19 1.42
C GLU B 33 -20.04 6.51 2.07
N LEU B 34 -19.05 6.85 1.26
CA LEU B 34 -17.71 7.17 1.75
C LEU B 34 -17.74 8.38 2.68
N LYS B 35 -18.50 9.39 2.30
CA LYS B 35 -18.62 10.60 3.10
C LYS B 35 -19.20 10.29 4.47
N GLU B 36 -20.26 9.50 4.49
CA GLU B 36 -20.91 9.11 5.74
C GLU B 36 -19.96 8.27 6.59
N LEU B 37 -19.21 7.39 5.94
CA LEU B 37 -18.26 6.53 6.63
C LEU B 37 -17.24 7.37 7.39
N ILE B 38 -16.66 8.34 6.70
CA ILE B 38 -15.67 9.22 7.31
C ILE B 38 -16.25 10.05 8.45
N GLN B 39 -17.45 10.59 8.23
CA GLN B 39 -18.10 11.43 9.23
C GLN B 39 -18.72 10.65 10.39
N LYS B 40 -18.64 9.32 10.36
CA LYS B 40 -19.24 8.51 11.42
C LYS B 40 -18.25 7.54 12.05
N GLU B 41 -17.56 6.76 11.23
CA GLU B 41 -16.62 5.75 11.72
C GLU B 41 -15.29 6.39 12.15
N LEU B 42 -15.01 7.58 11.66
CA LEU B 42 -13.77 8.26 12.01
C LEU B 42 -14.05 9.33 13.06
N THR B 43 -13.23 9.37 14.10
CA THR B 43 -13.40 10.32 15.19
C THR B 43 -13.21 11.76 14.74
N ILE B 44 -12.28 11.98 13.81
CA ILE B 44 -12.02 13.33 13.30
C ILE B 44 -12.87 13.63 12.07
N GLY B 45 -13.56 12.61 11.57
CA GLY B 45 -14.39 12.76 10.38
C GLY B 45 -15.46 13.83 10.52
N SER B 46 -16.18 13.82 11.63
CA SER B 46 -17.24 14.78 11.87
C SER B 46 -16.68 16.15 12.30
N LYS B 47 -15.36 16.28 12.29
CA LYS B 47 -14.71 17.52 12.68
C LYS B 47 -13.99 18.15 11.47
N LEU B 48 -13.92 17.40 10.38
CA LEU B 48 -13.26 17.85 9.17
C LEU B 48 -14.17 18.77 8.38
N GLN B 49 -13.59 19.48 7.42
CA GLN B 49 -14.34 20.39 6.57
C GLN B 49 -14.96 19.62 5.42
N ASP B 50 -16.08 20.13 4.91
CA ASP B 50 -16.77 19.50 3.79
C ASP B 50 -15.83 19.41 2.59
N ALA B 51 -15.12 20.50 2.35
CA ALA B 51 -14.16 20.58 1.24
C ALA B 51 -13.01 19.60 1.45
N GLU B 52 -12.56 19.48 2.69
CA GLU B 52 -11.47 18.56 3.01
C GLU B 52 -11.89 17.12 2.74
N ILE B 53 -13.10 16.78 3.14
CA ILE B 53 -13.62 15.43 2.92
C ILE B 53 -13.76 15.17 1.42
N ALA B 54 -14.24 16.18 0.69
CA ALA B 54 -14.41 16.07 -0.74
C ALA B 54 -13.07 15.83 -1.42
N ARG B 55 -12.05 16.55 -0.97
CA ARG B 55 -10.70 16.41 -1.50
C ARG B 55 -10.19 15.00 -1.24
N LEU B 56 -10.39 14.54 -0.01
CA LEU B 56 -9.95 13.20 0.38
C LEU B 56 -10.67 12.13 -0.43
N MET B 57 -11.97 12.32 -0.64
CA MET B 57 -12.76 11.37 -1.41
C MET B 57 -12.29 11.31 -2.86
N GLU B 58 -11.68 12.39 -3.33
CA GLU B 58 -11.20 12.44 -4.70
C GLU B 58 -9.75 11.96 -4.76
N ASP B 59 -9.04 12.09 -3.65
CA ASP B 59 -7.65 11.66 -3.57
C ASP B 59 -7.59 10.13 -3.53
N LEU B 60 -8.54 9.54 -2.80
CA LEU B 60 -8.63 8.09 -2.68
C LEU B 60 -8.97 7.45 -4.03
N ASP B 61 -9.64 8.23 -4.87
CA ASP B 61 -10.02 7.77 -6.21
C ASP B 61 -8.77 7.74 -7.08
N ARG B 62 -8.07 6.61 -7.04
CA ARG B 62 -6.82 6.45 -7.77
C ARG B 62 -7.05 5.86 -9.15
N ASN B 63 -7.99 4.95 -9.28
CA ASN B 63 -8.28 4.36 -10.58
C ASN B 63 -9.08 5.35 -11.41
N LYS B 64 -9.68 6.32 -10.73
CA LYS B 64 -10.44 7.40 -11.34
C LYS B 64 -11.75 6.95 -12.00
N ASP B 65 -12.73 6.62 -11.15
CA ASP B 65 -14.06 6.24 -11.64
C ASP B 65 -15.12 6.70 -10.63
N GLN B 66 -14.63 7.35 -9.56
CA GLN B 66 -15.47 7.92 -8.51
C GLN B 66 -16.08 6.86 -7.58
N GLU B 67 -15.67 5.62 -7.74
CA GLU B 67 -16.17 4.55 -6.90
C GLU B 67 -15.01 3.87 -6.18
N VAL B 68 -14.66 4.41 -5.01
CA VAL B 68 -13.56 3.89 -4.21
C VAL B 68 -13.78 2.42 -3.88
N ASN B 69 -12.85 1.58 -4.30
CA ASN B 69 -12.94 0.14 -4.06
C ASN B 69 -12.18 -0.23 -2.78
N PHE B 70 -12.29 -1.49 -2.37
CA PHE B 70 -11.66 -1.97 -1.16
C PHE B 70 -10.14 -1.72 -1.16
N GLN B 71 -9.49 -1.93 -2.30
CA GLN B 71 -8.05 -1.72 -2.40
C GLN B 71 -7.70 -0.26 -2.14
N GLU B 72 -8.54 0.64 -2.64
CA GLU B 72 -8.34 2.06 -2.45
C GLU B 72 -8.70 2.44 -1.02
N TYR B 73 -9.63 1.67 -0.44
CA TYR B 73 -10.05 1.87 0.93
C TYR B 73 -8.90 1.49 1.86
N VAL B 74 -8.12 0.48 1.45
CA VAL B 74 -6.97 0.03 2.22
C VAL B 74 -5.93 1.15 2.27
N THR B 75 -5.83 1.91 1.18
CA THR B 75 -4.90 3.02 1.11
C THR B 75 -5.27 4.08 2.16
N PHE B 76 -6.57 4.24 2.38
CA PHE B 76 -7.07 5.19 3.37
C PHE B 76 -6.66 4.74 4.77
N LEU B 77 -6.81 3.45 5.03
CA LEU B 77 -6.43 2.88 6.32
C LEU B 77 -4.93 3.00 6.53
N GLY B 78 -4.18 2.77 5.45
CA GLY B 78 -2.73 2.87 5.52
C GLY B 78 -2.27 4.26 5.87
N ALA B 79 -2.93 5.26 5.30
CA ALA B 79 -2.61 6.66 5.56
C ALA B 79 -2.82 6.98 7.04
N LEU B 80 -3.92 6.49 7.59
CA LEU B 80 -4.25 6.70 8.99
C LEU B 80 -3.19 6.07 9.89
N ALA B 81 -2.77 4.86 9.54
CA ALA B 81 -1.77 4.15 10.29
C ALA B 81 -0.45 4.93 10.29
N LEU B 82 -0.11 5.48 9.14
CA LEU B 82 1.12 6.27 9.00
C LEU B 82 1.08 7.49 9.91
N ILE B 83 -0.07 8.15 9.95
CA ILE B 83 -0.24 9.33 10.79
C ILE B 83 -0.04 8.96 12.26
N TYR B 84 -0.61 7.82 12.66
CA TYR B 84 -0.48 7.35 14.04
C TYR B 84 0.98 7.06 14.37
N ASN B 85 1.71 6.53 13.39
CA ASN B 85 3.12 6.21 13.56
C ASN B 85 3.94 7.49 13.68
N GLU B 86 3.56 8.51 12.91
CA GLU B 86 4.22 9.80 12.92
C GLU B 86 4.17 10.42 14.31
N ALA B 87 3.02 10.26 14.97
CA ALA B 87 2.83 10.79 16.30
C ALA B 87 3.69 10.04 17.32
N LEU B 88 4.06 8.82 16.99
CA LEU B 88 4.88 8.00 17.87
C LEU B 88 6.37 8.28 17.66
N LYS B 89 6.66 9.16 16.71
CA LYS B 89 8.05 9.53 16.44
C LYS B 89 8.48 10.68 17.33
N GLY B 90 7.50 11.36 17.91
CA GLY B 90 7.79 12.48 18.78
C GLY B 90 7.72 13.80 18.06
N ALA C 1 6.24 16.86 17.30
CA ALA C 1 7.48 17.30 16.63
C ALA C 1 8.51 17.76 17.64
N MET C 2 9.29 16.82 18.17
CA MET C 2 10.33 17.13 19.14
C MET C 2 11.62 17.49 18.42
N ALA C 3 12.42 18.36 19.03
CA ALA C 3 13.68 18.78 18.45
C ALA C 3 14.76 18.90 19.51
N GLN C 4 16.00 18.63 19.14
CA GLN C 4 17.12 18.71 20.06
C GLN C 4 17.75 20.10 20.00
N ASN C 5 17.75 20.79 21.14
CA ASN C 5 18.31 22.14 21.21
C ASN C 5 19.84 22.11 21.16
N ILE C 6 20.40 22.92 20.26
CA ILE C 6 21.85 23.01 20.09
C ILE C 6 22.28 24.47 20.00
N THR C 7 23.01 24.94 21.00
CA THR C 7 23.48 26.32 21.02
C THR C 7 24.77 26.46 20.20
N ALA C 8 24.88 27.53 19.43
CA ALA C 8 26.05 27.78 18.60
C ALA C 8 26.44 29.26 18.59
N ARG C 9 27.62 29.55 18.08
CA ARG C 9 28.13 30.90 17.99
C ARG C 9 28.19 31.35 16.53
N ILE C 10 27.95 32.63 16.28
CA ILE C 10 27.96 33.16 14.92
C ILE C 10 29.40 33.25 14.39
N GLY C 11 29.63 32.60 13.26
CA GLY C 11 30.95 32.61 12.65
C GLY C 11 31.85 31.53 13.24
N GLU C 12 31.24 30.51 13.81
CA GLU C 12 31.99 29.43 14.42
C GLU C 12 31.72 28.11 13.67
N PRO C 13 32.78 27.33 13.37
CA PRO C 13 32.65 26.04 12.69
C PRO C 13 31.96 25.01 13.56
N LEU C 14 30.99 24.31 12.98
CA LEU C 14 30.23 23.29 13.72
C LEU C 14 30.20 22.00 12.92
N VAL C 15 30.39 20.88 13.61
CA VAL C 15 30.35 19.58 12.98
C VAL C 15 29.26 18.72 13.60
N LEU C 16 28.25 18.41 12.80
CA LEU C 16 27.12 17.60 13.28
C LEU C 16 27.21 16.21 12.68
N LYS C 17 26.41 15.29 13.19
CA LYS C 17 26.39 13.91 12.69
C LYS C 17 24.97 13.48 12.38
N CYS C 18 24.76 12.89 11.22
CA CYS C 18 23.44 12.45 10.83
C CYS C 18 23.49 11.02 10.29
N LYS C 19 22.78 10.13 10.96
CA LYS C 19 22.73 8.74 10.54
C LYS C 19 21.43 8.48 9.77
N GLY C 20 21.45 7.48 8.90
CA GLY C 20 20.27 7.17 8.12
C GLY C 20 20.52 6.03 7.16
N ALA C 21 21.66 6.06 6.49
CA ALA C 21 22.01 5.02 5.53
C ALA C 21 22.44 3.74 6.26
N PRO C 22 21.71 2.65 6.04
CA PRO C 22 22.01 1.36 6.68
C PRO C 22 23.26 0.71 6.13
N LYS C 23 23.49 -0.54 6.51
CA LYS C 23 24.66 -1.30 6.06
C LYS C 23 24.46 -1.78 4.62
N LYS C 24 24.43 -0.83 3.70
CA LYS C 24 24.25 -1.10 2.28
C LYS C 24 24.89 0.01 1.46
N PRO C 25 25.07 -0.21 0.14
CA PRO C 25 25.66 0.79 -0.76
C PRO C 25 24.94 2.14 -0.70
N PRO C 26 25.62 3.23 -1.10
CA PRO C 26 25.04 4.58 -1.08
C PRO C 26 23.65 4.65 -1.71
N GLN C 27 22.68 5.07 -0.91
CA GLN C 27 21.31 5.19 -1.36
C GLN C 27 20.93 6.66 -1.50
N ARG C 28 19.66 6.91 -1.82
CA ARG C 28 19.19 8.28 -1.99
C ARG C 28 19.04 8.96 -0.63
N LEU C 29 19.73 10.08 -0.48
CA LEU C 29 19.68 10.86 0.75
C LEU C 29 19.15 12.25 0.46
N GLU C 30 18.32 12.77 1.36
CA GLU C 30 17.75 14.10 1.18
C GLU C 30 17.93 14.94 2.44
N TRP C 31 17.70 16.23 2.33
CA TRP C 31 17.85 17.13 3.46
C TRP C 31 16.66 18.07 3.55
N LYS C 32 16.21 18.32 4.77
CA LYS C 32 15.08 19.19 5.01
C LYS C 32 15.32 20.02 6.26
N LEU C 33 14.51 21.04 6.46
CA LEU C 33 14.63 21.90 7.63
C LEU C 33 13.38 22.78 7.76
N ASN C 34 13.27 23.46 8.89
CA ASN C 34 12.14 24.33 9.17
C ASN C 34 12.60 25.57 9.91
N THR C 35 12.67 26.68 9.20
CA THR C 35 13.07 27.95 9.79
C THR C 35 12.10 29.04 9.33
N GLY C 36 12.17 30.22 9.94
CA GLY C 36 11.30 31.32 9.55
C GLY C 36 11.40 31.62 8.07
N ARG C 37 12.63 31.71 7.58
CA ARG C 37 12.88 31.98 6.17
C ARG C 37 13.25 30.71 5.43
N THR C 38 14.18 29.93 6.01
CA THR C 38 14.63 28.68 5.41
C THR C 38 15.38 28.97 4.11
N GLU C 39 16.65 29.34 4.26
CA GLU C 39 17.49 29.66 3.11
C GLU C 39 18.49 28.55 2.81
N ALA C 40 19.01 27.93 3.86
CA ALA C 40 19.99 26.86 3.71
C ALA C 40 19.33 25.52 3.43
N TRP C 41 18.47 25.47 2.43
CA TRP C 41 17.78 24.24 2.08
C TRP C 41 18.24 23.76 0.70
N LYS C 42 18.71 22.52 0.65
CA LYS C 42 19.17 21.93 -0.59
C LYS C 42 19.17 20.41 -0.47
N VAL C 43 18.59 19.75 -1.46
CA VAL C 43 18.54 18.30 -1.46
C VAL C 43 19.90 17.72 -1.84
N LEU C 44 20.47 16.91 -0.97
CA LEU C 44 21.77 16.31 -1.22
C LEU C 44 21.68 15.27 -2.34
N SER C 45 22.82 14.88 -2.86
CA SER C 45 22.87 13.89 -3.92
C SER C 45 24.15 13.07 -3.82
N PRO C 46 24.06 11.75 -3.97
CA PRO C 46 25.22 10.85 -3.88
C PRO C 46 26.09 10.85 -5.14
N GLN C 47 26.19 12.01 -5.78
CA GLN C 47 26.97 12.14 -7.00
C GLN C 47 27.13 13.62 -7.42
N GLY C 48 26.19 14.45 -6.99
CA GLY C 48 26.24 15.86 -7.33
C GLY C 48 26.15 16.76 -6.12
N GLY C 49 26.60 17.99 -6.26
CA GLY C 49 26.56 18.94 -5.16
C GLY C 49 25.65 20.12 -5.44
N GLY C 50 26.15 21.32 -5.16
CA GLY C 50 25.36 22.52 -5.40
C GLY C 50 25.90 23.69 -4.60
N PRO C 51 25.19 24.84 -4.61
CA PRO C 51 25.63 26.04 -3.90
C PRO C 51 25.66 25.84 -2.38
N TRP C 52 24.93 24.83 -1.92
CA TRP C 52 24.86 24.51 -0.51
C TRP C 52 26.14 23.83 -0.05
N ASP C 53 26.83 23.18 -0.99
CA ASP C 53 28.08 22.47 -0.69
C ASP C 53 29.14 23.44 -0.20
N SER C 54 29.04 24.67 -0.66
CA SER C 54 29.97 25.72 -0.28
C SER C 54 29.65 26.25 1.13
N VAL C 55 28.44 25.95 1.60
CA VAL C 55 27.99 26.39 2.91
C VAL C 55 28.22 25.30 3.94
N ALA C 56 27.88 24.07 3.58
CA ALA C 56 28.04 22.94 4.47
C ALA C 56 28.57 21.73 3.70
N ARG C 57 29.59 21.09 4.25
CA ARG C 57 30.20 19.94 3.61
C ARG C 57 29.81 18.66 4.33
N VAL C 58 29.25 17.72 3.59
CA VAL C 58 28.84 16.45 4.16
C VAL C 58 29.92 15.38 3.92
N LEU C 59 30.50 14.88 4.99
CA LEU C 59 31.52 13.87 4.90
C LEU C 59 30.91 12.49 4.67
N PRO C 60 31.64 11.59 3.99
CA PRO C 60 31.16 10.22 3.68
C PRO C 60 30.74 9.42 4.89
N ASN C 61 31.17 9.82 6.08
CA ASN C 61 30.83 9.11 7.30
C ASN C 61 29.49 9.57 7.86
N GLY C 62 28.93 10.64 7.30
CA GLY C 62 27.65 11.14 7.76
C GLY C 62 27.79 12.37 8.64
N SER C 63 28.93 13.04 8.58
CA SER C 63 29.14 14.23 9.37
C SER C 63 28.91 15.48 8.52
N LEU C 64 28.28 16.48 9.13
CA LEU C 64 27.99 17.74 8.46
C LEU C 64 28.90 18.83 9.00
N PHE C 65 29.82 19.30 8.16
CA PHE C 65 30.76 20.33 8.57
C PHE C 65 30.34 21.71 8.06
N LEU C 66 30.12 22.62 9.00
CA LEU C 66 29.74 23.99 8.68
C LEU C 66 30.91 24.92 9.00
N PRO C 67 31.55 25.48 7.96
CA PRO C 67 32.70 26.38 8.12
C PRO C 67 32.43 27.52 9.09
N ALA C 68 31.24 28.10 9.01
CA ALA C 68 30.87 29.21 9.87
C ALA C 68 29.35 29.32 9.99
N VAL C 69 28.84 28.95 11.15
CA VAL C 69 27.40 29.04 11.39
C VAL C 69 27.02 30.49 11.70
N GLY C 70 26.19 31.07 10.86
CA GLY C 70 25.77 32.43 11.07
C GLY C 70 24.34 32.53 11.56
N ILE C 71 23.63 33.54 11.10
CA ILE C 71 22.24 33.74 11.49
C ILE C 71 21.31 33.17 10.43
N GLN C 72 21.91 32.74 9.32
CA GLN C 72 21.15 32.17 8.22
C GLN C 72 21.01 30.66 8.40
N ASP C 73 22.05 30.06 8.94
CA ASP C 73 22.09 28.62 9.18
C ASP C 73 21.47 28.28 10.53
N GLU C 74 20.35 28.93 10.83
CA GLU C 74 19.67 28.71 12.08
C GLU C 74 18.31 28.06 11.82
N GLY C 75 17.64 27.66 12.88
CA GLY C 75 16.34 27.04 12.75
C GLY C 75 16.36 25.59 13.15
N ILE C 76 15.50 24.79 12.52
CA ILE C 76 15.41 23.36 12.81
C ILE C 76 15.80 22.55 11.59
N PHE C 77 16.89 21.80 11.69
CA PHE C 77 17.34 20.97 10.57
C PHE C 77 16.84 19.55 10.72
N ARG C 78 16.66 18.85 9.59
CA ARG C 78 16.19 17.47 9.62
C ARG C 78 16.77 16.68 8.46
N CYS C 79 17.52 15.63 8.78
CA CYS C 79 18.09 14.78 7.75
C CYS C 79 17.04 13.78 7.27
N GLN C 80 16.92 13.62 5.96
CA GLN C 80 15.92 12.72 5.39
C GLN C 80 16.58 11.63 4.56
N ALA C 81 15.88 10.52 4.39
CA ALA C 81 16.40 9.40 3.61
C ALA C 81 15.31 8.86 2.68
N MET C 82 15.70 7.98 1.77
CA MET C 82 14.76 7.39 0.82
C MET C 82 15.20 5.96 0.52
N ASN C 83 14.28 5.16 -0.03
CA ASN C 83 14.58 3.77 -0.34
C ASN C 83 13.52 3.19 -1.29
N ARG C 84 13.69 1.93 -1.67
CA ARG C 84 12.75 1.26 -2.58
C ARG C 84 11.34 1.27 -1.99
N ASN C 85 11.24 0.99 -0.71
CA ASN C 85 9.93 0.97 -0.05
C ASN C 85 9.61 2.38 0.48
N GLY C 86 10.61 3.01 1.07
CA GLY C 86 10.42 4.34 1.60
C GLY C 86 10.89 4.45 3.05
N LYS C 87 12.14 4.09 3.27
CA LYS C 87 12.71 4.13 4.60
C LYS C 87 13.27 5.52 4.89
N GLU C 88 12.65 6.20 5.84
CA GLU C 88 13.09 7.53 6.23
C GLU C 88 13.51 7.54 7.69
N THR C 89 13.82 8.72 8.20
CA THR C 89 14.23 8.85 9.58
C THR C 89 13.81 10.22 10.13
N LYS C 90 13.77 10.34 11.44
CA LYS C 90 13.39 11.57 12.10
C LYS C 90 14.54 12.09 12.95
N SER C 91 15.10 13.21 12.54
CA SER C 91 16.19 13.83 13.27
C SER C 91 16.07 15.35 13.19
N ASN C 92 15.32 15.92 14.13
CA ASN C 92 15.10 17.37 14.16
C ASN C 92 16.08 18.04 15.12
N TYR C 93 16.92 18.92 14.59
CA TYR C 93 17.90 19.63 15.40
C TYR C 93 17.57 21.11 15.45
N ARG C 94 17.38 21.63 16.66
CA ARG C 94 17.05 23.04 16.84
C ARG C 94 18.31 23.82 17.19
N VAL C 95 18.94 24.39 16.18
CA VAL C 95 20.15 25.17 16.38
C VAL C 95 19.80 26.61 16.73
N ARG C 96 20.50 27.16 17.71
CA ARG C 96 20.26 28.53 18.14
C ARG C 96 21.58 29.26 18.40
N VAL C 97 21.76 30.39 17.74
CA VAL C 97 22.99 31.17 17.90
C VAL C 97 22.83 32.16 19.06
N TYR C 98 23.96 32.56 19.63
CA TYR C 98 23.96 33.50 20.74
C TYR C 98 23.51 34.90 20.32
N GLN C 99 23.83 35.29 19.10
CA GLN C 99 23.44 36.60 18.61
C GLN C 99 22.41 36.49 17.50
N ILE C 100 21.16 36.78 17.85
CA ILE C 100 20.06 36.72 16.90
C ILE C 100 19.54 38.13 16.61
N PRO C 101 19.05 38.35 15.38
CA PRO C 101 18.51 39.65 14.97
C PRO C 101 17.15 39.92 15.63
N ALA D 1 -14.43 -20.20 -3.32
CA ALA D 1 -14.37 -20.06 -4.79
C ALA D 1 -15.63 -20.64 -5.44
N MET D 2 -16.64 -19.79 -5.60
CA MET D 2 -17.91 -20.20 -6.21
C MET D 2 -17.82 -20.06 -7.72
N ALA D 3 -18.51 -20.96 -8.42
CA ALA D 3 -18.54 -20.94 -9.88
C ALA D 3 -19.94 -21.19 -10.39
N GLN D 4 -20.28 -20.56 -11.51
CA GLN D 4 -21.60 -20.73 -12.10
C GLN D 4 -21.57 -21.88 -13.10
N ASN D 5 -22.40 -22.89 -12.88
CA ASN D 5 -22.46 -24.06 -13.76
C ASN D 5 -23.23 -23.75 -15.05
N ILE D 6 -22.58 -24.03 -16.18
CA ILE D 6 -23.18 -23.79 -17.49
C ILE D 6 -23.00 -25.02 -18.37
N THR D 7 -24.10 -25.62 -18.80
CA THR D 7 -24.05 -26.80 -19.65
C THR D 7 -24.00 -26.40 -21.13
N ALA D 8 -23.17 -27.09 -21.90
CA ALA D 8 -23.03 -26.79 -23.31
C ALA D 8 -22.94 -28.08 -24.13
N ARG D 9 -23.03 -27.93 -25.45
CA ARG D 9 -22.94 -29.06 -26.36
C ARG D 9 -21.67 -28.96 -27.20
N ILE D 10 -21.08 -30.11 -27.51
CA ILE D 10 -19.86 -30.14 -28.30
C ILE D 10 -20.15 -29.73 -29.75
N GLY D 11 -19.34 -28.81 -30.26
CA GLY D 11 -19.50 -28.34 -31.62
C GLY D 11 -20.66 -27.37 -31.75
N GLU D 12 -21.02 -26.72 -30.64
CA GLU D 12 -22.12 -25.78 -30.63
C GLU D 12 -21.60 -24.37 -30.31
N PRO D 13 -22.06 -23.34 -31.06
CA PRO D 13 -21.66 -21.96 -30.82
C PRO D 13 -22.22 -21.42 -29.50
N LEU D 14 -21.37 -20.75 -28.74
CA LEU D 14 -21.79 -20.20 -27.45
C LEU D 14 -21.37 -18.74 -27.33
N VAL D 15 -22.27 -17.91 -26.82
CA VAL D 15 -21.99 -16.49 -26.65
C VAL D 15 -22.14 -16.10 -25.19
N LEU D 16 -21.03 -15.80 -24.55
CA LEU D 16 -21.04 -15.42 -23.14
C LEU D 16 -20.86 -13.92 -23.00
N LYS D 17 -21.07 -13.41 -21.80
CA LYS D 17 -20.93 -11.99 -21.53
C LYS D 17 -20.04 -11.77 -20.31
N CYS D 18 -19.10 -10.85 -20.40
CA CYS D 18 -18.20 -10.56 -19.29
C CYS D 18 -18.06 -9.06 -19.06
N LYS D 19 -18.41 -8.63 -17.86
CA LYS D 19 -18.33 -7.21 -17.51
C LYS D 19 -17.08 -6.97 -16.67
N GLY D 20 -16.63 -5.72 -16.62
CA GLY D 20 -15.45 -5.40 -15.84
C GLY D 20 -14.99 -3.98 -16.08
N ALA D 21 -14.98 -3.57 -17.34
CA ALA D 21 -14.56 -2.22 -17.69
C ALA D 21 -15.64 -1.21 -17.32
N PRO D 22 -15.30 -0.23 -16.46
CA PRO D 22 -16.25 0.81 -16.03
C PRO D 22 -16.52 1.84 -17.13
N LYS D 23 -17.22 2.91 -16.76
CA LYS D 23 -17.54 3.98 -17.70
C LYS D 23 -16.31 4.84 -17.99
N LYS D 24 -15.36 4.25 -18.71
CA LYS D 24 -14.11 4.93 -19.06
C LYS D 24 -13.52 4.30 -20.31
N PRO D 25 -12.54 4.99 -20.95
CA PRO D 25 -11.87 4.47 -22.16
C PRO D 25 -11.28 3.07 -21.95
N PRO D 26 -11.11 2.29 -23.03
CA PRO D 26 -10.54 0.94 -22.98
C PRO D 26 -9.31 0.83 -22.09
N GLN D 27 -9.41 -0.02 -21.09
CA GLN D 27 -8.31 -0.23 -20.15
C GLN D 27 -7.72 -1.62 -20.36
N ARG D 28 -6.78 -2.00 -19.50
CA ARG D 28 -6.13 -3.30 -19.61
C ARG D 28 -7.08 -4.41 -19.16
N LEU D 29 -7.30 -5.38 -20.04
CA LEU D 29 -8.17 -6.51 -19.74
C LEU D 29 -7.38 -7.79 -19.91
N GLU D 30 -7.58 -8.74 -19.01
CA GLU D 30 -6.88 -10.00 -19.06
C GLU D 30 -7.86 -11.17 -18.96
N TRP D 31 -7.39 -12.37 -19.23
CA TRP D 31 -8.23 -13.55 -19.17
C TRP D 31 -7.53 -14.67 -18.44
N LYS D 32 -8.29 -15.39 -17.62
CA LYS D 32 -7.76 -16.51 -16.86
C LYS D 32 -8.78 -17.64 -16.83
N LEU D 33 -8.33 -18.83 -16.44
CA LEU D 33 -9.20 -19.98 -16.37
C LEU D 33 -8.53 -21.10 -15.58
N ASN D 34 -9.30 -22.11 -15.21
CA ASN D 34 -8.80 -23.24 -14.46
C ASN D 34 -9.43 -24.53 -14.95
N THR D 35 -8.64 -25.31 -15.66
CA THR D 35 -9.09 -26.59 -16.19
C THR D 35 -8.00 -27.63 -15.94
N GLY D 36 -8.34 -28.91 -16.10
CA GLY D 36 -7.36 -29.97 -15.90
C GLY D 36 -6.10 -29.75 -16.69
N ARG D 37 -6.25 -29.40 -17.96
CA ARG D 37 -5.11 -29.14 -18.82
C ARG D 37 -4.91 -27.64 -19.01
N THR D 38 -6.00 -26.93 -19.29
CA THR D 38 -5.97 -25.48 -19.52
C THR D 38 -5.17 -25.17 -20.79
N GLU D 39 -5.82 -25.33 -21.94
CA GLU D 39 -5.18 -25.07 -23.22
C GLU D 39 -5.61 -23.72 -23.80
N ALA D 40 -6.90 -23.43 -23.70
CA ALA D 40 -7.45 -22.19 -24.23
C ALA D 40 -7.21 -21.00 -23.30
N TRP D 41 -5.93 -20.71 -23.03
CA TRP D 41 -5.58 -19.60 -22.17
C TRP D 41 -4.73 -18.59 -22.93
N LYS D 42 -5.22 -17.36 -22.99
CA LYS D 42 -4.52 -16.28 -23.67
C LYS D 42 -4.94 -14.94 -23.10
N VAL D 43 -3.96 -14.12 -22.77
CA VAL D 43 -4.22 -12.80 -22.21
C VAL D 43 -4.69 -11.85 -23.30
N LEU D 44 -5.91 -11.32 -23.16
CA LEU D 44 -6.46 -10.41 -24.14
C LEU D 44 -5.67 -9.12 -24.21
N SER D 45 -5.80 -8.41 -25.32
CA SER D 45 -5.10 -7.15 -25.50
C SER D 45 -6.01 -6.16 -26.24
N PRO D 46 -6.12 -4.93 -25.71
CA PRO D 46 -6.97 -3.89 -26.31
C PRO D 46 -6.41 -3.33 -27.62
N GLN D 47 -5.49 -4.07 -28.23
CA GLN D 47 -4.88 -3.65 -29.48
C GLN D 47 -4.07 -4.79 -30.09
N GLY D 48 -4.39 -6.02 -29.69
CA GLY D 48 -3.66 -7.17 -30.21
C GLY D 48 -4.45 -8.43 -30.02
N GLY D 49 -4.20 -9.41 -30.89
CA GLY D 49 -4.91 -10.67 -30.80
C GLY D 49 -3.99 -11.84 -30.56
N GLY D 50 -4.14 -12.88 -31.35
CA GLY D 50 -3.33 -14.07 -31.20
C GLY D 50 -4.05 -15.31 -31.71
N PRO D 51 -3.52 -16.51 -31.44
CA PRO D 51 -4.14 -17.77 -31.88
C PRO D 51 -5.50 -18.02 -31.22
N TRP D 52 -5.69 -17.44 -30.05
CA TRP D 52 -6.92 -17.60 -29.29
C TRP D 52 -8.07 -16.82 -29.95
N ASP D 53 -7.72 -15.78 -30.71
CA ASP D 53 -8.73 -14.96 -31.38
C ASP D 53 -9.49 -15.77 -32.42
N SER D 54 -8.85 -16.84 -32.90
CA SER D 54 -9.46 -17.72 -33.89
C SER D 54 -10.34 -18.76 -33.20
N VAL D 55 -10.17 -18.89 -31.88
CA VAL D 55 -10.94 -19.84 -31.09
C VAL D 55 -12.15 -19.15 -30.48
N ALA D 56 -11.93 -17.96 -29.93
CA ALA D 56 -13.00 -17.18 -29.33
C ALA D 56 -12.86 -15.71 -29.70
N ARG D 57 -13.95 -15.12 -30.14
CA ARG D 57 -13.94 -13.72 -30.54
C ARG D 57 -14.62 -12.85 -29.50
N VAL D 58 -13.87 -11.89 -28.96
CA VAL D 58 -14.41 -10.99 -27.96
C VAL D 58 -14.96 -9.73 -28.64
N LEU D 59 -16.25 -9.48 -28.42
CA LEU D 59 -16.90 -8.33 -29.02
C LEU D 59 -16.70 -7.09 -28.14
N PRO D 60 -16.61 -5.89 -28.77
CA PRO D 60 -16.39 -4.61 -28.05
C PRO D 60 -17.36 -4.35 -26.90
N ASN D 61 -18.54 -4.97 -26.94
CA ASN D 61 -19.53 -4.77 -25.89
C ASN D 61 -19.23 -5.62 -24.66
N GLY D 62 -18.32 -6.58 -24.81
CA GLY D 62 -17.97 -7.45 -23.70
C GLY D 62 -18.53 -8.84 -23.83
N SER D 63 -18.86 -9.24 -25.04
CA SER D 63 -19.40 -10.57 -25.29
C SER D 63 -18.32 -11.50 -25.85
N LEU D 64 -18.36 -12.75 -25.45
CA LEU D 64 -17.39 -13.74 -25.90
C LEU D 64 -18.07 -14.75 -26.82
N PHE D 65 -17.71 -14.72 -28.10
CA PHE D 65 -18.31 -15.61 -29.08
C PHE D 65 -17.40 -16.81 -29.38
N LEU D 66 -17.93 -18.00 -29.14
CA LEU D 66 -17.22 -19.23 -29.40
C LEU D 66 -17.89 -19.95 -30.57
N PRO D 67 -17.22 -20.00 -31.74
CA PRO D 67 -17.76 -20.64 -32.95
C PRO D 67 -18.25 -22.07 -32.70
N ALA D 68 -17.50 -22.83 -31.91
CA ALA D 68 -17.85 -24.20 -31.60
C ALA D 68 -17.16 -24.67 -30.33
N VAL D 69 -17.91 -24.81 -29.25
CA VAL D 69 -17.35 -25.25 -27.99
C VAL D 69 -17.10 -26.76 -28.03
N GLY D 70 -15.85 -27.15 -27.86
CA GLY D 70 -15.51 -28.56 -27.87
C GLY D 70 -15.14 -29.06 -26.49
N ILE D 71 -14.28 -30.07 -26.44
CA ILE D 71 -13.85 -30.64 -25.16
C ILE D 71 -12.58 -29.95 -24.67
N GLN D 72 -12.09 -29.00 -25.46
CA GLN D 72 -10.88 -28.27 -25.11
C GLN D 72 -11.25 -26.96 -24.43
N ASP D 73 -12.40 -26.45 -24.80
CA ASP D 73 -12.91 -25.19 -24.26
C ASP D 73 -13.82 -25.46 -23.07
N GLU D 74 -13.36 -26.34 -22.19
CA GLU D 74 -14.13 -26.70 -21.00
C GLU D 74 -13.38 -26.27 -19.75
N GLY D 75 -14.01 -26.43 -18.59
CA GLY D 75 -13.37 -26.06 -17.35
C GLY D 75 -14.02 -24.85 -16.71
N ILE D 76 -13.23 -24.07 -15.99
CA ILE D 76 -13.71 -22.88 -15.32
C ILE D 76 -13.04 -21.64 -15.88
N PHE D 77 -13.81 -20.77 -16.51
CA PHE D 77 -13.28 -19.54 -17.09
C PHE D 77 -13.44 -18.39 -16.11
N ARG D 78 -12.53 -17.41 -16.17
CA ARG D 78 -12.59 -16.26 -15.30
C ARG D 78 -12.03 -15.01 -15.99
N CYS D 79 -12.89 -14.02 -16.18
CA CYS D 79 -12.47 -12.77 -16.80
C CYS D 79 -11.73 -11.92 -15.78
N GLN D 80 -10.61 -11.33 -16.18
CA GLN D 80 -9.80 -10.52 -15.27
C GLN D 80 -9.65 -9.09 -15.79
N ALA D 81 -9.42 -8.15 -14.88
CA ALA D 81 -9.25 -6.76 -15.24
C ALA D 81 -8.06 -6.15 -14.51
N MET D 82 -7.58 -5.03 -15.01
CA MET D 82 -6.45 -4.34 -14.41
C MET D 82 -6.69 -2.84 -14.42
N ASN D 83 -5.96 -2.10 -13.58
CA ASN D 83 -6.12 -0.65 -13.49
C ASN D 83 -4.94 -0.03 -12.75
N ARG D 84 -4.97 1.30 -12.62
CA ARG D 84 -3.89 2.04 -11.95
C ARG D 84 -3.72 1.57 -10.51
N ASN D 85 -4.83 1.36 -9.82
CA ASN D 85 -4.81 0.90 -8.44
C ASN D 85 -4.88 -0.63 -8.38
N GLY D 86 -5.39 -1.22 -9.44
CA GLY D 86 -5.51 -2.66 -9.49
C GLY D 86 -6.95 -3.13 -9.28
N LYS D 87 -7.86 -2.56 -10.06
CA LYS D 87 -9.27 -2.91 -9.96
C LYS D 87 -9.55 -4.17 -10.77
N GLU D 88 -9.86 -5.26 -10.08
CA GLU D 88 -10.14 -6.53 -10.74
C GLU D 88 -11.56 -6.99 -10.45
N THR D 89 -11.96 -8.10 -11.06
CA THR D 89 -13.29 -8.64 -10.88
C THR D 89 -13.22 -10.16 -10.68
N LYS D 90 -14.34 -10.74 -10.27
CA LYS D 90 -14.42 -12.16 -10.04
C LYS D 90 -15.62 -12.76 -10.78
N SER D 91 -15.34 -13.51 -11.83
CA SER D 91 -16.38 -14.14 -12.62
C SER D 91 -15.94 -15.55 -13.02
N ASN D 92 -16.28 -16.52 -12.20
CA ASN D 92 -15.91 -17.91 -12.46
C ASN D 92 -17.06 -18.67 -13.11
N TYR D 93 -16.86 -19.11 -14.34
CA TYR D 93 -17.88 -19.85 -15.07
C TYR D 93 -17.45 -21.30 -15.28
N ARG D 94 -18.25 -22.23 -14.79
CA ARG D 94 -17.96 -23.65 -14.93
C ARG D 94 -18.74 -24.22 -16.10
N VAL D 95 -18.09 -24.30 -17.25
CA VAL D 95 -18.71 -24.84 -18.45
C VAL D 95 -18.55 -26.35 -18.48
N ARG D 96 -19.61 -27.06 -18.84
CA ARG D 96 -19.58 -28.51 -18.92
C ARG D 96 -20.30 -29.00 -20.16
N VAL D 97 -19.60 -29.76 -20.99
CA VAL D 97 -20.19 -30.29 -22.22
C VAL D 97 -20.87 -31.63 -21.96
N TYR D 98 -21.91 -31.92 -22.74
CA TYR D 98 -22.67 -33.16 -22.61
C TYR D 98 -21.80 -34.40 -22.85
N GLN D 99 -20.87 -34.31 -23.79
CA GLN D 99 -20.01 -35.44 -24.10
C GLN D 99 -18.58 -35.17 -23.66
N ILE D 100 -18.19 -35.77 -22.54
CA ILE D 100 -16.85 -35.60 -22.02
C ILE D 100 -16.05 -36.88 -22.15
N PRO D 101 -14.74 -36.76 -22.41
CA PRO D 101 -13.85 -37.90 -22.55
C PRO D 101 -13.44 -38.47 -21.18
N ALA A 2 -12.30 7.11 21.25
CA ALA A 2 -12.03 7.04 19.79
C ALA A 2 -13.00 6.09 19.12
N SER A 3 -13.35 6.39 17.87
CA SER A 3 -14.28 5.56 17.10
C SER A 3 -13.64 4.22 16.72
N PRO A 4 -14.47 3.21 16.39
CA PRO A 4 -14.01 1.86 16.03
C PRO A 4 -12.86 1.84 15.02
N LEU A 5 -12.94 2.68 13.99
CA LEU A 5 -11.90 2.73 12.97
C LEU A 5 -10.57 3.16 13.59
N ASP A 6 -10.59 4.25 14.34
CA ASP A 6 -9.39 4.76 14.99
C ASP A 6 -8.81 3.74 15.95
N GLN A 7 -9.70 3.06 16.68
CA GLN A 7 -9.30 2.04 17.64
C GLN A 7 -8.60 0.88 16.93
N ALA A 8 -9.14 0.47 15.80
CA ALA A 8 -8.56 -0.63 15.01
C ALA A 8 -7.17 -0.24 14.51
N ILE A 9 -7.04 0.99 14.04
CA ILE A 9 -5.76 1.47 13.54
C ILE A 9 -4.74 1.52 14.67
N GLY A 10 -5.16 2.06 15.81
CA GLY A 10 -4.29 2.15 16.96
C GLY A 10 -3.82 0.78 17.42
N LEU A 11 -4.74 -0.19 17.36
CA LEU A 11 -4.44 -1.55 17.76
C LEU A 11 -3.29 -2.12 16.93
N LEU A 12 -3.36 -1.93 15.62
CA LEU A 12 -2.34 -2.42 14.70
C LEU A 12 -1.00 -1.76 15.00
N VAL A 13 -1.01 -0.45 15.24
CA VAL A 13 0.21 0.29 15.55
C VAL A 13 0.80 -0.21 16.86
N ALA A 14 -0.09 -0.51 17.81
CA ALA A 14 0.32 -1.00 19.12
C ALA A 14 0.95 -2.39 18.98
N ILE A 15 0.36 -3.22 18.12
CA ILE A 15 0.85 -4.57 17.89
C ILE A 15 2.26 -4.52 17.31
N PHE A 16 2.48 -3.62 16.36
CA PHE A 16 3.78 -3.46 15.73
C PHE A 16 4.83 -3.08 16.78
N HIS A 17 4.53 -2.03 17.54
CA HIS A 17 5.45 -1.54 18.57
C HIS A 17 5.52 -2.50 19.76
N LYS A 18 4.63 -3.48 19.79
CA LYS A 18 4.58 -4.47 20.86
C LYS A 18 5.75 -5.43 20.73
N TYR A 19 6.30 -5.54 19.53
CA TYR A 19 7.42 -6.44 19.29
C TYR A 19 8.66 -5.68 18.85
N SER A 20 8.48 -4.64 18.04
CA SER A 20 9.60 -3.85 17.55
C SER A 20 10.32 -3.16 18.70
N GLY A 21 11.58 -3.50 18.92
CA GLY A 21 12.33 -2.90 19.99
C GLY A 21 13.11 -3.92 20.80
N ARG A 22 13.01 -5.17 20.39
CA ARG A 22 13.70 -6.24 21.08
C ARG A 22 15.09 -6.42 20.48
N GLU A 23 15.17 -6.47 19.16
CA GLU A 23 16.44 -6.69 18.48
C GLU A 23 16.76 -5.54 17.53
N GLY A 24 18.01 -5.11 17.56
CA GLY A 24 18.47 -4.04 16.68
C GLY A 24 17.93 -2.67 17.05
N ASP A 25 16.86 -2.26 16.39
CA ASP A 25 16.27 -0.95 16.63
C ASP A 25 14.90 -1.09 17.29
N LYS A 26 14.08 -0.05 17.17
CA LYS A 26 12.74 -0.05 17.74
C LYS A 26 11.75 0.45 16.69
N HIS A 27 12.22 0.55 15.46
CA HIS A 27 11.40 1.03 14.36
C HIS A 27 11.28 -0.04 13.29
N THR A 28 11.95 -1.17 13.49
CA THR A 28 11.91 -2.26 12.54
C THR A 28 11.71 -3.60 13.26
N LEU A 29 11.22 -4.58 12.51
CA LEU A 29 10.99 -5.90 13.04
C LEU A 29 11.98 -6.88 12.43
N SER A 30 12.79 -7.50 13.27
CA SER A 30 13.75 -8.48 12.81
C SER A 30 13.06 -9.78 12.44
N LYS A 31 13.82 -10.75 11.93
CA LYS A 31 13.26 -12.05 11.56
C LYS A 31 13.01 -12.87 12.82
N LYS A 32 13.28 -12.25 13.96
CA LYS A 32 13.08 -12.88 15.25
C LYS A 32 11.80 -12.35 15.89
N GLU A 33 11.67 -11.02 15.91
CA GLU A 33 10.50 -10.38 16.49
C GLU A 33 9.25 -10.66 15.64
N LEU A 34 9.39 -10.49 14.33
CA LEU A 34 8.28 -10.71 13.41
C LEU A 34 7.81 -12.16 13.46
N LYS A 35 8.74 -13.08 13.64
CA LYS A 35 8.43 -14.50 13.70
C LYS A 35 7.50 -14.79 14.87
N GLU A 36 7.81 -14.22 16.03
CA GLU A 36 7.00 -14.40 17.22
C GLU A 36 5.67 -13.67 17.08
N LEU A 37 5.74 -12.50 16.46
CA LEU A 37 4.56 -11.68 16.23
C LEU A 37 3.49 -12.45 15.46
N ILE A 38 3.89 -13.04 14.35
CA ILE A 38 2.97 -13.81 13.51
C ILE A 38 2.43 -15.03 14.24
N GLN A 39 3.25 -15.65 15.06
CA GLN A 39 2.85 -16.85 15.79
C GLN A 39 1.96 -16.54 16.99
N LYS A 40 1.91 -15.29 17.43
CA LYS A 40 1.10 -14.93 18.59
C LYS A 40 -0.08 -14.02 18.25
N GLU A 41 0.17 -13.00 17.45
CA GLU A 41 -0.88 -12.04 17.09
C GLU A 41 -1.78 -12.57 15.99
N LEU A 42 -1.32 -13.56 15.24
CA LEU A 42 -2.12 -14.12 14.15
C LEU A 42 -2.64 -15.50 14.55
N THR A 43 -3.92 -15.73 14.30
CA THR A 43 -4.57 -17.00 14.65
C THR A 43 -4.00 -18.18 13.87
N ILE A 44 -3.60 -17.95 12.62
CA ILE A 44 -3.05 -19.01 11.79
C ILE A 44 -1.52 -19.01 11.86
N GLY A 45 -0.97 -17.99 12.49
CA GLY A 45 0.48 -17.85 12.60
C GLY A 45 1.15 -19.02 13.30
N SER A 46 0.56 -19.47 14.40
CA SER A 46 1.13 -20.57 15.17
C SER A 46 0.78 -21.92 14.54
N LYS A 47 0.18 -21.90 13.37
CA LYS A 47 -0.20 -23.11 12.67
C LYS A 47 0.56 -23.24 11.36
N LEU A 48 1.39 -22.26 11.07
CA LEU A 48 2.17 -22.25 9.83
C LEU A 48 3.51 -22.97 10.04
N GLN A 49 4.14 -23.34 8.94
CA GLN A 49 5.42 -24.03 8.99
C GLN A 49 6.54 -23.00 9.17
N ASP A 50 7.65 -23.42 9.77
CA ASP A 50 8.77 -22.51 10.01
C ASP A 50 9.30 -21.93 8.71
N ALA A 51 9.48 -22.80 7.72
CA ALA A 51 9.97 -22.38 6.42
C ALA A 51 9.01 -21.40 5.74
N GLU A 52 7.72 -21.60 5.97
CA GLU A 52 6.70 -20.74 5.40
C GLU A 52 6.73 -19.37 6.06
N ILE A 53 6.93 -19.35 7.37
CA ILE A 53 7.00 -18.10 8.11
C ILE A 53 8.23 -17.33 7.67
N ALA A 54 9.33 -18.05 7.46
CA ALA A 54 10.58 -17.44 7.02
C ALA A 54 10.39 -16.84 5.63
N ARG A 55 9.73 -17.60 4.76
CA ARG A 55 9.45 -17.16 3.40
C ARG A 55 8.61 -15.88 3.43
N LEU A 56 7.62 -15.87 4.30
CA LEU A 56 6.73 -14.72 4.46
C LEU A 56 7.51 -13.52 4.97
N MET A 57 8.40 -13.77 5.92
CA MET A 57 9.23 -12.71 6.50
C MET A 57 10.19 -12.14 5.46
N GLU A 58 10.51 -12.95 4.46
CA GLU A 58 11.40 -12.50 3.39
C GLU A 58 10.60 -11.85 2.26
N ASP A 59 9.32 -12.17 2.19
CA ASP A 59 8.45 -11.61 1.18
C ASP A 59 8.17 -10.14 1.49
N LEU A 60 8.12 -9.84 2.79
CA LEU A 60 7.87 -8.49 3.26
C LEU A 60 9.10 -7.60 3.04
N ASP A 61 10.26 -8.23 2.87
CA ASP A 61 11.50 -7.50 2.63
C ASP A 61 11.47 -6.91 1.22
N ARG A 62 10.90 -5.71 1.11
CA ARG A 62 10.75 -5.04 -0.17
C ARG A 62 11.97 -4.21 -0.56
N ASN A 63 12.62 -3.58 0.41
CA ASN A 63 13.79 -2.77 0.11
C ASN A 63 15.06 -3.58 0.34
N LYS A 64 14.89 -4.77 0.88
CA LYS A 64 15.98 -5.72 1.16
C LYS A 64 17.01 -5.17 2.13
N ASP A 65 16.78 -5.46 3.40
CA ASP A 65 17.69 -5.05 4.47
C ASP A 65 17.47 -5.93 5.70
N GLN A 66 16.49 -6.83 5.60
CA GLN A 66 16.16 -7.79 6.66
C GLN A 66 15.54 -7.09 7.87
N GLU A 67 15.07 -5.86 7.68
CA GLU A 67 14.46 -5.09 8.75
C GLU A 67 13.05 -4.65 8.34
N VAL A 68 12.06 -5.49 8.59
CA VAL A 68 10.69 -5.17 8.23
C VAL A 68 10.16 -3.99 9.06
N ASN A 69 9.99 -2.85 8.42
CA ASN A 69 9.49 -1.67 9.11
C ASN A 69 7.98 -1.57 9.02
N PHE A 70 7.40 -0.57 9.68
CA PHE A 70 5.96 -0.37 9.70
C PHE A 70 5.35 -0.34 8.30
N GLN A 71 6.02 0.30 7.35
CA GLN A 71 5.49 0.38 5.98
C GLN A 71 5.41 -1.01 5.35
N GLU A 72 6.42 -1.84 5.61
CA GLU A 72 6.42 -3.21 5.09
C GLU A 72 5.37 -4.02 5.82
N TYR A 73 5.16 -3.68 7.08
CA TYR A 73 4.17 -4.34 7.93
C TYR A 73 2.77 -4.05 7.41
N VAL A 74 2.57 -2.84 6.89
CA VAL A 74 1.29 -2.45 6.33
C VAL A 74 0.94 -3.32 5.13
N THR A 75 1.97 -3.66 4.36
CA THR A 75 1.79 -4.52 3.19
C THR A 75 1.25 -5.88 3.61
N PHE A 76 1.73 -6.37 4.76
CA PHE A 76 1.30 -7.65 5.30
C PHE A 76 -0.17 -7.58 5.71
N LEU A 77 -0.52 -6.49 6.37
CA LEU A 77 -1.90 -6.27 6.81
C LEU A 77 -2.83 -6.18 5.61
N GLY A 78 -2.38 -5.45 4.59
CA GLY A 78 -3.18 -5.29 3.39
C GLY A 78 -3.44 -6.62 2.70
N ALA A 79 -2.45 -7.51 2.74
CA ALA A 79 -2.57 -8.83 2.13
C ALA A 79 -3.68 -9.62 2.81
N LEU A 80 -3.70 -9.57 4.14
CA LEU A 80 -4.70 -10.27 4.92
C LEU A 80 -6.09 -9.69 4.65
N ALA A 81 -6.15 -8.36 4.59
CA ALA A 81 -7.41 -7.67 4.33
C ALA A 81 -7.99 -8.08 2.98
N LEU A 82 -7.11 -8.24 1.99
CA LEU A 82 -7.54 -8.65 0.65
C LEU A 82 -8.13 -10.05 0.69
N ILE A 83 -7.46 -10.96 1.37
CA ILE A 83 -7.93 -12.35 1.49
C ILE A 83 -9.30 -12.39 2.16
N TYR A 84 -9.46 -11.61 3.22
CA TYR A 84 -10.72 -11.55 3.96
C TYR A 84 -11.85 -11.04 3.07
N ASN A 85 -11.55 -10.06 2.24
CA ASN A 85 -12.54 -9.49 1.33
C ASN A 85 -12.82 -10.42 0.16
N GLU A 86 -11.78 -11.17 -0.25
CA GLU A 86 -11.91 -12.12 -1.36
C GLU A 86 -12.90 -13.23 -1.00
N ALA A 87 -12.85 -13.66 0.25
CA ALA A 87 -13.75 -14.71 0.73
C ALA A 87 -15.19 -14.22 0.76
N LEU A 88 -15.36 -12.90 0.73
CA LEU A 88 -16.67 -12.29 0.75
C LEU A 88 -17.06 -11.77 -0.63
N LYS A 89 -16.27 -12.13 -1.64
CA LYS A 89 -16.53 -11.68 -3.01
C LYS A 89 -17.42 -12.68 -3.74
N GLY A 90 -17.01 -13.94 -3.75
CA GLY A 90 -17.78 -14.97 -4.43
C GLY A 90 -17.04 -16.29 -4.46
N ALA B 2 -10.55 -15.76 17.48
CA ALA B 2 -9.60 -15.04 16.60
C ALA B 2 -8.70 -14.13 17.42
N SER B 3 -7.46 -14.00 17.00
CA SER B 3 -6.48 -13.17 17.70
C SER B 3 -6.73 -11.68 17.42
N PRO B 4 -6.19 -10.79 18.27
CA PRO B 4 -6.36 -9.33 18.12
C PRO B 4 -6.13 -8.81 16.70
N LEU B 5 -5.05 -9.27 16.06
CA LEU B 5 -4.74 -8.84 14.71
C LEU B 5 -5.87 -9.21 13.75
N ASP B 6 -6.30 -10.47 13.82
CA ASP B 6 -7.38 -10.96 12.97
C ASP B 6 -8.68 -10.21 13.24
N GLN B 7 -8.91 -9.87 14.50
CA GLN B 7 -10.10 -9.14 14.90
C GLN B 7 -10.08 -7.73 14.31
N ALA B 8 -8.92 -7.09 14.39
CA ALA B 8 -8.76 -5.74 13.87
C ALA B 8 -8.99 -5.71 12.36
N ILE B 9 -8.43 -6.70 11.66
CA ILE B 9 -8.59 -6.80 10.22
C ILE B 9 -10.05 -7.03 9.86
N GLY B 10 -10.68 -7.98 10.55
CA GLY B 10 -12.09 -8.27 10.32
C GLY B 10 -12.96 -7.06 10.55
N LEU B 11 -12.61 -6.27 11.57
CA LEU B 11 -13.35 -5.06 11.91
C LEU B 11 -13.35 -4.08 10.74
N LEU B 12 -12.17 -3.85 10.18
CA LEU B 12 -12.02 -2.92 9.05
C LEU B 12 -12.84 -3.38 7.85
N VAL B 13 -12.77 -4.69 7.56
CA VAL B 13 -13.51 -5.25 6.44
C VAL B 13 -15.01 -5.12 6.68
N ALA B 14 -15.42 -5.30 7.93
CA ALA B 14 -16.82 -5.18 8.31
C ALA B 14 -17.29 -3.74 8.19
N ILE B 15 -16.41 -2.81 8.54
CA ILE B 15 -16.72 -1.38 8.44
C ILE B 15 -16.93 -0.98 6.98
N PHE B 16 -16.09 -1.52 6.10
CA PHE B 16 -16.20 -1.24 4.68
C PHE B 16 -17.54 -1.73 4.13
N HIS B 17 -17.83 -3.01 4.40
CA HIS B 17 -19.07 -3.61 3.92
C HIS B 17 -20.29 -3.08 4.67
N LYS B 18 -20.03 -2.29 5.70
CA LYS B 18 -21.09 -1.69 6.50
C LYS B 18 -21.76 -0.56 5.73
N TYR B 19 -21.01 0.06 4.83
CA TYR B 19 -21.54 1.16 4.04
C TYR B 19 -21.65 0.81 2.56
N SER B 20 -20.70 0.04 2.05
CA SER B 20 -20.71 -0.35 0.65
C SER B 20 -21.93 -1.23 0.34
N GLY B 21 -22.84 -0.72 -0.47
CA GLY B 21 -24.02 -1.48 -0.81
C GLY B 21 -25.27 -0.63 -0.84
N ARG B 22 -25.12 0.64 -0.51
CA ARG B 22 -26.26 1.54 -0.49
C ARG B 22 -26.50 2.13 -1.88
N GLU B 23 -25.43 2.54 -2.54
CA GLU B 23 -25.54 3.14 -3.86
C GLU B 23 -24.70 2.39 -4.90
N GLY B 24 -25.25 2.25 -6.09
CA GLY B 24 -24.58 1.59 -7.19
C GLY B 24 -24.38 0.10 -6.99
N ASP B 25 -23.23 -0.28 -6.47
CA ASP B 25 -22.90 -1.68 -6.25
C ASP B 25 -22.80 -1.97 -4.75
N LYS B 26 -22.10 -3.04 -4.41
CA LYS B 26 -21.92 -3.43 -3.02
C LYS B 26 -20.44 -3.77 -2.78
N HIS B 27 -19.62 -3.41 -3.75
CA HIS B 27 -18.19 -3.68 -3.68
C HIS B 27 -17.39 -2.38 -3.77
N THR B 28 -18.10 -1.27 -3.88
CA THR B 28 -17.46 0.02 -3.99
C THR B 28 -18.18 1.05 -3.12
N LEU B 29 -17.47 2.10 -2.74
CA LEU B 29 -18.03 3.16 -1.92
C LEU B 29 -18.18 4.42 -2.75
N SER B 30 -19.42 4.89 -2.86
CA SER B 30 -19.70 6.10 -3.60
C SER B 30 -19.27 7.33 -2.81
N LYS B 31 -19.42 8.51 -3.40
CA LYS B 31 -19.05 9.74 -2.73
C LYS B 31 -20.10 10.10 -1.68
N LYS B 32 -21.10 9.22 -1.54
CA LYS B 32 -22.16 9.41 -0.57
C LYS B 32 -21.93 8.52 0.64
N GLU B 33 -21.72 7.22 0.38
CA GLU B 33 -21.48 6.26 1.44
C GLU B 33 -20.19 6.55 2.18
N LEU B 34 -19.13 6.80 1.42
CA LEU B 34 -17.81 7.09 1.99
C LEU B 34 -17.86 8.35 2.84
N LYS B 35 -18.67 9.32 2.42
CA LYS B 35 -18.80 10.57 3.14
C LYS B 35 -19.37 10.33 4.53
N GLU B 36 -20.40 9.49 4.62
CA GLU B 36 -21.01 9.17 5.90
C GLU B 36 -20.08 8.31 6.74
N LEU B 37 -19.38 7.40 6.05
CA LEU B 37 -18.44 6.49 6.70
C LEU B 37 -17.39 7.28 7.48
N ILE B 38 -16.76 8.23 6.82
CA ILE B 38 -15.73 9.04 7.44
C ILE B 38 -16.29 9.86 8.62
N GLN B 39 -17.51 10.35 8.48
CA GLN B 39 -18.13 11.17 9.53
C GLN B 39 -18.60 10.35 10.73
N LYS B 40 -18.76 9.04 10.58
CA LYS B 40 -19.25 8.22 11.67
C LYS B 40 -18.23 7.23 12.22
N GLU B 41 -17.44 6.64 11.34
CA GLU B 41 -16.45 5.66 11.77
C GLU B 41 -15.14 6.31 12.17
N LEU B 42 -14.91 7.53 11.73
CA LEU B 42 -13.69 8.24 12.07
C LEU B 42 -13.99 9.34 13.10
N THR B 43 -13.17 9.41 14.14
CA THR B 43 -13.35 10.37 15.22
C THR B 43 -13.19 11.82 14.73
N ILE B 44 -12.31 12.05 13.77
CA ILE B 44 -12.07 13.39 13.26
C ILE B 44 -12.90 13.65 12.00
N GLY B 45 -13.53 12.61 11.48
CA GLY B 45 -14.33 12.73 10.27
C GLY B 45 -15.48 13.70 10.39
N SER B 46 -16.17 13.67 11.51
CA SER B 46 -17.31 14.56 11.74
C SER B 46 -16.87 15.98 12.08
N LYS B 47 -15.56 16.21 12.12
CA LYS B 47 -15.02 17.52 12.44
C LYS B 47 -14.33 18.13 11.22
N LEU B 48 -14.33 17.39 10.12
CA LEU B 48 -13.70 17.85 8.89
C LEU B 48 -14.68 18.68 8.06
N GLN B 49 -14.14 19.53 7.20
CA GLN B 49 -14.96 20.38 6.35
C GLN B 49 -15.53 19.56 5.19
N ASP B 50 -16.69 19.96 4.69
CA ASP B 50 -17.33 19.26 3.58
C ASP B 50 -16.40 19.19 2.38
N ALA B 51 -15.82 20.33 2.04
CA ALA B 51 -14.90 20.43 0.91
C ALA B 51 -13.65 19.58 1.16
N GLU B 52 -13.26 19.47 2.42
CA GLU B 52 -12.10 18.67 2.78
C GLU B 52 -12.40 17.19 2.61
N ILE B 53 -13.58 16.79 3.06
CA ILE B 53 -14.01 15.40 2.94
C ILE B 53 -14.11 15.04 1.46
N ALA B 54 -14.67 15.95 0.68
CA ALA B 54 -14.82 15.75 -0.76
C ALA B 54 -13.46 15.60 -1.42
N ARG B 55 -12.51 16.43 -0.98
CA ARG B 55 -11.14 16.38 -1.51
C ARG B 55 -10.52 15.02 -1.18
N LEU B 56 -10.74 14.56 0.05
CA LEU B 56 -10.22 13.28 0.51
C LEU B 56 -10.84 12.14 -0.29
N MET B 57 -12.15 12.24 -0.52
CA MET B 57 -12.87 11.22 -1.27
C MET B 57 -12.39 11.16 -2.72
N GLU B 58 -11.84 12.27 -3.20
CA GLU B 58 -11.32 12.33 -4.55
C GLU B 58 -9.86 11.91 -4.58
N ASP B 59 -9.18 12.06 -3.45
CA ASP B 59 -7.77 11.67 -3.35
C ASP B 59 -7.65 10.15 -3.40
N LEU B 60 -8.67 9.48 -2.87
CA LEU B 60 -8.70 8.03 -2.85
C LEU B 60 -9.00 7.47 -4.25
N ASP B 61 -9.56 8.30 -5.11
CA ASP B 61 -9.88 7.90 -6.48
C ASP B 61 -8.59 7.81 -7.28
N ARG B 62 -7.90 6.68 -7.16
CA ARG B 62 -6.63 6.46 -7.83
C ARG B 62 -6.80 6.04 -9.29
N ASN B 63 -7.83 5.26 -9.58
CA ASN B 63 -8.04 4.80 -10.95
C ASN B 63 -9.02 5.73 -11.68
N LYS B 64 -9.68 6.59 -10.91
CA LYS B 64 -10.63 7.59 -11.43
C LYS B 64 -11.87 6.95 -12.05
N ASP B 65 -12.86 6.71 -11.19
CA ASP B 65 -14.14 6.16 -11.63
C ASP B 65 -15.24 6.57 -10.65
N GLN B 66 -14.82 7.25 -9.57
CA GLN B 66 -15.71 7.76 -8.53
C GLN B 66 -16.30 6.65 -7.67
N GLU B 67 -15.69 5.47 -7.72
CA GLU B 67 -16.16 4.34 -6.92
C GLU B 67 -15.01 3.77 -6.10
N VAL B 68 -14.78 4.36 -4.93
CA VAL B 68 -13.70 3.91 -4.05
C VAL B 68 -13.91 2.46 -3.61
N ASN B 69 -13.06 1.55 -4.09
CA ASN B 69 -13.18 0.14 -3.73
C ASN B 69 -12.32 -0.18 -2.51
N PHE B 70 -12.42 -1.42 -2.03
CA PHE B 70 -11.67 -1.86 -0.85
C PHE B 70 -10.17 -1.56 -0.97
N GLN B 71 -9.61 -1.77 -2.16
CA GLN B 71 -8.19 -1.52 -2.36
C GLN B 71 -7.85 -0.05 -2.13
N GLU B 72 -8.71 0.85 -2.60
CA GLU B 72 -8.49 2.28 -2.40
C GLU B 72 -8.71 2.61 -0.92
N TYR B 73 -9.64 1.88 -0.32
CA TYR B 73 -9.96 2.05 1.09
C TYR B 73 -8.75 1.68 1.95
N VAL B 74 -8.02 0.66 1.51
CA VAL B 74 -6.81 0.22 2.21
C VAL B 74 -5.78 1.34 2.21
N THR B 75 -5.74 2.09 1.11
CA THR B 75 -4.81 3.21 0.98
C THR B 75 -5.14 4.27 2.04
N PHE B 76 -6.43 4.46 2.29
CA PHE B 76 -6.89 5.42 3.28
C PHE B 76 -6.46 4.99 4.67
N LEU B 77 -6.66 3.71 4.96
CA LEU B 77 -6.29 3.14 6.25
C LEU B 77 -4.78 3.24 6.47
N GLY B 78 -4.03 2.95 5.41
CA GLY B 78 -2.58 3.02 5.48
C GLY B 78 -2.10 4.42 5.80
N ALA B 79 -2.78 5.42 5.24
CA ALA B 79 -2.41 6.81 5.47
C ALA B 79 -2.57 7.17 6.95
N LEU B 80 -3.68 6.75 7.54
CA LEU B 80 -3.96 7.00 8.95
C LEU B 80 -2.93 6.31 9.83
N ALA B 81 -2.59 5.08 9.45
CA ALA B 81 -1.61 4.28 10.18
C ALA B 81 -0.25 4.98 10.20
N LEU B 82 0.13 5.54 9.05
CA LEU B 82 1.40 6.24 8.93
C LEU B 82 1.43 7.45 9.86
N ILE B 83 0.33 8.22 9.88
CA ILE B 83 0.23 9.41 10.73
C ILE B 83 0.38 9.04 12.20
N TYR B 84 -0.28 7.94 12.59
CA TYR B 84 -0.22 7.46 13.97
C TYR B 84 1.22 7.11 14.36
N ASN B 85 1.92 6.44 13.46
CA ASN B 85 3.30 6.03 13.71
C ASN B 85 4.25 7.23 13.66
N GLU B 86 3.92 8.20 12.81
CA GLU B 86 4.74 9.41 12.68
C GLU B 86 4.72 10.21 13.98
N ALA B 87 3.59 10.18 14.66
CA ALA B 87 3.43 10.90 15.92
C ALA B 87 4.24 10.22 17.02
N LEU B 88 4.53 8.94 16.81
CA LEU B 88 5.30 8.16 17.77
C LEU B 88 6.75 8.05 17.33
N LYS B 89 7.15 8.93 16.42
CA LYS B 89 8.51 8.93 15.91
C LYS B 89 9.37 10.00 16.61
N GLY B 90 8.92 11.25 16.55
CA GLY B 90 9.65 12.33 17.18
C GLY B 90 9.00 13.66 16.95
N ALA C 1 6.87 16.01 17.91
CA ALA C 1 7.73 17.17 17.57
C ALA C 1 8.75 17.43 18.67
N MET C 2 9.99 17.05 18.42
CA MET C 2 11.06 17.23 19.40
C MET C 2 12.33 17.68 18.69
N ALA C 3 13.06 18.59 19.31
CA ALA C 3 14.30 19.09 18.74
C ALA C 3 15.34 19.33 19.83
N GLN C 4 16.59 19.02 19.54
CA GLN C 4 17.67 19.19 20.49
C GLN C 4 18.26 20.59 20.37
N ASN C 5 18.26 21.34 21.47
CA ASN C 5 18.80 22.70 21.47
C ASN C 5 20.32 22.69 21.52
N ILE C 6 20.94 23.41 20.58
CA ILE C 6 22.39 23.49 20.50
C ILE C 6 22.83 24.95 20.35
N THR C 7 23.51 25.47 21.36
CA THR C 7 23.99 26.84 21.31
C THR C 7 25.28 26.94 20.51
N ALA C 8 25.38 27.97 19.68
CA ALA C 8 26.56 28.17 18.84
C ALA C 8 26.97 29.64 18.85
N ARG C 9 27.97 29.96 18.04
CA ARG C 9 28.47 31.32 17.94
C ARG C 9 28.62 31.71 16.48
N ILE C 10 28.40 32.98 16.18
CA ILE C 10 28.51 33.48 14.82
C ILE C 10 29.98 33.51 14.39
N GLY C 11 30.25 33.03 13.19
CA GLY C 11 31.61 32.99 12.68
C GLY C 11 32.39 31.85 13.30
N GLU C 12 31.68 30.89 13.85
CA GLU C 12 32.30 29.74 14.49
C GLU C 12 32.04 28.47 13.69
N PRO C 13 33.09 27.72 13.33
CA PRO C 13 32.95 26.46 12.61
C PRO C 13 32.22 25.43 13.46
N LEU C 14 31.30 24.70 12.84
CA LEU C 14 30.52 23.70 13.55
C LEU C 14 30.57 22.35 12.84
N VAL C 15 30.63 21.29 13.62
CA VAL C 15 30.67 19.93 13.09
C VAL C 15 29.46 19.14 13.61
N LEU C 16 28.48 18.94 12.73
CA LEU C 16 27.28 18.22 13.10
C LEU C 16 27.32 16.79 12.57
N LYS C 17 26.59 15.90 13.20
CA LYS C 17 26.56 14.49 12.79
C LYS C 17 25.13 14.04 12.56
N CYS C 18 24.91 13.31 11.47
CA CYS C 18 23.59 12.81 11.14
C CYS C 18 23.66 11.38 10.64
N LYS C 19 22.73 10.57 11.09
CA LYS C 19 22.67 9.16 10.69
C LYS C 19 21.54 8.96 9.69
N GLY C 20 21.43 7.74 9.16
CA GLY C 20 20.38 7.46 8.19
C GLY C 20 20.82 6.42 7.18
N ALA C 21 22.11 6.42 6.86
CA ALA C 21 22.66 5.47 5.91
C ALA C 21 22.97 4.15 6.61
N PRO C 22 22.29 3.07 6.21
CA PRO C 22 22.50 1.74 6.80
C PRO C 22 23.71 1.03 6.20
N LYS C 23 23.82 -0.27 6.49
CA LYS C 23 24.92 -1.08 5.98
C LYS C 23 24.65 -1.50 4.54
N LYS C 24 24.42 -0.52 3.68
CA LYS C 24 24.14 -0.74 2.28
C LYS C 24 24.75 0.38 1.44
N PRO C 25 24.80 0.22 0.10
CA PRO C 25 25.34 1.25 -0.80
C PRO C 25 24.67 2.61 -0.59
N PRO C 26 25.42 3.70 -0.76
CA PRO C 26 24.92 5.06 -0.59
C PRO C 26 23.64 5.33 -1.38
N GLN C 27 22.53 5.46 -0.65
CA GLN C 27 21.24 5.73 -1.24
C GLN C 27 20.99 7.24 -1.25
N ARG C 28 19.84 7.66 -1.77
CA ARG C 28 19.52 9.08 -1.82
C ARG C 28 19.18 9.61 -0.43
N LEU C 29 19.79 10.72 -0.08
CA LEU C 29 19.58 11.34 1.22
C LEU C 29 18.93 12.70 1.05
N GLU C 30 17.75 12.88 1.65
CA GLU C 30 17.04 14.14 1.55
C GLU C 30 17.37 15.02 2.76
N TRP C 31 17.31 16.33 2.58
CA TRP C 31 17.61 17.25 3.67
C TRP C 31 16.56 18.35 3.76
N LYS C 32 16.09 18.63 4.97
CA LYS C 32 15.09 19.65 5.21
C LYS C 32 15.37 20.35 6.54
N LEU C 33 14.63 21.41 6.83
CA LEU C 33 14.80 22.14 8.07
C LEU C 33 13.64 23.10 8.28
N ASN C 34 13.44 23.50 9.53
CA ASN C 34 12.37 24.42 9.87
C ASN C 34 12.97 25.75 10.31
N THR C 35 12.73 26.78 9.51
CA THR C 35 13.23 28.10 9.80
C THR C 35 12.19 29.16 9.48
N GLY C 36 12.40 30.37 9.97
CA GLY C 36 11.47 31.45 9.70
C GLY C 36 11.36 31.75 8.22
N ARG C 37 12.50 32.00 7.59
CA ARG C 37 12.53 32.29 6.16
C ARG C 37 13.11 31.11 5.39
N THR C 38 14.00 30.37 6.06
CA THR C 38 14.65 29.20 5.46
C THR C 38 15.62 29.61 4.35
N GLU C 39 16.85 29.90 4.74
CA GLU C 39 17.86 30.32 3.79
C GLU C 39 18.76 29.16 3.37
N ALA C 40 19.31 28.46 4.35
CA ALA C 40 20.21 27.34 4.07
C ALA C 40 19.43 26.05 3.84
N TRP C 41 18.83 25.92 2.67
CA TRP C 41 18.08 24.72 2.33
C TRP C 41 18.44 24.23 0.93
N LYS C 42 18.90 23.00 0.86
CA LYS C 42 19.28 22.38 -0.40
C LYS C 42 19.35 20.88 -0.20
N VAL C 43 18.64 20.14 -1.05
CA VAL C 43 18.63 18.69 -0.97
C VAL C 43 19.96 18.10 -1.44
N LEU C 44 20.48 17.17 -0.64
CA LEU C 44 21.75 16.53 -0.96
C LEU C 44 21.63 15.66 -2.21
N SER C 45 22.77 15.21 -2.71
CA SER C 45 22.79 14.36 -3.89
C SER C 45 24.00 13.43 -3.83
N PRO C 46 23.82 12.16 -4.21
CA PRO C 46 24.90 11.17 -4.20
C PRO C 46 26.03 11.56 -5.15
N GLN C 47 25.69 12.35 -6.17
CA GLN C 47 26.67 12.81 -7.14
C GLN C 47 26.32 14.23 -7.58
N GLY C 48 26.65 15.19 -6.73
CA GLY C 48 26.38 16.59 -7.03
C GLY C 48 26.50 17.45 -5.80
N GLY C 49 26.45 18.76 -5.99
CA GLY C 49 26.56 19.68 -4.88
C GLY C 49 25.46 20.72 -4.90
N GLY C 50 25.86 21.98 -5.02
CA GLY C 50 24.90 23.07 -5.05
C GLY C 50 25.41 24.31 -4.36
N PRO C 51 24.65 25.42 -4.37
CA PRO C 51 25.06 26.66 -3.71
C PRO C 51 25.26 26.50 -2.22
N TRP C 52 24.47 25.61 -1.63
CA TRP C 52 24.55 25.34 -0.20
C TRP C 52 25.78 24.49 0.12
N ASP C 53 26.25 23.73 -0.87
CA ASP C 53 27.43 22.87 -0.68
C ASP C 53 28.65 23.73 -0.41
N SER C 54 28.64 24.94 -0.98
CA SER C 54 29.72 25.88 -0.80
C SER C 54 29.69 26.48 0.61
N VAL C 55 28.55 26.31 1.27
CA VAL C 55 28.36 26.82 2.62
C VAL C 55 28.64 25.71 3.64
N ALA C 56 28.03 24.56 3.43
CA ALA C 56 28.22 23.44 4.33
C ALA C 56 28.57 22.19 3.54
N ARG C 57 29.61 21.48 3.99
CA ARG C 57 30.05 20.27 3.31
C ARG C 57 29.69 19.04 4.13
N VAL C 58 29.35 17.96 3.44
CA VAL C 58 28.97 16.71 4.11
C VAL C 58 30.07 15.67 3.93
N LEU C 59 30.63 15.24 5.05
CA LEU C 59 31.69 14.24 5.03
C LEU C 59 31.12 12.85 4.76
N PRO C 60 31.91 11.96 4.13
CA PRO C 60 31.48 10.59 3.77
C PRO C 60 31.05 9.74 4.97
N ASN C 61 31.47 10.14 6.16
CA ASN C 61 31.13 9.39 7.37
C ASN C 61 29.78 9.82 7.95
N GLY C 62 29.17 10.83 7.34
CA GLY C 62 27.88 11.31 7.81
C GLY C 62 28.00 12.46 8.77
N SER C 63 28.74 13.48 8.39
CA SER C 63 28.93 14.65 9.22
C SER C 63 28.84 15.92 8.39
N LEU C 64 28.33 16.98 9.00
CA LEU C 64 28.18 18.26 8.32
C LEU C 64 29.20 19.26 8.87
N PHE C 65 30.02 19.79 7.98
CA PHE C 65 31.04 20.75 8.37
C PHE C 65 30.66 22.15 7.92
N LEU C 66 30.49 23.04 8.88
CA LEU C 66 30.15 24.42 8.60
C LEU C 66 31.33 25.31 8.94
N PRO C 67 32.02 25.86 7.92
CA PRO C 67 33.20 26.74 8.12
C PRO C 67 32.90 27.91 9.04
N ALA C 68 31.71 28.48 8.93
CA ALA C 68 31.32 29.60 9.76
C ALA C 68 29.81 29.72 9.85
N VAL C 69 29.27 29.45 11.03
CA VAL C 69 27.83 29.55 11.24
C VAL C 69 27.43 31.02 11.40
N GLY C 70 26.37 31.42 10.73
CA GLY C 70 25.93 32.81 10.81
C GLY C 70 24.58 32.93 11.50
N ILE C 71 23.74 33.82 10.99
CA ILE C 71 22.42 34.03 11.56
C ILE C 71 21.33 33.46 10.67
N GLN C 72 21.73 32.94 9.51
CA GLN C 72 20.79 32.36 8.56
C GLN C 72 20.62 30.87 8.84
N ASP C 73 21.60 30.31 9.54
CA ASP C 73 21.61 28.90 9.88
C ASP C 73 20.89 28.68 11.22
N GLU C 74 20.30 29.74 11.74
CA GLU C 74 19.58 29.66 13.00
C GLU C 74 18.18 29.06 12.80
N GLY C 75 18.05 27.79 13.13
CA GLY C 75 16.78 27.12 12.98
C GLY C 75 16.82 25.69 13.43
N ILE C 76 15.90 24.89 12.92
CA ILE C 76 15.82 23.48 13.27
C ILE C 76 16.10 22.60 12.07
N PHE C 77 17.31 22.06 11.99
CA PHE C 77 17.69 21.18 10.89
C PHE C 77 17.04 19.82 11.05
N ARG C 78 16.75 19.14 9.94
CA ARG C 78 16.13 17.82 10.00
C ARG C 78 16.64 16.93 8.87
N CYS C 79 17.44 15.95 9.21
CA CYS C 79 17.99 15.01 8.24
C CYS C 79 16.93 13.97 7.87
N GLN C 80 16.93 13.55 6.61
CA GLN C 80 15.97 12.57 6.13
C GLN C 80 16.66 11.62 5.14
N ALA C 81 15.96 10.59 4.68
CA ALA C 81 16.54 9.64 3.74
C ALA C 81 15.47 9.05 2.83
N MET C 82 15.89 8.56 1.67
CA MET C 82 14.98 7.98 0.70
C MET C 82 15.29 6.50 0.52
N ASN C 83 14.25 5.68 0.46
CA ASN C 83 14.42 4.24 0.30
C ASN C 83 13.51 3.71 -0.78
N ARG C 84 13.69 2.42 -1.13
CA ARG C 84 12.88 1.78 -2.17
C ARG C 84 11.40 1.76 -1.79
N ASN C 85 11.13 1.49 -0.51
CA ASN C 85 9.74 1.44 -0.04
C ASN C 85 9.41 2.69 0.78
N GLY C 86 10.07 2.82 1.93
CA GLY C 86 9.83 3.97 2.78
C GLY C 86 10.51 3.83 4.12
N LYS C 87 11.75 4.31 4.20
CA LYS C 87 12.53 4.25 5.43
C LYS C 87 13.37 5.53 5.57
N GLU C 88 13.02 6.34 6.55
CA GLU C 88 13.73 7.59 6.80
C GLU C 88 13.95 7.81 8.29
N THR C 89 14.76 8.80 8.61
CA THR C 89 15.04 9.14 10.00
C THR C 89 14.55 10.55 10.29
N LYS C 90 14.34 10.87 11.57
CA LYS C 90 13.86 12.19 11.94
C LYS C 90 14.74 12.81 13.02
N SER C 91 15.81 13.47 12.58
CA SER C 91 16.73 14.13 13.50
C SER C 91 16.53 15.64 13.45
N ASN C 92 16.02 16.21 14.52
CA ASN C 92 15.77 17.65 14.57
C ASN C 92 16.74 18.36 15.51
N TYR C 93 17.53 19.27 14.96
CA TYR C 93 18.50 20.02 15.73
C TYR C 93 18.15 21.50 15.74
N ARG C 94 17.98 22.07 16.92
CA ARG C 94 17.64 23.48 17.06
C ARG C 94 18.88 24.28 17.42
N VAL C 95 19.39 25.05 16.48
CA VAL C 95 20.59 25.85 16.71
C VAL C 95 20.22 27.29 17.05
N ARG C 96 21.01 27.90 17.93
CA ARG C 96 20.81 29.29 18.35
C ARG C 96 22.15 29.89 18.78
N VAL C 97 22.48 31.05 18.25
CA VAL C 97 23.75 31.71 18.59
C VAL C 97 23.57 32.66 19.77
N TYR C 98 24.70 33.14 20.30
CA TYR C 98 24.70 34.05 21.45
C TYR C 98 24.46 35.51 21.03
N GLN C 99 24.54 35.78 19.74
CA GLN C 99 24.33 37.13 19.24
C GLN C 99 23.32 37.11 18.10
N ILE C 100 22.07 37.40 18.42
CA ILE C 100 21.00 37.39 17.44
C ILE C 100 20.54 38.81 17.10
N PRO C 101 20.25 39.07 15.82
CA PRO C 101 19.82 40.37 15.35
C PRO C 101 18.33 40.63 15.61
N ALA D 1 -15.59 -19.12 -3.28
CA ALA D 1 -15.54 -19.92 -4.54
C ALA D 1 -16.95 -20.22 -5.02
N MET D 2 -17.29 -19.68 -6.18
CA MET D 2 -18.61 -19.90 -6.78
C MET D 2 -18.50 -19.85 -8.30
N ALA D 3 -19.30 -20.64 -8.99
CA ALA D 3 -19.30 -20.68 -10.43
C ALA D 3 -20.68 -21.03 -10.97
N GLN D 4 -21.07 -20.39 -12.07
CA GLN D 4 -22.37 -20.66 -12.67
C GLN D 4 -22.27 -21.82 -13.65
N ASN D 5 -23.10 -22.83 -13.45
CA ASN D 5 -23.10 -24.01 -14.30
C ASN D 5 -23.86 -23.75 -15.60
N ILE D 6 -23.22 -24.04 -16.72
CA ILE D 6 -23.81 -23.85 -18.03
C ILE D 6 -23.60 -25.09 -18.88
N THR D 7 -24.68 -25.74 -19.28
CA THR D 7 -24.60 -26.94 -20.09
C THR D 7 -24.65 -26.60 -21.58
N ALA D 8 -23.66 -27.08 -22.32
CA ALA D 8 -23.57 -26.82 -23.75
C ALA D 8 -23.44 -28.11 -24.55
N ARG D 9 -23.17 -27.99 -25.83
CA ARG D 9 -23.03 -29.14 -26.72
C ARG D 9 -21.76 -29.02 -27.57
N ILE D 10 -21.15 -30.16 -27.88
CA ILE D 10 -19.94 -30.18 -28.69
C ILE D 10 -20.26 -29.82 -30.15
N GLY D 11 -19.53 -28.85 -30.68
CA GLY D 11 -19.73 -28.41 -32.04
C GLY D 11 -20.84 -27.39 -32.14
N GLU D 12 -21.24 -26.86 -30.99
CA GLU D 12 -22.31 -25.88 -30.92
C GLU D 12 -21.74 -24.49 -30.64
N PRO D 13 -22.13 -23.48 -31.42
CA PRO D 13 -21.69 -22.10 -31.21
C PRO D 13 -22.21 -21.56 -29.88
N LEU D 14 -21.37 -20.83 -29.16
CA LEU D 14 -21.77 -20.28 -27.88
C LEU D 14 -21.44 -18.80 -27.79
N VAL D 15 -22.36 -18.04 -27.21
CA VAL D 15 -22.17 -16.60 -27.04
C VAL D 15 -22.20 -16.26 -25.55
N LEU D 16 -21.04 -15.98 -24.99
CA LEU D 16 -20.93 -15.64 -23.57
C LEU D 16 -20.78 -14.15 -23.38
N LYS D 17 -21.14 -13.66 -22.20
CA LYS D 17 -21.03 -12.25 -21.88
C LYS D 17 -20.20 -12.06 -20.62
N CYS D 18 -19.36 -11.02 -20.61
CA CYS D 18 -18.52 -10.73 -19.46
C CYS D 18 -18.35 -9.23 -19.29
N LYS D 19 -18.53 -8.76 -18.07
CA LYS D 19 -18.38 -7.35 -17.77
C LYS D 19 -17.03 -7.08 -17.13
N GLY D 20 -16.75 -5.82 -16.84
CA GLY D 20 -15.49 -5.45 -16.25
C GLY D 20 -15.04 -4.06 -16.67
N ALA D 21 -15.42 -3.69 -17.88
CA ALA D 21 -15.08 -2.38 -18.42
C ALA D 21 -16.08 -1.33 -17.94
N PRO D 22 -15.60 -0.30 -17.22
CA PRO D 22 -16.45 0.77 -16.71
C PRO D 22 -16.72 1.84 -17.78
N LYS D 23 -17.21 2.99 -17.34
CA LYS D 23 -17.51 4.09 -18.25
C LYS D 23 -16.25 4.91 -18.52
N LYS D 24 -15.21 4.21 -18.96
CA LYS D 24 -13.92 4.83 -19.25
C LYS D 24 -13.30 4.15 -20.45
N PRO D 25 -12.23 4.75 -21.03
CA PRO D 25 -11.53 4.16 -22.18
C PRO D 25 -11.12 2.71 -21.91
N PRO D 26 -11.20 1.85 -22.93
CA PRO D 26 -10.83 0.44 -22.80
C PRO D 26 -9.42 0.23 -22.23
N GLN D 27 -9.37 -0.28 -21.01
CA GLN D 27 -8.11 -0.55 -20.34
C GLN D 27 -7.66 -1.98 -20.63
N ARG D 28 -6.69 -2.48 -19.90
CA ARG D 28 -6.20 -3.85 -20.12
C ARG D 28 -7.11 -4.85 -19.44
N LEU D 29 -7.53 -5.86 -20.20
CA LEU D 29 -8.40 -6.90 -19.68
C LEU D 29 -7.66 -8.22 -19.62
N GLU D 30 -7.61 -8.82 -18.45
CA GLU D 30 -6.94 -10.10 -18.26
C GLU D 30 -7.94 -11.24 -18.33
N TRP D 31 -7.48 -12.42 -18.73
CA TRP D 31 -8.37 -13.57 -18.83
C TRP D 31 -7.72 -14.82 -18.25
N LYS D 32 -8.48 -15.55 -17.46
CA LYS D 32 -8.00 -16.77 -16.83
C LYS D 32 -9.13 -17.80 -16.74
N LEU D 33 -8.81 -18.99 -16.28
CA LEU D 33 -9.81 -20.05 -16.13
C LEU D 33 -9.25 -21.20 -15.31
N ASN D 34 -10.14 -22.07 -14.86
CA ASN D 34 -9.76 -23.23 -14.07
C ASN D 34 -10.12 -24.50 -14.83
N THR D 35 -9.11 -25.20 -15.29
CA THR D 35 -9.31 -26.43 -16.05
C THR D 35 -8.30 -27.49 -15.64
N GLY D 36 -8.58 -28.74 -16.02
CA GLY D 36 -7.66 -29.83 -15.69
C GLY D 36 -6.29 -29.63 -16.30
N ARG D 37 -6.26 -29.49 -17.63
CA ARG D 37 -4.99 -29.28 -18.32
C ARG D 37 -4.88 -27.84 -18.80
N THR D 38 -6.03 -27.18 -18.97
CA THR D 38 -6.07 -25.79 -19.42
C THR D 38 -5.52 -25.64 -20.84
N GLU D 39 -6.40 -25.80 -21.82
CA GLU D 39 -6.01 -25.69 -23.22
C GLU D 39 -6.28 -24.30 -23.76
N ALA D 40 -7.53 -23.87 -23.69
CA ALA D 40 -7.92 -22.56 -24.19
C ALA D 40 -7.61 -21.45 -23.20
N TRP D 41 -6.37 -21.00 -23.19
CA TRP D 41 -5.96 -19.93 -22.28
C TRP D 41 -5.06 -18.94 -23.00
N LYS D 42 -5.44 -17.67 -22.97
CA LYS D 42 -4.68 -16.62 -23.61
C LYS D 42 -5.17 -15.27 -23.09
N VAL D 43 -4.25 -14.44 -22.63
CA VAL D 43 -4.60 -13.14 -22.10
C VAL D 43 -4.98 -12.20 -23.23
N LEU D 44 -6.11 -11.53 -23.08
CA LEU D 44 -6.59 -10.60 -24.09
C LEU D 44 -5.63 -9.43 -24.23
N SER D 45 -5.79 -8.69 -25.31
CA SER D 45 -4.94 -7.54 -25.58
C SER D 45 -5.76 -6.44 -26.24
N PRO D 46 -5.55 -5.18 -25.84
CA PRO D 46 -6.26 -4.04 -26.42
C PRO D 46 -5.96 -3.91 -27.91
N GLN D 47 -4.78 -4.36 -28.29
CA GLN D 47 -4.34 -4.34 -29.67
C GLN D 47 -3.50 -5.59 -29.96
N GLY D 48 -4.18 -6.70 -30.21
CA GLY D 48 -3.49 -7.94 -30.49
C GLY D 48 -4.37 -9.14 -30.22
N GLY D 49 -4.21 -10.19 -31.01
CA GLY D 49 -5.02 -11.38 -30.84
C GLY D 49 -4.24 -12.53 -30.25
N GLY D 50 -4.00 -13.57 -31.05
CA GLY D 50 -3.28 -14.72 -30.60
C GLY D 50 -3.87 -16.02 -31.13
N PRO D 51 -3.29 -17.17 -30.78
CA PRO D 51 -3.79 -18.48 -31.25
C PRO D 51 -5.19 -18.78 -30.75
N TRP D 52 -5.51 -18.25 -29.58
CA TRP D 52 -6.83 -18.46 -28.98
C TRP D 52 -7.86 -17.56 -29.64
N ASP D 53 -7.41 -16.44 -30.19
CA ASP D 53 -8.31 -15.49 -30.87
C ASP D 53 -8.95 -16.14 -32.09
N SER D 54 -8.24 -17.11 -32.65
CA SER D 54 -8.72 -17.84 -33.82
C SER D 54 -9.76 -18.88 -33.39
N VAL D 55 -9.89 -19.09 -32.09
CA VAL D 55 -10.84 -20.04 -31.55
C VAL D 55 -12.05 -19.30 -30.97
N ALA D 56 -11.78 -18.27 -30.17
CA ALA D 56 -12.83 -17.48 -29.56
C ALA D 56 -12.58 -16.00 -29.81
N ARG D 57 -13.57 -15.32 -30.34
CA ARG D 57 -13.45 -13.89 -30.64
C ARG D 57 -14.23 -13.07 -29.61
N VAL D 58 -13.66 -11.94 -29.22
CA VAL D 58 -14.29 -11.07 -28.24
C VAL D 58 -14.86 -9.83 -28.93
N LEU D 59 -16.16 -9.65 -28.77
CA LEU D 59 -16.84 -8.51 -29.37
C LEU D 59 -16.62 -7.26 -28.52
N PRO D 60 -16.59 -6.07 -29.17
CA PRO D 60 -16.35 -4.78 -28.47
C PRO D 60 -17.40 -4.48 -27.39
N ASN D 61 -18.54 -5.13 -27.46
CA ASN D 61 -19.60 -4.91 -26.48
C ASN D 61 -19.35 -5.68 -25.20
N GLY D 62 -18.37 -6.57 -25.22
CA GLY D 62 -18.07 -7.35 -24.05
C GLY D 62 -18.72 -8.73 -24.10
N SER D 63 -18.49 -9.44 -25.18
CA SER D 63 -19.05 -10.76 -25.36
C SER D 63 -18.05 -11.68 -26.04
N LEU D 64 -18.14 -12.97 -25.73
CA LEU D 64 -17.24 -13.96 -26.29
C LEU D 64 -18.00 -14.85 -27.28
N PHE D 65 -17.52 -14.91 -28.50
CA PHE D 65 -18.17 -15.72 -29.52
C PHE D 65 -17.33 -16.95 -29.84
N LEU D 66 -17.89 -18.11 -29.52
CA LEU D 66 -17.22 -19.38 -29.79
C LEU D 66 -17.93 -20.10 -30.94
N PRO D 67 -17.30 -20.16 -32.13
CA PRO D 67 -17.88 -20.81 -33.31
C PRO D 67 -18.30 -22.25 -33.05
N ALA D 68 -17.48 -22.98 -32.29
CA ALA D 68 -17.79 -24.36 -31.98
C ALA D 68 -17.10 -24.79 -30.70
N VAL D 69 -17.88 -25.03 -29.65
CA VAL D 69 -17.34 -25.46 -28.37
C VAL D 69 -17.01 -26.95 -28.42
N GLY D 70 -15.82 -27.31 -27.93
CA GLY D 70 -15.43 -28.70 -27.94
C GLY D 70 -15.33 -29.28 -26.55
N ILE D 71 -14.34 -30.14 -26.34
CA ILE D 71 -14.13 -30.77 -25.04
C ILE D 71 -12.93 -30.15 -24.33
N GLN D 72 -12.27 -29.22 -25.02
CA GLN D 72 -11.10 -28.56 -24.46
C GLN D 72 -11.53 -27.30 -23.71
N ASP D 73 -12.73 -26.83 -24.02
CA ASP D 73 -13.28 -25.64 -23.39
C ASP D 73 -14.10 -26.00 -22.15
N GLU D 74 -14.07 -27.28 -21.80
CA GLU D 74 -14.80 -27.75 -20.63
C GLU D 74 -14.10 -27.39 -19.34
N GLY D 75 -14.50 -26.28 -18.74
CA GLY D 75 -13.89 -25.85 -17.50
C GLY D 75 -14.61 -24.66 -16.90
N ILE D 76 -13.91 -23.95 -16.02
CA ILE D 76 -14.47 -22.78 -15.37
C ILE D 76 -13.75 -21.51 -15.82
N PHE D 77 -14.37 -20.77 -16.72
CA PHE D 77 -13.80 -19.53 -17.23
C PHE D 77 -13.90 -18.45 -16.16
N ARG D 78 -12.92 -17.55 -16.15
CA ARG D 78 -12.91 -16.46 -15.18
C ARG D 78 -12.38 -15.17 -15.81
N CYS D 79 -13.28 -14.21 -16.00
CA CYS D 79 -12.91 -12.93 -16.57
C CYS D 79 -12.26 -12.05 -15.49
N GLN D 80 -11.30 -11.22 -15.90
CA GLN D 80 -10.59 -10.34 -14.98
C GLN D 80 -10.28 -9.02 -15.69
N ALA D 81 -9.72 -8.06 -14.95
CA ALA D 81 -9.39 -6.76 -15.53
C ALA D 81 -8.23 -6.12 -14.80
N MET D 82 -7.51 -5.25 -15.50
CA MET D 82 -6.38 -4.54 -14.92
C MET D 82 -6.73 -3.08 -14.72
N ASN D 83 -6.23 -2.48 -13.65
CA ASN D 83 -6.50 -1.09 -13.36
C ASN D 83 -5.26 -0.40 -12.82
N ARG D 84 -5.33 0.91 -12.65
CA ARG D 84 -4.20 1.68 -12.14
C ARG D 84 -3.83 1.25 -10.73
N ASN D 85 -4.82 1.17 -9.85
CA ASN D 85 -4.59 0.76 -8.47
C ASN D 85 -4.82 -0.73 -8.34
N GLY D 86 -6.05 -1.16 -8.53
CA GLY D 86 -6.38 -2.56 -8.44
C GLY D 86 -7.87 -2.80 -8.37
N LYS D 87 -8.49 -2.94 -9.52
CA LYS D 87 -9.93 -3.18 -9.61
C LYS D 87 -10.20 -4.26 -10.64
N GLU D 88 -10.69 -5.40 -10.17
CA GLU D 88 -10.98 -6.52 -11.05
C GLU D 88 -12.32 -7.15 -10.69
N THR D 89 -12.84 -7.96 -11.59
CA THR D 89 -14.09 -8.65 -11.38
C THR D 89 -13.82 -10.15 -11.29
N LYS D 90 -14.75 -10.90 -10.74
CA LYS D 90 -14.56 -12.34 -10.58
C LYS D 90 -15.77 -13.12 -11.11
N SER D 91 -15.83 -13.25 -12.41
CA SER D 91 -16.92 -13.98 -13.06
C SER D 91 -16.48 -15.39 -13.42
N ASN D 92 -17.00 -16.37 -12.69
CA ASN D 92 -16.65 -17.77 -12.93
C ASN D 92 -17.80 -18.51 -13.61
N TYR D 93 -17.52 -19.09 -14.78
CA TYR D 93 -18.53 -19.83 -15.53
C TYR D 93 -18.08 -21.27 -15.73
N ARG D 94 -18.88 -22.22 -15.26
CA ARG D 94 -18.56 -23.63 -15.40
C ARG D 94 -19.33 -24.23 -16.56
N VAL D 95 -18.61 -24.58 -17.61
CA VAL D 95 -19.23 -25.16 -18.80
C VAL D 95 -19.07 -26.68 -18.80
N ARG D 96 -20.07 -27.36 -19.31
CA ARG D 96 -20.07 -28.82 -19.41
C ARG D 96 -20.94 -29.25 -20.58
N VAL D 97 -20.42 -30.13 -21.42
CA VAL D 97 -21.18 -30.60 -22.58
C VAL D 97 -21.93 -31.90 -22.24
N TYR D 98 -22.83 -32.30 -23.15
CA TYR D 98 -23.64 -33.51 -22.93
C TYR D 98 -22.88 -34.77 -23.36
N GLN D 99 -21.80 -34.60 -24.10
CA GLN D 99 -21.00 -35.73 -24.55
C GLN D 99 -19.56 -35.55 -24.13
N ILE D 100 -19.19 -36.21 -23.04
CA ILE D 100 -17.84 -36.12 -22.51
C ILE D 100 -17.08 -37.43 -22.67
N PRO D 101 -15.76 -37.35 -22.89
CA PRO D 101 -14.92 -38.53 -23.04
C PRO D 101 -14.44 -39.05 -21.69
N ALA A 2 -11.78 7.42 21.46
CA ALA A 2 -11.67 7.55 19.99
C ALA A 2 -12.72 6.69 19.30
N SER A 3 -12.99 6.99 18.04
CA SER A 3 -13.96 6.23 17.27
C SER A 3 -13.41 4.85 16.92
N PRO A 4 -14.30 3.88 16.59
CA PRO A 4 -13.92 2.51 16.23
C PRO A 4 -12.75 2.41 15.25
N LEU A 5 -12.80 3.20 14.19
CA LEU A 5 -11.75 3.19 13.17
C LEU A 5 -10.41 3.60 13.78
N ASP A 6 -10.40 4.70 14.52
CA ASP A 6 -9.18 5.20 15.15
C ASP A 6 -8.61 4.18 16.14
N GLN A 7 -9.50 3.50 16.84
CA GLN A 7 -9.10 2.50 17.82
C GLN A 7 -8.48 1.29 17.14
N ALA A 8 -9.09 0.85 16.04
CA ALA A 8 -8.58 -0.30 15.30
C ALA A 8 -7.18 -0.02 14.77
N ILE A 9 -7.00 1.16 14.19
CA ILE A 9 -5.71 1.57 13.66
C ILE A 9 -4.69 1.69 14.78
N GLY A 10 -5.09 2.33 15.89
CA GLY A 10 -4.22 2.51 17.03
C GLY A 10 -3.72 1.19 17.58
N LEU A 11 -4.60 0.19 17.64
CA LEU A 11 -4.24 -1.12 18.15
C LEU A 11 -3.16 -1.76 17.28
N LEU A 12 -3.32 -1.64 15.97
CA LEU A 12 -2.36 -2.21 15.03
C LEU A 12 -0.98 -1.59 15.22
N VAL A 13 -0.94 -0.26 15.37
CA VAL A 13 0.31 0.44 15.57
C VAL A 13 0.94 0.03 16.91
N ALA A 14 0.09 -0.20 17.90
CA ALA A 14 0.53 -0.60 19.22
C ALA A 14 1.13 -2.00 19.16
N ILE A 15 0.56 -2.85 18.32
CA ILE A 15 1.04 -4.22 18.15
C ILE A 15 2.42 -4.20 17.49
N PHE A 16 2.59 -3.33 16.51
CA PHE A 16 3.86 -3.21 15.81
C PHE A 16 4.97 -2.81 16.78
N HIS A 17 4.68 -1.82 17.62
CA HIS A 17 5.66 -1.34 18.59
C HIS A 17 5.69 -2.20 19.85
N LYS A 18 4.91 -3.26 19.84
CA LYS A 18 4.86 -4.17 20.98
C LYS A 18 6.05 -5.13 20.92
N TYR A 19 6.56 -5.36 19.73
CA TYR A 19 7.70 -6.24 19.54
C TYR A 19 8.93 -5.50 19.01
N SER A 20 8.69 -4.38 18.34
CA SER A 20 9.78 -3.58 17.78
C SER A 20 10.62 -2.95 18.88
N GLY A 21 11.87 -3.36 18.99
CA GLY A 21 12.73 -2.78 20.01
C GLY A 21 13.19 -3.78 21.04
N ARG A 22 12.97 -5.06 20.79
CA ARG A 22 13.40 -6.09 21.72
C ARG A 22 14.92 -6.17 21.75
N GLU A 23 15.50 -6.35 20.59
CA GLU A 23 16.95 -6.44 20.47
C GLU A 23 17.43 -5.49 19.37
N GLY A 24 16.60 -5.30 18.37
CA GLY A 24 16.95 -4.41 17.28
C GLY A 24 16.53 -2.99 17.57
N ASP A 25 16.25 -2.24 16.51
CA ASP A 25 15.83 -0.86 16.65
C ASP A 25 14.33 -0.80 16.92
N LYS A 26 13.90 0.23 17.63
CA LYS A 26 12.48 0.38 17.98
C LYS A 26 11.64 0.82 16.77
N HIS A 27 12.25 0.85 15.59
CA HIS A 27 11.54 1.26 14.39
C HIS A 27 11.48 0.14 13.35
N THR A 28 12.16 -0.97 13.62
CA THR A 28 12.18 -2.08 12.68
C THR A 28 12.09 -3.43 13.39
N LEU A 29 11.39 -4.37 12.75
CA LEU A 29 11.21 -5.70 13.30
C LEU A 29 12.13 -6.70 12.62
N SER A 30 12.90 -7.44 13.41
CA SER A 30 13.79 -8.44 12.87
C SER A 30 13.03 -9.75 12.58
N LYS A 31 13.72 -10.73 12.01
CA LYS A 31 13.09 -12.01 11.67
C LYS A 31 12.75 -12.81 12.92
N LYS A 32 13.24 -12.36 14.06
CA LYS A 32 12.97 -13.02 15.32
C LYS A 32 11.77 -12.38 16.01
N GLU A 33 11.79 -11.06 16.07
CA GLU A 33 10.71 -10.31 16.70
C GLU A 33 9.40 -10.47 15.92
N LEU A 34 9.49 -10.36 14.59
CA LEU A 34 8.32 -10.48 13.73
C LEU A 34 7.76 -11.90 13.74
N LYS A 35 8.66 -12.89 13.82
CA LYS A 35 8.26 -14.29 13.83
C LYS A 35 7.34 -14.57 15.01
N GLU A 36 7.70 -14.05 16.17
CA GLU A 36 6.90 -14.24 17.37
C GLU A 36 5.61 -13.45 17.29
N LEU A 37 5.68 -12.28 16.66
CA LEU A 37 4.52 -11.42 16.50
C LEU A 37 3.42 -12.14 15.74
N ILE A 38 3.79 -12.73 14.60
CA ILE A 38 2.84 -13.46 13.77
C ILE A 38 2.28 -14.68 14.49
N GLN A 39 3.11 -15.34 15.29
CA GLN A 39 2.68 -16.53 16.00
C GLN A 39 1.94 -16.22 17.30
N LYS A 40 1.77 -14.95 17.63
CA LYS A 40 1.07 -14.58 18.86
C LYS A 40 -0.10 -13.64 18.61
N GLU A 41 0.09 -12.62 17.79
CA GLU A 41 -0.96 -11.66 17.51
C GLU A 41 -1.92 -12.16 16.43
N LEU A 42 -1.48 -13.14 15.67
CA LEU A 42 -2.30 -13.71 14.61
C LEU A 42 -2.82 -15.08 15.03
N THR A 43 -4.10 -15.35 14.74
CA THR A 43 -4.71 -16.62 15.11
C THR A 43 -4.13 -17.78 14.33
N ILE A 44 -3.99 -17.62 13.02
CA ILE A 44 -3.45 -18.69 12.18
C ILE A 44 -1.92 -18.69 12.22
N GLY A 45 -1.36 -17.66 12.82
CA GLY A 45 0.09 -17.53 12.92
C GLY A 45 0.71 -18.68 13.71
N SER A 46 0.02 -19.08 14.77
CA SER A 46 0.49 -20.16 15.63
C SER A 46 0.27 -21.53 14.96
N LYS A 47 -0.29 -21.51 13.76
CA LYS A 47 -0.56 -22.73 13.01
C LYS A 47 0.15 -22.71 11.67
N LEU A 48 1.04 -21.75 11.47
CA LEU A 48 1.78 -21.63 10.22
C LEU A 48 3.09 -22.38 10.32
N GLN A 49 3.50 -23.00 9.23
CA GLN A 49 4.76 -23.74 9.19
C GLN A 49 5.93 -22.78 9.37
N ASP A 50 6.99 -23.25 10.01
CA ASP A 50 8.17 -22.41 10.24
C ASP A 50 8.70 -21.84 8.94
N ALA A 51 8.80 -22.69 7.92
CA ALA A 51 9.30 -22.27 6.61
C ALA A 51 8.35 -21.26 5.97
N GLU A 52 7.05 -21.43 6.19
CA GLU A 52 6.06 -20.51 5.64
C GLU A 52 6.25 -19.12 6.22
N ILE A 53 6.50 -19.07 7.53
CA ILE A 53 6.72 -17.80 8.20
C ILE A 53 8.01 -17.16 7.70
N ALA A 54 9.03 -17.98 7.51
CA ALA A 54 10.31 -17.50 7.00
C ALA A 54 10.14 -16.93 5.60
N ARG A 55 9.38 -17.62 4.77
CA ARG A 55 9.11 -17.19 3.41
C ARG A 55 8.34 -15.88 3.41
N LEU A 56 7.33 -15.81 4.27
CA LEU A 56 6.50 -14.61 4.39
C LEU A 56 7.32 -13.42 4.89
N MET A 57 8.13 -13.66 5.92
CA MET A 57 8.98 -12.61 6.50
C MET A 57 10.00 -12.12 5.48
N GLU A 58 10.34 -12.97 4.53
CA GLU A 58 11.29 -12.61 3.49
C GLU A 58 10.60 -11.91 2.34
N ASP A 59 9.32 -12.21 2.16
CA ASP A 59 8.52 -11.60 1.11
C ASP A 59 8.30 -10.14 1.43
N LEU A 60 8.18 -9.85 2.72
CA LEU A 60 7.98 -8.49 3.19
C LEU A 60 9.26 -7.66 3.03
N ASP A 61 10.39 -8.35 2.93
CA ASP A 61 11.68 -7.70 2.75
C ASP A 61 11.81 -7.19 1.32
N ARG A 62 11.07 -6.14 1.02
CA ARG A 62 11.04 -5.55 -0.31
C ARG A 62 12.32 -4.79 -0.63
N ASN A 63 12.84 -4.05 0.33
CA ASN A 63 14.07 -3.29 0.10
C ASN A 63 15.30 -4.13 0.47
N LYS A 64 15.05 -5.31 1.01
CA LYS A 64 16.09 -6.29 1.38
C LYS A 64 17.14 -5.75 2.35
N ASP A 65 16.85 -5.87 3.64
CA ASP A 65 17.77 -5.46 4.69
C ASP A 65 17.52 -6.26 5.96
N GLN A 66 16.54 -7.15 5.89
CA GLN A 66 16.17 -8.05 7.00
C GLN A 66 15.55 -7.31 8.18
N GLU A 67 15.18 -6.06 7.98
CA GLU A 67 14.56 -5.27 9.04
C GLU A 67 13.21 -4.74 8.58
N VAL A 68 12.17 -5.53 8.82
CA VAL A 68 10.81 -5.15 8.43
C VAL A 68 10.35 -3.91 9.18
N ASN A 69 10.15 -2.82 8.46
CA ASN A 69 9.70 -1.57 9.06
C ASN A 69 8.18 -1.47 8.98
N PHE A 70 7.63 -0.38 9.53
CA PHE A 70 6.19 -0.17 9.53
C PHE A 70 5.59 -0.20 8.13
N GLN A 71 6.27 0.43 7.17
CA GLN A 71 5.78 0.45 5.79
C GLN A 71 5.63 -0.97 5.24
N GLU A 72 6.57 -1.83 5.61
CA GLU A 72 6.53 -3.23 5.18
C GLU A 72 5.40 -3.94 5.93
N TYR A 73 5.24 -3.56 7.19
CA TYR A 73 4.19 -4.12 8.04
C TYR A 73 2.80 -3.77 7.49
N VAL A 74 2.68 -2.55 6.96
CA VAL A 74 1.43 -2.08 6.39
C VAL A 74 1.01 -2.96 5.22
N THR A 75 2.01 -3.44 4.49
CA THR A 75 1.77 -4.32 3.35
C THR A 75 1.15 -5.64 3.82
N PHE A 76 1.56 -6.08 4.99
CA PHE A 76 1.04 -7.32 5.58
C PHE A 76 -0.40 -7.11 6.04
N LEU A 77 -0.66 -5.96 6.65
CA LEU A 77 -1.99 -5.61 7.13
C LEU A 77 -2.97 -5.55 5.96
N GLY A 78 -2.53 -4.92 4.87
CA GLY A 78 -3.37 -4.80 3.70
C GLY A 78 -3.73 -6.15 3.11
N ALA A 79 -2.75 -7.06 3.10
CA ALA A 79 -2.97 -8.40 2.58
C ALA A 79 -4.05 -9.12 3.38
N LEU A 80 -3.99 -8.98 4.70
CA LEU A 80 -4.97 -9.61 5.58
C LEU A 80 -6.36 -9.06 5.31
N ALA A 81 -6.43 -7.74 5.13
CA ALA A 81 -7.69 -7.07 4.85
C ALA A 81 -8.32 -7.58 3.56
N LEU A 82 -7.48 -7.76 2.54
CA LEU A 82 -7.94 -8.25 1.25
C LEU A 82 -8.56 -9.63 1.38
N ILE A 83 -7.92 -10.50 2.14
CA ILE A 83 -8.40 -11.87 2.34
C ILE A 83 -9.78 -11.86 2.99
N TYR A 84 -9.96 -10.98 3.97
CA TYR A 84 -11.24 -10.88 4.67
C TYR A 84 -12.33 -10.36 3.74
N ASN A 85 -11.95 -9.51 2.79
CA ASN A 85 -12.91 -8.96 1.84
C ASN A 85 -13.27 -10.02 0.80
N GLU A 86 -12.29 -10.84 0.43
CA GLU A 86 -12.52 -11.92 -0.54
C GLU A 86 -13.54 -12.91 0.01
N ALA A 87 -13.54 -13.08 1.32
CA ALA A 87 -14.47 -13.98 1.99
C ALA A 87 -15.88 -13.42 1.97
N LEU A 88 -15.98 -12.10 1.84
CA LEU A 88 -17.28 -11.45 1.80
C LEU A 88 -17.63 -11.01 0.38
N LYS A 89 -16.87 -11.50 -0.60
CA LYS A 89 -17.11 -11.17 -2.00
C LYS A 89 -18.13 -12.11 -2.61
N GLY A 90 -18.08 -13.38 -2.24
CA GLY A 90 -19.01 -14.35 -2.77
C GLY A 90 -18.30 -15.53 -3.41
N ALA B 2 -11.15 -14.67 17.85
CA ALA B 2 -9.96 -14.38 17.01
C ALA B 2 -8.98 -13.53 17.78
N SER B 3 -7.72 -13.56 17.37
CA SER B 3 -6.68 -12.78 18.02
C SER B 3 -6.87 -11.28 17.76
N PRO B 4 -6.28 -10.41 18.60
CA PRO B 4 -6.40 -8.94 18.48
C PRO B 4 -6.19 -8.42 17.06
N LEU B 5 -5.15 -8.92 16.38
CA LEU B 5 -4.85 -8.49 15.03
C LEU B 5 -6.00 -8.81 14.08
N ASP B 6 -6.49 -10.05 14.16
CA ASP B 6 -7.58 -10.50 13.31
C ASP B 6 -8.86 -9.71 13.59
N GLN B 7 -9.12 -9.46 14.87
CA GLN B 7 -10.31 -8.71 15.27
C GLN B 7 -10.26 -7.29 14.75
N ALA B 8 -9.08 -6.67 14.80
CA ALA B 8 -8.90 -5.31 14.32
C ALA B 8 -9.15 -5.23 12.81
N ILE B 9 -8.56 -6.18 12.09
CA ILE B 9 -8.72 -6.23 10.64
C ILE B 9 -10.19 -6.48 10.29
N GLY B 10 -10.79 -7.45 10.97
CA GLY B 10 -12.19 -7.79 10.73
C GLY B 10 -13.11 -6.60 10.91
N LEU B 11 -12.83 -5.79 11.94
CA LEU B 11 -13.64 -4.61 12.23
C LEU B 11 -13.55 -3.61 11.07
N LEU B 12 -12.35 -3.39 10.56
CA LEU B 12 -12.14 -2.47 9.46
C LEU B 12 -12.92 -2.90 8.22
N VAL B 13 -12.88 -4.19 7.92
CA VAL B 13 -13.59 -4.73 6.76
C VAL B 13 -15.10 -4.58 6.96
N ALA B 14 -15.54 -4.78 8.19
CA ALA B 14 -16.95 -4.65 8.54
C ALA B 14 -17.42 -3.22 8.35
N ILE B 15 -16.56 -2.28 8.75
CA ILE B 15 -16.87 -0.86 8.63
C ILE B 15 -17.03 -0.47 7.15
N PHE B 16 -16.18 -1.03 6.30
CA PHE B 16 -16.23 -0.75 4.87
C PHE B 16 -17.57 -1.22 4.30
N HIS B 17 -17.95 -2.45 4.62
CA HIS B 17 -19.20 -3.02 4.12
C HIS B 17 -20.40 -2.52 4.90
N LYS B 18 -20.15 -1.70 5.91
CA LYS B 18 -21.21 -1.15 6.73
C LYS B 18 -21.94 -0.04 5.98
N TYR B 19 -21.23 0.58 5.04
CA TYR B 19 -21.80 1.67 4.26
C TYR B 19 -21.89 1.31 2.77
N SER B 20 -21.08 0.35 2.34
CA SER B 20 -21.07 -0.05 0.94
C SER B 20 -22.35 -0.78 0.56
N GLY B 21 -23.10 -0.21 -0.36
CA GLY B 21 -24.33 -0.85 -0.81
C GLY B 21 -25.59 -0.15 -0.35
N ARG B 22 -25.46 1.11 0.06
CA ARG B 22 -26.62 1.88 0.50
C ARG B 22 -27.47 2.23 -0.70
N GLU B 23 -26.81 2.66 -1.76
CA GLU B 23 -27.46 3.03 -2.99
C GLU B 23 -26.68 2.50 -4.18
N GLY B 24 -25.36 2.45 -4.03
CA GLY B 24 -24.52 1.95 -5.10
C GLY B 24 -24.32 0.46 -4.98
N ASP B 25 -23.17 -0.03 -5.43
CA ASP B 25 -22.87 -1.45 -5.35
C ASP B 25 -22.28 -1.78 -3.99
N LYS B 26 -22.52 -2.99 -3.52
CA LYS B 26 -22.01 -3.43 -2.21
C LYS B 26 -20.50 -3.63 -2.21
N HIS B 27 -19.84 -3.34 -3.32
CA HIS B 27 -18.40 -3.52 -3.42
C HIS B 27 -17.67 -2.18 -3.58
N THR B 28 -18.41 -1.10 -3.75
CA THR B 28 -17.81 0.22 -3.93
C THR B 28 -18.56 1.30 -3.16
N LEU B 29 -17.80 2.24 -2.60
CA LEU B 29 -18.38 3.34 -1.84
C LEU B 29 -18.44 4.62 -2.67
N SER B 30 -19.61 5.22 -2.73
CA SER B 30 -19.77 6.46 -3.48
C SER B 30 -19.29 7.65 -2.64
N LYS B 31 -19.33 8.85 -3.22
CA LYS B 31 -18.88 10.06 -2.52
C LYS B 31 -19.84 10.42 -1.40
N LYS B 32 -21.03 9.84 -1.44
CA LYS B 32 -22.04 10.10 -0.44
C LYS B 32 -21.93 9.13 0.73
N GLU B 33 -21.74 7.85 0.39
CA GLU B 33 -21.61 6.80 1.40
C GLU B 33 -20.29 6.95 2.17
N LEU B 34 -19.21 7.18 1.44
CA LEU B 34 -17.89 7.33 2.04
C LEU B 34 -17.81 8.60 2.90
N LYS B 35 -18.49 9.66 2.46
CA LYS B 35 -18.49 10.92 3.18
C LYS B 35 -19.02 10.74 4.60
N GLU B 36 -20.14 10.03 4.72
CA GLU B 36 -20.74 9.78 6.01
C GLU B 36 -19.87 8.85 6.85
N LEU B 37 -19.22 7.91 6.19
CA LEU B 37 -18.34 6.96 6.85
C LEU B 37 -17.23 7.70 7.59
N ILE B 38 -16.57 8.62 6.89
CA ILE B 38 -15.49 9.39 7.48
C ILE B 38 -15.98 10.27 8.63
N GLN B 39 -17.19 10.81 8.48
CA GLN B 39 -17.75 11.69 9.51
C GLN B 39 -18.40 10.92 10.67
N LYS B 40 -18.40 9.59 10.61
CA LYS B 40 -19.01 8.82 11.67
C LYS B 40 -18.06 7.80 12.30
N GLU B 41 -17.24 7.16 11.48
CA GLU B 41 -16.30 6.16 11.97
C GLU B 41 -14.97 6.78 12.38
N LEU B 42 -14.72 8.00 11.93
CA LEU B 42 -13.48 8.69 12.25
C LEU B 42 -13.75 9.80 13.25
N THR B 43 -12.90 9.89 14.27
CA THR B 43 -13.05 10.90 15.31
C THR B 43 -12.88 12.32 14.77
N ILE B 44 -11.87 12.53 13.93
CA ILE B 44 -11.64 13.84 13.37
C ILE B 44 -12.46 14.06 12.09
N GLY B 45 -13.10 12.99 11.63
CA GLY B 45 -13.91 13.07 10.42
C GLY B 45 -15.07 14.03 10.56
N SER B 46 -15.69 14.03 11.74
CA SER B 46 -16.81 14.89 12.02
C SER B 46 -16.35 16.32 12.32
N LYS B 47 -15.05 16.56 12.15
CA LYS B 47 -14.48 17.88 12.40
C LYS B 47 -13.71 18.37 11.17
N LEU B 48 -13.87 17.66 10.06
CA LEU B 48 -13.19 18.02 8.83
C LEU B 48 -14.09 18.90 7.96
N GLN B 49 -13.47 19.80 7.21
CA GLN B 49 -14.22 20.68 6.32
C GLN B 49 -14.81 19.88 5.16
N ASP B 50 -15.99 20.30 4.70
CA ASP B 50 -16.66 19.62 3.60
C ASP B 50 -15.76 19.52 2.38
N ALA B 51 -15.08 20.62 2.06
CA ALA B 51 -14.18 20.67 0.91
C ALA B 51 -13.00 19.72 1.11
N GLU B 52 -12.50 19.63 2.34
CA GLU B 52 -11.39 18.74 2.65
C GLU B 52 -11.80 17.29 2.44
N ILE B 53 -13.01 16.96 2.88
CA ILE B 53 -13.52 15.61 2.72
C ILE B 53 -13.69 15.30 1.23
N ALA B 54 -14.19 16.27 0.49
CA ALA B 54 -14.38 16.11 -0.94
C ALA B 54 -13.04 15.88 -1.64
N ARG B 55 -12.05 16.66 -1.22
CA ARG B 55 -10.70 16.54 -1.76
C ARG B 55 -10.12 15.17 -1.45
N LEU B 56 -10.25 14.74 -0.20
CA LEU B 56 -9.74 13.45 0.24
C LEU B 56 -10.42 12.31 -0.51
N MET B 57 -11.74 12.38 -0.64
CA MET B 57 -12.51 11.35 -1.33
C MET B 57 -12.15 11.30 -2.82
N GLU B 58 -11.65 12.41 -3.33
CA GLU B 58 -11.26 12.47 -4.74
C GLU B 58 -9.83 12.02 -4.92
N ASP B 59 -9.02 12.19 -3.87
CA ASP B 59 -7.62 11.78 -3.91
C ASP B 59 -7.54 10.27 -3.97
N LEU B 60 -8.49 9.62 -3.30
CA LEU B 60 -8.57 8.16 -3.27
C LEU B 60 -8.98 7.63 -4.64
N ASP B 61 -9.62 8.48 -5.43
CA ASP B 61 -10.05 8.09 -6.78
C ASP B 61 -8.84 8.02 -7.70
N ARG B 62 -8.02 7.00 -7.50
CA ARG B 62 -6.81 6.80 -8.28
C ARG B 62 -7.11 6.32 -9.69
N ASN B 63 -8.09 5.45 -9.83
CA ASN B 63 -8.46 4.94 -11.14
C ASN B 63 -9.54 5.80 -11.79
N LYS B 64 -10.05 6.76 -11.01
CA LYS B 64 -11.07 7.72 -11.45
C LYS B 64 -12.36 7.09 -11.98
N ASP B 65 -13.32 6.90 -11.08
CA ASP B 65 -14.63 6.36 -11.44
C ASP B 65 -15.68 6.79 -10.41
N GLN B 66 -15.21 7.51 -9.39
CA GLN B 66 -16.06 8.02 -8.31
C GLN B 66 -16.61 6.91 -7.43
N GLU B 67 -16.05 5.71 -7.57
CA GLU B 67 -16.47 4.57 -6.77
C GLU B 67 -15.29 3.99 -6.01
N VAL B 68 -15.08 4.50 -4.81
CA VAL B 68 -13.97 4.05 -3.97
C VAL B 68 -14.16 2.59 -3.55
N ASN B 69 -13.29 1.72 -4.02
CA ASN B 69 -13.39 0.30 -3.68
C ASN B 69 -12.50 -0.01 -2.47
N PHE B 70 -12.54 -1.27 -2.03
CA PHE B 70 -11.77 -1.69 -0.86
C PHE B 70 -10.28 -1.38 -1.01
N GLN B 71 -9.73 -1.59 -2.21
CA GLN B 71 -8.32 -1.33 -2.46
C GLN B 71 -8.01 0.16 -2.21
N GLU B 72 -8.92 1.03 -2.60
CA GLU B 72 -8.74 2.46 -2.39
C GLU B 72 -8.87 2.76 -0.91
N TYR B 73 -9.79 2.04 -0.26
CA TYR B 73 -10.04 2.19 1.17
C TYR B 73 -8.80 1.78 1.97
N VAL B 74 -8.11 0.74 1.50
CA VAL B 74 -6.89 0.26 2.14
C VAL B 74 -5.83 1.36 2.15
N THR B 75 -5.81 2.15 1.08
CA THR B 75 -4.86 3.25 0.97
C THR B 75 -5.11 4.28 2.06
N PHE B 76 -6.38 4.48 2.39
CA PHE B 76 -6.77 5.43 3.43
C PHE B 76 -6.37 4.89 4.81
N LEU B 77 -6.58 3.59 5.00
CA LEU B 77 -6.24 2.94 6.27
C LEU B 77 -4.74 3.02 6.51
N GLY B 78 -3.96 2.75 5.45
CA GLY B 78 -2.52 2.81 5.56
C GLY B 78 -2.04 4.19 5.92
N ALA B 79 -2.67 5.20 5.34
CA ALA B 79 -2.31 6.59 5.60
C ALA B 79 -2.48 6.92 7.08
N LEU B 80 -3.60 6.48 7.65
CA LEU B 80 -3.89 6.71 9.06
C LEU B 80 -2.84 6.05 9.93
N ALA B 81 -2.48 4.83 9.57
CA ALA B 81 -1.48 4.06 10.32
C ALA B 81 -0.15 4.79 10.33
N LEU B 82 0.22 5.36 9.19
CA LEU B 82 1.48 6.09 9.08
C LEU B 82 1.50 7.29 10.03
N ILE B 83 0.38 8.01 10.09
CA ILE B 83 0.27 9.18 10.97
C ILE B 83 0.46 8.78 12.43
N TYR B 84 -0.13 7.66 12.81
CA TYR B 84 -0.02 7.16 14.17
C TYR B 84 1.40 6.73 14.47
N ASN B 85 2.12 6.29 13.44
CA ASN B 85 3.51 5.87 13.60
C ASN B 85 4.40 7.09 13.80
N GLU B 86 4.12 8.13 13.03
CA GLU B 86 4.89 9.38 13.11
C GLU B 86 4.79 9.97 14.52
N ALA B 87 3.61 9.85 15.12
CA ALA B 87 3.38 10.36 16.48
C ALA B 87 4.22 9.58 17.50
N LEU B 88 4.61 8.37 17.15
CA LEU B 88 5.41 7.53 18.04
C LEU B 88 6.84 7.41 17.50
N LYS B 89 7.22 8.33 16.64
CA LYS B 89 8.56 8.34 16.08
C LYS B 89 9.49 9.18 16.95
N GLY B 90 8.92 10.17 17.61
CA GLY B 90 9.69 11.04 18.48
C GLY B 90 9.74 12.46 17.98
N ALA C 1 8.20 15.52 19.28
CA ALA C 1 9.32 16.06 18.48
C ALA C 1 10.53 16.33 19.37
N MET C 2 11.51 15.45 19.31
CA MET C 2 12.73 15.59 20.11
C MET C 2 13.80 16.35 19.33
N ALA C 3 14.48 17.27 20.00
CA ALA C 3 15.53 18.06 19.37
C ALA C 3 16.70 18.27 20.31
N GLN C 4 17.91 18.05 19.80
CA GLN C 4 19.12 18.21 20.60
C GLN C 4 19.65 19.62 20.44
N ASN C 5 19.80 20.33 21.55
CA ASN C 5 20.29 21.71 21.51
C ASN C 5 21.80 21.78 21.31
N ILE C 6 22.23 22.71 20.47
CA ILE C 6 23.64 22.91 20.17
C ILE C 6 23.99 24.39 20.20
N THR C 7 24.91 24.76 21.07
CA THR C 7 25.34 26.16 21.18
C THR C 7 26.34 26.50 20.07
N ALA C 8 26.02 27.53 19.30
CA ALA C 8 26.89 27.95 18.21
C ALA C 8 27.23 29.43 18.31
N ARG C 9 28.11 29.88 17.43
CA ARG C 9 28.53 31.28 17.39
C ARG C 9 28.51 31.78 15.95
N ILE C 10 28.17 33.05 15.77
CA ILE C 10 28.13 33.64 14.43
C ILE C 10 29.52 33.74 13.83
N GLY C 11 29.71 33.11 12.68
CA GLY C 11 30.99 33.14 12.02
C GLY C 11 31.89 32.02 12.47
N GLU C 12 31.32 31.07 13.20
CA GLU C 12 32.08 29.95 13.72
C GLU C 12 31.83 28.69 12.89
N PRO C 13 32.91 28.00 12.45
CA PRO C 13 32.78 26.75 11.70
C PRO C 13 32.19 25.65 12.55
N LEU C 14 31.37 24.80 11.96
CA LEU C 14 30.74 23.71 12.69
C LEU C 14 30.79 22.41 11.87
N VAL C 15 30.97 21.30 12.57
CA VAL C 15 31.04 19.99 11.93
C VAL C 15 30.04 19.04 12.55
N LEU C 16 28.89 18.90 11.90
CA LEU C 16 27.83 18.03 12.40
C LEU C 16 27.94 16.65 11.77
N LYS C 17 27.29 15.67 12.38
CA LYS C 17 27.31 14.30 11.87
C LYS C 17 25.89 13.75 11.78
N CYS C 18 25.56 13.18 10.62
CA CYS C 18 24.24 12.61 10.41
C CYS C 18 24.35 11.23 9.78
N LYS C 19 24.43 10.21 10.63
CA LYS C 19 24.53 8.83 10.16
C LYS C 19 23.17 8.28 9.79
N GLY C 20 22.77 8.48 8.55
CA GLY C 20 21.48 7.99 8.10
C GLY C 20 21.61 7.12 6.87
N ALA C 21 22.68 6.33 6.84
CA ALA C 21 22.92 5.44 5.70
C ALA C 21 23.45 4.10 6.19
N PRO C 22 22.72 3.01 5.90
CA PRO C 22 23.11 1.66 6.29
C PRO C 22 24.23 1.10 5.42
N LYS C 23 24.48 -0.19 5.56
CA LYS C 23 25.52 -0.85 4.78
C LYS C 23 25.00 -1.17 3.38
N LYS C 24 24.85 -0.13 2.57
CA LYS C 24 24.35 -0.26 1.20
C LYS C 24 24.94 0.84 0.33
N PRO C 25 24.88 0.70 -1.00
CA PRO C 25 25.37 1.72 -1.94
C PRO C 25 24.68 3.06 -1.73
N PRO C 26 25.21 4.15 -2.34
CA PRO C 26 24.64 5.50 -2.21
C PRO C 26 23.12 5.53 -2.32
N GLN C 27 22.47 5.82 -1.19
CA GLN C 27 21.02 5.89 -1.13
C GLN C 27 20.53 7.28 -1.52
N ARG C 28 19.23 7.45 -1.59
CA ARG C 28 18.64 8.74 -1.94
C ARG C 28 18.42 9.55 -0.66
N LEU C 29 19.49 10.15 -0.17
CA LEU C 29 19.42 10.96 1.04
C LEU C 29 18.76 12.30 0.75
N GLU C 30 18.15 12.88 1.77
CA GLU C 30 17.49 14.17 1.63
C GLU C 30 17.79 15.05 2.83
N TRP C 31 17.12 16.18 2.94
CA TRP C 31 17.36 17.10 4.05
C TRP C 31 16.12 17.92 4.37
N LYS C 32 15.87 18.12 5.66
CA LYS C 32 14.74 18.89 6.13
C LYS C 32 15.17 19.75 7.32
N LEU C 33 14.30 20.66 7.74
CA LEU C 33 14.60 21.53 8.87
C LEU C 33 13.35 22.30 9.30
N ASN C 34 13.36 22.84 10.50
CA ASN C 34 12.24 23.59 11.03
C ASN C 34 12.70 24.95 11.56
N THR C 35 12.43 25.99 10.79
CA THR C 35 12.79 27.35 11.16
C THR C 35 11.71 28.32 10.70
N GLY C 36 11.66 29.50 11.32
CA GLY C 36 10.67 30.50 10.94
C GLY C 36 10.80 30.93 9.50
N ARG C 37 11.99 31.34 9.11
CA ARG C 37 12.24 31.77 7.74
C ARG C 37 12.61 30.58 6.86
N THR C 38 13.50 29.74 7.37
CA THR C 38 13.97 28.57 6.62
C THR C 38 14.75 29.04 5.38
N GLU C 39 16.01 29.36 5.58
CA GLU C 39 16.86 29.84 4.49
C GLU C 39 17.70 28.71 3.93
N ALA C 40 18.49 28.07 4.79
CA ALA C 40 19.35 26.98 4.36
C ALA C 40 18.56 25.69 4.16
N TRP C 41 18.14 25.44 2.93
CA TRP C 41 17.39 24.23 2.61
C TRP C 41 17.66 23.80 1.18
N LYS C 42 18.08 22.55 1.01
CA LYS C 42 18.37 22.00 -0.30
C LYS C 42 18.23 20.49 -0.27
N VAL C 43 17.63 19.94 -1.31
CA VAL C 43 17.45 18.51 -1.40
C VAL C 43 18.79 17.83 -1.64
N LEU C 44 19.17 16.93 -0.75
CA LEU C 44 20.44 16.23 -0.88
C LEU C 44 20.36 15.21 -2.01
N SER C 45 21.52 14.87 -2.56
CA SER C 45 21.61 13.92 -3.64
C SER C 45 23.02 13.34 -3.68
N PRO C 46 23.16 12.05 -4.01
CA PRO C 46 24.47 11.39 -4.07
C PRO C 46 25.34 11.91 -5.21
N GLN C 47 24.73 12.71 -6.09
CA GLN C 47 25.42 13.28 -7.23
C GLN C 47 24.63 14.48 -7.77
N GLY C 48 24.81 15.62 -7.13
CA GLY C 48 24.10 16.82 -7.54
C GLY C 48 24.21 17.93 -6.51
N GLY C 49 24.64 19.10 -6.95
CA GLY C 49 24.78 20.22 -6.05
C GLY C 49 23.85 21.38 -6.38
N GLY C 50 23.71 22.27 -5.41
CA GLY C 50 22.86 23.43 -5.58
C GLY C 50 23.49 24.65 -4.93
N PRO C 51 22.71 25.69 -4.63
CA PRO C 51 23.24 26.92 -4.02
C PRO C 51 23.67 26.70 -2.57
N TRP C 52 23.10 25.69 -1.93
CA TRP C 52 23.41 25.38 -0.54
C TRP C 52 24.78 24.72 -0.40
N ASP C 53 25.23 24.06 -1.46
CA ASP C 53 26.53 23.39 -1.43
C ASP C 53 27.66 24.40 -1.28
N SER C 54 27.38 25.64 -1.67
CA SER C 54 28.34 26.71 -1.55
C SER C 54 28.29 27.32 -0.16
N VAL C 55 27.32 26.86 0.62
CA VAL C 55 27.13 27.31 1.99
C VAL C 55 27.66 26.26 2.97
N ALA C 56 27.29 25.02 2.71
CA ALA C 56 27.72 23.90 3.54
C ALA C 56 28.00 22.69 2.68
N ARG C 57 28.99 21.89 3.08
CA ARG C 57 29.36 20.71 2.32
C ARG C 57 29.18 19.44 3.15
N VAL C 58 28.75 18.38 2.49
CA VAL C 58 28.54 17.09 3.17
C VAL C 58 29.70 16.15 2.86
N LEU C 59 30.40 15.73 3.90
CA LEU C 59 31.53 14.83 3.76
C LEU C 59 31.05 13.43 3.40
N PRO C 60 31.84 12.67 2.62
CA PRO C 60 31.49 11.30 2.20
C PRO C 60 31.33 10.32 3.37
N ASN C 61 31.72 10.73 4.57
CA ASN C 61 31.61 9.87 5.74
C ASN C 61 30.35 10.19 6.54
N GLY C 62 29.53 11.11 6.02
CA GLY C 62 28.29 11.46 6.70
C GLY C 62 28.45 12.60 7.69
N SER C 63 29.10 13.67 7.26
CA SER C 63 29.30 14.83 8.12
C SER C 63 28.92 16.11 7.38
N LEU C 64 28.45 17.09 8.13
CA LEU C 64 28.05 18.36 7.55
C LEU C 64 29.03 19.45 7.99
N PHE C 65 29.77 20.00 7.04
CA PHE C 65 30.75 21.02 7.34
C PHE C 65 30.21 22.41 7.03
N LEU C 66 30.13 23.24 8.06
CA LEU C 66 29.67 24.61 7.92
C LEU C 66 30.84 25.56 8.14
N PRO C 67 31.33 26.19 7.07
CA PRO C 67 32.47 27.12 7.15
C PRO C 67 32.26 28.25 8.16
N ALA C 68 31.03 28.73 8.26
CA ALA C 68 30.70 29.80 9.19
C ALA C 68 29.20 29.85 9.44
N VAL C 69 28.81 29.49 10.65
CA VAL C 69 27.39 29.50 11.04
C VAL C 69 26.94 30.94 11.29
N GLY C 70 25.93 31.38 10.55
CA GLY C 70 25.42 32.72 10.72
C GLY C 70 24.08 32.74 11.43
N ILE C 71 23.23 33.68 11.05
CA ILE C 71 21.90 33.81 11.66
C ILE C 71 20.85 33.19 10.74
N GLN C 72 21.30 32.64 9.63
CA GLN C 72 20.43 32.00 8.66
C GLN C 72 20.49 30.49 8.82
N ASP C 73 21.50 30.05 9.55
CA ASP C 73 21.72 28.63 9.79
C ASP C 73 21.17 28.22 11.15
N GLU C 74 20.29 29.05 11.68
CA GLU C 74 19.68 28.77 12.97
C GLU C 74 18.37 28.00 12.78
N GLY C 75 17.93 27.34 13.84
CA GLY C 75 16.70 26.59 13.76
C GLY C 75 16.88 25.14 14.15
N ILE C 76 16.05 24.28 13.59
CA ILE C 76 16.13 22.85 13.88
C ILE C 76 16.40 22.06 12.62
N PHE C 77 17.62 21.54 12.48
CA PHE C 77 17.98 20.74 11.32
C PHE C 77 17.46 19.31 11.47
N ARG C 78 17.10 18.70 10.36
CA ARG C 78 16.57 17.33 10.40
C ARG C 78 17.11 16.52 9.23
N CYS C 79 18.04 15.62 9.51
CA CYS C 79 18.63 14.77 8.47
C CYS C 79 17.70 13.57 8.21
N GLN C 80 17.50 13.26 6.93
CA GLN C 80 16.62 12.15 6.56
C GLN C 80 17.11 11.48 5.28
N ALA C 81 16.50 10.37 4.91
CA ALA C 81 16.89 9.64 3.71
C ALA C 81 15.71 8.82 3.17
N MET C 82 15.76 8.51 1.89
CA MET C 82 14.72 7.72 1.24
C MET C 82 15.28 6.41 0.72
N ASN C 83 14.52 5.34 0.88
CA ASN C 83 14.93 4.01 0.43
C ASN C 83 13.94 3.48 -0.60
N ARG C 84 13.96 2.18 -0.85
CA ARG C 84 13.03 1.56 -1.80
C ARG C 84 11.63 1.54 -1.21
N ASN C 85 11.55 1.82 0.08
CA ASN C 85 10.28 1.86 0.78
C ASN C 85 10.35 2.95 1.85
N GLY C 86 9.33 3.05 2.69
CA GLY C 86 9.33 4.07 3.73
C GLY C 86 10.29 3.77 4.86
N LYS C 87 11.57 3.91 4.59
CA LYS C 87 12.61 3.66 5.58
C LYS C 87 13.47 4.90 5.76
N GLU C 88 13.09 5.74 6.70
CA GLU C 88 13.81 6.97 6.99
C GLU C 88 14.28 7.01 8.44
N THR C 89 14.80 8.15 8.87
CA THR C 89 15.28 8.31 10.23
C THR C 89 14.84 9.64 10.83
N LYS C 90 15.20 9.87 12.08
CA LYS C 90 14.83 11.09 12.77
C LYS C 90 16.02 11.65 13.55
N SER C 91 16.50 12.80 13.12
CA SER C 91 17.63 13.46 13.77
C SER C 91 17.43 14.97 13.74
N ASN C 92 16.85 15.51 14.81
CA ASN C 92 16.58 16.93 14.90
C ASN C 92 17.59 17.63 15.80
N TYR C 93 18.22 18.67 15.29
CA TYR C 93 19.22 19.43 16.04
C TYR C 93 18.82 20.89 16.12
N ARG C 94 18.75 21.43 17.34
CA ARG C 94 18.38 22.82 17.55
C ARG C 94 19.64 23.66 17.70
N VAL C 95 19.99 24.39 16.65
CA VAL C 95 21.17 25.24 16.66
C VAL C 95 20.79 26.69 16.97
N ARG C 96 21.52 27.30 17.89
CA ARG C 96 21.26 28.69 18.28
C ARG C 96 22.59 29.40 18.55
N VAL C 97 22.72 30.61 18.02
CA VAL C 97 23.94 31.39 18.19
C VAL C 97 23.87 32.23 19.46
N TYR C 98 24.99 32.87 19.80
CA TYR C 98 25.06 33.72 20.98
C TYR C 98 24.34 35.05 20.74
N GLN C 99 24.83 35.80 19.77
CA GLN C 99 24.25 37.10 19.45
C GLN C 99 23.15 36.94 18.40
N ILE C 100 21.96 36.61 18.88
CA ILE C 100 20.81 36.43 17.99
C ILE C 100 20.26 37.77 17.53
N PRO C 101 19.75 37.84 16.29
CA PRO C 101 19.18 39.07 15.74
C PRO C 101 17.82 39.40 16.36
N ALA D 1 -16.38 -20.32 -3.92
CA ALA D 1 -16.31 -20.19 -5.39
C ALA D 1 -17.68 -20.46 -6.01
N MET D 2 -18.10 -19.59 -6.90
CA MET D 2 -19.39 -19.74 -7.58
C MET D 2 -19.20 -19.87 -9.07
N ALA D 3 -19.90 -20.82 -9.68
CA ALA D 3 -19.80 -21.04 -11.11
C ALA D 3 -21.17 -21.31 -11.73
N GLN D 4 -21.41 -20.72 -12.89
CA GLN D 4 -22.68 -20.90 -13.59
C GLN D 4 -22.52 -22.01 -14.63
N ASN D 5 -23.36 -23.03 -14.56
CA ASN D 5 -23.27 -24.16 -15.49
C ASN D 5 -23.95 -23.83 -16.82
N ILE D 6 -23.31 -24.25 -17.91
CA ILE D 6 -23.81 -24.03 -19.26
C ILE D 6 -23.63 -25.29 -20.10
N THR D 7 -24.73 -25.83 -20.61
CA THR D 7 -24.68 -27.04 -21.43
C THR D 7 -24.22 -26.69 -22.85
N ALA D 8 -23.21 -27.41 -23.34
CA ALA D 8 -22.69 -27.17 -24.67
C ALA D 8 -22.62 -28.45 -25.49
N ARG D 9 -22.27 -28.32 -26.75
CA ARG D 9 -22.17 -29.46 -27.66
C ARG D 9 -20.87 -29.35 -28.47
N ILE D 10 -20.26 -30.50 -28.73
CA ILE D 10 -19.00 -30.54 -29.50
C ILE D 10 -19.25 -30.14 -30.95
N GLY D 11 -18.61 -29.05 -31.37
CA GLY D 11 -18.76 -28.55 -32.72
C GLY D 11 -19.86 -27.53 -32.82
N GLU D 12 -20.34 -27.08 -31.66
CA GLU D 12 -21.42 -26.12 -31.59
C GLU D 12 -20.89 -24.71 -31.27
N PRO D 13 -21.27 -23.69 -32.07
CA PRO D 13 -20.86 -22.31 -31.82
C PRO D 13 -21.49 -21.76 -30.55
N LEU D 14 -20.74 -20.97 -29.80
CA LEU D 14 -21.22 -20.40 -28.55
C LEU D 14 -20.88 -18.92 -28.47
N VAL D 15 -21.81 -18.14 -27.93
CA VAL D 15 -21.63 -16.70 -27.77
C VAL D 15 -21.80 -16.32 -26.30
N LEU D 16 -20.69 -16.14 -25.60
CA LEU D 16 -20.72 -15.78 -24.20
C LEU D 16 -20.58 -14.27 -24.03
N LYS D 17 -20.99 -13.76 -22.88
CA LYS D 17 -20.90 -12.33 -22.60
C LYS D 17 -20.17 -12.08 -21.29
N CYS D 18 -19.16 -11.22 -21.33
CA CYS D 18 -18.38 -10.90 -20.14
C CYS D 18 -18.23 -9.40 -19.98
N LYS D 19 -19.17 -8.80 -19.25
CA LYS D 19 -19.15 -7.37 -19.02
C LYS D 19 -18.24 -7.02 -17.84
N GLY D 20 -16.99 -6.70 -18.13
CA GLY D 20 -16.05 -6.36 -17.10
C GLY D 20 -15.32 -5.07 -17.42
N ALA D 21 -16.05 -4.07 -17.89
CA ALA D 21 -15.46 -2.80 -18.24
C ALA D 21 -16.44 -1.66 -17.98
N PRO D 22 -16.08 -0.74 -17.07
CA PRO D 22 -16.93 0.41 -16.73
C PRO D 22 -16.85 1.50 -17.80
N LYS D 23 -17.44 2.66 -17.52
CA LYS D 23 -17.42 3.77 -18.46
C LYS D 23 -16.06 4.44 -18.45
N LYS D 24 -15.12 3.85 -19.17
CA LYS D 24 -13.77 4.37 -19.26
C LYS D 24 -13.08 3.79 -20.49
N PRO D 25 -12.03 4.47 -21.00
CA PRO D 25 -11.27 4.01 -22.16
C PRO D 25 -10.75 2.58 -21.98
N PRO D 26 -10.41 1.89 -23.10
CA PRO D 26 -9.92 0.51 -23.09
C PRO D 26 -8.99 0.20 -21.91
N GLN D 27 -9.48 -0.66 -21.02
CA GLN D 27 -8.72 -1.07 -19.84
C GLN D 27 -7.86 -2.28 -20.17
N ARG D 28 -7.06 -2.70 -19.21
CA ARG D 28 -6.20 -3.85 -19.39
C ARG D 28 -6.93 -5.12 -18.94
N LEU D 29 -7.78 -5.62 -19.82
CA LEU D 29 -8.55 -6.83 -19.53
C LEU D 29 -7.67 -8.07 -19.63
N GLU D 30 -8.05 -9.13 -18.93
CA GLU D 30 -7.30 -10.37 -18.94
C GLU D 30 -8.25 -11.56 -19.03
N TRP D 31 -7.73 -12.77 -18.85
CA TRP D 31 -8.56 -13.95 -18.91
C TRP D 31 -7.98 -15.08 -18.08
N LYS D 32 -8.85 -15.81 -17.39
CA LYS D 32 -8.46 -16.92 -16.55
C LYS D 32 -9.47 -18.07 -16.70
N LEU D 33 -9.12 -19.24 -16.20
CA LEU D 33 -10.01 -20.39 -16.26
C LEU D 33 -9.49 -21.52 -15.37
N ASN D 34 -10.38 -22.42 -14.99
CA ASN D 34 -10.03 -23.55 -14.14
C ASN D 34 -10.40 -24.86 -14.82
N THR D 35 -9.40 -25.54 -15.35
CA THR D 35 -9.61 -26.82 -16.03
C THR D 35 -8.45 -27.77 -15.71
N GLY D 36 -8.72 -29.07 -15.76
CA GLY D 36 -7.71 -30.07 -15.47
C GLY D 36 -6.50 -29.94 -16.37
N ARG D 37 -6.73 -29.77 -17.66
CA ARG D 37 -5.63 -29.65 -18.62
C ARG D 37 -5.31 -28.20 -18.93
N THR D 38 -6.35 -27.38 -19.05
CA THR D 38 -6.18 -25.95 -19.36
C THR D 38 -5.53 -25.78 -20.74
N GLU D 39 -6.36 -25.83 -21.78
CA GLU D 39 -5.87 -25.69 -23.14
C GLU D 39 -6.11 -24.28 -23.67
N ALA D 40 -7.36 -23.86 -23.68
CA ALA D 40 -7.72 -22.54 -24.15
C ALA D 40 -7.41 -21.48 -23.10
N TRP D 41 -6.26 -20.82 -23.24
CA TRP D 41 -5.86 -19.78 -22.30
C TRP D 41 -4.93 -18.78 -22.99
N LYS D 42 -5.25 -17.51 -22.85
CA LYS D 42 -4.47 -16.44 -23.45
C LYS D 42 -4.70 -15.14 -22.69
N VAL D 43 -3.65 -14.36 -22.52
CA VAL D 43 -3.77 -13.08 -21.85
C VAL D 43 -4.42 -12.06 -22.78
N LEU D 44 -5.60 -11.58 -22.40
CA LEU D 44 -6.32 -10.61 -23.20
C LEU D 44 -5.57 -9.28 -23.25
N SER D 45 -5.80 -8.54 -24.30
CA SER D 45 -5.18 -7.25 -24.50
C SER D 45 -6.07 -6.39 -25.40
N PRO D 46 -6.16 -5.08 -25.14
CA PRO D 46 -6.99 -4.17 -25.94
C PRO D 46 -6.53 -4.12 -27.40
N GLN D 47 -5.26 -4.44 -27.62
CA GLN D 47 -4.69 -4.45 -28.96
C GLN D 47 -3.56 -5.45 -29.04
N GLY D 48 -3.91 -6.74 -29.01
CA GLY D 48 -2.90 -7.79 -29.08
C GLY D 48 -3.53 -9.16 -29.26
N GLY D 49 -3.10 -9.87 -30.28
CA GLY D 49 -3.64 -11.18 -30.54
C GLY D 49 -2.59 -12.28 -30.45
N GLY D 50 -3.05 -13.49 -30.16
CA GLY D 50 -2.17 -14.63 -30.05
C GLY D 50 -2.74 -15.84 -30.76
N PRO D 51 -2.41 -17.06 -30.31
CA PRO D 51 -2.91 -18.29 -30.94
C PRO D 51 -4.37 -18.58 -30.57
N TRP D 52 -4.78 -18.13 -29.39
CA TRP D 52 -6.13 -18.35 -28.90
C TRP D 52 -7.15 -17.54 -29.71
N ASP D 53 -6.71 -16.43 -30.29
CA ASP D 53 -7.60 -15.58 -31.09
C ASP D 53 -8.10 -16.32 -32.31
N SER D 54 -7.38 -17.36 -32.70
CA SER D 54 -7.76 -18.17 -33.84
C SER D 54 -8.80 -19.21 -33.41
N VAL D 55 -8.90 -19.38 -32.10
CA VAL D 55 -9.85 -20.33 -31.51
C VAL D 55 -11.14 -19.61 -31.16
N ALA D 56 -11.01 -18.48 -30.48
CA ALA D 56 -12.15 -17.69 -30.07
C ALA D 56 -11.85 -16.21 -30.24
N ARG D 57 -12.87 -15.43 -30.56
CA ARG D 57 -12.68 -13.99 -30.76
C ARG D 57 -13.55 -13.20 -29.79
N VAL D 58 -13.01 -12.09 -29.31
CA VAL D 58 -13.74 -11.22 -28.38
C VAL D 58 -14.29 -10.01 -29.12
N LEU D 59 -15.60 -9.85 -29.07
CA LEU D 59 -16.27 -8.74 -29.74
C LEU D 59 -16.07 -7.45 -28.94
N PRO D 60 -16.02 -6.29 -29.63
CA PRO D 60 -15.83 -4.98 -28.99
C PRO D 60 -16.91 -4.61 -27.98
N ASN D 61 -18.01 -5.37 -27.97
CA ASN D 61 -19.11 -5.10 -27.04
C ASN D 61 -18.97 -5.93 -25.77
N GLY D 62 -17.94 -6.75 -25.70
CA GLY D 62 -17.71 -7.58 -24.53
C GLY D 62 -18.30 -8.96 -24.64
N SER D 63 -18.23 -9.54 -25.82
CA SER D 63 -18.77 -10.88 -26.04
C SER D 63 -17.67 -11.82 -26.53
N LEU D 64 -17.78 -13.08 -26.15
CA LEU D 64 -16.80 -14.09 -26.54
C LEU D 64 -17.44 -15.04 -27.54
N PHE D 65 -16.96 -15.02 -28.77
CA PHE D 65 -17.50 -15.87 -29.81
C PHE D 65 -16.63 -17.09 -30.05
N LEU D 66 -17.23 -18.26 -29.91
CA LEU D 66 -16.56 -19.52 -30.13
C LEU D 66 -17.16 -20.20 -31.36
N PRO D 67 -16.41 -20.26 -32.47
CA PRO D 67 -16.88 -20.87 -33.72
C PRO D 67 -17.38 -22.30 -33.52
N ALA D 68 -16.71 -23.05 -32.66
CA ALA D 68 -17.09 -24.42 -32.37
C ALA D 68 -16.47 -24.90 -31.07
N VAL D 69 -17.32 -25.18 -30.08
CA VAL D 69 -16.85 -25.64 -28.79
C VAL D 69 -16.51 -27.13 -28.85
N GLY D 70 -15.31 -27.49 -28.45
CA GLY D 70 -14.89 -28.87 -28.48
C GLY D 70 -14.72 -29.45 -27.09
N ILE D 71 -13.73 -30.31 -26.94
CA ILE D 71 -13.47 -30.93 -25.64
C ILE D 71 -12.32 -30.23 -24.93
N GLN D 72 -11.68 -29.30 -25.63
CA GLN D 72 -10.58 -28.55 -25.07
C GLN D 72 -11.08 -27.23 -24.50
N ASP D 73 -12.30 -26.87 -24.88
CA ASP D 73 -12.93 -25.64 -24.44
C ASP D 73 -13.83 -25.89 -23.23
N GLU D 74 -13.62 -27.03 -22.58
CA GLU D 74 -14.40 -27.39 -21.42
C GLU D 74 -13.72 -26.89 -20.14
N GLY D 75 -14.50 -26.74 -19.08
CA GLY D 75 -13.93 -26.28 -17.82
C GLY D 75 -14.69 -25.10 -17.25
N ILE D 76 -13.99 -24.30 -16.46
CA ILE D 76 -14.60 -23.14 -15.83
C ILE D 76 -13.90 -21.86 -16.28
N PHE D 77 -14.55 -21.10 -17.15
CA PHE D 77 -13.98 -19.86 -17.64
C PHE D 77 -14.15 -18.77 -16.59
N ARG D 78 -13.19 -17.85 -16.50
CA ARG D 78 -13.26 -16.77 -15.54
C ARG D 78 -12.77 -15.46 -16.16
N CYS D 79 -13.70 -14.60 -16.51
CA CYS D 79 -13.36 -13.31 -17.09
C CYS D 79 -12.92 -12.34 -15.98
N GLN D 80 -11.86 -11.59 -16.23
CA GLN D 80 -11.33 -10.64 -15.25
C GLN D 80 -10.64 -9.49 -15.95
N ALA D 81 -10.35 -8.42 -15.22
CA ALA D 81 -9.69 -7.26 -15.80
C ALA D 81 -8.76 -6.60 -14.78
N MET D 82 -7.88 -5.74 -15.26
CA MET D 82 -6.95 -5.03 -14.41
C MET D 82 -7.13 -3.53 -14.56
N ASN D 83 -7.05 -2.80 -13.46
CA ASN D 83 -7.20 -1.36 -13.45
C ASN D 83 -5.96 -0.72 -12.85
N ARG D 84 -6.04 0.57 -12.53
CA ARG D 84 -4.89 1.27 -11.93
C ARG D 84 -4.68 0.79 -10.50
N ASN D 85 -5.70 0.14 -9.97
CA ASN D 85 -5.67 -0.39 -8.62
C ASN D 85 -6.31 -1.78 -8.62
N GLY D 86 -6.44 -2.39 -7.45
CA GLY D 86 -7.02 -3.72 -7.38
C GLY D 86 -8.53 -3.70 -7.59
N LYS D 87 -8.95 -3.40 -8.80
CA LYS D 87 -10.37 -3.37 -9.14
C LYS D 87 -10.66 -4.44 -10.20
N GLU D 88 -11.02 -5.63 -9.73
CA GLU D 88 -11.31 -6.75 -10.63
C GLU D 88 -12.76 -7.19 -10.49
N THR D 89 -13.08 -8.35 -11.07
CA THR D 89 -14.43 -8.89 -11.02
C THR D 89 -14.39 -10.42 -10.97
N LYS D 90 -15.54 -11.02 -10.74
CA LYS D 90 -15.65 -12.48 -10.65
C LYS D 90 -16.76 -12.99 -11.57
N SER D 91 -16.40 -13.82 -12.53
CA SER D 91 -17.35 -14.41 -13.45
C SER D 91 -16.88 -15.79 -13.89
N ASN D 92 -17.30 -16.81 -13.14
CA ASN D 92 -16.90 -18.18 -13.42
C ASN D 92 -18.04 -18.95 -14.10
N TYR D 93 -17.75 -19.49 -15.28
CA TYR D 93 -18.75 -20.24 -16.04
C TYR D 93 -18.27 -21.68 -16.25
N ARG D 94 -19.12 -22.65 -15.90
CA ARG D 94 -18.79 -24.06 -16.05
C ARG D 94 -19.41 -24.60 -17.33
N VAL D 95 -18.57 -24.80 -18.34
CA VAL D 95 -19.03 -25.32 -19.62
C VAL D 95 -18.76 -26.83 -19.71
N ARG D 96 -19.76 -27.57 -20.14
CA ARG D 96 -19.64 -29.02 -20.29
C ARG D 96 -20.39 -29.48 -21.52
N VAL D 97 -19.77 -30.34 -22.31
CA VAL D 97 -20.39 -30.84 -23.52
C VAL D 97 -21.19 -32.11 -23.25
N TYR D 98 -21.93 -32.57 -24.26
CA TYR D 98 -22.74 -33.77 -24.13
C TYR D 98 -21.85 -35.02 -24.14
N GLN D 99 -21.16 -35.25 -25.25
CA GLN D 99 -20.28 -36.40 -25.36
C GLN D 99 -18.89 -36.06 -24.81
N ILE D 100 -18.68 -36.35 -23.54
CA ILE D 100 -17.40 -36.07 -22.90
C ILE D 100 -16.41 -37.22 -23.10
N PRO D 101 -15.15 -36.88 -23.38
CA PRO D 101 -14.09 -37.88 -23.60
C PRO D 101 -13.61 -38.49 -22.28
N ALA A 2 -12.79 7.34 21.67
CA ALA A 2 -12.41 7.22 20.24
C ALA A 2 -13.32 6.24 19.52
N SER A 3 -13.45 6.41 18.23
CA SER A 3 -14.29 5.55 17.41
C SER A 3 -13.62 4.20 17.14
N PRO A 4 -14.41 3.17 16.78
CA PRO A 4 -13.89 1.82 16.50
C PRO A 4 -12.72 1.80 15.52
N LEU A 5 -12.81 2.61 14.47
CA LEU A 5 -11.76 2.67 13.46
C LEU A 5 -10.45 3.13 14.10
N ASP A 6 -10.52 4.23 14.84
CA ASP A 6 -9.34 4.78 15.52
C ASP A 6 -8.77 3.78 16.50
N GLN A 7 -9.66 3.10 17.23
CA GLN A 7 -9.26 2.11 18.22
C GLN A 7 -8.54 0.93 17.55
N ALA A 8 -9.05 0.51 16.39
CA ALA A 8 -8.45 -0.60 15.66
C ALA A 8 -7.04 -0.24 15.20
N ILE A 9 -6.89 0.96 14.65
CA ILE A 9 -5.60 1.42 14.18
C ILE A 9 -4.63 1.52 15.34
N GLY A 10 -5.07 2.13 16.44
CA GLY A 10 -4.24 2.27 17.62
C GLY A 10 -3.80 0.92 18.17
N LEU A 11 -4.69 -0.07 18.10
CA LEU A 11 -4.40 -1.41 18.59
C LEU A 11 -3.30 -2.06 17.75
N LEU A 12 -3.42 -1.94 16.43
CA LEU A 12 -2.45 -2.52 15.52
C LEU A 12 -1.06 -1.91 15.74
N VAL A 13 -1.00 -0.59 15.87
CA VAL A 13 0.26 0.10 16.11
C VAL A 13 0.84 -0.31 17.46
N ALA A 14 -0.04 -0.50 18.44
CA ALA A 14 0.38 -0.92 19.77
C ALA A 14 0.99 -2.31 19.72
N ILE A 15 0.42 -3.18 18.88
CA ILE A 15 0.92 -4.54 18.72
C ILE A 15 2.31 -4.52 18.10
N PHE A 16 2.50 -3.63 17.14
CA PHE A 16 3.78 -3.48 16.46
C PHE A 16 4.87 -3.08 17.45
N HIS A 17 4.59 -2.07 18.26
CA HIS A 17 5.55 -1.58 19.24
C HIS A 17 5.58 -2.47 20.48
N LYS A 18 4.71 -3.46 20.51
CA LYS A 18 4.65 -4.40 21.64
C LYS A 18 5.83 -5.35 21.59
N TYR A 19 6.33 -5.60 20.40
CA TYR A 19 7.47 -6.50 20.22
C TYR A 19 8.73 -5.75 19.83
N SER A 20 8.58 -4.68 19.04
CA SER A 20 9.72 -3.89 18.61
C SER A 20 10.39 -3.23 19.80
N GLY A 21 11.64 -3.57 20.05
CA GLY A 21 12.35 -2.97 21.16
C GLY A 21 13.11 -3.97 22.00
N ARG A 22 13.07 -5.24 21.62
CA ARG A 22 13.76 -6.27 22.38
C ARG A 22 15.26 -6.25 22.06
N GLU A 23 15.56 -6.20 20.77
CA GLU A 23 16.94 -6.17 20.31
C GLU A 23 17.05 -5.36 19.03
N GLY A 24 18.26 -4.95 18.69
CA GLY A 24 18.47 -4.17 17.49
C GLY A 24 18.07 -2.72 17.66
N ASP A 25 16.77 -2.46 17.60
CA ASP A 25 16.22 -1.12 17.75
C ASP A 25 14.84 -1.20 18.41
N LYS A 26 14.00 -0.20 18.19
CA LYS A 26 12.67 -0.16 18.76
C LYS A 26 11.68 0.36 17.71
N HIS A 27 12.21 0.74 16.56
CA HIS A 27 11.39 1.26 15.47
C HIS A 27 11.19 0.20 14.39
N THR A 28 12.00 -0.85 14.46
CA THR A 28 11.92 -1.93 13.50
C THR A 28 11.70 -3.27 14.20
N LEU A 29 11.34 -4.28 13.43
CA LEU A 29 11.11 -5.62 13.96
C LEU A 29 12.07 -6.59 13.30
N SER A 30 12.85 -7.29 14.12
CA SER A 30 13.79 -8.26 13.60
C SER A 30 13.05 -9.53 13.18
N LYS A 31 13.76 -10.43 12.51
CA LYS A 31 13.16 -11.68 12.06
C LYS A 31 12.87 -12.60 13.24
N LYS A 32 13.33 -12.20 14.41
CA LYS A 32 13.13 -12.96 15.63
C LYS A 32 11.90 -12.46 16.36
N GLU A 33 11.82 -11.13 16.54
CA GLU A 33 10.69 -10.52 17.23
C GLU A 33 9.41 -10.69 16.41
N LEU A 34 9.51 -10.51 15.11
CA LEU A 34 8.38 -10.62 14.21
C LEU A 34 7.83 -12.05 14.20
N LYS A 35 8.71 -13.03 14.27
CA LYS A 35 8.31 -14.43 14.27
C LYS A 35 7.41 -14.73 15.46
N GLU A 36 7.82 -14.26 16.63
CA GLU A 36 7.07 -14.46 17.85
C GLU A 36 5.73 -13.72 17.78
N LEU A 37 5.77 -12.52 17.19
CA LEU A 37 4.58 -11.70 17.04
C LEU A 37 3.51 -12.45 16.25
N ILE A 38 3.92 -13.04 15.14
CA ILE A 38 3.02 -13.80 14.28
C ILE A 38 2.46 -15.02 15.00
N GLN A 39 3.28 -15.69 15.80
CA GLN A 39 2.86 -16.88 16.52
C GLN A 39 2.14 -16.56 17.84
N LYS A 40 1.78 -15.31 18.06
CA LYS A 40 1.09 -14.93 19.28
C LYS A 40 -0.09 -14.00 19.01
N GLU A 41 0.15 -12.93 18.26
CA GLU A 41 -0.89 -11.95 17.97
C GLU A 41 -1.78 -12.42 16.83
N LEU A 42 -1.31 -13.40 16.07
CA LEU A 42 -2.08 -13.93 14.94
C LEU A 42 -2.60 -15.33 15.29
N THR A 43 -3.87 -15.57 14.97
CA THR A 43 -4.51 -16.84 15.27
C THR A 43 -3.90 -18.00 14.47
N ILE A 44 -3.72 -17.81 13.17
CA ILE A 44 -3.15 -18.86 12.33
C ILE A 44 -1.63 -18.91 12.42
N GLY A 45 -1.05 -17.90 13.08
CA GLY A 45 0.40 -17.84 13.23
C GLY A 45 0.99 -19.06 13.91
N SER A 46 0.34 -19.52 14.97
CA SER A 46 0.81 -20.67 15.72
C SER A 46 0.46 -21.99 15.02
N LYS A 47 -0.11 -21.89 13.83
CA LYS A 47 -0.50 -23.07 13.06
C LYS A 47 0.24 -23.10 11.71
N LEU A 48 1.15 -22.16 11.52
CA LEU A 48 1.91 -22.08 10.28
C LEU A 48 3.23 -22.81 10.41
N GLN A 49 3.79 -23.21 9.28
CA GLN A 49 5.06 -23.91 9.26
C GLN A 49 6.21 -22.93 9.44
N ASP A 50 7.27 -23.38 10.09
CA ASP A 50 8.44 -22.55 10.36
C ASP A 50 8.99 -21.95 9.07
N ALA A 51 9.10 -22.79 8.03
CA ALA A 51 9.60 -22.36 6.74
C ALA A 51 8.69 -21.32 6.11
N GLU A 52 7.38 -21.47 6.33
CA GLU A 52 6.40 -20.54 5.79
C GLU A 52 6.55 -19.19 6.45
N ILE A 53 6.70 -19.19 7.76
CA ILE A 53 6.88 -17.95 8.51
C ILE A 53 8.17 -17.26 8.06
N ALA A 54 9.21 -18.06 7.86
CA ALA A 54 10.50 -17.54 7.41
C ALA A 54 10.34 -16.87 6.05
N ARG A 55 9.64 -17.56 5.13
CA ARG A 55 9.40 -17.05 3.80
C ARG A 55 8.56 -15.77 3.88
N LEU A 56 7.53 -15.79 4.72
CA LEU A 56 6.65 -14.64 4.89
C LEU A 56 7.46 -13.45 5.39
N MET A 57 8.29 -13.66 6.40
CA MET A 57 9.10 -12.59 6.96
C MET A 57 10.14 -12.12 5.96
N GLU A 58 10.52 -12.99 5.04
CA GLU A 58 11.52 -12.66 4.02
C GLU A 58 10.88 -11.92 2.85
N ASP A 59 9.58 -12.12 2.68
CA ASP A 59 8.85 -11.47 1.60
C ASP A 59 8.33 -10.10 2.04
N LEU A 60 8.18 -9.93 3.35
CA LEU A 60 7.69 -8.68 3.91
C LEU A 60 8.70 -7.56 3.71
N ASP A 61 9.93 -7.78 4.17
CA ASP A 61 10.97 -6.77 4.03
C ASP A 61 11.34 -6.61 2.55
N ARG A 62 11.40 -5.38 2.10
CA ARG A 62 11.72 -5.09 0.71
C ARG A 62 13.04 -4.34 0.59
N ASN A 63 13.48 -3.71 1.67
CA ASN A 63 14.74 -2.98 1.64
C ASN A 63 15.89 -3.96 1.83
N LYS A 64 15.57 -5.11 2.42
CA LYS A 64 16.52 -6.20 2.65
C LYS A 64 17.65 -5.85 3.63
N ASP A 65 17.31 -5.67 4.90
CA ASP A 65 18.33 -5.40 5.93
C ASP A 65 18.06 -6.26 7.17
N GLN A 66 17.11 -7.19 7.02
CA GLN A 66 16.73 -8.13 8.08
C GLN A 66 15.92 -7.46 9.19
N GLU A 67 15.55 -6.19 9.01
CA GLU A 67 14.78 -5.49 10.01
C GLU A 67 13.52 -4.89 9.38
N VAL A 68 12.40 -5.57 9.57
CA VAL A 68 11.12 -5.15 9.01
C VAL A 68 10.65 -3.86 9.66
N ASN A 69 10.36 -2.85 8.84
CA ASN A 69 9.89 -1.57 9.35
C ASN A 69 8.38 -1.50 9.32
N PHE A 70 7.82 -0.42 9.86
CA PHE A 70 6.37 -0.25 9.92
C PHE A 70 5.72 -0.32 8.55
N GLN A 71 6.31 0.35 7.55
CA GLN A 71 5.76 0.34 6.20
C GLN A 71 5.64 -1.08 5.66
N GLU A 72 6.65 -1.91 5.96
CA GLU A 72 6.64 -3.29 5.52
C GLU A 72 5.60 -4.08 6.31
N TYR A 73 5.42 -3.71 7.57
CA TYR A 73 4.44 -4.35 8.45
C TYR A 73 3.03 -4.01 7.99
N VAL A 74 2.85 -2.77 7.52
CA VAL A 74 1.56 -2.31 7.02
C VAL A 74 1.16 -3.13 5.80
N THR A 75 2.15 -3.53 5.03
CA THR A 75 1.92 -4.34 3.84
C THR A 75 1.34 -5.70 4.23
N PHE A 76 1.77 -6.19 5.39
CA PHE A 76 1.29 -7.47 5.92
C PHE A 76 -0.17 -7.33 6.31
N LEU A 77 -0.50 -6.23 6.97
CA LEU A 77 -1.86 -5.96 7.41
C LEU A 77 -2.77 -5.83 6.20
N GLY A 78 -2.28 -5.14 5.17
CA GLY A 78 -3.05 -4.94 3.96
C GLY A 78 -3.37 -6.26 3.28
N ALA A 79 -2.42 -7.18 3.30
CA ALA A 79 -2.61 -8.50 2.70
C ALA A 79 -3.69 -9.27 3.43
N LEU A 80 -3.67 -9.18 4.77
CA LEU A 80 -4.66 -9.87 5.60
C LEU A 80 -6.06 -9.34 5.30
N ALA A 81 -6.16 -8.03 5.15
CA ALA A 81 -7.43 -7.38 4.86
C ALA A 81 -7.98 -7.85 3.52
N LEU A 82 -7.09 -8.00 2.54
CA LEU A 82 -7.49 -8.46 1.22
C LEU A 82 -8.08 -9.86 1.28
N ILE A 83 -7.39 -10.77 1.97
CA ILE A 83 -7.84 -12.15 2.11
C ILE A 83 -9.22 -12.20 2.78
N TYR A 84 -9.39 -11.36 3.79
CA TYR A 84 -10.64 -11.30 4.52
C TYR A 84 -11.79 -10.86 3.62
N ASN A 85 -11.54 -9.85 2.80
CA ASN A 85 -12.56 -9.34 1.88
C ASN A 85 -12.84 -10.32 0.76
N GLU A 86 -11.79 -11.01 0.28
CA GLU A 86 -11.95 -11.98 -0.80
C GLU A 86 -12.83 -13.14 -0.35
N ALA A 87 -12.79 -13.44 0.94
CA ALA A 87 -13.59 -14.52 1.50
C ALA A 87 -15.07 -14.13 1.53
N LEU A 88 -15.34 -12.84 1.36
CA LEU A 88 -16.70 -12.33 1.36
C LEU A 88 -17.03 -11.67 0.01
N LYS A 89 -16.32 -12.09 -1.03
CA LYS A 89 -16.53 -11.54 -2.37
C LYS A 89 -17.60 -12.31 -3.13
N GLY A 90 -17.38 -13.62 -3.33
CA GLY A 90 -18.35 -14.42 -4.06
C GLY A 90 -17.81 -15.78 -4.44
N ALA B 2 -10.67 -15.73 18.13
CA ALA B 2 -9.65 -15.10 17.26
C ALA B 2 -8.78 -14.14 18.07
N SER B 3 -7.54 -13.99 17.63
CA SER B 3 -6.59 -13.11 18.31
C SER B 3 -6.88 -11.63 17.99
N PRO B 4 -6.38 -10.70 18.84
CA PRO B 4 -6.58 -9.25 18.66
C PRO B 4 -6.34 -8.75 17.25
N LEU B 5 -5.26 -9.22 16.61
CA LEU B 5 -4.93 -8.81 15.26
C LEU B 5 -6.03 -9.21 14.28
N ASP B 6 -6.42 -10.49 14.33
CA ASP B 6 -7.47 -11.01 13.46
C ASP B 6 -8.79 -10.27 13.69
N GLN B 7 -9.06 -9.96 14.96
CA GLN B 7 -10.28 -9.25 15.32
C GLN B 7 -10.29 -7.84 14.74
N ALA B 8 -9.16 -7.17 14.83
CA ALA B 8 -9.02 -5.81 14.31
C ALA B 8 -9.25 -5.78 12.81
N ILE B 9 -8.60 -6.70 12.10
CA ILE B 9 -8.75 -6.79 10.65
C ILE B 9 -10.21 -7.04 10.29
N GLY B 10 -10.82 -7.99 11.00
CA GLY B 10 -12.21 -8.32 10.76
C GLY B 10 -13.13 -7.14 10.99
N LEU B 11 -12.83 -6.34 12.02
CA LEU B 11 -13.62 -5.17 12.35
C LEU B 11 -13.55 -4.13 11.24
N LEU B 12 -12.34 -3.90 10.74
CA LEU B 12 -12.12 -2.92 9.68
C LEU B 12 -12.89 -3.32 8.41
N VAL B 13 -12.81 -4.59 8.04
CA VAL B 13 -13.50 -5.09 6.87
C VAL B 13 -15.01 -4.98 7.07
N ALA B 14 -15.45 -5.22 8.30
CA ALA B 14 -16.85 -5.14 8.64
C ALA B 14 -17.36 -3.71 8.48
N ILE B 15 -16.51 -2.75 8.87
CA ILE B 15 -16.86 -1.33 8.75
C ILE B 15 -17.00 -0.94 7.28
N PHE B 16 -16.11 -1.46 6.44
CA PHE B 16 -16.14 -1.17 5.02
C PHE B 16 -17.47 -1.64 4.41
N HIS B 17 -17.86 -2.86 4.73
CA HIS B 17 -19.09 -3.43 4.19
C HIS B 17 -20.31 -2.97 4.98
N LYS B 18 -20.08 -2.15 5.99
CA LYS B 18 -21.15 -1.63 6.83
C LYS B 18 -21.85 -0.48 6.10
N TYR B 19 -21.16 0.08 5.11
CA TYR B 19 -21.71 1.18 4.33
C TYR B 19 -21.88 0.80 2.87
N SER B 20 -20.98 -0.03 2.36
CA SER B 20 -21.02 -0.45 0.97
C SER B 20 -22.26 -1.30 0.70
N GLY B 21 -23.20 -0.78 -0.08
CA GLY B 21 -24.38 -1.55 -0.39
C GLY B 21 -25.65 -0.70 -0.44
N ARG B 22 -25.53 0.58 -0.12
CA ARG B 22 -26.68 1.46 -0.13
C ARG B 22 -27.09 1.80 -1.56
N GLU B 23 -26.14 2.29 -2.35
CA GLU B 23 -26.40 2.64 -3.73
C GLU B 23 -25.20 2.27 -4.60
N GLY B 24 -25.45 2.10 -5.89
CA GLY B 24 -24.39 1.74 -6.80
C GLY B 24 -24.09 0.26 -6.79
N ASP B 25 -23.30 -0.16 -5.81
CA ASP B 25 -22.93 -1.57 -5.67
C ASP B 25 -22.84 -1.93 -4.18
N LYS B 26 -22.19 -3.04 -3.89
CA LYS B 26 -22.03 -3.50 -2.51
C LYS B 26 -20.57 -3.83 -2.23
N HIS B 27 -19.76 -3.79 -3.29
CA HIS B 27 -18.35 -4.11 -3.17
C HIS B 27 -17.51 -2.83 -3.19
N THR B 28 -18.15 -1.72 -3.51
CA THR B 28 -17.47 -0.44 -3.57
C THR B 28 -18.18 0.60 -2.71
N LEU B 29 -17.51 1.72 -2.46
CA LEU B 29 -18.07 2.80 -1.67
C LEU B 29 -18.16 4.08 -2.49
N SER B 30 -19.34 4.65 -2.59
CA SER B 30 -19.53 5.89 -3.33
C SER B 30 -19.00 7.06 -2.53
N LYS B 31 -18.94 8.24 -3.15
CA LYS B 31 -18.47 9.44 -2.49
C LYS B 31 -19.49 9.92 -1.46
N LYS B 32 -20.63 9.25 -1.43
CA LYS B 32 -21.69 9.57 -0.49
C LYS B 32 -21.61 8.66 0.73
N GLU B 33 -21.53 7.35 0.47
CA GLU B 33 -21.44 6.36 1.54
C GLU B 33 -20.15 6.52 2.33
N LEU B 34 -19.05 6.72 1.61
CA LEU B 34 -17.74 6.88 2.23
C LEU B 34 -17.70 8.14 3.10
N LYS B 35 -18.38 9.19 2.64
CA LYS B 35 -18.43 10.45 3.37
C LYS B 35 -19.05 10.25 4.75
N GLU B 36 -20.18 9.53 4.78
CA GLU B 36 -20.86 9.26 6.03
C GLU B 36 -20.02 8.36 6.91
N LEU B 37 -19.33 7.41 6.29
CA LEU B 37 -18.46 6.49 7.00
C LEU B 37 -17.39 7.25 7.77
N ILE B 38 -16.77 8.21 7.10
CA ILE B 38 -15.72 9.02 7.71
C ILE B 38 -16.25 9.86 8.87
N GLN B 39 -17.45 10.42 8.70
CA GLN B 39 -18.04 11.28 9.72
C GLN B 39 -18.71 10.49 10.85
N LYS B 40 -18.59 9.16 10.82
CA LYS B 40 -19.20 8.33 11.85
C LYS B 40 -18.20 7.38 12.48
N GLU B 41 -17.53 6.59 11.65
CA GLU B 41 -16.57 5.59 12.15
C GLU B 41 -15.23 6.22 12.52
N LEU B 42 -15.02 7.46 12.09
CA LEU B 42 -13.77 8.15 12.40
C LEU B 42 -14.02 9.28 13.40
N THR B 43 -13.21 9.32 14.45
CA THR B 43 -13.34 10.33 15.49
C THR B 43 -13.17 11.75 14.96
N ILE B 44 -12.16 11.98 14.13
CA ILE B 44 -11.92 13.31 13.59
C ILE B 44 -12.78 13.56 12.34
N GLY B 45 -13.49 12.54 11.89
CA GLY B 45 -14.32 12.66 10.71
C GLY B 45 -15.39 13.73 10.83
N SER B 46 -16.08 13.75 11.96
CA SER B 46 -17.14 14.71 12.19
C SER B 46 -16.57 16.09 12.60
N LYS B 47 -15.25 16.23 12.51
CA LYS B 47 -14.59 17.48 12.86
C LYS B 47 -13.80 18.03 11.67
N LEU B 48 -13.94 17.39 10.52
CA LEU B 48 -13.25 17.80 9.33
C LEU B 48 -14.15 18.64 8.44
N GLN B 49 -13.54 19.51 7.65
CA GLN B 49 -14.28 20.37 6.74
C GLN B 49 -14.84 19.56 5.59
N ASP B 50 -15.99 19.98 5.07
CA ASP B 50 -16.63 19.28 3.96
C ASP B 50 -15.69 19.22 2.76
N ALA B 51 -15.01 20.33 2.49
CA ALA B 51 -14.06 20.40 1.38
C ALA B 51 -12.90 19.42 1.58
N GLU B 52 -12.45 19.27 2.81
CA GLU B 52 -11.36 18.36 3.14
C GLU B 52 -11.77 16.92 2.89
N ILE B 53 -12.98 16.58 3.34
CA ILE B 53 -13.49 15.23 3.16
C ILE B 53 -13.62 14.93 1.67
N ALA B 54 -14.07 15.92 0.91
CA ALA B 54 -14.23 15.77 -0.53
C ALA B 54 -12.87 15.56 -1.19
N ARG B 55 -11.87 16.32 -0.74
CA ARG B 55 -10.52 16.19 -1.27
C ARG B 55 -9.95 14.82 -0.92
N LEU B 56 -10.13 14.43 0.33
CA LEU B 56 -9.65 13.14 0.82
C LEU B 56 -10.24 12.00 -0.02
N MET B 57 -11.56 12.05 -0.23
CA MET B 57 -12.24 11.03 -1.00
C MET B 57 -11.81 11.05 -2.46
N GLU B 58 -11.34 12.21 -2.92
CA GLU B 58 -10.89 12.37 -4.30
C GLU B 58 -9.43 11.92 -4.45
N ASP B 59 -8.71 11.90 -3.34
CA ASP B 59 -7.31 11.50 -3.34
C ASP B 59 -7.20 10.00 -3.13
N LEU B 60 -8.21 9.42 -2.48
CA LEU B 60 -8.24 7.99 -2.21
C LEU B 60 -8.41 7.19 -3.50
N ASP B 61 -9.44 7.50 -4.27
CA ASP B 61 -9.69 6.80 -5.52
C ASP B 61 -8.62 7.17 -6.55
N ARG B 62 -8.02 6.16 -7.14
CA ARG B 62 -6.98 6.38 -8.14
C ARG B 62 -7.48 5.94 -9.50
N ASN B 63 -8.49 5.08 -9.52
CA ASN B 63 -9.06 4.60 -10.77
C ASN B 63 -9.93 5.68 -11.40
N LYS B 64 -10.37 6.62 -10.56
CA LYS B 64 -11.18 7.76 -10.97
C LYS B 64 -12.51 7.38 -11.62
N ASP B 65 -13.39 6.73 -10.87
CA ASP B 65 -14.70 6.37 -11.41
C ASP B 65 -15.81 6.71 -10.41
N GLN B 66 -15.41 7.45 -9.37
CA GLN B 66 -16.32 7.93 -8.31
C GLN B 66 -16.70 6.81 -7.32
N GLU B 67 -16.10 5.64 -7.45
CA GLU B 67 -16.38 4.53 -6.55
C GLU B 67 -15.10 4.02 -5.92
N VAL B 68 -14.94 4.26 -4.63
CA VAL B 68 -13.75 3.81 -3.91
C VAL B 68 -13.83 2.32 -3.62
N ASN B 69 -12.83 1.59 -4.07
CA ASN B 69 -12.78 0.15 -3.86
C ASN B 69 -11.99 -0.19 -2.59
N PHE B 70 -11.99 -1.46 -2.22
CA PHE B 70 -11.31 -1.91 -1.01
C PHE B 70 -9.82 -1.56 -1.03
N GLN B 71 -9.16 -1.75 -2.16
CA GLN B 71 -7.74 -1.44 -2.27
C GLN B 71 -7.47 0.04 -1.96
N GLU B 72 -8.38 0.91 -2.40
CA GLU B 72 -8.25 2.33 -2.15
C GLU B 72 -8.55 2.63 -0.69
N TYR B 73 -9.47 1.86 -0.11
CA TYR B 73 -9.84 2.02 1.29
C TYR B 73 -8.68 1.58 2.18
N VAL B 74 -7.98 0.52 1.76
CA VAL B 74 -6.83 0.01 2.51
C VAL B 74 -5.74 1.07 2.56
N THR B 75 -5.60 1.82 1.47
CA THR B 75 -4.62 2.88 1.38
C THR B 75 -4.91 3.95 2.43
N PHE B 76 -6.19 4.15 2.72
CA PHE B 76 -6.63 5.12 3.71
C PHE B 76 -6.22 4.65 5.11
N LEU B 77 -6.44 3.36 5.37
CA LEU B 77 -6.09 2.77 6.67
C LEU B 77 -4.59 2.83 6.88
N GLY B 78 -3.84 2.57 5.82
CA GLY B 78 -2.39 2.61 5.89
C GLY B 78 -1.89 3.99 6.26
N ALA B 79 -2.52 5.02 5.70
CA ALA B 79 -2.14 6.39 5.98
C ALA B 79 -2.38 6.73 7.44
N LEU B 80 -3.51 6.26 7.98
CA LEU B 80 -3.85 6.49 9.38
C LEU B 80 -2.82 5.85 10.29
N ALA B 81 -2.42 4.64 9.93
CA ALA B 81 -1.42 3.90 10.70
C ALA B 81 -0.10 4.65 10.74
N LEU B 82 0.28 5.23 9.60
CA LEU B 82 1.52 5.98 9.49
C LEU B 82 1.50 7.18 10.44
N ILE B 83 0.42 7.95 10.38
CA ILE B 83 0.26 9.13 11.23
C ILE B 83 0.33 8.76 12.71
N TYR B 84 -0.23 7.60 13.04
CA TYR B 84 -0.24 7.12 14.41
C TYR B 84 1.17 6.81 14.92
N ASN B 85 1.95 6.11 14.11
CA ASN B 85 3.31 5.74 14.49
C ASN B 85 4.23 6.96 14.51
N GLU B 86 4.01 7.89 13.58
CA GLU B 86 4.81 9.10 13.51
C GLU B 86 4.67 9.93 14.78
N ALA B 87 3.52 9.78 15.44
CA ALA B 87 3.26 10.51 16.67
C ALA B 87 4.09 9.94 17.81
N LEU B 88 4.51 8.70 17.66
CA LEU B 88 5.32 8.02 18.67
C LEU B 88 6.73 7.77 18.15
N LYS B 89 7.16 8.58 17.19
CA LYS B 89 8.49 8.44 16.60
C LYS B 89 9.52 9.31 17.32
N GLY B 90 9.14 10.55 17.60
CA GLY B 90 10.05 11.47 18.26
C GLY B 90 9.63 12.91 18.09
N ALA C 1 7.74 15.74 18.67
CA ALA C 1 8.69 16.60 17.94
C ALA C 1 9.81 17.06 18.86
N MET C 2 10.79 16.19 19.08
CA MET C 2 11.92 16.51 19.93
C MET C 2 13.05 17.13 19.11
N ALA C 3 13.76 18.09 19.70
CA ALA C 3 14.86 18.76 19.03
C ALA C 3 16.00 19.05 20.00
N GLN C 4 17.23 18.97 19.51
CA GLN C 4 18.41 19.23 20.32
C GLN C 4 18.87 20.67 20.13
N ASN C 5 19.14 21.36 21.23
CA ASN C 5 19.59 22.75 21.17
C ASN C 5 21.11 22.82 21.10
N ILE C 6 21.63 23.67 20.22
CA ILE C 6 23.07 23.83 20.06
C ILE C 6 23.41 25.31 19.88
N THR C 7 24.35 25.81 20.68
CA THR C 7 24.77 27.20 20.60
C THR C 7 25.95 27.34 19.64
N ALA C 8 25.89 28.35 18.78
CA ALA C 8 26.95 28.58 17.81
C ALA C 8 27.35 30.05 17.76
N ARG C 9 28.46 30.33 17.07
CA ARG C 9 28.96 31.69 16.93
C ARG C 9 28.86 32.13 15.47
N ILE C 10 28.56 33.41 15.25
CA ILE C 10 28.43 33.94 13.90
C ILE C 10 29.78 34.00 13.18
N GLY C 11 29.88 33.30 12.06
CA GLY C 11 31.11 33.28 11.30
C GLY C 11 32.09 32.26 11.83
N GLU C 12 31.57 31.27 12.52
CA GLU C 12 32.38 30.21 13.09
C GLU C 12 32.11 28.89 12.38
N PRO C 13 33.17 28.17 11.97
CA PRO C 13 33.03 26.87 11.31
C PRO C 13 32.49 25.80 12.25
N LEU C 14 31.47 25.08 11.82
CA LEU C 14 30.87 24.03 12.64
C LEU C 14 30.75 22.72 11.87
N VAL C 15 30.92 21.62 12.57
CA VAL C 15 30.82 20.30 11.96
C VAL C 15 29.81 19.45 12.71
N LEU C 16 28.76 19.02 12.02
CA LEU C 16 27.71 18.21 12.64
C LEU C 16 27.67 16.82 12.02
N LYS C 17 27.11 15.86 12.74
CA LYS C 17 27.01 14.49 12.25
C LYS C 17 25.56 14.12 12.01
N CYS C 18 25.29 13.51 10.87
CA CYS C 18 23.94 13.09 10.51
C CYS C 18 23.96 11.68 9.94
N LYS C 19 23.92 10.69 10.82
CA LYS C 19 23.94 9.30 10.40
C LYS C 19 22.53 8.83 10.06
N GLY C 20 22.28 8.63 8.78
CA GLY C 20 20.98 8.17 8.33
C GLY C 20 21.08 7.05 7.33
N ALA C 21 22.29 6.52 7.15
CA ALA C 21 22.52 5.44 6.22
C ALA C 21 23.12 4.23 6.93
N PRO C 22 22.43 3.07 6.85
CA PRO C 22 22.89 1.84 7.49
C PRO C 22 24.01 1.17 6.68
N LYS C 23 24.16 -0.14 6.83
CA LYS C 23 25.18 -0.87 6.10
C LYS C 23 24.66 -1.22 4.70
N LYS C 24 24.55 -0.21 3.86
CA LYS C 24 24.05 -0.38 2.49
C LYS C 24 24.69 0.65 1.57
N PRO C 25 24.59 0.46 0.24
CA PRO C 25 25.14 1.39 -0.75
C PRO C 25 24.53 2.79 -0.61
N PRO C 26 25.19 3.82 -1.20
CA PRO C 26 24.71 5.21 -1.14
C PRO C 26 23.23 5.35 -1.45
N GLN C 27 22.45 5.60 -0.41
CA GLN C 27 21.01 5.77 -0.55
C GLN C 27 20.66 7.22 -0.84
N ARG C 28 19.37 7.49 -0.99
CA ARG C 28 18.89 8.84 -1.25
C ARG C 28 18.82 9.63 0.03
N LEU C 29 19.60 10.71 0.11
CA LEU C 29 19.62 11.55 1.29
C LEU C 29 18.75 12.79 1.09
N GLU C 30 17.71 12.90 1.89
CA GLU C 30 16.80 14.04 1.81
C GLU C 30 17.10 15.02 2.93
N TRP C 31 17.61 16.19 2.58
CA TRP C 31 17.93 17.19 3.59
C TRP C 31 16.80 18.21 3.72
N LYS C 32 16.39 18.48 4.95
CA LYS C 32 15.33 19.43 5.23
C LYS C 32 15.63 20.21 6.51
N LEU C 33 14.79 21.19 6.81
CA LEU C 33 14.94 22.01 8.01
C LEU C 33 13.67 22.84 8.22
N ASN C 34 13.63 23.59 9.31
CA ASN C 34 12.48 24.43 9.63
C ASN C 34 12.91 25.74 10.28
N THR C 35 12.73 26.83 9.56
CA THR C 35 13.09 28.15 10.05
C THR C 35 12.00 29.15 9.64
N GLY C 36 12.18 30.42 9.99
CA GLY C 36 11.20 31.43 9.61
C GLY C 36 11.11 31.59 8.11
N ARG C 37 12.23 31.93 7.50
CA ARG C 37 12.29 32.10 6.06
C ARG C 37 12.82 30.83 5.40
N THR C 38 13.77 30.18 6.09
CA THR C 38 14.38 28.94 5.61
C THR C 38 15.20 29.19 4.34
N GLU C 39 16.42 29.66 4.54
CA GLU C 39 17.32 29.96 3.44
C GLU C 39 18.19 28.76 3.06
N ALA C 40 18.80 28.14 4.05
CA ALA C 40 19.69 27.00 3.84
C ALA C 40 18.93 25.71 3.60
N TRP C 41 18.23 25.63 2.47
CA TRP C 41 17.49 24.42 2.14
C TRP C 41 17.89 23.93 0.74
N LYS C 42 18.32 22.67 0.68
CA LYS C 42 18.72 22.07 -0.58
C LYS C 42 18.82 20.56 -0.40
N VAL C 43 18.06 19.83 -1.20
CA VAL C 43 18.06 18.37 -1.13
C VAL C 43 19.35 17.81 -1.70
N LEU C 44 20.01 16.97 -0.93
CA LEU C 44 21.27 16.36 -1.35
C LEU C 44 21.04 15.29 -2.41
N SER C 45 22.12 14.75 -2.92
CA SER C 45 22.07 13.72 -3.94
C SER C 45 23.30 12.84 -3.84
N PRO C 46 23.18 11.53 -4.14
CA PRO C 46 24.32 10.61 -4.09
C PRO C 46 25.43 11.05 -5.04
N GLN C 47 25.04 11.69 -6.13
CA GLN C 47 25.97 12.19 -7.12
C GLN C 47 25.53 13.57 -7.61
N GLY C 48 26.08 14.62 -7.00
CA GLY C 48 25.73 15.97 -7.36
C GLY C 48 25.95 16.94 -6.22
N GLY C 49 25.46 18.16 -6.37
CA GLY C 49 25.64 19.16 -5.33
C GLY C 49 24.51 20.16 -5.29
N GLY C 50 24.81 21.39 -5.69
CA GLY C 50 23.82 22.44 -5.69
C GLY C 50 24.39 23.75 -5.20
N PRO C 51 23.58 24.82 -5.15
CA PRO C 51 24.03 26.15 -4.68
C PRO C 51 24.39 26.15 -3.20
N TRP C 52 23.87 25.17 -2.47
CA TRP C 52 24.12 25.05 -1.05
C TRP C 52 25.39 24.24 -0.78
N ASP C 53 25.87 23.56 -1.81
CA ASP C 53 27.08 22.74 -1.70
C ASP C 53 28.29 23.63 -1.42
N SER C 54 28.18 24.90 -1.79
CA SER C 54 29.26 25.86 -1.58
C SER C 54 29.17 26.43 -0.16
N VAL C 55 28.03 26.21 0.49
CA VAL C 55 27.81 26.72 1.84
C VAL C 55 28.14 25.65 2.87
N ALA C 56 27.68 24.43 2.62
CA ALA C 56 27.91 23.32 3.51
C ALA C 56 28.31 22.08 2.72
N ARG C 57 29.38 21.43 3.16
CA ARG C 57 29.87 20.25 2.48
C ARG C 57 29.58 19.00 3.29
N VAL C 58 29.15 17.95 2.60
CA VAL C 58 28.84 16.69 3.25
C VAL C 58 30.04 15.75 3.17
N LEU C 59 30.46 15.25 4.33
CA LEU C 59 31.59 14.33 4.39
C LEU C 59 31.10 12.92 4.05
N PRO C 60 31.96 12.10 3.41
CA PRO C 60 31.60 10.73 3.01
C PRO C 60 31.15 9.85 4.18
N ASN C 61 31.48 10.26 5.39
CA ASN C 61 31.10 9.50 6.57
C ASN C 61 29.75 9.93 7.13
N GLY C 62 29.14 10.93 6.50
CA GLY C 62 27.85 11.40 6.95
C GLY C 62 27.93 12.57 7.92
N SER C 63 28.73 13.57 7.58
CA SER C 63 28.87 14.75 8.42
C SER C 63 28.70 16.01 7.59
N LEU C 64 28.31 17.09 8.24
CA LEU C 64 28.09 18.36 7.57
C LEU C 64 29.10 19.39 8.03
N PHE C 65 29.86 19.93 7.09
CA PHE C 65 30.88 20.93 7.41
C PHE C 65 30.42 22.32 6.94
N LEU C 66 30.28 23.22 7.90
CA LEU C 66 29.88 24.60 7.61
C LEU C 66 31.05 25.53 7.89
N PRO C 67 31.68 26.08 6.83
CA PRO C 67 32.83 27.00 6.96
C PRO C 67 32.55 28.19 7.86
N ALA C 68 31.35 28.75 7.75
CA ALA C 68 30.98 29.89 8.57
C ALA C 68 29.47 29.93 8.80
N VAL C 69 29.06 29.63 10.02
CA VAL C 69 27.64 29.64 10.38
C VAL C 69 27.19 31.06 10.66
N GLY C 70 26.25 31.54 9.86
CA GLY C 70 25.73 32.88 10.04
C GLY C 70 24.30 32.89 10.54
N ILE C 71 23.64 34.03 10.39
CA ILE C 71 22.25 34.15 10.83
C ILE C 71 21.30 33.54 9.80
N GLN C 72 21.83 33.27 8.62
CA GLN C 72 21.06 32.66 7.55
C GLN C 72 21.01 31.15 7.73
N ASP C 73 21.96 30.65 8.52
CA ASP C 73 22.06 29.22 8.77
C ASP C 73 21.48 28.89 10.13
N GLU C 74 20.48 29.66 10.54
CA GLU C 74 19.81 29.46 11.81
C GLU C 74 18.52 28.68 11.61
N GLY C 75 18.00 28.12 12.69
CA GLY C 75 16.75 27.37 12.61
C GLY C 75 16.88 25.97 13.14
N ILE C 76 15.98 25.09 12.70
CA ILE C 76 15.98 23.71 13.12
C ILE C 76 16.30 22.79 11.95
N PHE C 77 17.51 22.26 11.94
CA PHE C 77 17.93 21.35 10.88
C PHE C 77 17.33 19.98 11.11
N ARG C 78 16.97 19.29 10.03
CA ARG C 78 16.38 17.96 10.15
C ARG C 78 16.83 17.07 9.01
N CYS C 79 17.72 16.13 9.31
CA CYS C 79 18.22 15.21 8.32
C CYS C 79 17.20 14.10 8.08
N GLN C 80 17.03 13.72 6.82
CA GLN C 80 16.08 12.68 6.44
C GLN C 80 16.72 11.75 5.40
N ALA C 81 16.16 10.57 5.22
CA ALA C 81 16.69 9.62 4.26
C ALA C 81 15.54 8.91 3.55
N MET C 82 15.77 8.50 2.33
CA MET C 82 14.73 7.82 1.56
C MET C 82 15.15 6.40 1.24
N ASN C 83 14.16 5.56 0.94
CA ASN C 83 14.40 4.16 0.62
C ASN C 83 13.20 3.58 -0.11
N ARG C 84 13.26 2.31 -0.46
CA ARG C 84 12.17 1.65 -1.17
C ARG C 84 10.87 1.68 -0.35
N ASN C 85 11.00 1.55 0.96
CA ASN C 85 9.83 1.55 1.84
C ASN C 85 9.74 2.86 2.61
N GLY C 86 10.67 3.77 2.35
CA GLY C 86 10.66 5.04 3.04
C GLY C 86 11.19 4.95 4.46
N LYS C 87 12.36 4.33 4.62
CA LYS C 87 12.97 4.22 5.94
C LYS C 87 13.72 5.52 6.26
N GLU C 88 13.03 6.44 6.92
CA GLU C 88 13.61 7.74 7.24
C GLU C 88 13.81 7.92 8.74
N THR C 89 14.59 8.94 9.09
CA THR C 89 14.87 9.28 10.47
C THR C 89 14.40 10.72 10.72
N LYS C 90 14.20 11.09 11.98
CA LYS C 90 13.71 12.43 12.30
C LYS C 90 14.57 13.10 13.36
N SER C 91 15.78 13.48 13.00
CA SER C 91 16.68 14.16 13.90
C SER C 91 16.57 15.67 13.73
N ASN C 92 16.27 16.38 14.81
CA ASN C 92 16.13 17.83 14.76
C ASN C 92 17.22 18.52 15.55
N TYR C 93 17.87 19.50 14.93
CA TYR C 93 18.93 20.27 15.57
C TYR C 93 18.61 21.76 15.53
N ARG C 94 18.41 22.36 16.68
CA ARG C 94 18.11 23.79 16.76
C ARG C 94 19.38 24.56 17.10
N VAL C 95 20.04 25.07 16.08
CA VAL C 95 21.25 25.85 16.28
C VAL C 95 20.91 27.32 16.52
N ARG C 96 21.45 27.87 17.59
CA ARG C 96 21.20 29.27 17.94
C ARG C 96 22.54 30.01 18.07
N VAL C 97 22.64 31.14 17.39
CA VAL C 97 23.86 31.92 17.44
C VAL C 97 23.79 32.95 18.57
N TYR C 98 24.96 33.36 19.06
CA TYR C 98 25.04 34.33 20.15
C TYR C 98 24.67 35.74 19.69
N GLN C 99 24.64 35.94 18.38
CA GLN C 99 24.30 37.24 17.81
C GLN C 99 23.16 37.10 16.82
N ILE C 100 21.94 37.30 17.31
CA ILE C 100 20.76 37.20 16.47
C ILE C 100 20.24 38.59 16.11
N PRO C 101 19.67 38.74 14.92
CA PRO C 101 19.12 40.02 14.45
C PRO C 101 17.76 40.32 15.06
N ALA D 1 -17.14 -19.19 -4.05
CA ALA D 1 -16.90 -19.48 -5.48
C ALA D 1 -18.19 -19.93 -6.16
N MET D 2 -18.82 -19.03 -6.91
CA MET D 2 -20.05 -19.35 -7.61
C MET D 2 -19.80 -19.42 -9.12
N ALA D 3 -20.35 -20.43 -9.75
CA ALA D 3 -20.19 -20.63 -11.20
C ALA D 3 -21.52 -20.98 -11.85
N GLN D 4 -21.72 -20.48 -13.06
CA GLN D 4 -22.94 -20.74 -13.81
C GLN D 4 -22.74 -21.89 -14.78
N ASN D 5 -23.60 -22.90 -14.73
CA ASN D 5 -23.49 -24.05 -15.62
C ASN D 5 -24.19 -23.78 -16.95
N ILE D 6 -23.54 -24.11 -18.05
CA ILE D 6 -24.10 -23.92 -19.38
C ILE D 6 -23.85 -25.14 -20.25
N THR D 7 -24.90 -25.65 -20.88
CA THR D 7 -24.78 -26.82 -21.73
C THR D 7 -24.51 -26.41 -23.17
N ALA D 8 -23.57 -27.08 -23.82
CA ALA D 8 -23.22 -26.76 -25.20
C ALA D 8 -23.07 -28.02 -26.04
N ARG D 9 -23.04 -27.83 -27.35
CA ARG D 9 -22.88 -28.94 -28.29
C ARG D 9 -21.51 -28.87 -28.94
N ILE D 10 -20.91 -30.03 -29.18
CA ILE D 10 -19.60 -30.09 -29.80
C ILE D 10 -19.67 -29.65 -31.27
N GLY D 11 -18.79 -28.73 -31.64
CA GLY D 11 -18.76 -28.23 -33.00
C GLY D 11 -19.86 -27.24 -33.28
N GLU D 12 -20.43 -26.67 -32.21
CA GLU D 12 -21.49 -25.70 -32.32
C GLU D 12 -20.99 -24.31 -31.94
N PRO D 13 -21.29 -23.29 -32.74
CA PRO D 13 -20.89 -21.91 -32.46
C PRO D 13 -21.65 -21.34 -31.26
N LEU D 14 -20.90 -20.74 -30.33
CA LEU D 14 -21.50 -20.17 -29.13
C LEU D 14 -21.05 -18.72 -28.95
N VAL D 15 -21.92 -17.90 -28.37
CA VAL D 15 -21.62 -16.50 -28.12
C VAL D 15 -21.93 -16.14 -26.68
N LEU D 16 -20.90 -15.75 -25.93
CA LEU D 16 -21.06 -15.40 -24.52
C LEU D 16 -20.76 -13.91 -24.31
N LYS D 17 -21.26 -13.36 -23.21
CA LYS D 17 -21.04 -11.95 -22.90
C LYS D 17 -20.21 -11.81 -21.64
N CYS D 18 -19.24 -10.92 -21.66
CA CYS D 18 -18.38 -10.68 -20.51
C CYS D 18 -18.17 -9.18 -20.32
N LYS D 19 -19.11 -8.54 -19.65
CA LYS D 19 -19.05 -7.11 -19.39
C LYS D 19 -18.13 -6.82 -18.20
N GLY D 20 -16.88 -6.54 -18.50
CA GLY D 20 -15.92 -6.24 -17.45
C GLY D 20 -15.33 -4.85 -17.59
N ALA D 21 -15.94 -4.04 -18.46
CA ALA D 21 -15.46 -2.69 -18.69
C ALA D 21 -16.59 -1.68 -18.49
N PRO D 22 -16.41 -0.74 -17.55
CA PRO D 22 -17.40 0.29 -17.27
C PRO D 22 -17.37 1.40 -18.31
N LYS D 23 -17.91 2.56 -17.97
CA LYS D 23 -17.93 3.70 -18.87
C LYS D 23 -16.57 4.40 -18.87
N LYS D 24 -15.59 3.75 -19.48
CA LYS D 24 -14.22 4.27 -19.56
C LYS D 24 -13.55 3.78 -20.83
N PRO D 25 -12.41 4.39 -21.22
CA PRO D 25 -11.67 3.99 -22.41
C PRO D 25 -11.21 2.53 -22.32
N PRO D 26 -10.84 1.91 -23.46
CA PRO D 26 -10.39 0.50 -23.50
C PRO D 26 -9.33 0.19 -22.44
N GLN D 27 -9.76 -0.52 -21.40
CA GLN D 27 -8.87 -0.90 -20.31
C GLN D 27 -8.17 -2.22 -20.61
N ARG D 28 -7.52 -2.78 -19.59
CA ARG D 28 -6.82 -4.04 -19.75
C ARG D 28 -7.73 -5.20 -19.36
N LEU D 29 -7.90 -6.13 -20.29
CA LEU D 29 -8.76 -7.29 -20.06
C LEU D 29 -7.94 -8.56 -19.84
N GLU D 30 -8.05 -9.11 -18.64
CA GLU D 30 -7.32 -10.33 -18.29
C GLU D 30 -8.23 -11.54 -18.42
N TRP D 31 -7.98 -12.39 -19.40
CA TRP D 31 -8.83 -13.55 -19.59
C TRP D 31 -8.21 -14.77 -18.93
N LYS D 32 -9.02 -15.50 -18.15
CA LYS D 32 -8.56 -16.69 -17.45
C LYS D 32 -9.66 -17.75 -17.42
N LEU D 33 -9.32 -18.94 -16.94
CA LEU D 33 -10.25 -20.05 -16.84
C LEU D 33 -9.66 -21.15 -15.99
N ASN D 34 -10.47 -22.14 -15.65
CA ASN D 34 -10.01 -23.26 -14.83
C ASN D 34 -10.51 -24.58 -15.40
N THR D 35 -9.59 -25.42 -15.84
CA THR D 35 -9.92 -26.73 -16.38
C THR D 35 -8.89 -27.75 -15.92
N GLY D 36 -9.04 -29.01 -16.34
CA GLY D 36 -8.09 -30.04 -15.96
C GLY D 36 -6.72 -29.79 -16.56
N ARG D 37 -6.68 -29.52 -17.86
CA ARG D 37 -5.43 -29.25 -18.54
C ARG D 37 -5.34 -27.77 -18.91
N THR D 38 -6.51 -27.15 -19.14
CA THR D 38 -6.58 -25.73 -19.49
C THR D 38 -5.89 -25.45 -20.82
N GLU D 39 -6.61 -25.69 -21.92
CA GLU D 39 -6.06 -25.48 -23.25
C GLU D 39 -6.30 -24.05 -23.74
N ALA D 40 -7.57 -23.65 -23.77
CA ALA D 40 -7.95 -22.33 -24.24
C ALA D 40 -7.64 -21.23 -23.23
N TRP D 41 -6.37 -20.87 -23.12
CA TRP D 41 -5.95 -19.82 -22.20
C TRP D 41 -5.01 -18.84 -22.90
N LYS D 42 -5.45 -17.59 -22.99
CA LYS D 42 -4.66 -16.54 -23.60
C LYS D 42 -5.19 -15.18 -23.13
N VAL D 43 -4.34 -14.42 -22.46
CA VAL D 43 -4.72 -13.10 -21.98
C VAL D 43 -4.98 -12.16 -23.14
N LEU D 44 -6.08 -11.44 -23.08
CA LEU D 44 -6.44 -10.51 -24.14
C LEU D 44 -5.65 -9.22 -24.03
N SER D 45 -5.75 -8.39 -25.05
CA SER D 45 -5.05 -7.13 -25.09
C SER D 45 -5.91 -6.08 -25.81
N PRO D 46 -5.85 -4.82 -25.36
CA PRO D 46 -6.63 -3.73 -25.98
C PRO D 46 -6.26 -3.55 -27.45
N GLN D 47 -5.05 -3.97 -27.80
CA GLN D 47 -4.55 -3.88 -29.16
C GLN D 47 -3.68 -5.09 -29.45
N GLY D 48 -4.29 -6.16 -29.93
CA GLY D 48 -3.55 -7.37 -30.24
C GLY D 48 -4.44 -8.59 -30.28
N GLY D 49 -3.84 -9.77 -30.32
CA GLY D 49 -4.61 -11.00 -30.36
C GLY D 49 -3.85 -12.18 -29.79
N GLY D 50 -3.39 -13.06 -30.67
CA GLY D 50 -2.67 -14.23 -30.25
C GLY D 50 -3.17 -15.48 -30.94
N PRO D 51 -2.62 -16.66 -30.61
CA PRO D 51 -3.03 -17.93 -31.22
C PRO D 51 -4.48 -18.31 -30.90
N TRP D 52 -4.99 -17.78 -29.79
CA TRP D 52 -6.35 -18.07 -29.36
C TRP D 52 -7.35 -17.16 -30.05
N ASP D 53 -6.86 -16.06 -30.64
CA ASP D 53 -7.73 -15.11 -31.33
C ASP D 53 -8.42 -15.78 -32.52
N SER D 54 -7.74 -16.76 -33.10
CA SER D 54 -8.27 -17.50 -34.23
C SER D 54 -9.28 -18.56 -33.77
N VAL D 55 -9.35 -18.77 -32.46
CA VAL D 55 -10.26 -19.74 -31.88
C VAL D 55 -11.52 -19.04 -31.37
N ALA D 56 -11.31 -17.95 -30.66
CA ALA D 56 -12.42 -17.17 -30.12
C ALA D 56 -12.19 -15.69 -30.36
N ARG D 57 -13.14 -15.05 -31.01
CA ARG D 57 -13.02 -13.63 -31.32
C ARG D 57 -13.83 -12.80 -30.31
N VAL D 58 -13.23 -11.71 -29.86
CA VAL D 58 -13.88 -10.83 -28.91
C VAL D 58 -14.54 -9.65 -29.62
N LEU D 59 -15.85 -9.55 -29.47
CA LEU D 59 -16.61 -8.47 -30.08
C LEU D 59 -16.35 -7.16 -29.34
N PRO D 60 -16.36 -6.03 -30.07
CA PRO D 60 -16.11 -4.70 -29.48
C PRO D 60 -17.09 -4.32 -28.37
N ASN D 61 -18.19 -5.06 -28.27
CA ASN D 61 -19.19 -4.79 -27.23
C ASN D 61 -18.96 -5.64 -25.98
N GLY D 62 -17.94 -6.48 -26.03
CA GLY D 62 -17.63 -7.33 -24.88
C GLY D 62 -18.29 -8.69 -24.95
N SER D 63 -18.17 -9.35 -26.09
CA SER D 63 -18.74 -10.69 -26.27
C SER D 63 -17.71 -11.62 -26.88
N LEU D 64 -17.81 -12.90 -26.56
CA LEU D 64 -16.88 -13.90 -27.06
C LEU D 64 -17.57 -14.81 -28.07
N PHE D 65 -17.04 -14.85 -29.28
CA PHE D 65 -17.61 -15.68 -30.34
C PHE D 65 -16.74 -16.91 -30.58
N LEU D 66 -17.35 -18.09 -30.39
CA LEU D 66 -16.65 -19.35 -30.60
C LEU D 66 -17.27 -20.07 -31.80
N PRO D 67 -16.55 -20.13 -32.93
CA PRO D 67 -17.03 -20.78 -34.16
C PRO D 67 -17.43 -22.25 -33.95
N ALA D 68 -16.67 -22.96 -33.13
CA ALA D 68 -16.94 -24.37 -32.87
C ALA D 68 -16.42 -24.81 -31.51
N VAL D 69 -17.33 -24.91 -30.54
CA VAL D 69 -16.95 -25.33 -29.19
C VAL D 69 -16.71 -26.84 -29.15
N GLY D 70 -15.50 -27.24 -28.77
CA GLY D 70 -15.17 -28.64 -28.68
C GLY D 70 -14.87 -29.08 -27.26
N ILE D 71 -14.17 -30.19 -27.12
CA ILE D 71 -13.81 -30.71 -25.79
C ILE D 71 -12.59 -29.99 -25.24
N GLN D 72 -11.97 -29.18 -26.08
CA GLN D 72 -10.80 -28.42 -25.69
C GLN D 72 -11.22 -27.10 -25.05
N ASP D 73 -12.44 -26.70 -25.36
CA ASP D 73 -13.01 -25.45 -24.85
C ASP D 73 -13.89 -25.71 -23.64
N GLU D 74 -13.63 -26.82 -22.96
CA GLU D 74 -14.40 -27.19 -21.78
C GLU D 74 -13.74 -26.61 -20.52
N GLY D 75 -14.51 -26.52 -19.45
CA GLY D 75 -13.97 -26.01 -18.21
C GLY D 75 -14.77 -24.85 -17.66
N ILE D 76 -14.15 -24.10 -16.75
CA ILE D 76 -14.79 -22.95 -16.13
C ILE D 76 -14.12 -21.66 -16.58
N PHE D 77 -14.78 -20.94 -17.47
CA PHE D 77 -14.24 -19.68 -17.97
C PHE D 77 -14.39 -18.60 -16.90
N ARG D 78 -13.42 -17.71 -16.80
CA ARG D 78 -13.48 -16.65 -15.81
C ARG D 78 -12.91 -15.35 -16.36
N CYS D 79 -13.78 -14.41 -16.67
CA CYS D 79 -13.37 -13.12 -17.20
C CYS D 79 -12.88 -12.22 -16.07
N GLN D 80 -11.78 -11.53 -16.30
CA GLN D 80 -11.20 -10.64 -15.31
C GLN D 80 -10.80 -9.33 -15.98
N ALA D 81 -10.63 -8.28 -15.18
CA ALA D 81 -10.25 -6.98 -15.71
C ALA D 81 -9.21 -6.34 -14.82
N MET D 82 -8.35 -5.52 -15.40
CA MET D 82 -7.31 -4.85 -14.63
C MET D 82 -7.52 -3.35 -14.65
N ASN D 83 -6.92 -2.66 -13.68
CA ASN D 83 -7.04 -1.22 -13.57
C ASN D 83 -5.91 -0.67 -12.71
N ARG D 84 -5.97 0.62 -12.40
CA ARG D 84 -4.93 1.26 -11.59
C ARG D 84 -4.93 0.72 -10.17
N ASN D 85 -6.11 0.33 -9.69
CA ASN D 85 -6.23 -0.19 -8.32
C ASN D 85 -6.66 -1.66 -8.34
N GLY D 86 -6.70 -2.24 -9.54
CA GLY D 86 -7.08 -3.63 -9.67
C GLY D 86 -8.56 -3.88 -9.47
N LYS D 87 -9.41 -3.17 -10.22
CA LYS D 87 -10.85 -3.38 -10.12
C LYS D 87 -11.22 -4.55 -11.03
N GLU D 88 -11.35 -5.73 -10.45
CA GLU D 88 -11.65 -6.93 -11.21
C GLU D 88 -13.03 -7.49 -10.91
N THR D 89 -13.48 -8.37 -11.79
CA THR D 89 -14.75 -9.05 -11.64
C THR D 89 -14.49 -10.55 -11.62
N LYS D 90 -15.38 -11.33 -11.02
CA LYS D 90 -15.17 -12.77 -10.93
C LYS D 90 -16.36 -13.56 -11.47
N SER D 91 -16.55 -13.50 -12.78
CA SER D 91 -17.63 -14.23 -13.43
C SER D 91 -17.14 -15.61 -13.88
N ASN D 92 -17.75 -16.67 -13.34
CA ASN D 92 -17.36 -18.03 -13.68
C ASN D 92 -18.43 -18.74 -14.49
N TYR D 93 -18.05 -19.25 -15.65
CA TYR D 93 -18.97 -19.96 -16.53
C TYR D 93 -18.49 -21.39 -16.77
N ARG D 94 -19.29 -22.37 -16.37
CA ARG D 94 -18.94 -23.77 -16.55
C ARG D 94 -19.69 -24.33 -17.75
N VAL D 95 -19.02 -24.37 -18.89
CA VAL D 95 -19.63 -24.90 -20.10
C VAL D 95 -19.39 -26.41 -20.19
N ARG D 96 -20.45 -27.17 -20.42
CA ARG D 96 -20.37 -28.61 -20.52
C ARG D 96 -20.99 -29.09 -21.82
N VAL D 97 -20.23 -29.86 -22.59
CA VAL D 97 -20.71 -30.38 -23.86
C VAL D 97 -21.47 -31.69 -23.65
N TYR D 98 -22.33 -32.02 -24.60
CA TYR D 98 -23.13 -33.25 -24.52
C TYR D 98 -22.30 -34.48 -24.90
N GLN D 99 -21.09 -34.25 -25.39
CA GLN D 99 -20.20 -35.34 -25.79
C GLN D 99 -18.83 -35.17 -25.17
N ILE D 100 -18.69 -35.67 -23.94
CA ILE D 100 -17.43 -35.57 -23.23
C ILE D 100 -16.63 -36.86 -23.40
N PRO D 101 -15.30 -36.76 -23.49
CA PRO D 101 -14.42 -37.93 -23.64
C PRO D 101 -14.35 -38.75 -22.37
N ALA A 2 -12.12 6.46 21.81
CA ALA A 2 -12.37 6.87 20.41
C ALA A 2 -13.38 5.93 19.75
N SER A 3 -13.73 6.23 18.50
CA SER A 3 -14.68 5.43 17.76
C SER A 3 -14.10 4.05 17.44
N PRO A 4 -14.97 3.05 17.15
CA PRO A 4 -14.55 1.68 16.83
C PRO A 4 -13.41 1.60 15.82
N LEU A 5 -13.51 2.37 14.74
CA LEU A 5 -12.47 2.37 13.70
C LEU A 5 -11.15 2.86 14.28
N ASP A 6 -11.20 3.98 15.01
CA ASP A 6 -10.00 4.56 15.62
C ASP A 6 -9.37 3.58 16.62
N GLN A 7 -10.23 2.89 17.37
CA GLN A 7 -9.76 1.92 18.36
C GLN A 7 -8.94 0.82 17.69
N ALA A 8 -9.42 0.33 16.55
CA ALA A 8 -8.74 -0.72 15.81
C ALA A 8 -7.37 -0.24 15.34
N ILE A 9 -7.33 0.99 14.84
CA ILE A 9 -6.08 1.57 14.37
C ILE A 9 -5.09 1.69 15.52
N GLY A 10 -5.55 2.21 16.65
CA GLY A 10 -4.71 2.37 17.81
C GLY A 10 -4.18 1.04 18.33
N LEU A 11 -5.01 0.01 18.26
CA LEU A 11 -4.62 -1.32 18.70
C LEU A 11 -3.51 -1.87 17.82
N LEU A 12 -3.65 -1.70 16.51
CA LEU A 12 -2.66 -2.19 15.56
C LEU A 12 -1.30 -1.53 15.79
N VAL A 13 -1.31 -0.21 15.96
CA VAL A 13 -0.07 0.53 16.21
C VAL A 13 0.57 0.07 17.52
N ALA A 14 -0.28 -0.21 18.51
CA ALA A 14 0.19 -0.68 19.80
C ALA A 14 0.87 -2.04 19.68
N ILE A 15 0.28 -2.92 18.88
CA ILE A 15 0.84 -4.25 18.67
C ILE A 15 2.22 -4.16 18.00
N PHE A 16 2.32 -3.25 17.04
CA PHE A 16 3.57 -3.04 16.32
C PHE A 16 4.67 -2.60 17.29
N HIS A 17 4.36 -1.63 18.13
CA HIS A 17 5.34 -1.11 19.07
C HIS A 17 5.40 -1.97 20.35
N LYS A 18 4.66 -3.06 20.37
CA LYS A 18 4.65 -3.96 21.52
C LYS A 18 5.87 -4.87 21.46
N TYR A 19 6.32 -5.16 20.25
CA TYR A 19 7.48 -6.03 20.06
C TYR A 19 8.70 -5.22 19.64
N SER A 20 8.47 -4.15 18.87
CA SER A 20 9.55 -3.30 18.41
C SER A 20 10.21 -2.59 19.59
N GLY A 21 11.50 -2.80 19.77
CA GLY A 21 12.20 -2.15 20.86
C GLY A 21 12.77 -3.14 21.85
N ARG A 22 12.70 -4.43 21.51
CA ARG A 22 13.22 -5.46 22.39
C ARG A 22 14.71 -5.63 22.14
N GLU A 23 15.08 -5.64 20.87
CA GLU A 23 16.48 -5.77 20.49
C GLU A 23 16.72 -5.23 19.08
N GLY A 24 17.82 -4.49 18.93
CA GLY A 24 18.14 -3.90 17.65
C GLY A 24 17.83 -2.42 17.63
N ASP A 25 16.55 -2.10 17.48
CA ASP A 25 16.11 -0.71 17.45
C ASP A 25 14.75 -0.62 18.14
N LYS A 26 14.04 0.47 17.94
CA LYS A 26 12.74 0.68 18.56
C LYS A 26 11.71 1.11 17.51
N HIS A 27 12.19 1.42 16.32
CA HIS A 27 11.32 1.88 15.24
C HIS A 27 11.11 0.78 14.20
N THR A 28 11.80 -0.33 14.37
CA THR A 28 11.69 -1.43 13.43
C THR A 28 11.54 -2.77 14.14
N LEU A 29 11.13 -3.77 13.40
CA LEU A 29 10.96 -5.13 13.90
C LEU A 29 11.96 -6.06 13.24
N SER A 30 12.76 -6.73 14.04
CA SER A 30 13.74 -7.67 13.52
C SER A 30 13.07 -8.96 13.06
N LYS A 31 13.84 -9.88 12.48
CA LYS A 31 13.29 -11.15 12.03
C LYS A 31 13.06 -12.08 13.23
N LYS A 32 13.26 -11.52 14.41
CA LYS A 32 13.07 -12.26 15.65
C LYS A 32 11.83 -11.75 16.36
N GLU A 33 11.75 -10.43 16.51
CA GLU A 33 10.61 -9.80 17.17
C GLU A 33 9.34 -10.01 16.35
N LEU A 34 9.45 -9.87 15.03
CA LEU A 34 8.32 -10.06 14.13
C LEU A 34 7.87 -11.51 14.13
N LYS A 35 8.83 -12.42 14.21
CA LYS A 35 8.54 -13.85 14.23
C LYS A 35 7.65 -14.20 15.41
N GLU A 36 8.01 -13.68 16.58
CA GLU A 36 7.23 -13.91 17.79
C GLU A 36 5.86 -13.25 17.68
N LEU A 37 5.83 -12.06 17.07
CA LEU A 37 4.61 -11.31 16.88
C LEU A 37 3.59 -12.14 16.08
N ILE A 38 4.05 -12.73 14.98
CA ILE A 38 3.20 -13.54 14.13
C ILE A 38 2.72 -14.81 14.86
N GLN A 39 3.58 -15.39 15.68
CA GLN A 39 3.24 -16.61 16.40
C GLN A 39 2.44 -16.34 17.68
N LYS A 40 2.20 -15.08 18.01
CA LYS A 40 1.47 -14.77 19.24
C LYS A 40 0.24 -13.89 18.98
N GLU A 41 0.42 -12.83 18.20
CA GLU A 41 -0.68 -11.92 17.91
C GLU A 41 -1.61 -12.46 16.84
N LEU A 42 -1.08 -13.33 15.98
CA LEU A 42 -1.87 -13.94 14.92
C LEU A 42 -2.33 -15.32 15.36
N THR A 43 -3.61 -15.62 15.15
CA THR A 43 -4.17 -16.90 15.56
C THR A 43 -3.52 -18.08 14.80
N ILE A 44 -3.46 -17.98 13.48
CA ILE A 44 -2.89 -19.06 12.67
C ILE A 44 -1.36 -19.01 12.65
N GLY A 45 -0.81 -17.87 13.07
CA GLY A 45 0.64 -17.71 13.08
C GLY A 45 1.36 -18.72 13.96
N SER A 46 0.70 -19.11 15.05
CA SER A 46 1.27 -20.06 15.99
C SER A 46 1.32 -21.48 15.41
N LYS A 47 0.65 -21.69 14.28
CA LYS A 47 0.61 -23.00 13.66
C LYS A 47 1.28 -22.98 12.29
N LEU A 48 1.96 -21.88 11.97
CA LEU A 48 2.62 -21.76 10.69
C LEU A 48 4.02 -22.38 10.74
N GLN A 49 4.46 -22.91 9.60
CA GLN A 49 5.77 -23.54 9.50
C GLN A 49 6.88 -22.52 9.68
N ASP A 50 7.98 -22.94 10.28
CA ASP A 50 9.13 -22.07 10.51
C ASP A 50 9.64 -21.50 9.19
N ALA A 51 9.74 -22.37 8.19
CA ALA A 51 10.20 -21.98 6.87
C ALA A 51 9.23 -20.99 6.22
N GLU A 52 7.94 -21.20 6.47
CA GLU A 52 6.90 -20.34 5.92
C GLU A 52 6.98 -18.95 6.52
N ILE A 53 7.16 -18.89 7.84
CA ILE A 53 7.25 -17.61 8.54
C ILE A 53 8.50 -16.87 8.07
N ALA A 54 9.59 -17.61 7.89
CA ALA A 54 10.83 -17.02 7.42
C ALA A 54 10.64 -16.42 6.03
N ARG A 55 9.87 -17.11 5.20
CA ARG A 55 9.57 -16.66 3.85
C ARG A 55 8.73 -15.37 3.91
N LEU A 56 7.72 -15.38 4.77
CA LEU A 56 6.84 -14.22 4.92
C LEU A 56 7.62 -13.01 5.41
N MET A 57 8.49 -13.22 6.40
CA MET A 57 9.29 -12.15 6.96
C MET A 57 10.25 -11.56 5.93
N GLU A 58 10.56 -12.35 4.90
CA GLU A 58 11.44 -11.90 3.85
C GLU A 58 10.64 -11.30 2.70
N ASP A 59 9.41 -11.77 2.53
CA ASP A 59 8.53 -11.27 1.48
C ASP A 59 8.08 -9.86 1.82
N LEU A 60 7.74 -9.66 3.09
CA LEU A 60 7.30 -8.35 3.57
C LEU A 60 8.44 -7.34 3.52
N ASP A 61 9.66 -7.86 3.60
CA ASP A 61 10.86 -7.02 3.56
C ASP A 61 11.10 -6.52 2.14
N ARG A 62 10.26 -5.59 1.72
CA ARG A 62 10.32 -5.02 0.38
C ARG A 62 11.52 -4.10 0.23
N ASN A 63 11.96 -3.53 1.34
CA ASN A 63 13.10 -2.63 1.33
C ASN A 63 14.40 -3.43 1.32
N LYS A 64 14.35 -4.61 1.95
CA LYS A 64 15.48 -5.54 2.01
C LYS A 64 16.65 -5.00 2.85
N ASP A 65 16.42 -4.85 4.14
CA ASP A 65 17.48 -4.39 5.04
C ASP A 65 17.43 -5.17 6.36
N GLN A 66 16.51 -6.14 6.41
CA GLN A 66 16.33 -7.03 7.56
C GLN A 66 15.61 -6.32 8.72
N GLU A 67 15.15 -5.11 8.47
CA GLU A 67 14.44 -4.35 9.50
C GLU A 67 13.04 -4.01 9.03
N VAL A 68 12.06 -4.74 9.52
CA VAL A 68 10.67 -4.52 9.15
C VAL A 68 10.12 -3.27 9.84
N ASN A 69 9.86 -2.23 9.06
CA ASN A 69 9.34 -0.99 9.61
C ASN A 69 7.82 -0.91 9.48
N PHE A 70 7.24 0.19 9.96
CA PHE A 70 5.79 0.41 9.92
C PHE A 70 5.20 0.11 8.55
N GLN A 71 5.81 0.64 7.50
CA GLN A 71 5.32 0.43 6.13
C GLN A 71 5.26 -1.06 5.79
N GLU A 72 6.32 -1.79 6.12
CA GLU A 72 6.36 -3.22 5.85
C GLU A 72 5.30 -3.94 6.68
N TYR A 73 5.08 -3.46 7.89
CA TYR A 73 4.09 -4.03 8.79
C TYR A 73 2.68 -3.83 8.23
N VAL A 74 2.45 -2.68 7.62
CA VAL A 74 1.15 -2.38 7.02
C VAL A 74 0.84 -3.36 5.90
N THR A 75 1.87 -3.75 5.16
CA THR A 75 1.71 -4.71 4.08
C THR A 75 1.20 -6.05 4.62
N PHE A 76 1.70 -6.41 5.80
CA PHE A 76 1.31 -7.66 6.45
C PHE A 76 -0.17 -7.62 6.81
N LEU A 77 -0.59 -6.50 7.39
CA LEU A 77 -1.98 -6.32 7.79
C LEU A 77 -2.89 -6.33 6.58
N GLY A 78 -2.45 -5.69 5.50
CA GLY A 78 -3.21 -5.64 4.27
C GLY A 78 -3.45 -7.02 3.68
N ALA A 79 -2.41 -7.85 3.72
CA ALA A 79 -2.48 -9.21 3.19
C ALA A 79 -3.55 -10.01 3.94
N LEU A 80 -3.55 -9.87 5.27
CA LEU A 80 -4.51 -10.57 6.12
C LEU A 80 -5.93 -10.13 5.79
N ALA A 81 -6.12 -8.82 5.64
CA ALA A 81 -7.43 -8.27 5.32
C ALA A 81 -7.94 -8.84 4.01
N LEU A 82 -7.04 -8.98 3.03
CA LEU A 82 -7.40 -9.53 1.73
C LEU A 82 -7.85 -10.98 1.88
N ILE A 83 -7.06 -11.77 2.60
CA ILE A 83 -7.36 -13.19 2.81
C ILE A 83 -8.75 -13.37 3.44
N TYR A 84 -9.04 -12.55 4.45
CA TYR A 84 -10.33 -12.61 5.13
C TYR A 84 -11.47 -12.23 4.18
N ASN A 85 -11.25 -11.20 3.38
CA ASN A 85 -12.26 -10.74 2.42
C ASN A 85 -12.46 -11.77 1.32
N GLU A 86 -11.40 -12.44 0.92
CA GLU A 86 -11.45 -13.46 -0.13
C GLU A 86 -12.38 -14.60 0.29
N ALA A 87 -12.32 -14.95 1.57
CA ALA A 87 -13.14 -16.03 2.12
C ALA A 87 -14.61 -15.64 2.14
N LEU A 88 -14.89 -14.35 2.20
CA LEU A 88 -16.26 -13.86 2.25
C LEU A 88 -16.91 -13.91 0.86
N LYS A 89 -16.09 -13.92 -0.18
CA LYS A 89 -16.60 -13.96 -1.55
C LYS A 89 -17.10 -15.34 -1.91
N GLY A 90 -16.27 -16.35 -1.66
CA GLY A 90 -16.63 -17.72 -1.96
C GLY A 90 -16.82 -17.96 -3.45
N ALA B 2 -11.09 -14.74 17.71
CA ALA B 2 -9.69 -14.90 17.28
C ALA B 2 -8.78 -14.01 18.10
N SER B 3 -7.50 -13.99 17.76
CA SER B 3 -6.52 -13.19 18.48
C SER B 3 -6.78 -11.69 18.25
N PRO B 4 -6.26 -10.83 19.16
CA PRO B 4 -6.45 -9.36 19.08
C PRO B 4 -6.18 -8.78 17.69
N LEU B 5 -5.11 -9.24 17.05
CA LEU B 5 -4.76 -8.75 15.71
C LEU B 5 -5.85 -9.15 14.71
N ASP B 6 -6.25 -10.42 14.75
CA ASP B 6 -7.28 -10.93 13.86
C ASP B 6 -8.60 -10.21 14.08
N GLN B 7 -8.92 -9.93 15.34
CA GLN B 7 -10.15 -9.24 15.71
C GLN B 7 -10.19 -7.86 15.07
N ALA B 8 -9.06 -7.15 15.10
CA ALA B 8 -8.97 -5.82 14.53
C ALA B 8 -9.20 -5.87 13.02
N ILE B 9 -8.58 -6.84 12.37
CA ILE B 9 -8.72 -7.01 10.93
C ILE B 9 -10.18 -7.31 10.58
N GLY B 10 -10.77 -8.23 11.34
CA GLY B 10 -12.16 -8.60 11.11
C GLY B 10 -13.10 -7.43 11.29
N LEU B 11 -12.81 -6.59 12.28
CA LEU B 11 -13.64 -5.43 12.55
C LEU B 11 -13.59 -4.44 11.40
N LEU B 12 -12.38 -4.20 10.88
CA LEU B 12 -12.19 -3.27 9.77
C LEU B 12 -12.95 -3.73 8.53
N VAL B 13 -12.86 -5.02 8.21
CA VAL B 13 -13.55 -5.58 7.05
C VAL B 13 -15.06 -5.47 7.25
N ALA B 14 -15.50 -5.65 8.48
CA ALA B 14 -16.91 -5.56 8.83
C ALA B 14 -17.43 -4.14 8.61
N ILE B 15 -16.61 -3.16 8.97
CA ILE B 15 -16.97 -1.76 8.80
C ILE B 15 -17.11 -1.41 7.32
N PHE B 16 -16.16 -1.89 6.52
CA PHE B 16 -16.18 -1.65 5.09
C PHE B 16 -17.47 -2.19 4.46
N HIS B 17 -17.81 -3.43 4.80
CA HIS B 17 -19.01 -4.06 4.26
C HIS B 17 -20.26 -3.65 5.03
N LYS B 18 -20.10 -2.76 6.00
CA LYS B 18 -21.22 -2.27 6.79
C LYS B 18 -21.97 -1.20 6.01
N TYR B 19 -21.22 -0.49 5.17
CA TYR B 19 -21.79 0.57 4.36
C TYR B 19 -21.93 0.14 2.90
N SER B 20 -20.94 -0.59 2.39
CA SER B 20 -20.95 -1.05 1.01
C SER B 20 -22.14 -1.96 0.75
N GLY B 21 -23.06 -1.51 -0.08
CA GLY B 21 -24.23 -2.30 -0.38
C GLY B 21 -25.51 -1.56 -0.14
N ARG B 22 -25.41 -0.27 0.14
CA ARG B 22 -26.58 0.55 0.37
C ARG B 22 -27.15 1.01 -0.96
N GLU B 23 -26.28 1.45 -1.86
CA GLU B 23 -26.69 1.91 -3.18
C GLU B 23 -25.52 1.87 -4.15
N GLY B 24 -25.82 1.55 -5.40
CA GLY B 24 -24.79 1.49 -6.41
C GLY B 24 -24.26 0.08 -6.59
N ASP B 25 -23.59 -0.43 -5.57
CA ASP B 25 -23.02 -1.77 -5.62
C ASP B 25 -22.90 -2.34 -4.20
N LYS B 26 -22.16 -3.42 -4.06
CA LYS B 26 -21.97 -4.06 -2.77
C LYS B 26 -20.49 -4.38 -2.55
N HIS B 27 -19.71 -4.23 -3.60
CA HIS B 27 -18.28 -4.50 -3.51
C HIS B 27 -17.48 -3.20 -3.44
N THR B 28 -18.16 -2.08 -3.66
CA THR B 28 -17.52 -0.78 -3.63
C THR B 28 -18.30 0.20 -2.76
N LEU B 29 -17.65 1.30 -2.43
CA LEU B 29 -18.26 2.35 -1.62
C LEU B 29 -18.41 3.61 -2.46
N SER B 30 -19.62 4.15 -2.51
CA SER B 30 -19.86 5.36 -3.26
C SER B 30 -19.34 6.57 -2.49
N LYS B 31 -19.39 7.74 -3.11
CA LYS B 31 -18.94 8.97 -2.47
C LYS B 31 -19.96 9.41 -1.42
N LYS B 32 -21.04 8.66 -1.34
CA LYS B 32 -22.11 8.93 -0.40
C LYS B 32 -21.98 7.99 0.81
N GLU B 33 -21.82 6.70 0.54
CA GLU B 33 -21.67 5.70 1.59
C GLU B 33 -20.38 5.93 2.37
N LEU B 34 -19.29 6.19 1.66
CA LEU B 34 -18.00 6.43 2.28
C LEU B 34 -18.03 7.71 3.12
N LYS B 35 -18.75 8.70 2.62
CA LYS B 35 -18.88 9.98 3.32
C LYS B 35 -19.49 9.77 4.70
N GLU B 36 -20.58 9.01 4.74
CA GLU B 36 -21.25 8.71 5.99
C GLU B 36 -20.35 7.87 6.89
N LEU B 37 -19.60 6.96 6.26
CA LEU B 37 -18.68 6.09 6.99
C LEU B 37 -17.65 6.93 7.75
N ILE B 38 -17.05 7.88 7.06
CA ILE B 38 -16.03 8.73 7.67
C ILE B 38 -16.63 9.58 8.79
N GLN B 39 -17.84 10.06 8.60
CA GLN B 39 -18.50 10.91 9.59
C GLN B 39 -19.10 10.11 10.75
N LYS B 40 -19.09 8.79 10.67
CA LYS B 40 -19.69 7.98 11.73
C LYS B 40 -18.69 7.00 12.37
N GLU B 41 -17.81 6.41 11.58
CA GLU B 41 -16.85 5.45 12.11
C GLU B 41 -15.59 6.13 12.61
N LEU B 42 -15.33 7.33 12.09
CA LEU B 42 -14.15 8.09 12.48
C LEU B 42 -14.52 9.16 13.49
N THR B 43 -13.80 9.21 14.61
CA THR B 43 -14.07 10.18 15.66
C THR B 43 -13.98 11.63 15.15
N ILE B 44 -12.94 11.94 14.39
CA ILE B 44 -12.76 13.29 13.87
C ILE B 44 -13.50 13.47 12.55
N GLY B 45 -14.00 12.38 12.00
CA GLY B 45 -14.70 12.43 10.73
C GLY B 45 -15.97 13.27 10.78
N SER B 46 -16.65 13.25 11.91
CA SER B 46 -17.88 14.02 12.09
C SER B 46 -17.59 15.51 12.27
N LYS B 47 -16.32 15.86 12.41
CA LYS B 47 -15.91 17.25 12.60
C LYS B 47 -15.00 17.71 11.46
N LEU B 48 -15.13 17.07 10.31
CA LEU B 48 -14.34 17.43 9.14
C LEU B 48 -15.18 18.26 8.20
N GLN B 49 -14.54 19.18 7.49
CA GLN B 49 -15.24 20.04 6.54
C GLN B 49 -15.75 19.24 5.35
N ASP B 50 -16.88 19.68 4.82
CA ASP B 50 -17.53 19.03 3.68
C ASP B 50 -16.57 18.95 2.50
N ALA B 51 -15.92 20.06 2.21
CA ALA B 51 -14.96 20.13 1.10
C ALA B 51 -13.75 19.24 1.37
N GLU B 52 -13.38 19.12 2.63
CA GLU B 52 -12.25 18.30 3.04
C GLU B 52 -12.54 16.82 2.78
N ILE B 53 -13.72 16.38 3.21
CA ILE B 53 -14.12 15.00 3.01
C ILE B 53 -14.21 14.69 1.52
N ALA B 54 -14.73 15.64 0.76
CA ALA B 54 -14.86 15.49 -0.69
C ALA B 54 -13.47 15.36 -1.32
N ARG B 55 -12.52 16.12 -0.78
CA ARG B 55 -11.14 16.08 -1.27
C ARG B 55 -10.51 14.73 -0.96
N LEU B 56 -10.71 14.26 0.27
CA LEU B 56 -10.18 12.99 0.71
C LEU B 56 -10.77 11.83 -0.10
N MET B 57 -12.08 11.87 -0.31
CA MET B 57 -12.77 10.82 -1.05
C MET B 57 -12.29 10.77 -2.51
N GLU B 58 -11.73 11.86 -2.98
CA GLU B 58 -11.22 11.93 -4.34
C GLU B 58 -9.74 11.60 -4.38
N ASP B 59 -9.05 11.88 -3.27
CA ASP B 59 -7.63 11.60 -3.17
C ASP B 59 -7.41 10.09 -3.06
N LEU B 60 -8.28 9.45 -2.28
CA LEU B 60 -8.22 8.00 -2.10
C LEU B 60 -8.57 7.29 -3.39
N ASP B 61 -9.37 7.95 -4.22
CA ASP B 61 -9.78 7.40 -5.51
C ASP B 61 -8.61 7.45 -6.48
N ARG B 62 -7.67 6.54 -6.27
CA ARG B 62 -6.47 6.45 -7.10
C ARG B 62 -6.78 5.89 -8.48
N ASN B 63 -7.76 5.00 -8.56
CA ASN B 63 -8.15 4.41 -9.83
C ASN B 63 -8.95 5.40 -10.65
N LYS B 64 -9.69 6.27 -9.95
CA LYS B 64 -10.50 7.32 -10.56
C LYS B 64 -11.69 6.77 -11.34
N ASP B 65 -12.65 6.19 -10.63
CA ASP B 65 -13.87 5.68 -11.26
C ASP B 65 -15.09 5.98 -10.40
N GLN B 66 -14.84 6.71 -9.31
CA GLN B 66 -15.86 7.13 -8.36
C GLN B 66 -16.34 5.99 -7.46
N GLU B 67 -15.73 4.83 -7.58
CA GLU B 67 -16.08 3.68 -6.77
C GLU B 67 -14.92 3.27 -5.88
N VAL B 68 -15.00 3.61 -4.60
CA VAL B 68 -13.95 3.28 -3.65
C VAL B 68 -14.02 1.80 -3.27
N ASN B 69 -13.03 1.03 -3.69
CA ASN B 69 -12.99 -0.40 -3.40
C ASN B 69 -12.11 -0.69 -2.19
N PHE B 70 -12.02 -1.98 -1.84
CA PHE B 70 -11.22 -2.44 -0.70
C PHE B 70 -9.80 -1.86 -0.72
N GLN B 71 -9.14 -1.95 -1.87
CA GLN B 71 -7.79 -1.43 -2.02
C GLN B 71 -7.71 0.05 -1.66
N GLU B 72 -8.68 0.82 -2.13
CA GLU B 72 -8.72 2.25 -1.84
C GLU B 72 -8.98 2.48 -0.36
N TYR B 73 -9.85 1.64 0.21
CA TYR B 73 -10.20 1.74 1.63
C TYR B 73 -8.98 1.48 2.50
N VAL B 74 -8.13 0.55 2.08
CA VAL B 74 -6.92 0.21 2.82
C VAL B 74 -6.01 1.43 2.92
N THR B 75 -5.94 2.20 1.84
CA THR B 75 -5.11 3.40 1.81
C THR B 75 -5.59 4.40 2.86
N PHE B 76 -6.91 4.45 3.07
CA PHE B 76 -7.50 5.35 4.05
C PHE B 76 -7.07 4.95 5.45
N LEU B 77 -7.12 3.65 5.74
CA LEU B 77 -6.72 3.13 7.04
C LEU B 77 -5.23 3.37 7.27
N GLY B 78 -4.44 3.17 6.23
CA GLY B 78 -3.01 3.36 6.31
C GLY B 78 -2.65 4.79 6.66
N ALA B 79 -3.38 5.74 6.08
CA ALA B 79 -3.15 7.15 6.33
C ALA B 79 -3.39 7.47 7.80
N LEU B 80 -4.48 6.93 8.33
CA LEU B 80 -4.85 7.15 9.73
C LEU B 80 -3.78 6.61 10.65
N ALA B 81 -3.30 5.41 10.35
CA ALA B 81 -2.25 4.77 11.14
C ALA B 81 -0.99 5.63 11.19
N LEU B 82 -0.66 6.22 10.04
CA LEU B 82 0.51 7.08 9.94
C LEU B 82 0.34 8.32 10.82
N ILE B 83 -0.85 8.93 10.74
CA ILE B 83 -1.16 10.13 11.53
C ILE B 83 -1.01 9.86 13.02
N TYR B 84 -1.52 8.72 13.47
CA TYR B 84 -1.44 8.35 14.87
C TYR B 84 0.00 8.08 15.26
N ASN B 85 0.76 7.46 14.35
CA ASN B 85 2.16 7.15 14.59
C ASN B 85 3.01 8.43 14.66
N GLU B 86 2.66 9.40 13.82
CA GLU B 86 3.37 10.69 13.77
C GLU B 86 3.27 11.39 15.13
N ALA B 87 2.09 11.29 15.74
CA ALA B 87 1.85 11.91 17.04
C ALA B 87 2.61 11.21 18.16
N LEU B 88 3.09 10.00 17.89
CA LEU B 88 3.84 9.24 18.88
C LEU B 88 5.33 9.60 18.82
N LYS B 89 5.75 10.16 17.69
CA LYS B 89 7.14 10.55 17.52
C LYS B 89 7.40 11.87 18.23
N GLY B 90 6.55 12.86 17.96
CA GLY B 90 6.69 14.16 18.57
C GLY B 90 7.96 14.87 18.14
N ALA C 1 7.58 18.12 19.14
CA ALA C 1 8.72 18.86 18.53
C ALA C 1 9.96 18.71 19.38
N MET C 2 10.98 18.06 18.83
CA MET C 2 12.23 17.85 19.55
C MET C 2 13.40 18.39 18.75
N ALA C 3 13.98 19.49 19.22
CA ALA C 3 15.12 20.10 18.55
C ALA C 3 16.28 20.26 19.52
N GLN C 4 17.39 19.61 19.20
CA GLN C 4 18.59 19.68 20.04
C GLN C 4 19.26 21.03 19.88
N ASN C 5 19.21 21.85 20.92
CA ASN C 5 19.81 23.18 20.88
C ASN C 5 21.34 23.11 21.01
N ILE C 6 22.03 23.84 20.13
CA ILE C 6 23.48 23.88 20.13
C ILE C 6 23.95 25.31 19.91
N THR C 7 24.84 25.79 20.76
CA THR C 7 25.36 27.15 20.64
C THR C 7 26.55 27.18 19.68
N ALA C 8 26.55 28.15 18.78
CA ALA C 8 27.63 28.29 17.81
C ALA C 8 28.06 29.75 17.67
N ARG C 9 29.21 29.95 17.04
CA ARG C 9 29.75 31.28 16.83
C ARG C 9 29.78 31.62 15.34
N ILE C 10 29.48 32.86 14.98
CA ILE C 10 29.49 33.26 13.58
C ILE C 10 30.92 33.28 13.05
N GLY C 11 31.11 32.73 11.86
CA GLY C 11 32.42 32.70 11.26
C GLY C 11 33.28 31.61 11.85
N GLU C 12 32.62 30.60 12.40
CA GLU C 12 33.32 29.49 13.01
C GLU C 12 32.90 28.17 12.35
N PRO C 13 33.87 27.31 12.00
CA PRO C 13 33.58 26.01 11.39
C PRO C 13 32.86 25.08 12.37
N LEU C 14 32.01 24.22 11.84
CA LEU C 14 31.27 23.28 12.66
C LEU C 14 31.00 21.98 11.90
N VAL C 15 31.08 20.87 12.61
CA VAL C 15 30.84 19.56 12.02
C VAL C 15 29.73 18.83 12.77
N LEU C 16 28.69 18.47 12.06
CA LEU C 16 27.57 17.76 12.66
C LEU C 16 27.50 16.35 12.10
N LYS C 17 26.74 15.48 12.76
CA LYS C 17 26.60 14.10 12.32
C LYS C 17 25.13 13.74 12.09
N CYS C 18 24.85 13.13 10.95
CA CYS C 18 23.49 12.71 10.62
C CYS C 18 23.48 11.25 10.19
N LYS C 19 23.11 10.37 11.11
CA LYS C 19 23.06 8.95 10.83
C LYS C 19 21.73 8.55 10.19
N GLY C 20 21.66 8.68 8.87
CA GLY C 20 20.46 8.33 8.15
C GLY C 20 20.74 7.34 7.04
N ALA C 21 21.76 6.52 7.23
CA ALA C 21 22.15 5.52 6.25
C ALA C 21 22.12 4.12 6.86
N PRO C 22 21.34 3.22 6.27
CA PRO C 22 21.22 1.84 6.74
C PRO C 22 22.43 1.00 6.33
N LYS C 23 22.37 -0.29 6.61
CA LYS C 23 23.46 -1.20 6.26
C LYS C 23 23.34 -1.63 4.80
N LYS C 24 23.36 -0.66 3.90
CA LYS C 24 23.23 -0.91 2.48
C LYS C 24 23.91 0.18 1.67
N PRO C 25 24.09 -0.03 0.35
CA PRO C 25 24.72 0.97 -0.53
C PRO C 25 24.00 2.32 -0.47
N PRO C 26 24.67 3.40 -0.96
CA PRO C 26 24.12 4.76 -0.99
C PRO C 26 22.63 4.81 -1.31
N GLN C 27 21.86 5.35 -0.38
CA GLN C 27 20.42 5.45 -0.53
C GLN C 27 20.03 6.89 -0.83
N ARG C 28 18.73 7.12 -1.06
CA ARG C 28 18.24 8.44 -1.35
C ARG C 28 18.23 9.29 -0.08
N LEU C 29 19.09 10.30 -0.07
CA LEU C 29 19.19 11.18 1.08
C LEU C 29 18.51 12.51 0.79
N GLU C 30 17.77 13.02 1.76
CA GLU C 30 17.05 14.28 1.60
C GLU C 30 17.37 15.22 2.75
N TRP C 31 17.50 16.50 2.46
CA TRP C 31 17.80 17.48 3.49
C TRP C 31 16.73 18.54 3.55
N LYS C 32 16.28 18.84 4.77
CA LYS C 32 15.24 19.84 4.99
C LYS C 32 15.52 20.57 6.29
N LEU C 33 14.91 21.73 6.48
CA LEU C 33 15.12 22.50 7.70
C LEU C 33 13.96 23.47 7.93
N ASN C 34 13.92 24.03 9.12
CA ASN C 34 12.89 24.98 9.50
C ASN C 34 13.55 26.29 9.90
N THR C 35 13.32 27.32 9.09
CA THR C 35 13.90 28.63 9.35
C THR C 35 12.90 29.73 9.02
N GLY C 36 13.29 30.97 9.34
CA GLY C 36 12.44 32.10 9.05
C GLY C 36 12.62 32.58 7.63
N ARG C 37 13.86 32.60 7.18
CA ARG C 37 14.19 33.03 5.83
C ARG C 37 14.37 31.82 4.92
N THR C 38 14.99 30.77 5.48
CA THR C 38 15.25 29.54 4.75
C THR C 38 16.08 29.79 3.49
N GLU C 39 17.38 29.96 3.69
CA GLU C 39 18.29 30.20 2.57
C GLU C 39 19.20 29.00 2.34
N ALA C 40 19.76 28.48 3.42
CA ALA C 40 20.65 27.33 3.33
C ALA C 40 19.87 26.03 3.23
N TRP C 41 19.05 25.91 2.19
CA TRP C 41 18.27 24.71 1.97
C TRP C 41 18.44 24.18 0.55
N LYS C 42 18.86 22.94 0.45
CA LYS C 42 19.07 22.29 -0.83
C LYS C 42 18.96 20.78 -0.65
N VAL C 43 18.21 20.13 -1.52
CA VAL C 43 18.04 18.70 -1.45
C VAL C 43 19.32 17.97 -1.85
N LEU C 44 19.87 17.19 -0.92
CA LEU C 44 21.10 16.46 -1.17
C LEU C 44 20.90 15.43 -2.29
N SER C 45 22.00 15.05 -2.91
CA SER C 45 21.95 14.08 -4.00
C SER C 45 23.12 13.11 -3.89
N PRO C 46 22.86 11.80 -4.07
CA PRO C 46 23.90 10.77 -3.99
C PRO C 46 24.81 10.78 -5.23
N GLN C 47 24.54 11.70 -6.13
CA GLN C 47 25.33 11.86 -7.34
C GLN C 47 25.15 13.27 -7.88
N GLY C 48 25.74 14.22 -7.16
CA GLY C 48 25.65 15.62 -7.56
C GLY C 48 25.91 16.55 -6.40
N GLY C 49 25.58 17.82 -6.56
CA GLY C 49 25.81 18.79 -5.51
C GLY C 49 24.82 19.95 -5.57
N GLY C 50 25.33 21.13 -5.91
CA GLY C 50 24.50 22.31 -6.00
C GLY C 50 25.13 23.50 -5.31
N PRO C 51 24.40 24.61 -5.18
CA PRO C 51 24.91 25.83 -4.53
C PRO C 51 25.27 25.60 -3.07
N TRP C 52 24.48 24.77 -2.40
CA TRP C 52 24.70 24.47 -1.00
C TRP C 52 26.02 23.71 -0.80
N ASP C 53 26.39 22.91 -1.80
CA ASP C 53 27.63 22.12 -1.75
C ASP C 53 28.84 23.05 -1.69
N SER C 54 28.69 24.27 -2.18
CA SER C 54 29.78 25.24 -2.16
C SER C 54 29.83 25.94 -0.80
N VAL C 55 28.78 25.77 -0.03
CA VAL C 55 28.70 26.38 1.30
C VAL C 55 29.06 25.35 2.37
N ALA C 56 28.41 24.20 2.31
CA ALA C 56 28.66 23.13 3.26
C ALA C 56 28.95 21.84 2.52
N ARG C 57 29.82 21.01 3.09
CA ARG C 57 30.19 19.76 2.46
C ARG C 57 29.84 18.58 3.35
N VAL C 58 29.36 17.51 2.74
CA VAL C 58 29.00 16.31 3.48
C VAL C 58 30.03 15.22 3.26
N LEU C 59 30.62 14.76 4.35
CA LEU C 59 31.63 13.71 4.31
C LEU C 59 30.96 12.36 4.06
N PRO C 60 31.67 11.42 3.39
CA PRO C 60 31.13 10.08 3.07
C PRO C 60 30.75 9.24 4.29
N ASN C 61 31.00 9.75 5.48
CA ASN C 61 30.67 9.03 6.70
C ASN C 61 29.40 9.57 7.33
N GLY C 62 28.83 10.60 6.72
CA GLY C 62 27.60 11.18 7.24
C GLY C 62 27.83 12.39 8.12
N SER C 63 28.99 13.03 7.97
CA SER C 63 29.30 14.21 8.75
C SER C 63 29.16 15.48 7.89
N LEU C 64 28.49 16.47 8.44
CA LEU C 64 28.28 17.73 7.74
C LEU C 64 29.32 18.75 8.18
N PHE C 65 30.15 19.18 7.24
CA PHE C 65 31.20 20.13 7.52
C PHE C 65 30.85 21.52 7.01
N LEU C 66 30.73 22.47 7.93
CA LEU C 66 30.44 23.85 7.60
C LEU C 66 31.68 24.70 7.84
N PRO C 67 32.31 25.18 6.77
CA PRO C 67 33.53 26.01 6.85
C PRO C 67 33.38 27.23 7.74
N ALA C 68 32.20 27.84 7.72
CA ALA C 68 31.94 29.02 8.53
C ALA C 68 30.45 29.18 8.75
N VAL C 69 30.00 28.86 9.95
CA VAL C 69 28.58 28.99 10.30
C VAL C 69 28.26 30.45 10.60
N GLY C 70 27.18 30.95 10.03
CA GLY C 70 26.79 32.31 10.27
C GLY C 70 25.32 32.44 10.62
N ILE C 71 24.74 33.60 10.33
CA ILE C 71 23.32 33.82 10.62
C ILE C 71 22.46 33.23 9.51
N GLN C 72 23.11 32.82 8.43
CA GLN C 72 22.41 32.23 7.30
C GLN C 72 22.01 30.81 7.65
N ASP C 73 22.75 30.22 8.57
CA ASP C 73 22.53 28.85 9.02
C ASP C 73 21.89 28.87 10.41
N GLU C 74 21.20 29.97 10.70
CA GLU C 74 20.53 30.14 11.98
C GLU C 74 19.12 29.58 11.94
N GLY C 75 18.94 28.38 12.50
CA GLY C 75 17.63 27.78 12.51
C GLY C 75 17.64 26.33 12.97
N ILE C 76 16.67 25.56 12.49
CA ILE C 76 16.55 24.15 12.86
C ILE C 76 16.77 23.27 11.64
N PHE C 77 17.81 22.44 11.70
CA PHE C 77 18.12 21.54 10.59
C PHE C 77 17.56 20.15 10.86
N ARG C 78 17.20 19.43 9.80
CA ARG C 78 16.65 18.09 9.95
C ARG C 78 17.06 17.18 8.79
N CYS C 79 17.92 16.22 9.08
CA CYS C 79 18.37 15.28 8.06
C CYS C 79 17.31 14.19 7.87
N GLN C 80 16.99 13.88 6.62
CA GLN C 80 15.99 12.87 6.32
C GLN C 80 16.49 11.91 5.24
N ALA C 81 15.77 10.82 5.03
CA ALA C 81 16.15 9.83 4.03
C ALA C 81 14.92 9.31 3.31
N MET C 82 15.14 8.75 2.13
CA MET C 82 14.06 8.20 1.31
C MET C 82 14.39 6.75 0.96
N ASN C 83 13.37 5.92 0.89
CA ASN C 83 13.56 4.51 0.57
C ASN C 83 12.36 3.98 -0.23
N ARG C 84 12.43 2.71 -0.63
CA ARG C 84 11.38 2.06 -1.40
C ARG C 84 10.02 2.23 -0.75
N ASN C 85 9.92 1.88 0.52
CA ASN C 85 8.66 2.00 1.25
C ASN C 85 8.56 3.35 1.95
N GLY C 86 9.71 3.95 2.24
CA GLY C 86 9.72 5.24 2.90
C GLY C 86 10.21 5.17 4.33
N LYS C 87 11.52 5.04 4.50
CA LYS C 87 12.12 4.98 5.83
C LYS C 87 12.78 6.32 6.16
N GLU C 88 12.12 7.11 6.98
CA GLU C 88 12.66 8.42 7.37
C GLU C 88 13.15 8.39 8.82
N THR C 89 13.85 9.44 9.21
CA THR C 89 14.38 9.54 10.56
C THR C 89 14.06 10.91 11.15
N LYS C 90 14.11 11.03 12.47
CA LYS C 90 13.82 12.29 13.13
C LYS C 90 15.04 12.79 13.89
N SER C 91 15.62 13.86 13.40
CA SER C 91 16.80 14.47 14.02
C SER C 91 16.82 15.96 13.74
N ASN C 92 16.27 16.74 14.65
CA ASN C 92 16.21 18.18 14.49
C ASN C 92 17.27 18.85 15.35
N TYR C 93 18.12 19.66 14.72
CA TYR C 93 19.17 20.36 15.42
C TYR C 93 18.93 21.86 15.37
N ARG C 94 18.92 22.49 16.54
CA ARG C 94 18.70 23.93 16.65
C ARG C 94 20.01 24.65 16.94
N VAL C 95 20.63 25.18 15.91
CA VAL C 95 21.87 25.90 16.07
C VAL C 95 21.59 27.38 16.33
N ARG C 96 22.13 27.90 17.42
CA ARG C 96 21.93 29.30 17.78
C ARG C 96 23.27 29.99 17.96
N VAL C 97 23.47 31.08 17.25
CA VAL C 97 24.72 31.83 17.32
C VAL C 97 24.67 32.87 18.43
N TYR C 98 25.84 33.36 18.83
CA TYR C 98 25.93 34.36 19.89
C TYR C 98 25.64 35.75 19.35
N GLN C 99 25.96 35.97 18.08
CA GLN C 99 25.72 37.26 17.46
C GLN C 99 24.52 37.18 16.53
N ILE C 100 23.34 37.43 17.08
CA ILE C 100 22.12 37.40 16.31
C ILE C 100 21.70 38.79 15.88
N PRO C 101 21.04 38.92 14.71
CA PRO C 101 20.58 40.21 14.20
C PRO C 101 19.46 40.80 15.05
N ALA D 1 -16.70 -21.24 -4.42
CA ALA D 1 -16.64 -21.52 -5.87
C ALA D 1 -18.02 -21.38 -6.50
N MET D 2 -18.12 -20.55 -7.54
CA MET D 2 -19.38 -20.33 -8.22
C MET D 2 -19.18 -20.36 -9.72
N ALA D 3 -19.79 -21.35 -10.38
CA ALA D 3 -19.68 -21.47 -11.82
C ALA D 3 -21.07 -21.67 -12.43
N GLN D 4 -21.35 -20.92 -13.48
CA GLN D 4 -22.64 -21.01 -14.16
C GLN D 4 -22.57 -22.05 -15.27
N ASN D 5 -23.27 -23.16 -15.09
CA ASN D 5 -23.25 -24.22 -16.09
C ASN D 5 -24.11 -23.87 -17.30
N ILE D 6 -23.57 -24.16 -18.47
CA ILE D 6 -24.23 -23.91 -19.73
C ILE D 6 -23.97 -25.06 -20.69
N THR D 7 -25.02 -25.71 -21.16
CA THR D 7 -24.89 -26.82 -22.08
C THR D 7 -24.69 -26.31 -23.51
N ALA D 8 -23.69 -26.84 -24.19
CA ALA D 8 -23.39 -26.44 -25.56
C ALA D 8 -23.21 -27.64 -26.47
N ARG D 9 -23.22 -27.39 -27.77
CA ARG D 9 -23.06 -28.45 -28.76
C ARG D 9 -21.72 -28.31 -29.47
N ILE D 10 -21.08 -29.43 -29.77
CA ILE D 10 -19.79 -29.42 -30.44
C ILE D 10 -19.94 -28.96 -31.90
N GLY D 11 -19.07 -28.06 -32.32
CA GLY D 11 -19.12 -27.56 -33.68
C GLY D 11 -20.20 -26.50 -33.86
N GLU D 12 -20.73 -26.03 -32.75
CA GLU D 12 -21.79 -25.03 -32.77
C GLU D 12 -21.27 -23.69 -32.25
N PRO D 13 -21.57 -22.60 -32.95
CA PRO D 13 -21.16 -21.25 -32.53
C PRO D 13 -21.84 -20.82 -31.24
N LEU D 14 -21.16 -20.01 -30.45
CA LEU D 14 -21.70 -19.53 -29.19
C LEU D 14 -21.14 -18.14 -28.86
N VAL D 15 -21.99 -17.28 -28.31
CA VAL D 15 -21.59 -15.93 -27.95
C VAL D 15 -21.86 -15.69 -26.46
N LEU D 16 -20.82 -15.33 -25.73
CA LEU D 16 -20.93 -15.06 -24.31
C LEU D 16 -20.71 -13.58 -24.03
N LYS D 17 -21.03 -13.14 -22.83
CA LYS D 17 -20.86 -11.74 -22.45
C LYS D 17 -20.04 -11.63 -21.18
N CYS D 18 -19.03 -10.76 -21.21
CA CYS D 18 -18.17 -10.54 -20.05
C CYS D 18 -18.06 -9.05 -19.75
N LYS D 19 -18.84 -8.60 -18.78
CA LYS D 19 -18.83 -7.19 -18.39
C LYS D 19 -17.72 -6.90 -17.39
N GLY D 20 -16.53 -6.63 -17.91
CA GLY D 20 -15.39 -6.34 -17.07
C GLY D 20 -14.75 -5.01 -17.42
N ALA D 21 -15.55 -4.12 -18.00
CA ALA D 21 -15.05 -2.81 -18.38
C ALA D 21 -15.83 -1.71 -17.69
N PRO D 22 -15.13 -0.83 -16.94
CA PRO D 22 -15.75 0.28 -16.23
C PRO D 22 -16.08 1.44 -17.17
N LYS D 23 -16.67 2.49 -16.62
CA LYS D 23 -17.04 3.67 -17.41
C LYS D 23 -15.81 4.51 -17.69
N LYS D 24 -14.87 3.94 -18.44
CA LYS D 24 -13.62 4.61 -18.78
C LYS D 24 -13.04 3.99 -20.05
N PRO D 25 -12.00 4.61 -20.64
CA PRO D 25 -11.35 4.09 -21.86
C PRO D 25 -10.83 2.66 -21.68
N PRO D 26 -10.48 1.97 -22.79
CA PRO D 26 -9.98 0.60 -22.78
C PRO D 26 -8.99 0.34 -21.65
N GLN D 27 -9.37 -0.55 -20.74
CA GLN D 27 -8.54 -0.89 -19.60
C GLN D 27 -7.83 -2.21 -19.84
N ARG D 28 -6.97 -2.59 -18.89
CA ARG D 28 -6.23 -3.84 -19.01
C ARG D 28 -7.16 -5.03 -18.77
N LEU D 29 -7.36 -5.84 -19.79
CA LEU D 29 -8.22 -7.00 -19.71
C LEU D 29 -7.39 -8.27 -19.64
N GLU D 30 -7.80 -9.21 -18.80
CA GLU D 30 -7.09 -10.47 -18.65
C GLU D 30 -8.06 -11.64 -18.76
N TRP D 31 -7.59 -12.73 -19.32
CA TRP D 31 -8.44 -13.90 -19.49
C TRP D 31 -7.78 -15.13 -18.89
N LYS D 32 -8.55 -15.86 -18.09
CA LYS D 32 -8.07 -17.07 -17.43
C LYS D 32 -9.19 -18.09 -17.40
N LEU D 33 -8.85 -19.35 -17.17
CA LEU D 33 -9.85 -20.40 -17.10
C LEU D 33 -9.32 -21.60 -16.33
N ASN D 34 -10.24 -22.48 -15.96
CA ASN D 34 -9.90 -23.69 -15.23
C ASN D 34 -10.30 -24.91 -16.05
N THR D 35 -9.32 -25.63 -16.55
CA THR D 35 -9.56 -26.81 -17.35
C THR D 35 -8.57 -27.93 -16.98
N GLY D 36 -8.86 -29.13 -17.46
CA GLY D 36 -7.98 -30.25 -17.19
C GLY D 36 -6.73 -30.20 -18.05
N ARG D 37 -6.91 -29.90 -19.32
CA ARG D 37 -5.80 -29.82 -20.26
C ARG D 37 -5.34 -28.37 -20.42
N THR D 38 -6.32 -27.46 -20.41
CA THR D 38 -6.07 -26.03 -20.54
C THR D 38 -5.30 -25.70 -21.83
N GLU D 39 -6.04 -25.65 -22.94
CA GLU D 39 -5.44 -25.35 -24.24
C GLU D 39 -5.91 -23.99 -24.76
N ALA D 40 -7.20 -23.72 -24.61
CA ALA D 40 -7.78 -22.47 -25.08
C ALA D 40 -7.55 -21.35 -24.07
N TRP D 41 -6.30 -21.11 -23.71
CA TRP D 41 -5.96 -20.07 -22.76
C TRP D 41 -4.94 -19.12 -23.37
N LYS D 42 -5.25 -17.84 -23.32
CA LYS D 42 -4.39 -16.81 -23.85
C LYS D 42 -4.79 -15.47 -23.24
N VAL D 43 -3.81 -14.73 -22.73
CA VAL D 43 -4.08 -13.44 -22.13
C VAL D 43 -4.47 -12.43 -23.20
N LEU D 44 -5.66 -11.86 -23.05
CA LEU D 44 -6.16 -10.88 -24.00
C LEU D 44 -5.31 -9.62 -23.97
N SER D 45 -5.43 -8.81 -25.01
CA SER D 45 -4.65 -7.59 -25.10
C SER D 45 -5.49 -6.49 -25.77
N PRO D 46 -5.45 -5.27 -25.23
CA PRO D 46 -6.21 -4.13 -25.78
C PRO D 46 -5.59 -3.61 -27.07
N GLN D 47 -4.48 -4.20 -27.47
CA GLN D 47 -3.78 -3.82 -28.68
C GLN D 47 -2.99 -5.00 -29.22
N GLY D 48 -3.71 -6.07 -29.54
CA GLY D 48 -3.09 -7.27 -30.06
C GLY D 48 -4.03 -8.45 -29.98
N GLY D 49 -3.55 -9.63 -30.36
CA GLY D 49 -4.38 -10.81 -30.32
C GLY D 49 -3.61 -12.05 -29.92
N GLY D 50 -3.34 -12.91 -30.88
CA GLY D 50 -2.62 -14.14 -30.63
C GLY D 50 -3.30 -15.33 -31.26
N PRO D 51 -2.84 -16.56 -30.99
CA PRO D 51 -3.43 -17.78 -31.57
C PRO D 51 -4.89 -17.96 -31.18
N TRP D 52 -5.24 -17.47 -30.01
CA TRP D 52 -6.60 -17.58 -29.50
C TRP D 52 -7.54 -16.68 -30.32
N ASP D 53 -7.01 -15.57 -30.81
CA ASP D 53 -7.77 -14.61 -31.60
C ASP D 53 -8.24 -15.25 -32.90
N SER D 54 -7.52 -16.27 -33.34
CA SER D 54 -7.85 -16.98 -34.56
C SER D 54 -8.92 -18.04 -34.30
N VAL D 55 -9.12 -18.35 -33.03
CA VAL D 55 -10.11 -19.34 -32.62
C VAL D 55 -11.39 -18.63 -32.16
N ALA D 56 -11.23 -17.67 -31.26
CA ALA D 56 -12.37 -16.93 -30.75
C ALA D 56 -12.11 -15.43 -30.89
N ARG D 57 -13.17 -14.68 -31.16
CA ARG D 57 -13.05 -13.24 -31.34
C ARG D 57 -13.88 -12.50 -30.29
N VAL D 58 -13.33 -11.41 -29.78
CA VAL D 58 -14.03 -10.61 -28.79
C VAL D 58 -14.55 -9.33 -29.43
N LEU D 59 -15.86 -9.12 -29.33
CA LEU D 59 -16.48 -7.94 -29.89
C LEU D 59 -16.17 -6.73 -29.01
N PRO D 60 -16.12 -5.52 -29.61
CA PRO D 60 -15.81 -4.27 -28.87
C PRO D 60 -16.79 -3.98 -27.72
N ASN D 61 -17.90 -4.70 -27.67
CA ASN D 61 -18.90 -4.50 -26.62
C ASN D 61 -18.67 -5.44 -25.44
N GLY D 62 -17.74 -6.37 -25.59
CA GLY D 62 -17.45 -7.30 -24.50
C GLY D 62 -18.09 -8.66 -24.70
N SER D 63 -18.44 -8.99 -25.94
CA SER D 63 -19.03 -10.29 -26.23
C SER D 63 -18.01 -11.22 -26.86
N LEU D 64 -17.96 -12.45 -26.37
CA LEU D 64 -17.03 -13.43 -26.88
C LEU D 64 -17.72 -14.30 -27.94
N PHE D 65 -17.20 -14.23 -29.16
CA PHE D 65 -17.78 -14.99 -30.26
C PHE D 65 -16.92 -16.21 -30.58
N LEU D 66 -17.52 -17.38 -30.44
CA LEU D 66 -16.85 -18.64 -30.73
C LEU D 66 -17.49 -19.31 -31.94
N PRO D 67 -16.77 -19.31 -33.08
CA PRO D 67 -17.26 -19.90 -34.34
C PRO D 67 -17.70 -21.36 -34.20
N ALA D 68 -17.00 -22.12 -33.38
CA ALA D 68 -17.33 -23.53 -33.18
C ALA D 68 -16.81 -24.04 -31.85
N VAL D 69 -17.69 -24.17 -30.88
CA VAL D 69 -17.32 -24.65 -29.56
C VAL D 69 -17.17 -26.16 -29.58
N GLY D 70 -16.08 -26.66 -29.03
CA GLY D 70 -15.86 -28.09 -29.01
C GLY D 70 -15.38 -28.58 -27.65
N ILE D 71 -14.69 -29.71 -27.65
CA ILE D 71 -14.16 -30.28 -26.42
C ILE D 71 -12.91 -29.54 -25.98
N GLN D 72 -12.41 -28.68 -26.85
CA GLN D 72 -11.22 -27.89 -26.55
C GLN D 72 -11.59 -26.76 -25.60
N ASP D 73 -12.80 -26.26 -25.77
CA ASP D 73 -13.33 -25.17 -24.96
C ASP D 73 -14.20 -25.74 -23.85
N GLU D 74 -13.95 -26.99 -23.50
CA GLU D 74 -14.71 -27.66 -22.45
C GLU D 74 -14.09 -27.43 -21.08
N GLY D 75 -14.69 -26.53 -20.31
CA GLY D 75 -14.17 -26.23 -18.98
C GLY D 75 -14.84 -25.05 -18.34
N ILE D 76 -14.11 -24.36 -17.47
CA ILE D 76 -14.64 -23.20 -16.75
C ILE D 76 -13.86 -21.95 -17.15
N PHE D 77 -14.53 -20.99 -17.78
CA PHE D 77 -13.89 -19.75 -18.20
C PHE D 77 -14.13 -18.66 -17.17
N ARG D 78 -13.17 -17.76 -17.04
CA ARG D 78 -13.28 -16.65 -16.10
C ARG D 78 -12.66 -15.38 -16.65
N CYS D 79 -13.49 -14.40 -16.95
CA CYS D 79 -13.02 -13.13 -17.46
C CYS D 79 -12.54 -12.27 -16.30
N GLN D 80 -11.35 -11.69 -16.44
CA GLN D 80 -10.79 -10.86 -15.39
C GLN D 80 -10.33 -9.51 -15.95
N ALA D 81 -10.01 -8.58 -15.06
CA ALA D 81 -9.56 -7.27 -15.47
C ALA D 81 -8.46 -6.78 -14.54
N MET D 82 -7.63 -5.88 -15.04
CA MET D 82 -6.54 -5.32 -14.27
C MET D 82 -6.66 -3.80 -14.22
N ASN D 83 -6.32 -3.21 -13.07
CA ASN D 83 -6.41 -1.77 -12.91
C ASN D 83 -5.25 -1.26 -12.04
N ARG D 84 -5.19 0.05 -11.87
CA ARG D 84 -4.13 0.70 -11.07
C ARG D 84 -4.01 0.06 -9.68
N ASN D 85 -5.12 -0.02 -8.97
CA ASN D 85 -5.12 -0.59 -7.63
C ASN D 85 -5.42 -2.08 -7.66
N GLY D 86 -6.10 -2.52 -8.71
CA GLY D 86 -6.44 -3.92 -8.84
C GLY D 86 -7.92 -4.18 -8.66
N LYS D 87 -8.70 -3.96 -9.71
CA LYS D 87 -10.13 -4.20 -9.65
C LYS D 87 -10.51 -5.38 -10.54
N GLU D 88 -10.74 -6.52 -9.92
CA GLU D 88 -11.11 -7.72 -10.67
C GLU D 88 -12.58 -8.07 -10.44
N THR D 89 -13.08 -9.02 -11.22
CA THR D 89 -14.46 -9.44 -11.12
C THR D 89 -14.54 -10.97 -11.05
N LYS D 90 -15.64 -11.49 -10.54
CA LYS D 90 -15.81 -12.93 -10.42
C LYS D 90 -16.95 -13.40 -11.32
N SER D 91 -16.58 -14.10 -12.39
CA SER D 91 -17.56 -14.64 -13.33
C SER D 91 -17.00 -15.91 -13.96
N ASN D 92 -17.41 -17.05 -13.41
CA ASN D 92 -16.95 -18.34 -13.90
C ASN D 92 -18.06 -19.04 -14.67
N TYR D 93 -17.80 -19.33 -15.93
CA TYR D 93 -18.76 -20.00 -16.79
C TYR D 93 -18.34 -21.44 -17.05
N ARG D 94 -19.24 -22.38 -16.77
CA ARG D 94 -18.96 -23.79 -16.97
C ARG D 94 -19.71 -24.31 -18.19
N VAL D 95 -19.02 -24.35 -19.31
CA VAL D 95 -19.61 -24.82 -20.55
C VAL D 95 -19.42 -26.34 -20.67
N ARG D 96 -20.51 -27.07 -20.89
CA ARG D 96 -20.45 -28.51 -21.02
C ARG D 96 -21.10 -28.93 -22.33
N VAL D 97 -20.41 -29.76 -23.11
CA VAL D 97 -20.93 -30.21 -24.39
C VAL D 97 -21.67 -31.54 -24.24
N TYR D 98 -22.48 -31.87 -25.25
CA TYR D 98 -23.25 -33.10 -25.23
C TYR D 98 -22.39 -34.29 -25.69
N GLN D 99 -21.30 -33.99 -26.37
CA GLN D 99 -20.39 -35.03 -26.85
C GLN D 99 -19.03 -34.90 -26.17
N ILE D 100 -18.93 -35.50 -25.01
CA ILE D 100 -17.69 -35.47 -24.23
C ILE D 100 -16.86 -36.73 -24.49
N PRO D 101 -15.52 -36.62 -24.42
CA PRO D 101 -14.62 -37.76 -24.63
C PRO D 101 -14.76 -38.79 -23.51
#